data_1W63
#
_entry.id   1W63
#
_cell.length_a   178.140
_cell.length_b   178.140
_cell.length_c   1134.994
_cell.angle_alpha   90.00
_cell.angle_beta   90.00
_cell.angle_gamma   120.00
#
_symmetry.space_group_name_H-M   'P 32 1 2'
#
loop_
_entity.id
_entity.type
_entity.pdbx_description
1 polymer 'ADAPTER-RELATED PROTEIN COMPLEX 1 GAMMA 1 SUBUNIT'
2 polymer 'ADAPTER-RELATED PROTEIN COMPLEX 1 BETA 1 SUBUNIT'
3 polymer 'ADAPTOR-RELATED PROTEIN COMPLEX 1, MU 1 SUBUNIT'
4 polymer 'ADAPTER-RELATED PROTEIN COMPLEX 1 SIGMA 1A SUBUNIT'
#
loop_
_entity_poly.entity_id
_entity_poly.type
_entity_poly.pdbx_seq_one_letter_code
_entity_poly.pdbx_strand_id
1 'polypeptide(L)'
;GAGMSMPAPIRLRELIRTIRTARTQAEEREMIQKECAAIRSSFREEDNTYRCRNVAKLLYMHMLGYPAHFGQLECLKLIA
SQKFTDKRIGYLGAMLLLDERQDVHLLMTNCIKNDLNHSTQFVQGLALCTLGCMGSSEMCRDLAGEVEKLLKTSNSYLRK
KAALCAVHVIRKVPELMEMFLPATKNLLNEKNHGVLHTSVVLLTEMCERSPDMLAHFRKLVPQLVRILKNLIMSGYSPEH
DVSGISDPFLQVRILRLLRILGRNDDDSSEAMNDILAQVATNTETSKNVGNAILYETVLTIMDIKSESGLRVLAINILGR
FLLNNDKNIRYVALTSLLKTVQTDHNAVQRHRSTIVDCLKDLDVSIKRRAMELSFALVNGNNIRGMMKELLYFLDSCEPE
FKADCASGIFLAAEKYAPSKRWHIDTIMRVLTTAGSYVRDDAVPNLIQLITNSVEMHAYTVQRLYKAILGDYSQQPLVQV
AAWCIGEYGDLLVSGQCEEEEPIQVTEDEVLDILESVLISNMSTSVTRGYALTAIMKLSTRFTCTVNRIKKVVSIYGSSI
DVELQQRAVEYNALFKKYDHMRSALLERMPVMEKVTTNGPSEIVQTNGETEPAPLETK
;
A,C,E,G,I,K
2 'polypeptide(L)'
;MTDSKYFTTTKKGEIFELKAELNSDKKEKKKEAVKKVIASMTVGKDVSALFPDVVNCMQTDNLELKKLVYLYLMNYAKSQ
PDMAIMAVNTFVKDCEDPNPLIRALAVRTMGCIRVDKITEYLCEPLRKCLKDEDPYVRKTAAVCVAKLHDINAQMVEDQG
FLDTLKDLISDSNPMVVANRVAALSEIAESHPSSNLLDLKAQSINKLLTALNECTEWAQIFILDCLGNYMPKDDREAQSI
CERVTPRLSHANSAVVLSAVKVLMKFMEMLSKDLDYYATLLKKLAPPLVTLLSAEPEPQYVPLRNINLIVQKRPEILKHE
MKVFFVKYNDPIYVKLEKLDIMIRLASQANIAQVLAELKEYATEVDVDFVRKAVRAIGRCAIKVEQSAERCVSTLLDLIQ
TKVNYVVQEAIVVIKDIFRKYPNKYESVIATLCENLDSDDEPEARAAMIWIVGEYAERSDNADELLESFLDGFHDESTQV
QLQLLTAIVKLFLKKPTETQELVQQVLSLATQDSDNPDLRDRGYIYWRLLSTDPVAAKEVVLAEKPLISEETDLIEPTLL
DELICYIGTLASVYHKPPNAFVEG
;
B,D,F,H,J,L
3 'polypeptide(L)'
;MSASAVYVLDLKGKVLICRNYRGDVDMSEVEHFMPILMEKEEEGMLSPILAHGGVRFMWIKHNNLYLVATSKKNACVSLV
FSFLYKVVQVFSEYFKELEEESIRDNFVIIYELLDELMDFGYPQTTDSKILQEFITQEGHKLETGAPRPPATVTNAVSWR
SEGIKYRKNEVFLDVIEAVNLLVSANGNVLRSEIVGSIKMRVFLSGMPELRLGLNDKVLFDNTGRGKSKSVELEDVKFHQ
CVRLSRFENDRTISFIPPDGEFELMSYRLNTHVKPLIWIESVIEKHSHSRIEYMVKAKSQFKRRSTANNVEIHIPVPNDA
DSPKFKTTVGSVKWVPENSEIVWSVKSFPGGKEYLMRAHFGLPSVEAEDKEGKPPISVKFEIPYFTTSGIQVRYLKIIEK
SGYQAIPWVRYITQNGDYQLRTQ
;
M,N,O,P,R,V
4 'polypeptide(L)'
;MMRFMLLFSRQGKLRLQKWYLATSDKERKKMVRELMQVVLARKPKMCSFLEWRDLKVVYKRYASLYFCCAIEGQDNELIT
LELIHRYVELLDKYFGSVCELDIIFNFEKAYFILDEFLMGGDVQDTSKKSVLKAIEQADLLQEEDESPRSVLEEMGLA
;
Q,S,T,U,W,X
#
# COMPACT_ATOMS: atom_id res chain seq x y z
N MET A 6 79.90 -17.89 -27.46
CA MET A 6 80.07 -16.38 -27.23
C MET A 6 78.70 -15.68 -27.53
N PRO A 7 77.61 -15.85 -26.68
CA PRO A 7 76.23 -15.33 -26.81
C PRO A 7 75.94 -13.82 -27.07
N ALA A 8 74.68 -13.40 -27.15
CA ALA A 8 74.29 -12.00 -27.36
C ALA A 8 72.95 -11.75 -26.63
N PRO A 9 72.82 -12.26 -25.39
CA PRO A 9 71.69 -12.24 -24.48
C PRO A 9 70.58 -11.27 -24.59
N ILE A 10 69.35 -11.76 -24.72
CA ILE A 10 68.24 -10.83 -24.84
C ILE A 10 68.03 -10.09 -23.53
N ARG A 11 67.34 -8.97 -23.59
CA ARG A 11 67.07 -8.18 -22.40
C ARG A 11 65.61 -8.38 -22.02
N LEU A 12 65.29 -8.35 -20.73
CA LEU A 12 63.92 -8.58 -20.28
C LEU A 12 62.85 -8.06 -21.21
N ARG A 13 62.52 -6.78 -21.04
CA ARG A 13 61.50 -6.18 -21.86
C ARG A 13 61.58 -6.76 -23.24
N GLU A 14 62.71 -6.52 -23.89
CA GLU A 14 62.94 -7.03 -25.22
C GLU A 14 62.20 -8.36 -25.37
N LEU A 15 62.48 -9.28 -24.46
CA LEU A 15 61.83 -10.58 -24.48
C LEU A 15 60.34 -10.41 -24.63
N ILE A 16 59.70 -9.98 -23.55
CA ILE A 16 58.27 -9.77 -23.56
C ILE A 16 57.82 -9.25 -24.91
N ARG A 17 58.24 -8.03 -25.20
CA ARG A 17 57.93 -7.36 -26.44
C ARG A 17 57.96 -8.36 -27.59
N THR A 18 58.80 -9.39 -27.45
CA THR A 18 58.91 -10.42 -28.48
C THR A 18 57.69 -11.34 -28.41
N ILE A 19 57.27 -11.71 -27.20
CA ILE A 19 56.11 -12.57 -27.06
C ILE A 19 54.86 -11.82 -27.46
N ARG A 20 54.97 -10.52 -27.62
CA ARG A 20 53.84 -9.71 -28.02
C ARG A 20 53.62 -9.95 -29.50
N THR A 21 54.69 -10.28 -30.20
CA THR A 21 54.60 -10.53 -31.63
C THR A 21 53.86 -11.84 -31.85
N ALA A 22 53.88 -12.71 -30.84
CA ALA A 22 53.24 -14.02 -30.93
C ALA A 22 51.89 -14.02 -31.65
N ARG A 23 51.77 -14.90 -32.64
CA ARG A 23 50.55 -15.04 -33.44
C ARG A 23 49.83 -16.34 -33.14
N THR A 24 50.54 -17.31 -32.57
CA THR A 24 49.92 -18.59 -32.27
C THR A 24 50.41 -19.20 -31.00
N GLN A 25 49.48 -19.66 -30.18
CA GLN A 25 49.80 -20.29 -28.91
C GLN A 25 50.95 -21.26 -29.11
N ALA A 26 50.87 -22.01 -30.20
CA ALA A 26 51.90 -22.97 -30.52
C ALA A 26 53.21 -22.19 -30.53
N GLU A 27 53.23 -21.12 -31.33
CA GLU A 27 54.40 -20.28 -31.45
C GLU A 27 54.94 -19.86 -30.10
N GLU A 28 54.06 -19.34 -29.26
CA GLU A 28 54.46 -18.92 -27.92
C GLU A 28 55.40 -19.98 -27.36
N ARG A 29 54.90 -21.21 -27.28
CA ARG A 29 55.74 -22.30 -26.77
C ARG A 29 57.08 -22.13 -27.42
N GLU A 30 57.09 -22.36 -28.73
CA GLU A 30 58.29 -22.22 -29.54
C GLU A 30 59.19 -21.18 -28.88
N MET A 31 58.89 -19.91 -29.15
CA MET A 31 59.66 -18.80 -28.60
C MET A 31 60.15 -19.11 -27.20
N ILE A 32 59.21 -19.25 -26.29
CA ILE A 32 59.56 -19.54 -24.91
C ILE A 32 60.56 -20.67 -24.86
N GLN A 33 60.13 -21.86 -25.26
CA GLN A 33 61.00 -23.03 -25.24
C GLN A 33 62.39 -22.73 -25.79
N LYS A 34 62.44 -21.99 -26.89
CA LYS A 34 63.71 -21.63 -27.52
C LYS A 34 64.50 -20.69 -26.62
N GLU A 35 63.76 -19.85 -25.89
CA GLU A 35 64.40 -18.90 -24.99
C GLU A 35 65.04 -19.61 -23.81
N CYS A 36 64.22 -20.04 -22.87
CA CYS A 36 64.72 -20.72 -21.69
C CYS A 36 65.77 -21.74 -22.08
N ALA A 37 65.61 -22.33 -23.25
CA ALA A 37 66.58 -23.31 -23.71
C ALA A 37 67.96 -22.67 -23.75
N ALA A 38 68.05 -21.55 -24.47
CA ALA A 38 69.31 -20.82 -24.61
C ALA A 38 69.73 -20.25 -23.25
N ILE A 39 68.74 -19.95 -22.43
CA ILE A 39 68.99 -19.40 -21.12
C ILE A 39 69.59 -20.45 -20.22
N ARG A 40 69.05 -21.67 -20.29
CA ARG A 40 69.61 -22.74 -19.48
C ARG A 40 71.08 -22.83 -19.84
N SER A 41 71.38 -23.06 -21.12
CA SER A 41 72.75 -23.17 -21.60
C SER A 41 73.61 -21.96 -21.21
N SER A 42 72.96 -20.94 -20.65
CA SER A 42 73.65 -19.74 -20.17
C SER A 42 74.04 -19.90 -18.70
N PHE A 43 73.31 -20.77 -18.00
CA PHE A 43 73.58 -21.02 -16.59
C PHE A 43 74.58 -22.14 -16.43
N ARG A 44 74.70 -22.96 -17.48
CA ARG A 44 75.65 -24.07 -17.48
C ARG A 44 76.94 -23.49 -16.96
N GLU A 45 77.27 -22.33 -17.50
CA GLU A 45 78.50 -21.63 -17.19
C GLU A 45 78.49 -20.85 -15.87
N GLU A 46 77.32 -20.60 -15.30
CA GLU A 46 77.23 -19.86 -14.04
C GLU A 46 77.98 -18.52 -14.10
N ASP A 47 77.67 -17.72 -15.11
CA ASP A 47 78.33 -16.44 -15.32
C ASP A 47 77.62 -15.33 -14.58
N ASN A 48 78.32 -14.82 -13.58
CA ASN A 48 77.84 -13.77 -12.69
C ASN A 48 77.10 -12.62 -13.35
N THR A 49 77.53 -12.24 -14.55
CA THR A 49 76.87 -11.16 -15.28
C THR A 49 75.78 -11.73 -16.15
N TYR A 50 74.67 -11.00 -16.25
CA TYR A 50 73.49 -11.41 -17.00
C TYR A 50 72.64 -12.27 -16.10
N ARG A 51 73.27 -12.82 -15.07
CA ARG A 51 72.60 -13.68 -14.12
C ARG A 51 71.26 -13.04 -13.77
N CYS A 52 71.30 -11.86 -13.19
CA CYS A 52 70.09 -11.12 -12.83
C CYS A 52 69.04 -11.13 -13.95
N ARG A 53 69.43 -10.60 -15.12
CA ARG A 53 68.54 -10.53 -16.25
C ARG A 53 67.65 -11.75 -16.39
N ASN A 54 68.22 -12.82 -16.89
CA ASN A 54 67.46 -14.03 -17.07
C ASN A 54 66.50 -14.31 -15.92
N VAL A 55 67.01 -14.43 -14.70
CA VAL A 55 66.14 -14.67 -13.56
C VAL A 55 64.85 -13.90 -13.78
N ALA A 56 64.98 -12.65 -14.17
CA ALA A 56 63.79 -11.86 -14.42
C ALA A 56 63.03 -12.55 -15.51
N LYS A 57 63.60 -12.50 -16.71
CA LYS A 57 63.00 -13.13 -17.87
C LYS A 57 62.18 -14.28 -17.33
N LEU A 58 62.84 -15.15 -16.59
CA LEU A 58 62.16 -16.28 -16.01
C LEU A 58 60.91 -15.78 -15.31
N LEU A 59 61.10 -15.08 -14.19
CA LEU A 59 59.96 -14.55 -13.44
C LEU A 59 58.79 -14.32 -14.34
N TYR A 60 58.97 -13.46 -15.33
CA TYR A 60 57.90 -13.17 -16.27
C TYR A 60 57.40 -14.52 -16.75
N MET A 61 58.25 -15.20 -17.51
CA MET A 61 57.93 -16.52 -18.04
C MET A 61 56.94 -17.17 -17.10
N HIS A 62 57.39 -17.38 -15.87
CA HIS A 62 56.55 -17.97 -14.86
C HIS A 62 55.22 -17.29 -14.96
N MET A 63 55.15 -16.08 -14.40
CA MET A 63 53.94 -15.27 -14.38
C MET A 63 52.95 -15.65 -15.47
N LEU A 64 53.45 -16.07 -16.60
CA LEU A 64 52.55 -16.47 -17.65
C LEU A 64 52.29 -17.97 -17.61
N GLY A 65 52.47 -18.56 -16.43
CA GLY A 65 52.26 -19.99 -16.24
C GLY A 65 53.13 -20.92 -17.03
N TYR A 66 54.44 -20.91 -16.77
CA TYR A 66 55.34 -21.79 -17.50
C TYR A 66 56.31 -22.58 -16.62
N PRO A 67 57.18 -23.40 -17.24
CA PRO A 67 58.16 -24.21 -16.48
C PRO A 67 59.03 -23.29 -15.62
N ALA A 68 58.77 -23.25 -14.32
CA ALA A 68 59.48 -22.36 -13.38
C ALA A 68 60.70 -22.86 -12.59
N HIS A 69 60.52 -23.97 -11.87
CA HIS A 69 61.54 -24.62 -11.04
C HIS A 69 62.98 -24.43 -11.51
N PHE A 70 63.14 -24.62 -12.82
CA PHE A 70 64.39 -24.52 -13.53
C PHE A 70 65.50 -23.85 -12.73
N GLY A 71 65.31 -22.57 -12.39
CA GLY A 71 66.35 -21.85 -11.69
C GLY A 71 66.16 -21.37 -10.27
N GLN A 72 65.28 -22.02 -9.55
CA GLN A 72 65.07 -21.65 -8.17
C GLN A 72 66.44 -21.32 -7.54
N LEU A 73 67.29 -22.34 -7.50
CA LEU A 73 68.64 -22.26 -6.95
C LEU A 73 69.35 -20.95 -7.27
N GLU A 74 69.91 -20.94 -8.46
CA GLU A 74 70.64 -19.84 -9.05
C GLU A 74 70.05 -18.50 -8.63
N CYS A 75 68.74 -18.52 -8.45
CA CYS A 75 68.05 -17.33 -8.01
C CYS A 75 68.82 -16.93 -6.74
N LEU A 76 68.95 -17.89 -5.84
CA LEU A 76 69.68 -17.59 -4.62
C LEU A 76 71.09 -17.09 -4.94
N LYS A 77 71.77 -17.71 -5.90
CA LYS A 77 73.13 -17.28 -6.26
C LYS A 77 73.22 -15.81 -6.60
N LEU A 78 72.06 -15.19 -6.74
CA LEU A 78 72.02 -13.78 -6.99
C LEU A 78 72.15 -13.17 -5.63
N ILE A 79 71.20 -13.53 -4.76
CA ILE A 79 71.22 -13.01 -3.41
C ILE A 79 72.64 -12.91 -2.96
N ALA A 80 73.41 -13.92 -3.34
CA ALA A 80 74.81 -13.98 -3.00
C ALA A 80 75.53 -12.71 -3.43
N SER A 81 75.61 -12.52 -4.74
CA SER A 81 76.29 -11.38 -5.36
C SER A 81 76.44 -10.16 -4.48
N GLN A 82 77.45 -9.36 -4.80
CA GLN A 82 77.72 -8.17 -4.04
C GLN A 82 76.77 -7.04 -4.44
N LYS A 83 76.79 -6.66 -5.71
CA LYS A 83 75.94 -5.57 -6.22
C LYS A 83 74.46 -5.60 -5.84
N PHE A 84 74.01 -4.57 -5.14
CA PHE A 84 72.62 -4.44 -4.71
C PHE A 84 71.64 -5.08 -5.66
N THR A 85 71.51 -4.49 -6.83
CA THR A 85 70.59 -4.98 -7.84
C THR A 85 70.38 -6.49 -7.75
N ASP A 86 71.37 -7.24 -8.20
CA ASP A 86 71.31 -8.69 -8.18
C ASP A 86 70.56 -9.16 -6.95
N LYS A 87 70.83 -8.52 -5.82
CA LYS A 87 70.18 -8.91 -4.58
C LYS A 87 68.68 -8.64 -4.61
N ARG A 88 68.25 -7.46 -5.02
CA ARG A 88 66.81 -7.22 -5.03
C ARG A 88 66.11 -8.11 -6.05
N ILE A 89 66.53 -8.06 -7.30
CA ILE A 89 65.91 -8.92 -8.29
C ILE A 89 65.85 -10.29 -7.65
N GLY A 90 67.01 -10.75 -7.20
CA GLY A 90 67.07 -12.03 -6.55
C GLY A 90 65.94 -12.18 -5.58
N TYR A 91 66.12 -11.67 -4.36
CA TYR A 91 65.12 -11.77 -3.33
C TYR A 91 63.72 -11.90 -3.87
N LEU A 92 63.34 -10.96 -4.72
CA LEU A 92 62.03 -11.01 -5.29
C LEU A 92 61.78 -12.41 -5.81
N GLY A 93 62.68 -12.85 -6.66
CA GLY A 93 62.56 -14.17 -7.23
C GLY A 93 62.32 -15.25 -6.19
N ALA A 94 62.97 -15.08 -5.04
CA ALA A 94 62.79 -16.06 -3.98
C ALA A 94 61.33 -16.18 -3.65
N MET A 95 60.80 -15.13 -3.04
CA MET A 95 59.40 -15.10 -2.64
C MET A 95 58.45 -15.71 -3.66
N LEU A 96 58.85 -15.70 -4.92
CA LEU A 96 58.00 -16.26 -5.95
C LEU A 96 58.22 -17.74 -6.26
N LEU A 97 59.47 -18.09 -6.52
CA LEU A 97 59.84 -19.45 -6.91
C LEU A 97 60.19 -20.51 -5.89
N LEU A 98 60.16 -20.15 -4.62
CA LEU A 98 60.55 -21.13 -3.61
C LEU A 98 59.53 -22.08 -3.01
N ASP A 99 59.98 -23.34 -2.85
CA ASP A 99 59.24 -24.43 -2.24
C ASP A 99 59.86 -24.39 -0.84
N GLU A 100 59.17 -24.83 0.20
CA GLU A 100 59.78 -24.68 1.52
C GLU A 100 60.78 -25.71 1.96
N ARG A 101 61.88 -25.80 1.20
CA ARG A 101 62.94 -26.71 1.55
C ARG A 101 63.80 -26.07 2.63
N GLN A 102 63.85 -26.73 3.78
CA GLN A 102 64.63 -26.25 4.91
C GLN A 102 66.10 -26.11 4.53
N ASP A 103 66.53 -26.90 3.56
CA ASP A 103 67.90 -26.90 3.08
C ASP A 103 68.28 -25.51 2.55
N VAL A 104 67.57 -25.08 1.51
CA VAL A 104 67.84 -23.78 0.93
C VAL A 104 67.52 -22.83 2.05
N HIS A 105 66.43 -23.15 2.72
CA HIS A 105 65.93 -22.38 3.84
C HIS A 105 67.10 -21.96 4.72
N LEU A 106 68.04 -22.88 4.96
CA LEU A 106 69.20 -22.55 5.77
C LEU A 106 70.10 -21.62 4.93
N LEU A 107 70.40 -22.00 3.68
CA LEU A 107 71.22 -21.15 2.82
C LEU A 107 70.61 -19.76 2.81
N MET A 108 69.29 -19.73 2.79
CA MET A 108 68.53 -18.50 2.81
C MET A 108 68.99 -17.83 4.09
N THR A 109 68.59 -18.45 5.21
CA THR A 109 68.94 -17.95 6.53
C THR A 109 70.30 -17.28 6.44
N ASN A 110 71.29 -18.05 6.02
CA ASN A 110 72.64 -17.54 5.89
C ASN A 110 72.63 -16.14 5.27
N CYS A 111 72.43 -16.08 3.96
CA CYS A 111 72.43 -14.82 3.24
C CYS A 111 71.60 -13.74 3.91
N ILE A 112 70.51 -14.12 4.55
CA ILE A 112 69.69 -13.14 5.21
C ILE A 112 70.58 -12.43 6.22
N LYS A 113 71.09 -13.19 7.18
CA LYS A 113 71.95 -12.63 8.21
C LYS A 113 73.05 -11.80 7.55
N ASN A 114 73.89 -12.46 6.77
CA ASN A 114 74.99 -11.79 6.08
C ASN A 114 74.56 -10.45 5.52
N ASP A 115 73.32 -10.38 5.07
CA ASP A 115 72.81 -9.14 4.51
C ASP A 115 72.24 -8.25 5.60
N LEU A 116 71.59 -8.87 6.58
CA LEU A 116 71.01 -8.11 7.66
C LEU A 116 72.01 -7.20 8.33
N ASN A 117 73.28 -7.56 8.25
CA ASN A 117 74.33 -6.73 8.84
C ASN A 117 75.16 -6.22 7.68
N HIS A 118 74.68 -5.15 7.05
CA HIS A 118 75.37 -4.56 5.91
C HIS A 118 75.60 -3.08 6.13
N SER A 119 76.60 -2.55 5.44
CA SER A 119 76.95 -1.15 5.54
C SER A 119 75.79 -0.30 5.00
N THR A 120 75.32 -0.63 3.81
CA THR A 120 74.22 0.11 3.20
C THR A 120 72.98 -0.17 4.03
N GLN A 121 71.81 0.22 3.54
CA GLN A 121 70.61 -0.01 4.34
C GLN A 121 69.47 -0.68 3.60
N PHE A 122 69.14 -0.17 2.43
CA PHE A 122 68.04 -0.76 1.66
C PHE A 122 68.28 -2.24 1.46
N VAL A 123 69.54 -2.64 1.56
CA VAL A 123 69.89 -4.04 1.42
C VAL A 123 69.06 -4.62 2.54
N GLN A 124 69.46 -4.26 3.75
CA GLN A 124 68.79 -4.70 4.94
C GLN A 124 67.30 -4.74 4.70
N GLY A 125 66.82 -3.77 3.93
CA GLY A 125 65.41 -3.73 3.61
C GLY A 125 65.04 -5.08 3.05
N LEU A 126 65.45 -5.32 1.81
CA LEU A 126 65.15 -6.58 1.16
C LEU A 126 65.12 -7.71 2.17
N ALA A 127 66.23 -7.89 2.87
CA ALA A 127 66.30 -8.95 3.86
C ALA A 127 65.03 -8.97 4.68
N LEU A 128 64.95 -8.10 5.68
CA LEU A 128 63.79 -8.04 6.55
C LEU A 128 62.58 -8.48 5.80
N CYS A 129 62.12 -7.60 4.92
CA CYS A 129 60.97 -7.83 4.08
C CYS A 129 60.86 -9.33 3.78
N THR A 130 61.73 -9.80 2.90
CA THR A 130 61.75 -11.19 2.51
C THR A 130 61.51 -12.11 3.68
N LEU A 131 62.24 -11.90 4.76
CA LEU A 131 62.09 -12.76 5.91
C LEU A 131 60.70 -12.74 6.50
N GLY A 132 60.02 -11.63 6.42
CA GLY A 132 58.69 -11.59 6.98
C GLY A 132 57.66 -12.25 6.07
N CYS A 133 58.09 -12.62 4.87
CA CYS A 133 57.20 -13.23 3.91
C CYS A 133 57.44 -14.72 3.70
N MET A 134 58.59 -15.20 4.14
CA MET A 134 58.93 -16.60 3.99
C MET A 134 59.07 -17.23 5.34
N GLY A 135 59.80 -16.53 6.18
CA GLY A 135 60.05 -17.00 7.53
C GLY A 135 59.35 -18.28 7.89
N SER A 136 60.08 -19.38 7.86
CA SER A 136 59.47 -20.63 8.25
C SER A 136 60.01 -20.83 9.64
N SER A 137 59.25 -21.52 10.45
CA SER A 137 59.63 -21.78 11.83
C SER A 137 61.15 -21.66 12.00
N GLU A 138 61.86 -22.76 11.81
CA GLU A 138 63.32 -22.80 11.95
C GLU A 138 64.02 -21.48 11.70
N MET A 139 63.67 -20.83 10.59
CA MET A 139 64.25 -19.56 10.22
C MET A 139 64.20 -18.64 11.42
N CYS A 140 62.98 -18.17 11.65
CA CYS A 140 62.69 -17.28 12.75
C CYS A 140 63.43 -17.75 13.98
N ARG A 141 63.22 -19.01 14.34
CA ARG A 141 63.90 -19.53 15.52
C ARG A 141 65.38 -19.13 15.48
N ASP A 142 65.91 -18.91 14.29
CA ASP A 142 67.29 -18.49 14.17
C ASP A 142 67.41 -16.98 14.28
N LEU A 143 67.19 -16.30 13.17
CA LEU A 143 67.28 -14.84 13.07
C LEU A 143 66.52 -14.06 14.11
N ALA A 144 65.60 -14.73 14.79
CA ALA A 144 64.80 -14.11 15.81
C ALA A 144 65.53 -12.96 16.49
N GLY A 145 66.47 -13.30 17.36
CA GLY A 145 67.21 -12.26 18.05
C GLY A 145 67.69 -11.18 17.10
N GLU A 146 68.38 -11.59 16.04
CA GLU A 146 68.90 -10.65 15.08
C GLU A 146 67.84 -9.60 14.85
N VAL A 147 66.60 -10.03 14.80
CA VAL A 147 65.51 -9.09 14.62
C VAL A 147 65.52 -8.06 15.74
N GLU A 148 65.71 -8.49 16.99
CA GLU A 148 65.71 -7.49 18.04
C GLU A 148 66.85 -6.51 17.88
N LYS A 149 68.07 -7.03 17.81
CA LYS A 149 69.25 -6.17 17.65
C LYS A 149 68.94 -5.06 16.66
N LEU A 150 68.21 -5.41 15.60
CA LEU A 150 67.84 -4.44 14.57
C LEU A 150 66.63 -3.63 14.98
N LEU A 151 65.70 -4.26 15.67
CA LEU A 151 64.51 -3.58 16.12
C LEU A 151 64.87 -2.29 16.83
N LYS A 152 65.94 -2.35 17.60
CA LYS A 152 66.37 -1.19 18.38
C LYS A 152 66.77 0.07 17.63
N THR A 153 67.90 0.02 16.90
CA THR A 153 68.39 1.20 16.16
C THR A 153 67.34 2.04 15.48
N SER A 154 67.23 3.26 15.98
CA SER A 154 66.25 4.19 15.47
C SER A 154 66.60 4.80 14.12
N ASN A 155 66.14 4.10 13.10
CA ASN A 155 66.25 4.53 11.73
C ASN A 155 64.85 4.13 11.30
N SER A 156 63.89 4.96 11.68
CA SER A 156 62.49 4.73 11.36
C SER A 156 62.31 3.67 10.26
N TYR A 157 62.79 3.94 9.04
CA TYR A 157 62.65 2.98 7.94
C TYR A 157 62.80 1.58 8.47
N LEU A 158 64.00 1.25 8.89
CA LEU A 158 64.22 -0.08 9.39
C LEU A 158 63.26 -0.50 10.48
N ARG A 159 63.31 0.18 11.62
CA ARG A 159 62.46 -0.20 12.73
C ARG A 159 61.12 -0.75 12.28
N LYS A 160 60.31 0.05 11.61
CA LYS A 160 59.01 -0.44 11.17
C LYS A 160 59.16 -1.83 10.56
N LYS A 161 60.02 -1.93 9.55
CA LYS A 161 60.22 -3.22 8.90
C LYS A 161 60.40 -4.28 9.99
N ALA A 162 61.41 -4.11 10.82
CA ALA A 162 61.68 -5.05 11.90
C ALA A 162 60.40 -5.46 12.59
N ALA A 163 59.78 -4.50 13.25
CA ALA A 163 58.54 -4.72 13.96
C ALA A 163 57.81 -5.86 13.31
N LEU A 164 57.24 -5.56 12.15
CA LEU A 164 56.50 -6.58 11.43
C LEU A 164 57.19 -7.91 11.41
N CYS A 165 58.47 -7.92 11.07
CA CYS A 165 59.18 -9.18 11.04
C CYS A 165 58.86 -9.96 12.31
N ALA A 166 59.36 -9.46 13.42
CA ALA A 166 59.12 -10.09 14.72
C ALA A 166 57.73 -10.70 14.72
N VAL A 167 56.78 -9.88 14.31
CA VAL A 167 55.40 -10.31 14.24
C VAL A 167 55.41 -11.67 13.60
N HIS A 168 55.52 -11.64 12.28
CA HIS A 168 55.54 -12.84 11.49
C HIS A 168 56.20 -13.95 12.28
N VAL A 169 57.36 -13.66 12.87
CA VAL A 169 58.05 -14.66 13.65
C VAL A 169 57.07 -15.27 14.65
N ILE A 170 56.54 -14.45 15.53
CA ILE A 170 55.58 -14.92 16.50
C ILE A 170 54.60 -15.89 15.87
N ARG A 171 53.92 -15.42 14.84
CA ARG A 171 52.95 -16.22 14.13
C ARG A 171 53.45 -17.62 13.79
N LYS A 172 54.72 -17.74 13.41
CA LYS A 172 55.28 -19.04 13.06
C LYS A 172 55.96 -19.73 14.24
N VAL A 173 56.20 -18.98 15.31
CA VAL A 173 56.88 -19.53 16.46
C VAL A 173 56.39 -18.88 17.75
N PRO A 174 55.10 -19.06 18.07
CA PRO A 174 54.45 -18.53 19.26
C PRO A 174 55.37 -18.39 20.45
N GLU A 175 56.20 -19.40 20.62
CA GLU A 175 57.12 -19.44 21.72
C GLU A 175 58.01 -18.22 22.00
N LEU A 176 58.36 -17.44 20.99
CA LEU A 176 59.32 -16.36 21.23
C LEU A 176 59.03 -14.88 21.55
N MET A 177 57.77 -14.50 21.63
CA MET A 177 57.45 -13.10 21.88
C MET A 177 58.11 -12.48 23.12
N GLU A 178 58.59 -13.35 24.00
CA GLU A 178 59.24 -12.91 25.22
C GLU A 178 60.22 -11.78 24.95
N MET A 179 61.32 -12.12 24.27
CA MET A 179 62.37 -11.16 23.96
C MET A 179 61.92 -9.83 23.36
N PHE A 180 60.62 -9.68 23.15
CA PHE A 180 60.15 -8.44 22.58
C PHE A 180 59.57 -7.51 23.61
N LEU A 181 59.25 -8.06 24.77
CA LEU A 181 58.77 -7.18 25.83
C LEU A 181 59.73 -5.96 25.74
N PRO A 182 61.06 -6.18 25.72
CA PRO A 182 62.01 -5.08 25.64
C PRO A 182 61.69 -3.88 24.74
N ALA A 183 61.31 -4.09 23.49
CA ALA A 183 61.01 -2.95 22.61
C ALA A 183 59.75 -2.23 23.07
N THR A 184 58.84 -3.03 23.63
CA THR A 184 57.56 -2.54 24.09
C THR A 184 57.41 -1.14 24.72
N LYS A 185 57.47 -1.04 26.05
CA LYS A 185 57.24 0.23 26.76
C LYS A 185 57.33 1.60 26.08
N ASN A 186 58.47 1.89 25.45
CA ASN A 186 58.61 3.18 24.81
C ASN A 186 57.74 3.34 23.55
N LEU A 187 57.90 2.41 22.59
CA LEU A 187 57.16 2.46 21.32
C LEU A 187 56.01 3.47 21.15
N LEU A 188 54.99 3.40 22.00
CA LEU A 188 53.86 4.31 21.89
C LEU A 188 54.12 5.71 22.35
N ASN A 189 55.05 6.35 21.67
CA ASN A 189 55.40 7.69 22.02
C ASN A 189 56.06 8.22 20.76
N GLU A 190 56.41 7.29 19.88
CA GLU A 190 57.05 7.63 18.63
C GLU A 190 56.27 8.75 17.92
N LYS A 191 56.91 9.32 16.89
CA LYS A 191 56.33 10.42 16.14
C LYS A 191 55.99 10.04 14.69
N ASN A 192 56.80 9.20 14.05
CA ASN A 192 56.49 8.83 12.66
C ASN A 192 55.38 7.81 12.56
N HIS A 193 54.32 8.21 11.89
CA HIS A 193 53.19 7.32 11.71
C HIS A 193 53.68 5.92 11.40
N GLY A 194 54.36 5.79 10.27
CA GLY A 194 54.85 4.49 9.88
C GLY A 194 55.05 3.60 11.08
N VAL A 195 56.19 3.77 11.73
CA VAL A 195 56.50 2.97 12.90
C VAL A 195 55.27 2.75 13.73
N LEU A 196 54.87 3.82 14.39
CA LEU A 196 53.72 3.79 15.26
C LEU A 196 52.79 2.70 14.79
N HIS A 197 52.34 2.81 13.54
CA HIS A 197 51.44 1.81 13.00
C HIS A 197 51.99 0.42 13.25
N THR A 198 53.08 0.06 12.59
CA THR A 198 53.65 -1.25 12.79
C THR A 198 53.59 -1.51 14.28
N SER A 199 54.36 -0.75 15.02
CA SER A 199 54.40 -0.87 16.46
C SER A 199 53.05 -1.36 16.97
N VAL A 200 51.98 -0.71 16.53
CA VAL A 200 50.66 -1.13 16.98
C VAL A 200 50.39 -2.59 16.72
N VAL A 201 50.10 -2.96 15.47
CA VAL A 201 49.80 -4.37 15.19
C VAL A 201 50.75 -5.26 15.95
N LEU A 202 52.01 -4.86 16.03
CA LEU A 202 52.98 -5.64 16.77
C LEU A 202 52.31 -5.93 18.09
N LEU A 203 52.04 -4.86 18.83
CA LEU A 203 51.38 -4.97 20.11
C LEU A 203 50.14 -5.83 19.93
N THR A 204 49.28 -5.42 19.01
CA THR A 204 48.04 -6.15 18.76
C THR A 204 48.28 -7.66 18.78
N GLU A 205 49.07 -8.14 17.83
CA GLU A 205 49.36 -9.56 17.73
C GLU A 205 49.95 -10.13 19.02
N MET A 206 50.77 -9.33 19.69
CA MET A 206 51.38 -9.78 20.93
C MET A 206 50.31 -10.26 21.88
N CYS A 207 49.31 -9.41 22.09
CA CYS A 207 48.22 -9.70 23.00
C CYS A 207 47.39 -10.90 22.61
N GLU A 208 48.05 -12.06 22.62
CA GLU A 208 47.46 -13.35 22.32
C GLU A 208 48.00 -14.32 23.36
N ARG A 209 48.23 -13.75 24.53
CA ARG A 209 48.73 -14.42 25.73
C ARG A 209 48.27 -13.55 26.89
N SER A 210 47.18 -13.98 27.49
CA SER A 210 46.57 -13.29 28.60
C SER A 210 47.43 -12.36 29.46
N PRO A 211 48.60 -12.85 29.96
CA PRO A 211 49.49 -12.02 30.80
C PRO A 211 49.96 -10.68 30.21
N ASP A 212 50.52 -10.74 29.00
CA ASP A 212 51.00 -9.54 28.34
C ASP A 212 49.90 -8.51 28.41
N MET A 213 48.68 -8.98 28.22
CA MET A 213 47.54 -8.09 28.26
C MET A 213 47.66 -7.12 29.41
N LEU A 214 47.55 -7.60 30.65
CA LEU A 214 47.66 -6.72 31.81
C LEU A 214 48.80 -5.73 31.63
N ALA A 215 49.94 -6.17 31.08
CA ALA A 215 51.05 -5.23 30.90
C ALA A 215 50.59 -4.03 30.08
N HIS A 216 50.28 -4.24 28.79
CA HIS A 216 49.83 -3.14 27.91
C HIS A 216 48.45 -2.59 28.29
N PHE A 217 47.59 -3.53 28.66
CA PHE A 217 46.22 -3.28 29.09
C PHE A 217 46.26 -1.98 29.90
N ARG A 218 46.63 -2.13 31.16
CA ARG A 218 46.72 -1.01 32.09
C ARG A 218 47.65 0.10 31.57
N LYS A 219 48.73 -0.28 30.90
CA LYS A 219 49.66 0.73 30.41
C LYS A 219 49.06 1.59 29.29
N LEU A 220 49.62 1.43 28.10
CA LEU A 220 49.28 2.21 26.94
C LEU A 220 47.83 2.67 26.67
N VAL A 221 46.82 2.02 27.24
CA VAL A 221 45.46 2.48 26.93
C VAL A 221 45.28 4.00 26.82
N PRO A 222 45.48 4.76 27.92
CA PRO A 222 45.33 6.23 27.89
C PRO A 222 46.07 6.89 26.74
N GLN A 223 47.33 6.50 26.59
CA GLN A 223 48.17 7.04 25.54
C GLN A 223 47.50 6.81 24.17
N LEU A 224 47.24 5.56 23.84
CA LEU A 224 46.58 5.23 22.56
C LEU A 224 45.53 6.24 22.28
N VAL A 225 44.70 6.46 23.29
CA VAL A 225 43.63 7.41 23.19
C VAL A 225 44.19 8.69 22.59
N ARG A 226 44.94 9.43 23.39
CA ARG A 226 45.52 10.70 22.94
C ARG A 226 45.94 10.70 21.48
N ILE A 227 46.72 9.70 21.10
CA ILE A 227 47.18 9.61 19.72
C ILE A 227 45.97 9.70 18.81
N LEU A 228 45.14 8.68 18.86
CA LEU A 228 43.93 8.64 18.07
C LEU A 228 43.26 10.01 18.09
N LYS A 229 42.82 10.41 19.29
CA LYS A 229 42.16 11.70 19.46
C LYS A 229 42.86 12.70 18.57
N ASN A 230 44.10 13.01 18.92
CA ASN A 230 44.92 13.95 18.18
C ASN A 230 44.58 13.89 16.69
N LEU A 231 44.72 12.70 16.11
CA LEU A 231 44.44 12.50 14.70
C LEU A 231 43.08 13.02 14.35
N ILE A 232 42.06 12.21 14.62
CA ILE A 232 40.69 12.58 14.32
C ILE A 232 40.54 14.07 14.39
N MET A 233 40.61 14.57 15.62
CA MET A 233 40.41 15.98 15.88
C MET A 233 41.03 17.05 14.96
N SER A 234 42.30 16.98 14.55
CA SER A 234 42.75 18.10 13.70
C SER A 234 43.61 17.99 12.44
N GLY A 235 43.65 19.10 11.73
CA GLY A 235 44.41 19.31 10.52
C GLY A 235 44.28 18.37 9.35
N TYR A 236 44.59 18.91 8.18
CA TYR A 236 44.66 18.20 6.93
C TYR A 236 46.15 17.80 6.85
N SER A 237 46.52 16.68 6.22
CA SER A 237 47.98 16.28 6.20
C SER A 237 48.54 15.71 4.91
N PRO A 238 49.15 16.55 4.04
CA PRO A 238 49.71 16.24 2.75
C PRO A 238 50.50 15.01 2.74
N GLU A 239 50.85 14.47 3.91
CA GLU A 239 51.58 13.23 4.01
C GLU A 239 50.66 12.04 4.26
N HIS A 240 49.59 12.30 5.01
CA HIS A 240 48.68 11.23 5.43
C HIS A 240 47.24 11.19 4.97
N ASP A 241 46.57 12.33 4.91
CA ASP A 241 45.16 12.30 4.50
C ASP A 241 44.85 11.37 3.36
N VAL A 242 43.58 10.99 3.31
CA VAL A 242 43.00 10.17 2.28
C VAL A 242 41.55 10.63 2.38
N SER A 243 41.24 11.64 1.58
CA SER A 243 39.90 12.21 1.52
C SER A 243 39.38 12.84 2.82
N GLY A 244 40.19 13.69 3.43
CA GLY A 244 39.74 14.38 4.64
C GLY A 244 40.06 13.87 6.03
N ILE A 245 40.72 12.74 6.14
CA ILE A 245 41.04 12.22 7.45
C ILE A 245 42.47 11.74 7.48
N SER A 246 43.06 11.72 8.67
CA SER A 246 44.43 11.30 8.82
C SER A 246 44.60 9.81 9.02
N ASP A 247 45.61 9.27 8.37
CA ASP A 247 45.93 7.86 8.45
C ASP A 247 44.87 6.87 8.87
N PRO A 248 43.73 6.88 8.18
CA PRO A 248 42.66 5.96 8.51
C PRO A 248 43.29 4.71 9.07
N PHE A 249 44.12 4.06 8.27
CA PHE A 249 44.80 2.85 8.70
C PHE A 249 45.15 2.98 10.16
N LEU A 250 46.14 3.82 10.42
CA LEU A 250 46.56 4.05 11.77
C LEU A 250 45.33 4.06 12.65
N GLN A 251 44.41 4.97 12.36
CA GLN A 251 43.18 5.06 13.14
C GLN A 251 42.53 3.70 13.33
N VAL A 252 42.28 2.98 12.25
CA VAL A 252 41.66 1.69 12.40
C VAL A 252 42.46 0.84 13.36
N ARG A 253 43.55 0.25 12.87
CA ARG A 253 44.39 -0.61 13.68
C ARG A 253 44.36 -0.19 15.14
N ILE A 254 44.51 1.10 15.39
CA ILE A 254 44.44 1.59 16.75
C ILE A 254 43.20 0.96 17.33
N LEU A 255 42.06 1.47 16.90
CA LEU A 255 40.78 0.96 17.37
C LEU A 255 40.87 -0.51 17.68
N ARG A 256 41.17 -1.28 16.64
CA ARG A 256 41.30 -2.71 16.80
C ARG A 256 41.95 -3.00 18.13
N LEU A 257 43.22 -2.62 18.25
CA LEU A 257 43.96 -2.86 19.47
C LEU A 257 43.20 -2.43 20.72
N LEU A 258 42.62 -1.23 20.71
CA LEU A 258 41.86 -0.76 21.86
C LEU A 258 40.86 -1.83 22.15
N ARG A 259 40.12 -2.16 21.11
CA ARG A 259 39.11 -3.17 21.18
C ARG A 259 39.63 -4.38 21.94
N ILE A 260 40.47 -5.15 21.28
CA ILE A 260 41.02 -6.35 21.88
C ILE A 260 41.43 -6.24 23.33
N LEU A 261 42.06 -5.13 23.70
CA LEU A 261 42.50 -4.94 25.08
C LEU A 261 41.35 -4.89 26.07
N GLY A 262 40.37 -4.05 25.78
CA GLY A 262 39.24 -3.94 26.67
C GLY A 262 38.27 -5.09 26.54
N ARG A 263 38.77 -6.21 26.02
CA ARG A 263 37.95 -7.40 25.83
C ARG A 263 36.86 -7.50 26.91
N ASN A 264 37.23 -8.08 28.06
CA ASN A 264 36.29 -8.20 29.17
C ASN A 264 36.92 -7.49 30.34
N ASP A 265 36.43 -6.30 30.62
CA ASP A 265 36.96 -5.54 31.73
C ASP A 265 36.24 -4.23 31.81
N ASP A 266 36.10 -3.73 33.03
CA ASP A 266 35.44 -2.47 33.25
C ASP A 266 36.46 -1.34 33.09
N ASP A 267 37.48 -1.33 33.95
CA ASP A 267 38.52 -0.31 33.92
C ASP A 267 38.83 0.16 32.48
N SER A 268 39.44 -0.72 31.69
CA SER A 268 39.75 -0.40 30.31
C SER A 268 38.58 0.34 29.63
N SER A 269 37.55 -0.43 29.32
CA SER A 269 36.34 0.06 28.66
C SER A 269 35.92 1.41 29.22
N GLU A 270 35.48 1.39 30.46
CA GLU A 270 35.03 2.58 31.18
C GLU A 270 35.96 3.75 30.84
N ALA A 271 37.20 3.45 30.46
CA ALA A 271 38.18 4.48 30.12
C ALA A 271 38.27 4.75 28.62
N MET A 272 37.51 3.99 27.84
CA MET A 272 37.51 4.18 26.41
C MET A 272 36.26 4.83 25.87
N ASN A 273 35.10 4.38 26.36
CA ASN A 273 33.84 4.87 25.83
C ASN A 273 33.80 6.34 25.45
N ASP A 274 34.69 7.16 26.02
CA ASP A 274 34.70 8.58 25.66
C ASP A 274 35.27 8.77 24.25
N ILE A 275 36.54 8.47 24.08
CA ILE A 275 37.16 8.62 22.78
C ILE A 275 36.25 8.00 21.73
N LEU A 276 35.74 6.81 22.01
CA LEU A 276 34.86 6.16 21.07
C LEU A 276 33.76 7.10 20.64
N ALA A 277 32.83 7.37 21.54
CA ALA A 277 31.72 8.24 21.24
C ALA A 277 32.16 9.36 20.32
N GLN A 278 33.19 10.09 20.73
CA GLN A 278 33.69 11.18 19.91
C GLN A 278 33.91 10.69 18.48
N VAL A 279 34.75 9.68 18.33
CA VAL A 279 35.04 9.10 17.04
C VAL A 279 33.79 9.00 16.22
N ALA A 280 32.70 8.63 16.87
CA ALA A 280 31.43 8.49 16.20
C ALA A 280 30.89 9.82 15.73
N THR A 281 30.58 10.66 16.69
CA THR A 281 30.03 11.97 16.41
C THR A 281 30.92 12.80 15.49
N ASN A 282 32.20 12.87 15.80
CA ASN A 282 33.15 13.70 15.05
C ASN A 282 33.69 13.25 13.66
N THR A 283 33.20 12.15 13.08
CA THR A 283 33.72 11.72 11.78
C THR A 283 32.79 11.99 10.58
N GLU A 284 33.39 12.04 9.38
CA GLU A 284 32.69 12.35 8.11
C GLU A 284 32.03 11.19 7.39
N THR A 285 30.72 11.27 7.20
CA THR A 285 30.01 10.19 6.54
C THR A 285 30.14 10.30 5.02
N SER A 286 30.80 11.34 4.56
CA SER A 286 30.97 11.57 3.13
C SER A 286 31.13 10.28 2.33
N LYS A 287 32.38 9.84 2.18
CA LYS A 287 32.64 8.65 1.41
C LYS A 287 33.44 7.57 2.12
N ASN A 288 33.04 6.34 1.80
CA ASN A 288 33.59 5.10 2.35
C ASN A 288 34.70 5.28 3.37
N VAL A 289 35.86 5.78 2.94
CA VAL A 289 36.96 5.97 3.85
C VAL A 289 36.44 6.11 5.25
N GLY A 290 35.83 7.26 5.51
CA GLY A 290 35.28 7.49 6.82
C GLY A 290 34.53 6.27 7.30
N ASN A 291 33.41 6.00 6.65
CA ASN A 291 32.61 4.87 7.03
C ASN A 291 33.52 3.73 7.46
N ALA A 292 34.57 3.47 6.71
CA ALA A 292 35.49 2.40 7.09
C ALA A 292 35.83 2.62 8.55
N ILE A 293 36.31 3.82 8.84
CA ILE A 293 36.65 4.19 10.20
C ILE A 293 35.57 3.66 11.10
N LEU A 294 34.36 4.16 10.89
CA LEU A 294 33.25 3.73 11.72
C LEU A 294 33.10 2.23 11.80
N TYR A 295 32.94 1.57 10.66
CA TYR A 295 32.78 0.14 10.67
C TYR A 295 33.62 -0.44 11.79
N GLU A 296 34.92 -0.17 11.76
CA GLU A 296 35.79 -0.71 12.80
C GLU A 296 35.38 -0.26 14.20
N THR A 297 35.33 1.05 14.41
CA THR A 297 34.97 1.60 15.70
C THR A 297 33.78 0.84 16.27
N VAL A 298 32.78 0.62 15.44
CA VAL A 298 31.63 -0.09 15.92
C VAL A 298 32.02 -1.44 16.47
N LEU A 299 32.52 -2.33 15.62
CA LEU A 299 32.91 -3.67 16.08
C LEU A 299 33.55 -3.57 17.46
N THR A 300 34.55 -2.71 17.58
CA THR A 300 35.24 -2.51 18.84
C THR A 300 34.23 -2.18 19.94
N ILE A 301 33.50 -1.10 19.71
CA ILE A 301 32.51 -0.67 20.65
C ILE A 301 31.62 -1.82 21.12
N MET A 302 31.45 -2.83 20.27
CA MET A 302 30.61 -3.97 20.61
C MET A 302 31.15 -5.04 21.53
N ASP A 303 32.34 -5.54 21.22
CA ASP A 303 32.92 -6.57 22.06
C ASP A 303 33.22 -6.04 23.46
N ILE A 304 33.22 -4.73 23.68
CA ILE A 304 33.52 -4.25 25.02
C ILE A 304 32.39 -3.66 25.84
N LYS A 305 32.44 -3.95 27.15
CA LYS A 305 31.45 -3.45 28.09
C LYS A 305 31.35 -1.93 27.96
N SER A 306 30.14 -1.38 28.08
CA SER A 306 29.97 0.07 27.93
C SER A 306 28.53 0.56 28.17
N GLU A 307 28.39 1.82 28.59
CA GLU A 307 27.06 2.37 28.86
C GLU A 307 26.03 1.95 27.84
N SER A 308 24.87 1.54 28.33
CA SER A 308 23.78 1.11 27.47
C SER A 308 23.55 2.16 26.39
N GLY A 309 23.63 3.44 26.77
CA GLY A 309 23.42 4.53 25.84
C GLY A 309 24.37 4.55 24.66
N LEU A 310 25.63 4.21 24.91
CA LEU A 310 26.65 4.17 23.87
C LEU A 310 26.39 3.06 22.89
N ARG A 311 26.28 1.85 23.41
CA ARG A 311 26.02 0.73 22.55
C ARG A 311 24.88 1.13 21.62
N VAL A 312 23.83 1.71 22.20
CA VAL A 312 22.69 2.15 21.41
C VAL A 312 23.16 2.93 20.20
N LEU A 313 23.95 3.98 20.44
CA LEU A 313 24.45 4.78 19.33
C LEU A 313 25.01 3.87 18.25
N ALA A 314 26.00 3.06 18.62
CA ALA A 314 26.64 2.14 17.69
C ALA A 314 25.64 1.60 16.70
N ILE A 315 24.69 0.85 17.23
CA ILE A 315 23.66 0.27 16.40
C ILE A 315 23.08 1.29 15.47
N ASN A 316 22.35 2.25 16.04
CA ASN A 316 21.71 3.30 15.26
C ASN A 316 22.66 3.75 14.15
N ILE A 317 23.96 3.58 14.38
CA ILE A 317 24.93 3.96 13.37
C ILE A 317 24.89 3.03 12.19
N LEU A 318 24.88 1.74 12.44
CA LEU A 318 24.82 0.81 11.34
C LEU A 318 23.59 1.11 10.52
N GLY A 319 22.44 1.24 11.19
CA GLY A 319 21.21 1.52 10.49
C GLY A 319 21.53 2.62 9.50
N ARG A 320 22.11 3.67 10.06
CA ARG A 320 22.49 4.82 9.26
C ARG A 320 23.19 4.33 7.99
N PHE A 321 23.90 3.20 8.09
CA PHE A 321 24.57 2.66 6.92
C PHE A 321 23.53 2.22 5.92
N LEU A 322 22.84 1.16 6.29
CA LEU A 322 21.81 0.57 5.44
C LEU A 322 21.27 1.55 4.44
N LEU A 323 20.85 2.70 4.93
CA LEU A 323 20.26 3.69 4.05
C LEU A 323 21.24 4.42 3.12
N ASN A 324 22.47 3.95 3.01
CA ASN A 324 23.47 4.60 2.15
C ASN A 324 23.30 4.29 0.66
N ASN A 325 23.43 5.29 -0.19
CA ASN A 325 23.25 5.08 -1.62
C ASN A 325 23.86 3.78 -2.16
N ASP A 326 25.16 3.60 -1.90
CA ASP A 326 25.97 2.46 -2.41
C ASP A 326 26.07 1.13 -1.67
N LYS A 327 25.93 0.05 -2.45
CA LYS A 327 26.03 -1.31 -1.97
C LYS A 327 27.19 -1.40 -0.99
N ASN A 328 28.26 -2.11 -1.34
CA ASN A 328 29.36 -2.21 -0.40
C ASN A 328 28.83 -1.97 1.00
N ILE A 329 29.23 -0.86 1.62
CA ILE A 329 28.78 -0.53 2.97
C ILE A 329 27.66 -1.45 3.47
N ARG A 330 26.48 -1.24 2.93
CA ARG A 330 25.34 -2.04 3.31
C ARG A 330 25.70 -3.47 3.69
N TYR A 331 26.54 -4.13 2.90
CA TYR A 331 26.91 -5.50 3.20
C TYR A 331 27.29 -5.69 4.67
N VAL A 332 28.52 -5.34 5.02
CA VAL A 332 28.97 -5.48 6.39
C VAL A 332 27.85 -5.06 7.30
N ALA A 333 27.26 -3.92 6.98
CA ALA A 333 26.16 -3.39 7.77
C ALA A 333 25.34 -4.55 8.30
N LEU A 334 24.83 -5.35 7.38
CA LEU A 334 24.03 -6.47 7.80
C LEU A 334 24.89 -7.45 8.58
N THR A 335 25.90 -8.03 7.92
CA THR A 335 26.79 -9.00 8.56
C THR A 335 26.92 -8.84 10.08
N SER A 336 27.71 -7.85 10.47
CA SER A 336 27.92 -7.56 11.87
C SER A 336 26.55 -7.55 12.56
N LEU A 337 25.61 -6.79 12.00
CA LEU A 337 24.30 -6.72 12.60
C LEU A 337 23.86 -8.05 13.22
N LEU A 338 23.97 -9.15 12.47
CA LEU A 338 23.56 -10.46 13.00
C LEU A 338 24.33 -10.83 14.26
N LYS A 339 25.67 -10.86 14.12
CA LYS A 339 26.54 -11.21 15.26
C LYS A 339 26.06 -10.55 16.58
N THR A 340 25.29 -9.46 16.49
CA THR A 340 24.82 -8.78 17.70
C THR A 340 23.33 -8.92 18.04
N VAL A 341 22.52 -9.35 17.07
CA VAL A 341 21.10 -9.53 17.29
C VAL A 341 20.85 -10.43 18.47
N GLN A 342 21.69 -11.46 18.60
CA GLN A 342 21.51 -12.38 19.73
C GLN A 342 21.87 -11.72 21.06
N THR A 343 22.50 -10.53 20.98
CA THR A 343 22.90 -9.78 22.17
C THR A 343 22.07 -8.53 22.44
N ASP A 344 22.08 -7.60 21.49
CA ASP A 344 21.37 -6.35 21.66
C ASP A 344 20.02 -6.25 20.96
N HIS A 345 19.33 -7.38 20.99
CA HIS A 345 18.02 -7.59 20.41
C HIS A 345 17.15 -6.34 20.47
N ASN A 346 16.58 -6.12 21.65
CA ASN A 346 15.69 -5.00 21.90
C ASN A 346 16.19 -3.71 21.25
N ALA A 347 17.50 -3.60 21.11
CA ALA A 347 18.09 -2.40 20.54
C ALA A 347 18.02 -2.29 19.02
N VAL A 348 18.41 -3.35 18.32
CA VAL A 348 18.40 -3.35 16.87
C VAL A 348 17.01 -3.20 16.28
N GLN A 349 16.03 -3.84 16.90
CA GLN A 349 14.66 -3.78 16.40
C GLN A 349 14.28 -2.45 15.78
N ARG A 350 14.77 -1.38 16.37
CA ARG A 350 14.51 -0.02 15.91
C ARG A 350 14.79 0.20 14.42
N HIS A 351 15.04 -0.87 13.68
CA HIS A 351 15.36 -0.66 12.28
C HIS A 351 14.83 -1.69 11.31
N ARG A 352 14.36 -2.81 11.84
CA ARG A 352 13.87 -3.85 10.96
C ARG A 352 13.19 -3.25 9.75
N SER A 353 12.19 -2.41 9.99
CA SER A 353 11.44 -1.76 8.91
C SER A 353 12.31 -1.55 7.68
N THR A 354 13.45 -0.88 7.88
CA THR A 354 14.36 -0.61 6.78
C THR A 354 15.07 -1.88 6.34
N ILE A 355 15.48 -2.70 7.31
CA ILE A 355 16.17 -3.93 6.96
C ILE A 355 15.42 -4.71 5.90
N VAL A 356 14.32 -5.36 6.30
CA VAL A 356 13.54 -6.13 5.35
C VAL A 356 13.37 -5.32 4.09
N ASP A 357 13.27 -4.01 4.24
CA ASP A 357 13.11 -3.15 3.08
C ASP A 357 14.25 -3.45 2.07
N CYS A 358 15.34 -4.06 2.56
CA CYS A 358 16.46 -4.38 1.69
C CYS A 358 16.23 -5.53 0.74
N LEU A 359 15.42 -6.48 1.17
CA LEU A 359 15.10 -7.64 0.36
C LEU A 359 14.89 -7.21 -1.07
N LYS A 360 14.46 -5.97 -1.23
CA LYS A 360 14.20 -5.40 -2.54
C LYS A 360 15.52 -5.10 -3.29
N ASP A 361 16.66 -5.51 -2.73
CA ASP A 361 17.91 -5.21 -3.40
C ASP A 361 18.28 -6.16 -4.51
N LEU A 362 19.15 -5.70 -5.39
CA LEU A 362 19.59 -6.49 -6.53
C LEU A 362 20.87 -7.29 -6.31
N ASP A 363 21.23 -7.58 -5.06
CA ASP A 363 22.43 -8.38 -4.83
C ASP A 363 22.20 -9.53 -3.86
N VAL A 364 22.30 -10.75 -4.38
CA VAL A 364 22.09 -11.96 -3.61
C VAL A 364 22.55 -11.90 -2.15
N SER A 365 23.86 -11.76 -1.94
CA SER A 365 24.42 -11.69 -0.59
C SER A 365 23.51 -10.86 0.32
N ILE A 366 23.37 -9.59 -0.02
CA ILE A 366 22.53 -8.69 0.75
C ILE A 366 21.24 -9.40 1.02
N LYS A 367 20.54 -9.71 -0.05
CA LYS A 367 19.28 -10.40 0.06
C LYS A 367 19.37 -11.35 1.23
N ARG A 368 20.01 -12.49 1.00
CA ARG A 368 20.11 -13.51 2.03
C ARG A 368 20.26 -12.86 3.39
N ARG A 369 21.48 -12.47 3.72
CA ARG A 369 21.70 -11.85 5.01
C ARG A 369 20.43 -11.13 5.43
N ALA A 370 20.03 -10.13 4.65
CA ALA A 370 18.82 -9.41 4.98
C ALA A 370 17.87 -10.42 5.55
N MET A 371 17.41 -11.31 4.70
CA MET A 371 16.49 -12.34 5.12
C MET A 371 16.89 -12.95 6.45
N GLU A 372 17.93 -13.78 6.43
CA GLU A 372 18.40 -14.45 7.65
C GLU A 372 18.03 -13.60 8.85
N LEU A 373 18.70 -12.47 8.96
CA LEU A 373 18.46 -11.54 10.04
C LEU A 373 16.97 -11.31 10.24
N SER A 374 16.42 -10.44 9.40
CA SER A 374 15.01 -10.10 9.46
C SER A 374 14.30 -11.21 10.18
N PHE A 375 14.34 -12.38 9.58
CA PHE A 375 13.72 -13.52 10.19
C PHE A 375 13.92 -13.46 11.67
N ALA A 376 15.15 -13.72 12.08
CA ALA A 376 15.52 -13.72 13.48
C ALA A 376 14.84 -12.66 14.34
N LEU A 377 14.50 -11.53 13.75
CA LEU A 377 13.88 -10.48 14.54
C LEU A 377 12.41 -10.69 14.77
N VAL A 378 11.85 -11.68 14.11
CA VAL A 378 10.44 -11.93 14.29
C VAL A 378 10.14 -12.09 15.75
N ASN A 379 9.26 -11.23 16.24
CA ASN A 379 8.90 -11.29 17.64
C ASN A 379 7.54 -11.93 17.77
N GLY A 380 6.79 -11.46 18.75
CA GLY A 380 5.45 -11.96 18.95
C GLY A 380 4.58 -10.94 18.27
N ASN A 381 4.44 -9.79 18.92
CA ASN A 381 3.64 -8.69 18.41
C ASN A 381 4.09 -8.28 17.00
N ASN A 382 5.12 -8.95 16.49
CA ASN A 382 5.63 -8.61 15.19
C ASN A 382 4.99 -9.33 14.02
N ILE A 383 5.27 -10.62 13.96
CA ILE A 383 4.76 -11.53 12.97
C ILE A 383 3.86 -10.96 11.89
N ARG A 384 2.59 -10.73 12.25
CA ARG A 384 1.62 -10.22 11.30
C ARG A 384 2.27 -9.37 10.23
N GLY A 385 2.77 -8.21 10.63
CA GLY A 385 3.39 -7.32 9.67
C GLY A 385 4.43 -8.01 8.81
N MET A 386 5.63 -8.15 9.38
CA MET A 386 6.75 -8.76 8.68
C MET A 386 6.30 -9.91 7.76
N MET A 387 5.46 -10.80 8.26
CA MET A 387 5.00 -11.90 7.42
C MET A 387 4.44 -11.36 6.12
N LYS A 388 3.42 -10.49 6.22
CA LYS A 388 2.80 -9.89 5.05
C LYS A 388 3.90 -9.49 4.05
N GLU A 389 5.03 -9.00 4.57
CA GLU A 389 6.12 -8.60 3.69
C GLU A 389 6.92 -9.80 3.19
N LEU A 390 7.23 -10.72 4.09
CA LEU A 390 7.97 -11.92 3.73
C LEU A 390 7.24 -12.60 2.61
N LEU A 391 5.94 -12.72 2.77
CA LEU A 391 5.13 -13.36 1.77
C LEU A 391 5.31 -12.65 0.44
N TYR A 392 5.01 -11.35 0.35
CA TYR A 392 5.16 -10.63 -0.93
C TYR A 392 6.49 -11.10 -1.54
N PHE A 393 7.53 -10.92 -0.74
CA PHE A 393 8.88 -11.30 -1.11
C PHE A 393 8.88 -12.69 -1.74
N LEU A 394 8.71 -13.69 -0.90
CA LEU A 394 8.70 -15.10 -1.30
C LEU A 394 8.12 -15.35 -2.68
N ASP A 395 6.92 -14.82 -2.89
CA ASP A 395 6.23 -14.98 -4.15
C ASP A 395 7.07 -14.66 -5.38
N SER A 396 7.73 -13.50 -5.39
CA SER A 396 8.53 -13.17 -6.56
C SER A 396 9.98 -13.64 -6.52
N CYS A 397 10.43 -14.10 -5.36
CA CYS A 397 11.80 -14.56 -5.18
C CYS A 397 12.40 -15.43 -6.24
N GLU A 398 13.72 -15.58 -6.15
CA GLU A 398 14.42 -16.44 -7.07
C GLU A 398 14.51 -17.81 -6.44
N PRO A 399 14.54 -18.87 -7.27
CA PRO A 399 14.62 -20.26 -6.83
C PRO A 399 15.43 -20.45 -5.54
N GLU A 400 16.74 -20.31 -5.69
CA GLU A 400 17.71 -20.43 -4.62
C GLU A 400 17.04 -20.18 -3.28
N PHE A 401 16.55 -18.97 -3.15
CA PHE A 401 15.90 -18.55 -1.94
C PHE A 401 14.62 -19.26 -1.60
N LYS A 402 13.62 -19.15 -2.47
CA LYS A 402 12.36 -19.80 -2.17
C LYS A 402 12.55 -20.97 -1.23
N ALA A 403 13.24 -21.99 -1.71
CA ALA A 403 13.45 -23.16 -0.87
C ALA A 403 13.70 -22.75 0.58
N ASP A 404 14.83 -22.11 0.82
CA ASP A 404 15.12 -21.74 2.21
C ASP A 404 14.05 -20.96 2.95
N CYS A 405 13.44 -19.97 2.31
CA CYS A 405 12.43 -19.18 2.99
C CYS A 405 11.29 -19.96 3.51
N ALA A 406 10.78 -20.83 2.66
CA ALA A 406 9.69 -21.67 3.06
C ALA A 406 10.06 -22.05 4.48
N SER A 407 11.11 -22.84 4.58
CA SER A 407 11.56 -23.31 5.89
C SER A 407 11.40 -22.21 6.91
N GLY A 408 11.90 -21.02 6.57
CA GLY A 408 11.80 -19.90 7.49
C GLY A 408 10.39 -19.57 7.96
N ILE A 409 9.56 -19.14 7.03
CA ILE A 409 8.21 -18.78 7.39
C ILE A 409 7.63 -19.85 8.27
N PHE A 410 7.53 -21.06 7.74
CA PHE A 410 6.98 -22.14 8.53
C PHE A 410 7.37 -21.88 9.96
N LEU A 411 8.66 -21.91 10.25
CA LEU A 411 9.09 -21.66 11.63
C LEU A 411 8.27 -20.59 12.30
N ALA A 412 8.43 -19.36 11.81
CA ALA A 412 7.70 -18.24 12.38
C ALA A 412 6.34 -18.70 12.86
N ALA A 413 5.48 -19.03 11.91
CA ALA A 413 4.13 -19.47 12.23
C ALA A 413 4.12 -20.56 13.28
N GLU A 414 4.94 -21.59 13.07
CA GLU A 414 5.01 -22.70 14.00
C GLU A 414 5.30 -22.22 15.42
N LYS A 415 6.16 -21.21 15.55
CA LYS A 415 6.45 -20.68 16.87
C LYS A 415 5.55 -19.50 17.13
N TYR A 416 6.12 -18.31 17.15
CA TYR A 416 5.35 -17.12 17.37
C TYR A 416 4.21 -17.16 16.33
N ALA A 417 2.95 -17.17 16.77
CA ALA A 417 1.83 -17.20 15.82
C ALA A 417 0.52 -16.86 16.48
N PRO A 418 -0.31 -16.04 15.82
CA PRO A 418 -1.61 -15.61 16.33
C PRO A 418 -2.72 -16.65 16.17
N SER A 419 -3.56 -16.45 15.14
CA SER A 419 -4.70 -17.32 14.85
C SER A 419 -4.41 -18.49 13.93
N LYS A 420 -5.24 -19.53 14.00
CA LYS A 420 -5.03 -20.66 13.13
C LYS A 420 -5.30 -20.13 11.75
N ARG A 421 -6.47 -19.50 11.60
CA ARG A 421 -6.87 -18.95 10.31
C ARG A 421 -5.68 -18.33 9.64
N TRP A 422 -4.94 -17.53 10.39
CA TRP A 422 -3.78 -16.90 9.84
C TRP A 422 -2.78 -18.01 9.52
N HIS A 423 -2.32 -18.69 10.56
CA HIS A 423 -1.37 -19.77 10.40
C HIS A 423 -1.64 -20.48 9.10
N ILE A 424 -2.79 -21.13 9.05
CA ILE A 424 -3.18 -21.83 7.86
C ILE A 424 -2.99 -20.90 6.69
N ASP A 425 -3.86 -19.90 6.64
CA ASP A 425 -3.84 -18.89 5.59
C ASP A 425 -2.43 -18.66 5.08
N THR A 426 -1.50 -18.42 6.00
CA THR A 426 -0.13 -18.20 5.57
C THR A 426 0.45 -19.48 5.02
N ILE A 427 0.54 -20.52 5.83
CA ILE A 427 1.10 -21.74 5.31
C ILE A 427 0.56 -21.98 3.93
N MET A 428 -0.75 -22.10 3.81
CA MET A 428 -1.33 -22.32 2.49
C MET A 428 -0.62 -21.40 1.54
N ARG A 429 -0.82 -20.12 1.80
CA ARG A 429 -0.24 -19.07 1.01
C ARG A 429 1.12 -19.49 0.46
N VAL A 430 2.02 -19.89 1.35
CA VAL A 430 3.34 -20.29 0.90
C VAL A 430 3.24 -21.39 -0.12
N LEU A 431 2.51 -22.45 0.24
CA LEU A 431 2.34 -23.56 -0.67
C LEU A 431 2.08 -22.92 -2.02
N THR A 432 0.96 -22.21 -2.08
CA THR A 432 0.53 -21.53 -3.29
C THR A 432 1.70 -21.08 -4.16
N THR A 433 2.77 -20.60 -3.53
CA THR A 433 3.90 -20.09 -4.32
C THR A 433 5.18 -20.90 -4.47
N ALA A 434 5.56 -21.62 -3.43
CA ALA A 434 6.78 -22.41 -3.48
C ALA A 434 6.51 -23.90 -3.66
N GLY A 435 5.60 -24.41 -2.85
CA GLY A 435 5.23 -25.82 -2.89
C GLY A 435 6.29 -26.69 -3.53
N SER A 436 6.33 -26.70 -4.85
CA SER A 436 7.31 -27.49 -5.57
C SER A 436 8.66 -27.50 -4.87
N TYR A 437 8.88 -26.54 -3.97
CA TYR A 437 10.14 -26.47 -3.24
C TYR A 437 10.02 -26.89 -1.78
N VAL A 438 8.84 -26.79 -1.21
CA VAL A 438 8.67 -27.15 0.19
C VAL A 438 9.12 -28.55 0.50
N ARG A 439 9.53 -28.77 1.74
CA ARG A 439 10.00 -30.08 2.16
C ARG A 439 8.89 -31.12 2.01
N ASP A 440 9.04 -32.22 2.73
CA ASP A 440 8.08 -33.29 2.60
C ASP A 440 6.96 -33.33 3.65
N ASP A 441 7.30 -33.13 4.91
CA ASP A 441 6.30 -33.18 5.98
C ASP A 441 5.13 -32.21 5.86
N ALA A 442 5.22 -31.23 4.97
CA ALA A 442 4.15 -30.25 4.81
C ALA A 442 2.77 -30.89 4.76
N VAL A 443 2.47 -31.54 3.65
CA VAL A 443 1.18 -32.19 3.47
C VAL A 443 0.56 -32.57 4.80
N PRO A 444 1.19 -33.51 5.53
CA PRO A 444 0.61 -33.90 6.82
C PRO A 444 0.55 -32.72 7.78
N ASN A 445 1.67 -32.02 7.90
CA ASN A 445 1.77 -30.86 8.76
C ASN A 445 0.44 -30.10 8.72
N LEU A 446 0.29 -29.29 7.69
CA LEU A 446 -0.89 -28.46 7.51
C LEU A 446 -2.20 -29.17 7.80
N ILE A 447 -2.40 -30.37 7.25
CA ILE A 447 -3.66 -31.04 7.54
C ILE A 447 -3.83 -31.16 9.04
N GLN A 448 -2.81 -31.70 9.69
CA GLN A 448 -2.84 -31.87 11.13
C GLN A 448 -3.29 -30.59 11.81
N LEU A 449 -2.87 -29.45 11.28
CA LEU A 449 -3.26 -28.16 11.85
C LEU A 449 -4.77 -27.98 11.67
N ILE A 450 -5.23 -28.18 10.45
CA ILE A 450 -6.65 -28.06 10.14
C ILE A 450 -7.49 -28.92 11.04
N THR A 451 -7.27 -30.22 10.94
CA THR A 451 -8.00 -31.17 11.74
C THR A 451 -8.03 -30.72 13.21
N ASN A 452 -6.88 -30.64 13.86
CA ASN A 452 -6.81 -30.22 15.26
C ASN A 452 -7.72 -29.08 15.68
N SER A 453 -7.63 -27.95 14.98
CA SER A 453 -8.48 -26.81 15.29
C SER A 453 -9.76 -26.94 14.46
N VAL A 454 -10.82 -27.26 15.19
CA VAL A 454 -12.15 -27.56 14.66
C VAL A 454 -13.06 -26.45 14.14
N GLU A 455 -12.59 -25.23 14.00
CA GLU A 455 -13.51 -24.22 13.53
C GLU A 455 -13.40 -23.90 12.06
N MET A 456 -12.24 -23.40 11.66
CA MET A 456 -11.97 -23.01 10.28
C MET A 456 -12.20 -24.10 9.27
N HIS A 457 -12.61 -25.27 9.74
CA HIS A 457 -12.88 -26.37 8.83
C HIS A 457 -13.49 -25.74 7.59
N ALA A 458 -14.54 -24.95 7.77
CA ALA A 458 -15.17 -24.29 6.64
C ALA A 458 -14.13 -23.41 5.92
N TYR A 459 -13.90 -22.21 6.46
CA TYR A 459 -12.96 -21.21 5.91
C TYR A 459 -11.89 -21.86 5.06
N THR A 460 -11.47 -23.03 5.52
CA THR A 460 -10.44 -23.78 4.85
C THR A 460 -10.91 -24.42 3.54
N VAL A 461 -11.72 -25.46 3.62
CA VAL A 461 -12.16 -26.13 2.40
C VAL A 461 -12.50 -25.02 1.45
N GLN A 462 -13.14 -23.99 1.99
CA GLN A 462 -13.53 -22.83 1.22
C GLN A 462 -12.34 -22.38 0.39
N ARG A 463 -11.51 -21.51 0.97
CA ARG A 463 -10.33 -21.00 0.29
C ARG A 463 -9.63 -22.11 -0.49
N LEU A 464 -9.44 -23.25 0.17
CA LEU A 464 -8.80 -24.38 -0.47
C LEU A 464 -9.44 -24.46 -1.84
N TYR A 465 -10.75 -24.63 -1.85
CA TYR A 465 -11.48 -24.71 -3.11
C TYR A 465 -11.02 -23.60 -4.06
N LYS A 466 -11.36 -22.34 -3.77
CA LYS A 466 -10.98 -21.21 -4.63
C LYS A 466 -9.62 -21.41 -5.31
N ALA A 467 -8.58 -21.48 -4.48
CA ALA A 467 -7.21 -21.67 -4.95
C ALA A 467 -7.11 -22.74 -6.03
N ILE A 468 -7.58 -23.94 -5.69
CA ILE A 468 -7.53 -25.04 -6.62
C ILE A 468 -8.27 -24.81 -7.94
N LEU A 469 -9.33 -24.00 -7.92
CA LEU A 469 -10.12 -23.73 -9.13
C LEU A 469 -9.28 -23.15 -10.25
N GLY A 470 -8.56 -22.07 -9.95
CA GLY A 470 -7.72 -21.47 -10.96
C GLY A 470 -6.48 -22.32 -11.19
N ASP A 471 -5.70 -22.53 -10.12
CA ASP A 471 -4.46 -23.31 -10.13
C ASP A 471 -4.62 -24.80 -10.28
N TYR A 472 -3.50 -25.44 -10.61
CA TYR A 472 -3.43 -26.87 -10.81
C TYR A 472 -1.96 -27.14 -10.59
N SER A 473 -1.18 -26.20 -11.09
CA SER A 473 0.27 -26.23 -10.97
C SER A 473 0.51 -26.20 -9.48
N GLN A 474 1.11 -27.27 -8.99
CA GLN A 474 1.40 -27.41 -7.58
C GLN A 474 0.98 -28.80 -7.24
N GLN A 475 1.56 -29.33 -6.20
CA GLN A 475 1.18 -30.64 -5.80
C GLN A 475 0.73 -30.55 -4.38
N PRO A 476 1.67 -30.48 -3.44
CA PRO A 476 1.26 -30.41 -2.04
C PRO A 476 -0.06 -29.69 -1.86
N LEU A 477 -0.19 -28.50 -2.43
CA LEU A 477 -1.42 -27.76 -2.30
C LEU A 477 -2.62 -28.62 -2.68
N VAL A 478 -2.74 -28.86 -3.98
CA VAL A 478 -3.84 -29.66 -4.48
C VAL A 478 -4.13 -30.76 -3.50
N GLN A 479 -3.17 -31.63 -3.27
CA GLN A 479 -3.35 -32.72 -2.34
C GLN A 479 -4.15 -32.25 -1.14
N VAL A 480 -3.51 -31.52 -0.24
CA VAL A 480 -4.19 -31.01 0.94
C VAL A 480 -5.66 -30.70 0.70
N ALA A 481 -5.90 -29.91 -0.32
CA ALA A 481 -7.26 -29.55 -0.64
C ALA A 481 -8.09 -30.81 -0.81
N ALA A 482 -7.91 -31.44 -1.97
CA ALA A 482 -8.62 -32.66 -2.31
C ALA A 482 -8.94 -33.41 -1.06
N TRP A 483 -7.97 -33.45 -0.18
CA TRP A 483 -8.16 -34.12 1.06
C TRP A 483 -9.45 -33.65 1.66
N CYS A 484 -9.34 -32.53 2.35
CA CYS A 484 -10.45 -31.90 3.04
C CYS A 484 -11.71 -31.91 2.20
N ILE A 485 -11.62 -31.40 0.97
CA ILE A 485 -12.79 -31.38 0.12
C ILE A 485 -13.46 -32.71 0.41
N GLY A 486 -12.68 -33.78 0.29
CA GLY A 486 -13.23 -35.07 0.58
C GLY A 486 -13.80 -35.06 1.98
N GLU A 487 -12.98 -35.35 2.97
CA GLU A 487 -13.43 -35.39 4.35
C GLU A 487 -14.39 -34.29 4.80
N TYR A 488 -14.31 -33.14 4.16
CA TYR A 488 -15.14 -32.01 4.56
C TYR A 488 -16.27 -31.51 3.67
N GLY A 489 -16.54 -32.21 2.56
CA GLY A 489 -17.60 -31.80 1.64
C GLY A 489 -18.84 -31.28 2.33
N ASP A 490 -19.19 -31.93 3.44
CA ASP A 490 -20.34 -31.55 4.25
C ASP A 490 -20.29 -30.05 4.34
N LEU A 491 -19.38 -29.59 5.19
CA LEU A 491 -19.20 -28.18 5.45
C LEU A 491 -19.05 -27.32 4.19
N LEU A 492 -18.51 -27.90 3.12
CA LEU A 492 -18.31 -27.15 1.89
C LEU A 492 -19.58 -26.65 1.20
N VAL A 493 -20.72 -27.21 1.60
CA VAL A 493 -22.03 -26.84 1.06
C VAL A 493 -22.69 -25.66 1.75
N SER A 494 -22.45 -24.45 1.20
CA SER A 494 -22.95 -23.16 1.70
C SER A 494 -23.52 -23.26 3.09
N GLY A 495 -22.68 -23.72 4.01
CA GLY A 495 -23.11 -23.91 5.38
C GLY A 495 -23.16 -22.63 6.18
N GLN A 496 -23.84 -22.72 7.34
CA GLN A 496 -24.00 -21.66 8.34
C GLN A 496 -22.57 -21.43 8.86
N CYS A 497 -21.75 -20.83 7.99
CA CYS A 497 -20.33 -20.62 8.28
C CYS A 497 -19.89 -19.37 9.06
N GLU A 498 -19.25 -19.62 10.22
CA GLU A 498 -18.72 -18.60 11.12
C GLU A 498 -17.25 -18.33 10.75
N GLU A 499 -16.75 -17.18 11.23
CA GLU A 499 -15.36 -16.72 10.99
C GLU A 499 -15.37 -15.94 9.67
N GLU A 500 -16.34 -16.28 8.83
CA GLU A 500 -16.56 -15.62 7.58
C GLU A 500 -17.65 -16.05 6.62
N GLU A 501 -17.65 -15.41 5.48
CA GLU A 501 -18.67 -15.56 4.39
C GLU A 501 -18.60 -16.68 3.35
N PRO A 502 -19.44 -17.72 3.45
CA PRO A 502 -19.34 -18.81 2.48
C PRO A 502 -19.61 -18.35 1.08
N ILE A 503 -19.61 -19.31 0.16
CA ILE A 503 -19.87 -19.02 -1.24
C ILE A 503 -20.70 -20.12 -1.93
N GLN A 504 -20.77 -20.08 -3.26
CA GLN A 504 -21.56 -21.06 -4.07
C GLN A 504 -20.95 -22.48 -4.23
N VAL A 505 -21.62 -23.45 -3.63
CA VAL A 505 -21.14 -24.84 -3.66
C VAL A 505 -22.08 -25.84 -4.34
N THR A 506 -22.07 -25.84 -5.67
CA THR A 506 -22.90 -26.81 -6.37
C THR A 506 -22.09 -28.09 -6.35
N GLU A 507 -22.68 -29.17 -5.89
CA GLU A 507 -21.94 -30.42 -5.85
C GLU A 507 -21.30 -30.70 -7.21
N ASP A 508 -22.05 -30.42 -8.27
CA ASP A 508 -21.59 -30.62 -9.65
C ASP A 508 -20.23 -29.96 -9.83
N GLU A 509 -20.12 -28.75 -9.29
CA GLU A 509 -18.88 -27.98 -9.35
C GLU A 509 -17.79 -28.70 -8.55
N VAL A 510 -18.08 -29.04 -7.29
CA VAL A 510 -17.10 -29.74 -6.45
C VAL A 510 -16.42 -30.81 -7.30
N LEU A 511 -17.24 -31.59 -7.99
CA LEU A 511 -16.76 -32.66 -8.84
C LEU A 511 -15.90 -32.11 -9.98
N ASP A 512 -16.54 -31.38 -10.90
CA ASP A 512 -15.84 -30.80 -12.05
C ASP A 512 -14.36 -30.61 -11.73
N ILE A 513 -14.08 -29.98 -10.60
CA ILE A 513 -12.70 -29.78 -10.21
C ILE A 513 -12.03 -31.13 -10.02
N LEU A 514 -12.40 -31.83 -8.95
CA LEU A 514 -11.80 -33.13 -8.68
C LEU A 514 -11.57 -33.90 -9.96
N GLU A 515 -12.64 -34.06 -10.73
CA GLU A 515 -12.57 -34.78 -11.98
C GLU A 515 -11.32 -34.37 -12.76
N SER A 516 -11.34 -33.13 -13.25
CA SER A 516 -10.24 -32.60 -14.03
C SER A 516 -8.88 -32.98 -13.43
N VAL A 517 -8.78 -32.90 -12.11
CA VAL A 517 -7.55 -33.23 -11.41
C VAL A 517 -7.01 -34.54 -11.94
N LEU A 518 -7.81 -35.59 -11.82
CA LEU A 518 -7.40 -36.89 -12.29
C LEU A 518 -7.03 -36.88 -13.75
N ILE A 519 -7.90 -36.30 -14.56
CA ILE A 519 -7.66 -36.28 -15.98
C ILE A 519 -6.41 -35.57 -16.42
N SER A 520 -6.35 -34.26 -16.19
CA SER A 520 -5.20 -33.44 -16.58
C SER A 520 -3.87 -34.06 -16.20
N ASN A 521 -2.93 -33.95 -17.10
CA ASN A 521 -1.63 -34.50 -16.81
C ASN A 521 -0.79 -33.43 -16.17
N MET A 522 -0.74 -33.46 -14.86
CA MET A 522 0.04 -32.52 -14.10
C MET A 522 0.03 -33.03 -12.69
N SER A 523 -0.70 -34.11 -12.50
CA SER A 523 -0.84 -34.72 -11.19
C SER A 523 -0.13 -36.05 -11.07
N THR A 524 0.38 -36.34 -9.88
CA THR A 524 1.08 -37.59 -9.58
C THR A 524 0.08 -38.64 -9.23
N SER A 525 0.42 -39.89 -9.50
CA SER A 525 -0.46 -40.99 -9.17
C SER A 525 -0.95 -40.82 -7.74
N VAL A 526 -0.05 -40.40 -6.86
CA VAL A 526 -0.41 -40.22 -5.45
C VAL A 526 -1.54 -39.21 -5.35
N THR A 527 -1.39 -38.14 -6.11
CA THR A 527 -2.35 -37.08 -6.16
C THR A 527 -3.71 -37.69 -6.50
N ARG A 528 -3.80 -38.20 -7.72
CA ARG A 528 -5.01 -38.83 -8.21
C ARG A 528 -5.64 -39.59 -7.07
N GLY A 529 -4.78 -40.16 -6.24
CA GLY A 529 -5.27 -40.90 -5.11
C GLY A 529 -6.18 -40.05 -4.26
N TYR A 530 -5.56 -39.27 -3.36
CA TYR A 530 -6.29 -38.40 -2.44
C TYR A 530 -7.62 -38.00 -3.03
N ALA A 531 -7.56 -37.70 -4.33
CA ALA A 531 -8.73 -37.27 -5.07
C ALA A 531 -9.79 -38.34 -4.98
N LEU A 532 -9.69 -39.30 -5.89
CA LEU A 532 -10.64 -40.40 -5.95
C LEU A 532 -11.13 -40.75 -4.55
N THR A 533 -10.24 -41.25 -3.70
CA THR A 533 -10.61 -41.60 -2.35
C THR A 533 -11.62 -40.57 -1.93
N ALA A 534 -11.19 -39.32 -1.90
CA ALA A 534 -12.04 -38.21 -1.51
C ALA A 534 -13.40 -38.26 -2.22
N ILE A 535 -13.41 -38.16 -3.54
CA ILE A 535 -14.67 -38.20 -4.26
C ILE A 535 -15.66 -39.14 -3.63
N MET A 536 -15.18 -40.32 -3.25
CA MET A 536 -16.10 -41.25 -2.64
C MET A 536 -16.54 -40.75 -1.26
N LYS A 537 -15.59 -40.26 -0.47
CA LYS A 537 -15.90 -39.77 0.86
C LYS A 537 -17.11 -38.85 0.78
N LEU A 538 -17.36 -38.31 -0.41
CA LEU A 538 -18.48 -37.43 -0.67
C LEU A 538 -19.79 -38.19 -0.76
N SER A 539 -19.75 -39.35 -1.41
CA SER A 539 -20.96 -40.15 -1.56
C SER A 539 -21.76 -40.11 -0.26
N THR A 540 -21.05 -40.12 0.86
CA THR A 540 -21.68 -40.10 2.18
C THR A 540 -21.94 -38.71 2.70
N ARG A 541 -21.30 -37.75 2.07
CA ARG A 541 -21.38 -36.37 2.48
C ARG A 541 -22.23 -35.42 1.63
N PHE A 542 -23.04 -36.00 0.75
CA PHE A 542 -23.93 -35.18 -0.07
C PHE A 542 -25.28 -35.80 -0.31
N THR A 543 -26.14 -35.03 -0.95
CA THR A 543 -27.50 -35.49 -1.15
C THR A 543 -27.95 -35.91 -2.53
N CYS A 544 -27.31 -35.45 -3.58
CA CYS A 544 -27.90 -35.85 -4.86
C CYS A 544 -27.11 -36.40 -6.03
N THR A 545 -25.94 -35.84 -6.29
CA THR A 545 -25.14 -36.33 -7.42
C THR A 545 -24.51 -37.68 -7.09
N VAL A 546 -25.09 -38.33 -6.08
CA VAL A 546 -24.65 -39.64 -5.61
C VAL A 546 -24.58 -40.63 -6.78
N ASN A 547 -24.88 -40.15 -7.98
CA ASN A 547 -24.84 -41.00 -9.16
C ASN A 547 -23.65 -40.75 -10.08
N ARG A 548 -23.36 -39.48 -10.38
CA ARG A 548 -22.21 -39.14 -11.24
C ARG A 548 -20.99 -39.79 -10.59
N ILE A 549 -21.03 -39.85 -9.26
CA ILE A 549 -19.97 -40.46 -8.46
C ILE A 549 -19.73 -41.92 -8.88
N LYS A 550 -20.71 -42.76 -8.58
CA LYS A 550 -20.64 -44.18 -8.92
C LYS A 550 -20.10 -44.36 -10.34
N LYS A 551 -20.51 -43.47 -11.25
CA LYS A 551 -20.05 -43.56 -12.64
C LYS A 551 -18.54 -43.48 -12.75
N VAL A 552 -17.96 -42.41 -12.21
CA VAL A 552 -16.53 -42.19 -12.24
C VAL A 552 -15.77 -43.39 -11.68
N VAL A 553 -16.08 -43.71 -10.43
CA VAL A 553 -15.45 -44.83 -9.76
C VAL A 553 -15.31 -46.01 -10.71
N SER A 554 -16.45 -46.54 -11.14
CA SER A 554 -16.48 -47.69 -12.05
C SER A 554 -15.64 -47.50 -13.33
N ILE A 555 -15.44 -46.25 -13.75
CA ILE A 555 -14.66 -46.04 -14.96
C ILE A 555 -13.18 -46.20 -14.67
N TYR A 556 -12.76 -45.74 -13.51
CA TYR A 556 -11.37 -45.85 -13.14
C TYR A 556 -11.01 -47.28 -12.74
N GLY A 557 -12.02 -48.13 -12.64
CA GLY A 557 -11.77 -49.51 -12.29
C GLY A 557 -10.76 -50.12 -13.24
N SER A 558 -10.43 -49.39 -14.30
CA SER A 558 -9.47 -49.88 -15.27
C SER A 558 -8.44 -48.84 -15.63
N SER A 559 -7.51 -48.63 -14.71
CA SER A 559 -6.44 -47.69 -14.91
C SER A 559 -5.12 -48.37 -14.62
N ILE A 560 -4.11 -47.98 -15.39
CA ILE A 560 -2.79 -48.55 -15.22
C ILE A 560 -2.36 -48.57 -13.76
N ASP A 561 -2.69 -47.50 -13.04
CA ASP A 561 -2.34 -47.32 -11.63
C ASP A 561 -2.90 -48.38 -10.69
N VAL A 562 -2.15 -49.47 -10.53
CA VAL A 562 -2.55 -50.58 -9.66
C VAL A 562 -3.39 -50.10 -8.52
N GLU A 563 -2.91 -49.02 -7.92
CA GLU A 563 -3.58 -48.42 -6.80
C GLU A 563 -4.97 -47.91 -7.18
N LEU A 564 -5.02 -46.81 -7.93
CA LEU A 564 -6.31 -46.26 -8.32
C LEU A 564 -7.25 -47.39 -8.61
N GLN A 565 -6.94 -48.18 -9.64
CA GLN A 565 -7.78 -49.30 -9.99
C GLN A 565 -8.20 -50.05 -8.75
N GLN A 566 -7.25 -50.75 -8.13
CA GLN A 566 -7.55 -51.49 -6.92
C GLN A 566 -8.68 -50.81 -6.17
N ARG A 567 -8.39 -49.65 -5.61
CA ARG A 567 -9.38 -48.91 -4.87
C ARG A 567 -10.67 -48.82 -5.67
N ALA A 568 -10.59 -48.27 -6.87
CA ALA A 568 -11.77 -48.14 -7.73
C ALA A 568 -12.65 -49.38 -7.58
N VAL A 569 -12.10 -50.53 -7.91
CA VAL A 569 -12.84 -51.78 -7.79
C VAL A 569 -13.42 -51.87 -6.40
N GLU A 570 -12.56 -51.73 -5.41
CA GLU A 570 -12.98 -51.78 -4.02
C GLU A 570 -14.25 -50.94 -3.92
N TYR A 571 -14.11 -49.62 -3.98
CA TYR A 571 -15.28 -48.74 -3.88
C TYR A 571 -16.44 -49.28 -4.73
N ASN A 572 -16.27 -49.25 -6.05
CA ASN A 572 -17.26 -49.75 -7.03
C ASN A 572 -18.13 -50.82 -6.39
N ALA A 573 -17.47 -51.87 -5.91
CA ALA A 573 -18.13 -52.98 -5.27
C ALA A 573 -18.93 -52.57 -4.03
N LEU A 574 -18.41 -51.62 -3.27
CA LEU A 574 -19.14 -51.18 -2.10
C LEU A 574 -20.56 -50.73 -2.45
N PHE A 575 -20.68 -49.94 -3.51
CA PHE A 575 -22.00 -49.45 -3.92
C PHE A 575 -22.85 -50.63 -4.37
N LYS A 576 -22.39 -51.29 -5.43
CA LYS A 576 -23.06 -52.45 -6.03
C LYS A 576 -23.63 -53.48 -5.07
N LYS A 577 -23.14 -53.51 -3.83
CA LYS A 577 -23.66 -54.48 -2.87
C LYS A 577 -24.06 -53.93 -1.48
N TYR A 578 -23.12 -53.71 -0.57
CA TYR A 578 -23.51 -53.24 0.77
C TYR A 578 -23.67 -51.73 0.99
N ASP A 579 -24.48 -51.07 0.17
CA ASP A 579 -24.64 -49.63 0.32
C ASP A 579 -24.44 -49.10 1.72
N HIS A 580 -25.54 -48.96 2.43
CA HIS A 580 -25.57 -48.41 3.78
C HIS A 580 -24.25 -48.44 4.61
N MET A 581 -23.36 -49.39 4.31
CA MET A 581 -22.08 -49.41 5.01
C MET A 581 -21.34 -48.12 4.67
N ARG A 582 -21.45 -47.70 3.41
CA ARG A 582 -20.78 -46.48 3.00
C ARG A 582 -20.98 -45.39 4.06
N SER A 583 -22.23 -45.12 4.43
CA SER A 583 -22.53 -44.10 5.44
C SER A 583 -21.60 -44.21 6.66
N ALA A 584 -21.61 -45.36 7.33
CA ALA A 584 -20.75 -45.53 8.52
C ALA A 584 -19.24 -45.51 8.22
N LEU A 585 -18.85 -46.10 7.09
CA LEU A 585 -17.44 -46.15 6.71
C LEU A 585 -16.79 -44.81 6.57
N LEU A 586 -17.26 -44.03 5.62
CA LEU A 586 -16.68 -42.72 5.38
C LEU A 586 -16.91 -41.64 6.43
N GLU A 587 -18.18 -41.36 6.71
CA GLU A 587 -18.60 -40.31 7.67
C GLU A 587 -17.72 -40.11 8.91
N ARG A 588 -16.60 -40.81 8.97
CA ARG A 588 -15.77 -40.68 10.13
C ARG A 588 -14.31 -40.67 9.81
N MET A 589 -13.69 -39.52 10.02
CA MET A 589 -12.26 -39.39 9.82
C MET A 589 -11.80 -39.28 11.26
N PRO A 590 -10.78 -40.04 11.65
CA PRO A 590 -10.25 -40.01 13.02
C PRO A 590 -9.54 -38.69 13.21
N VAL A 591 -8.75 -38.59 14.28
CA VAL A 591 -8.01 -37.37 14.56
C VAL A 591 -6.76 -37.54 15.46
N MET A 592 -5.58 -37.21 14.91
CA MET A 592 -4.33 -37.32 15.66
C MET A 592 -3.93 -35.96 16.25
N GLU A 593 -3.49 -35.98 17.50
CA GLU A 593 -3.16 -34.74 18.20
C GLU A 593 -1.76 -34.60 18.82
N LYS A 594 -1.19 -33.42 18.61
CA LYS A 594 0.10 -33.03 19.18
C LYS A 594 -0.17 -31.96 20.26
N VAL A 595 0.74 -31.70 21.08
N THR B 2 38.15 16.29 -5.68
CA THR B 2 36.92 15.43 -5.74
C THR B 2 36.77 14.73 -7.14
N ASP B 3 37.91 14.34 -7.72
CA ASP B 3 37.98 13.63 -9.02
C ASP B 3 38.99 12.43 -9.04
N SER B 4 38.57 11.25 -9.53
CA SER B 4 39.43 10.04 -9.56
C SER B 4 39.12 8.98 -10.63
N LYS B 5 40.11 8.72 -11.49
CA LYS B 5 40.03 7.73 -12.57
C LYS B 5 41.43 7.40 -13.02
N TYR B 6 42.06 6.41 -12.40
CA TYR B 6 43.40 6.04 -12.77
C TYR B 6 43.40 4.96 -13.84
N PHE B 7 44.56 4.67 -14.39
CA PHE B 7 44.63 3.64 -15.43
C PHE B 7 43.69 3.94 -16.56
N THR B 8 43.52 5.22 -16.86
CA THR B 8 42.59 5.57 -17.90
C THR B 8 43.08 6.76 -18.66
N THR B 9 44.29 6.66 -19.20
CA THR B 9 44.81 7.81 -19.93
C THR B 9 44.91 7.54 -21.39
N THR B 10 44.56 8.53 -22.20
CA THR B 10 44.66 8.36 -23.63
C THR B 10 46.00 8.89 -24.06
N LYS B 11 46.97 8.84 -23.14
CA LYS B 11 48.32 9.30 -23.45
C LYS B 11 49.15 8.09 -23.86
N LYS B 12 48.91 6.96 -23.21
CA LYS B 12 49.67 5.76 -23.54
C LYS B 12 48.90 4.45 -23.30
N GLY B 13 49.57 3.32 -23.47
CA GLY B 13 48.93 2.04 -23.23
C GLY B 13 48.19 1.46 -24.43
N GLU B 14 47.73 0.24 -24.24
CA GLU B 14 47.01 -0.48 -25.27
C GLU B 14 46.35 0.45 -26.28
N ILE B 15 45.10 0.77 -25.99
CA ILE B 15 44.32 1.66 -26.82
C ILE B 15 45.24 2.50 -27.70
N PHE B 16 45.90 3.46 -27.07
CA PHE B 16 46.83 4.34 -27.77
C PHE B 16 47.63 3.50 -28.73
N GLU B 17 48.56 2.75 -28.17
CA GLU B 17 49.41 1.86 -28.93
C GLU B 17 48.80 1.57 -30.30
N LEU B 18 47.72 0.80 -30.27
CA LEU B 18 47.05 0.43 -31.49
C LEU B 18 46.57 1.67 -32.25
N LYS B 19 45.80 2.51 -31.59
CA LYS B 19 45.28 3.72 -32.20
C LYS B 19 46.27 4.28 -33.20
N ALA B 20 47.45 4.64 -32.71
CA ALA B 20 48.49 5.19 -33.56
C ALA B 20 48.89 4.23 -34.67
N GLU B 21 49.47 3.10 -34.27
CA GLU B 21 49.92 2.11 -35.22
C GLU B 21 48.88 1.82 -36.29
N LEU B 22 47.70 2.43 -36.14
CA LEU B 22 46.61 2.26 -37.07
C LEU B 22 46.65 3.28 -38.20
N ASN B 23 46.84 4.53 -37.82
CA ASN B 23 46.87 5.63 -38.77
C ASN B 23 48.15 5.76 -39.56
N SER B 24 49.12 4.94 -39.24
CA SER B 24 50.38 4.99 -39.94
C SER B 24 50.16 4.87 -41.44
N ASP B 25 51.27 4.71 -42.15
CA ASP B 25 51.31 4.63 -43.60
C ASP B 25 51.16 3.24 -44.14
N LYS B 26 52.33 2.63 -44.25
CA LYS B 26 52.48 1.28 -44.74
C LYS B 26 51.12 0.62 -44.59
N LYS B 27 50.58 0.15 -45.71
CA LYS B 27 49.29 -0.51 -45.71
C LYS B 27 49.32 -1.64 -44.69
N GLU B 28 50.42 -2.40 -44.69
CA GLU B 28 50.61 -3.53 -43.79
C GLU B 28 50.16 -3.31 -42.35
N LYS B 29 50.71 -2.29 -41.70
CA LYS B 29 50.36 -2.00 -40.31
C LYS B 29 48.83 -2.01 -40.18
N LYS B 30 48.21 -1.00 -40.77
CA LYS B 30 46.75 -0.88 -40.72
C LYS B 30 46.15 -2.27 -40.74
N LYS B 31 46.52 -3.07 -41.74
CA LYS B 31 45.98 -4.42 -41.85
C LYS B 31 46.12 -5.15 -40.51
N GLU B 32 47.28 -5.76 -40.26
CA GLU B 32 47.48 -6.47 -39.02
C GLU B 32 46.78 -5.78 -37.89
N ALA B 33 47.18 -4.54 -37.62
CA ALA B 33 46.59 -3.74 -36.57
C ALA B 33 45.10 -4.08 -36.41
N VAL B 34 44.30 -3.66 -37.38
CA VAL B 34 42.88 -3.93 -37.33
C VAL B 34 42.65 -5.34 -36.83
N LYS B 35 43.25 -6.31 -37.53
CA LYS B 35 43.10 -7.70 -37.15
C LYS B 35 43.09 -7.83 -35.62
N LYS B 36 44.18 -7.41 -34.99
CA LYS B 36 44.26 -7.52 -33.55
C LYS B 36 43.01 -6.93 -32.93
N VAL B 37 42.52 -5.83 -33.52
CA VAL B 37 41.33 -5.22 -32.97
C VAL B 37 40.23 -6.23 -32.81
N ILE B 38 39.54 -6.55 -33.89
CA ILE B 38 38.46 -7.50 -33.80
C ILE B 38 38.81 -8.55 -32.78
N ALA B 39 39.98 -9.16 -32.97
CA ALA B 39 40.43 -10.18 -32.06
C ALA B 39 40.26 -9.68 -30.65
N SER B 40 41.17 -8.80 -30.26
CA SER B 40 41.17 -8.19 -28.93
C SER B 40 39.76 -7.86 -28.52
N MET B 41 38.90 -7.75 -29.52
CA MET B 41 37.52 -7.44 -29.25
C MET B 41 36.77 -8.66 -28.78
N THR B 42 36.61 -9.62 -29.67
CA THR B 42 35.88 -10.85 -29.39
C THR B 42 36.15 -11.40 -28.02
N VAL B 43 37.41 -11.40 -27.60
CA VAL B 43 37.71 -11.98 -26.30
C VAL B 43 37.02 -11.25 -25.16
N GLY B 44 36.53 -10.04 -25.39
CA GLY B 44 35.84 -9.34 -24.33
C GLY B 44 36.44 -8.02 -23.88
N LYS B 45 37.52 -7.60 -24.51
CA LYS B 45 38.11 -6.34 -24.12
C LYS B 45 37.14 -5.32 -24.66
N ASP B 46 37.43 -4.06 -24.39
CA ASP B 46 36.58 -2.97 -24.83
C ASP B 46 37.23 -2.18 -25.94
N VAL B 47 36.55 -2.08 -27.08
CA VAL B 47 37.09 -1.33 -28.21
C VAL B 47 36.25 -0.13 -28.54
N SER B 48 35.24 0.10 -27.72
CA SER B 48 34.38 1.26 -27.91
C SER B 48 35.24 2.32 -28.53
N ALA B 49 36.36 2.61 -27.88
CA ALA B 49 37.29 3.61 -28.36
C ALA B 49 37.61 3.48 -29.84
N LEU B 50 38.71 2.79 -30.13
CA LEU B 50 39.22 2.58 -31.47
C LEU B 50 38.25 2.84 -32.61
N PHE B 51 37.00 2.44 -32.42
CA PHE B 51 36.01 2.62 -33.47
C PHE B 51 36.31 3.67 -34.55
N PRO B 52 36.26 4.97 -34.20
CA PRO B 52 36.54 6.02 -35.18
C PRO B 52 37.65 5.68 -36.15
N ASP B 53 38.87 5.92 -35.68
CA ASP B 53 40.08 5.69 -36.47
C ASP B 53 40.06 4.39 -37.29
N VAL B 54 39.27 3.42 -36.85
CA VAL B 54 39.19 2.16 -37.57
C VAL B 54 38.43 2.37 -38.86
N VAL B 55 37.19 2.84 -38.71
CA VAL B 55 36.34 3.12 -39.86
C VAL B 55 37.16 3.93 -40.83
N ASN B 56 37.64 5.09 -40.35
CA ASN B 56 38.45 6.03 -41.13
C ASN B 56 39.66 5.39 -41.74
N CYS B 57 39.73 4.07 -41.67
CA CYS B 57 40.81 3.34 -42.30
C CYS B 57 40.02 2.73 -43.44
N MET B 58 38.88 3.37 -43.70
CA MET B 58 37.91 3.02 -44.73
C MET B 58 38.38 3.40 -46.13
N GLN B 59 38.64 4.70 -46.29
CA GLN B 59 39.08 5.26 -47.55
C GLN B 59 40.43 4.71 -48.00
N THR B 60 40.51 3.38 -48.07
CA THR B 60 41.69 2.69 -48.52
C THR B 60 41.17 1.83 -49.65
N ASP B 61 41.92 0.82 -50.05
CA ASP B 61 41.46 0.04 -51.17
C ASP B 61 41.59 -1.46 -51.11
N ASN B 62 42.84 -1.93 -51.14
CA ASN B 62 43.14 -3.35 -51.10
C ASN B 62 42.07 -4.10 -50.32
N LEU B 63 41.39 -5.01 -51.01
CA LEU B 63 40.33 -5.82 -50.40
C LEU B 63 40.72 -6.04 -48.97
N GLU B 64 41.81 -6.78 -48.82
CA GLU B 64 42.39 -7.13 -47.54
C GLU B 64 41.78 -6.20 -46.50
N LEU B 65 42.38 -5.03 -46.37
CA LEU B 65 41.90 -4.09 -45.40
C LEU B 65 40.40 -3.86 -45.52
N LYS B 66 39.96 -3.29 -46.64
CA LYS B 66 38.56 -2.99 -46.84
C LYS B 66 37.59 -3.95 -46.14
N LYS B 67 37.78 -5.24 -46.35
CA LYS B 67 36.87 -6.20 -45.74
C LYS B 67 37.04 -6.27 -44.26
N LEU B 68 38.27 -6.47 -43.80
CA LEU B 68 38.48 -6.55 -42.36
C LEU B 68 37.63 -5.49 -41.73
N VAL B 69 37.88 -4.25 -42.13
CA VAL B 69 37.13 -3.13 -41.61
C VAL B 69 35.72 -3.61 -41.44
N TYR B 70 35.15 -4.06 -42.55
CA TYR B 70 33.79 -4.55 -42.52
C TYR B 70 33.53 -5.48 -41.33
N LEU B 71 34.14 -6.65 -41.35
CA LEU B 71 33.94 -7.59 -40.25
C LEU B 71 33.80 -6.86 -38.94
N TYR B 72 34.79 -6.05 -38.64
CA TYR B 72 34.75 -5.28 -37.42
C TYR B 72 33.34 -4.77 -37.23
N LEU B 73 33.00 -3.79 -38.06
CA LEU B 73 31.69 -3.23 -38.01
C LEU B 73 30.70 -4.34 -37.80
N MET B 74 30.78 -5.35 -38.67
CA MET B 74 29.86 -6.47 -38.58
C MET B 74 29.53 -6.80 -37.13
N ASN B 75 30.52 -7.27 -36.37
CA ASN B 75 30.26 -7.63 -34.98
C ASN B 75 29.42 -6.59 -34.31
N TYR B 76 29.82 -5.33 -34.44
CA TYR B 76 29.04 -4.28 -33.81
C TYR B 76 27.60 -4.24 -34.29
N ALA B 77 27.25 -5.11 -35.24
CA ALA B 77 25.89 -5.13 -35.77
C ALA B 77 24.79 -5.04 -34.72
N LYS B 78 24.40 -6.21 -34.26
CA LYS B 78 23.35 -6.39 -33.27
C LYS B 78 23.64 -5.80 -31.90
N SER B 79 24.92 -5.76 -31.54
CA SER B 79 25.34 -5.20 -30.26
C SER B 79 24.95 -3.74 -30.12
N GLN B 80 25.73 -2.85 -30.72
CA GLN B 80 25.45 -1.40 -30.66
C GLN B 80 25.15 -0.85 -32.06
N PRO B 81 23.95 -1.20 -32.58
CA PRO B 81 23.50 -0.76 -33.89
C PRO B 81 23.82 0.71 -34.08
N ASP B 82 23.56 1.50 -33.05
CA ASP B 82 23.84 2.93 -33.12
C ASP B 82 25.14 3.23 -33.86
N MET B 83 26.24 2.64 -33.42
CA MET B 83 27.52 2.86 -34.08
C MET B 83 27.50 2.32 -35.53
N ALA B 84 26.98 1.11 -35.69
CA ALA B 84 26.89 0.55 -37.04
C ALA B 84 26.47 1.64 -38.02
N ILE B 85 25.28 2.18 -37.80
CA ILE B 85 24.72 3.23 -38.65
C ILE B 85 25.74 4.28 -39.06
N MET B 86 26.38 4.93 -38.10
CA MET B 86 27.33 5.97 -38.42
C MET B 86 28.19 5.66 -39.64
N ALA B 87 28.11 4.43 -40.13
CA ALA B 87 28.88 4.07 -41.34
C ALA B 87 28.06 4.12 -42.66
N VAL B 88 26.74 4.21 -42.53
CA VAL B 88 25.82 4.23 -43.68
C VAL B 88 26.36 4.67 -45.03
N ASN B 89 26.54 5.97 -45.15
CA ASN B 89 27.03 6.60 -46.36
C ASN B 89 28.01 5.64 -46.99
N THR B 90 29.09 5.43 -46.27
CA THR B 90 30.16 4.54 -46.68
C THR B 90 29.65 3.31 -47.41
N PHE B 91 28.57 2.73 -46.91
CA PHE B 91 28.03 1.54 -47.54
C PHE B 91 27.37 1.82 -48.88
N VAL B 92 26.31 2.61 -48.85
CA VAL B 92 25.59 2.94 -50.07
C VAL B 92 26.59 3.20 -51.19
N LYS B 93 27.39 4.23 -50.95
CA LYS B 93 28.42 4.64 -51.89
C LYS B 93 29.31 3.46 -52.25
N ASP B 94 29.30 2.43 -51.42
CA ASP B 94 30.10 1.28 -51.74
C ASP B 94 29.30 0.36 -52.67
N CYS B 95 27.98 0.38 -52.54
CA CYS B 95 27.14 -0.46 -53.39
C CYS B 95 27.49 -0.28 -54.85
N GLU B 96 27.75 0.95 -55.25
CA GLU B 96 28.06 1.14 -56.65
C GLU B 96 29.41 0.59 -57.10
N ASP B 97 30.33 0.44 -56.16
CA ASP B 97 31.67 -0.06 -56.49
C ASP B 97 31.60 -1.17 -57.54
N PRO B 98 32.61 -1.19 -58.41
CA PRO B 98 32.92 -2.05 -59.56
C PRO B 98 33.27 -3.46 -59.13
N ASN B 99 33.42 -3.70 -57.83
CA ASN B 99 33.68 -5.06 -57.44
C ASN B 99 32.52 -5.65 -56.68
N PRO B 100 31.54 -6.13 -57.44
CA PRO B 100 30.36 -6.72 -56.83
C PRO B 100 30.68 -7.34 -55.43
N LEU B 101 31.73 -8.15 -55.33
CA LEU B 101 32.10 -8.74 -54.04
C LEU B 101 31.83 -7.66 -53.00
N ILE B 102 32.54 -6.56 -53.15
CA ILE B 102 32.38 -5.42 -52.26
C ILE B 102 30.90 -5.10 -52.10
N ARG B 103 30.38 -4.33 -53.05
CA ARG B 103 28.98 -3.91 -52.95
C ARG B 103 28.01 -4.96 -52.40
N ALA B 104 28.32 -6.22 -52.61
CA ALA B 104 27.46 -7.27 -52.09
C ALA B 104 27.58 -7.19 -50.57
N LEU B 105 28.81 -7.26 -50.08
CA LEU B 105 29.05 -7.19 -48.65
C LEU B 105 28.29 -6.00 -48.12
N ALA B 106 28.37 -4.89 -48.86
CA ALA B 106 27.69 -3.66 -48.47
C ALA B 106 26.22 -3.95 -48.29
N VAL B 107 25.75 -4.94 -49.02
CA VAL B 107 24.37 -5.31 -48.92
C VAL B 107 24.17 -6.08 -47.63
N ARG B 108 24.59 -7.34 -47.65
CA ARG B 108 24.46 -8.22 -46.50
C ARG B 108 24.67 -7.41 -45.24
N THR B 109 25.67 -6.55 -45.27
CA THR B 109 25.98 -5.70 -44.14
C THR B 109 24.80 -4.81 -43.80
N MET B 110 24.44 -3.93 -44.71
CA MET B 110 23.31 -3.04 -44.48
C MET B 110 22.23 -3.88 -43.78
N GLY B 111 21.97 -5.04 -44.36
CA GLY B 111 20.95 -5.93 -43.84
C GLY B 111 21.05 -6.50 -42.44
N CYS B 112 22.23 -6.59 -41.85
CA CYS B 112 22.27 -7.15 -40.52
C CYS B 112 22.07 -6.10 -39.42
N ILE B 113 21.22 -5.12 -39.67
CA ILE B 113 20.92 -4.09 -38.65
C ILE B 113 19.48 -4.33 -38.16
N ARG B 114 19.10 -3.73 -37.04
CA ARG B 114 17.75 -3.95 -36.52
C ARG B 114 16.98 -2.65 -36.23
N VAL B 115 17.51 -1.49 -36.66
CA VAL B 115 16.82 -0.21 -36.39
C VAL B 115 15.93 0.38 -37.52
N ASP B 116 14.91 1.17 -37.15
CA ASP B 116 14.00 1.76 -38.14
C ASP B 116 14.66 2.72 -39.13
N LYS B 117 15.61 3.51 -38.63
CA LYS B 117 16.33 4.49 -39.45
C LYS B 117 16.97 3.87 -40.71
N ILE B 118 17.19 2.56 -40.64
CA ILE B 118 17.81 1.83 -41.75
C ILE B 118 16.98 1.88 -43.03
N THR B 119 15.68 1.66 -42.90
CA THR B 119 14.76 1.68 -44.04
C THR B 119 15.19 2.80 -45.01
N GLU B 120 15.09 4.04 -44.53
CA GLU B 120 15.46 5.26 -45.28
C GLU B 120 16.71 5.08 -46.13
N TYR B 121 17.84 4.91 -45.45
CA TYR B 121 19.09 4.82 -46.17
C TYR B 121 19.35 3.67 -47.18
N LEU B 122 18.76 2.50 -47.00
CA LEU B 122 19.10 1.42 -47.95
C LEU B 122 18.17 0.95 -49.07
N CYS B 123 16.87 0.92 -48.79
CA CYS B 123 15.92 0.43 -49.79
C CYS B 123 16.29 0.58 -51.28
N GLU B 124 16.26 1.82 -51.77
CA GLU B 124 16.54 2.13 -53.17
C GLU B 124 17.76 1.38 -53.66
N PRO B 125 18.90 1.62 -53.01
CA PRO B 125 20.12 0.93 -53.44
C PRO B 125 19.87 -0.57 -53.56
N LEU B 126 18.97 -1.09 -52.73
CA LEU B 126 18.66 -2.52 -52.78
C LEU B 126 18.12 -2.95 -54.12
N ARG B 127 16.92 -2.45 -54.44
CA ARG B 127 16.28 -2.77 -55.71
C ARG B 127 17.40 -2.93 -56.69
N LYS B 128 18.15 -1.84 -56.80
CA LYS B 128 19.30 -1.77 -57.68
C LYS B 128 20.17 -3.02 -57.55
N CYS B 129 21.04 -3.04 -56.53
CA CYS B 129 21.95 -4.16 -56.30
C CYS B 129 21.43 -5.48 -56.84
N LEU B 130 20.13 -5.69 -56.67
CA LEU B 130 19.46 -6.90 -57.12
C LEU B 130 19.51 -7.18 -58.59
N LYS B 131 18.59 -6.51 -59.25
CA LYS B 131 18.40 -6.59 -60.67
C LYS B 131 19.78 -6.53 -61.36
N ASP B 132 20.80 -6.07 -60.64
CA ASP B 132 22.14 -5.95 -61.21
C ASP B 132 22.69 -7.20 -61.92
N GLU B 133 23.99 -7.45 -61.80
CA GLU B 133 24.54 -8.55 -62.58
C GLU B 133 25.25 -9.70 -61.93
N ASP B 134 25.27 -9.77 -60.62
CA ASP B 134 26.00 -10.89 -60.05
C ASP B 134 25.39 -11.84 -59.09
N PRO B 135 25.87 -13.09 -59.15
CA PRO B 135 25.41 -14.16 -58.29
C PRO B 135 25.26 -13.63 -56.86
N TYR B 136 26.38 -13.59 -56.14
CA TYR B 136 26.34 -13.12 -54.76
C TYR B 136 25.39 -11.95 -54.52
N VAL B 137 25.59 -10.88 -55.28
CA VAL B 137 24.77 -9.66 -55.15
C VAL B 137 23.30 -9.98 -54.95
N ARG B 138 22.70 -10.52 -55.99
CA ARG B 138 21.30 -10.87 -55.94
C ARG B 138 21.06 -11.73 -54.69
N LYS B 139 21.61 -12.95 -54.68
CA LYS B 139 21.45 -13.88 -53.56
C LYS B 139 21.30 -13.08 -52.31
N THR B 140 22.46 -12.60 -51.88
CA THR B 140 22.56 -11.79 -50.70
C THR B 140 21.34 -10.92 -50.40
N ALA B 141 21.01 -9.97 -51.28
CA ALA B 141 19.86 -9.12 -50.99
C ALA B 141 18.59 -9.93 -50.90
N ALA B 142 18.43 -10.90 -51.79
CA ALA B 142 17.25 -11.77 -51.72
C ALA B 142 17.10 -11.96 -50.22
N VAL B 143 18.16 -12.46 -49.63
CA VAL B 143 18.21 -12.68 -48.22
C VAL B 143 17.68 -11.41 -47.56
N CYS B 144 18.47 -10.36 -47.58
CA CYS B 144 18.09 -9.09 -46.97
C CYS B 144 16.60 -8.96 -46.93
N VAL B 145 16.00 -8.92 -48.11
CA VAL B 145 14.56 -8.80 -48.21
C VAL B 145 13.92 -9.16 -46.89
N ALA B 146 13.98 -10.45 -46.55
CA ALA B 146 13.41 -10.94 -45.31
C ALA B 146 13.80 -10.04 -44.16
N LYS B 147 15.10 -9.87 -44.00
CA LYS B 147 15.64 -9.03 -42.94
C LYS B 147 14.79 -7.76 -42.85
N LEU B 148 14.58 -7.14 -44.01
CA LEU B 148 13.78 -5.92 -44.08
C LEU B 148 12.36 -6.21 -43.64
N HIS B 149 11.83 -7.29 -44.20
CA HIS B 149 10.49 -7.71 -43.86
C HIS B 149 10.43 -7.75 -42.34
N ASP B 150 11.16 -8.71 -41.77
CA ASP B 150 11.23 -8.93 -40.32
C ASP B 150 11.49 -7.65 -39.51
N ILE B 151 12.03 -6.62 -40.16
CA ILE B 151 12.29 -5.38 -39.45
C ILE B 151 10.98 -5.02 -38.77
N ASN B 152 11.06 -4.25 -37.68
CA ASN B 152 9.88 -3.85 -36.92
C ASN B 152 8.74 -3.20 -37.78
N ALA B 153 8.94 -3.11 -39.11
CA ALA B 153 7.93 -2.55 -40.03
C ALA B 153 8.21 -2.85 -41.52
N GLN B 154 7.13 -2.82 -42.32
CA GLN B 154 7.21 -3.01 -43.77
C GLN B 154 6.72 -1.72 -44.34
N MET B 155 6.61 -1.69 -45.67
CA MET B 155 6.15 -0.51 -46.37
C MET B 155 5.22 -0.91 -47.54
N VAL B 156 4.70 0.09 -48.25
CA VAL B 156 3.82 -0.11 -49.41
C VAL B 156 4.71 -0.39 -50.66
N GLU B 157 6.02 -0.10 -50.52
CA GLU B 157 7.05 -0.35 -51.56
C GLU B 157 7.47 -1.80 -51.34
N ASP B 158 7.72 -2.08 -50.04
CA ASP B 158 8.12 -3.38 -49.46
C ASP B 158 7.25 -4.51 -50.01
N GLN B 159 5.94 -4.25 -49.94
CA GLN B 159 4.88 -5.15 -50.42
C GLN B 159 4.85 -5.13 -51.96
N GLY B 160 5.85 -4.44 -52.52
CA GLY B 160 6.04 -4.32 -53.96
C GLY B 160 7.35 -4.96 -54.38
N PHE B 161 8.19 -5.29 -53.39
CA PHE B 161 9.48 -5.94 -53.64
C PHE B 161 9.25 -7.44 -53.72
N LEU B 162 8.20 -7.89 -53.05
CA LEU B 162 7.85 -9.30 -53.04
C LEU B 162 7.68 -9.81 -54.46
N ASP B 163 7.01 -9.00 -55.27
CA ASP B 163 6.78 -9.32 -56.67
C ASP B 163 8.17 -9.50 -57.29
N THR B 164 9.02 -8.51 -57.08
CA THR B 164 10.38 -8.54 -57.58
C THR B 164 10.85 -9.95 -57.28
N LEU B 165 10.81 -10.30 -56.01
CA LEU B 165 11.20 -11.62 -55.57
C LEU B 165 10.76 -12.70 -56.53
N LYS B 166 9.51 -13.14 -56.37
CA LYS B 166 8.93 -14.22 -57.19
C LYS B 166 9.43 -14.19 -58.63
N ASP B 167 9.10 -13.11 -59.34
CA ASP B 167 9.52 -12.96 -60.74
C ASP B 167 11.01 -13.30 -60.84
N LEU B 168 11.83 -12.50 -60.16
CA LEU B 168 13.27 -12.68 -60.16
C LEU B 168 13.66 -14.09 -59.68
N ILE B 169 12.77 -14.66 -58.88
CA ILE B 169 12.96 -15.99 -58.34
C ILE B 169 13.17 -17.00 -59.44
N SER B 170 12.06 -17.52 -59.92
CA SER B 170 12.11 -18.50 -60.96
C SER B 170 13.18 -18.15 -62.02
N ASP B 171 13.27 -16.86 -62.36
CA ASP B 171 14.22 -16.40 -63.39
C ASP B 171 15.76 -16.52 -63.15
N SER B 172 16.43 -15.48 -62.62
CA SER B 172 17.89 -15.54 -62.40
C SER B 172 18.20 -17.01 -62.15
N ASN B 173 19.22 -17.58 -62.70
CA ASN B 173 19.23 -19.00 -62.50
C ASN B 173 20.09 -19.61 -61.36
N PRO B 174 21.40 -19.49 -61.34
CA PRO B 174 22.19 -20.22 -60.35
C PRO B 174 21.61 -20.24 -58.95
N MET B 175 22.27 -20.94 -58.04
CA MET B 175 21.80 -21.05 -56.63
C MET B 175 20.85 -19.96 -56.12
N VAL B 176 21.07 -18.78 -56.64
CA VAL B 176 20.29 -17.60 -56.33
C VAL B 176 18.88 -17.97 -55.97
N VAL B 177 18.20 -18.54 -56.96
CA VAL B 177 16.82 -18.94 -56.79
C VAL B 177 16.70 -19.47 -55.37
N ALA B 178 17.53 -20.45 -55.04
CA ALA B 178 17.51 -21.03 -53.69
C ALA B 178 17.20 -19.94 -52.68
N ASN B 179 18.18 -19.08 -52.42
CA ASN B 179 17.96 -18.02 -51.46
C ASN B 179 16.55 -17.43 -51.68
N ARG B 180 16.30 -16.88 -52.86
CA ARG B 180 14.98 -16.30 -53.16
C ARG B 180 13.86 -17.12 -52.54
N VAL B 181 13.74 -18.35 -53.04
CA VAL B 181 12.74 -19.29 -52.58
C VAL B 181 12.47 -19.07 -51.11
N ALA B 182 13.32 -19.69 -50.31
CA ALA B 182 13.21 -19.63 -48.87
C ALA B 182 12.85 -18.22 -48.50
N ALA B 183 13.72 -17.29 -48.86
CA ALA B 183 13.50 -15.90 -48.54
C ALA B 183 12.00 -15.74 -48.46
N LEU B 184 11.35 -15.94 -49.58
CA LEU B 184 9.90 -15.80 -49.61
C LEU B 184 9.25 -16.73 -48.59
N SER B 185 9.51 -18.03 -48.73
CA SER B 185 8.94 -19.04 -47.86
C SER B 185 8.76 -18.50 -46.45
N GLU B 186 9.87 -18.15 -45.83
CA GLU B 186 9.87 -17.61 -44.48
C GLU B 186 8.93 -16.41 -44.44
N ILE B 187 9.16 -15.48 -45.36
CA ILE B 187 8.35 -14.29 -45.42
C ILE B 187 6.89 -14.66 -45.41
N ALA B 188 6.58 -15.65 -46.24
CA ALA B 188 5.22 -16.15 -46.38
C ALA B 188 4.58 -16.29 -45.01
N GLU B 189 4.88 -17.41 -44.37
CA GLU B 189 4.34 -17.74 -43.04
C GLU B 189 3.64 -16.59 -42.26
N SER B 190 4.09 -15.34 -42.42
CA SER B 190 3.38 -14.20 -41.84
C SER B 190 2.28 -13.99 -42.91
N HIS B 191 1.37 -14.97 -42.99
CA HIS B 191 0.37 -15.15 -44.08
C HIS B 191 -0.82 -14.27 -44.39
N PRO B 192 -0.61 -13.17 -45.04
CA PRO B 192 -1.77 -12.39 -45.49
C PRO B 192 -2.56 -13.07 -46.64
N SER B 193 -1.95 -13.09 -47.86
CA SER B 193 -2.56 -13.67 -49.06
C SER B 193 -1.53 -14.23 -50.06
N SER B 194 -0.69 -13.33 -50.59
CA SER B 194 0.44 -13.56 -51.56
C SER B 194 1.27 -14.86 -51.37
N ASN B 195 1.27 -15.34 -50.13
CA ASN B 195 1.99 -16.57 -49.78
C ASN B 195 1.14 -17.76 -50.24
N LEU B 196 -0.15 -17.53 -50.45
CA LEU B 196 -1.05 -18.59 -50.88
C LEU B 196 -1.18 -18.74 -52.42
N LEU B 197 -0.57 -17.82 -53.21
CA LEU B 197 -0.66 -17.90 -54.69
C LEU B 197 0.48 -18.78 -55.23
N ASP B 198 1.06 -19.59 -54.36
CA ASP B 198 2.04 -20.54 -54.79
C ASP B 198 1.09 -21.70 -55.15
N LEU B 199 0.46 -21.61 -56.33
CA LEU B 199 -0.48 -22.68 -56.74
C LEU B 199 -0.29 -23.02 -58.22
N LYS B 200 0.90 -22.73 -58.74
CA LYS B 200 1.15 -22.99 -60.14
C LYS B 200 1.78 -24.33 -60.45
N ALA B 201 1.08 -25.08 -61.30
CA ALA B 201 1.48 -26.40 -61.75
C ALA B 201 2.32 -26.14 -63.02
N GLN B 202 2.96 -24.96 -62.95
CA GLN B 202 3.87 -24.43 -63.96
C GLN B 202 5.06 -23.85 -63.17
N SER B 203 4.79 -23.07 -62.11
CA SER B 203 5.84 -22.46 -61.27
C SER B 203 6.66 -23.58 -60.60
N ILE B 204 5.99 -24.74 -60.54
CA ILE B 204 6.46 -26.00 -60.00
C ILE B 204 7.53 -26.70 -60.84
N ASN B 205 7.40 -26.57 -62.17
CA ASN B 205 8.33 -27.15 -63.14
C ASN B 205 9.59 -26.32 -63.05
N LYS B 206 9.35 -25.05 -62.72
CA LYS B 206 10.42 -24.09 -62.53
C LYS B 206 11.25 -24.71 -61.41
N LEU B 207 10.54 -25.09 -60.37
CA LEU B 207 11.14 -25.69 -59.20
C LEU B 207 11.74 -27.03 -59.59
N LEU B 208 10.98 -27.80 -60.38
CA LEU B 208 11.39 -29.12 -60.83
C LEU B 208 12.83 -29.15 -61.37
N THR B 209 13.07 -28.30 -62.37
CA THR B 209 14.39 -28.22 -62.97
C THR B 209 15.34 -27.56 -61.96
N ALA B 210 14.75 -26.82 -61.01
CA ALA B 210 15.52 -26.13 -59.97
C ALA B 210 16.11 -27.11 -58.96
N LEU B 211 15.44 -28.25 -58.78
CA LEU B 211 15.90 -29.29 -57.87
C LEU B 211 17.12 -29.94 -58.49
N ASN B 212 17.04 -30.23 -59.78
CA ASN B 212 18.18 -30.85 -60.44
C ASN B 212 19.33 -29.83 -60.65
N GLU B 213 19.03 -28.57 -60.35
CA GLU B 213 20.00 -27.47 -60.41
C GLU B 213 20.42 -27.28 -58.95
N CYS B 214 21.35 -28.19 -58.60
CA CYS B 214 22.03 -28.45 -57.29
C CYS B 214 22.56 -27.41 -56.30
N THR B 215 21.85 -27.28 -55.19
CA THR B 215 22.19 -26.38 -54.10
C THR B 215 21.44 -27.05 -52.97
N GLU B 216 21.93 -28.20 -52.50
CA GLU B 216 21.21 -28.94 -51.45
C GLU B 216 20.22 -28.03 -50.76
N TRP B 217 20.76 -27.04 -50.05
CA TRP B 217 19.99 -26.06 -49.32
C TRP B 217 18.75 -25.68 -50.15
N ALA B 218 19.00 -25.40 -51.42
CA ALA B 218 17.93 -25.06 -52.37
C ALA B 218 16.95 -26.23 -52.36
N GLN B 219 17.41 -27.34 -52.91
CA GLN B 219 16.62 -28.56 -53.00
C GLN B 219 15.60 -28.49 -51.86
N ILE B 220 16.09 -28.33 -50.64
CA ILE B 220 15.22 -28.24 -49.48
C ILE B 220 14.15 -27.18 -49.63
N PHE B 221 14.53 -25.94 -49.36
CA PHE B 221 13.64 -24.80 -49.44
C PHE B 221 12.53 -24.99 -50.44
N ILE B 222 12.89 -25.57 -51.58
CA ILE B 222 11.94 -25.86 -52.64
C ILE B 222 10.88 -26.80 -52.10
N LEU B 223 11.33 -27.98 -51.71
CA LEU B 223 10.45 -28.99 -51.15
C LEU B 223 9.72 -28.34 -49.99
N ASP B 224 10.51 -27.76 -49.11
CA ASP B 224 10.00 -27.09 -47.92
C ASP B 224 8.72 -26.28 -48.27
N CYS B 225 8.61 -25.84 -49.52
CA CYS B 225 7.44 -25.07 -49.95
C CYS B 225 6.27 -25.96 -50.35
N LEU B 226 6.59 -27.05 -51.04
CA LEU B 226 5.58 -28.00 -51.49
C LEU B 226 4.74 -28.45 -50.30
N GLY B 227 5.15 -27.98 -49.12
CA GLY B 227 4.45 -28.29 -47.90
C GLY B 227 3.35 -27.28 -47.59
N ASN B 228 2.80 -26.69 -48.65
CA ASN B 228 1.73 -25.70 -48.56
C ASN B 228 0.81 -25.96 -49.80
N TYR B 229 1.00 -27.08 -50.52
CA TYR B 229 0.25 -27.40 -51.74
C TYR B 229 -0.65 -28.64 -51.87
N MET B 230 -0.80 -28.96 -53.18
CA MET B 230 -1.49 -30.08 -53.87
C MET B 230 -3.02 -30.29 -54.00
N PRO B 231 -3.90 -29.27 -53.82
CA PRO B 231 -5.32 -29.62 -53.94
C PRO B 231 -5.88 -30.36 -55.17
N LYS B 232 -6.29 -31.64 -54.98
CA LYS B 232 -7.00 -32.64 -55.85
C LYS B 232 -6.47 -33.42 -57.12
N ASP B 233 -5.50 -33.03 -58.02
CA ASP B 233 -5.15 -33.92 -59.18
C ASP B 233 -4.02 -34.97 -59.25
N ASP B 234 -4.38 -36.09 -59.90
CA ASP B 234 -3.51 -37.26 -60.09
C ASP B 234 -2.35 -37.31 -61.13
N ARG B 235 -2.55 -36.92 -62.39
CA ARG B 235 -1.43 -36.96 -63.38
C ARG B 235 -0.23 -36.14 -62.92
N GLU B 236 -0.54 -35.02 -62.25
CA GLU B 236 0.43 -34.07 -61.71
C GLU B 236 1.16 -34.72 -60.54
N ALA B 237 0.39 -35.43 -59.70
CA ALA B 237 0.99 -36.14 -58.58
C ALA B 237 2.07 -37.10 -59.13
N GLN B 238 1.66 -38.01 -60.01
CA GLN B 238 2.57 -39.00 -60.63
C GLN B 238 3.85 -38.46 -61.26
N SER B 239 3.82 -37.19 -61.66
CA SER B 239 5.01 -36.57 -62.26
C SER B 239 5.80 -35.85 -61.15
N ILE B 240 5.10 -35.16 -60.26
CA ILE B 240 5.75 -34.47 -59.16
C ILE B 240 6.62 -35.49 -58.43
N CYS B 241 6.04 -36.67 -58.18
CA CYS B 241 6.73 -37.75 -57.47
C CYS B 241 7.76 -38.53 -58.28
N GLU B 242 7.35 -39.02 -59.46
CA GLU B 242 8.27 -39.78 -60.31
C GLU B 242 9.51 -38.91 -60.62
N ARG B 243 9.44 -37.64 -60.19
CA ARG B 243 10.52 -36.64 -60.37
C ARG B 243 11.46 -36.59 -59.16
N VAL B 244 10.90 -36.85 -57.98
CA VAL B 244 11.67 -36.83 -56.74
C VAL B 244 12.49 -38.11 -56.51
N THR B 245 12.11 -39.17 -57.21
CA THR B 245 12.80 -40.47 -57.13
C THR B 245 14.33 -40.35 -57.14
N PRO B 246 14.87 -39.33 -57.81
CA PRO B 246 16.33 -39.30 -57.76
C PRO B 246 16.73 -38.72 -56.41
N ARG B 247 16.04 -37.63 -56.04
CA ARG B 247 16.30 -36.94 -54.79
C ARG B 247 16.67 -37.84 -53.60
N LEU B 248 16.00 -38.98 -53.47
CA LEU B 248 16.29 -39.89 -52.37
C LEU B 248 17.70 -40.49 -52.35
N SER B 249 18.03 -41.21 -53.40
CA SER B 249 19.34 -41.83 -53.48
C SER B 249 20.47 -40.82 -53.59
N HIS B 250 20.11 -39.55 -53.76
CA HIS B 250 21.12 -38.48 -53.94
C HIS B 250 22.04 -38.06 -52.77
N ALA B 251 21.93 -36.78 -52.37
CA ALA B 251 22.82 -36.19 -51.40
C ALA B 251 22.77 -36.44 -49.91
N ASN B 252 22.62 -35.34 -49.15
CA ASN B 252 22.64 -35.40 -47.69
C ASN B 252 21.36 -35.29 -46.96
N SER B 253 21.11 -36.32 -46.19
CA SER B 253 19.95 -36.41 -45.35
C SER B 253 18.94 -35.28 -45.57
N ALA B 254 19.24 -34.07 -45.08
CA ALA B 254 18.35 -32.91 -45.21
C ALA B 254 17.49 -33.06 -46.44
N VAL B 255 18.16 -33.36 -47.55
CA VAL B 255 17.50 -33.58 -48.83
C VAL B 255 16.52 -34.75 -48.64
N VAL B 256 17.07 -35.97 -48.68
CA VAL B 256 16.30 -37.18 -48.52
C VAL B 256 15.12 -36.91 -47.60
N LEU B 257 15.38 -36.36 -46.42
CA LEU B 257 14.33 -36.06 -45.48
C LEU B 257 13.30 -35.12 -46.11
N SER B 258 13.58 -33.81 -46.09
CA SER B 258 12.64 -32.86 -46.65
C SER B 258 11.94 -33.44 -47.88
N ALA B 259 12.68 -34.19 -48.69
CA ALA B 259 12.12 -34.84 -49.88
C ALA B 259 10.97 -35.71 -49.43
N VAL B 260 11.25 -36.66 -48.57
CA VAL B 260 10.21 -37.52 -48.06
C VAL B 260 9.09 -36.67 -47.49
N LYS B 261 9.44 -35.68 -46.68
CA LYS B 261 8.45 -34.77 -46.08
C LYS B 261 7.31 -34.50 -47.07
N VAL B 262 7.66 -34.27 -48.33
CA VAL B 262 6.63 -34.01 -49.34
C VAL B 262 6.01 -35.29 -49.94
N LEU B 263 6.86 -36.22 -50.34
CA LEU B 263 6.42 -37.47 -50.96
C LEU B 263 5.15 -37.98 -50.30
N MET B 264 5.13 -37.81 -48.99
CA MET B 264 4.05 -38.25 -48.16
C MET B 264 2.91 -37.26 -47.95
N LYS B 265 3.14 -35.98 -48.22
CA LYS B 265 2.04 -35.00 -48.15
C LYS B 265 1.23 -35.09 -49.43
N PHE B 266 1.82 -35.69 -50.45
CA PHE B 266 1.14 -35.80 -51.75
C PHE B 266 0.34 -37.12 -51.93
N MET B 267 0.78 -38.20 -51.27
CA MET B 267 0.06 -39.50 -51.34
C MET B 267 -1.47 -39.41 -51.18
N ASP B 275 -1.48 -48.85 -59.60
CA ASP B 275 -0.13 -49.40 -59.54
C ASP B 275 0.81 -48.35 -59.01
N TYR B 276 0.22 -47.34 -58.41
CA TYR B 276 0.94 -46.20 -57.87
C TYR B 276 1.78 -46.46 -56.60
N TYR B 277 1.05 -46.64 -55.49
CA TYR B 277 1.63 -46.90 -54.20
C TYR B 277 2.86 -47.84 -54.24
N ALA B 278 2.70 -49.10 -54.66
CA ALA B 278 3.81 -50.09 -54.68
C ALA B 278 5.14 -49.55 -55.20
N THR B 279 5.06 -48.58 -56.11
CA THR B 279 6.25 -47.97 -56.69
C THR B 279 6.95 -47.16 -55.56
N LEU B 280 6.22 -46.18 -55.04
CA LEU B 280 6.72 -45.33 -53.95
C LEU B 280 7.31 -46.11 -52.77
N LEU B 281 6.46 -46.91 -52.14
CA LEU B 281 6.82 -47.71 -50.98
C LEU B 281 8.05 -48.62 -51.14
N LYS B 282 8.23 -49.22 -52.30
CA LYS B 282 9.38 -50.09 -52.51
C LYS B 282 10.65 -49.32 -52.81
N LYS B 283 10.48 -48.03 -53.10
CA LYS B 283 11.57 -47.11 -53.36
C LYS B 283 11.90 -46.39 -52.04
N LEU B 284 10.86 -45.95 -51.33
CA LEU B 284 11.01 -45.26 -50.05
C LEU B 284 11.81 -46.07 -49.03
N ALA B 285 11.86 -47.37 -49.26
CA ALA B 285 12.58 -48.31 -48.38
C ALA B 285 14.11 -48.11 -48.29
N PRO B 286 14.87 -48.51 -49.34
CA PRO B 286 16.32 -48.36 -49.31
C PRO B 286 16.85 -46.94 -48.91
N PRO B 287 16.05 -45.86 -49.07
CA PRO B 287 16.45 -44.49 -48.70
C PRO B 287 16.58 -44.24 -47.22
N LEU B 288 15.45 -44.39 -46.53
CA LEU B 288 15.41 -44.18 -45.12
C LEU B 288 16.51 -44.99 -44.49
N VAL B 289 16.61 -46.25 -44.87
CA VAL B 289 17.66 -47.10 -44.32
C VAL B 289 19.07 -46.49 -44.47
N THR B 290 19.48 -46.28 -45.71
CA THR B 290 20.80 -45.71 -45.97
C THR B 290 20.89 -44.32 -45.32
N LEU B 291 19.76 -43.86 -44.80
CA LEU B 291 19.71 -42.58 -44.11
C LEU B 291 20.34 -42.74 -42.73
N LEU B 292 20.29 -43.95 -42.20
CA LEU B 292 20.86 -44.19 -40.87
C LEU B 292 22.31 -44.65 -40.84
N SER B 293 22.76 -45.31 -41.90
CA SER B 293 24.16 -45.75 -41.89
C SER B 293 25.04 -44.50 -41.99
N ALA B 294 24.42 -43.37 -41.68
CA ALA B 294 25.04 -42.06 -41.74
C ALA B 294 25.80 -41.59 -40.50
N GLU B 295 25.16 -40.68 -39.77
CA GLU B 295 25.79 -40.13 -38.59
C GLU B 295 25.04 -40.02 -37.28
N PRO B 296 25.79 -40.03 -36.17
CA PRO B 296 25.27 -39.95 -34.80
C PRO B 296 24.08 -39.03 -34.69
N GLU B 297 24.34 -37.80 -34.31
CA GLU B 297 23.30 -36.82 -34.14
C GLU B 297 22.14 -36.88 -35.14
N PRO B 298 22.43 -37.00 -36.47
CA PRO B 298 21.28 -37.03 -37.37
C PRO B 298 20.41 -38.20 -36.96
N GLN B 299 20.96 -39.41 -37.09
CA GLN B 299 20.23 -40.61 -36.73
C GLN B 299 19.05 -40.33 -35.84
N TYR B 300 19.26 -39.55 -34.79
CA TYR B 300 18.15 -39.23 -33.89
C TYR B 300 16.98 -38.75 -34.75
N VAL B 301 16.91 -37.43 -34.97
CA VAL B 301 15.83 -36.85 -35.74
C VAL B 301 15.16 -37.89 -36.63
N PRO B 302 15.92 -38.44 -37.58
CA PRO B 302 15.32 -39.45 -38.45
C PRO B 302 14.54 -40.48 -37.66
N LEU B 303 15.22 -41.32 -36.89
CA LEU B 303 14.51 -42.31 -36.12
C LEU B 303 13.19 -41.74 -35.64
N ARG B 304 13.29 -40.59 -34.99
CA ARG B 304 12.12 -39.93 -34.46
C ARG B 304 11.05 -39.86 -35.54
N ASN B 305 11.44 -39.38 -36.72
CA ASN B 305 10.52 -39.30 -37.82
C ASN B 305 10.14 -40.70 -38.25
N ILE B 306 11.14 -41.52 -38.56
CA ILE B 306 10.92 -42.91 -38.96
C ILE B 306 9.71 -43.38 -38.19
N ASN B 307 9.75 -43.13 -36.89
CA ASN B 307 8.67 -43.49 -35.99
C ASN B 307 7.40 -42.98 -36.64
N LEU B 308 7.18 -41.68 -36.53
CA LEU B 308 5.99 -41.03 -37.09
C LEU B 308 5.55 -41.69 -38.40
N ILE B 309 6.54 -42.07 -39.21
CA ILE B 309 6.30 -42.71 -40.50
C ILE B 309 5.54 -44.03 -40.49
N VAL B 310 6.18 -45.09 -39.99
CA VAL B 310 5.51 -46.37 -39.94
C VAL B 310 4.17 -46.21 -39.26
N GLN B 311 4.05 -45.14 -38.47
CA GLN B 311 2.80 -44.86 -37.75
C GLN B 311 1.67 -44.66 -38.79
N LYS B 312 1.97 -43.95 -39.88
CA LYS B 312 0.97 -43.73 -40.94
C LYS B 312 0.86 -44.91 -41.91
N ARG B 313 1.92 -45.15 -42.68
CA ARG B 313 1.92 -46.27 -43.63
C ARG B 313 2.93 -47.37 -43.33
N PRO B 314 2.76 -48.06 -42.21
CA PRO B 314 3.64 -49.14 -41.77
C PRO B 314 4.06 -50.02 -42.93
N GLU B 315 3.13 -50.22 -43.85
CA GLU B 315 3.33 -51.03 -45.03
C GLU B 315 4.67 -50.77 -45.72
N ILE B 316 5.27 -49.62 -45.46
CA ILE B 316 6.54 -49.23 -46.10
C ILE B 316 7.78 -50.09 -45.83
N LEU B 317 7.94 -50.52 -44.59
CA LEU B 317 9.07 -51.36 -44.20
C LEU B 317 8.55 -52.49 -43.33
N LYS B 318 7.29 -52.83 -43.56
CA LYS B 318 6.59 -53.87 -42.83
C LYS B 318 7.48 -55.07 -42.46
N HIS B 319 8.62 -55.23 -43.15
CA HIS B 319 9.50 -56.35 -42.83
C HIS B 319 11.00 -56.00 -42.73
N GLU B 320 11.34 -54.74 -42.99
CA GLU B 320 12.73 -54.28 -42.92
C GLU B 320 13.09 -53.99 -41.47
N MET B 321 13.92 -54.83 -40.85
CA MET B 321 14.29 -54.61 -39.44
C MET B 321 15.60 -55.23 -38.99
N LYS B 322 16.15 -56.11 -39.81
CA LYS B 322 17.42 -56.75 -39.46
C LYS B 322 18.48 -55.66 -39.32
N VAL B 323 18.03 -54.40 -39.42
CA VAL B 323 18.90 -53.23 -39.35
C VAL B 323 18.73 -52.37 -38.12
N PHE B 324 17.51 -52.22 -37.67
CA PHE B 324 17.23 -51.40 -36.51
C PHE B 324 17.78 -51.90 -35.18
N PHE B 325 18.76 -52.79 -35.23
CA PHE B 325 19.35 -53.29 -33.99
C PHE B 325 20.27 -52.21 -33.46
N VAL B 326 20.60 -52.32 -32.18
CA VAL B 326 21.47 -51.34 -31.57
C VAL B 326 22.86 -51.92 -31.45
N LYS B 327 23.84 -51.14 -31.90
CA LYS B 327 25.22 -51.59 -31.82
C LYS B 327 25.74 -51.00 -30.51
N TYR B 328 26.96 -51.34 -30.12
CA TYR B 328 27.47 -50.79 -28.89
C TYR B 328 27.97 -49.36 -29.05
N ASN B 329 28.65 -49.06 -30.16
CA ASN B 329 29.18 -47.72 -30.40
C ASN B 329 28.06 -46.69 -30.29
N ASP B 330 26.87 -47.07 -30.72
CA ASP B 330 25.75 -46.15 -30.70
C ASP B 330 25.49 -45.51 -29.34
N PRO B 331 25.26 -44.21 -29.34
CA PRO B 331 25.00 -43.45 -28.13
C PRO B 331 23.64 -43.76 -27.55
N ILE B 332 23.39 -43.26 -26.34
CA ILE B 332 22.14 -43.47 -25.63
C ILE B 332 20.88 -43.10 -26.39
N TYR B 333 20.69 -41.83 -26.68
CA TYR B 333 19.48 -41.44 -27.39
C TYR B 333 19.24 -42.34 -28.59
N VAL B 334 20.32 -42.59 -29.32
CA VAL B 334 20.24 -43.45 -30.49
C VAL B 334 19.45 -44.66 -30.04
N LYS B 335 20.14 -45.50 -29.28
CA LYS B 335 19.56 -46.71 -28.77
C LYS B 335 18.09 -46.44 -28.47
N LEU B 336 17.80 -45.69 -27.41
CA LEU B 336 16.42 -45.38 -27.06
C LEU B 336 15.43 -45.41 -28.23
N GLU B 337 15.47 -44.36 -29.04
CA GLU B 337 14.56 -44.30 -30.17
C GLU B 337 14.55 -45.62 -30.91
N LYS B 338 15.72 -46.12 -31.31
CA LYS B 338 15.76 -47.38 -32.03
C LYS B 338 14.77 -48.37 -31.43
N LEU B 339 14.83 -48.54 -30.12
CA LEU B 339 13.91 -49.46 -29.45
C LEU B 339 12.50 -49.10 -29.82
N ASP B 340 12.04 -48.03 -29.18
CA ASP B 340 10.69 -47.47 -29.36
C ASP B 340 10.17 -47.88 -30.73
N ILE B 341 11.03 -47.79 -31.73
CA ILE B 341 10.66 -48.15 -33.08
C ILE B 341 10.53 -49.66 -33.25
N MET B 342 11.64 -50.37 -33.14
CA MET B 342 11.60 -51.81 -33.29
C MET B 342 10.24 -52.25 -32.82
N ILE B 343 9.95 -51.89 -31.57
CA ILE B 343 8.67 -52.23 -30.98
C ILE B 343 7.52 -51.96 -31.94
N ARG B 344 7.23 -50.70 -32.22
CA ARG B 344 6.12 -50.42 -33.11
C ARG B 344 6.17 -51.25 -34.38
N LEU B 345 7.19 -52.09 -34.52
CA LEU B 345 7.34 -52.93 -35.69
C LEU B 345 7.41 -54.45 -35.57
N ALA B 346 6.88 -55.04 -34.51
CA ALA B 346 6.98 -56.51 -34.45
C ALA B 346 5.69 -57.33 -34.56
N SER B 347 5.86 -58.56 -35.03
CA SER B 347 4.77 -59.52 -35.19
C SER B 347 5.35 -60.89 -34.92
N GLN B 348 4.62 -61.92 -35.32
CA GLN B 348 5.04 -63.30 -35.11
C GLN B 348 6.42 -63.57 -35.72
N ALA B 349 6.44 -63.66 -37.04
CA ALA B 349 7.67 -63.91 -37.78
C ALA B 349 8.82 -63.06 -37.23
N ASN B 350 8.48 -61.94 -36.61
CA ASN B 350 9.47 -61.01 -36.02
C ASN B 350 10.05 -61.47 -34.70
N ILE B 351 9.20 -61.37 -33.69
CA ILE B 351 9.54 -61.70 -32.33
C ILE B 351 10.62 -62.75 -32.21
N ALA B 352 10.57 -63.76 -33.05
CA ALA B 352 11.61 -64.80 -32.98
C ALA B 352 12.92 -64.07 -32.71
N GLN B 353 13.34 -63.29 -33.70
CA GLN B 353 14.57 -62.53 -33.60
C GLN B 353 14.47 -61.44 -32.53
N VAL B 354 13.40 -60.65 -32.56
CA VAL B 354 13.22 -59.58 -31.58
C VAL B 354 13.78 -59.93 -30.21
N LEU B 355 13.23 -60.97 -29.61
CA LEU B 355 13.67 -61.39 -28.30
C LEU B 355 15.13 -61.76 -28.35
N ALA B 356 15.48 -62.78 -29.15
CA ALA B 356 16.88 -63.20 -29.25
C ALA B 356 17.80 -62.02 -28.98
N GLU B 357 17.51 -60.91 -29.65
CA GLU B 357 18.29 -59.70 -29.47
C GLU B 357 18.05 -59.04 -28.12
N LEU B 358 16.81 -58.75 -27.77
CA LEU B 358 16.60 -58.14 -26.48
C LEU B 358 17.46 -58.83 -25.43
N LYS B 359 17.38 -60.15 -25.36
CA LYS B 359 18.16 -60.89 -24.38
C LYS B 359 19.59 -60.36 -24.38
N GLU B 360 20.31 -60.54 -25.48
CA GLU B 360 21.68 -60.03 -25.51
C GLU B 360 21.72 -58.61 -24.91
N TYR B 361 20.90 -57.72 -25.46
CA TYR B 361 20.86 -56.32 -25.00
C TYR B 361 20.97 -56.28 -23.49
N ALA B 362 19.93 -56.77 -22.83
CA ALA B 362 19.90 -56.79 -21.38
C ALA B 362 21.25 -57.13 -20.79
N THR B 363 21.96 -58.07 -21.41
CA THR B 363 23.27 -58.45 -20.90
C THR B 363 24.26 -57.28 -20.85
N GLU B 364 24.11 -56.31 -21.75
CA GLU B 364 25.01 -55.15 -21.79
C GLU B 364 25.33 -54.50 -20.44
N VAL B 365 26.07 -53.39 -20.49
CA VAL B 365 26.50 -52.66 -19.29
C VAL B 365 25.85 -51.31 -19.06
N ASP B 366 25.39 -50.68 -20.13
CA ASP B 366 24.76 -49.40 -19.94
C ASP B 366 23.42 -49.61 -19.26
N VAL B 367 23.38 -49.36 -17.97
CA VAL B 367 22.16 -49.55 -17.21
C VAL B 367 20.89 -49.09 -17.90
N ASP B 368 20.60 -47.81 -17.74
CA ASP B 368 19.42 -47.19 -18.31
C ASP B 368 18.93 -48.06 -19.47
N PHE B 369 19.81 -48.29 -20.44
CA PHE B 369 19.47 -49.09 -21.60
C PHE B 369 18.75 -50.34 -21.20
N VAL B 370 19.51 -51.29 -20.69
CA VAL B 370 18.91 -52.54 -20.32
C VAL B 370 17.54 -52.27 -19.76
N ARG B 371 17.47 -51.29 -18.88
CA ARG B 371 16.19 -50.98 -18.29
C ARG B 371 15.11 -50.88 -19.36
N LYS B 372 15.03 -49.74 -20.04
CA LYS B 372 14.01 -49.59 -21.07
C LYS B 372 13.99 -50.84 -21.94
N ALA B 373 15.14 -51.49 -22.06
CA ALA B 373 15.25 -52.70 -22.87
C ALA B 373 14.36 -53.81 -22.34
N VAL B 374 14.53 -54.16 -21.08
CA VAL B 374 13.69 -55.19 -20.52
C VAL B 374 12.29 -54.66 -20.70
N ARG B 375 12.10 -53.43 -20.25
CA ARG B 375 10.81 -52.78 -20.35
C ARG B 375 10.30 -52.98 -21.76
N ALA B 376 11.21 -53.18 -22.70
CA ALA B 376 10.82 -53.41 -24.08
C ALA B 376 10.16 -54.77 -24.12
N ILE B 377 10.87 -55.78 -23.67
CA ILE B 377 10.33 -57.12 -23.64
C ILE B 377 8.89 -56.98 -23.19
N GLY B 378 8.70 -56.06 -22.26
CA GLY B 378 7.38 -55.82 -21.75
C GLY B 378 6.39 -55.41 -22.82
N ARG B 379 6.39 -54.12 -23.12
CA ARG B 379 5.46 -53.61 -24.13
C ARG B 379 5.33 -54.65 -25.23
N CYS B 380 6.45 -55.28 -25.55
CA CYS B 380 6.48 -56.30 -26.59
C CYS B 380 5.36 -57.33 -26.41
N ALA B 381 5.47 -58.15 -25.37
CA ALA B 381 4.47 -59.16 -25.11
C ALA B 381 3.07 -58.60 -25.20
N ILE B 382 2.88 -57.38 -24.69
CA ILE B 382 1.56 -56.77 -24.73
C ILE B 382 0.97 -56.69 -26.14
N LYS B 383 1.68 -56.03 -27.05
CA LYS B 383 1.19 -55.89 -28.41
C LYS B 383 0.95 -57.23 -29.10
N VAL B 384 1.83 -58.21 -28.87
CA VAL B 384 1.67 -59.51 -29.50
C VAL B 384 1.25 -60.62 -28.51
N GLU B 385 -0.03 -60.62 -28.13
CA GLU B 385 -0.58 -61.59 -27.19
C GLU B 385 -0.07 -62.96 -27.52
N GLN B 386 -0.21 -63.26 -28.80
CA GLN B 386 0.19 -64.52 -29.38
C GLN B 386 1.63 -64.87 -29.03
N SER B 387 2.26 -64.05 -28.22
CA SER B 387 3.65 -64.29 -27.87
C SER B 387 3.96 -64.14 -26.39
N ALA B 388 2.93 -64.15 -25.56
CA ALA B 388 3.11 -64.00 -24.13
C ALA B 388 4.25 -64.84 -23.53
N GLU B 389 3.99 -66.12 -23.29
CA GLU B 389 4.99 -67.03 -22.71
C GLU B 389 6.35 -66.63 -23.22
N ARG B 390 6.52 -66.86 -24.52
CA ARG B 390 7.73 -66.55 -25.25
C ARG B 390 8.51 -65.52 -24.44
N CYS B 391 7.91 -64.35 -24.25
CA CYS B 391 8.55 -63.29 -23.49
C CYS B 391 8.90 -63.82 -22.11
N VAL B 392 7.85 -63.97 -21.31
CA VAL B 392 8.01 -64.48 -19.97
C VAL B 392 9.24 -65.36 -19.95
N SER B 393 9.12 -66.46 -20.68
CA SER B 393 10.17 -67.46 -20.79
C SER B 393 11.55 -66.84 -20.67
N THR B 394 11.82 -65.82 -21.48
CA THR B 394 13.13 -65.19 -21.41
C THR B 394 13.26 -64.33 -20.16
N LEU B 395 12.22 -63.58 -19.81
CA LEU B 395 12.31 -62.76 -18.63
C LEU B 395 12.87 -63.63 -17.54
N LEU B 396 12.06 -64.60 -17.14
CA LEU B 396 12.47 -65.53 -16.13
C LEU B 396 13.92 -65.87 -16.41
N ASP B 397 14.14 -66.39 -17.61
CA ASP B 397 15.46 -66.80 -18.08
C ASP B 397 16.55 -65.83 -17.59
N LEU B 398 16.26 -64.54 -17.59
CA LEU B 398 17.25 -63.56 -17.16
C LEU B 398 17.42 -63.51 -15.67
N ILE B 399 16.31 -63.44 -14.97
CA ILE B 399 16.36 -63.38 -13.52
C ILE B 399 17.21 -64.48 -12.95
N GLN B 400 17.17 -65.63 -13.61
CA GLN B 400 17.96 -66.76 -13.13
C GLN B 400 19.42 -66.35 -13.10
N THR B 401 19.74 -65.19 -13.64
CA THR B 401 21.12 -64.75 -13.67
C THR B 401 21.50 -64.06 -12.40
N LYS B 402 20.51 -63.65 -11.63
CA LYS B 402 20.75 -63.01 -10.35
C LYS B 402 21.56 -61.71 -10.50
N VAL B 403 21.52 -61.15 -11.69
CA VAL B 403 22.19 -59.91 -11.97
C VAL B 403 21.36 -58.84 -11.30
N ASN B 404 21.67 -58.55 -10.05
CA ASN B 404 20.92 -57.55 -9.29
C ASN B 404 19.91 -56.67 -10.08
N TYR B 405 20.38 -55.57 -10.65
CA TYR B 405 19.48 -54.66 -11.37
C TYR B 405 18.52 -55.29 -12.37
N VAL B 406 19.05 -56.10 -13.29
CA VAL B 406 18.21 -56.74 -14.28
C VAL B 406 17.01 -57.24 -13.54
N VAL B 407 17.30 -58.14 -12.62
CA VAL B 407 16.25 -58.72 -11.81
C VAL B 407 15.15 -57.75 -11.56
N GLN B 408 15.35 -56.84 -10.62
CA GLN B 408 14.27 -55.93 -10.34
C GLN B 408 13.45 -55.48 -11.56
N GLU B 409 14.01 -54.66 -12.45
CA GLU B 409 13.17 -54.26 -13.57
C GLU B 409 12.35 -55.45 -14.05
N ALA B 410 13.05 -56.52 -14.40
CA ALA B 410 12.35 -57.71 -14.85
C ALA B 410 11.05 -57.84 -14.11
N ILE B 411 11.12 -58.24 -12.85
CA ILE B 411 9.91 -58.41 -12.06
C ILE B 411 8.90 -57.39 -12.46
N VAL B 412 9.19 -56.14 -12.13
CA VAL B 412 8.29 -55.06 -12.43
C VAL B 412 7.48 -55.43 -13.65
N VAL B 413 8.17 -55.65 -14.75
CA VAL B 413 7.48 -56.02 -15.97
C VAL B 413 6.53 -57.18 -15.71
N ILE B 414 7.10 -58.34 -15.42
CA ILE B 414 6.29 -59.50 -15.16
C ILE B 414 5.01 -59.09 -14.48
N LYS B 415 5.15 -58.29 -13.44
CA LYS B 415 3.98 -57.83 -12.72
C LYS B 415 2.98 -57.43 -13.78
N ASP B 416 3.24 -56.28 -14.39
CA ASP B 416 2.34 -55.77 -15.40
C ASP B 416 1.78 -56.88 -16.30
N ILE B 417 2.64 -57.83 -16.68
CA ILE B 417 2.19 -58.92 -17.52
C ILE B 417 0.99 -59.59 -16.90
N PHE B 418 1.16 -60.02 -15.66
CA PHE B 418 0.08 -60.69 -14.95
C PHE B 418 -1.21 -59.91 -14.98
N ARG B 419 -1.10 -58.58 -14.85
CA ARG B 419 -2.30 -57.77 -14.88
C ARG B 419 -3.11 -58.10 -16.14
N LYS B 420 -2.45 -58.23 -17.28
CA LYS B 420 -3.20 -58.53 -18.51
C LYS B 420 -3.60 -59.97 -18.78
N TYR B 421 -2.75 -60.92 -18.45
CA TYR B 421 -3.09 -62.32 -18.70
C TYR B 421 -3.18 -63.11 -17.40
N PRO B 422 -4.11 -62.72 -16.54
CA PRO B 422 -4.30 -63.38 -15.27
C PRO B 422 -4.34 -64.91 -15.33
N ASN B 423 -4.18 -65.51 -14.16
CA ASN B 423 -4.19 -66.95 -13.96
C ASN B 423 -3.66 -67.71 -15.13
N LYS B 424 -2.58 -67.27 -15.72
CA LYS B 424 -2.05 -68.02 -16.85
C LYS B 424 -0.62 -68.41 -16.53
N TYR B 425 -0.01 -67.69 -15.60
CA TYR B 425 1.35 -67.99 -15.21
C TYR B 425 1.36 -68.16 -13.73
N GLU B 426 1.93 -69.27 -13.27
CA GLU B 426 1.96 -69.55 -11.86
C GLU B 426 3.33 -70.00 -11.48
N SER B 427 3.57 -71.29 -11.71
CA SER B 427 4.85 -71.91 -11.39
C SER B 427 5.91 -70.82 -11.19
N VAL B 428 5.98 -69.92 -12.15
CA VAL B 428 6.90 -68.81 -12.13
C VAL B 428 6.96 -68.06 -10.80
N ILE B 429 5.87 -68.07 -10.06
CA ILE B 429 5.79 -67.39 -8.78
C ILE B 429 6.92 -67.73 -7.82
N ALA B 430 6.92 -68.94 -7.29
CA ALA B 430 7.97 -69.32 -6.36
C ALA B 430 9.33 -68.91 -6.93
N THR B 431 9.63 -69.44 -8.11
CA THR B 431 10.90 -69.15 -8.78
C THR B 431 11.18 -67.66 -8.73
N LEU B 432 10.11 -66.89 -8.59
CA LEU B 432 10.20 -65.45 -8.53
C LEU B 432 10.82 -64.97 -7.23
N CYS B 433 10.02 -65.02 -6.18
CA CYS B 433 10.44 -64.59 -4.84
C CYS B 433 11.90 -64.87 -4.64
N GLU B 434 12.26 -66.10 -4.98
CA GLU B 434 13.64 -66.58 -4.86
C GLU B 434 14.51 -65.39 -4.52
N ASN B 435 14.71 -64.54 -5.51
CA ASN B 435 15.51 -63.34 -5.32
C ASN B 435 14.58 -62.32 -4.73
N LEU B 436 14.58 -62.20 -3.41
CA LEU B 436 13.72 -61.24 -2.75
C LEU B 436 14.56 -60.11 -2.20
N ASP B 437 15.72 -60.47 -1.68
CA ASP B 437 16.60 -59.48 -1.09
C ASP B 437 17.03 -58.51 -2.16
N SER B 438 17.85 -59.01 -3.07
CA SER B 438 18.40 -58.25 -4.17
C SER B 438 17.50 -57.13 -4.77
N ASP B 439 16.24 -57.07 -4.38
CA ASP B 439 15.30 -56.07 -4.91
C ASP B 439 15.19 -54.91 -3.97
N ASP B 440 15.84 -53.82 -4.33
CA ASP B 440 15.83 -52.68 -3.45
C ASP B 440 15.18 -51.48 -3.98
N GLU B 441 14.41 -51.63 -5.03
CA GLU B 441 13.82 -50.42 -5.48
C GLU B 441 12.39 -50.28 -5.08
N PRO B 442 11.82 -49.09 -5.23
CA PRO B 442 10.43 -48.93 -4.85
C PRO B 442 9.54 -49.82 -5.68
N GLU B 443 9.01 -49.26 -6.75
CA GLU B 443 8.09 -50.00 -7.62
C GLU B 443 8.49 -51.45 -7.69
N ALA B 444 9.78 -51.72 -7.80
CA ALA B 444 10.24 -53.10 -7.86
C ALA B 444 9.68 -53.83 -6.65
N ARG B 445 10.20 -53.51 -5.47
CA ARG B 445 9.71 -54.13 -4.25
C ARG B 445 8.21 -54.09 -4.34
N ALA B 446 7.66 -52.89 -4.20
CA ALA B 446 6.23 -52.69 -4.26
C ALA B 446 5.61 -53.80 -5.07
N ALA B 447 5.64 -53.64 -6.39
CA ALA B 447 5.10 -54.61 -7.31
C ALA B 447 5.18 -56.00 -6.69
N MET B 448 6.41 -56.48 -6.53
CA MET B 448 6.62 -57.80 -5.95
C MET B 448 5.57 -58.06 -4.88
N ILE B 449 5.57 -57.22 -3.86
CA ILE B 449 4.63 -57.38 -2.77
C ILE B 449 3.24 -57.60 -3.32
N TRP B 450 2.62 -56.53 -3.81
CA TRP B 450 1.27 -56.65 -4.35
C TRP B 450 1.03 -57.99 -5.03
N ILE B 451 2.03 -58.50 -5.73
CA ILE B 451 1.87 -59.77 -6.38
C ILE B 451 1.52 -60.82 -5.35
N VAL B 452 2.44 -61.00 -4.41
CA VAL B 452 2.20 -61.99 -3.38
C VAL B 452 0.77 -61.86 -2.93
N GLY B 453 0.41 -60.66 -2.49
CA GLY B 453 -0.95 -60.45 -2.04
C GLY B 453 -1.91 -61.21 -2.92
N GLU B 454 -2.16 -60.67 -4.11
CA GLU B 454 -3.08 -61.28 -5.04
C GLU B 454 -3.07 -62.81 -5.00
N TYR B 455 -2.03 -63.37 -5.60
CA TYR B 455 -1.89 -64.80 -5.70
C TYR B 455 -1.51 -65.50 -4.39
N ALA B 456 -1.99 -64.96 -3.28
CA ALA B 456 -1.69 -65.51 -1.95
C ALA B 456 -1.98 -66.99 -1.82
N GLU B 457 -3.17 -67.39 -2.26
CA GLU B 457 -3.56 -68.77 -2.21
C GLU B 457 -2.34 -69.68 -2.30
N ARG B 458 -1.64 -69.63 -3.43
CA ARG B 458 -0.46 -70.47 -3.70
C ARG B 458 0.67 -70.49 -2.67
N SER B 459 1.44 -69.41 -2.59
CA SER B 459 2.55 -69.40 -1.65
C SER B 459 2.05 -69.54 -0.21
N ASP B 460 2.56 -70.54 0.48
CA ASP B 460 2.18 -70.75 1.86
C ASP B 460 2.83 -69.63 2.63
N ASN B 461 4.16 -69.64 2.58
CA ASN B 461 4.99 -68.65 3.25
C ASN B 461 4.41 -67.26 3.19
N ALA B 462 3.62 -67.00 2.17
CA ALA B 462 2.99 -65.69 1.98
C ALA B 462 3.32 -64.81 3.17
N ASP B 463 2.81 -65.24 4.31
CA ASP B 463 3.02 -64.52 5.56
C ASP B 463 4.37 -63.86 5.69
N GLU B 464 5.29 -64.55 6.35
CA GLU B 464 6.61 -64.00 6.59
C GLU B 464 7.07 -63.06 5.49
N LEU B 465 6.98 -63.47 4.23
CA LEU B 465 7.41 -62.60 3.15
C LEU B 465 6.90 -61.22 3.48
N LEU B 466 5.60 -61.04 3.37
CA LEU B 466 5.05 -59.75 3.68
C LEU B 466 5.63 -59.30 5.01
N GLU B 467 5.40 -60.08 6.05
CA GLU B 467 5.89 -59.74 7.38
C GLU B 467 7.26 -59.10 7.33
N SER B 468 8.19 -59.78 6.68
CA SER B 468 9.56 -59.31 6.59
C SER B 468 9.62 -57.80 6.53
N PHE B 469 8.95 -57.22 5.55
CA PHE B 469 9.00 -55.77 5.42
C PHE B 469 8.56 -54.99 6.63
N LEU B 470 7.53 -55.47 7.33
CA LEU B 470 7.01 -54.79 8.51
C LEU B 470 8.00 -54.14 9.45
N ASP B 471 8.58 -54.95 10.34
CA ASP B 471 9.54 -54.45 11.32
C ASP B 471 10.25 -53.23 10.75
N GLY B 472 10.50 -53.27 9.44
CA GLY B 472 11.14 -52.15 8.78
C GLY B 472 10.14 -51.42 7.89
N PHE B 473 9.19 -50.75 8.53
CA PHE B 473 8.17 -49.99 7.82
C PHE B 473 8.31 -48.57 8.32
N HIS B 474 7.20 -47.87 8.51
CA HIS B 474 7.19 -46.47 8.95
C HIS B 474 8.14 -45.74 8.02
N ASP B 475 8.77 -46.48 7.12
CA ASP B 475 9.69 -45.90 6.18
C ASP B 475 10.03 -46.82 5.04
N GLU B 476 9.45 -46.47 3.92
CA GLU B 476 9.60 -47.14 2.67
C GLU B 476 8.61 -46.43 1.80
N SER B 477 9.01 -46.17 0.57
CA SER B 477 8.17 -45.45 -0.38
C SER B 477 6.66 -45.53 -0.13
N THR B 478 6.03 -44.37 -0.11
CA THR B 478 4.60 -44.28 0.11
C THR B 478 3.88 -45.45 -0.55
N GLN B 479 3.91 -45.45 -1.87
CA GLN B 479 3.24 -46.48 -2.66
C GLN B 479 3.40 -47.91 -2.13
N VAL B 480 4.61 -48.29 -1.77
CA VAL B 480 4.81 -49.64 -1.27
C VAL B 480 4.05 -49.84 0.02
N GLN B 481 4.15 -48.87 0.93
CA GLN B 481 3.45 -48.97 2.19
C GLN B 481 2.08 -49.51 1.82
N LEU B 482 1.49 -48.91 0.80
CA LEU B 482 0.17 -49.32 0.35
C LEU B 482 -0.02 -50.78 0.04
N GLN B 483 0.33 -51.18 -1.18
CA GLN B 483 0.11 -52.58 -1.55
C GLN B 483 0.30 -53.44 -0.36
N LEU B 484 1.47 -53.31 0.24
CA LEU B 484 1.80 -54.08 1.41
C LEU B 484 0.57 -54.15 2.29
N LEU B 485 0.00 -53.00 2.62
CA LEU B 485 -1.18 -53.03 3.43
C LEU B 485 -2.17 -53.88 2.68
N THR B 486 -2.69 -53.34 1.59
CA THR B 486 -3.65 -54.05 0.78
C THR B 486 -3.38 -55.54 0.80
N ALA B 487 -2.27 -55.96 0.21
CA ALA B 487 -1.91 -57.37 0.18
C ALA B 487 -2.25 -58.10 1.47
N ILE B 488 -1.56 -57.75 2.55
CA ILE B 488 -1.80 -58.37 3.84
C ILE B 488 -3.26 -58.73 3.90
N VAL B 489 -4.06 -57.70 3.91
CA VAL B 489 -5.50 -57.88 3.95
C VAL B 489 -5.84 -59.08 3.10
N LYS B 490 -5.67 -58.92 1.80
CA LYS B 490 -5.97 -59.98 0.85
C LYS B 490 -5.82 -61.38 1.43
N LEU B 491 -4.63 -61.74 1.90
CA LEU B 491 -4.49 -63.09 2.41
C LEU B 491 -5.29 -63.31 3.66
N PHE B 492 -5.42 -62.27 4.47
CA PHE B 492 -6.19 -62.43 5.67
C PHE B 492 -7.55 -62.90 5.26
N LEU B 493 -7.99 -62.41 4.12
CA LEU B 493 -9.30 -62.77 3.58
C LEU B 493 -9.27 -64.13 2.89
N LYS B 494 -8.08 -64.71 2.78
CA LYS B 494 -7.94 -66.05 2.24
C LYS B 494 -8.21 -66.86 3.51
N LYS B 495 -8.78 -66.16 4.49
CA LYS B 495 -9.20 -66.63 5.80
C LYS B 495 -8.18 -67.15 6.80
N PRO B 496 -6.91 -67.34 6.36
CA PRO B 496 -6.00 -67.84 7.38
C PRO B 496 -6.35 -67.34 8.76
N THR B 497 -6.30 -68.26 9.72
CA THR B 497 -6.61 -67.94 11.09
C THR B 497 -5.36 -67.32 11.65
N GLU B 498 -4.24 -67.69 11.03
CA GLU B 498 -2.88 -67.26 11.37
C GLU B 498 -2.56 -65.82 10.96
N THR B 499 -3.50 -65.19 10.27
CA THR B 499 -3.34 -63.84 9.80
C THR B 499 -3.64 -62.79 10.85
N GLN B 500 -4.47 -63.15 11.81
CA GLN B 500 -4.89 -62.23 12.86
C GLN B 500 -3.79 -61.21 13.17
N GLU B 501 -2.96 -61.49 14.17
CA GLU B 501 -1.89 -60.57 14.58
C GLU B 501 -1.27 -59.73 13.48
N LEU B 502 -1.04 -60.35 12.31
CA LEU B 502 -0.45 -59.63 11.19
C LEU B 502 -1.34 -58.47 10.83
N VAL B 503 -2.36 -58.77 10.04
CA VAL B 503 -3.29 -57.75 9.60
C VAL B 503 -3.45 -56.71 10.67
N GLN B 504 -3.66 -57.18 11.90
CA GLN B 504 -3.82 -56.28 13.04
C GLN B 504 -2.70 -55.25 12.95
N GLN B 505 -1.50 -55.68 13.33
CA GLN B 505 -0.33 -54.83 13.30
C GLN B 505 -0.36 -53.93 12.07
N VAL B 506 -0.42 -54.54 10.90
CA VAL B 506 -0.45 -53.78 9.66
C VAL B 506 -1.26 -52.54 9.88
N LEU B 507 -2.57 -52.70 9.87
CA LEU B 507 -3.45 -51.58 10.08
C LEU B 507 -2.87 -50.73 11.17
N SER B 508 -2.85 -51.31 12.37
CA SER B 508 -2.35 -50.62 13.55
C SER B 508 -1.27 -49.61 13.17
N LEU B 509 -0.21 -50.09 12.53
CA LEU B 509 0.88 -49.20 12.13
C LEU B 509 0.36 -48.11 11.24
N ALA B 510 -0.27 -48.50 10.15
CA ALA B 510 -0.83 -47.56 9.20
C ALA B 510 -2.09 -46.91 9.74
N THR B 511 -2.25 -46.92 11.06
CA THR B 511 -3.43 -46.33 11.69
C THR B 511 -3.09 -45.11 12.53
N GLN B 512 -2.19 -45.27 13.47
CA GLN B 512 -1.84 -44.15 14.33
C GLN B 512 -0.35 -43.91 14.34
N ASP B 513 0.42 -44.95 14.08
CA ASP B 513 1.88 -44.82 14.08
C ASP B 513 2.36 -44.26 12.73
N SER B 514 1.41 -43.91 11.86
CA SER B 514 1.70 -43.36 10.53
C SER B 514 1.16 -41.94 10.38
N ASP B 515 1.77 -41.14 9.50
CA ASP B 515 1.34 -39.75 9.29
C ASP B 515 1.20 -39.34 7.84
N ASN B 516 0.41 -40.12 7.11
CA ASN B 516 0.17 -39.86 5.72
C ASN B 516 -1.32 -39.97 5.47
N PRO B 517 -2.02 -38.84 5.57
CA PRO B 517 -3.45 -38.73 5.38
C PRO B 517 -4.01 -39.86 4.56
N ASP B 518 -3.80 -39.81 3.25
CA ASP B 518 -4.33 -40.85 2.38
C ASP B 518 -4.25 -42.18 3.06
N LEU B 519 -3.01 -42.57 3.35
CA LEU B 519 -2.76 -43.82 4.02
C LEU B 519 -3.77 -44.01 5.16
N ARG B 520 -3.70 -43.16 6.17
CA ARG B 520 -4.62 -43.25 7.32
C ARG B 520 -5.98 -43.76 6.85
N ASP B 521 -6.49 -43.15 5.78
CA ASP B 521 -7.78 -43.51 5.24
C ASP B 521 -7.90 -44.92 4.74
N ARG B 522 -7.43 -45.15 3.51
CA ARG B 522 -7.56 -46.47 2.93
C ARG B 522 -7.33 -47.39 4.10
N GLY B 523 -6.42 -46.98 4.97
CA GLY B 523 -6.18 -47.77 6.17
C GLY B 523 -7.47 -47.92 6.95
N TYR B 524 -7.87 -46.88 7.69
CA TYR B 524 -9.08 -46.95 8.48
C TYR B 524 -10.19 -47.65 7.72
N ILE B 525 -10.50 -47.15 6.54
CA ILE B 525 -11.53 -47.75 5.69
C ILE B 525 -11.57 -49.25 5.94
N TYR B 526 -10.48 -49.93 5.63
CA TYR B 526 -10.42 -51.35 5.84
C TYR B 526 -10.75 -51.68 7.33
N TRP B 527 -10.05 -51.05 8.27
CA TRP B 527 -10.29 -51.30 9.71
C TRP B 527 -11.76 -51.32 10.09
N ARG B 528 -12.58 -50.64 9.32
CA ARG B 528 -14.00 -50.61 9.60
C ARG B 528 -14.69 -51.70 8.83
N LEU B 529 -14.27 -51.90 7.58
CA LEU B 529 -14.87 -52.93 6.78
C LEU B 529 -14.81 -54.28 7.51
N LEU B 530 -13.70 -54.51 8.17
CA LEU B 530 -13.49 -55.77 8.89
C LEU B 530 -14.10 -55.81 10.29
N SER B 531 -13.88 -54.74 11.04
CA SER B 531 -14.40 -54.65 12.40
C SER B 531 -15.92 -54.78 12.40
N THR B 532 -16.50 -54.84 11.20
CA THR B 532 -17.94 -54.97 11.00
C THR B 532 -18.42 -56.31 10.40
N ASP B 533 -18.01 -56.62 9.16
CA ASP B 533 -18.39 -57.88 8.48
C ASP B 533 -17.41 -58.65 7.58
N PRO B 534 -16.52 -59.44 8.17
CA PRO B 534 -15.58 -60.20 7.34
C PRO B 534 -16.17 -60.70 6.02
N VAL B 535 -17.13 -61.65 6.08
CA VAL B 535 -17.75 -62.18 4.85
C VAL B 535 -17.86 -61.07 3.80
N ALA B 536 -18.52 -59.98 4.19
CA ALA B 536 -18.74 -58.82 3.33
C ALA B 536 -17.42 -58.37 2.71
N ALA B 537 -16.52 -57.91 3.57
CA ALA B 537 -15.22 -57.46 3.15
C ALA B 537 -14.69 -58.41 2.09
N LYS B 538 -14.59 -59.69 2.47
CA LYS B 538 -14.08 -60.72 1.57
C LYS B 538 -14.49 -60.43 0.15
N GLU B 539 -15.76 -60.66 -0.18
CA GLU B 539 -16.21 -60.41 -1.55
C GLU B 539 -15.74 -59.04 -2.05
N VAL B 540 -15.98 -58.02 -1.22
CA VAL B 540 -15.59 -56.65 -1.55
C VAL B 540 -14.20 -56.51 -2.14
N VAL B 541 -13.21 -56.57 -1.25
CA VAL B 541 -11.82 -56.41 -1.61
C VAL B 541 -11.31 -57.27 -2.73
N LEU B 542 -11.37 -58.58 -2.56
CA LEU B 542 -10.90 -59.47 -3.61
C LEU B 542 -12.01 -59.66 -4.57
N ALA B 543 -12.63 -58.57 -4.99
CA ALA B 543 -13.73 -58.72 -5.92
C ALA B 543 -13.24 -58.92 -7.35
N GLU B 544 -14.12 -59.45 -8.18
CA GLU B 544 -13.87 -59.70 -9.57
C GLU B 544 -13.28 -58.35 -10.04
N LYS B 545 -12.02 -58.40 -10.50
CA LYS B 545 -11.25 -57.22 -10.96
C LYS B 545 -11.19 -57.14 -12.48
N PRO B 546 -11.75 -56.04 -13.04
CA PRO B 546 -11.96 -55.54 -14.39
C PRO B 546 -10.78 -55.73 -15.26
N LEU B 547 -10.83 -55.32 -16.51
CA LEU B 547 -9.70 -55.52 -17.39
C LEU B 547 -8.96 -54.21 -17.48
N ILE B 548 -7.70 -54.22 -17.93
CA ILE B 548 -6.92 -52.97 -18.00
C ILE B 548 -6.92 -52.31 -19.39
N SER B 549 -6.67 -51.00 -19.42
CA SER B 549 -6.70 -50.22 -20.65
C SER B 549 -5.65 -49.10 -20.85
N GLU B 550 -4.58 -49.38 -21.61
CA GLU B 550 -3.56 -48.36 -21.90
C GLU B 550 -3.42 -48.26 -23.43
N GLU B 551 -4.57 -48.03 -24.03
CA GLU B 551 -4.74 -47.83 -25.46
C GLU B 551 -4.45 -46.34 -25.64
N THR B 552 -4.39 -45.64 -24.49
CA THR B 552 -4.12 -44.20 -24.41
C THR B 552 -2.80 -43.94 -25.18
N ASP B 553 -2.08 -45.01 -25.56
CA ASP B 553 -0.78 -44.90 -26.27
C ASP B 553 -0.70 -45.51 -27.71
N LEU B 554 0.22 -44.97 -28.52
CA LEU B 554 0.45 -45.35 -29.93
C LEU B 554 -0.41 -44.46 -30.87
N ILE B 555 0.04 -43.19 -30.98
CA ILE B 555 -0.51 -42.02 -31.75
C ILE B 555 -1.96 -41.95 -32.18
N GLU B 556 -2.42 -40.73 -32.49
CA GLU B 556 -3.80 -40.51 -32.92
C GLU B 556 -4.01 -40.34 -34.41
N PRO B 557 -5.29 -40.25 -34.84
CA PRO B 557 -5.65 -40.09 -36.24
C PRO B 557 -5.45 -38.67 -36.78
N THR B 558 -6.35 -37.75 -36.40
CA THR B 558 -6.29 -36.35 -36.86
C THR B 558 -4.89 -35.77 -36.73
N LEU B 559 -4.31 -35.97 -35.55
CA LEU B 559 -2.98 -35.47 -35.27
C LEU B 559 -1.93 -36.09 -36.21
N LEU B 560 -1.91 -37.43 -36.32
CA LEU B 560 -0.95 -38.11 -37.20
C LEU B 560 -0.80 -37.48 -38.58
N ASP B 561 -1.90 -37.45 -39.32
CA ASP B 561 -1.91 -36.89 -40.67
C ASP B 561 -1.22 -35.52 -40.68
N GLU B 562 -1.71 -34.62 -39.83
CA GLU B 562 -1.17 -33.27 -39.71
C GLU B 562 0.35 -33.15 -39.53
N LEU B 563 0.92 -34.00 -38.68
CA LEU B 563 2.36 -33.96 -38.40
C LEU B 563 3.23 -34.31 -39.56
N ILE B 564 3.01 -35.48 -40.11
CA ILE B 564 3.80 -35.94 -41.24
C ILE B 564 4.31 -34.75 -42.10
N CYS B 565 3.53 -33.68 -42.17
CA CYS B 565 3.90 -32.49 -42.95
C CYS B 565 5.27 -31.91 -42.55
N TYR B 566 5.49 -31.81 -41.25
CA TYR B 566 6.71 -31.23 -40.69
C TYR B 566 7.89 -32.16 -40.50
N ILE B 567 8.08 -33.14 -41.36
CA ILE B 567 9.23 -33.99 -41.13
C ILE B 567 10.49 -33.15 -41.26
N GLY B 568 11.54 -33.52 -40.52
CA GLY B 568 12.78 -32.78 -40.54
C GLY B 568 12.63 -31.49 -39.76
N THR B 569 11.54 -31.45 -39.00
CA THR B 569 11.14 -30.32 -38.17
C THR B 569 11.30 -30.63 -36.70
N LEU B 570 11.31 -29.58 -35.88
CA LEU B 570 11.43 -29.78 -34.45
C LEU B 570 10.26 -30.66 -34.09
N ALA B 571 9.09 -30.21 -34.50
CA ALA B 571 7.89 -30.95 -34.23
C ALA B 571 8.18 -32.36 -34.71
N SER B 572 8.88 -32.44 -35.83
CA SER B 572 9.22 -33.73 -36.41
C SER B 572 9.85 -34.62 -35.35
N VAL B 573 10.33 -34.02 -34.27
CA VAL B 573 10.94 -34.83 -33.23
C VAL B 573 10.12 -34.96 -31.96
N TYR B 574 9.55 -33.86 -31.48
CA TYR B 574 8.74 -33.93 -30.28
C TYR B 574 7.48 -34.72 -30.57
N HIS B 575 7.06 -34.70 -31.84
CA HIS B 575 5.84 -35.36 -32.25
C HIS B 575 4.74 -34.48 -31.71
N LYS B 576 4.96 -33.17 -31.74
CA LYS B 576 3.96 -32.29 -31.24
C LYS B 576 3.73 -31.08 -32.14
N PRO B 577 2.66 -30.34 -31.88
CA PRO B 577 2.25 -29.15 -32.63
C PRO B 577 2.96 -27.83 -32.40
N PRO B 578 3.17 -27.11 -33.49
CA PRO B 578 3.83 -25.83 -33.39
C PRO B 578 3.25 -24.97 -32.25
N ASN B 579 2.06 -25.32 -31.76
CA ASN B 579 1.44 -24.59 -30.65
C ASN B 579 2.23 -24.62 -29.33
N ALA B 580 3.03 -25.67 -29.14
CA ALA B 580 3.83 -25.80 -27.92
C ALA B 580 5.15 -25.06 -28.08
N PHE B 581 5.62 -24.92 -29.31
CA PHE B 581 6.88 -24.20 -29.50
C PHE B 581 6.75 -22.66 -29.52
N VAL B 582 6.17 -22.14 -30.62
CA VAL B 582 5.89 -20.74 -31.05
C VAL B 582 6.06 -19.49 -30.10
N GLU B 583 5.86 -19.61 -28.80
CA GLU B 583 5.95 -18.44 -27.90
C GLU B 583 6.91 -17.30 -28.27
N GLY B 584 6.55 -16.51 -29.16
N MET C 6 17.76 10.79 -78.36
CA MET C 6 18.61 11.05 -79.61
C MET C 6 19.39 12.39 -79.40
N PRO C 7 20.45 12.47 -78.49
CA PRO C 7 21.27 13.64 -78.11
C PRO C 7 21.98 14.52 -79.18
N ALA C 8 22.73 15.56 -78.78
CA ALA C 8 23.47 16.44 -79.70
C ALA C 8 24.76 16.89 -78.99
N PRO C 9 25.46 15.97 -78.30
CA PRO C 9 26.67 16.10 -77.50
C PRO C 9 27.61 17.23 -77.64
N ILE C 10 27.86 17.95 -76.55
CA ILE C 10 28.76 19.08 -76.64
C ILE C 10 30.18 18.59 -76.90
N ARG C 11 31.03 19.48 -77.40
CA ARG C 11 32.41 19.11 -77.68
C ARG C 11 33.29 19.75 -76.60
N LEU C 12 34.39 19.10 -76.23
CA LEU C 12 35.26 19.61 -75.16
C LEU C 12 35.36 21.11 -75.09
N ARG C 13 36.27 21.65 -75.88
CA ARG C 13 36.47 23.07 -75.88
C ARG C 13 35.13 23.76 -75.70
N GLU C 14 34.26 23.55 -76.66
CA GLU C 14 32.92 24.10 -76.61
C GLU C 14 32.51 24.23 -75.14
N LEU C 15 32.58 23.11 -74.42
CA LEU C 15 32.22 23.10 -73.02
C LEU C 15 32.91 24.23 -72.30
N ILE C 16 34.21 24.06 -72.10
CA ILE C 16 34.99 25.08 -71.41
C ILE C 16 34.49 26.46 -71.77
N ARG C 17 34.69 26.80 -73.04
CA ARG C 17 34.29 28.08 -73.58
C ARG C 17 32.95 28.48 -72.99
N THR C 18 32.13 27.49 -72.64
CA THR C 18 30.81 27.75 -72.05
C THR C 18 31.00 28.18 -70.60
N ILE C 19 31.88 27.50 -69.87
CA ILE C 19 32.10 27.86 -68.48
C ILE C 19 32.78 29.22 -68.40
N ARG C 20 33.28 29.69 -69.52
CA ARG C 20 33.92 30.98 -69.56
C ARG C 20 32.84 32.04 -69.47
N THR C 21 31.66 31.70 -69.96
CA THR C 21 30.54 32.63 -69.93
C THR C 21 30.09 32.81 -68.49
N ALA C 22 30.37 31.81 -67.66
CA ALA C 22 29.96 31.84 -66.25
C ALA C 22 30.08 33.20 -65.57
N ARG C 23 28.98 33.63 -64.96
CA ARG C 23 28.93 34.92 -64.26
C ARG C 23 28.83 34.73 -62.76
N THR C 24 28.41 33.55 -62.32
CA THR C 24 28.29 33.31 -60.89
C THR C 24 28.66 31.91 -60.49
N GLN C 25 29.48 31.80 -59.45
CA GLN C 25 29.92 30.52 -58.94
C GLN C 25 28.74 29.58 -58.87
N ALA C 26 27.61 30.10 -58.40
CA ALA C 26 26.41 29.31 -58.31
C ALA C 26 26.17 28.73 -59.71
N GLU C 27 26.12 29.63 -60.68
CA GLU C 27 25.89 29.24 -62.06
C GLU C 27 26.83 28.12 -62.50
N GLU C 28 28.11 28.30 -62.26
CA GLU C 28 29.09 27.31 -62.61
C GLU C 28 28.51 25.94 -62.24
N ARG C 29 28.20 25.77 -60.96
CA ARG C 29 27.62 24.51 -60.50
C ARG C 29 26.58 24.13 -61.54
N GLU C 30 25.52 24.93 -61.57
CA GLU C 30 24.45 24.74 -62.51
C GLU C 30 25.00 24.09 -63.76
N MET C 31 25.59 24.90 -64.64
CA MET C 31 26.17 24.42 -65.88
C MET C 31 26.80 23.05 -65.70
N ILE C 32 27.83 23.00 -64.89
CA ILE C 32 28.50 21.74 -64.65
C ILE C 32 27.51 20.65 -64.34
N GLN C 33 26.83 20.79 -63.21
CA GLN C 33 25.83 19.81 -62.79
C GLN C 33 24.92 19.37 -63.93
N LYS C 34 24.48 20.34 -64.72
CA LYS C 34 23.59 20.07 -65.86
C LYS C 34 24.34 19.27 -66.92
N GLU C 35 25.63 19.55 -67.04
CA GLU C 35 26.45 18.86 -68.02
C GLU C 35 26.64 17.40 -67.65
N CYS C 36 27.51 17.15 -66.68
CA CYS C 36 27.78 15.79 -66.25
C CYS C 36 26.48 15.01 -66.12
N ALA C 37 25.42 15.70 -65.74
CA ALA C 37 24.13 15.04 -65.60
C ALA C 37 23.76 14.39 -66.94
N ALA C 38 23.75 15.21 -67.99
CA ALA C 38 23.42 14.74 -69.34
C ALA C 38 24.49 13.75 -69.82
N ILE C 39 25.70 13.95 -69.34
CA ILE C 39 26.80 13.10 -69.71
C ILE C 39 26.64 11.73 -69.09
N ARG C 40 26.22 11.70 -67.82
CA ARG C 40 26.01 10.43 -67.17
C ARG C 40 25.01 9.66 -68.03
N SER C 41 23.84 10.26 -68.23
CA SER C 41 22.76 9.65 -69.02
C SER C 41 23.25 9.25 -70.43
N SER C 42 24.47 9.65 -70.76
CA SER C 42 25.09 9.30 -72.05
C SER C 42 25.88 8.00 -71.92
N PHE C 43 26.30 7.69 -70.69
CA PHE C 43 27.06 6.48 -70.41
C PHE C 43 26.14 5.33 -70.10
N ARG C 44 24.91 5.68 -69.69
CA ARG C 44 23.90 4.68 -69.35
C ARG C 44 23.94 3.68 -70.50
N GLU C 45 23.98 4.25 -71.70
CA GLU C 45 23.97 3.48 -72.92
C GLU C 45 25.30 2.87 -73.34
N GLU C 46 26.41 3.32 -72.75
CA GLU C 46 27.74 2.80 -73.09
C GLU C 46 28.00 2.81 -74.59
N ASP C 47 27.82 3.97 -75.21
CA ASP C 47 28.00 4.13 -76.64
C ASP C 47 29.42 4.49 -76.99
N ASN C 48 30.07 3.54 -77.64
CA ASN C 48 31.47 3.61 -78.05
C ASN C 48 31.92 4.94 -78.64
N THR C 49 31.03 5.61 -79.36
CA THR C 49 31.37 6.90 -79.96
C THR C 49 30.98 7.99 -79.00
N TYR C 50 31.81 9.04 -78.95
CA TYR C 50 31.62 10.18 -78.05
C TYR C 50 32.25 9.82 -76.71
N ARG C 51 32.41 8.52 -76.50
CA ARG C 51 32.99 8.02 -75.26
C ARG C 51 34.20 8.88 -74.93
N CYS C 52 35.19 8.87 -75.80
CA CYS C 52 36.40 9.68 -75.61
C CYS C 52 36.08 11.11 -75.16
N ARG C 53 35.32 11.82 -75.99
CA ARG C 53 34.97 13.21 -75.70
C ARG C 53 34.69 13.45 -74.24
N ASN C 54 33.51 13.05 -73.80
CA ASN C 54 33.14 13.23 -72.42
C ASN C 54 34.30 12.99 -71.46
N VAL C 55 34.86 11.79 -71.47
CA VAL C 55 35.98 11.50 -70.57
C VAL C 55 36.83 12.75 -70.46
N ALA C 56 37.12 13.38 -71.59
CA ALA C 56 37.90 14.60 -71.55
C ALA C 56 37.13 15.58 -70.73
N LYS C 57 36.02 16.04 -71.31
CA LYS C 57 35.15 16.99 -70.64
C LYS C 57 35.36 16.76 -69.16
N LEU C 58 35.14 15.52 -68.74
CA LEU C 58 35.32 15.18 -67.35
C LEU C 58 36.67 15.69 -66.90
N LEU C 59 37.74 15.07 -67.38
CA LEU C 59 39.08 15.48 -67.02
C LEU C 59 39.12 16.94 -66.65
N TYR C 60 38.75 17.78 -67.59
CA TYR C 60 38.72 19.21 -67.35
C TYR C 60 37.95 19.39 -66.06
N MET C 61 36.64 19.11 -66.14
CA MET C 61 35.75 19.22 -64.99
C MET C 61 36.58 19.00 -63.74
N HIS C 62 37.15 17.80 -63.65
CA HIS C 62 37.99 17.46 -62.52
C HIS C 62 38.89 18.64 -62.30
N MET C 63 39.93 18.73 -63.12
CA MET C 63 40.94 19.78 -63.05
C MET C 63 40.44 21.02 -62.34
N LEU C 64 39.15 21.32 -62.48
CA LEU C 64 38.65 22.48 -61.79
C LEU C 64 38.05 22.09 -60.44
N GLY C 65 38.50 20.97 -59.90
CA GLY C 65 38.04 20.49 -58.61
C GLY C 65 36.58 20.12 -58.52
N TYR C 66 36.15 19.11 -59.25
CA TYR C 66 34.75 18.70 -59.20
C TYR C 66 34.52 17.19 -59.01
N PRO C 67 33.25 16.76 -58.97
CA PRO C 67 32.92 15.34 -58.80
C PRO C 67 33.59 14.51 -59.89
N ALA C 68 34.67 13.82 -59.56
CA ALA C 68 35.45 13.03 -60.54
C ALA C 68 35.18 11.52 -60.74
N HIS C 69 35.25 10.77 -59.64
CA HIS C 69 35.03 9.33 -59.59
C HIS C 69 34.09 8.76 -60.66
N PHE C 70 32.98 9.48 -60.82
CA PHE C 70 31.92 9.17 -61.75
C PHE C 70 32.29 8.15 -62.80
N GLY C 71 33.27 8.49 -63.64
CA GLY C 71 33.64 7.60 -64.72
C GLY C 71 34.99 6.92 -64.76
N GLN C 72 35.62 6.79 -63.61
CA GLN C 72 36.90 6.12 -63.57
C GLN C 72 36.86 4.92 -64.53
N LEU C 73 35.96 3.99 -64.22
CA LEU C 73 35.75 2.77 -65.00
C LEU C 73 35.84 2.98 -66.50
N GLU C 74 34.71 3.43 -67.03
CA GLU C 74 34.50 3.73 -68.42
C GLU C 74 35.74 4.29 -69.07
N CYS C 75 36.50 5.01 -68.26
CA CYS C 75 37.75 5.58 -68.72
C CYS C 75 38.48 4.37 -69.29
N LEU C 76 38.61 3.34 -68.46
CA LEU C 76 39.27 2.15 -68.94
C LEU C 76 38.62 1.63 -70.21
N LYS C 77 37.29 1.60 -70.27
CA LYS C 77 36.59 1.11 -71.48
C LYS C 77 37.05 1.81 -72.74
N LEU C 78 37.82 2.87 -72.57
CA LEU C 78 38.36 3.57 -73.71
C LEU C 78 39.58 2.76 -74.05
N ILE C 79 40.48 2.67 -73.07
CA ILE C 79 41.71 1.92 -73.27
C ILE C 79 41.40 0.74 -74.12
N ALA C 80 40.25 0.14 -73.83
CA ALA C 80 39.80 -1.03 -74.56
C ALA C 80 39.78 -0.76 -76.05
N SER C 81 38.88 0.15 -76.46
CA SER C 81 38.68 0.51 -77.86
C SER C 81 39.86 0.26 -78.79
N GLN C 82 39.54 0.08 -80.06
CA GLN C 82 40.56 -0.18 -81.04
C GLN C 82 41.30 1.10 -81.45
N LYS C 83 40.57 2.07 -81.96
CA LYS C 83 41.14 3.35 -82.41
C LYS C 83 42.11 4.05 -81.44
N PHE C 84 43.35 4.22 -81.89
CA PHE C 84 44.40 4.88 -81.11
C PHE C 84 43.85 5.94 -80.17
N THR C 85 43.37 7.02 -80.75
CA THR C 85 42.83 8.13 -79.97
C THR C 85 42.24 7.68 -78.64
N ASP C 86 41.07 7.08 -78.70
CA ASP C 86 40.39 6.60 -77.51
C ASP C 86 41.39 6.08 -76.50
N LYS C 87 42.40 5.37 -76.99
CA LYS C 87 43.41 4.83 -76.10
C LYS C 87 44.24 5.92 -75.42
N ARG C 88 44.75 6.89 -76.18
CA ARG C 88 45.56 7.91 -75.52
C ARG C 88 44.71 8.74 -74.56
N ILE C 89 43.62 9.33 -75.06
CA ILE C 89 42.77 10.11 -74.17
C ILE C 89 42.58 9.24 -72.95
N GLY C 90 42.13 8.02 -73.20
CA GLY C 90 41.91 7.09 -72.11
C GLY C 90 43.09 7.12 -71.17
N TYR C 91 44.12 6.36 -71.49
CA TYR C 91 45.31 6.27 -70.65
C TYR C 91 45.51 7.51 -69.82
N LEU C 92 45.57 8.65 -70.47
CA LEU C 92 45.75 9.88 -69.74
C LEU C 92 44.80 9.90 -68.57
N GLY C 93 43.52 9.73 -68.89
CA GLY C 93 42.51 9.73 -67.86
C GLY C 93 42.85 8.81 -66.72
N ALA C 94 43.45 7.67 -67.03
CA ALA C 94 43.79 6.73 -65.99
C ALA C 94 44.68 7.42 -64.98
N MET C 95 45.90 7.72 -65.41
CA MET C 95 46.87 8.38 -64.54
C MET C 95 46.28 9.46 -63.65
N LEU C 96 45.20 10.06 -64.10
CA LEU C 96 44.57 11.12 -63.31
C LEU C 96 43.51 10.65 -62.32
N LEU C 97 42.54 9.90 -62.82
CA LEU C 97 41.40 9.45 -62.03
C LEU C 97 41.45 8.17 -61.24
N LEU C 98 42.56 7.45 -61.29
CA LEU C 98 42.62 6.17 -60.59
C LEU C 98 43.05 6.11 -59.13
N ASP C 99 42.32 5.27 -58.38
CA ASP C 99 42.57 4.95 -56.98
C ASP C 99 43.30 3.62 -57.17
N GLU C 100 44.16 3.21 -56.24
CA GLU C 100 44.90 1.98 -56.51
C GLU C 100 44.21 0.67 -56.21
N ARG C 101 43.11 0.44 -56.91
CA ARG C 101 42.39 -0.81 -56.76
C ARG C 101 43.07 -1.87 -57.60
N GLN C 102 43.55 -2.91 -56.93
CA GLN C 102 44.22 -4.02 -57.59
C GLN C 102 43.32 -4.67 -58.62
N ASP C 103 42.03 -4.57 -58.40
CA ASP C 103 41.02 -5.13 -59.29
C ASP C 103 41.16 -4.54 -60.70
N VAL C 104 40.96 -3.23 -60.79
CA VAL C 104 41.06 -2.55 -62.07
C VAL C 104 42.50 -2.76 -62.45
N HIS C 105 43.35 -2.62 -61.46
CA HIS C 105 44.77 -2.78 -61.59
C HIS C 105 45.06 -3.99 -62.47
N LEU C 106 44.32 -5.08 -62.26
CA LEU C 106 44.51 -6.28 -63.07
C LEU C 106 43.94 -5.98 -64.47
N LEU C 107 42.71 -5.45 -64.54
CA LEU C 107 42.12 -5.11 -65.84
C LEU C 107 43.11 -4.22 -66.59
N MET C 108 43.74 -3.33 -65.83
CA MET C 108 44.73 -2.43 -66.37
C MET C 108 45.77 -3.36 -66.95
N THR C 109 46.46 -4.07 -66.06
CA THR C 109 47.50 -5.01 -66.44
C THR C 109 47.12 -5.61 -67.79
N ASN C 110 45.96 -6.23 -67.83
CA ASN C 110 45.46 -6.85 -69.05
C ASN C 110 45.72 -5.93 -70.25
N CYS C 111 44.90 -4.90 -70.39
CA CYS C 111 45.03 -3.97 -71.50
C CYS C 111 46.43 -3.50 -71.76
N ILE C 112 47.23 -3.36 -70.71
CA ILE C 112 48.60 -2.94 -70.91
C ILE C 112 49.25 -3.94 -71.83
N LYS C 113 49.31 -5.19 -71.38
CA LYS C 113 49.92 -6.25 -72.17
C LYS C 113 49.34 -6.23 -73.58
N ASN C 114 48.05 -6.48 -73.67
CA ASN C 114 47.36 -6.50 -74.96
C ASN C 114 47.83 -5.38 -75.86
N ASP C 115 48.13 -4.23 -75.26
CA ASP C 115 48.60 -3.10 -76.03
C ASP C 115 50.09 -3.15 -76.21
N LEU C 116 50.81 -3.60 -75.19
CA LEU C 116 52.25 -3.69 -75.28
C LEU C 116 52.71 -4.48 -76.48
N ASN C 117 51.86 -5.37 -76.96
CA ASN C 117 52.20 -6.16 -78.13
C ASN C 117 51.22 -5.74 -79.22
N HIS C 118 51.52 -4.63 -79.88
CA HIS C 118 50.67 -4.10 -80.94
C HIS C 118 51.46 -3.87 -82.21
N SER C 119 50.74 -3.89 -83.33
CA SER C 119 51.36 -3.69 -84.63
C SER C 119 51.95 -2.28 -84.71
N THR C 120 51.14 -1.28 -84.36
CA THR C 120 51.61 0.09 -84.39
C THR C 120 52.66 0.25 -83.31
N GLN C 121 53.07 1.47 -83.00
CA GLN C 121 54.10 1.64 -81.98
C GLN C 121 53.78 2.64 -80.90
N PHE C 122 53.34 3.83 -81.29
CA PHE C 122 53.01 4.86 -80.31
C PHE C 122 52.02 4.31 -79.31
N VAL C 123 51.29 3.29 -79.72
CA VAL C 123 50.32 2.67 -78.84
C VAL C 123 51.22 2.25 -77.71
N GLN C 124 52.09 1.31 -78.04
CA GLN C 124 53.06 0.78 -77.10
C GLN C 124 53.58 1.91 -76.24
N GLY C 125 53.73 3.07 -76.84
CA GLY C 125 54.20 4.21 -76.08
C GLY C 125 53.29 4.37 -74.88
N LEU C 126 52.08 4.85 -75.14
CA LEU C 126 51.13 5.04 -74.07
C LEU C 126 51.31 3.99 -73.00
N ALA C 127 51.19 2.73 -73.39
CA ALA C 127 51.33 1.66 -72.44
C ALA C 127 52.52 1.93 -71.54
N LEU C 128 53.71 1.60 -72.03
CA LEU C 128 54.94 1.79 -71.27
C LEU C 128 54.75 2.93 -70.31
N CYS C 129 54.78 4.13 -70.88
CA CYS C 129 54.60 5.36 -70.15
C CYS C 129 53.69 5.11 -68.95
N THR C 130 52.40 4.97 -69.23
CA THR C 130 51.42 4.73 -68.20
C THR C 130 51.92 3.78 -67.14
N LEU C 131 52.45 2.66 -67.58
CA LEU C 131 52.92 1.68 -66.62
C LEU C 131 54.02 2.19 -65.72
N GLY C 132 54.85 3.09 -66.21
CA GLY C 132 55.91 3.58 -65.36
C GLY C 132 55.42 4.63 -64.39
N CYS C 133 54.16 5.02 -64.55
CA CYS C 133 53.58 6.04 -63.69
C CYS C 133 52.58 5.51 -62.68
N MET C 134 52.10 4.29 -62.90
CA MET C 134 51.13 3.69 -62.01
C MET C 134 51.71 2.47 -61.39
N GLY C 135 52.33 1.66 -62.24
CA GLY C 135 52.94 0.43 -61.81
C GLY C 135 52.90 0.20 -60.31
N SER C 136 51.97 -0.64 -59.88
CA SER C 136 51.92 -0.94 -58.47
C SER C 136 52.58 -2.31 -58.41
N SER C 137 53.18 -2.59 -57.28
CA SER C 137 53.85 -3.86 -57.08
C SER C 137 53.31 -4.93 -58.05
N GLU C 138 52.28 -5.64 -57.63
CA GLU C 138 51.67 -6.70 -58.42
C GLU C 138 51.81 -6.52 -59.93
N MET C 139 51.50 -5.33 -60.41
CA MET C 139 51.60 -5.01 -61.83
C MET C 139 52.95 -5.46 -62.33
N CYS C 140 53.94 -4.67 -61.95
CA CYS C 140 55.31 -4.90 -62.30
C CYS C 140 55.61 -6.38 -62.18
N ARG C 141 55.34 -6.93 -61.00
CA ARG C 141 55.60 -8.34 -60.79
C ARG C 141 55.07 -9.14 -61.98
N ASP C 142 54.05 -8.60 -62.66
CA ASP C 142 53.52 -9.28 -63.83
C ASP C 142 54.31 -8.90 -65.08
N LEU C 143 53.95 -7.76 -65.67
CA LEU C 143 54.57 -7.25 -66.89
C LEU C 143 56.07 -7.20 -66.90
N ALA C 144 56.66 -7.28 -65.71
CA ALA C 144 58.10 -7.23 -65.58
C ALA C 144 58.81 -7.76 -66.80
N GLY C 145 58.82 -9.08 -66.95
CA GLY C 145 59.48 -9.66 -68.10
C GLY C 145 59.10 -8.96 -69.40
N GLU C 146 57.81 -8.84 -69.65
CA GLU C 146 57.34 -8.20 -70.85
C GLU C 146 58.20 -6.99 -71.10
N VAL C 147 58.55 -6.30 -70.02
CA VAL C 147 59.40 -5.13 -70.16
C VAL C 147 60.72 -5.54 -70.80
N GLU C 148 61.32 -6.66 -70.38
CA GLU C 148 62.58 -7.02 -71.01
C GLU C 148 62.41 -7.31 -72.48
N LYS C 149 61.50 -8.24 -72.80
CA LYS C 149 61.26 -8.59 -74.19
C LYS C 149 61.26 -7.33 -75.05
N LEU C 150 60.67 -6.27 -74.52
CA LEU C 150 60.58 -5.00 -75.22
C LEU C 150 61.86 -4.20 -75.10
N LEU C 151 62.49 -4.29 -73.94
CA LEU C 151 63.72 -3.57 -73.70
C LEU C 151 64.70 -3.85 -74.83
N LYS C 152 64.72 -5.09 -75.28
CA LYS C 152 65.66 -5.48 -76.33
C LYS C 152 65.55 -4.79 -77.68
N THR C 153 64.47 -5.05 -78.43
CA THR C 153 64.29 -4.46 -79.76
C THR C 153 64.72 -3.03 -79.91
N SER C 154 65.75 -2.87 -80.75
CA SER C 154 66.31 -1.56 -80.98
C SER C 154 65.48 -0.67 -81.88
N ASN C 155 64.61 0.08 -81.21
CA ASN C 155 63.79 1.08 -81.84
C ASN C 155 63.95 2.14 -80.77
N SER C 156 65.10 2.80 -80.81
CA SER C 156 65.42 3.84 -79.85
C SER C 156 64.18 4.33 -79.07
N TYR C 157 63.20 4.94 -79.76
CA TYR C 157 61.99 5.44 -79.11
C TYR C 157 61.60 4.50 -77.99
N LEU C 158 61.17 3.31 -78.37
CA LEU C 158 60.76 2.37 -77.37
C LEU C 158 61.80 2.12 -76.30
N ARG C 159 62.93 1.55 -76.68
CA ARG C 159 63.96 1.22 -75.70
C ARG C 159 64.00 2.21 -74.54
N LYS C 160 64.30 3.46 -74.82
CA LYS C 160 64.36 4.43 -73.73
C LYS C 160 63.15 4.26 -72.82
N LYS C 161 61.96 4.35 -73.40
CA LYS C 161 60.75 4.20 -72.60
C LYS C 161 60.92 2.98 -71.69
N ALA C 162 61.12 1.83 -72.29
CA ALA C 162 61.30 0.60 -71.53
C ALA C 162 62.20 0.82 -70.33
N ALA C 163 63.46 1.12 -70.64
CA ALA C 163 64.46 1.36 -69.62
C ALA C 163 63.77 1.89 -68.39
N LEU C 164 63.35 3.13 -68.47
CA LEU C 164 62.69 3.75 -67.34
C LEU C 164 61.66 2.85 -66.70
N CYS C 165 60.80 2.25 -67.50
CA CYS C 165 59.81 1.35 -66.93
C CYS C 165 60.49 0.45 -65.92
N ALA C 166 61.30 -0.46 -66.43
CA ALA C 166 62.03 -1.40 -65.58
C ALA C 166 62.40 -0.71 -64.29
N VAL C 167 62.96 0.47 -64.43
CA VAL C 167 63.35 1.27 -63.29
C VAL C 167 62.20 1.22 -62.32
N HIS C 168 61.22 2.05 -62.62
CA HIS C 168 60.04 2.15 -61.81
C HIS C 168 59.75 0.79 -61.19
N VAL C 169 59.75 -0.25 -62.01
CA VAL C 169 59.49 -1.58 -61.49
C VAL C 169 60.37 -1.82 -60.28
N ILE C 170 61.68 -1.78 -60.48
CA ILE C 170 62.60 -1.98 -59.38
C ILE C 170 62.12 -1.26 -58.14
N ARG C 171 61.94 0.05 -58.28
CA ARG C 171 61.49 0.87 -57.18
C ARG C 171 60.31 0.29 -56.42
N LYS C 172 59.38 -0.33 -57.14
CA LYS C 172 58.20 -0.91 -56.50
C LYS C 172 58.37 -2.38 -56.17
N VAL C 173 59.41 -2.99 -56.73
CA VAL C 173 59.64 -4.41 -56.51
C VAL C 173 61.13 -4.73 -56.53
N PRO C 174 61.88 -4.18 -55.57
CA PRO C 174 63.33 -4.36 -55.42
C PRO C 174 63.81 -5.72 -55.88
N GLU C 175 63.03 -6.72 -55.55
CA GLU C 175 63.36 -8.08 -55.89
C GLU C 175 63.74 -8.43 -57.33
N LEU C 176 63.24 -7.70 -58.31
CA LEU C 176 63.50 -8.11 -59.70
C LEU C 176 64.61 -7.62 -60.65
N MET C 177 65.47 -6.72 -60.20
CA MET C 177 66.49 -6.19 -61.08
C MET C 177 67.38 -7.24 -61.77
N GLU C 178 67.34 -8.45 -61.23
CA GLU C 178 68.14 -9.55 -61.76
C GLU C 178 68.04 -9.61 -63.27
N MET C 179 66.86 -9.98 -63.75
CA MET C 179 66.60 -10.11 -65.18
C MET C 179 67.07 -8.96 -66.07
N PHE C 180 67.60 -7.92 -65.46
CA PHE C 180 68.04 -6.79 -66.26
C PHE C 180 69.53 -6.77 -66.47
N LEU C 181 70.25 -7.55 -65.68
CA LEU C 181 71.67 -7.64 -65.92
C LEU C 181 71.76 -7.78 -67.46
N PRO C 182 71.00 -8.71 -68.07
CA PRO C 182 71.04 -8.89 -69.53
C PRO C 182 71.15 -7.65 -70.43
N ALA C 183 70.31 -6.64 -70.24
CA ALA C 183 70.40 -5.46 -71.09
C ALA C 183 71.69 -4.69 -70.85
N THR C 184 72.13 -4.76 -69.60
CA THR C 184 73.32 -4.07 -69.15
C THR C 184 74.55 -3.91 -70.08
N LYS C 185 75.53 -4.80 -69.99
CA LYS C 185 76.79 -4.69 -70.74
C LYS C 185 76.93 -3.81 -71.99
N ASN C 186 76.09 -4.02 -72.99
CA ASN C 186 76.20 -3.24 -74.20
C ASN C 186 75.78 -1.78 -74.00
N LEU C 187 74.56 -1.55 -73.52
CA LEU C 187 74.02 -0.19 -73.33
C LEU C 187 74.95 1.02 -73.48
N LEU C 188 76.02 1.09 -72.68
CA LEU C 188 76.93 2.23 -72.76
C LEU C 188 77.84 2.24 -73.95
N ASN C 189 77.23 2.30 -75.11
CA ASN C 189 77.99 2.31 -76.33
C ASN C 189 77.04 2.92 -77.32
N GLU C 190 75.76 2.95 -76.94
CA GLU C 190 74.71 3.51 -77.79
C GLU C 190 75.13 4.87 -78.32
N LYS C 191 74.38 5.35 -79.30
CA LYS C 191 74.66 6.61 -79.96
C LYS C 191 73.59 7.68 -79.69
N ASN C 192 72.31 7.30 -79.60
CA ASN C 192 71.28 8.31 -79.35
C ASN C 192 71.23 8.74 -77.91
N HIS C 193 71.45 10.02 -77.69
CA HIS C 193 71.42 10.57 -76.36
C HIS C 193 70.26 9.98 -75.58
N GLY C 194 69.06 10.24 -76.06
CA GLY C 194 67.89 9.73 -75.39
C GLY C 194 68.20 8.48 -74.61
N VAL C 195 68.22 7.36 -75.31
CA VAL C 195 68.51 6.09 -74.66
C VAL C 195 69.59 6.26 -73.65
N LEU C 196 70.80 6.45 -74.15
CA LEU C 196 71.96 6.60 -73.30
C LEU C 196 71.52 7.14 -71.97
N HIS C 197 70.89 8.30 -71.99
CA HIS C 197 70.43 8.91 -70.76
C HIS C 197 69.66 7.90 -69.93
N THR C 198 68.48 7.51 -70.40
CA THR C 198 67.69 6.54 -69.67
C THR C 198 68.66 5.49 -69.19
N SER C 199 69.21 4.76 -70.14
CA SER C 199 70.17 3.72 -69.83
C SER C 199 70.93 4.08 -68.56
N VAL C 200 71.46 5.30 -68.51
CA VAL C 200 72.20 5.71 -67.34
C VAL C 200 71.41 5.56 -66.06
N VAL C 201 70.46 6.45 -65.79
CA VAL C 201 69.70 6.35 -64.54
C VAL C 201 69.34 4.90 -64.28
N LEU C 202 69.00 4.18 -65.34
CA LEU C 202 68.68 2.77 -65.17
C LEU C 202 69.81 2.21 -64.33
N LEU C 203 71.00 2.27 -64.91
CA LEU C 203 72.19 1.79 -64.22
C LEU C 203 72.23 2.42 -62.83
N THR C 204 72.19 3.74 -62.80
CA THR C 204 72.22 4.46 -61.54
C THR C 204 71.38 3.77 -60.48
N GLU C 205 70.06 3.72 -60.72
CA GLU C 205 69.14 3.11 -59.77
C GLU C 205 69.51 1.66 -59.47
N MET C 206 70.00 0.95 -60.48
CA MET C 206 70.38 -0.44 -60.27
C MET C 206 71.34 -0.55 -59.12
N CYS C 207 72.40 0.26 -59.17
CA CYS C 207 73.42 0.24 -58.15
C CYS C 207 72.94 0.63 -56.78
N GLU C 208 72.04 -0.21 -56.25
CA GLU C 208 71.46 -0.07 -54.92
C GLU C 208 71.47 -1.47 -54.31
N ARG C 209 72.50 -2.21 -54.71
CA ARG C 209 72.79 -3.57 -54.29
C ARG C 209 74.27 -3.75 -54.51
N SER C 210 75.01 -3.59 -53.44
CA SER C 210 76.45 -3.70 -53.44
C SER C 210 77.12 -4.52 -54.57
N PRO C 211 76.70 -5.78 -54.78
CA PRO C 211 77.29 -6.64 -55.82
C PRO C 211 77.29 -6.08 -57.26
N ASP C 212 76.12 -5.65 -57.74
CA ASP C 212 76.02 -5.10 -59.08
C ASP C 212 77.11 -4.08 -59.23
N MET C 213 77.33 -3.31 -58.17
CA MET C 213 78.35 -2.29 -58.20
C MET C 213 79.61 -2.80 -58.86
N LEU C 214 80.31 -3.74 -58.21
CA LEU C 214 81.53 -4.27 -58.79
C LEU C 214 81.35 -4.56 -60.28
N ALA C 215 80.19 -5.09 -60.67
CA ALA C 215 80.00 -5.37 -62.10
C ALA C 215 80.23 -4.09 -62.92
N HIS C 216 79.35 -3.09 -62.77
CA HIS C 216 79.48 -1.82 -63.52
C HIS C 216 80.69 -0.99 -63.08
N PHE C 217 80.90 -1.00 -61.78
CA PHE C 217 81.99 -0.31 -61.10
C PHE C 217 83.19 -0.43 -62.02
N ARG C 218 83.86 -1.57 -61.92
CA ARG C 218 85.05 -1.87 -62.72
C ARG C 218 84.79 -1.74 -64.22
N LYS C 219 83.59 -2.12 -64.66
CA LYS C 219 83.29 -2.05 -66.09
C LYS C 219 83.21 -0.60 -66.60
N LEU C 220 82.00 -0.22 -66.99
CA LEU C 220 81.73 1.06 -67.59
C LEU C 220 82.44 2.35 -67.13
N VAL C 221 83.02 2.40 -65.94
CA VAL C 221 83.67 3.65 -65.55
C VAL C 221 84.44 4.37 -66.68
N PRO C 222 85.52 3.77 -67.22
CA PRO C 222 86.31 4.40 -68.29
C PRO C 222 85.45 4.92 -69.42
N GLN C 223 84.55 4.06 -69.90
CA GLN C 223 83.66 4.41 -70.99
C GLN C 223 82.88 5.69 -70.63
N LEU C 224 82.14 5.66 -69.53
CA LEU C 224 81.36 6.82 -69.09
C LEU C 224 82.17 8.05 -69.32
N VAL C 225 83.41 7.98 -68.83
CA VAL C 225 84.32 9.09 -68.97
C VAL C 225 84.26 9.57 -70.40
N ARG C 226 84.85 8.81 -71.31
CA ARG C 226 84.88 9.17 -72.73
C ARG C 226 83.63 9.87 -73.21
N ILE C 227 82.48 9.29 -72.94
CA ILE C 227 81.22 9.88 -73.35
C ILE C 227 81.19 11.31 -72.87
N LEU C 228 81.11 11.45 -71.55
CA LEU C 228 81.09 12.77 -70.94
C LEU C 228 82.13 13.67 -71.62
N LYS C 229 83.39 13.29 -71.50
CA LYS C 229 84.48 14.05 -72.09
C LYS C 229 84.01 14.55 -73.44
N ASN C 230 83.83 13.60 -74.37
CA ASN C 230 83.36 13.90 -75.71
C ASN C 230 82.42 15.11 -75.70
N LEU C 231 81.34 14.98 -74.92
CA LEU C 231 80.36 16.05 -74.83
C LEU C 231 81.02 17.36 -74.50
N ILE C 232 81.30 17.55 -73.21
CA ILE C 232 81.92 18.78 -72.75
C ILE C 232 82.79 19.35 -73.82
N MET C 233 83.89 18.66 -74.06
CA MET C 233 84.88 19.10 -75.02
C MET C 233 84.45 19.68 -76.38
N SER C 234 83.51 19.11 -77.14
CA SER C 234 83.24 19.79 -78.43
C SER C 234 81.88 20.03 -79.04
N GLY C 235 81.91 20.88 -80.07
CA GLY C 235 80.77 21.26 -80.87
C GLY C 235 79.51 21.82 -80.24
N TYR C 236 78.79 22.59 -81.03
CA TYR C 236 77.50 23.14 -80.72
C TYR C 236 76.54 22.08 -81.29
N SER C 237 75.34 21.88 -80.72
CA SER C 237 74.42 20.80 -81.26
C SER C 237 72.93 21.11 -81.35
N PRO C 238 72.45 21.59 -82.50
CA PRO C 238 71.09 21.99 -82.79
C PRO C 238 70.09 21.06 -82.29
N GLU C 239 70.49 19.85 -81.87
CA GLU C 239 69.59 18.87 -81.31
C GLU C 239 69.63 18.89 -79.79
N HIS C 240 70.80 19.16 -79.23
CA HIS C 240 71.00 19.10 -77.79
C HIS C 240 71.34 20.34 -76.99
N ASP C 241 72.20 21.21 -77.50
CA ASP C 241 72.56 22.39 -76.72
C ASP C 241 71.41 23.04 -75.98
N VAL C 242 71.80 23.76 -74.94
CA VAL C 242 70.92 24.55 -74.10
C VAL C 242 71.91 25.59 -73.60
N SER C 243 72.00 26.69 -74.34
CA SER C 243 72.88 27.81 -74.02
C SER C 243 74.38 27.48 -74.01
N GLY C 244 74.87 26.83 -75.05
CA GLY C 244 76.30 26.55 -75.14
C GLY C 244 76.90 25.23 -74.71
N ILE C 245 76.08 24.32 -74.19
CA ILE C 245 76.62 23.06 -73.76
C ILE C 245 75.72 21.94 -74.22
N SER C 246 76.28 20.75 -74.36
CA SER C 246 75.51 19.61 -74.82
C SER C 246 74.84 18.85 -73.69
N ASP C 247 73.61 18.43 -73.96
CA ASP C 247 72.82 17.67 -73.02
C ASP C 247 73.12 17.74 -71.56
N PRO C 248 73.18 18.95 -71.01
CA PRO C 248 73.47 19.11 -69.58
C PRO C 248 72.95 17.87 -68.87
N PHE C 249 71.65 17.66 -68.97
CA PHE C 249 71.03 16.49 -68.35
C PHE C 249 71.98 15.33 -68.43
N LEU C 250 72.11 14.80 -69.64
CA LEU C 250 73.00 13.69 -69.85
C LEU C 250 74.23 13.91 -68.99
N GLN C 251 74.92 15.02 -69.21
CA GLN C 251 76.11 15.34 -68.44
C GLN C 251 75.88 15.14 -66.95
N VAL C 252 74.87 15.79 -66.41
CA VAL C 252 74.61 15.64 -64.99
C VAL C 252 74.50 14.18 -64.63
N ARG C 253 73.33 13.59 -64.89
CA ARG C 253 73.09 12.19 -64.58
C ARG C 253 74.36 11.38 -64.66
N ILE C 254 75.12 11.57 -65.74
CA ILE C 254 76.38 10.86 -65.86
C ILE C 254 77.08 11.07 -64.54
N LEU C 255 77.57 12.28 -64.34
CA LEU C 255 78.26 12.61 -63.11
C LEU C 255 77.70 11.84 -61.95
N ARG C 256 76.42 12.06 -61.68
CA ARG C 256 75.76 11.38 -60.58
C ARG C 256 76.27 9.95 -60.54
N LEU C 257 75.94 9.18 -61.56
CA LEU C 257 76.34 7.79 -61.62
C LEU C 257 77.82 7.59 -61.31
N LEU C 258 78.69 8.40 -61.92
CA LEU C 258 80.12 8.27 -61.67
C LEU C 258 80.27 8.37 -60.18
N ARG C 259 79.71 9.43 -59.66
CA ARG C 259 79.74 9.69 -58.24
C ARG C 259 79.43 8.41 -57.48
N ILE C 260 78.17 8.04 -57.47
CA ILE C 260 77.74 6.86 -56.74
C ILE C 260 78.65 5.65 -56.85
N LEU C 261 79.17 5.38 -58.03
CA LEU C 261 80.04 4.23 -58.23
C LEU C 261 81.32 4.33 -57.43
N GLY C 262 82.02 5.46 -57.56
CA GLY C 262 83.26 5.63 -56.85
C GLY C 262 83.05 5.95 -55.38
N ARG C 263 81.87 5.58 -54.87
CA ARG C 263 81.53 5.82 -53.47
C ARG C 263 82.78 5.77 -52.59
N ASN C 264 83.15 4.56 -52.16
CA ASN C 264 84.33 4.38 -51.33
C ASN C 264 85.23 3.43 -52.08
N ASP C 265 86.27 3.98 -52.69
CA ASP C 265 87.19 3.16 -53.43
C ASP C 265 88.25 4.02 -54.03
N ASP C 266 89.44 3.46 -54.15
CA ASP C 266 90.55 4.18 -54.72
C ASP C 266 90.51 4.02 -56.23
N ASP C 267 90.65 2.78 -56.71
CA ASP C 267 90.64 2.48 -58.14
C ASP C 267 89.69 3.41 -58.93
N SER C 268 88.39 3.25 -58.72
CA SER C 268 87.41 4.09 -59.37
C SER C 268 87.84 5.56 -59.38
N SER C 269 87.73 6.18 -58.20
CA SER C 269 88.08 7.57 -57.98
C SER C 269 89.35 7.94 -58.72
N GLU C 270 90.46 7.38 -58.24
CA GLU C 270 91.78 7.60 -58.80
C GLU C 270 91.68 7.64 -60.34
N ALA C 271 90.66 6.99 -60.89
CA ALA C 271 90.45 6.93 -62.35
C ALA C 271 89.47 7.98 -62.84
N MET C 272 88.90 8.73 -61.92
CA MET C 272 87.95 9.76 -62.29
C MET C 272 88.50 11.17 -62.16
N ASN C 273 89.17 11.43 -61.05
CA ASN C 273 89.65 12.78 -60.77
C ASN C 273 90.11 13.58 -61.98
N ASP C 274 90.52 12.91 -63.06
CA ASP C 274 90.96 13.63 -64.25
C ASP C 274 89.77 14.28 -64.96
N ILE C 275 88.89 13.46 -65.49
CA ILE C 275 87.74 13.99 -66.18
C ILE C 275 87.11 15.07 -65.32
N LEU C 276 86.95 14.80 -64.03
CA LEU C 276 86.36 15.78 -63.15
C LEU C 276 87.04 17.12 -63.31
N ALA C 277 88.28 17.20 -62.83
CA ALA C 277 89.03 18.43 -62.93
C ALA C 277 88.72 19.16 -64.21
N GLN C 278 88.88 18.47 -65.34
CA GLN C 278 88.60 19.08 -66.63
C GLN C 278 87.23 19.73 -66.59
N VAL C 279 86.21 18.93 -66.30
CA VAL C 279 84.85 19.41 -66.23
C VAL C 279 84.79 20.75 -65.54
N ALA C 280 85.61 20.88 -64.51
CA ALA C 280 85.65 22.11 -63.75
C ALA C 280 86.24 23.25 -64.56
N THR C 281 87.51 23.09 -64.89
CA THR C 281 88.23 24.09 -65.65
C THR C 281 87.56 24.42 -66.98
N ASN C 282 87.20 23.41 -67.74
CA ASN C 282 86.60 23.59 -69.07
C ASN C 282 85.13 24.01 -69.25
N THR C 283 84.39 24.34 -68.19
CA THR C 283 82.99 24.73 -68.36
C THR C 283 82.71 26.24 -68.22
N GLU C 284 81.59 26.68 -68.80
CA GLU C 284 81.15 28.09 -68.83
C GLU C 284 80.37 28.59 -67.63
N THR C 285 80.90 29.61 -66.97
CA THR C 285 80.22 30.15 -65.80
C THR C 285 79.12 31.12 -66.19
N SER C 286 78.99 31.36 -67.49
CA SER C 286 77.99 32.30 -67.99
C SER C 286 76.69 32.27 -67.19
N LYS C 287 75.77 31.42 -67.61
CA LYS C 287 74.49 31.36 -66.94
C LYS C 287 74.08 29.98 -66.44
N ASN C 288 73.43 30.02 -65.27
CA ASN C 288 72.94 28.86 -64.53
C ASN C 288 73.23 27.51 -65.17
N VAL C 289 72.61 27.22 -66.31
CA VAL C 289 72.84 25.96 -66.98
C VAL C 289 74.17 25.41 -66.56
N GLY C 290 75.23 26.02 -67.06
CA GLY C 290 76.55 25.57 -66.72
C GLY C 290 76.65 25.32 -65.23
N ASN C 291 76.57 26.39 -64.46
CA ASN C 291 76.66 26.26 -63.03
C ASN C 291 75.98 24.98 -62.60
N ALA C 292 74.79 24.71 -63.13
CA ALA C 292 74.09 23.48 -62.77
C ALA C 292 75.09 22.35 -62.91
N ILE C 293 75.67 22.26 -64.10
CA ILE C 293 76.68 21.25 -64.38
C ILE C 293 77.59 21.17 -63.17
N LEU C 294 78.26 22.27 -62.89
CA LEU C 294 79.17 22.29 -61.77
C LEU C 294 78.56 21.80 -60.48
N TYR C 295 77.47 22.45 -60.05
CA TYR C 295 76.84 22.05 -58.81
C TYR C 295 76.96 20.55 -58.67
N GLU C 296 76.45 19.81 -59.65
CA GLU C 296 76.51 18.36 -59.57
C GLU C 296 77.94 17.83 -59.46
N THR C 297 78.77 18.18 -60.44
CA THR C 297 80.16 17.74 -60.45
C THR C 297 80.76 17.87 -59.07
N VAL C 298 80.52 18.99 -58.43
CA VAL C 298 81.07 19.18 -57.12
C VAL C 298 80.60 18.09 -56.18
N LEU C 299 79.30 18.02 -55.91
CA LEU C 299 78.78 16.98 -55.01
C LEU C 299 79.52 15.66 -55.24
N THR C 300 79.56 15.24 -56.49
CA THR C 300 80.23 14.01 -56.86
C THR C 300 81.67 14.05 -56.36
N ILE C 301 82.40 15.05 -56.82
CA ILE C 301 83.77 15.20 -56.42
C ILE C 301 83.96 15.06 -54.92
N MET C 302 82.92 15.40 -54.16
CA MET C 302 83.00 15.33 -52.70
C MET C 302 82.87 13.98 -52.02
N ASP C 303 81.83 13.25 -52.38
CA ASP C 303 81.64 11.94 -51.76
C ASP C 303 82.77 10.98 -52.14
N ILE C 304 83.58 11.30 -53.14
CA ILE C 304 84.64 10.36 -53.48
C ILE C 304 86.07 10.74 -53.16
N LYS C 305 86.84 9.73 -52.75
CA LYS C 305 88.24 9.91 -52.42
C LYS C 305 88.97 10.59 -53.57
N SER C 306 89.90 11.49 -53.29
CA SER C 306 90.61 12.21 -54.35
C SER C 306 91.71 13.16 -53.86
N GLU C 307 92.72 13.41 -54.70
CA GLU C 307 93.82 14.28 -54.31
C GLU C 307 93.36 15.50 -53.53
N SER C 308 94.08 15.78 -52.45
CA SER C 308 93.76 16.91 -51.61
C SER C 308 93.61 18.15 -52.47
N GLY C 309 94.49 18.29 -53.47
CA GLY C 309 94.46 19.45 -54.35
C GLY C 309 93.16 19.63 -55.13
N LEU C 310 92.57 18.52 -55.55
CA LEU C 310 91.32 18.54 -56.30
C LEU C 310 90.18 18.99 -55.42
N ARG C 311 90.00 18.28 -54.30
CA ARG C 311 88.95 18.65 -53.40
C ARG C 311 89.02 20.15 -53.19
N VAL C 312 90.23 20.65 -52.95
CA VAL C 312 90.43 22.08 -52.74
C VAL C 312 89.72 22.86 -53.85
N LEU C 313 90.04 22.54 -55.10
CA LEU C 313 89.41 23.25 -56.19
C LEU C 313 87.89 23.30 -55.97
N ALA C 314 87.29 22.12 -55.87
CA ALA C 314 85.85 22.00 -55.66
C ALA C 314 85.34 23.13 -54.80
N ILE C 315 85.80 23.14 -53.56
CA ILE C 315 85.41 24.16 -52.62
C ILE C 315 85.53 25.53 -53.24
N ASN C 316 86.77 25.95 -53.49
CA ASN C 316 87.03 27.26 -54.06
C ASN C 316 86.01 27.54 -55.15
N ILE C 317 85.46 26.50 -55.74
CA ILE C 317 84.46 26.67 -56.78
C ILE C 317 83.16 27.17 -56.21
N LEU C 318 82.71 26.55 -55.13
CA LEU C 318 81.47 27.01 -54.54
C LEU C 318 81.62 28.48 -54.18
N GLY C 319 82.72 28.80 -53.51
CA GLY C 319 82.94 30.18 -53.12
C GLY C 319 82.63 31.02 -54.33
N ARG C 320 83.27 30.64 -55.42
CA ARG C 320 83.09 31.33 -56.67
C ARG C 320 81.60 31.56 -56.90
N PHE C 321 80.77 30.64 -56.41
CA PHE C 321 79.33 30.81 -56.56
C PHE C 321 78.89 31.99 -55.77
N LEU C 322 78.95 31.83 -54.45
CA LEU C 322 78.54 32.87 -53.52
C LEU C 322 78.57 34.24 -54.13
N LEU C 323 79.71 34.57 -54.72
CA LEU C 323 79.84 35.90 -55.30
C LEU C 323 79.07 36.14 -56.60
N ASN C 324 78.15 35.25 -56.96
CA ASN C 324 77.39 35.41 -58.21
C ASN C 324 76.24 36.40 -58.10
N ASN C 325 76.08 37.25 -59.10
CA ASN C 325 75.01 38.27 -59.05
C ASN C 325 73.68 37.77 -58.48
N ASP C 326 73.15 36.69 -59.05
CA ASP C 326 71.84 36.10 -58.71
C ASP C 326 71.65 35.08 -57.60
N LYS C 327 70.61 35.33 -56.79
CA LYS C 327 70.23 34.45 -55.69
C LYS C 327 70.33 33.01 -56.15
N ASN C 328 69.21 32.31 -56.27
CA ASN C 328 69.32 30.92 -56.69
C ASN C 328 70.70 30.40 -56.34
N ILE C 329 71.51 30.11 -57.34
CA ILE C 329 72.87 29.61 -57.14
C ILE C 329 73.30 29.67 -55.68
N ARG C 330 73.58 30.89 -55.23
CA ARG C 330 74.01 31.08 -53.86
C ARG C 330 73.38 30.09 -52.88
N TYR C 331 72.09 29.86 -52.99
CA TYR C 331 71.44 28.93 -52.06
C TYR C 331 72.21 27.63 -51.91
N VAL C 332 72.07 26.72 -52.86
CA VAL C 332 72.77 25.44 -52.79
C VAL C 332 74.17 25.72 -52.31
N ALA C 333 74.79 26.71 -52.93
CA ALA C 333 76.15 27.07 -52.58
C ALA C 333 76.36 26.85 -51.08
N LEU C 334 75.54 27.52 -50.30
CA LEU C 334 75.65 27.36 -48.88
C LEU C 334 75.31 25.94 -48.48
N THR C 335 74.07 25.53 -48.72
CA THR C 335 73.61 24.18 -48.37
C THR C 335 74.73 23.12 -48.33
N SER C 336 75.13 22.69 -49.53
CA SER C 336 76.19 21.72 -49.65
C SER C 336 77.34 22.14 -48.75
N LEU C 337 77.76 23.39 -48.88
CA LEU C 337 78.86 23.87 -48.07
C LEU C 337 78.85 23.29 -46.66
N LEU C 338 77.71 23.33 -45.97
CA LEU C 338 77.63 22.78 -44.61
C LEU C 338 77.99 21.29 -44.57
N LYS C 339 77.24 20.51 -45.35
CA LYS C 339 77.47 19.06 -45.41
C LYS C 339 78.97 18.71 -45.44
N THR C 340 79.81 19.64 -45.86
CA THR C 340 81.26 19.38 -45.94
C THR C 340 82.15 20.06 -44.90
N VAL C 341 81.62 21.09 -44.23
CA VAL C 341 82.37 21.81 -43.21
C VAL C 341 82.88 20.86 -42.17
N GLN C 342 82.06 19.87 -41.82
CA GLN C 342 82.51 18.90 -40.81
C GLN C 342 83.63 18.00 -41.34
N THR C 343 83.87 18.06 -42.66
CA THR C 343 84.90 17.26 -43.30
C THR C 343 86.12 18.06 -43.76
N ASP C 344 85.90 19.01 -44.65
CA ASP C 344 86.98 19.81 -45.20
C ASP C 344 87.18 21.18 -44.60
N HIS C 345 86.96 21.21 -43.29
CA HIS C 345 87.06 22.39 -42.44
C HIS C 345 88.15 23.35 -42.90
N ASN C 346 89.39 23.00 -42.55
CA ASN C 346 90.55 23.80 -42.88
C ASN C 346 90.50 24.36 -44.30
N ALA C 347 89.81 23.65 -45.19
CA ALA C 347 89.72 24.06 -46.58
C ALA C 347 88.71 25.17 -46.86
N VAL C 348 87.50 25.02 -46.35
CA VAL C 348 86.46 26.00 -46.59
C VAL C 348 86.76 27.36 -45.98
N GLN C 349 87.35 27.36 -44.80
CA GLN C 349 87.68 28.61 -44.11
C GLN C 349 88.09 29.74 -45.04
N ARG C 350 88.81 29.40 -46.09
CA ARG C 350 89.29 30.35 -47.08
C ARG C 350 88.19 31.24 -47.65
N HIS C 351 87.00 31.22 -47.09
CA HIS C 351 85.93 32.02 -47.66
C HIS C 351 84.98 32.66 -46.67
N ARG C 352 85.03 32.22 -45.43
CA ARG C 352 84.11 32.76 -44.45
C ARG C 352 83.86 34.24 -44.72
N SER C 353 84.93 35.02 -44.77
CA SER C 353 84.84 36.46 -45.01
C SER C 353 83.64 36.79 -45.88
N THR C 354 83.58 36.16 -47.05
CA THR C 354 82.48 36.40 -47.98
C THR C 354 81.18 35.78 -47.46
N ILE C 355 81.27 34.58 -46.89
CA ILE C 355 80.09 33.94 -46.38
C ILE C 355 79.28 34.87 -45.49
N VAL C 356 79.77 35.09 -44.27
CA VAL C 356 79.08 35.97 -43.35
C VAL C 356 78.65 37.21 -44.08
N ASP C 357 79.47 37.63 -45.04
CA ASP C 357 79.13 38.81 -45.81
C ASP C 357 77.73 38.64 -46.41
N CYS C 358 77.24 37.41 -46.49
CA CYS C 358 75.91 37.15 -47.04
C CYS C 358 74.76 37.53 -46.14
N LEU C 359 74.99 37.44 -44.84
CA LEU C 359 73.97 37.78 -43.86
C LEU C 359 73.25 39.03 -44.30
N LYS C 360 73.97 39.86 -45.05
CA LYS C 360 73.43 41.11 -45.57
C LYS C 360 72.42 40.86 -46.70
N ASP C 361 72.07 39.60 -46.96
CA ASP C 361 71.14 39.35 -48.04
C ASP C 361 69.68 39.52 -47.68
N LEU C 362 68.85 39.71 -48.70
CA LEU C 362 67.44 39.92 -48.52
C LEU C 362 66.58 38.66 -48.60
N ASP C 363 67.16 37.48 -48.38
CA ASP C 363 66.35 36.25 -48.42
C ASP C 363 66.59 35.34 -47.22
N VAL C 364 65.55 35.21 -46.40
CA VAL C 364 65.59 34.40 -45.19
C VAL C 364 66.47 33.14 -45.28
N SER C 365 66.06 32.20 -46.13
CA SER C 365 66.80 30.95 -46.30
C SER C 365 68.30 31.22 -46.27
N ILE C 366 68.77 31.98 -47.25
CA ILE C 366 70.17 32.33 -47.35
C ILE C 366 70.63 32.73 -45.98
N LYS C 367 70.04 33.80 -45.49
CA LYS C 367 70.37 34.30 -44.18
C LYS C 367 70.69 33.13 -43.30
N ARG C 368 69.65 32.47 -42.81
CA ARG C 368 69.84 31.35 -41.90
C ARG C 368 71.08 30.56 -42.29
N ARG C 369 70.94 29.68 -43.27
CA ARG C 369 72.07 28.89 -43.68
C ARG C 369 73.33 29.69 -43.45
N ALA C 370 73.45 30.82 -44.11
CA ALA C 370 74.64 31.63 -43.93
C ALA C 370 75.01 31.51 -42.46
N MET C 371 74.16 32.08 -41.63
CA MET C 371 74.39 32.03 -40.20
C MET C 371 74.84 30.67 -39.74
N GLU C 372 73.92 29.71 -39.70
CA GLU C 372 74.24 28.35 -39.26
C GLU C 372 75.71 28.07 -39.52
N LEU C 373 76.03 27.96 -40.80
CA LEU C 373 77.39 27.71 -41.21
C LEU C 373 78.37 28.63 -40.49
N SER C 374 78.46 29.86 -40.98
CA SER C 374 79.34 30.85 -40.42
C SER C 374 79.65 30.44 -39.01
N PHE C 375 78.62 30.42 -38.20
CA PHE C 375 78.78 30.00 -36.83
C PHE C 375 79.79 28.90 -36.77
N ALA C 376 79.37 27.73 -37.21
CA ALA C 376 80.19 26.54 -37.21
C ALA C 376 81.66 26.78 -37.50
N LEU C 377 81.98 27.79 -38.31
CA LEU C 377 83.37 28.02 -38.64
C LEU C 377 84.13 28.75 -37.58
N VAL C 378 83.43 29.22 -36.56
CA VAL C 378 84.10 29.93 -35.50
C VAL C 378 85.23 29.10 -34.97
N ASN C 379 86.43 29.62 -35.06
CA ASN C 379 87.58 28.90 -34.57
C ASN C 379 88.01 29.47 -33.25
N GLY C 380 89.31 29.47 -33.02
CA GLY C 380 89.84 30.03 -31.80
C GLY C 380 90.27 31.41 -32.21
N ASN C 381 91.39 31.46 -32.93
CA ASN C 381 91.95 32.71 -33.41
C ASN C 381 90.93 33.51 -34.22
N ASN C 382 89.74 32.96 -34.38
CA ASN C 382 88.71 33.61 -35.16
C ASN C 382 87.82 34.57 -34.40
N ILE C 383 87.01 33.97 -33.55
CA ILE C 383 86.07 34.66 -32.69
C ILE C 383 86.01 36.17 -32.77
N ARG C 384 86.98 36.83 -32.15
CA ARG C 384 87.02 38.28 -32.13
C ARG C 384 86.37 38.88 -33.37
N GLY C 385 87.00 38.69 -34.51
CA GLY C 385 86.45 39.24 -35.73
C GLY C 385 84.99 38.91 -35.94
N MET C 386 84.75 37.70 -36.45
CA MET C 386 83.41 37.23 -36.73
C MET C 386 82.39 37.73 -35.70
N MET C 387 82.71 37.64 -34.42
CA MET C 387 81.78 38.12 -33.41
C MET C 387 81.36 39.55 -33.72
N LYS C 388 82.36 40.43 -33.79
CA LYS C 388 82.12 41.85 -34.09
C LYS C 388 81.07 41.94 -35.20
N GLU C 389 81.15 41.04 -36.18
CA GLU C 389 80.19 41.06 -37.28
C GLU C 389 78.85 40.45 -36.87
N LEU C 390 78.90 39.33 -36.19
CA LEU C 390 77.67 38.66 -35.74
C LEU C 390 76.87 39.66 -34.95
N LEU C 391 77.55 40.35 -34.06
CA LEU C 391 76.89 41.32 -33.23
C LEU C 391 76.21 42.36 -34.11
N TYR C 392 76.94 43.06 -34.97
CA TYR C 392 76.30 44.07 -35.84
C TYR C 392 75.00 43.46 -36.36
N PHE C 393 75.16 42.31 -36.97
CA PHE C 393 74.07 41.55 -37.52
C PHE C 393 72.91 41.49 -36.53
N LEU C 394 73.09 40.68 -35.49
CA LEU C 394 72.11 40.46 -34.44
C LEU C 394 71.26 41.69 -34.13
N ASP C 395 71.95 42.79 -33.87
CA ASP C 395 71.29 44.05 -33.53
C ASP C 395 70.17 44.43 -34.48
N SER C 396 70.42 44.41 -35.78
CA SER C 396 69.36 44.80 -36.71
C SER C 396 68.46 43.67 -37.17
N CYS C 397 68.85 42.43 -36.91
CA CYS C 397 68.09 41.26 -37.32
C CYS C 397 66.61 41.28 -37.14
N GLU C 398 65.97 40.31 -37.79
CA GLU C 398 64.54 40.18 -37.67
C GLU C 398 64.26 39.20 -36.53
N PRO C 399 63.13 39.37 -35.85
CA PRO C 399 62.71 38.54 -34.72
C PRO C 399 63.15 37.07 -34.84
N GLU C 400 62.49 36.38 -35.75
CA GLU C 400 62.73 34.99 -36.06
C GLU C 400 64.13 34.60 -35.65
N PHE C 401 65.07 35.25 -36.30
CA PHE C 401 66.47 35.00 -36.05
C PHE C 401 66.98 35.36 -34.69
N LYS C 402 66.88 36.63 -34.33
CA LYS C 402 67.38 37.03 -33.02
C LYS C 402 67.38 35.87 -32.05
N ALA C 403 66.19 35.38 -31.72
CA ALA C 403 66.11 34.28 -30.80
C ALA C 403 67.23 33.27 -31.03
N ASP C 404 67.20 32.60 -32.16
CA ASP C 404 68.24 31.60 -32.41
C ASP C 404 69.68 32.08 -32.27
N CYS C 405 70.00 33.25 -32.80
CA CYS C 405 71.37 33.72 -32.72
C CYS C 405 71.90 33.84 -31.35
N ALA C 406 71.10 34.45 -30.50
CA ALA C 406 71.49 34.58 -29.12
C ALA C 406 72.15 33.27 -28.82
N SER C 407 71.31 32.23 -28.80
CA SER C 407 71.82 30.90 -28.49
C SER C 407 73.19 30.69 -29.11
N GLY C 408 73.28 31.01 -30.39
CA GLY C 408 74.55 30.84 -31.07
C GLY C 408 75.73 31.56 -30.43
N ILE C 409 75.68 32.88 -30.44
CA ILE C 409 76.77 33.65 -29.87
C ILE C 409 77.14 33.05 -28.53
N PHE C 410 76.21 33.06 -27.59
CA PHE C 410 76.50 32.50 -26.29
C PHE C 410 77.47 31.38 -26.50
N LEU C 411 77.05 30.33 -27.19
CA LEU C 411 77.95 29.20 -27.42
C LEU C 411 79.37 29.67 -27.68
N ALA C 412 79.55 30.31 -28.82
CA ALA C 412 80.88 30.80 -29.19
C ALA C 412 81.65 31.20 -27.96
N ALA C 413 81.21 32.29 -27.34
CA ALA C 413 81.86 32.79 -26.14
C ALA C 413 82.08 31.70 -25.11
N GLU C 414 81.02 30.96 -24.81
CA GLU C 414 81.11 29.90 -23.81
C GLU C 414 82.24 28.93 -24.14
N LYS C 415 82.42 28.62 -25.42
CA LYS C 415 83.49 27.72 -25.81
C LYS C 415 84.71 28.56 -26.17
N TYR C 416 85.04 28.58 -27.45
CA TYR C 416 86.18 29.36 -27.90
C TYR C 416 85.95 30.79 -27.37
N ALA C 417 86.86 31.31 -26.54
CA ALA C 417 86.70 32.67 -26.01
C ALA C 417 87.97 33.19 -25.41
N PRO C 418 88.30 34.46 -25.68
CA PRO C 418 89.50 35.11 -25.16
C PRO C 418 89.40 35.59 -23.71
N SER C 419 89.15 36.89 -23.54
CA SER C 419 89.06 37.52 -22.23
C SER C 419 87.66 37.55 -21.62
N LYS C 420 87.60 37.68 -20.30
CA LYS C 420 86.31 37.73 -19.66
C LYS C 420 85.70 39.03 -20.14
N ARG C 421 86.46 40.11 -19.97
CA ARG C 421 86.01 41.43 -20.38
C ARG C 421 85.26 41.33 -21.68
N TRP C 422 85.85 40.62 -22.62
CA TRP C 422 85.21 40.46 -23.90
C TRP C 422 83.96 39.63 -23.65
N HIS C 423 84.15 38.39 -23.22
CA HIS C 423 83.03 37.50 -22.95
C HIS C 423 81.87 38.31 -22.43
N ILE C 424 82.05 38.86 -21.24
CA ILE C 424 81.03 39.67 -20.65
C ILE C 424 80.57 40.67 -21.69
N ASP C 425 81.44 41.62 -21.98
CA ASP C 425 81.18 42.66 -22.96
C ASP C 425 80.25 42.16 -24.05
N THR C 426 80.59 41.02 -24.64
CA THR C 426 79.75 40.50 -25.69
C THR C 426 78.42 40.05 -25.12
N ILE C 427 78.45 39.07 -24.21
CA ILE C 427 77.18 38.63 -23.66
C ILE C 427 76.33 39.84 -23.36
N MET C 428 76.81 40.73 -22.53
CA MET C 428 76.03 41.92 -22.21
C MET C 428 75.47 42.43 -23.51
N ARG C 429 76.39 42.83 -24.36
CA ARG C 429 76.07 43.34 -25.67
C ARG C 429 74.81 42.69 -26.22
N VAL C 430 74.83 41.36 -26.29
CA VAL C 430 73.67 40.66 -26.83
C VAL C 430 72.43 41.03 -26.05
N LEU C 431 72.50 40.89 -24.73
CA LEU C 431 71.37 41.23 -23.90
C LEU C 431 70.84 42.53 -24.46
N THR C 432 71.69 43.55 -24.37
CA THR C 432 71.36 44.88 -24.85
C THR C 432 70.40 44.86 -26.04
N THR C 433 70.59 43.91 -26.95
CA THR C 433 69.74 43.89 -28.15
C THR C 433 68.60 42.87 -28.28
N ALA C 434 68.80 41.67 -27.75
CA ALA C 434 67.79 40.63 -27.86
C ALA C 434 67.04 40.41 -26.56
N GLY C 435 67.81 40.27 -25.48
CA GLY C 435 67.25 40.06 -24.16
C GLY C 435 65.86 39.49 -24.19
N SER C 436 64.87 40.36 -24.42
CA SER C 436 63.49 39.93 -24.48
C SER C 436 63.34 38.56 -25.16
N TYR C 437 64.37 38.16 -25.91
CA TYR C 437 64.33 36.87 -26.59
C TYR C 437 65.22 35.81 -25.96
N VAL C 438 66.25 36.24 -25.26
CA VAL C 438 67.17 35.27 -24.65
C VAL C 438 66.48 34.29 -23.75
N ARG C 439 67.06 33.10 -23.63
CA ARG C 439 66.48 32.06 -22.78
C ARG C 439 66.38 32.51 -21.34
N ASP C 440 66.28 31.56 -20.45
CA ASP C 440 66.12 31.88 -19.05
C ASP C 440 67.37 31.90 -18.19
N ASP C 441 68.23 30.90 -18.36
CA ASP C 441 69.46 30.81 -17.57
C ASP C 441 70.42 32.00 -17.65
N ALA C 442 70.22 32.88 -18.62
CA ALA C 442 71.11 34.02 -18.79
C ALA C 442 71.41 34.73 -17.48
N VAL C 443 70.42 35.45 -16.97
CA VAL C 443 70.60 36.18 -15.72
C VAL C 443 71.65 35.55 -14.84
N PRO C 444 71.41 34.33 -14.36
CA PRO C 444 72.42 33.69 -13.50
C PRO C 444 73.74 33.50 -14.25
N ASN C 445 73.63 32.94 -15.44
CA ASN C 445 74.79 32.70 -16.28
C ASN C 445 75.78 33.85 -16.10
N LEU C 446 75.52 34.93 -16.83
CA LEU C 446 76.35 36.11 -16.81
C LEU C 446 76.84 36.53 -15.43
N ILE C 447 75.95 36.61 -14.45
CA ILE C 447 76.42 36.99 -13.12
C ILE C 447 77.52 36.05 -12.70
N GLN C 448 77.23 34.75 -12.76
CA GLN C 448 78.20 33.73 -12.39
C GLN C 448 79.55 34.04 -13.02
N LEU C 449 79.53 34.51 -14.26
CA LEU C 449 80.77 34.83 -14.96
C LEU C 449 81.46 35.99 -14.24
N ILE C 450 80.70 37.06 -14.02
CA ILE C 450 81.22 38.23 -13.33
C ILE C 450 81.83 37.86 -12.01
N THR C 451 81.00 37.33 -11.11
CA THR C 451 81.47 36.94 -9.80
C THR C 451 82.77 36.12 -9.91
N ASN C 452 82.72 34.96 -10.55
CA ASN C 452 83.91 34.12 -10.70
C ASN C 452 85.22 34.83 -11.00
N SER C 453 85.23 35.64 -12.06
CA SER C 453 86.44 36.38 -12.42
C SER C 453 86.38 37.73 -11.69
N VAL C 454 87.25 37.81 -10.69
CA VAL C 454 87.36 38.93 -9.76
C VAL C 454 87.97 40.27 -10.18
N GLU C 455 88.26 40.48 -11.45
CA GLU C 455 88.88 41.75 -11.78
C GLU C 455 87.92 42.77 -12.33
N MET C 456 87.32 42.46 -13.47
CA MET C 456 86.39 43.35 -14.16
C MET C 456 85.23 43.81 -13.32
N HIS C 457 85.18 43.34 -12.08
CA HIS C 457 84.10 43.75 -11.20
C HIS C 457 83.80 45.21 -11.53
N ALA C 458 84.84 46.04 -11.50
CA ALA C 458 84.66 47.43 -11.84
C ALA C 458 84.08 47.56 -13.26
N TYR C 459 84.96 47.46 -14.26
CA TYR C 459 84.62 47.57 -15.69
C TYR C 459 83.18 47.23 -15.94
N THR C 460 82.71 46.23 -15.20
CA THR C 460 81.35 45.76 -15.31
C THR C 460 80.32 46.72 -14.74
N VAL C 461 80.24 46.82 -13.42
CA VAL C 461 79.24 47.70 -12.84
C VAL C 461 79.27 48.96 -13.66
N GLN C 462 80.48 49.36 -14.01
CA GLN C 462 80.70 50.55 -14.82
C GLN C 462 79.75 50.48 -16.02
N ARG C 463 80.20 49.85 -17.09
CA ARG C 463 79.41 49.72 -18.30
C ARG C 463 77.96 49.40 -17.96
N LEU C 464 77.78 48.44 -17.05
CA LEU C 464 76.43 48.06 -16.65
C LEU C 464 75.71 49.37 -16.42
N TYR C 465 76.25 50.18 -15.52
CA TYR C 465 75.65 51.47 -15.23
C TYR C 465 75.29 52.20 -16.53
N LYS C 466 76.31 52.66 -17.28
CA LYS C 466 76.06 53.39 -18.54
C LYS C 466 74.82 52.89 -19.29
N ALA C 467 74.89 51.63 -19.71
CA ALA C 467 73.80 50.99 -20.45
C ALA C 467 72.45 51.29 -19.83
N ILE C 468 72.30 50.94 -18.56
CA ILE C 468 71.05 51.15 -17.85
C ILE C 468 70.58 52.60 -17.80
N LEU C 469 71.50 53.56 -17.81
CA LEU C 469 71.15 54.98 -17.76
C LEU C 469 70.22 55.40 -18.90
N GLY C 470 70.64 55.09 -20.12
CA GLY C 470 69.80 55.44 -21.26
C GLY C 470 68.62 54.49 -21.34
N ASP C 471 68.93 53.20 -21.47
CA ASP C 471 67.93 52.12 -21.58
C ASP C 471 67.14 51.80 -20.34
N TYR C 472 66.06 51.07 -20.54
CA TYR C 472 65.15 50.66 -19.48
C TYR C 472 64.49 49.47 -20.10
N SER C 473 64.21 49.63 -21.39
CA SER C 473 63.59 48.60 -22.19
C SER C 473 64.56 47.44 -22.12
N GLN C 474 64.09 46.34 -21.55
CA GLN C 474 64.91 45.16 -21.39
C GLN C 474 64.67 44.72 -19.99
N GLN C 475 64.86 43.44 -19.75
CA GLN C 475 64.69 42.97 -18.41
C GLN C 475 65.97 42.34 -17.99
N PRO C 476 66.22 41.11 -18.46
CA PRO C 476 67.47 40.47 -18.05
C PRO C 476 68.59 41.46 -17.82
N LEU C 477 68.83 42.34 -18.78
CA LEU C 477 69.90 43.30 -18.61
C LEU C 477 69.76 44.05 -17.29
N VAL C 478 68.77 44.91 -17.23
CA VAL C 478 68.53 45.69 -16.04
C VAL C 478 68.83 44.84 -14.82
N GLN C 479 68.08 43.75 -14.67
CA GLN C 479 68.31 42.86 -13.55
C GLN C 479 69.79 42.74 -13.26
N VAL C 480 70.49 41.97 -14.07
CA VAL C 480 71.93 41.79 -13.89
C VAL C 480 72.61 43.01 -13.31
N ALA C 481 72.39 44.14 -13.96
CA ALA C 481 73.00 45.37 -13.49
C ALA C 481 72.62 45.59 -12.04
N ALA C 482 71.39 46.02 -11.81
CA ALA C 482 70.87 46.29 -10.49
C ALA C 482 71.56 45.40 -9.50
N TRP C 483 71.70 44.16 -9.91
CA TRP C 483 72.36 43.22 -9.07
C TRP C 483 73.65 43.81 -8.59
N CYS C 484 74.65 43.66 -9.43
CA CYS C 484 75.99 44.14 -9.16
C CYS C 484 75.98 45.52 -8.55
N ILE C 485 75.31 46.47 -9.20
CA ILE C 485 75.26 47.81 -8.65
C ILE C 485 75.13 47.59 -7.17
N GLY C 486 74.15 46.79 -6.80
CA GLY C 486 73.96 46.49 -5.40
C GLY C 486 75.25 45.94 -4.85
N GLU C 487 75.42 44.63 -4.95
CA GLU C 487 76.61 43.98 -4.43
C GLU C 487 77.95 44.68 -4.66
N TYR C 488 78.03 45.46 -5.73
CA TYR C 488 79.28 46.12 -6.07
C TYR C 488 79.42 47.65 -5.93
N GLY C 489 78.40 48.33 -5.41
CA GLY C 489 78.46 49.78 -5.24
C GLY C 489 79.81 50.30 -4.82
N ASP C 490 80.44 49.55 -3.93
CA ASP C 490 81.77 49.88 -3.42
C ASP C 490 82.58 50.31 -4.63
N LEU C 491 82.98 49.31 -5.39
CA LEU C 491 83.78 49.51 -6.57
C LEU C 491 83.23 50.56 -7.54
N LEU C 492 81.91 50.72 -7.57
CA LEU C 492 81.30 51.69 -8.47
C LEU C 492 81.67 53.15 -8.24
N VAL C 493 82.21 53.43 -7.06
CA VAL C 493 82.63 54.78 -6.65
C VAL C 493 84.06 55.15 -7.10
N SER C 494 84.14 55.79 -8.28
CA SER C 494 85.39 56.23 -8.93
C SER C 494 86.62 55.63 -8.29
N GLY C 495 86.64 54.30 -8.27
CA GLY C 495 87.74 53.59 -7.66
C GLY C 495 88.99 53.53 -8.52
N GLN C 496 90.09 53.16 -7.86
CA GLN C 496 91.42 52.97 -8.46
C GLN C 496 91.23 51.77 -9.39
N CYS C 497 90.51 52.02 -10.48
CA CYS C 497 90.15 50.97 -11.44
C CYS C 497 91.12 50.60 -12.57
N GLU C 498 91.52 49.32 -12.55
CA GLU C 498 92.43 48.72 -13.53
C GLU C 498 91.61 48.11 -14.68
N GLU C 499 92.28 47.86 -15.81
CA GLU C 499 91.68 47.27 -17.03
C GLU C 499 91.12 48.44 -17.85
N GLU C 500 90.80 49.52 -17.14
CA GLU C 500 90.34 50.75 -17.74
C GLU C 500 89.95 51.94 -16.90
N GLU C 501 89.45 52.95 -17.60
CA GLU C 501 89.09 54.28 -17.06
C GLU C 501 87.74 54.56 -16.37
N PRO C 502 87.69 54.66 -15.03
CA PRO C 502 86.40 54.88 -14.38
C PRO C 502 85.74 56.16 -14.81
N ILE C 503 84.60 56.44 -14.19
CA ILE C 503 83.86 57.65 -14.50
C ILE C 503 83.21 58.27 -13.25
N GLN C 504 82.30 59.23 -13.44
CA GLN C 504 81.60 59.95 -12.33
C GLN C 504 80.49 59.17 -11.60
N VAL C 505 80.76 58.85 -10.33
CA VAL C 505 79.82 58.08 -9.52
C VAL C 505 79.27 58.80 -8.28
N THR C 506 78.31 59.70 -8.49
CA THR C 506 77.71 60.38 -7.35
C THR C 506 76.70 59.38 -6.82
N GLU C 507 76.77 59.07 -5.53
CA GLU C 507 75.82 58.14 -4.98
C GLU C 507 74.39 58.53 -5.34
N ASP C 508 74.12 59.84 -5.29
CA ASP C 508 72.81 60.40 -5.62
C ASP C 508 72.37 59.86 -6.98
N GLU C 509 73.31 59.84 -7.92
CA GLU C 509 73.05 59.35 -9.26
C GLU C 509 72.75 57.85 -9.21
N VAL C 510 73.62 57.06 -8.58
CA VAL C 510 73.40 55.62 -8.46
C VAL C 510 71.94 55.37 -8.14
N LEU C 511 71.44 56.11 -7.16
CA LEU C 511 70.06 55.99 -6.73
C LEU C 511 69.10 56.39 -7.85
N ASP C 512 69.11 57.68 -8.20
CA ASP C 512 68.24 58.20 -9.25
C ASP C 512 67.86 57.09 -10.22
N ILE C 513 68.86 56.36 -10.70
CA ILE C 513 68.57 55.27 -11.62
C ILE C 513 67.72 54.24 -10.92
N LEU C 514 68.31 53.52 -9.97
CA LEU C 514 67.57 52.49 -9.26
C LEU C 514 66.15 52.93 -8.99
N GLU C 515 66.03 54.10 -8.35
CA GLU C 515 64.72 54.64 -8.01
C GLU C 515 63.78 54.49 -9.20
N SER C 516 64.06 55.27 -10.24
CA SER C 516 63.23 55.26 -11.44
C SER C 516 62.81 53.85 -11.85
N VAL C 517 63.76 52.92 -11.75
CA VAL C 517 63.52 51.54 -12.10
C VAL C 517 62.22 51.09 -11.48
N LEU C 518 62.17 51.16 -10.16
CA LEU C 518 60.97 50.75 -9.44
C LEU C 518 59.75 51.50 -9.90
N ILE C 519 59.88 52.81 -9.97
CA ILE C 519 58.75 53.62 -10.35
C ILE C 519 58.18 53.35 -11.74
N SER C 520 58.98 53.62 -12.76
CA SER C 520 58.56 53.41 -14.14
C SER C 520 57.89 52.07 -14.39
N ASN C 521 56.83 52.10 -15.16
CA ASN C 521 56.16 50.88 -15.45
C ASN C 521 56.75 50.27 -16.70
N MET C 522 57.66 49.35 -16.49
CA MET C 522 58.31 48.65 -17.57
C MET C 522 59.06 47.52 -16.94
N SER C 523 59.01 47.50 -15.62
CA SER C 523 59.72 46.50 -14.85
C SER C 523 58.78 45.48 -14.19
N THR C 524 59.27 44.24 -14.08
CA THR C 524 58.51 43.16 -13.46
C THR C 524 58.73 43.21 -11.97
N SER C 525 57.74 42.73 -11.23
CA SER C 525 57.85 42.70 -9.79
C SER C 525 59.20 42.11 -9.40
N VAL C 526 59.63 41.08 -10.13
CA VAL C 526 60.90 40.43 -9.84
C VAL C 526 62.02 41.46 -9.95
N THR C 527 61.92 42.24 -11.01
CA THR C 527 62.89 43.27 -11.28
C THR C 527 62.98 44.16 -10.06
N ARG C 528 61.88 44.87 -9.80
CA ARG C 528 61.81 45.76 -8.67
C ARG C 528 62.55 45.14 -7.51
N GLY C 529 62.45 43.82 -7.43
CA GLY C 529 63.13 43.12 -6.38
C GLY C 529 64.61 43.43 -6.39
N TYR C 530 65.35 42.69 -7.22
CA TYR C 530 66.79 42.87 -7.33
C TYR C 530 67.20 44.27 -6.96
N ALA C 531 66.39 45.21 -7.44
CA ALA C 531 66.63 46.62 -7.20
C ALA C 531 66.66 46.88 -5.72
N LEU C 532 65.48 47.09 -5.16
CA LEU C 532 65.35 47.35 -3.74
C LEU C 532 66.41 46.61 -2.95
N THR C 533 66.34 45.29 -2.96
CA THR C 533 67.33 44.49 -2.24
C THR C 533 68.63 45.23 -2.39
N ALA C 534 69.07 45.36 -3.64
CA ALA C 534 70.31 46.05 -3.94
C ALA C 534 70.42 47.39 -3.22
N ILE C 535 69.53 48.32 -3.51
CA ILE C 535 69.59 49.61 -2.85
C ILE C 535 70.04 49.49 -1.42
N MET C 536 69.51 48.53 -0.71
CA MET C 536 69.92 48.39 0.67
C MET C 536 71.37 47.91 0.76
N LYS C 537 71.73 46.93 -0.07
CA LYS C 537 73.09 46.41 -0.07
C LYS C 537 74.07 47.57 -0.08
N LEU C 538 73.60 48.72 -0.56
CA LEU C 538 74.40 49.94 -0.64
C LEU C 538 74.57 50.59 0.73
N SER C 539 73.51 50.60 1.51
CA SER C 539 73.58 51.20 2.83
C SER C 539 74.91 50.86 3.48
N THR C 540 75.38 49.64 3.25
CA THR C 540 76.64 49.17 3.82
C THR C 540 77.84 49.47 2.96
N ARG C 541 77.54 49.82 1.72
CA ARG C 541 78.58 50.07 0.73
C ARG C 541 78.84 51.53 0.35
N PHE C 542 78.32 52.45 1.14
CA PHE C 542 78.55 53.87 0.87
C PHE C 542 78.72 54.70 2.14
N THR C 543 79.05 55.96 1.93
CA THR C 543 79.32 56.81 3.06
C THR C 543 78.35 57.88 3.44
N CYS C 544 77.50 58.34 2.54
CA CYS C 544 76.67 59.44 2.99
C CYS C 544 75.17 59.52 2.79
N THR C 545 74.69 59.14 1.61
CA THR C 545 73.26 59.21 1.34
C THR C 545 72.52 58.10 2.10
N VAL C 546 73.21 57.57 3.11
CA VAL C 546 72.68 56.51 3.97
C VAL C 546 71.30 56.90 4.51
N ASN C 547 70.81 58.09 4.13
CA ASN C 547 69.52 58.55 4.59
C ASN C 547 68.41 58.49 3.53
N ARG C 548 68.70 58.95 2.31
CA ARG C 548 67.70 58.90 1.24
C ARG C 548 67.25 57.43 1.14
N ILE C 549 68.21 56.54 1.43
CA ILE C 549 67.97 55.10 1.40
C ILE C 549 66.82 54.72 2.34
N LYS C 550 67.08 54.86 3.65
CA LYS C 550 66.10 54.55 4.67
C LYS C 550 64.72 55.09 4.28
N LYS C 551 64.70 56.27 3.66
CA LYS C 551 63.45 56.90 3.24
C LYS C 551 62.67 56.01 2.26
N VAL C 552 63.34 55.64 1.17
CA VAL C 552 62.73 54.80 0.14
C VAL C 552 62.17 53.52 0.73
N VAL C 553 63.06 52.76 1.37
CA VAL C 553 62.68 51.51 2.00
C VAL C 553 61.33 51.66 2.70
N SER C 554 61.31 52.51 3.72
CA SER C 554 60.09 52.72 4.50
C SER C 554 58.87 53.11 3.66
N ILE C 555 59.08 53.70 2.49
CA ILE C 555 57.95 54.08 1.66
C ILE C 555 57.36 52.87 0.96
N TYR C 556 58.23 51.97 0.54
CA TYR C 556 57.78 50.76 -0.13
C TYR C 556 57.18 49.78 0.85
N GLY C 557 57.31 50.07 2.14
CA GLY C 557 56.75 49.20 3.13
C GLY C 557 55.28 48.96 2.86
N SER C 558 54.72 49.71 1.93
CA SER C 558 53.31 49.57 1.60
C SER C 558 53.08 49.51 0.10
N SER C 559 53.40 48.36 -0.46
CA SER C 559 53.22 48.12 -1.87
C SER C 559 52.46 46.84 -2.06
N ILE C 560 51.62 46.81 -3.08
CA ILE C 560 50.81 45.65 -3.39
C ILE C 560 51.67 44.38 -3.39
N ASP C 561 52.88 44.48 -3.94
CA ASP C 561 53.81 43.37 -4.06
C ASP C 561 54.22 42.73 -2.73
N VAL C 562 53.44 41.75 -2.29
CA VAL C 562 53.70 41.04 -1.05
C VAL C 562 55.17 40.99 -0.75
N GLU C 563 55.91 40.66 -1.79
CA GLU C 563 57.34 40.54 -1.69
C GLU C 563 57.99 41.87 -1.33
N LEU C 564 58.01 42.79 -2.29
CA LEU C 564 58.63 44.09 -2.04
C LEU C 564 58.30 44.50 -0.62
N GLN C 565 57.02 44.72 -0.35
CA GLN C 565 56.61 45.11 0.98
C GLN C 565 57.32 44.28 2.02
N GLN C 566 56.97 43.01 2.11
CA GLN C 566 57.60 42.13 3.07
C GLN C 566 59.03 42.59 3.32
N ARG C 567 59.88 42.43 2.30
CA ARG C 567 61.26 42.84 2.43
C ARG C 567 61.34 44.25 2.99
N ALA C 568 60.71 45.20 2.32
CA ALA C 568 60.72 46.59 2.77
C ALA C 568 60.63 46.63 4.29
N VAL C 569 59.55 46.08 4.83
CA VAL C 569 59.37 46.06 6.27
C VAL C 569 60.60 45.47 6.92
N GLU C 570 60.98 44.28 6.45
CA GLU C 570 62.15 43.61 6.96
C GLU C 570 63.25 44.66 7.06
N TYR C 571 63.81 45.07 5.92
CA TYR C 571 64.88 46.08 5.92
C TYR C 571 64.56 47.21 6.91
N ASN C 572 63.54 48.01 6.57
CA ASN C 572 63.05 49.12 7.39
C ASN C 572 63.40 48.89 8.85
N ALA C 573 62.90 47.77 9.37
CA ALA C 573 63.11 47.38 10.75
C ALA C 573 64.60 47.21 11.09
N LEU C 574 65.38 46.69 10.15
CA LEU C 574 66.80 46.54 10.41
C LEU C 574 67.44 47.85 10.84
N PHE C 575 67.14 48.92 10.11
CA PHE C 575 67.71 50.22 10.45
C PHE C 575 67.21 50.67 11.81
N LYS C 576 65.90 50.85 11.89
CA LYS C 576 65.20 51.28 13.10
C LYS C 576 65.65 50.66 14.42
N LYS C 577 66.29 49.50 14.35
CA LYS C 577 66.75 48.83 15.57
C LYS C 577 68.22 48.35 15.60
N TYR C 578 68.53 47.21 15.01
CA TYR C 578 69.92 46.72 15.08
C TYR C 578 70.91 47.21 14.01
N ASP C 579 71.04 48.52 13.84
CA ASP C 579 71.94 49.02 12.81
C ASP C 579 73.12 48.13 12.49
N HIS C 580 74.23 48.42 13.16
CA HIS C 580 75.49 47.71 12.94
C HIS C 580 75.46 46.28 12.33
N MET C 581 74.33 45.58 12.50
CA MET C 581 74.22 44.26 11.88
C MET C 581 74.26 44.46 10.37
N ARG C 582 73.62 45.54 9.89
CA ARG C 582 73.60 45.80 8.46
C ARG C 582 75.02 45.61 7.89
N SER C 583 76.02 46.26 8.48
CA SER C 583 77.40 46.13 8.00
C SER C 583 77.78 44.66 7.73
N ALA C 584 77.69 43.81 8.76
CA ALA C 584 78.05 42.40 8.57
C ALA C 584 77.12 41.62 7.61
N LEU C 585 75.82 41.91 7.67
CA LEU C 585 74.85 41.25 6.84
C LEU C 585 75.10 41.38 5.36
N LEU C 586 75.04 42.61 4.87
CA LEU C 586 75.24 42.84 3.45
C LEU C 586 76.65 42.66 2.90
N GLU C 587 77.60 43.39 3.47
CA GLU C 587 79.02 43.39 3.03
C GLU C 587 79.60 42.06 2.56
N ARG C 588 78.76 41.05 2.46
CA ARG C 588 79.25 39.77 2.05
C ARG C 588 78.33 39.02 1.13
N MET C 589 78.77 38.89 -0.11
CA MET C 589 78.00 38.13 -1.08
C MET C 589 78.88 36.91 -1.22
N PRO C 590 78.29 35.71 -1.15
CA PRO C 590 79.04 34.45 -1.28
C PRO C 590 79.49 34.32 -2.71
N VAL C 591 79.93 33.13 -3.07
CA VAL C 591 80.40 32.88 -4.44
C VAL C 591 80.36 31.39 -4.90
N MET C 592 79.56 31.12 -5.94
CA MET C 592 79.45 29.76 -6.48
C MET C 592 80.36 29.58 -7.69
N GLU C 593 81.06 28.44 -7.74
CA GLU C 593 82.02 28.18 -8.80
C GLU C 593 81.86 26.91 -9.64
N LYS C 594 82.03 27.09 -10.95
CA LYS C 594 82.02 26.00 -11.92
C LYS C 594 83.46 25.82 -12.44
N VAL C 595 83.75 24.75 -13.05
N THR D 2 70.57 35.22 -77.37
CA THR D 2 70.67 35.75 -75.96
C THR D 2 69.40 36.55 -75.55
N ASP D 3 68.23 36.06 -76.00
CA ASP D 3 66.90 36.66 -75.69
C ASP D 3 65.81 35.58 -75.33
N SER D 4 65.06 35.78 -74.23
CA SER D 4 64.03 34.81 -73.78
C SER D 4 62.87 35.37 -72.92
N LYS D 5 61.64 35.21 -73.45
CA LYS D 5 60.42 35.65 -72.78
C LYS D 5 59.25 34.92 -73.42
N TYR D 6 58.91 33.75 -72.90
CA TYR D 6 57.81 33.00 -73.46
C TYR D 6 56.50 33.35 -72.78
N PHE D 7 55.39 32.86 -73.31
CA PHE D 7 54.11 33.15 -72.71
C PHE D 7 53.88 34.63 -72.58
N THR D 8 54.39 35.39 -73.53
CA THR D 8 54.26 36.82 -73.43
C THR D 8 54.07 37.43 -74.78
N THR D 9 53.06 36.98 -75.50
CA THR D 9 52.86 37.52 -76.83
C THR D 9 51.61 38.35 -76.90
N THR D 10 51.70 39.46 -77.62
CA THR D 10 50.54 40.31 -77.77
C THR D 10 49.85 39.90 -79.05
N LYS D 11 50.02 38.65 -79.44
CA LYS D 11 49.37 38.14 -80.64
C LYS D 11 48.08 37.44 -80.23
N LYS D 12 48.10 36.76 -79.09
CA LYS D 12 46.89 36.09 -78.64
C LYS D 12 46.79 35.96 -77.11
N GLY D 13 45.78 35.25 -76.64
CA GLY D 13 45.62 35.06 -75.21
C GLY D 13 44.82 36.13 -74.51
N GLU D 14 44.56 35.89 -73.24
CA GLU D 14 43.79 36.80 -72.40
C GLU D 14 43.85 38.23 -72.91
N ILE D 15 44.82 38.97 -72.38
CA ILE D 15 45.04 40.35 -72.76
C ILE D 15 44.39 40.63 -74.11
N PHE D 16 45.00 40.11 -75.16
CA PHE D 16 44.50 40.28 -76.52
C PHE D 16 43.00 40.12 -76.47
N GLU D 17 42.58 38.88 -76.33
CA GLU D 17 41.17 38.52 -76.26
C GLU D 17 40.35 39.74 -75.89
N LEU D 18 40.49 40.15 -74.64
CA LEU D 18 39.75 41.29 -74.13
C LEU D 18 40.04 42.53 -74.96
N LYS D 19 41.32 42.88 -75.07
CA LYS D 19 41.73 44.07 -75.82
C LYS D 19 40.82 44.29 -77.02
N ALA D 20 40.78 43.31 -77.90
CA ALA D 20 39.95 43.40 -79.08
C ALA D 20 38.48 43.56 -78.73
N GLU D 21 37.93 42.52 -78.13
CA GLU D 21 36.53 42.52 -77.76
C GLU D 21 36.11 43.82 -77.08
N LEU D 22 37.09 44.69 -76.85
CA LEU D 22 36.84 45.96 -76.21
C LEU D 22 36.53 47.06 -77.23
N ASN D 23 37.33 47.13 -78.27
CA ASN D 23 37.19 48.13 -79.31
C ASN D 23 36.08 47.88 -80.29
N SER D 24 35.43 46.73 -80.16
CA SER D 24 34.35 46.41 -81.06
C SER D 24 33.31 47.53 -81.08
N ASP D 25 32.19 47.21 -81.71
CA ASP D 25 31.08 48.13 -81.90
C ASP D 25 30.07 48.12 -80.79
N LYS D 26 29.12 47.21 -81.02
CA LYS D 26 28.02 46.98 -80.12
C LYS D 26 28.45 47.53 -78.77
N LYS D 27 27.66 48.47 -78.26
CA LYS D 27 27.95 49.09 -76.97
C LYS D 27 28.10 47.98 -75.93
N GLU D 28 27.20 47.01 -75.98
CA GLU D 28 27.20 45.87 -75.06
C GLU D 28 28.56 45.27 -74.74
N LYS D 29 29.28 44.84 -75.77
CA LYS D 29 30.59 44.23 -75.56
C LYS D 29 31.40 45.13 -74.64
N LYS D 30 31.79 46.29 -75.16
CA LYS D 30 32.57 47.23 -74.39
C LYS D 30 32.15 47.17 -72.93
N LYS D 31 30.86 47.32 -72.68
CA LYS D 31 30.36 47.26 -71.31
C LYS D 31 30.89 46.02 -70.60
N GLU D 32 30.22 44.90 -70.77
CA GLU D 32 30.66 43.66 -70.12
C GLU D 32 32.16 43.61 -70.07
N ALA D 33 32.77 43.59 -71.25
CA ALA D 33 34.22 43.56 -71.36
C ALA D 33 34.88 44.29 -70.20
N VAL D 34 34.76 45.62 -70.21
CA VAL D 34 35.35 46.41 -69.15
C VAL D 34 35.11 45.74 -67.81
N LYS D 35 33.85 45.47 -67.52
CA LYS D 35 33.49 44.83 -66.27
C LYS D 35 34.53 43.77 -65.92
N LYS D 36 34.67 42.77 -66.79
CA LYS D 36 35.63 41.72 -66.53
C LYS D 36 36.96 42.32 -66.16
N VAL D 37 37.32 43.41 -66.84
CA VAL D 37 38.59 44.03 -66.53
C VAL D 37 38.73 44.28 -65.05
N ILE D 38 38.12 45.36 -64.58
CA ILE D 38 38.22 45.67 -63.16
C ILE D 38 38.26 44.38 -62.37
N ALA D 39 37.26 43.54 -62.61
CA ALA D 39 37.20 42.27 -61.92
C ALA D 39 38.55 41.60 -62.00
N SER D 40 38.84 41.06 -63.17
CA SER D 40 40.09 40.38 -63.44
C SER D 40 41.22 41.13 -62.80
N MET D 41 40.97 42.40 -62.54
CA MET D 41 41.99 43.23 -61.93
C MET D 41 42.09 42.98 -60.45
N THR D 42 41.02 43.34 -59.73
CA THR D 42 40.97 43.21 -58.29
C THR D 42 41.55 41.91 -57.80
N VAL D 43 41.24 40.80 -58.47
CA VAL D 43 41.75 39.53 -57.98
C VAL D 43 43.27 39.47 -57.97
N GLY D 44 43.94 40.36 -58.68
CA GLY D 44 45.40 40.35 -58.66
C GLY D 44 46.09 40.11 -59.98
N LYS D 45 45.33 39.98 -61.05
CA LYS D 45 45.95 39.77 -62.33
C LYS D 45 46.55 41.12 -62.66
N ASP D 46 47.22 41.19 -63.79
CA ASP D 46 47.86 42.41 -64.22
C ASP D 46 47.14 43.02 -65.41
N VAL D 47 46.70 44.26 -65.27
CA VAL D 47 46.00 44.94 -66.35
C VAL D 47 46.76 46.13 -66.87
N SER D 48 47.96 46.31 -66.33
CA SER D 48 48.82 47.40 -66.75
C SER D 48 48.49 47.64 -68.21
N ALA D 49 48.57 46.57 -68.99
CA ALA D 49 48.28 46.64 -70.40
C ALA D 49 46.99 47.38 -70.73
N LEU D 50 45.92 46.61 -70.89
CA LEU D 50 44.59 47.12 -71.23
C LEU D 50 44.36 48.61 -71.04
N PHE D 51 44.91 49.16 -69.96
CA PHE D 51 44.71 50.58 -69.69
C PHE D 51 44.31 51.47 -70.86
N PRO D 52 45.24 51.71 -71.81
CA PRO D 52 44.92 52.57 -72.96
C PRO D 52 43.52 52.37 -73.51
N ASP D 53 43.38 51.35 -74.34
CA ASP D 53 42.13 51.02 -74.99
C ASP D 53 40.90 51.12 -74.07
N VAL D 54 41.11 51.01 -72.77
CA VAL D 54 39.99 51.11 -71.84
C VAL D 54 39.53 52.55 -71.77
N VAL D 55 40.46 53.41 -71.39
CA VAL D 55 40.19 54.83 -71.29
C VAL D 55 39.50 55.24 -72.58
N ASN D 56 40.20 55.01 -73.69
CA ASN D 56 39.73 55.34 -75.04
C ASN D 56 38.37 54.74 -75.35
N CYS D 57 37.73 54.19 -74.33
CA CYS D 57 36.40 53.65 -74.48
C CYS D 57 35.66 54.72 -73.72
N MET D 58 36.33 55.86 -73.59
CA MET D 58 35.87 57.05 -72.91
C MET D 58 34.83 57.84 -73.71
N GLN D 59 35.24 58.23 -74.91
CA GLN D 59 34.40 58.99 -75.82
C GLN D 59 33.15 58.22 -76.25
N THR D 60 32.40 57.75 -75.25
CA THR D 60 31.16 57.04 -75.47
C THR D 60 30.17 57.84 -74.67
N ASP D 61 29.01 57.27 -74.36
CA ASP D 61 28.03 58.06 -73.65
C ASP D 61 27.26 57.39 -72.54
N ASN D 62 26.41 56.45 -72.91
CA ASN D 62 25.58 55.73 -71.95
C ASN D 62 26.29 55.65 -70.61
N LEU D 63 25.66 56.22 -69.60
CA LEU D 63 26.19 56.22 -68.24
C LEU D 63 26.94 54.93 -68.06
N GLU D 64 26.14 53.86 -68.10
CA GLU D 64 26.62 52.50 -67.94
C GLU D 64 28.12 52.52 -68.16
N LEU D 65 28.52 52.45 -69.43
CA LEU D 65 29.92 52.45 -69.74
C LEU D 65 30.67 53.58 -69.05
N LYS D 66 30.35 54.81 -69.43
CA LYS D 66 31.04 55.97 -68.87
C LYS D 66 31.52 55.79 -67.43
N LYS D 67 30.63 55.36 -66.54
CA LYS D 67 31.02 55.21 -65.14
C LYS D 67 31.98 54.07 -64.96
N LEU D 68 31.62 52.89 -65.45
CA LEU D 68 32.51 51.75 -65.29
C LEU D 68 33.92 52.25 -65.53
N VAL D 69 34.13 52.80 -66.72
CA VAL D 69 35.42 53.32 -67.09
C VAL D 69 35.98 53.96 -65.84
N TYR D 70 35.23 54.92 -65.33
CA TYR D 70 35.65 55.61 -64.13
C TYR D 70 36.16 54.66 -63.06
N LEU D 71 35.27 53.85 -62.49
CA LEU D 71 35.69 52.93 -61.45
C LEU D 71 37.07 52.39 -61.73
N TYR D 72 37.22 51.83 -62.91
CA TYR D 72 38.51 51.30 -63.30
C TYR D 72 39.56 52.27 -62.85
N LEU D 73 39.62 53.38 -63.55
CA LEU D 73 40.58 54.40 -63.23
C LEU D 73 40.64 54.52 -61.72
N MET D 74 39.47 54.69 -61.12
CA MET D 74 39.40 54.84 -59.68
C MET D 74 40.45 53.96 -58.98
N ASN D 75 40.29 52.64 -59.07
CA ASN D 75 41.23 51.75 -58.42
C ASN D 75 42.64 52.21 -58.65
N TYR D 76 42.98 52.48 -59.89
CA TYR D 76 44.33 52.93 -60.16
C TYR D 76 44.70 54.21 -59.41
N ALA D 77 43.75 54.76 -58.68
CA ALA D 77 44.01 56.00 -57.94
C ALA D 77 45.34 56.04 -57.20
N LYS D 78 45.27 55.57 -55.96
CA LYS D 78 46.40 55.53 -55.05
C LYS D 78 47.54 54.63 -55.48
N SER D 79 47.21 53.57 -56.20
CA SER D 79 48.20 52.62 -56.68
C SER D 79 49.24 53.29 -57.59
N GLN D 80 48.87 53.49 -58.86
CA GLN D 80 49.76 54.14 -59.83
C GLN D 80 49.19 55.48 -60.31
N PRO D 81 49.20 56.48 -59.41
CA PRO D 81 48.70 57.81 -59.70
C PRO D 81 49.14 58.25 -61.08
N ASP D 82 50.40 58.00 -61.40
CA ASP D 82 50.93 58.36 -62.70
C ASP D 82 49.93 58.12 -63.83
N MET D 83 49.42 56.90 -63.93
CA MET D 83 48.45 56.58 -64.97
C MET D 83 47.15 57.39 -64.76
N ALA D 84 46.67 57.42 -63.52
CA ALA D 84 45.45 58.18 -63.23
C ALA D 84 45.50 59.50 -64.01
N ILE D 85 46.50 60.32 -63.70
CA ILE D 85 46.68 61.62 -64.35
C ILE D 85 46.41 61.61 -65.83
N MET D 86 47.14 60.76 -66.57
CA MET D 86 46.96 60.72 -68.01
C MET D 86 45.51 60.88 -68.46
N ALA D 87 44.59 60.82 -67.52
CA ALA D 87 43.17 61.02 -67.88
C ALA D 87 42.63 62.46 -67.65
N VAL D 88 43.40 63.27 -66.91
CA VAL D 88 43.03 64.65 -66.57
C VAL D 88 42.00 65.35 -67.45
N ASN D 89 42.48 65.78 -68.61
CA ASN D 89 41.69 66.49 -69.59
C ASN D 89 40.30 65.95 -69.50
N THR D 90 40.18 64.68 -69.87
CA THR D 90 38.93 63.95 -69.85
C THR D 90 38.03 64.34 -68.70
N PHE D 91 38.63 64.51 -67.53
CA PHE D 91 37.83 64.88 -66.36
C PHE D 91 37.33 66.30 -66.41
N VAL D 92 38.24 67.25 -66.40
CA VAL D 92 37.88 68.66 -66.42
C VAL D 92 36.73 68.85 -67.41
N LYS D 93 37.03 68.52 -68.65
CA LYS D 93 36.06 68.64 -69.73
C LYS D 93 34.79 67.89 -69.38
N ASP D 94 34.88 66.97 -68.43
CA ASP D 94 33.68 66.26 -68.04
C ASP D 94 32.94 67.09 -66.99
N CYS D 95 33.66 67.87 -66.20
CA CYS D 95 33.04 68.70 -65.18
C CYS D 95 31.91 69.51 -65.76
N GLU D 96 32.11 70.05 -66.95
CA GLU D 96 31.04 70.85 -67.51
C GLU D 96 29.80 70.08 -67.94
N ASP D 97 29.96 68.80 -68.22
CA ASP D 97 28.83 67.97 -68.65
C ASP D 97 27.55 68.35 -67.90
N PRO D 98 26.43 68.28 -68.63
CA PRO D 98 25.03 68.53 -68.30
C PRO D 98 24.45 67.53 -67.33
N ASN D 99 25.21 66.48 -67.02
CA ASN D 99 24.68 65.56 -66.02
C ASN D 99 25.49 65.61 -64.75
N PRO D 100 25.17 66.58 -63.92
CA PRO D 100 25.88 66.72 -62.66
C PRO D 100 26.42 65.37 -62.14
N LEU D 101 25.59 64.33 -62.11
CA LEU D 101 26.06 63.02 -61.64
C LEU D 101 27.47 62.87 -62.18
N ILE D 102 27.57 62.90 -63.50
CA ILE D 102 28.85 62.79 -64.16
C ILE D 102 29.85 63.76 -63.52
N ARG D 103 29.80 65.00 -63.96
CA ARG D 103 30.75 66.00 -63.46
C ARG D 103 31.09 65.89 -61.98
N ALA D 104 30.16 65.39 -61.18
CA ALA D 104 30.42 65.23 -59.76
C ALA D 104 31.49 64.17 -59.65
N LEU D 105 31.22 63.01 -60.25
CA LEU D 105 32.16 61.91 -60.21
C LEU D 105 33.52 62.46 -60.64
N ALA D 106 33.50 63.28 -61.67
CA ALA D 106 34.72 63.91 -62.19
C ALA D 106 35.41 64.64 -61.06
N VAL D 107 34.61 65.10 -60.12
CA VAL D 107 35.15 65.79 -58.99
C VAL D 107 35.80 64.79 -58.06
N ARG D 108 34.95 64.09 -57.32
CA ARG D 108 35.40 63.08 -56.36
C ARG D 108 36.63 62.38 -56.92
N THR D 109 36.55 62.06 -58.20
CA THR D 109 37.63 61.39 -58.87
C THR D 109 38.89 62.23 -58.83
N MET D 110 38.86 63.39 -59.47
CA MET D 110 40.01 64.28 -59.46
C MET D 110 40.61 64.21 -58.06
N GLY D 111 39.73 64.37 -57.07
CA GLY D 111 40.15 64.38 -55.68
C GLY D 111 40.83 63.17 -55.06
N CYS D 112 40.64 61.97 -55.60
CA CYS D 112 41.31 60.86 -54.97
C CYS D 112 42.71 60.61 -55.51
N ILE D 113 43.44 61.68 -55.82
CA ILE D 113 44.82 61.54 -56.29
C ILE D 113 45.75 62.06 -55.19
N ARG D 114 47.04 61.76 -55.26
CA ARG D 114 47.96 62.21 -54.20
C ARG D 114 49.18 62.97 -54.73
N VAL D 115 49.20 63.33 -56.02
CA VAL D 115 50.37 64.04 -56.60
C VAL D 115 50.27 65.58 -56.72
N ASP D 116 51.42 66.27 -56.68
CA ASP D 116 51.44 67.74 -56.77
C ASP D 116 50.89 68.31 -58.08
N LYS D 117 51.19 67.63 -59.19
CA LYS D 117 50.75 68.07 -60.51
C LYS D 117 49.22 68.28 -60.60
N ILE D 118 48.50 67.63 -59.68
CA ILE D 118 47.04 67.72 -59.64
C ILE D 118 46.53 69.14 -59.40
N THR D 119 47.16 69.83 -58.44
CA THR D 119 46.79 71.20 -58.09
C THR D 119 46.43 71.96 -59.38
N GLU D 120 47.44 72.14 -60.24
CA GLU D 120 47.35 72.82 -61.54
C GLU D 120 46.05 72.53 -62.27
N TYR D 121 45.91 71.27 -62.69
CA TYR D 121 44.73 70.92 -63.47
C TYR D 121 43.32 71.02 -62.88
N LEU D 122 43.14 70.87 -61.58
CA LEU D 122 41.75 70.92 -61.07
C LEU D 122 41.15 72.12 -60.32
N CYS D 123 41.96 72.77 -59.49
CA CYS D 123 41.45 73.89 -58.70
C CYS D 123 40.27 74.69 -59.27
N GLU D 124 40.56 75.49 -60.31
CA GLU D 124 39.57 76.35 -60.95
C GLU D 124 38.25 75.63 -61.15
N PRO D 125 38.29 74.53 -61.91
CA PRO D 125 37.06 73.79 -62.15
C PRO D 125 36.34 73.50 -60.83
N LEU D 126 37.10 73.35 -59.75
CA LEU D 126 36.50 73.07 -58.45
C LEU D 126 35.58 74.20 -58.01
N ARG D 127 36.17 75.36 -57.74
CA ARG D 127 35.40 76.53 -57.31
C ARG D 127 34.08 76.40 -58.01
N LYS D 128 34.19 76.36 -59.34
CA LYS D 128 33.04 76.24 -60.20
C LYS D 128 32.10 75.14 -59.70
N CYS D 129 32.40 73.89 -60.04
CA CYS D 129 31.57 72.74 -59.65
C CYS D 129 30.77 72.99 -58.38
N LEU D 130 31.41 73.64 -57.43
CA LEU D 130 30.80 73.97 -56.15
C LEU D 130 29.57 74.83 -56.18
N LYS D 131 29.88 76.10 -56.27
CA LYS D 131 28.90 77.16 -56.33
C LYS D 131 27.77 76.75 -57.29
N ASP D 132 28.04 75.76 -58.15
CA ASP D 132 27.04 75.30 -59.13
C ASP D 132 25.65 74.99 -58.57
N GLU D 133 24.99 73.98 -59.12
CA GLU D 133 23.60 73.76 -58.70
C GLU D 133 23.16 72.46 -58.10
N ASP D 134 24.07 71.54 -57.85
CA ASP D 134 23.56 70.30 -57.30
C ASP D 134 24.07 69.71 -56.04
N PRO D 135 23.17 69.00 -55.35
CA PRO D 135 23.48 68.34 -54.07
C PRO D 135 24.84 67.66 -54.19
N TYR D 136 24.86 66.46 -54.77
CA TYR D 136 26.09 65.72 -54.90
C TYR D 136 27.31 66.58 -55.22
N VAL D 137 27.20 67.35 -56.31
CA VAL D 137 28.29 68.21 -56.78
C VAL D 137 29.00 68.93 -55.62
N ARG D 138 28.25 69.83 -55.00
CA ARG D 138 28.79 70.58 -53.90
C ARG D 138 29.37 69.59 -52.87
N LYS D 139 28.50 68.81 -52.23
CA LYS D 139 28.93 67.83 -51.22
C LYS D 139 30.29 67.35 -51.57
N THR D 140 30.29 66.49 -52.55
CA THR D 140 31.49 65.91 -53.07
C THR D 140 32.73 66.80 -53.01
N ALA D 141 32.73 67.94 -53.69
CA ALA D 141 33.92 68.80 -53.65
C ALA D 141 34.19 69.27 -52.24
N ALA D 142 33.14 69.64 -51.51
CA ALA D 142 33.31 70.06 -50.13
C ALA D 142 34.37 69.09 -49.65
N VAL D 143 34.04 67.82 -49.79
CA VAL D 143 34.93 66.75 -49.42
C VAL D 143 36.30 67.09 -49.99
N CYS D 144 36.42 66.97 -51.31
CA CYS D 144 37.68 67.24 -52.00
C CYS D 144 38.48 68.23 -51.20
N VAL D 145 37.95 69.44 -51.07
CA VAL D 145 38.61 70.49 -50.34
C VAL D 145 39.70 69.88 -49.46
N ALA D 146 39.27 69.16 -48.42
CA ALA D 146 40.18 68.53 -47.50
C ALA D 146 41.28 67.82 -48.26
N LYS D 147 40.87 66.91 -49.14
CA LYS D 147 41.79 66.14 -49.96
C LYS D 147 42.89 67.08 -50.45
N LEU D 148 42.48 68.21 -50.99
CA LEU D 148 43.41 69.20 -51.50
C LEU D 148 44.26 69.74 -50.36
N HIS D 149 43.58 70.09 -49.28
CA HIS D 149 44.26 70.58 -48.11
C HIS D 149 45.35 69.58 -47.80
N ASP D 150 44.94 68.38 -47.38
CA ASP D 150 45.84 67.28 -47.03
C ASP D 150 46.93 67.01 -48.05
N ILE D 151 46.73 67.46 -49.29
CA ILE D 151 47.74 67.25 -50.31
C ILE D 151 49.04 67.77 -49.73
N ASN D 152 50.16 67.24 -50.20
CA ASN D 152 51.48 67.65 -49.71
C ASN D 152 51.74 69.19 -49.69
N ALA D 153 50.72 69.99 -50.08
CA ALA D 153 50.82 71.46 -50.09
C ALA D 153 49.47 72.18 -50.24
N GLN D 154 49.42 73.43 -49.76
CA GLN D 154 48.24 74.28 -49.89
C GLN D 154 48.71 75.46 -50.71
N MET D 155 47.82 76.42 -50.88
CA MET D 155 48.13 77.61 -51.65
C MET D 155 47.53 78.86 -50.97
N VAL D 156 47.76 80.02 -51.58
CA VAL D 156 47.25 81.31 -51.09
C VAL D 156 45.78 81.48 -51.59
N GLU D 157 45.40 80.64 -52.56
CA GLU D 157 44.02 80.58 -53.14
C GLU D 157 43.26 79.64 -52.20
N ASP D 158 43.93 78.51 -51.92
CA ASP D 158 43.52 77.41 -51.04
C ASP D 158 42.96 77.95 -49.71
N GLN D 159 43.78 78.85 -49.13
CA GLN D 159 43.49 79.54 -47.87
C GLN D 159 42.39 80.60 -48.12
N GLY D 160 41.87 80.58 -49.34
CA GLY D 160 40.80 81.47 -49.77
C GLY D 160 39.55 80.67 -50.11
N PHE D 161 39.68 79.34 -50.18
CA PHE D 161 38.57 78.45 -50.47
C PHE D 161 37.87 78.12 -49.17
N LEU D 162 38.63 78.20 -48.08
CA LEU D 162 38.10 77.92 -46.74
C LEU D 162 36.90 78.82 -46.47
N ASP D 163 37.04 80.09 -46.85
CA ASP D 163 35.98 81.07 -46.68
C ASP D 163 34.78 80.52 -47.44
N THR D 164 35.02 80.16 -48.70
CA THR D 164 33.98 79.60 -49.57
C THR D 164 33.27 78.61 -48.68
N LEU D 165 34.04 77.66 -48.18
CA LEU D 165 33.50 76.64 -47.29
C LEU D 165 32.48 77.21 -46.32
N LYS D 166 32.98 77.75 -45.20
CA LYS D 166 32.12 78.32 -44.16
C LYS D 166 30.86 78.97 -44.70
N ASP D 167 31.04 80.04 -45.47
CA ASP D 167 29.92 80.76 -46.06
C ASP D 167 28.95 79.74 -46.68
N LEU D 168 29.45 79.02 -47.69
CA LEU D 168 28.68 78.01 -48.41
C LEU D 168 28.13 76.96 -47.43
N ILE D 169 28.84 76.79 -46.33
CA ILE D 169 28.47 75.84 -45.30
C ILE D 169 27.08 76.09 -44.81
N SER D 170 27.00 76.96 -43.81
CA SER D 170 25.73 77.29 -43.23
C SER D 170 24.65 77.42 -44.30
N ASP D 171 24.99 78.05 -45.44
CA ASP D 171 24.02 78.28 -46.53
C ASP D 171 23.40 77.08 -47.30
N SER D 172 23.98 76.64 -48.43
CA SER D 172 23.41 75.52 -49.21
C SER D 172 22.72 74.64 -48.19
N ASN D 173 21.55 74.15 -48.43
CA ASN D 173 20.97 73.52 -47.28
C ASN D 173 21.06 71.97 -47.12
N PRO D 174 20.53 71.15 -47.98
CA PRO D 174 20.49 69.71 -47.71
C PRO D 174 21.76 69.14 -47.14
N MET D 175 21.76 67.85 -46.83
CA MET D 175 22.95 67.17 -46.23
C MET D 175 24.32 67.82 -46.45
N VAL D 176 24.42 68.44 -47.61
CA VAL D 176 25.61 69.15 -48.03
C VAL D 176 26.37 69.70 -46.85
N VAL D 177 25.69 70.61 -46.15
CA VAL D 177 26.28 71.25 -45.00
C VAL D 177 27.09 70.20 -44.28
N ALA D 178 26.44 69.09 -43.94
CA ALA D 178 27.12 67.99 -43.26
C ALA D 178 28.56 67.90 -43.78
N ASN D 179 28.69 67.38 -44.99
CA ASN D 179 30.03 67.24 -45.55
C ASN D 179 30.85 68.51 -45.22
N ARG D 180 30.39 69.67 -45.70
CA ARG D 180 31.09 70.93 -45.43
C ARG D 180 31.66 70.94 -44.02
N VAL D 181 30.75 70.93 -43.06
CA VAL D 181 31.08 70.95 -41.65
C VAL D 181 32.39 70.22 -41.43
N ALA D 182 32.24 68.91 -41.31
CA ALA D 182 33.36 68.02 -41.07
C ALA D 182 34.52 68.49 -41.91
N ALA D 183 34.31 68.50 -43.22
CA ALA D 183 35.34 68.93 -44.14
C ALA D 183 36.19 69.89 -43.37
N LEU D 184 35.60 71.01 -43.00
CA LEU D 184 36.33 72.01 -42.27
C LEU D 184 36.91 71.43 -40.99
N SER D 185 36.04 70.90 -40.13
CA SER D 185 36.44 70.32 -38.86
C SER D 185 37.81 69.68 -38.95
N GLU D 186 37.90 68.66 -39.80
CA GLU D 186 39.15 67.94 -40.00
C GLU D 186 40.23 68.95 -40.40
N ILE D 187 39.92 69.74 -41.41
CA ILE D 187 40.86 70.73 -41.89
C ILE D 187 41.37 71.54 -40.72
N ALA D 188 40.43 71.96 -39.89
CA ALA D 188 40.73 72.76 -38.71
C ALA D 188 41.95 72.20 -38.01
N GLU D 189 41.71 71.18 -37.19
CA GLU D 189 42.77 70.53 -36.41
C GLU D 189 44.24 70.86 -36.78
N SER D 190 44.53 71.10 -38.06
CA SER D 190 45.86 71.58 -38.46
C SER D 190 45.72 73.09 -38.14
N HIS D 191 45.61 73.39 -36.85
CA HIS D 191 45.21 74.71 -36.28
C HIS D 191 45.99 76.00 -36.33
N PRO D 192 45.98 76.70 -37.43
CA PRO D 192 46.60 78.02 -37.44
C PRO D 192 45.81 79.08 -36.62
N SER D 193 44.63 79.50 -37.15
CA SER D 193 43.76 80.50 -36.52
C SER D 193 42.27 80.30 -36.85
N SER D 194 41.93 80.42 -38.13
CA SER D 194 40.58 80.27 -38.77
C SER D 194 39.67 79.15 -38.21
N ASN D 195 40.31 78.13 -37.63
CA ASN D 195 39.61 77.02 -37.03
C ASN D 195 39.09 77.45 -35.66
N LEU D 196 39.67 78.52 -35.11
CA LEU D 196 39.26 79.02 -33.80
C LEU D 196 38.13 80.09 -33.85
N LEU D 197 37.74 80.55 -35.06
CA LEU D 197 36.67 81.57 -35.19
C LEU D 197 35.30 80.89 -35.25
N ASP D 198 35.25 79.65 -34.80
CA ASP D 198 33.99 78.97 -34.70
C ASP D 198 33.60 79.42 -33.27
N LEU D 199 33.10 80.65 -33.16
CA LEU D 199 32.72 81.17 -31.83
C LEU D 199 31.39 81.93 -31.91
N LYS D 200 30.59 81.61 -32.92
CA LYS D 200 29.33 82.31 -33.09
C LYS D 200 28.13 81.63 -32.45
N ALA D 201 27.49 82.39 -31.57
CA ALA D 201 26.30 81.98 -30.84
C ALA D 201 25.12 82.38 -31.74
N GLN D 202 25.44 82.33 -33.03
CA GLN D 202 24.56 82.61 -34.16
C GLN D 202 24.84 81.49 -35.19
N SER D 203 26.13 81.24 -35.48
CA SER D 203 26.53 80.18 -36.44
C SER D 203 26.07 78.81 -35.93
N ILE D 204 25.85 78.80 -34.62
CA ILE D 204 25.38 77.69 -33.81
C ILE D 204 23.91 77.32 -34.01
N ASN D 205 23.08 78.35 -34.25
CA ASN D 205 21.65 78.19 -34.50
C ASN D 205 21.53 77.61 -35.89
N LYS D 206 22.51 77.98 -36.70
CA LYS D 206 22.62 77.49 -38.06
C LYS D 206 22.72 75.99 -37.88
N LEU D 207 23.63 75.60 -36.99
CA LEU D 207 23.87 74.22 -36.69
C LEU D 207 22.64 73.62 -36.04
N LEU D 208 22.05 74.38 -35.12
CA LEU D 208 20.85 73.95 -34.37
C LEU D 208 19.77 73.37 -35.28
N THR D 209 19.36 74.18 -36.25
CA THR D 209 18.33 73.76 -37.20
C THR D 209 18.94 72.69 -38.11
N ALA D 210 20.27 72.70 -38.21
CA ALA D 210 21.00 71.73 -39.04
C ALA D 210 20.96 70.32 -38.46
N LEU D 211 20.83 70.25 -37.13
CA LEU D 211 20.75 68.97 -36.43
C LEU D 211 19.40 68.37 -36.73
N ASN D 212 18.36 69.19 -36.65
CA ASN D 212 17.03 68.67 -36.94
C ASN D 212 16.84 68.41 -38.46
N GLU D 213 17.82 68.85 -39.25
CA GLU D 213 17.87 68.64 -40.69
C GLU D 213 18.82 67.46 -40.86
N CYS D 214 18.17 66.30 -40.63
CA CYS D 214 18.66 64.89 -40.61
C CYS D 214 19.63 64.23 -41.60
N THR D 215 20.84 64.00 -41.10
CA THR D 215 21.91 63.34 -41.84
C THR D 215 22.76 62.84 -40.68
N GLU D 216 22.29 61.81 -39.99
CA GLU D 216 23.03 61.31 -38.82
C GLU D 216 24.45 61.80 -38.85
N TRP D 217 25.19 61.32 -39.84
CA TRP D 217 26.58 61.68 -40.03
C TRP D 217 26.77 63.17 -39.74
N ALA D 218 25.87 63.97 -40.31
CA ALA D 218 25.86 65.41 -40.10
C ALA D 218 25.76 65.63 -38.60
N GLN D 219 24.58 65.32 -38.07
CA GLN D 219 24.29 65.48 -36.66
C GLN D 219 25.64 65.39 -35.93
N ILE D 220 26.35 64.31 -36.16
CA ILE D 220 27.66 64.12 -35.53
C ILE D 220 28.59 65.29 -35.76
N PHE D 221 29.21 65.29 -36.92
CA PHE D 221 30.17 66.32 -37.32
C PHE D 221 29.87 67.65 -36.66
N ILE D 222 28.59 67.99 -36.61
CA ILE D 222 28.14 69.22 -35.98
C ILE D 222 28.57 69.22 -34.52
N LEU D 223 28.04 68.25 -33.79
CA LEU D 223 28.36 68.09 -32.39
C LEU D 223 29.87 68.01 -32.29
N ASP D 224 30.42 67.10 -33.08
CA ASP D 224 31.86 66.88 -33.11
C ASP D 224 32.62 68.21 -33.06
N CYS D 225 32.00 69.29 -33.54
CA CYS D 225 32.63 70.61 -33.52
C CYS D 225 32.45 71.33 -32.19
N LEU D 226 31.25 71.21 -31.63
CA LEU D 226 30.94 71.83 -30.35
C LEU D 226 31.98 71.41 -29.32
N GLY D 227 32.87 70.52 -29.75
CA GLY D 227 33.94 70.04 -28.89
C GLY D 227 35.19 70.91 -28.99
N ASN D 228 34.98 72.18 -29.30
CA ASN D 228 36.04 73.17 -29.44
C ASN D 228 35.47 74.52 -28.89
N TYR D 229 34.29 74.48 -28.23
CA TYR D 229 33.61 75.68 -27.72
C TYR D 229 33.33 75.92 -26.23
N MET D 230 32.30 76.79 -26.10
CA MET D 230 31.57 77.32 -24.92
C MET D 230 32.11 78.33 -23.87
N PRO D 231 33.16 79.13 -24.13
CA PRO D 231 33.58 80.01 -23.03
C PRO D 231 32.59 80.95 -22.32
N LYS D 232 32.27 80.64 -21.04
CA LYS D 232 31.49 81.34 -19.95
C LYS D 232 29.93 81.58 -19.85
N ASP D 233 29.01 81.69 -20.88
CA ASP D 233 27.57 81.93 -20.57
C ASP D 233 26.45 80.88 -20.40
N ASP D 234 25.59 81.16 -19.42
CA ASP D 234 24.45 80.32 -19.01
C ASP D 234 23.11 80.25 -19.84
N ARG D 235 22.50 81.36 -20.23
CA ARG D 235 21.23 81.28 -21.01
C ARG D 235 21.41 80.47 -22.30
N GLU D 236 22.59 80.63 -22.89
CA GLU D 236 23.01 79.96 -24.14
C GLU D 236 23.16 78.46 -23.85
N ALA D 237 23.77 78.15 -22.71
CA ALA D 237 23.95 76.76 -22.32
C ALA D 237 22.55 76.09 -22.29
N GLN D 238 21.65 76.63 -21.47
CA GLN D 238 20.29 76.11 -21.31
C GLN D 238 19.48 75.89 -22.60
N SER D 239 19.85 76.63 -23.65
CA SER D 239 19.16 76.48 -24.94
C SER D 239 19.94 75.46 -25.81
N ILE D 240 21.26 75.56 -25.79
CA ILE D 240 22.09 74.64 -26.55
C ILE D 240 21.69 73.22 -26.13
N CYS D 241 21.55 73.02 -24.82
CA CYS D 241 21.20 71.71 -24.26
C CYS D 241 19.72 71.32 -24.38
N GLU D 242 18.82 72.20 -23.93
CA GLU D 242 17.40 71.91 -24.01
C GLU D 242 17.01 71.63 -25.48
N ARG D 243 17.99 71.82 -26.38
CA ARG D 243 17.85 71.59 -27.83
C ARG D 243 18.30 70.18 -28.23
N VAL D 244 19.29 69.66 -27.51
CA VAL D 244 19.82 68.33 -27.78
C VAL D 244 18.96 67.19 -27.22
N THR D 245 18.10 67.54 -26.26
CA THR D 245 17.17 66.59 -25.63
C THR D 245 16.49 65.64 -26.62
N PRO D 246 16.26 66.10 -27.86
CA PRO D 246 15.62 65.11 -28.73
C PRO D 246 16.69 64.15 -29.21
N ARG D 247 17.82 64.72 -29.62
CA ARG D 247 18.96 63.96 -30.12
C ARG D 247 19.18 62.61 -29.43
N LEU D 248 19.02 62.56 -28.12
CA LEU D 248 19.24 61.30 -27.38
C LEU D 248 18.28 60.17 -27.73
N SER D 249 16.99 60.41 -27.53
CA SER D 249 16.00 59.39 -27.82
C SER D 249 15.88 59.08 -29.30
N HIS D 250 16.56 59.89 -30.13
CA HIS D 250 16.49 59.71 -31.59
C HIS D 250 17.11 58.47 -32.29
N ALA D 251 18.08 58.73 -33.17
CA ALA D 251 18.66 57.70 -34.01
C ALA D 251 19.64 56.63 -33.55
N ASN D 252 20.80 56.60 -34.20
CA ASN D 252 21.80 55.58 -33.95
C ASN D 252 23.00 55.97 -33.17
N SER D 253 23.16 55.24 -32.07
CA SER D 253 24.29 55.40 -31.18
C SER D 253 25.18 56.60 -31.52
N ALA D 254 25.99 56.49 -32.58
CA ALA D 254 26.90 57.57 -32.99
C ALA D 254 26.35 58.92 -32.56
N VAL D 255 25.07 59.12 -32.90
CA VAL D 255 24.36 60.33 -32.53
C VAL D 255 24.38 60.44 -31.01
N VAL D 256 23.48 59.69 -30.37
CA VAL D 256 23.35 59.65 -28.92
C VAL D 256 24.72 59.90 -28.30
N LEU D 257 25.71 59.12 -28.71
CA LEU D 257 27.06 59.28 -28.17
C LEU D 257 27.56 60.69 -28.42
N SER D 258 28.10 60.95 -29.61
CA SER D 258 28.61 62.28 -29.90
C SER D 258 27.78 63.36 -29.22
N ALA D 259 26.46 63.16 -29.19
CA ALA D 259 25.54 64.10 -28.55
C ALA D 259 25.99 64.25 -27.10
N VAL D 260 26.00 63.15 -26.37
CA VAL D 260 26.43 63.18 -24.99
C VAL D 260 27.81 63.83 -24.92
N LYS D 261 28.72 63.40 -25.79
CA LYS D 261 30.08 63.95 -25.82
C LYS D 261 30.04 65.46 -25.52
N VAL D 262 29.08 66.16 -26.12
CA VAL D 262 28.99 67.61 -25.87
C VAL D 262 28.21 67.97 -24.59
N LEU D 263 27.04 67.35 -24.41
CA LEU D 263 26.18 67.62 -23.26
C LEU D 263 27.01 67.83 -22.01
N MET D 264 28.05 67.01 -21.92
CA MET D 264 28.94 67.02 -20.80
C MET D 264 30.14 67.95 -20.88
N LYS D 265 30.48 68.43 -22.08
CA LYS D 265 31.54 69.43 -22.19
C LYS D 265 30.96 70.80 -21.84
N PHE D 266 29.64 70.90 -21.88
CA PHE D 266 28.96 72.17 -21.59
C PHE D 266 28.57 72.35 -20.11
N MET D 267 28.29 71.25 -19.41
CA MET D 267 27.93 71.31 -17.98
C MET D 267 28.82 72.23 -17.11
N ASP D 275 18.04 74.62 -10.96
CA ASP D 275 17.15 73.51 -11.31
C ASP D 275 17.60 72.90 -12.62
N TYR D 276 18.84 73.24 -12.97
CA TYR D 276 19.45 72.80 -14.22
C TYR D 276 19.83 71.30 -14.30
N TYR D 277 20.89 70.97 -13.56
CA TYR D 277 21.41 69.62 -13.49
C TYR D 277 20.32 68.53 -13.48
N ALA D 278 19.47 68.48 -12.44
CA ALA D 278 18.43 67.44 -12.32
C ALA D 278 17.69 67.10 -13.62
N THR D 279 17.55 68.10 -14.48
CA THR D 279 16.88 67.93 -15.76
C THR D 279 17.76 67.00 -16.63
N LEU D 280 18.98 67.46 -16.89
CA LEU D 280 19.95 66.70 -17.69
C LEU D 280 20.13 65.25 -17.24
N LEU D 281 20.58 65.10 -15.99
CA LEU D 281 20.85 63.82 -15.39
C LEU D 281 19.70 62.80 -15.43
N LYS D 282 18.46 63.25 -15.24
CA LYS D 282 17.32 62.34 -15.26
C LYS D 282 16.88 61.98 -16.67
N LYS D 283 17.41 62.74 -17.63
CA LYS D 283 17.15 62.53 -19.05
C LYS D 283 18.31 61.68 -19.60
N LEU D 284 19.54 62.01 -19.22
CA LEU D 284 20.75 61.30 -19.65
C LEU D 284 20.69 59.81 -19.34
N ALA D 285 19.85 59.47 -18.36
CA ALA D 285 19.67 58.10 -17.90
C ALA D 285 19.10 57.11 -18.93
N PRO D 286 17.77 57.18 -19.24
CA PRO D 286 17.19 56.26 -20.22
C PRO D 286 17.92 56.15 -21.58
N PRO D 287 18.74 57.16 -21.99
CA PRO D 287 19.49 57.13 -23.26
C PRO D 287 20.62 56.14 -23.29
N LEU D 288 21.59 56.35 -22.40
CA LEU D 288 22.72 55.50 -22.31
C LEU D 288 22.25 54.08 -22.23
N VAL D 289 21.30 53.82 -21.34
CA VAL D 289 20.76 52.46 -21.20
C VAL D 289 20.29 51.86 -22.54
N THR D 290 19.30 52.51 -23.16
CA THR D 290 18.76 52.03 -24.42
C THR D 290 19.88 52.02 -25.48
N LEU D 291 21.03 52.55 -25.09
CA LEU D 291 22.20 52.57 -25.96
C LEU D 291 22.82 51.17 -25.99
N LEU D 292 22.62 50.42 -24.91
CA LEU D 292 23.17 49.07 -24.84
C LEU D 292 22.28 47.95 -25.33
N SER D 293 20.96 48.14 -25.24
CA SER D 293 20.09 47.07 -25.72
C SER D 293 20.22 47.00 -27.24
N ALA D 294 21.30 47.58 -27.73
CA ALA D 294 21.62 47.68 -29.14
C ALA D 294 22.39 46.52 -29.75
N GLU D 295 23.67 46.75 -29.99
CA GLU D 295 24.50 45.75 -30.61
C GLU D 295 25.85 45.40 -30.04
N PRO D 296 26.29 44.15 -30.30
CA PRO D 296 27.57 43.59 -29.83
C PRO D 296 28.68 44.60 -29.85
N GLU D 297 29.45 44.61 -30.92
CA GLU D 297 30.56 45.52 -31.05
C GLU D 297 30.35 46.93 -30.49
N PRO D 298 29.21 47.59 -30.77
CA PRO D 298 29.09 48.95 -30.21
C PRO D 298 29.22 48.82 -28.71
N GLN D 299 28.26 48.13 -28.09
CA GLN D 299 28.26 47.94 -26.65
C GLN D 299 29.61 48.21 -26.03
N TYR D 300 30.65 47.64 -26.62
CA TYR D 300 31.99 47.87 -26.07
C TYR D 300 32.18 49.37 -25.90
N VAL D 301 32.71 50.02 -26.94
CA VAL D 301 32.96 51.46 -26.89
C VAL D 301 32.12 52.13 -25.81
N PRO D 302 30.79 52.09 -25.97
CA PRO D 302 29.95 52.71 -24.96
C PRO D 302 30.38 52.33 -23.55
N LEU D 303 30.19 51.07 -23.17
CA LEU D 303 30.59 50.66 -21.84
C LEU D 303 31.85 51.39 -21.44
N ARG D 304 32.85 51.29 -22.30
CA ARG D 304 34.12 51.93 -22.05
C ARG D 304 33.88 53.38 -21.66
N ASN D 305 33.10 54.08 -22.44
CA ASN D 305 32.78 55.46 -22.15
C ASN D 305 31.95 55.51 -20.88
N ILE D 306 30.84 54.78 -20.87
CA ILE D 306 29.96 54.71 -19.71
C ILE D 306 30.85 54.81 -18.49
N ASN D 307 31.90 54.00 -18.51
CA ASN D 307 32.88 53.97 -17.45
C ASN D 307 33.28 55.41 -17.20
N LEU D 308 34.12 55.93 -18.08
CA LEU D 308 34.60 57.30 -17.98
C LEU D 308 33.54 58.24 -17.42
N ILE D 309 32.30 58.01 -17.83
CA ILE D 309 31.15 58.82 -17.39
C ILE D 309 30.86 58.85 -15.88
N VAL D 310 30.40 57.73 -15.35
CA VAL D 310 30.10 57.68 -13.94
C VAL D 310 31.32 58.15 -13.17
N GLN D 311 32.48 58.06 -13.81
CA GLN D 311 33.73 58.50 -13.18
C GLN D 311 33.63 60.00 -12.84
N LYS D 312 33.06 60.79 -13.75
CA LYS D 312 32.89 62.23 -13.50
C LYS D 312 31.64 62.53 -12.66
N ARG D 313 30.46 62.30 -13.22
CA ARG D 313 29.21 62.54 -12.48
C ARG D 313 28.40 61.30 -12.16
N PRO D 314 28.95 60.41 -11.33
CA PRO D 314 28.29 59.16 -10.92
C PRO D 314 26.81 59.36 -10.66
N GLU D 315 26.51 60.52 -10.10
CA GLU D 315 25.15 60.90 -9.77
C GLU D 315 24.14 60.58 -10.86
N ILE D 316 24.61 60.42 -12.09
CA ILE D 316 23.74 60.16 -13.25
C ILE D 316 22.91 58.87 -13.26
N LEU D 317 23.51 57.78 -12.80
CA LEU D 317 22.83 56.50 -12.75
C LEU D 317 23.15 55.85 -11.42
N LYS D 318 23.41 56.71 -10.44
CA LYS D 318 23.76 56.30 -9.08
C LYS D 318 22.99 55.06 -8.61
N HIS D 319 21.87 54.73 -9.25
CA HIS D 319 21.11 53.55 -8.84
C HIS D 319 20.64 52.62 -9.98
N GLU D 320 20.92 53.02 -11.22
CA GLU D 320 20.54 52.22 -12.39
C GLU D 320 21.57 51.11 -12.61
N MET D 321 21.19 49.86 -12.33
CA MET D 321 22.14 48.76 -12.49
C MET D 321 21.52 47.38 -12.72
N LYS D 322 20.23 47.26 -12.46
CA LYS D 322 19.56 45.99 -12.65
C LYS D 322 19.70 45.57 -14.12
N VAL D 323 20.47 46.37 -14.86
CA VAL D 323 20.69 46.17 -16.29
C VAL D 323 22.09 45.75 -16.68
N PHE D 324 23.07 46.30 -16.00
CA PHE D 324 24.45 45.98 -16.30
C PHE D 324 24.90 44.56 -16.03
N PHE D 325 23.95 43.64 -15.90
CA PHE D 325 24.31 42.25 -15.66
C PHE D 325 24.80 41.67 -16.98
N VAL D 326 25.51 40.56 -16.88
CA VAL D 326 26.02 39.92 -18.06
C VAL D 326 25.15 38.73 -18.42
N LYS D 327 24.74 38.67 -19.67
CA LYS D 327 23.93 37.55 -20.12
C LYS D 327 24.91 36.54 -20.68
N TYR D 328 24.43 35.36 -21.07
CA TYR D 328 25.35 34.39 -21.61
C TYR D 328 25.71 34.68 -23.07
N ASN D 329 24.74 35.07 -23.88
CA ASN D 329 24.99 35.38 -25.29
C ASN D 329 26.10 36.39 -25.44
N ASP D 330 26.19 37.31 -24.50
CA ASP D 330 27.20 38.36 -24.56
C ASP D 330 28.60 37.82 -24.70
N PRO D 331 29.37 38.44 -25.60
CA PRO D 331 30.76 38.05 -25.85
C PRO D 331 31.67 38.44 -24.71
N ILE D 332 32.91 37.96 -24.78
CA ILE D 332 33.91 38.22 -23.76
C ILE D 332 34.16 39.68 -23.42
N TYR D 333 34.68 40.45 -24.37
CA TYR D 333 34.94 41.85 -24.08
C TYR D 333 33.74 42.49 -23.42
N VAL D 334 32.57 42.21 -23.96
CA VAL D 334 31.33 42.74 -23.42
C VAL D 334 31.43 42.54 -21.94
N LYS D 335 31.22 41.28 -21.55
CA LYS D 335 31.26 40.89 -20.17
C LYS D 335 32.34 41.74 -19.47
N LEU D 336 33.60 41.47 -19.72
CA LEU D 336 34.67 42.24 -19.09
C LEU D 336 34.28 43.66 -18.68
N GLU D 337 34.20 44.55 -19.66
CA GLU D 337 33.86 45.92 -19.35
C GLU D 337 32.66 45.97 -18.41
N LYS D 338 31.57 45.31 -18.77
CA LYS D 338 30.40 45.32 -17.91
C LYS D 338 30.81 45.22 -16.46
N LEU D 339 31.64 44.24 -16.13
CA LEU D 339 32.10 44.06 -14.77
C LEU D 339 32.70 45.35 -14.28
N ASP D 340 33.92 45.60 -14.75
CA ASP D 340 34.70 46.78 -14.43
C ASP D 340 33.76 47.91 -14.00
N ILE D 341 32.67 48.05 -14.75
CA ILE D 341 31.70 49.08 -14.46
C ILE D 341 30.90 48.76 -13.22
N MET D 342 30.08 47.71 -13.29
CA MET D 342 29.26 47.33 -12.15
C MET D 342 30.04 47.75 -10.93
N ILE D 343 31.25 47.23 -10.84
CA ILE D 343 32.12 47.53 -9.72
C ILE D 343 32.11 49.03 -9.42
N ARG D 344 32.69 49.85 -10.29
CA ARG D 344 32.71 51.26 -10.00
C ARG D 344 31.35 51.80 -9.57
N LEU D 345 30.35 50.93 -9.53
CA LEU D 345 29.01 51.33 -9.13
C LEU D 345 28.31 50.68 -7.95
N ALA D 346 29.02 50.10 -7.01
CA ALA D 346 28.30 49.48 -5.89
C ALA D 346 28.42 50.11 -4.51
N SER D 347 27.38 49.89 -3.70
CA SER D 347 27.31 50.38 -2.32
C SER D 347 26.54 49.33 -1.53
N GLN D 348 26.08 49.71 -0.35
CA GLN D 348 25.34 48.81 0.52
C GLN D 348 24.10 48.23 -0.16
N ALA D 349 23.10 49.09 -0.33
CA ALA D 349 21.85 48.70 -0.96
C ALA D 349 22.12 47.87 -2.22
N ASN D 350 23.29 48.06 -2.81
CA ASN D 350 23.71 47.36 -4.03
C ASN D 350 24.16 45.92 -3.81
N ILE D 351 25.34 45.83 -3.23
CA ILE D 351 25.99 44.57 -2.95
C ILE D 351 25.04 43.42 -2.74
N ALA D 352 23.94 43.66 -2.03
CA ALA D 352 22.99 42.59 -1.82
C ALA D 352 22.92 41.80 -3.13
N GLN D 353 22.40 42.46 -4.15
CA GLN D 353 22.26 41.87 -5.46
C GLN D 353 23.62 41.59 -6.10
N VAL D 354 24.51 42.59 -6.09
CA VAL D 354 25.83 42.41 -6.68
C VAL D 354 26.39 41.00 -6.51
N LEU D 355 26.55 40.60 -5.27
CA LEU D 355 27.07 39.28 -4.99
C LEU D 355 26.15 38.23 -5.57
N ALA D 356 24.90 38.20 -5.10
CA ALA D 356 23.94 37.20 -5.59
C ALA D 356 24.30 36.82 -7.02
N GLU D 357 24.51 37.86 -7.84
CA GLU D 357 24.87 37.66 -9.25
C GLU D 357 26.29 37.12 -9.41
N LEU D 358 27.28 37.79 -8.84
CA LEU D 358 28.62 37.27 -9.01
C LEU D 358 28.61 35.77 -8.80
N LYS D 359 28.05 35.31 -7.69
CA LYS D 359 28.01 33.89 -7.40
C LYS D 359 27.59 33.14 -8.66
N GLU D 360 26.36 33.36 -9.12
CA GLU D 360 25.95 32.66 -10.35
C GLU D 360 27.05 32.72 -11.41
N TYR D 361 27.51 33.94 -11.72
CA TYR D 361 28.56 34.15 -12.71
C TYR D 361 29.60 33.07 -12.58
N ALA D 362 30.34 33.13 -11.47
CA ALA D 362 31.39 32.16 -11.20
C ALA D 362 31.00 30.76 -11.64
N THR D 363 29.74 30.40 -11.43
CA THR D 363 29.29 29.07 -11.80
C THR D 363 29.45 28.79 -13.29
N GLU D 364 29.34 29.84 -14.13
CA GLU D 364 29.47 29.68 -15.59
C GLU D 364 30.61 28.79 -16.07
N VAL D 365 30.79 28.73 -17.39
CA VAL D 365 31.80 27.90 -18.04
C VAL D 365 32.96 28.63 -18.69
N ASP D 366 32.73 29.88 -19.08
CA ASP D 366 33.80 30.60 -19.69
C ASP D 366 34.82 30.96 -18.64
N VAL D 367 35.90 30.19 -18.60
CA VAL D 367 36.95 30.42 -17.63
C VAL D 367 37.28 31.86 -17.34
N ASP D 368 38.18 32.38 -18.17
CA ASP D 368 38.63 33.75 -18.04
C ASP D 368 37.61 34.54 -17.24
N PHE D 369 36.37 34.56 -17.74
CA PHE D 369 35.30 35.28 -17.09
C PHE D 369 35.29 35.05 -15.61
N VAL D 370 34.82 33.87 -15.23
CA VAL D 370 34.76 33.58 -13.83
C VAL D 370 35.95 34.19 -13.15
N ARG D 371 37.11 33.98 -13.73
CA ARG D 371 38.30 34.52 -13.13
C ARG D 371 38.10 35.98 -12.75
N LYS D 372 38.22 36.89 -13.71
CA LYS D 372 38.04 38.31 -13.39
C LYS D 372 36.80 38.46 -12.53
N ALA D 373 35.82 37.57 -12.71
CA ALA D 373 34.60 37.62 -11.94
C ALA D 373 34.83 37.45 -10.45
N VAL D 374 35.49 36.38 -10.08
CA VAL D 374 35.78 36.18 -8.69
C VAL D 374 36.59 37.40 -8.30
N ARG D 375 37.62 37.64 -9.09
CA ARG D 375 38.50 38.78 -8.86
C ARG D 375 37.62 40.00 -8.63
N ALA D 376 36.41 39.97 -9.16
CA ALA D 376 35.48 41.07 -8.97
C ALA D 376 35.09 41.06 -7.50
N ILE D 377 34.57 39.93 -7.04
CA ILE D 377 34.18 39.80 -5.66
C ILE D 377 35.26 40.49 -4.86
N GLY D 378 36.48 40.30 -5.32
CA GLY D 378 37.61 40.89 -4.66
C GLY D 378 37.52 42.40 -4.58
N ARG D 379 37.93 43.08 -5.64
CA ARG D 379 37.92 44.52 -5.66
C ARG D 379 36.66 44.99 -4.93
N CYS D 380 35.58 44.26 -5.14
CA CYS D 380 34.31 44.58 -4.52
C CYS D 380 34.46 44.83 -3.01
N ALA D 381 34.74 43.77 -2.27
CA ALA D 381 34.89 43.89 -0.82
C ALA D 381 35.79 45.06 -0.47
N ILE D 382 36.85 45.26 -1.24
CA ILE D 382 37.76 46.37 -0.95
C ILE D 382 37.07 47.73 -0.88
N LYS D 383 36.40 48.11 -1.97
CA LYS D 383 35.73 49.39 -2.01
C LYS D 383 34.67 49.55 -0.92
N VAL D 384 33.93 48.48 -0.63
CA VAL D 384 32.90 48.55 0.41
C VAL D 384 33.26 47.77 1.69
N GLU D 385 34.14 48.35 2.51
CA GLU D 385 34.60 47.72 3.74
C GLU D 385 33.44 47.15 4.48
N GLN D 386 32.43 47.99 4.59
CA GLN D 386 31.19 47.69 5.27
C GLN D 386 30.57 46.40 4.75
N SER D 387 31.27 45.72 3.84
CA SER D 387 30.73 44.50 3.28
C SER D 387 31.73 43.36 3.21
N ALA D 388 32.81 43.46 3.97
CA ALA D 388 33.83 42.43 3.96
C ALA D 388 33.29 40.99 4.05
N GLU D 389 32.96 40.54 5.27
CA GLU D 389 32.44 39.19 5.48
C GLU D 389 31.63 38.79 4.27
N ARG D 390 30.49 39.48 4.16
CA ARG D 390 29.54 39.29 3.09
C ARG D 390 30.26 38.60 1.93
N CYS D 391 31.28 39.27 1.40
CA CYS D 391 32.04 38.70 0.29
C CYS D 391 32.61 37.37 0.73
N VAL D 392 33.62 37.45 1.59
CA VAL D 392 34.25 36.27 2.10
C VAL D 392 33.23 35.15 2.09
N SER D 393 32.21 35.33 2.92
CA SER D 393 31.14 34.37 3.08
C SER D 393 30.87 33.62 1.79
N THR D 394 30.68 34.34 0.70
CA THR D 394 30.41 33.65 -0.56
C THR D 394 31.68 33.03 -1.12
N LEU D 395 32.80 33.74 -1.05
CA LEU D 395 34.02 33.16 -1.57
C LEU D 395 34.11 31.77 -1.04
N LEU D 396 34.29 31.69 0.27
CA LEU D 396 34.36 30.41 0.93
C LEU D 396 33.29 29.54 0.30
N ASP D 397 32.06 30.02 0.39
CA ASP D 397 30.89 29.33 -0.14
C ASP D 397 31.19 28.62 -1.48
N LEU D 398 31.99 29.27 -2.33
CA LEU D 398 32.32 28.68 -3.62
C LEU D 398 33.33 27.58 -3.52
N ILE D 399 34.40 27.85 -2.81
CA ILE D 399 35.45 26.88 -2.66
C ILE D 399 34.91 25.55 -2.19
N GLN D 400 33.88 25.61 -1.36
CA GLN D 400 33.29 24.38 -0.86
C GLN D 400 32.81 23.55 -2.03
N THR D 401 32.84 24.12 -3.23
CA THR D 401 32.38 23.39 -4.40
C THR D 401 33.47 22.52 -4.97
N LYS D 402 34.70 22.80 -4.58
CA LYS D 402 35.83 22.01 -5.03
C LYS D 402 35.98 22.03 -6.56
N VAL D 403 35.42 23.06 -7.16
CA VAL D 403 35.53 23.25 -8.60
C VAL D 403 36.95 23.70 -8.85
N ASN D 404 37.84 22.76 -9.06
CA ASN D 404 39.24 23.09 -9.28
C ASN D 404 39.59 24.58 -9.51
N TYR D 405 39.52 25.04 -10.76
CA TYR D 405 39.87 26.43 -11.06
C TYR D 405 39.29 27.51 -10.15
N VAL D 406 37.98 27.51 -9.97
CA VAL D 406 37.35 28.50 -9.12
C VAL D 406 38.21 28.60 -7.90
N VAL D 407 38.29 27.48 -7.22
CA VAL D 407 39.07 27.40 -6.01
C VAL D 407 40.27 28.31 -6.09
N GLN D 408 41.31 27.85 -6.78
CA GLN D 408 42.48 28.69 -6.83
C GLN D 408 42.21 30.19 -6.88
N GLU D 409 41.72 30.72 -8.00
CA GLU D 409 41.51 32.16 -8.01
C GLU D 409 40.96 32.60 -6.66
N ALA D 410 39.85 32.01 -6.27
CA ALA D 410 39.25 32.35 -5.00
C ALA D 410 40.35 32.67 -4.00
N ILE D 411 41.02 31.62 -3.53
CA ILE D 411 42.08 31.81 -2.56
C ILE D 411 42.80 33.10 -2.83
N VAL D 412 43.52 33.12 -3.94
CA VAL D 412 44.26 34.29 -4.32
C VAL D 412 43.59 35.50 -3.74
N VAL D 413 42.35 35.73 -4.14
CA VAL D 413 41.61 36.87 -3.64
C VAL D 413 41.69 36.91 -2.12
N ILE D 414 41.04 35.93 -1.49
CA ILE D 414 41.04 35.88 -0.05
C ILE D 414 42.34 36.40 0.48
N LYS D 415 43.43 35.88 -0.07
CA LYS D 415 44.74 36.33 0.37
C LYS D 415 44.66 37.82 0.48
N ASP D 416 44.67 38.48 -0.67
CA ASP D 416 44.63 39.92 -0.72
C ASP D 416 43.68 40.49 0.36
N ILE D 417 42.53 39.86 0.53
CA ILE D 417 41.58 40.34 1.53
C ILE D 417 42.27 40.47 2.86
N PHE D 418 42.86 39.37 3.31
CA PHE D 418 43.56 39.37 4.57
C PHE D 418 44.55 40.50 4.71
N ARG D 419 45.25 40.80 3.63
CA ARG D 419 46.22 41.89 3.68
C ARG D 419 45.54 43.15 4.22
N LYS D 420 44.32 43.44 3.75
CA LYS D 420 43.65 44.66 4.24
C LYS D 420 42.92 44.59 5.57
N TYR D 421 42.27 43.48 5.88
CA TYR D 421 41.56 43.39 7.15
C TYR D 421 42.15 42.30 8.03
N PRO D 422 43.40 42.46 8.40
CA PRO D 422 44.08 41.48 9.24
C PRO D 422 43.29 41.03 10.47
N ASN D 423 43.77 39.92 11.03
CA ASN D 423 43.20 39.29 12.22
C ASN D 423 41.71 39.47 12.32
N LYS D 424 40.98 39.32 11.23
CA LYS D 424 39.54 39.48 11.34
C LYS D 424 38.89 38.19 10.87
N TYR D 425 39.63 37.42 10.08
CA TYR D 425 39.11 36.16 9.58
C TYR D 425 40.10 35.10 9.94
N GLU D 426 39.59 34.04 10.55
CA GLU D 426 40.45 32.96 10.98
C GLU D 426 39.85 31.66 10.60
N SER D 427 38.93 31.20 11.43
CA SER D 427 38.22 29.94 11.22
C SER D 427 38.41 29.50 9.77
N VAL D 428 38.13 30.42 8.86
CA VAL D 428 38.26 30.19 7.44
C VAL D 428 39.57 29.51 7.02
N ILE D 429 40.63 29.73 7.79
CA ILE D 429 41.93 29.15 7.50
C ILE D 429 41.91 27.65 7.26
N ALA D 430 41.68 26.86 8.30
CA ALA D 430 41.66 25.43 8.13
C ALA D 430 40.80 25.07 6.91
N THR D 431 39.54 25.48 6.97
CA THR D 431 38.60 25.22 5.89
C THR D 431 39.25 25.52 4.55
N LEU D 432 40.25 26.39 4.60
CA LEU D 432 40.97 26.79 3.40
C LEU D 432 41.84 25.67 2.87
N CYS D 433 42.97 25.46 3.55
CA CYS D 433 43.95 24.45 3.17
C CYS D 433 43.26 23.27 2.57
N GLU D 434 42.22 22.82 3.27
CA GLU D 434 41.40 21.68 2.87
C GLU D 434 41.83 21.30 1.46
N ASN D 435 41.44 22.13 0.49
CA ASN D 435 41.80 21.90 -0.89
C ASN D 435 43.18 22.47 -1.05
N LEU D 436 44.19 21.63 -0.93
CA LEU D 436 45.56 22.08 -1.09
C LEU D 436 46.13 21.55 -2.39
N ASP D 437 45.76 20.31 -2.70
CA ASP D 437 46.26 19.70 -3.91
C ASP D 437 45.77 20.47 -5.11
N SER D 438 44.46 20.37 -5.33
CA SER D 438 43.79 21.02 -6.44
C SER D 438 44.35 22.41 -6.89
N ASP D 439 45.27 22.99 -6.13
CA ASP D 439 45.84 24.30 -6.45
C ASP D 439 47.15 24.14 -7.16
N ASP D 440 47.13 24.35 -8.47
CA ASP D 440 48.33 24.15 -9.22
C ASP D 440 48.86 25.36 -9.87
N GLU D 441 48.40 26.51 -9.46
CA GLU D 441 48.95 27.62 -10.15
C GLU D 441 50.01 28.34 -9.35
N PRO D 442 50.76 29.22 -9.99
CA PRO D 442 51.77 29.93 -9.23
C PRO D 442 51.17 30.75 -8.13
N GLU D 443 50.92 32.02 -8.43
CA GLU D 443 50.37 32.95 -7.44
C GLU D 443 49.40 32.23 -6.53
N ALA D 444 48.56 31.37 -7.10
CA ALA D 444 47.60 30.63 -6.29
C ALA D 444 48.39 29.91 -5.19
N ARG D 445 49.15 28.90 -5.57
CA ARG D 445 49.95 28.18 -4.59
C ARG D 445 50.63 29.24 -3.75
N ALA D 446 51.59 29.91 -4.36
CA ALA D 446 52.33 30.96 -3.68
C ALA D 446 51.49 31.51 -2.56
N ALA D 447 50.61 32.44 -2.92
CA ALA D 447 49.71 33.07 -1.97
C ALA D 447 49.42 32.12 -0.83
N MET D 448 48.71 31.04 -1.14
CA MET D 448 48.37 30.05 -0.14
C MET D 448 49.50 29.92 0.86
N ILE D 449 50.67 29.53 0.36
CA ILE D 449 51.83 29.35 1.21
C ILE D 449 51.98 30.55 2.11
N TRP D 450 52.46 31.66 1.56
CA TRP D 450 52.66 32.86 2.36
C TRP D 450 51.62 33.00 3.46
N ILE D 451 50.38 32.65 3.16
CA ILE D 451 49.35 32.74 4.17
C ILE D 451 49.74 31.92 5.35
N VAL D 452 49.87 30.61 5.12
CA VAL D 452 50.23 29.72 6.20
C VAL D 452 51.32 30.41 7.01
N GLY D 453 52.41 30.77 6.35
CA GLY D 453 53.48 31.42 7.04
C GLY D 453 52.93 32.37 8.07
N GLU D 454 52.47 33.52 7.61
CA GLU D 454 51.93 34.54 8.49
C GLU D 454 51.19 33.96 9.69
N TYR D 455 49.97 33.50 9.43
CA TYR D 455 49.12 32.97 10.47
C TYR D 455 49.54 31.61 11.01
N ALA D 456 50.84 31.36 11.03
CA ALA D 456 51.38 30.08 11.50
C ALA D 456 50.86 29.65 12.87
N GLU D 457 50.91 30.58 13.81
CA GLU D 457 50.46 30.32 15.16
C GLU D 457 49.36 29.27 15.14
N ARG D 458 48.22 29.60 14.51
CA ARG D 458 47.04 28.72 14.44
C ARG D 458 47.24 27.29 13.95
N SER D 459 47.46 27.10 12.66
CA SER D 459 47.62 25.75 12.13
C SER D 459 48.81 25.06 12.76
N ASP D 460 48.57 23.91 13.37
CA ASP D 460 49.65 23.15 13.99
C ASP D 460 50.45 22.60 12.83
N ASN D 461 49.78 21.76 12.05
CA ASN D 461 50.36 21.13 10.89
C ASN D 461 51.29 22.03 10.11
N ALA D 462 51.06 23.33 10.21
CA ALA D 462 51.87 24.32 9.52
C ALA D 462 53.01 23.61 8.81
N ASP D 463 53.88 23.01 9.62
CA ASP D 463 55.02 22.29 9.14
C ASP D 463 54.80 21.54 7.84
N GLU D 464 54.49 20.26 7.96
CA GLU D 464 54.32 19.44 6.77
C GLU D 464 53.78 20.21 5.58
N LEU D 465 52.70 20.97 5.76
CA LEU D 465 52.15 21.72 4.65
C LEU D 465 53.34 22.31 3.90
N LEU D 466 53.95 23.30 4.51
CA LEU D 466 55.09 23.90 3.86
C LEU D 466 56.00 22.78 3.37
N GLU D 467 56.47 21.96 4.30
CA GLU D 467 57.37 20.87 3.96
C GLU D 467 57.00 20.22 2.63
N SER D 468 55.74 19.82 2.52
CA SER D 468 55.25 19.16 1.33
C SER D 468 55.95 19.68 0.08
N PHE D 469 55.84 20.98 -0.13
CA PHE D 469 56.44 21.54 -1.34
C PHE D 469 57.93 21.29 -1.50
N LEU D 470 58.67 21.32 -0.40
CA LEU D 470 60.12 21.10 -0.44
C LEU D 470 60.64 20.04 -1.40
N ASP D 471 60.61 18.79 -0.96
CA ASP D 471 61.11 17.67 -1.77
C ASP D 471 60.97 18.02 -3.25
N GLY D 472 59.89 18.73 -3.57
CA GLY D 472 59.66 19.16 -4.93
C GLY D 472 59.86 20.66 -5.06
N PHE D 473 61.11 21.08 -4.94
CA PHE D 473 61.47 22.48 -5.05
C PHE D 473 62.47 22.55 -6.18
N HIS D 474 63.49 23.39 -6.04
CA HIS D 474 64.51 23.59 -7.07
C HIS D 474 63.76 23.85 -8.37
N ASP D 475 62.44 23.79 -8.29
CA ASP D 475 61.61 24.03 -9.45
C ASP D 475 60.16 24.25 -9.10
N GLU D 476 59.81 25.51 -9.21
CA GLU D 476 58.49 26.02 -8.96
C GLU D 476 58.70 27.50 -9.08
N SER D 477 57.76 28.16 -9.72
CA SER D 477 57.83 29.60 -9.94
C SER D 477 58.68 30.38 -8.95
N THR D 478 59.59 31.17 -9.49
CA THR D 478 60.48 32.00 -8.68
C THR D 478 59.76 32.50 -7.44
N GLN D 479 58.80 33.38 -7.66
CA GLN D 479 58.02 33.98 -6.58
C GLN D 479 57.63 33.03 -5.46
N VAL D 480 57.11 31.87 -5.82
CA VAL D 480 56.70 30.93 -4.79
C VAL D 480 57.90 30.47 -3.97
N GLN D 481 58.98 30.14 -4.65
CA GLN D 481 60.18 29.71 -3.96
C GLN D 481 60.30 30.65 -2.79
N LEU D 482 60.15 31.94 -3.08
CA LEU D 482 60.25 32.95 -2.05
C LEU D 482 59.38 32.78 -0.84
N GLN D 483 58.13 33.24 -0.91
CA GLN D 483 57.27 33.15 0.26
C GLN D 483 57.62 31.93 1.02
N LEU D 484 57.55 30.79 0.32
CA LEU D 484 57.84 29.53 0.93
C LEU D 484 59.04 29.71 1.84
N LEU D 485 60.12 30.26 1.33
CA LEU D 485 61.26 30.47 2.18
C LEU D 485 60.77 31.31 3.32
N THR D 486 60.51 32.58 3.02
CA THR D 486 60.02 33.50 4.02
C THR D 486 59.16 32.80 5.05
N ALA D 487 58.00 32.32 4.63
CA ALA D 487 57.08 31.63 5.53
C ALA D 487 57.82 30.72 6.51
N ILE D 488 58.45 29.67 5.99
CA ILE D 488 59.17 28.72 6.84
C ILE D 488 59.73 29.51 8.00
N VAL D 489 60.65 30.40 7.65
CA VAL D 489 61.27 31.24 8.64
C VAL D 489 60.22 31.62 9.66
N LYS D 490 59.28 32.44 9.23
CA LYS D 490 58.21 32.90 10.09
C LYS D 490 57.86 31.91 11.21
N LEU D 491 57.44 30.70 10.86
CA LEU D 491 57.08 29.79 11.92
C LEU D 491 58.24 29.40 12.78
N PHE D 492 59.41 29.31 12.16
CA PHE D 492 60.57 28.94 12.92
C PHE D 492 60.69 29.92 14.05
N LEU D 493 60.32 31.17 13.74
CA LEU D 493 60.37 32.25 14.69
C LEU D 493 59.18 32.22 15.66
N LYS D 494 58.24 31.32 15.39
CA LYS D 494 57.12 31.12 16.29
C LYS D 494 57.76 30.16 17.29
N LYS D 495 59.09 30.12 17.22
CA LYS D 495 60.00 29.34 18.05
C LYS D 495 59.96 27.83 18.02
N PRO D 496 58.96 27.23 17.35
CA PRO D 496 59.00 25.78 17.37
C PRO D 496 60.42 25.24 17.41
N THR D 497 60.62 24.25 18.25
CA THR D 497 61.91 23.63 18.41
C THR D 497 62.03 22.66 17.26
N GLU D 498 60.86 22.22 16.80
CA GLU D 498 60.67 21.25 15.71
C GLU D 498 60.95 21.82 14.32
N THR D 499 61.22 23.11 14.26
CA THR D 499 61.48 23.80 13.02
C THR D 499 62.90 23.66 12.53
N GLN D 500 63.81 23.43 13.46
CA GLN D 500 65.23 23.31 13.13
C GLN D 500 65.44 22.75 11.74
N GLU D 501 65.63 21.43 11.63
CA GLU D 501 65.87 20.77 10.33
C GLU D 501 65.19 21.41 9.13
N LEU D 502 63.93 21.83 9.30
CA LEU D 502 63.20 22.46 8.20
C LEU D 502 63.95 23.69 7.76
N VAL D 503 63.72 24.78 8.47
CA VAL D 503 64.36 26.04 8.13
C VAL D 503 65.73 25.78 7.57
N GLN D 504 66.48 24.93 8.27
CA GLN D 504 67.82 24.58 7.83
C GLN D 504 67.74 24.26 6.34
N GLN D 505 67.23 23.08 6.04
CA GLN D 505 67.07 22.63 4.67
C GLN D 505 66.65 23.79 3.78
N VAL D 506 65.52 24.41 4.12
CA VAL D 506 65.02 25.54 3.33
C VAL D 506 66.20 26.34 2.85
N LEU D 507 66.73 27.15 3.75
CA LEU D 507 67.86 27.97 3.42
C LEU D 507 68.80 27.15 2.58
N SER D 508 69.36 26.13 3.21
CA SER D 508 70.32 25.25 2.56
C SER D 508 70.04 25.14 1.07
N LEU D 509 68.82 24.72 0.72
CA LEU D 509 68.48 24.59 -0.68
C LEU D 509 68.62 25.92 -1.40
N ALA D 510 67.94 26.93 -0.88
CA ALA D 510 67.99 28.26 -1.45
C ALA D 510 69.31 28.95 -1.14
N THR D 511 70.33 28.16 -0.82
CA THR D 511 71.64 28.70 -0.49
C THR D 511 72.70 28.35 -1.53
N GLN D 512 72.87 27.06 -1.79
CA GLN D 512 73.87 26.65 -2.74
C GLN D 512 73.29 25.75 -3.81
N ASP D 513 72.21 25.06 -3.47
CA ASP D 513 71.58 24.17 -4.44
C ASP D 513 70.66 24.95 -5.39
N SER D 514 70.67 26.28 -5.24
CA SER D 514 69.83 27.18 -6.05
C SER D 514 70.70 28.14 -6.89
N ASP D 515 70.17 28.61 -8.02
CA ASP D 515 70.92 29.51 -8.90
C ASP D 515 70.15 30.72 -9.37
N ASN D 516 69.62 31.45 -8.40
CA ASN D 516 68.85 32.64 -8.69
C ASN D 516 69.34 33.74 -7.78
N PRO D 517 70.31 34.52 -8.24
CA PRO D 517 70.91 35.63 -7.50
C PRO D 517 70.02 36.15 -6.41
N ASP D 518 69.00 36.90 -6.78
CA ASP D 518 68.10 37.48 -5.78
C ASP D 518 67.88 36.50 -4.67
N LEU D 519 67.32 35.36 -5.04
CA LEU D 519 67.05 34.31 -4.10
C LEU D 519 68.26 34.14 -3.18
N ARG D 520 69.39 33.70 -3.73
CA ARG D 520 70.60 33.50 -2.92
C ARG D 520 70.67 34.53 -1.79
N ASP D 521 70.45 35.78 -2.16
CA ASP D 521 70.48 36.87 -1.19
C ASP D 521 69.48 36.79 -0.09
N ARG D 522 68.26 37.24 -0.37
CA ARG D 522 67.23 37.25 0.66
C ARG D 522 67.51 35.99 1.44
N GLY D 523 67.91 34.95 0.72
CA GLY D 523 68.26 33.72 1.39
C GLY D 523 69.38 33.98 2.40
N TYR D 524 70.61 34.10 1.92
CA TYR D 524 71.73 34.33 2.81
C TYR D 524 71.36 35.31 3.90
N ILE D 525 70.91 36.49 3.51
CA ILE D 525 70.48 37.53 4.45
C ILE D 525 69.94 36.86 5.71
N TYR D 526 68.85 36.12 5.54
CA TYR D 526 68.26 35.44 6.68
C TYR D 526 69.33 34.54 7.36
N TRP D 527 69.99 33.67 6.60
CA TRP D 527 71.01 32.76 7.17
C TRP D 527 71.99 33.46 8.12
N ARG D 528 72.16 34.76 7.93
CA ARG D 528 73.06 35.51 8.79
C ARG D 528 72.27 36.09 9.94
N LEU D 529 71.07 36.58 9.65
CA LEU D 529 70.28 37.16 10.71
C LEU D 529 70.10 36.16 11.84
N LEU D 530 69.92 34.89 11.48
CA LEU D 530 69.72 33.84 12.47
C LEU D 530 70.99 33.29 13.08
N SER D 531 71.97 33.01 12.22
CA SER D 531 73.24 32.45 12.67
C SER D 531 73.91 33.39 13.68
N THR D 532 73.29 34.56 13.87
CA THR D 532 73.77 35.59 14.79
C THR D 532 72.90 35.84 16.04
N ASP D 533 71.65 36.31 15.84
CA ASP D 533 70.71 36.57 16.97
C ASP D 533 69.21 36.28 16.86
N PRO D 534 68.80 35.02 17.05
CA PRO D 534 67.38 34.70 16.96
C PRO D 534 66.47 35.80 17.51
N VAL D 535 66.49 36.06 18.82
CA VAL D 535 65.63 37.10 19.41
C VAL D 535 65.48 38.27 18.44
N ALA D 536 66.62 38.82 18.02
CA ALA D 536 66.69 39.94 17.09
C ALA D 536 65.84 39.66 15.86
N ALA D 537 66.25 38.66 15.11
CA ALA D 537 65.56 38.25 13.91
C ALA D 537 64.06 38.28 14.18
N LYS D 538 63.65 37.52 15.20
CA LYS D 538 62.24 37.43 15.58
C LYS D 538 61.55 38.76 15.36
N GLU D 539 61.81 39.73 16.24
CA GLU D 539 61.16 41.03 16.08
C GLU D 539 61.27 41.55 14.65
N VAL D 540 62.49 41.50 14.11
CA VAL D 540 62.75 41.94 12.74
C VAL D 540 61.73 41.48 11.72
N VAL D 541 61.87 40.23 11.33
CA VAL D 541 61.02 39.61 10.32
C VAL D 541 59.53 39.73 10.52
N LEU D 542 59.04 39.20 11.63
CA LEU D 542 57.61 39.29 11.88
C LEU D 542 57.34 40.59 12.53
N ALA D 543 57.89 41.66 11.98
CA ALA D 543 57.68 42.95 12.60
C ALA D 543 56.31 43.53 12.23
N GLU D 544 55.87 44.48 13.04
CA GLU D 544 54.61 45.17 12.88
C GLU D 544 54.66 45.56 11.38
N LYS D 545 53.71 45.05 10.61
CA LYS D 545 53.60 45.26 9.16
C LYS D 545 52.51 46.27 8.81
N PRO D 546 52.93 47.40 8.18
CA PRO D 546 52.31 48.63 7.69
C PRO D 546 51.01 48.36 7.01
N LEU D 547 50.36 49.39 6.51
CA LEU D 547 49.08 49.18 5.87
C LEU D 547 49.31 49.22 4.38
N ILE D 548 48.38 48.70 3.57
CA ILE D 548 48.58 48.67 2.11
C ILE D 548 47.90 49.84 1.37
N SER D 549 48.42 50.15 0.18
CA SER D 549 47.93 51.29 -0.63
C SER D 549 47.85 51.11 -2.15
N GLU D 550 46.66 50.84 -2.69
CA GLU D 550 46.47 50.74 -4.15
C GLU D 550 45.35 51.69 -4.55
N GLU D 551 45.58 52.94 -4.14
CA GLU D 551 44.73 54.07 -4.43
C GLU D 551 45.22 54.54 -5.82
N THR D 552 46.35 53.97 -6.22
CA THR D 552 46.99 54.23 -7.51
C THR D 552 45.95 53.99 -8.62
N ASP D 553 44.80 53.40 -8.25
CA ASP D 553 43.72 53.08 -9.22
C ASP D 553 42.33 53.78 -9.00
N LEU D 554 41.58 53.92 -10.10
CA LEU D 554 40.27 54.58 -10.18
C LEU D 554 40.44 56.08 -10.51
N ILE D 555 40.79 56.31 -11.80
CA ILE D 555 41.07 57.59 -12.53
C ILE D 555 41.49 58.86 -11.80
N GLU D 556 42.10 59.79 -12.54
CA GLU D 556 42.56 61.06 -11.96
C GLU D 556 41.67 62.26 -12.22
N PRO D 557 42.03 63.41 -11.60
CA PRO D 557 41.27 64.65 -11.73
C PRO D 557 41.49 65.37 -13.07
N THR D 558 42.64 66.02 -13.21
CA THR D 558 43.00 66.77 -14.41
C THR D 558 42.70 65.98 -15.69
N LEU D 559 43.19 64.74 -15.69
CA LEU D 559 43.00 63.87 -16.82
C LEU D 559 41.51 63.59 -17.09
N LEU D 560 40.75 63.19 -16.06
CA LEU D 560 39.31 62.91 -16.23
C LEU D 560 38.55 63.97 -17.04
N ASP D 561 38.56 65.20 -16.52
CA ASP D 561 37.88 66.32 -17.18
C ASP D 561 38.22 66.34 -18.67
N GLU D 562 39.53 66.41 -18.96
CA GLU D 562 40.03 66.45 -20.34
C GLU D 562 39.49 65.37 -21.30
N LEU D 563 39.42 64.13 -20.83
CA LEU D 563 38.95 63.03 -21.66
C LEU D 563 37.51 63.12 -22.08
N ILE D 564 36.63 63.23 -21.11
CA ILE D 564 35.21 63.31 -21.40
C ILE D 564 34.94 63.97 -22.76
N CYS D 565 35.80 64.90 -23.16
CA CYS D 565 35.66 65.59 -24.46
C CYS D 565 35.58 64.65 -25.66
N TYR D 566 36.46 63.65 -25.66
CA TYR D 566 36.57 62.69 -26.75
C TYR D 566 35.68 61.47 -26.68
N ILE D 567 34.48 61.59 -26.15
CA ILE D 567 33.67 60.39 -26.11
C ILE D 567 33.38 59.93 -27.54
N GLY D 568 33.24 58.63 -27.75
CA GLY D 568 33.00 58.09 -29.08
C GLY D 568 34.28 58.13 -29.88
N THR D 569 35.36 58.33 -29.15
CA THR D 569 36.73 58.43 -29.67
C THR D 569 37.56 57.22 -29.30
N LEU D 570 38.66 57.03 -30.01
CA LEU D 570 39.54 55.92 -29.69
C LEU D 570 39.92 56.13 -28.25
N ALA D 571 40.41 57.32 -27.98
CA ALA D 571 40.80 57.66 -26.63
C ALA D 571 39.62 57.31 -25.77
N SER D 572 38.43 57.57 -26.29
CA SER D 572 37.21 57.30 -25.57
C SER D 572 37.21 55.86 -25.06
N VAL D 573 38.07 55.03 -25.65
CA VAL D 573 38.12 53.65 -25.21
C VAL D 573 39.37 53.28 -24.42
N TYR D 574 40.53 53.71 -24.87
CA TYR D 574 41.76 53.40 -24.15
C TYR D 574 41.76 54.15 -22.84
N HIS D 575 41.06 55.28 -22.81
CA HIS D 575 41.01 56.13 -21.63
C HIS D 575 42.37 56.78 -21.59
N LYS D 576 42.89 57.12 -22.75
CA LYS D 576 44.18 57.74 -22.79
C LYS D 576 44.23 58.91 -23.75
N PRO D 577 45.32 59.69 -23.67
CA PRO D 577 45.57 60.88 -24.49
C PRO D 577 46.05 60.72 -25.92
N PRO D 578 45.52 61.57 -26.79
CA PRO D 578 45.92 61.52 -28.18
C PRO D 578 47.45 61.43 -28.33
N ASN D 579 48.20 61.76 -27.27
CA ASN D 579 49.67 61.67 -27.32
C ASN D 579 50.22 60.26 -27.54
N ALA D 580 49.46 59.25 -27.16
CA ALA D 580 49.88 57.86 -27.33
C ALA D 580 49.50 57.35 -28.72
N PHE D 581 48.46 57.93 -29.30
CA PHE D 581 48.08 57.49 -30.64
C PHE D 581 48.90 58.12 -31.79
N VAL D 582 48.62 59.40 -31.99
CA VAL D 582 49.20 60.33 -33.02
C VAL D 582 50.39 60.07 -33.98
N GLU D 583 51.37 59.28 -33.56
CA GLU D 583 52.55 59.02 -34.40
C GLU D 583 52.41 59.04 -35.92
N GLY D 584 52.32 60.16 -36.48
N MET E 6 37.23 -37.28 45.14
CA MET E 6 36.05 -36.87 44.24
C MET E 6 36.49 -37.07 42.75
N PRO E 7 36.64 -38.34 42.21
CA PRO E 7 37.10 -38.74 40.86
C PRO E 7 36.44 -38.16 39.56
N ALA E 8 36.87 -38.57 38.37
CA ALA E 8 36.30 -38.12 37.09
C ALA E 8 36.39 -39.28 36.08
N PRO E 9 36.06 -40.51 36.51
CA PRO E 9 36.10 -41.79 35.82
C PRO E 9 36.11 -41.91 34.35
N ILE E 10 37.12 -42.58 33.80
CA ILE E 10 37.18 -42.71 32.36
C ILE E 10 36.04 -43.61 31.88
N ARG E 11 35.72 -43.51 30.60
CA ARG E 11 34.65 -44.33 30.03
C ARG E 11 35.31 -45.42 29.18
N LEU E 12 34.70 -46.60 29.11
CA LEU E 12 35.28 -47.72 28.36
C LEU E 12 36.03 -47.32 27.12
N ARG E 13 35.30 -47.19 26.04
CA ARG E 13 35.92 -46.83 24.78
C ARG E 13 37.05 -45.88 25.05
N GLU E 14 36.70 -44.72 25.59
CA GLU E 14 37.68 -43.71 25.93
C GLU E 14 38.98 -44.42 26.31
N LEU E 15 38.89 -45.33 27.26
CA LEU E 15 40.06 -46.07 27.70
C LEU E 15 40.80 -46.63 26.52
N ILE E 16 40.22 -47.66 25.91
CA ILE E 16 40.83 -48.29 24.77
C ILE E 16 41.51 -47.25 23.90
N ARG E 17 40.69 -46.39 23.31
CA ARG E 17 41.15 -45.32 22.45
C ARG E 17 42.43 -44.74 23.01
N THR E 18 42.58 -44.79 24.34
CA THR E 18 43.79 -44.26 24.98
C THR E 18 44.94 -45.23 24.77
N ILE E 19 44.67 -46.53 24.90
CA ILE E 19 45.73 -47.51 24.69
C ILE E 19 46.13 -47.54 23.24
N ARG E 20 45.34 -46.93 22.39
CA ARG E 20 45.64 -46.88 20.98
C ARG E 20 46.77 -45.89 20.78
N THR E 21 46.84 -44.91 21.67
CA THR E 21 47.88 -43.89 21.59
C THR E 21 49.21 -44.54 21.95
N ALA E 22 49.16 -45.63 22.70
CA ALA E 22 50.37 -46.32 23.14
C ALA E 22 51.48 -46.41 22.09
N ARG E 23 52.68 -45.98 22.48
CA ARG E 23 53.85 -45.99 21.61
C ARG E 23 54.87 -47.03 22.05
N THR E 24 54.79 -47.47 23.31
CA THR E 24 55.74 -48.46 23.80
C THR E 24 55.13 -49.44 24.75
N GLN E 25 55.41 -50.71 24.51
CA GLN E 25 54.90 -51.78 25.35
C GLN E 25 55.06 -51.39 26.82
N ALA E 26 56.22 -50.81 27.13
CA ALA E 26 56.48 -50.37 28.48
C ALA E 26 55.32 -49.45 28.86
N GLU E 27 55.11 -48.44 28.02
CA GLU E 27 54.05 -47.48 28.26
C GLU E 27 52.72 -48.16 28.52
N GLU E 28 52.34 -49.08 27.66
CA GLU E 28 51.10 -49.80 27.82
C GLU E 28 50.96 -50.16 29.29
N ARG E 29 51.94 -50.88 29.82
CA ARG E 29 51.92 -51.25 31.24
C ARG E 29 51.50 -50.01 31.97
N GLU E 30 52.40 -49.04 31.97
CA GLU E 30 52.17 -47.76 32.60
C GLU E 30 50.68 -47.48 32.60
N MET E 31 50.18 -46.98 31.47
CA MET E 31 48.77 -46.66 31.33
C MET E 31 47.89 -47.65 32.07
N ILE E 32 47.94 -48.89 31.63
CA ILE E 32 47.13 -49.91 32.27
C ILE E 32 47.30 -49.84 33.77
N GLN E 33 48.50 -50.14 34.23
CA GLN E 33 48.80 -50.13 35.67
C GLN E 33 48.23 -48.91 36.37
N LYS E 34 48.37 -47.74 35.74
CA LYS E 34 47.87 -46.49 36.29
C LYS E 34 46.35 -46.51 36.32
N GLU E 35 45.76 -47.17 35.32
CA GLU E 35 44.31 -47.25 35.24
C GLU E 35 43.75 -48.12 36.35
N CYS E 36 43.88 -49.43 36.18
CA CYS E 36 43.37 -50.36 37.17
C CYS E 36 43.71 -49.88 38.58
N ALA E 37 44.85 -49.22 38.71
CA ALA E 37 45.25 -48.72 40.01
C ALA E 37 44.16 -47.78 40.53
N ALA E 38 43.83 -46.77 39.72
CA ALA E 38 42.81 -45.79 40.09
C ALA E 38 41.44 -46.47 40.16
N ILE E 39 41.27 -47.51 39.38
CA ILE E 39 40.03 -48.25 39.35
C ILE E 39 39.87 -49.04 40.63
N ARG E 40 40.95 -49.66 41.09
CA ARG E 40 40.89 -50.40 42.33
C ARG E 40 40.39 -49.42 43.39
N SER E 41 41.14 -48.33 43.58
CA SER E 41 40.78 -47.31 44.56
C SER E 41 39.35 -46.78 44.38
N SER E 42 38.71 -47.20 43.29
CA SER E 42 37.32 -46.83 43.01
C SER E 42 36.37 -47.87 43.59
N PHE E 43 36.87 -49.09 43.79
CA PHE E 43 36.08 -50.17 44.34
C PHE E 43 36.19 -50.19 45.85
N ARG E 44 37.25 -49.57 46.36
CA ARG E 44 37.48 -49.48 47.80
C ARG E 44 36.14 -49.06 48.38
N GLU E 45 35.57 -48.07 47.72
CA GLU E 45 34.32 -47.48 48.16
C GLU E 45 33.05 -48.26 47.79
N GLU E 46 33.16 -49.21 46.87
CA GLU E 46 32.00 -50.01 46.45
C GLU E 46 30.80 -49.15 46.05
N ASP E 47 31.05 -48.21 45.14
CA ASP E 47 30.03 -47.28 44.68
C ASP E 47 29.26 -47.84 43.52
N ASN E 48 27.99 -48.13 43.79
CA ASN E 48 27.05 -48.71 42.85
C ASN E 48 27.08 -48.15 41.43
N THR E 49 27.33 -46.85 41.31
CA THR E 49 27.40 -46.22 40.00
C THR E 49 28.83 -46.26 39.51
N TYR E 50 28.98 -46.48 38.19
CA TYR E 50 30.28 -46.59 37.54
C TYR E 50 30.74 -48.04 37.67
N ARG E 51 30.15 -48.73 38.63
CA ARG E 51 30.50 -50.12 38.88
C ARG E 51 30.57 -50.83 37.55
N CYS E 52 29.45 -50.87 36.82
CA CYS E 52 29.40 -51.51 35.52
C CYS E 52 30.59 -51.13 34.63
N ARG E 53 30.74 -49.82 34.38
CA ARG E 53 31.82 -49.34 33.53
C ARG E 53 33.12 -50.08 33.74
N ASN E 54 33.81 -49.76 34.82
CA ASN E 54 35.06 -50.41 35.10
C ASN E 54 35.04 -51.89 34.77
N VAL E 55 34.16 -52.66 35.39
CA VAL E 55 34.09 -54.08 35.10
C VAL E 55 34.38 -54.29 33.63
N ALA E 56 33.75 -53.48 32.78
CA ALA E 56 34.00 -53.60 31.35
C ALA E 56 35.46 -53.33 31.16
N LYS E 57 35.84 -52.08 31.35
CA LYS E 57 37.22 -51.65 31.21
C LYS E 57 38.05 -52.89 31.51
N LEU E 58 37.83 -53.45 32.68
CA LEU E 58 38.55 -54.64 33.07
C LEU E 58 38.46 -55.64 31.94
N LEU E 59 37.27 -56.21 31.73
CA LEU E 59 37.07 -57.18 30.67
C LEU E 59 38.06 -56.97 29.55
N TYR E 60 37.99 -55.79 28.94
CA TYR E 60 38.90 -55.46 27.87
C TYR E 60 40.29 -55.79 28.38
N MET E 61 40.73 -55.00 29.36
CA MET E 61 42.04 -55.17 29.96
C MET E 61 42.41 -56.64 29.84
N HIS E 62 41.59 -57.48 30.48
CA HIS E 62 41.80 -58.90 30.44
C HIS E 62 42.11 -59.24 29.01
N MET E 63 41.06 -59.31 28.21
CA MET E 63 41.14 -59.65 26.79
C MET E 63 42.51 -59.39 26.21
N LEU E 64 43.20 -58.38 26.70
CA LEU E 64 44.52 -58.13 26.17
C LEU E 64 45.58 -58.80 27.06
N GLY E 65 45.17 -59.86 27.76
CA GLY E 65 46.07 -60.61 28.62
C GLY E 65 46.67 -59.86 29.78
N TYR E 66 45.85 -59.43 30.72
CA TYR E 66 46.37 -58.70 31.88
C TYR E 66 45.87 -59.19 33.23
N PRO E 67 46.31 -58.56 34.33
CA PRO E 67 45.88 -58.94 35.68
C PRO E 67 44.35 -58.89 35.78
N ALA E 68 43.70 -60.06 35.74
CA ALA E 68 42.22 -60.15 35.76
C ALA E 68 41.46 -60.33 37.08
N HIS E 69 41.83 -61.39 37.81
CA HIS E 69 41.24 -61.78 39.10
C HIS E 69 40.66 -60.63 39.93
N PHE E 70 41.46 -59.57 40.00
CA PHE E 70 41.17 -58.34 40.70
C PHE E 70 39.73 -58.21 41.14
N GLY E 71 38.82 -58.14 40.16
CA GLY E 71 37.41 -57.94 40.49
C GLY E 71 36.38 -59.01 40.23
N GLN E 72 36.82 -60.24 40.14
CA GLN E 72 35.88 -61.32 39.93
C GLN E 72 34.62 -61.03 40.76
N LEU E 73 34.81 -61.00 42.07
CA LEU E 73 33.75 -60.74 43.04
C LEU E 73 32.74 -59.69 42.58
N GLU E 74 33.15 -58.45 42.81
CA GLU E 74 32.42 -57.24 42.48
C GLU E 74 31.64 -57.41 41.21
N CYS E 75 32.20 -58.21 40.31
CA CYS E 75 31.53 -58.50 39.06
C CYS E 75 30.17 -58.99 39.50
N LEU E 76 30.17 -59.99 40.37
CA LEU E 76 28.90 -60.49 40.85
C LEU E 76 28.05 -59.37 41.45
N LYS E 77 28.66 -58.49 42.24
CA LYS E 77 27.92 -57.38 42.85
C LYS E 77 27.14 -56.56 41.84
N LEU E 78 27.41 -56.81 40.57
CA LEU E 78 26.68 -56.14 39.52
C LEU E 78 25.45 -56.96 39.39
N ILE E 79 25.64 -58.24 39.08
CA ILE E 79 24.52 -59.15 38.92
C ILE E 79 23.47 -58.76 39.92
N ALA E 80 23.94 -58.43 41.11
CA ALA E 80 23.06 -58.03 42.20
C ALA E 80 22.15 -56.89 41.76
N SER E 81 22.75 -55.74 41.51
CA SER E 81 22.05 -54.52 41.10
C SER E 81 20.68 -54.73 40.48
N GLN E 82 19.86 -53.70 40.60
CA GLN E 82 18.51 -53.77 40.06
C GLN E 82 18.51 -53.54 38.55
N LYS E 83 19.01 -52.38 38.12
CA LYS E 83 19.05 -52.01 36.71
C LYS E 83 19.60 -53.05 35.73
N PHE E 84 18.77 -53.48 34.79
CA PHE E 84 19.13 -54.47 33.78
C PHE E 84 20.59 -54.42 33.40
N THR E 85 20.97 -53.34 32.74
CA THR E 85 22.35 -53.15 32.30
C THR E 85 23.35 -53.84 33.20
N ASP E 86 23.59 -53.25 34.36
CA ASP E 86 24.52 -53.79 35.33
C ASP E 86 24.49 -55.31 35.30
N LYS E 87 23.28 -55.86 35.20
CA LYS E 87 23.14 -57.30 35.18
C LYS E 87 23.75 -57.93 33.93
N ARG E 88 23.45 -57.42 32.74
CA ARG E 88 24.04 -58.04 31.56
C ARG E 88 25.56 -57.87 31.55
N ILE E 89 26.04 -56.63 31.64
CA ILE E 89 27.48 -56.43 31.66
C ILE E 89 28.00 -57.45 32.66
N GLY E 90 27.44 -57.40 33.85
CA GLY E 90 27.84 -58.33 34.88
C GLY E 90 27.94 -59.73 34.32
N TYR E 91 26.82 -60.43 34.26
CA TYR E 91 26.79 -61.79 33.77
C TYR E 91 27.90 -62.08 32.80
N LEU E 92 27.98 -61.26 31.75
CA LEU E 92 29.02 -61.48 30.78
C LEU E 92 30.34 -61.67 31.51
N GLY E 93 30.65 -60.68 32.34
CA GLY E 93 31.89 -60.75 33.10
C GLY E 93 32.07 -62.06 33.82
N ALA E 94 30.97 -62.61 34.31
CA ALA E 94 31.06 -63.87 35.02
C ALA E 94 31.69 -64.90 34.10
N MET E 95 30.93 -65.29 33.09
CA MET E 95 31.40 -66.29 32.14
C MET E 95 32.87 -66.15 31.75
N LEU E 96 33.39 -64.94 31.85
CA LEU E 96 34.79 -64.73 31.50
C LEU E 96 35.78 -64.88 32.65
N LEU E 97 35.52 -64.17 33.73
CA LEU E 97 36.43 -64.14 34.88
C LEU E 97 36.31 -65.15 36.00
N LEU E 98 35.36 -66.06 35.90
CA LEU E 98 35.20 -67.01 36.99
C LEU E 98 35.97 -68.32 37.03
N ASP E 99 36.45 -68.65 38.23
CA ASP E 99 37.15 -69.89 38.55
C ASP E 99 35.99 -70.68 39.16
N GLU E 100 36.01 -72.00 39.12
CA GLU E 100 34.84 -72.71 39.63
C GLU E 100 34.73 -72.92 41.12
N ARG E 101 34.67 -71.81 41.84
CA ARG E 101 34.50 -71.88 43.28
C ARG E 101 33.02 -72.09 43.59
N GLN E 102 32.75 -73.21 44.25
CA GLN E 102 31.38 -73.56 44.62
C GLN E 102 30.77 -72.49 45.50
N ASP E 103 31.62 -71.79 46.22
CA ASP E 103 31.20 -70.72 47.11
C ASP E 103 30.43 -69.64 46.35
N VAL E 104 31.13 -69.00 45.42
CA VAL E 104 30.52 -67.96 44.61
C VAL E 104 29.42 -68.68 43.87
N HIS E 105 29.79 -69.87 43.42
CA HIS E 105 28.90 -70.74 42.70
C HIS E 105 27.52 -70.73 43.35
N LEU E 106 27.49 -70.78 44.68
CA LEU E 106 26.22 -70.74 45.39
C LEU E 106 25.66 -69.30 45.27
N LEU E 107 26.48 -68.29 45.57
CA LEU E 107 26.03 -66.90 45.44
C LEU E 107 25.45 -66.72 44.03
N MET E 108 26.13 -67.35 43.08
CA MET E 108 25.71 -67.32 41.69
C MET E 108 24.32 -67.89 41.73
N THR E 109 24.25 -69.18 42.03
CA THR E 109 22.99 -69.90 42.11
C THR E 109 21.92 -68.93 42.59
N ASN E 110 22.16 -68.36 43.77
CA ASN E 110 21.23 -67.43 44.35
C ASN E 110 20.72 -66.46 43.29
N CYS E 111 21.55 -65.48 42.93
CA CYS E 111 21.16 -64.48 41.94
C CYS E 111 20.51 -65.05 40.70
N ILE E 112 20.93 -66.23 40.29
CA ILE E 112 20.33 -66.83 39.12
C ILE E 112 18.85 -66.95 39.39
N LYS E 113 18.51 -67.73 40.42
CA LYS E 113 17.11 -67.94 40.78
C LYS E 113 16.41 -66.59 40.88
N ASN E 114 16.86 -65.78 41.83
CA ASN E 114 16.28 -64.46 42.04
C ASN E 114 15.98 -63.76 40.73
N ASP E 115 16.83 -63.97 39.74
CA ASP E 115 16.63 -63.36 38.45
C ASP E 115 15.73 -64.22 37.58
N LEU E 116 15.88 -65.53 37.69
CA LEU E 116 15.05 -66.42 36.90
C LEU E 116 13.57 -66.15 37.06
N ASN E 117 13.20 -65.58 38.20
CA ASN E 117 11.81 -65.25 38.44
C ASN E 117 11.75 -63.74 38.52
N HIS E 118 11.68 -63.10 37.34
CA HIS E 118 11.62 -61.65 37.26
C HIS E 118 10.43 -61.21 36.43
N SER E 119 10.00 -59.97 36.68
CA SER E 119 8.87 -59.42 35.96
C SER E 119 9.23 -59.27 34.48
N THR E 120 10.38 -58.65 34.21
CA THR E 120 10.83 -58.46 32.84
C THR E 120 11.15 -59.82 32.27
N GLN E 121 11.78 -59.88 31.10
CA GLN E 121 12.07 -61.19 30.53
C GLN E 121 13.51 -61.39 30.08
N PHE E 122 14.06 -60.44 29.34
CA PHE E 122 15.42 -60.57 28.87
C PHE E 122 16.35 -60.79 30.04
N VAL E 123 15.91 -60.39 31.22
CA VAL E 123 16.69 -60.58 32.42
C VAL E 123 16.83 -62.08 32.39
N GLN E 124 15.69 -62.73 32.59
CA GLN E 124 15.61 -64.17 32.58
C GLN E 124 16.54 -64.72 31.51
N GLY E 125 16.62 -64.01 30.40
CA GLY E 125 17.50 -64.45 29.34
C GLY E 125 18.88 -64.63 29.93
N LEU E 126 19.54 -63.52 30.22
CA LEU E 126 20.87 -63.58 30.81
C LEU E 126 21.00 -64.79 31.70
N ALA E 127 20.15 -64.86 32.70
CA ALA E 127 20.21 -65.98 33.63
C ALA E 127 20.39 -67.28 32.85
N LEU E 128 19.29 -67.81 32.34
CA LEU E 128 19.33 -69.06 31.59
C LEU E 128 20.67 -69.21 30.94
N CYS E 129 20.86 -68.43 29.89
CA CYS E 129 22.08 -68.41 29.12
C CYS E 129 23.25 -68.73 30.04
N THR E 130 23.63 -67.76 30.85
CA THR E 130 24.72 -67.91 31.79
C THR E 130 24.74 -69.29 32.42
N LEU E 131 23.60 -69.72 32.93
CA LEU E 131 23.56 -71.01 33.58
C LEU E 131 23.91 -72.15 32.67
N GLY E 132 23.60 -72.04 31.40
CA GLY E 132 23.93 -73.13 30.51
C GLY E 132 25.39 -73.14 30.12
N CYS E 133 26.10 -72.10 30.53
CA CYS E 133 27.51 -71.97 30.19
C CYS E 133 28.45 -72.19 31.36
N MET E 134 27.91 -72.15 32.56
CA MET E 134 28.72 -72.34 33.76
C MET E 134 28.26 -73.56 34.49
N GLY E 135 26.94 -73.64 34.62
CA GLY E 135 26.33 -74.75 35.31
C GLY E 135 27.29 -75.83 35.76
N SER E 136 27.63 -75.81 37.03
CA SER E 136 28.50 -76.86 37.53
C SER E 136 27.53 -77.77 38.24
N SER E 137 27.89 -79.04 38.29
CA SER E 137 27.07 -80.05 38.93
C SER E 137 26.11 -79.39 39.95
N GLU E 138 26.55 -79.26 41.19
CA GLU E 138 25.76 -78.68 42.26
C GLU E 138 24.71 -77.67 41.80
N MET E 139 25.13 -76.74 40.95
CA MET E 139 24.23 -75.71 40.42
C MET E 139 22.99 -76.39 39.91
N CYS E 140 23.16 -77.01 38.76
CA CYS E 140 22.11 -77.73 38.08
C CYS E 140 21.31 -78.50 39.11
N ARG E 141 22.00 -79.33 39.88
CA ARG E 141 21.31 -80.12 40.88
C ARG E 141 20.33 -79.23 41.65
N ASP E 142 20.62 -77.93 41.70
CA ASP E 142 19.71 -77.01 42.38
C ASP E 142 18.62 -76.52 41.42
N LEU E 143 18.97 -75.51 40.64
CA LEU E 143 18.05 -74.89 39.68
C LEU E 143 17.33 -75.83 38.74
N ALA E 144 17.83 -77.05 38.66
CA ALA E 144 17.25 -78.05 37.79
C ALA E 144 15.75 -77.84 37.60
N GLY E 145 14.98 -78.19 38.63
CA GLY E 145 13.56 -78.02 38.53
C GLY E 145 13.17 -76.65 37.97
N GLU E 146 13.70 -75.61 38.61
CA GLU E 146 13.40 -74.26 38.18
C GLU E 146 13.41 -74.23 36.68
N VAL E 147 14.34 -74.97 36.09
CA VAL E 147 14.41 -75.02 34.65
C VAL E 147 13.11 -75.56 34.09
N GLU E 148 12.55 -76.62 34.70
CA GLU E 148 11.29 -77.11 34.15
C GLU E 148 10.19 -76.10 34.25
N LYS E 149 9.94 -75.61 35.46
CA LYS E 149 8.90 -74.61 35.67
C LYS E 149 8.92 -73.59 34.54
N LEU E 150 10.14 -73.22 34.13
CA LEU E 150 10.31 -72.25 33.05
C LEU E 150 10.17 -72.89 31.69
N LEU E 151 10.63 -74.12 31.58
CA LEU E 151 10.56 -74.83 30.32
C LEU E 151 9.14 -74.78 29.78
N LYS E 152 8.18 -74.90 30.68
CA LYS E 152 6.78 -74.91 30.29
C LYS E 152 6.22 -73.67 29.59
N THR E 153 6.10 -72.55 30.32
CA THR E 153 5.54 -71.32 29.74
C THR E 153 5.93 -71.01 28.33
N SER E 154 4.92 -71.04 27.46
CA SER E 154 5.13 -70.80 26.07
C SER E 154 5.36 -69.34 25.69
N ASN E 155 6.64 -68.99 25.73
CA ASN E 155 7.10 -67.70 25.31
C ASN E 155 8.32 -68.17 24.54
N SER E 156 8.05 -68.66 23.33
CA SER E 156 9.10 -69.17 22.47
C SER E 156 10.51 -68.74 22.93
N TYR E 157 10.81 -67.44 22.91
CA TYR E 157 12.13 -66.96 23.32
C TYR E 157 12.63 -67.78 24.48
N LEU E 158 11.98 -67.64 25.61
CA LEU E 158 12.42 -68.39 26.76
C LEU E 158 12.54 -69.88 26.52
N ARG E 159 11.42 -70.53 26.24
CA ARG E 159 11.44 -71.98 26.05
C ARG E 159 12.74 -72.47 25.43
N LYS E 160 13.03 -72.05 24.20
CA LYS E 160 14.26 -72.51 23.57
C LYS E 160 15.42 -72.42 24.57
N LYS E 161 15.64 -71.23 25.10
CA LYS E 161 16.73 -71.05 26.05
C LYS E 161 16.68 -72.20 27.06
N ALA E 162 15.56 -72.30 27.77
CA ALA E 162 15.39 -73.36 28.75
C ALA E 162 15.90 -74.68 28.24
N ALA E 163 15.22 -75.19 27.22
CA ALA E 163 15.57 -76.44 26.60
C ALA E 163 17.05 -76.67 26.78
N LEU E 164 17.83 -75.92 26.02
CA LEU E 164 19.27 -76.06 26.09
C LEU E 164 19.77 -76.15 27.52
N CYS E 165 19.32 -75.25 28.37
CA CYS E 165 19.77 -75.31 29.75
C CYS E 165 19.69 -76.75 30.22
N ALA E 166 18.47 -77.23 30.40
CA ALA E 166 18.24 -78.59 30.84
C ALA E 166 19.33 -79.49 30.29
N VAL E 167 19.54 -79.36 28.98
CA VAL E 167 20.55 -80.12 28.31
C VAL E 167 21.78 -80.06 29.17
N HIS E 168 22.47 -78.95 29.04
CA HIS E 168 23.68 -78.71 29.78
C HIS E 168 23.58 -79.41 31.13
N VAL E 169 22.47 -79.21 31.83
CA VAL E 169 22.30 -79.84 33.11
C VAL E 169 22.59 -81.33 32.99
N ILE E 170 21.83 -82.02 32.15
CA ILE E 170 22.05 -83.43 31.94
C ILE E 170 23.53 -83.73 31.84
N ARG E 171 24.18 -83.08 30.89
CA ARG E 171 25.60 -83.27 30.66
C ARG E 171 26.42 -83.23 31.94
N LYS E 172 26.07 -82.34 32.87
CA LYS E 172 26.82 -82.23 34.13
C LYS E 172 26.22 -83.07 35.25
N VAL E 173 25.00 -83.55 35.04
CA VAL E 173 24.32 -84.33 36.06
C VAL E 173 23.41 -85.39 35.44
N PRO E 174 24.00 -86.33 34.71
CA PRO E 174 23.30 -87.43 34.03
C PRO E 174 22.04 -87.87 34.75
N GLU E 175 22.16 -87.95 36.06
CA GLU E 175 21.07 -88.38 36.89
C GLU E 175 19.69 -87.75 36.72
N LEU E 176 19.61 -86.51 36.28
CA LEU E 176 18.29 -85.86 36.23
C LEU E 176 17.32 -85.75 35.04
N MET E 177 17.68 -86.31 33.90
CA MET E 177 16.80 -86.18 32.74
C MET E 177 15.35 -86.64 32.95
N GLU E 178 15.15 -87.39 34.01
CA GLU E 178 13.82 -87.91 34.33
C GLU E 178 12.77 -86.82 34.21
N MET E 179 12.83 -85.86 35.12
CA MET E 179 11.87 -84.75 35.15
C MET E 179 11.59 -84.05 33.83
N PHE E 180 12.28 -84.46 32.78
CA PHE E 180 12.07 -83.81 31.50
C PHE E 180 11.19 -84.61 30.59
N LEU E 181 11.01 -85.88 30.91
CA LEU E 181 10.08 -86.66 30.10
C LEU E 181 8.88 -85.69 29.91
N PRO E 182 8.36 -85.11 31.02
CA PRO E 182 7.21 -84.19 30.91
C PRO E 182 7.14 -83.22 29.71
N ALA E 183 8.21 -82.48 29.43
CA ALA E 183 8.15 -81.53 28.31
C ALA E 183 8.07 -82.28 26.98
N THR E 184 8.70 -83.44 26.97
CA THR E 184 8.78 -84.28 25.78
C THR E 184 7.60 -84.38 24.79
N LYS E 185 6.73 -85.37 24.94
CA LYS E 185 5.63 -85.62 24.00
C LYS E 185 5.12 -84.56 23.02
N ASN E 186 4.71 -83.41 23.53
CA ASN E 186 4.20 -82.38 22.66
C ASN E 186 5.28 -81.74 21.77
N LEU E 187 6.35 -81.23 22.38
CA LEU E 187 7.44 -80.54 21.65
C LEU E 187 7.48 -80.64 20.11
N LEU E 188 7.55 -81.84 19.56
CA LEU E 188 7.62 -81.99 18.11
C LEU E 188 6.34 -81.75 17.38
N ASN E 189 5.84 -80.54 17.50
CA ASN E 189 4.61 -80.19 16.87
C ASN E 189 4.67 -78.69 16.79
N GLU E 190 5.61 -78.12 17.56
CA GLU E 190 5.80 -76.68 17.60
C GLU E 190 5.89 -76.11 16.19
N LYS E 191 5.82 -74.78 16.10
CA LYS E 191 5.86 -74.09 14.82
C LYS E 191 7.11 -73.22 14.65
N ASN E 192 7.61 -72.60 15.71
CA ASN E 192 8.81 -71.76 15.56
C ASN E 192 10.07 -72.58 15.48
N HIS E 193 10.76 -72.43 14.36
CA HIS E 193 11.99 -73.15 14.16
C HIS E 193 12.81 -73.15 15.42
N GLY E 194 13.21 -71.95 15.84
CA GLY E 194 14.01 -71.83 17.04
C GLY E 194 13.77 -73.00 17.97
N VAL E 195 12.70 -72.92 18.74
CA VAL E 195 12.37 -73.96 19.67
C VAL E 195 12.65 -75.31 19.07
N LEU E 196 11.79 -75.67 18.14
CA LEU E 196 11.89 -76.94 17.46
C LEU E 196 13.32 -77.40 17.50
N HIS E 197 14.21 -76.59 16.94
CA HIS E 197 15.61 -76.93 16.92
C HIS E 197 16.08 -77.36 18.31
N THR E 198 16.13 -76.40 19.23
CA THR E 198 16.55 -76.73 20.58
C THR E 198 15.88 -78.04 20.92
N SER E 199 14.56 -77.98 21.03
CA SER E 199 13.79 -79.17 21.34
C SER E 199 14.49 -80.40 20.81
N VAL E 200 14.88 -80.37 19.54
CA VAL E 200 15.55 -81.51 18.96
C VAL E 200 16.77 -81.93 19.75
N VAL E 201 17.88 -81.20 19.63
CA VAL E 201 19.09 -81.61 20.36
C VAL E 201 18.72 -82.05 21.75
N LEU E 202 17.78 -81.36 22.37
CA LEU E 202 17.34 -81.74 23.71
C LEU E 202 17.09 -83.22 23.61
N LEU E 203 16.13 -83.58 22.77
CA LEU E 203 15.79 -84.97 22.57
C LEU E 203 17.06 -85.74 22.26
N THR E 204 17.78 -85.29 21.24
CA THR E 204 19.02 -85.94 20.83
C THR E 204 19.84 -86.35 22.05
N GLU E 205 20.29 -85.37 22.82
CA GLU E 205 21.11 -85.64 24.00
C GLU E 205 20.41 -86.57 24.99
N MET E 206 19.10 -86.43 25.10
CA MET E 206 18.35 -87.29 26.02
C MET E 206 18.64 -88.74 25.72
N CYS E 207 18.49 -89.10 24.46
CA CYS E 207 18.70 -90.47 24.02
C CYS E 207 20.10 -90.98 24.22
N GLU E 208 20.50 -91.04 25.48
CA GLU E 208 21.79 -91.54 25.92
C GLU E 208 21.52 -92.43 27.12
N ARG E 209 20.35 -93.07 27.05
CA ARG E 209 19.82 -94.01 28.03
C ARG E 209 18.84 -94.87 27.26
N SER E 210 19.32 -96.03 26.87
CA SER E 210 18.54 -96.99 26.11
C SER E 210 17.01 -96.92 26.20
N PRO E 211 16.43 -96.93 27.41
CA PRO E 211 14.96 -96.87 27.60
C PRO E 211 14.22 -95.71 26.91
N ASP E 212 14.68 -94.48 27.19
CA ASP E 212 14.06 -93.30 26.60
C ASP E 212 13.93 -93.56 25.12
N MET E 213 14.96 -94.16 24.55
CA MET E 213 14.95 -94.45 23.14
C MET E 213 13.60 -94.98 22.71
N LEU E 214 13.25 -96.18 23.14
CA LEU E 214 11.97 -96.76 22.75
C LEU E 214 10.84 -95.72 22.85
N ALA E 215 10.86 -94.88 23.89
CA ALA E 215 9.81 -93.86 24.00
C ALA E 215 9.77 -93.02 22.72
N HIS E 216 10.81 -92.21 22.47
CA HIS E 216 10.85 -91.35 21.27
C HIS E 216 10.98 -92.15 19.98
N PHE E 217 11.81 -93.18 20.06
CA PHE E 217 12.09 -94.13 18.98
C PHE E 217 10.78 -94.29 18.23
N ARG E 218 9.95 -95.19 18.76
CA ARG E 218 8.65 -95.50 18.18
C ARG E 218 7.78 -94.25 17.98
N LYS E 219 7.87 -93.31 18.91
CA LYS E 219 7.05 -92.11 18.81
C LYS E 219 7.45 -91.21 17.64
N LEU E 220 7.96 -90.04 17.97
CA LEU E 220 8.32 -89.02 17.03
C LEU E 220 8.93 -89.36 15.65
N VAL E 221 9.52 -90.53 15.46
CA VAL E 221 10.11 -90.80 14.15
C VAL E 221 9.29 -90.27 12.94
N PRO E 222 8.08 -90.79 12.71
CA PRO E 222 7.24 -90.34 11.57
C PRO E 222 7.11 -88.84 11.49
N GLN E 223 6.80 -88.23 12.62
CA GLN E 223 6.64 -86.79 12.69
C GLN E 223 7.93 -86.10 12.19
N LEU E 224 9.06 -86.39 12.83
CA LEU E 224 10.34 -85.80 12.43
C LEU E 224 10.39 -85.75 10.94
N VAL E 225 10.09 -86.90 10.35
CA VAL E 225 10.10 -87.01 8.92
C VAL E 225 9.37 -85.83 8.34
N ARG E 226 8.05 -85.84 8.46
CA ARG E 226 7.20 -84.76 7.93
C ARG E 226 7.84 -83.38 8.03
N ILE E 227 8.31 -83.03 9.22
CA ILE E 227 8.92 -81.74 9.41
C ILE E 227 10.01 -81.58 8.38
N LEU E 228 11.05 -82.38 8.51
CA LEU E 228 12.15 -82.34 7.57
C LEU E 228 11.62 -82.23 6.14
N LYS E 229 10.90 -83.26 5.72
CA LYS E 229 10.31 -83.28 4.39
C LYS E 229 9.84 -81.89 4.06
N ASN E 230 8.80 -81.46 4.77
CA ASN E 230 8.23 -80.13 4.59
C ASN E 230 9.32 -79.13 4.19
N LEU E 231 10.33 -79.01 5.04
CA LEU E 231 11.42 -78.09 4.79
C LEU E 231 11.99 -78.29 3.41
N ILE E 232 12.86 -79.29 3.29
CA ILE E 232 13.50 -79.60 2.02
C ILE E 232 12.60 -79.22 0.90
N MET E 233 11.53 -80.00 0.76
CA MET E 233 10.59 -79.83 -0.32
C MET E 233 10.13 -78.42 -0.74
N SER E 234 9.77 -77.48 0.15
CA SER E 234 9.32 -76.19 -0.43
C SER E 234 9.69 -74.81 0.08
N GLY E 235 9.38 -73.84 -0.77
CA GLY E 235 9.57 -72.42 -0.54
C GLY E 235 10.92 -71.87 -0.14
N TYR E 236 11.10 -70.59 -0.46
CA TYR E 236 12.24 -69.80 -0.10
C TYR E 236 11.79 -69.15 1.23
N SER E 237 12.68 -68.84 2.18
CA SER E 237 12.20 -68.24 3.48
C SER E 237 13.03 -67.12 4.10
N PRO E 238 12.70 -65.86 3.83
CA PRO E 238 13.36 -64.64 4.26
C PRO E 238 13.73 -64.67 5.66
N GLU E 239 13.23 -65.62 6.46
CA GLU E 239 13.57 -65.76 7.85
C GLU E 239 14.64 -66.83 8.05
N HIS E 240 14.60 -67.87 7.23
CA HIS E 240 15.49 -69.00 7.40
C HIS E 240 16.52 -69.37 6.33
N ASP E 241 16.17 -69.27 5.05
CA ASP E 241 17.14 -69.64 4.03
C ASP E 241 18.56 -69.20 4.30
N VAL E 242 19.46 -69.91 3.66
CA VAL E 242 20.88 -69.66 3.68
C VAL E 242 21.27 -70.28 2.35
N SER E 243 21.26 -69.46 1.32
CA SER E 243 21.61 -69.88 -0.03
C SER E 243 20.72 -70.95 -0.66
N GLY E 244 19.41 -70.76 -0.60
CA GLY E 244 18.51 -71.70 -1.22
C GLY E 244 17.84 -72.84 -0.45
N ILE E 245 18.17 -72.99 0.82
CA ILE E 245 17.56 -74.06 1.58
C ILE E 245 17.11 -73.54 2.92
N SER E 246 16.14 -74.20 3.52
CA SER E 246 15.63 -73.79 4.81
C SER E 246 16.37 -74.38 5.98
N ASP E 247 16.57 -73.55 6.99
CA ASP E 247 17.25 -73.95 8.20
C ASP E 247 18.17 -75.13 8.21
N PRO E 248 19.13 -75.14 7.29
CA PRO E 248 20.08 -76.25 7.22
C PRO E 248 20.23 -76.82 8.61
N PHE E 249 20.68 -75.99 9.54
CA PHE E 249 20.84 -76.41 10.92
C PHE E 249 19.73 -77.36 11.27
N LEU E 250 18.54 -76.79 11.43
CA LEU E 250 17.40 -77.59 11.75
C LEU E 250 17.51 -78.89 11.00
N GLN E 251 17.57 -78.81 9.67
CA GLN E 251 17.69 -80.00 8.85
C GLN E 251 18.76 -80.94 9.37
N VAL E 252 19.97 -80.45 9.53
CA VAL E 252 21.02 -81.31 10.02
C VAL E 252 20.60 -81.98 11.31
N ARG E 253 20.70 -81.25 12.41
CA ARG E 253 20.33 -81.79 13.72
C ARG E 253 19.24 -82.82 13.61
N ILE E 254 18.19 -82.51 12.84
CA ILE E 254 17.13 -83.46 12.65
C ILE E 254 17.81 -84.75 12.29
N LEU E 255 18.33 -84.80 11.07
CA LEU E 255 19.02 -85.97 10.59
C LEU E 255 19.74 -86.68 11.71
N ARG E 256 20.68 -85.97 12.32
CA ARG E 256 21.43 -86.53 13.42
C ARG E 256 20.49 -87.36 14.27
N LEU E 257 19.54 -86.70 14.91
CA LEU E 257 18.60 -87.39 15.77
C LEU E 257 17.98 -88.62 15.11
N LEU E 258 17.53 -88.50 13.87
CA LEU E 258 16.94 -89.63 13.15
C LEU E 258 17.96 -90.72 13.23
N ARG E 259 19.15 -90.36 12.79
CA ARG E 259 20.27 -91.25 12.80
C ARG E 259 20.32 -92.02 14.11
N ILE E 260 20.76 -91.34 15.15
CA ILE E 260 20.90 -91.97 16.45
C ILE E 260 19.76 -92.89 16.87
N LEU E 261 18.53 -92.49 16.59
CA LEU E 261 17.38 -93.31 16.95
C LEU E 261 17.35 -94.65 16.25
N GLY E 262 17.49 -94.63 14.93
CA GLY E 262 17.48 -95.86 14.17
C GLY E 262 18.78 -96.62 14.28
N ARG E 263 19.53 -96.34 15.33
CA ARG E 263 20.81 -97.00 15.56
C ARG E 263 20.79 -98.43 15.02
N ASN E 264 20.31 -99.37 15.83
CA ASN E 264 20.21 -100.77 15.40
C ASN E 264 18.76 -101.14 15.51
N ASP E 265 18.09 -101.20 14.37
CA ASP E 265 16.70 -101.57 14.37
C ASP E 265 16.18 -101.54 12.97
N ASP E 266 15.22 -102.41 12.70
CA ASP E 266 14.63 -102.48 11.38
C ASP E 266 13.50 -101.47 11.30
N ASP E 267 12.47 -101.65 12.12
CA ASP E 267 11.31 -100.75 12.14
C ASP E 267 11.70 -99.30 11.84
N SER E 268 12.41 -98.66 12.77
CA SER E 268 12.85 -97.29 12.58
C SER E 268 13.38 -97.07 11.15
N SER E 269 14.57 -97.60 10.91
CA SER E 269 15.26 -97.50 9.62
C SER E 269 14.30 -97.69 8.47
N GLU E 270 13.80 -98.91 8.34
CA GLU E 270 12.87 -99.30 7.31
C GLU E 270 11.84 -98.17 7.09
N ALA E 271 11.63 -97.36 8.13
CA ALA E 271 10.67 -96.24 8.06
C ALA E 271 11.34 -94.91 7.72
N MET E 272 12.65 -94.93 7.60
CA MET E 272 13.37 -93.72 7.28
C MET E 272 13.91 -93.68 5.88
N ASN E 273 14.50 -94.79 5.44
CA ASN E 273 15.14 -94.83 4.13
C ASN E 273 14.45 -94.03 3.03
N ASP E 274 13.15 -93.77 3.17
CA ASP E 274 12.46 -92.98 2.14
C ASP E 274 12.87 -91.52 2.20
N ILE E 275 12.51 -90.86 3.30
CA ILE E 275 12.87 -89.46 3.45
C ILE E 275 14.33 -89.29 3.09
N LEU E 276 15.18 -90.17 3.61
CA LEU E 276 16.59 -90.07 3.30
C LEU E 276 16.81 -89.94 1.81
N ALA E 277 16.58 -91.04 1.10
CA ALA E 277 16.77 -91.04 -0.34
C ALA E 277 16.37 -89.71 -0.93
N GLN E 278 15.15 -89.28 -0.65
CA GLN E 278 14.68 -88.00 -1.17
C GLN E 278 15.71 -86.91 -0.88
N VAL E 279 16.01 -86.73 0.40
CA VAL E 279 16.98 -85.76 0.83
C VAL E 279 18.17 -85.74 -0.09
N ALA E 280 18.57 -86.92 -0.52
CA ALA E 280 19.71 -87.06 -1.41
C ALA E 280 19.41 -86.50 -2.78
N THR E 281 18.47 -87.14 -3.45
CA THR E 281 18.09 -86.73 -4.78
C THR E 281 17.64 -85.27 -4.86
N ASN E 282 16.77 -84.87 -3.97
CA ASN E 282 16.21 -83.51 -3.98
C ASN E 282 17.03 -82.29 -3.47
N THR E 283 18.31 -82.45 -3.14
CA THR E 283 19.07 -81.30 -2.64
C THR E 283 20.07 -80.70 -3.65
N GLU E 284 20.45 -79.43 -3.44
CA GLU E 284 21.35 -78.65 -4.32
C GLU E 284 22.84 -78.80 -4.07
N THR E 285 23.56 -79.27 -5.08
CA THR E 285 24.99 -79.45 -4.93
C THR E 285 25.74 -78.15 -5.11
N SER E 286 25.02 -77.08 -5.44
CA SER E 286 25.63 -75.78 -5.67
C SER E 286 26.83 -75.51 -4.77
N LYS E 287 26.56 -74.92 -3.61
CA LYS E 287 27.62 -74.58 -2.71
C LYS E 287 27.49 -75.13 -1.29
N ASN E 288 28.65 -75.50 -0.76
CA ASN E 288 28.84 -76.08 0.57
C ASN E 288 27.56 -76.29 1.37
N VAL E 289 26.91 -75.20 1.78
CA VAL E 289 25.69 -75.31 2.55
C VAL E 289 25.05 -76.65 2.27
N GLY E 290 24.49 -76.77 1.09
CA GLY E 290 23.85 -78.01 0.72
C GLY E 290 24.73 -79.18 1.10
N ASN E 291 25.85 -79.30 0.41
CA ASN E 291 26.75 -80.39 0.68
C ASN E 291 26.75 -80.68 2.17
N ALA E 292 26.82 -79.64 2.99
CA ALA E 292 26.80 -79.86 4.44
C ALA E 292 25.64 -80.79 4.72
N ILE E 293 24.47 -80.37 4.27
CA ILE E 293 23.27 -81.17 4.44
C ILE E 293 23.63 -82.60 4.16
N LEU E 294 24.05 -82.86 2.94
CA LEU E 294 24.40 -84.20 2.56
C LEU E 294 25.38 -84.87 3.51
N TYR E 295 26.54 -84.25 3.70
CA TYR E 295 27.53 -84.83 4.59
C TYR E 295 26.81 -85.51 5.74
N GLU E 296 25.99 -84.76 6.46
CA GLU E 296 25.30 -85.35 7.59
C GLU E 296 24.40 -86.51 7.18
N THR E 297 23.47 -86.26 6.27
CA THR E 297 22.56 -87.29 5.80
C THR E 297 23.31 -88.58 5.57
N VAL E 298 24.43 -88.48 4.90
CA VAL E 298 25.20 -89.68 4.65
C VAL E 298 25.53 -90.39 5.94
N LEU E 299 26.34 -89.77 6.80
CA LEU E 299 26.71 -90.40 8.07
C LEU E 299 25.51 -91.16 8.64
N THR E 300 24.39 -90.47 8.77
CA THR E 300 23.18 -91.08 9.29
C THR E 300 22.85 -92.33 8.50
N ILE E 301 22.66 -92.13 7.21
CA ILE E 301 22.35 -93.24 6.33
C ILE E 301 23.25 -94.44 6.57
N MET E 302 24.46 -94.18 7.03
CA MET E 302 25.43 -95.26 7.27
C MET E 302 25.29 -96.11 8.52
N ASP E 303 25.18 -95.44 9.66
CA ASP E 303 25.05 -96.18 10.90
C ASP E 303 23.75 -96.97 10.95
N ILE E 304 22.80 -96.69 10.05
CA ILE E 304 21.55 -97.46 10.13
C ILE E 304 21.27 -98.47 9.03
N LYS E 305 20.67 -99.58 9.45
CA LYS E 305 20.30 -100.66 8.53
C LYS E 305 19.47 -100.09 7.39
N SER E 306 19.66 -100.58 6.17
CA SER E 306 18.92 -100.06 5.02
C SER E 306 19.20 -100.78 3.70
N GLU E 307 18.23 -100.76 2.78
CA GLU E 307 18.40 -101.44 1.50
C GLU E 307 19.79 -101.28 0.92
N SER E 308 20.35 -102.39 0.46
CA SER E 308 21.67 -102.37 -0.13
C SER E 308 21.77 -101.27 -1.17
N GLY E 309 20.69 -101.10 -1.95
CA GLY E 309 20.65 -100.08 -2.99
C GLY E 309 20.85 -98.66 -2.50
N LEU E 310 20.28 -98.36 -1.33
CA LEU E 310 20.38 -97.03 -0.73
C LEU E 310 21.79 -96.77 -0.28
N ARG E 311 22.31 -97.66 0.56
CA ARG E 311 23.66 -97.47 1.03
C ARG E 311 24.53 -97.15 -0.17
N VAL E 312 24.35 -97.93 -1.24
CA VAL E 312 25.12 -97.71 -2.46
C VAL E 312 25.09 -96.24 -2.84
N LEU E 313 23.88 -95.69 -2.97
CA LEU E 313 23.77 -94.29 -3.34
C LEU E 313 24.70 -93.46 -2.45
N ALA E 314 24.48 -93.53 -1.14
CA ALA E 314 25.28 -92.79 -0.17
C ALA E 314 26.72 -92.67 -0.63
N ILE E 315 27.37 -93.82 -0.72
CA ILE E 315 28.74 -93.88 -1.15
C ILE E 315 28.93 -93.06 -2.41
N ASN E 316 28.35 -93.55 -3.51
CA ASN E 316 28.47 -92.88 -4.80
C ASN E 316 28.36 -91.37 -4.59
N ILE E 317 27.68 -90.97 -3.53
CA ILE E 317 27.53 -89.56 -3.23
C ILE E 317 28.83 -88.94 -2.79
N LEU E 318 29.51 -89.61 -1.86
CA LEU E 318 30.77 -89.06 -1.41
C LEU E 318 31.68 -88.91 -2.61
N GLY E 319 31.78 -89.97 -3.40
CA GLY E 319 32.65 -89.91 -4.56
C GLY E 319 32.37 -88.60 -5.24
N ARG E 320 31.08 -88.39 -5.49
CA ARG E 320 30.62 -87.17 -6.12
C ARG E 320 31.32 -85.99 -5.46
N PHE E 321 31.61 -86.10 -4.17
CA PHE E 321 32.31 -85.02 -3.48
C PHE E 321 33.68 -84.87 -4.05
N LEU E 322 34.50 -85.88 -3.75
CA LEU E 322 35.88 -85.91 -4.18
C LEU E 322 36.13 -85.04 -5.38
N LEU E 323 35.32 -85.25 -6.40
CA LEU E 323 35.51 -84.49 -7.63
C LEU E 323 35.09 -83.02 -7.58
N ASN E 324 34.83 -82.48 -6.39
CA ASN E 324 34.42 -81.08 -6.26
C ASN E 324 35.57 -80.08 -6.36
N ASN E 325 35.37 -78.99 -7.10
CA ASN E 325 36.44 -78.00 -7.27
C ASN E 325 37.25 -77.72 -6.00
N ASP E 326 36.56 -77.34 -4.93
CA ASP E 326 37.16 -76.94 -3.64
C ASP E 326 37.52 -77.93 -2.54
N LYS E 327 38.73 -77.74 -1.99
CA LYS E 327 39.26 -78.55 -0.91
C LYS E 327 38.15 -78.78 0.12
N ASN E 328 38.27 -78.22 1.31
CA ASN E 328 37.22 -78.47 2.28
C ASN E 328 36.53 -79.77 1.94
N ILE E 329 35.26 -79.69 1.53
CA ILE E 329 34.48 -80.88 1.17
C ILE E 329 35.34 -82.14 1.09
N ARG E 330 36.13 -82.22 0.03
CA ARG E 330 36.99 -83.36 -0.16
C ARG E 330 37.49 -83.97 1.13
N TYR E 331 37.94 -83.15 2.07
CA TYR E 331 38.44 -83.68 3.34
C TYR E 331 37.52 -84.73 3.93
N VAL E 332 36.46 -84.28 4.60
CA VAL E 332 35.52 -85.22 5.22
C VAL E 332 35.30 -86.35 4.25
N ALA E 333 35.06 -85.99 3.00
CA ALA E 333 34.82 -86.99 1.97
C ALA E 333 35.66 -88.21 2.26
N LEU E 334 36.97 -88.01 2.33
CA LEU E 334 37.83 -89.12 2.60
C LEU E 334 37.56 -89.65 4.00
N THR E 335 37.79 -88.83 5.02
CA THR E 335 37.60 -89.23 6.42
C THR E 335 36.53 -90.32 6.60
N SER E 336 35.28 -89.90 6.53
CA SER E 336 34.17 -90.83 6.66
C SER E 336 34.46 -92.05 5.79
N LEU E 337 34.78 -91.81 4.53
CA LEU E 337 35.06 -92.90 3.63
C LEU E 337 35.77 -94.08 4.32
N LEU E 338 36.84 -93.80 5.06
CA LEU E 338 37.56 -94.87 5.76
C LEU E 338 36.67 -95.62 6.73
N LYS E 339 36.09 -94.88 7.67
CA LYS E 339 35.20 -95.47 8.68
C LYS E 339 34.26 -96.54 8.08
N THR E 340 34.01 -96.47 6.77
CA THR E 340 33.11 -97.43 6.12
C THR E 340 33.76 -98.49 5.21
N VAL E 341 35.01 -98.25 4.82
CA VAL E 341 35.72 -99.20 3.97
C VAL E 341 35.73 -100.57 4.58
N GLN E 342 35.88 -100.61 5.89
CA GLN E 342 35.89 -101.92 6.56
C GLN E 342 34.51 -102.58 6.54
N THR E 343 33.49 -101.81 6.15
CA THR E 343 32.12 -102.29 6.08
C THR E 343 31.59 -102.49 4.66
N ASP E 344 31.54 -101.42 3.89
CA ASP E 344 31.02 -101.47 2.54
C ASP E 344 32.05 -101.54 1.43
N HIS E 345 33.10 -102.30 1.73
CA HIS E 345 34.24 -102.54 0.87
C HIS E 345 33.86 -102.60 -0.61
N ASN E 346 33.32 -103.75 -0.99
CA ASN E 346 32.91 -104.00 -2.36
C ASN E 346 32.22 -102.80 -3.00
N ALA E 347 31.56 -102.00 -2.17
CA ALA E 347 30.84 -100.84 -2.66
C ALA E 347 31.70 -99.62 -2.99
N VAL E 348 32.57 -99.24 -2.08
CA VAL E 348 33.43 -98.07 -2.29
C VAL E 348 34.38 -98.23 -3.46
N GLN E 349 34.93 -99.43 -3.62
CA GLN E 349 35.88 -99.69 -4.70
C GLN E 349 35.60 -98.92 -5.98
N ARG E 350 34.32 -98.79 -6.29
CA ARG E 350 33.87 -98.08 -7.48
C ARG E 350 34.45 -96.68 -7.64
N HIS E 351 35.43 -96.32 -6.83
CA HIS E 351 35.95 -94.97 -6.93
C HIS E 351 37.45 -94.82 -6.73
N ARG E 352 38.08 -95.85 -6.21
CA ARG E 352 39.50 -95.75 -5.96
C ARG E 352 40.18 -94.91 -7.02
N SER E 353 40.01 -95.31 -8.28
CA SER E 353 40.61 -94.59 -9.41
C SER E 353 40.75 -93.10 -9.11
N THR E 354 39.64 -92.48 -8.74
CA THR E 354 39.64 -91.05 -8.44
C THR E 354 40.34 -90.78 -7.11
N ILE E 355 40.09 -91.64 -6.12
CA ILE E 355 40.72 -91.45 -4.83
C ILE E 355 42.22 -91.23 -4.95
N VAL E 356 42.95 -92.31 -5.24
CA VAL E 356 44.39 -92.21 -5.37
C VAL E 356 44.71 -91.00 -6.23
N ASP E 357 43.83 -90.74 -7.20
CA ASP E 357 44.05 -89.58 -8.06
C ASP E 357 44.25 -88.33 -7.19
N CYS E 358 43.79 -88.38 -5.93
CA CYS E 358 43.93 -87.23 -5.03
C CYS E 358 45.33 -86.98 -4.53
N LEU E 359 46.09 -88.06 -4.38
CA LEU E 359 47.46 -87.96 -3.91
C LEU E 359 48.14 -86.77 -4.55
N LYS E 360 47.67 -86.44 -5.74
CA LYS E 360 48.19 -85.31 -6.50
C LYS E 360 47.77 -83.97 -5.88
N ASP E 361 47.13 -83.99 -4.72
CA ASP E 361 46.69 -82.74 -4.14
C ASP E 361 47.75 -82.00 -3.36
N LEU E 362 47.54 -80.70 -3.19
CA LEU E 362 48.47 -79.84 -2.49
C LEU E 362 48.20 -79.66 -1.00
N ASP E 363 47.48 -80.58 -0.37
CA ASP E 363 47.23 -80.45 1.07
C ASP E 363 47.51 -81.73 1.84
N VAL E 364 48.54 -81.68 2.68
CA VAL E 364 48.97 -82.82 3.49
C VAL E 364 47.83 -83.74 3.96
N SER E 365 46.95 -83.21 4.82
CA SER E 365 45.84 -83.99 5.35
C SER E 365 45.26 -84.89 4.26
N ILE E 366 44.71 -84.25 3.23
CA ILE E 366 44.13 -84.97 2.12
C ILE E 366 45.06 -86.07 1.74
N LYS E 367 46.24 -85.66 1.31
CA LYS E 367 47.26 -86.61 0.92
C LYS E 367 47.13 -87.83 1.80
N ARG E 368 47.67 -87.71 3.02
CA ARG E 368 47.65 -88.83 3.93
C ARG E 368 46.37 -89.63 3.78
N ARG E 369 45.30 -89.17 4.41
CA ARG E 369 44.05 -89.87 4.31
C ARG E 369 43.99 -90.58 2.98
N ALA E 370 44.02 -89.81 1.89
CA ALA E 370 43.98 -90.43 0.58
C ALA E 370 44.78 -91.71 0.69
N MET E 371 46.08 -91.56 0.86
CA MET E 371 46.95 -92.70 0.99
C MET E 371 46.37 -93.78 1.88
N GLU E 372 46.36 -93.53 3.19
CA GLU E 372 45.84 -94.49 4.15
C GLU E 372 44.78 -95.35 3.47
N LEU E 373 43.67 -94.71 3.16
CA LEU E 373 42.57 -95.39 2.51
C LEU E 373 43.07 -96.20 1.32
N SER E 374 43.29 -95.50 0.21
CA SER E 374 43.75 -96.13 -1.01
C SER E 374 44.39 -97.44 -0.64
N PHE E 375 45.47 -97.34 0.11
CA PHE E 375 46.14 -98.51 0.55
C PHE E 375 45.13 -99.59 0.85
N ALA E 376 44.45 -99.40 1.96
CA ALA E 376 43.43 -100.33 2.41
C ALA E 376 42.62 -101.00 1.32
N LEU E 377 42.41 -100.30 0.21
CA LEU E 377 41.59 -100.88 -0.85
C LEU E 377 42.34 -101.86 -1.71
N VAL E 378 43.65 -101.95 -1.51
CA VAL E 378 44.41 -102.87 -2.30
C VAL E 378 43.82 -104.24 -2.21
N ASN E 379 43.43 -104.78 -3.35
CA ASN E 379 42.83 -106.09 -3.38
C ASN E 379 43.85 -107.08 -3.88
N GLY E 380 43.37 -108.07 -4.61
CA GLY E 380 44.26 -109.07 -5.16
C GLY E 380 44.44 -108.60 -6.58
N ASN E 381 43.41 -108.80 -7.39
CA ASN E 381 43.42 -108.41 -8.79
C ASN E 381 43.76 -106.92 -8.95
N ASN E 382 43.95 -106.24 -7.83
CA ASN E 382 44.23 -104.82 -7.88
C ASN E 382 45.70 -104.45 -8.00
N ILE E 383 46.40 -104.71 -6.91
CA ILE E 383 47.83 -104.48 -6.77
C ILE E 383 48.55 -103.86 -7.96
N ARG E 384 48.84 -104.69 -8.96
CA ARG E 384 49.56 -104.24 -10.13
C ARG E 384 49.31 -102.77 -10.41
N GLY E 385 48.10 -102.45 -10.82
CA GLY E 385 47.79 -101.07 -11.11
C GLY E 385 48.19 -100.10 -10.02
N MET E 386 47.34 -100.01 -9.01
CA MET E 386 47.57 -99.12 -7.90
C MET E 386 49.05 -99.00 -7.54
N MET E 387 49.75 -100.12 -7.44
CA MET E 387 51.17 -100.06 -7.12
C MET E 387 51.88 -99.09 -8.06
N LYS E 388 51.79 -99.38 -9.36
CA LYS E 388 52.41 -98.54 -10.39
C LYS E 388 52.18 -97.07 -10.03
N GLU E 389 51.00 -96.76 -9.50
CA GLU E 389 50.70 -95.38 -9.13
C GLU E 389 51.34 -94.99 -7.79
N LEU E 390 51.24 -95.88 -6.82
CA LEU E 390 51.82 -95.64 -5.51
C LEU E 390 53.28 -95.33 -5.70
N LEU E 391 53.92 -96.15 -6.52
CA LEU E 391 55.32 -95.96 -6.78
C LEU E 391 55.57 -94.56 -7.33
N TYR E 392 54.95 -94.20 -8.46
CA TYR E 392 55.16 -92.85 -9.03
C TYR E 392 55.13 -91.86 -7.84
N PHE E 393 54.03 -91.93 -7.12
CA PHE E 393 53.80 -91.11 -5.96
C PHE E 393 55.05 -91.07 -5.08
N LEU E 394 55.28 -92.18 -4.39
CA LEU E 394 56.41 -92.35 -3.48
C LEU E 394 57.66 -91.61 -3.90
N ASP E 395 58.07 -91.84 -5.14
CA ASP E 395 59.26 -91.23 -5.70
C ASP E 395 59.34 -89.73 -5.49
N SER E 396 58.27 -89.01 -5.82
CA SER E 396 58.34 -87.56 -5.67
C SER E 396 57.89 -87.04 -4.30
N CYS E 397 57.27 -87.90 -3.51
CA CYS E 397 56.76 -87.53 -2.19
C CYS E 397 57.62 -86.69 -1.31
N GLU E 398 56.99 -86.15 -0.27
CA GLU E 398 57.72 -85.36 0.70
C GLU E 398 58.16 -86.30 1.81
N PRO E 399 59.30 -85.99 2.45
CA PRO E 399 59.89 -86.77 3.54
C PRO E 399 58.84 -87.47 4.41
N GLU E 400 58.18 -86.65 5.22
CA GLU E 400 57.14 -87.07 6.13
C GLU E 400 56.55 -88.39 5.67
N PHE E 401 55.95 -88.32 4.50
CA PHE E 401 55.30 -89.47 3.92
C PHE E 401 56.20 -90.61 3.56
N LYS E 402 57.13 -90.37 2.65
CA LYS E 402 58.02 -91.46 2.25
C LYS E 402 58.12 -92.52 3.33
N ALA E 403 58.70 -92.14 4.46
CA ALA E 403 58.84 -93.10 5.53
C ALA E 403 57.61 -94.00 5.63
N ASP E 404 56.48 -93.42 6.01
CA ASP E 404 55.30 -94.27 6.16
C ASP E 404 54.91 -95.12 4.95
N CYS E 405 54.97 -94.57 3.76
CA CYS E 405 54.58 -95.34 2.58
C CYS E 405 55.36 -96.58 2.39
N ALA E 406 56.67 -96.46 2.52
CA ALA E 406 57.51 -97.60 2.39
C ALA E 406 56.74 -98.68 3.10
N SER E 407 56.65 -98.51 4.42
CA SER E 407 55.95 -99.49 5.23
C SER E 407 54.73 -100.01 4.49
N GLY E 408 53.93 -99.09 3.99
CA GLY E 408 52.74 -99.49 3.26
C GLY E 408 52.97 -100.44 2.10
N ILE E 409 53.66 -99.96 1.07
CA ILE E 409 53.91 -100.80 -0.07
C ILE E 409 54.37 -102.15 0.38
N PHE E 410 55.50 -102.20 1.08
CA PHE E 410 55.99 -103.46 1.55
C PHE E 410 54.80 -104.33 1.84
N LEU E 411 54.00 -103.94 2.81
CA LEU E 411 52.81 -104.73 3.14
C LEU E 411 52.17 -105.31 1.91
N ALA E 412 51.59 -104.42 1.10
CA ALA E 412 50.92 -104.85 -0.11
C ALA E 412 51.61 -106.06 -0.69
N ALA E 413 52.81 -105.84 -1.21
CA ALA E 413 53.59 -106.91 -1.81
C ALA E 413 53.68 -108.13 -0.91
N GLU E 414 54.03 -107.91 0.35
CA GLU E 414 54.15 -109.01 1.30
C GLU E 414 52.88 -109.83 1.36
N LYS E 415 51.73 -109.18 1.29
CA LYS E 415 50.47 -109.90 1.32
C LYS E 415 50.04 -110.15 -0.10
N TYR E 416 48.97 -109.47 -0.53
CA TYR E 416 48.49 -109.62 -1.88
C TYR E 416 49.69 -109.36 -2.80
N ALA E 417 50.10 -110.34 -3.62
CA ALA E 417 51.24 -110.14 -4.52
C ALA E 417 51.31 -111.20 -5.58
N PRO E 418 51.58 -110.80 -6.83
CA PRO E 418 51.68 -111.71 -7.97
C PRO E 418 53.00 -112.47 -8.07
N SER E 419 53.90 -112.00 -8.92
CA SER E 419 55.20 -112.63 -9.17
C SER E 419 56.33 -112.15 -8.28
N LYS E 420 57.36 -112.96 -8.14
CA LYS E 420 58.47 -112.56 -7.32
C LYS E 420 59.09 -111.41 -8.07
N ARG E 421 59.38 -111.64 -9.35
CA ARG E 421 59.98 -110.62 -10.20
C ARG E 421 59.38 -109.28 -9.88
N TRP E 422 58.07 -109.26 -9.81
CA TRP E 422 57.39 -108.01 -9.51
C TRP E 422 57.77 -107.65 -8.07
N HIS E 423 57.35 -108.49 -7.14
CA HIS E 423 57.65 -108.26 -5.72
C HIS E 423 59.00 -107.61 -5.62
N ILE E 424 60.03 -108.35 -5.98
CA ILE E 424 61.36 -107.83 -5.93
C ILE E 424 61.35 -106.48 -6.61
N ASP E 425 61.20 -106.53 -7.92
CA ASP E 425 61.16 -105.33 -8.76
C ASP E 425 60.59 -104.15 -7.98
N THR E 426 59.44 -104.35 -7.36
CA THR E 426 58.84 -103.26 -6.62
C THR E 426 59.68 -102.96 -5.39
N ILE E 427 59.81 -103.93 -4.49
CA ILE E 427 60.61 -103.65 -3.31
C ILE E 427 61.84 -102.90 -3.72
N MET E 428 62.66 -103.48 -4.59
CA MET E 428 63.87 -102.79 -5.03
C MET E 428 63.48 -101.37 -5.30
N ARG E 429 62.61 -101.23 -6.29
CA ARG E 429 62.12 -99.96 -6.71
C ARG E 429 62.01 -98.99 -5.54
N VAL E 430 61.28 -99.40 -4.50
CA VAL E 430 61.13 -98.52 -3.35
C VAL E 430 62.47 -98.14 -2.80
N LEU E 431 63.30 -99.14 -2.52
CA LEU E 431 64.63 -98.87 -2.01
C LEU E 431 65.14 -97.71 -2.82
N THR E 432 65.30 -97.96 -4.10
CA THR E 432 65.80 -96.98 -5.05
C THR E 432 65.42 -95.55 -4.66
N THR E 433 64.20 -95.36 -4.15
CA THR E 433 63.77 -94.01 -3.82
C THR E 433 63.72 -93.53 -2.37
N ALA E 434 63.38 -94.42 -1.45
CA ALA E 434 63.28 -94.05 -0.05
C ALA E 434 64.46 -94.54 0.77
N GLY E 435 64.78 -95.82 0.59
CA GLY E 435 65.89 -96.45 1.31
C GLY E 435 66.27 -95.72 2.57
N SER E 436 67.02 -94.65 2.42
CA SER E 436 67.45 -93.86 3.56
C SER E 436 66.35 -93.75 4.62
N TYR E 437 65.12 -94.04 4.24
CA TYR E 437 64.00 -93.98 5.17
C TYR E 437 63.47 -95.34 5.58
N VAL E 438 63.68 -96.35 4.75
CA VAL E 438 63.17 -97.68 5.08
C VAL E 438 63.65 -98.18 6.41
N ARG E 439 62.86 -99.05 7.03
CA ARG E 439 63.21 -99.60 8.32
C ARG E 439 64.51 -100.38 8.24
N ASP E 440 64.71 -101.26 9.21
CA ASP E 440 65.95 -102.00 9.26
C ASP E 440 65.94 -103.40 8.64
N ASP E 441 64.89 -104.18 8.91
CA ASP E 441 64.81 -105.54 8.39
C ASP E 441 64.87 -105.69 6.87
N ALA E 442 64.72 -104.60 6.13
CA ALA E 442 64.74 -104.67 4.68
C ALA E 442 65.88 -105.51 4.15
N VAL E 443 67.10 -104.99 4.23
CA VAL E 443 68.25 -105.71 3.74
C VAL E 443 68.04 -107.22 3.76
N PRO E 444 67.88 -107.80 4.95
CA PRO E 444 67.67 -109.26 4.99
C PRO E 444 66.40 -109.65 4.26
N ASN E 445 65.31 -108.95 4.58
CA ASN E 445 64.02 -109.20 3.96
C ASN E 445 64.24 -109.57 2.49
N LEU E 446 64.40 -108.54 1.68
CA LEU E 446 64.60 -108.69 0.25
C LEU E 446 65.54 -109.80 -0.15
N ILE E 447 66.72 -109.88 0.46
CA ILE E 447 67.62 -110.96 0.09
C ILE E 447 66.90 -112.29 0.25
N GLN E 448 66.34 -112.49 1.44
CA GLN E 448 65.62 -113.71 1.74
C GLN E 448 64.65 -114.04 0.62
N LEU E 449 64.02 -113.02 0.05
CA LEU E 449 63.08 -113.23 -1.04
C LEU E 449 63.83 -113.77 -2.25
N ILE E 450 64.90 -113.08 -2.62
CA ILE E 450 65.72 -113.49 -3.74
C ILE E 450 66.18 -114.91 -3.61
N THR E 451 66.95 -115.17 -2.57
CA THR E 451 67.44 -116.51 -2.32
C THR E 451 66.32 -117.55 -2.45
N ASN E 452 65.30 -117.47 -1.60
CA ASN E 452 64.18 -118.41 -1.64
C ASN E 452 63.69 -118.80 -3.03
N SER E 453 63.34 -117.81 -3.84
CA SER E 453 62.86 -118.09 -5.20
C SER E 453 64.09 -118.10 -6.11
N VAL E 454 64.41 -119.32 -6.54
CA VAL E 454 65.57 -119.64 -7.34
C VAL E 454 65.65 -119.30 -8.83
N GLU E 455 64.71 -118.54 -9.37
CA GLU E 455 64.81 -118.28 -10.79
C GLU E 455 65.42 -116.94 -11.12
N MET E 456 64.74 -115.87 -10.71
CA MET E 456 65.16 -114.50 -10.99
C MET E 456 66.56 -114.17 -10.53
N HIS E 457 67.23 -115.15 -9.93
CA HIS E 457 68.59 -114.94 -9.49
C HIS E 457 69.24 -114.02 -10.53
N ALA E 458 69.16 -114.42 -11.78
CA ALA E 458 69.72 -113.60 -12.85
C ALA E 458 69.06 -112.21 -12.83
N TYR E 459 67.86 -112.12 -13.43
CA TYR E 459 67.08 -110.88 -13.53
C TYR E 459 67.45 -109.89 -12.45
N THR E 460 67.70 -110.45 -11.27
CA THR E 460 68.05 -109.66 -10.12
C THR E 460 69.45 -109.06 -10.19
N VAL E 461 70.48 -109.88 -10.01
CA VAL E 461 71.83 -109.35 -10.03
C VAL E 461 71.86 -108.37 -11.18
N GLN E 462 71.22 -108.78 -12.27
CA GLN E 462 71.13 -107.96 -13.46
C GLN E 462 70.72 -106.54 -13.03
N ARG E 463 69.42 -106.31 -12.97
CA ARG E 463 68.90 -105.01 -12.60
C ARG E 463 69.69 -104.42 -11.43
N LEU E 464 69.94 -105.25 -10.43
CA LEU E 464 70.69 -104.80 -9.27
C LEU E 464 71.88 -104.06 -9.85
N TYR E 465 72.66 -104.74 -10.67
CA TYR E 465 73.81 -104.13 -11.30
C TYR E 465 73.43 -102.76 -11.88
N LYS E 466 72.63 -102.73 -12.94
CA LYS E 466 72.23 -101.46 -13.58
C LYS E 466 72.06 -100.32 -12.57
N ALA E 467 71.09 -100.50 -11.67
CA ALA E 467 70.79 -99.51 -10.65
C ALA E 467 72.04 -98.96 -9.99
N ILE E 468 72.84 -99.87 -9.44
CA ILE E 468 74.06 -99.48 -8.76
C ILE E 468 75.06 -98.71 -9.63
N LEU E 469 75.08 -98.99 -10.93
CA LEU E 469 76.01 -98.31 -11.84
C LEU E 469 75.87 -96.79 -11.81
N GLY E 470 74.65 -96.32 -12.01
CA GLY E 470 74.43 -94.88 -11.96
C GLY E 470 74.48 -94.38 -10.52
N ASP E 471 73.59 -94.93 -9.70
CA ASP E 471 73.45 -94.57 -8.27
C ASP E 471 74.57 -95.04 -7.37
N TYR E 472 74.59 -94.45 -6.19
CA TYR E 472 75.58 -94.75 -5.16
C TYR E 472 74.87 -94.29 -3.92
N SER E 473 74.17 -93.17 -4.09
CA SER E 473 73.39 -92.57 -3.02
C SER E 473 72.38 -93.63 -2.67
N GLN E 474 72.46 -94.10 -1.43
CA GLN E 474 71.59 -95.13 -0.95
C GLN E 474 72.46 -96.09 -0.23
N GLN E 475 71.89 -96.81 0.71
CA GLN E 475 72.69 -97.77 1.39
C GLN E 475 72.04 -99.11 1.21
N PRO E 476 70.96 -99.36 1.95
CA PRO E 476 70.31 -100.66 1.80
C PRO E 476 70.42 -101.20 0.40
N LEU E 477 70.06 -100.40 -0.59
CA LEU E 477 70.14 -100.86 -1.96
C LEU E 477 71.51 -101.44 -2.27
N VAL E 478 72.49 -100.55 -2.36
CA VAL E 478 73.85 -100.96 -2.65
C VAL E 478 74.13 -102.27 -1.95
N GLN E 479 74.05 -102.27 -0.64
CA GLN E 479 74.29 -103.48 0.12
C GLN E 479 73.70 -104.68 -0.62
N VAL E 480 72.39 -104.83 -0.54
CA VAL E 480 71.72 -105.94 -1.21
C VAL E 480 72.41 -106.36 -2.49
N ALA E 481 72.63 -105.39 -3.37
CA ALA E 481 73.28 -105.68 -4.62
C ALA E 481 74.60 -106.38 -4.35
N ALA E 482 75.58 -105.59 -3.93
CA ALA E 482 76.91 -106.08 -3.64
C ALA E 482 76.82 -107.50 -3.18
N TRP E 483 75.84 -107.73 -2.34
CA TRP E 483 75.64 -109.04 -1.84
C TRP E 483 75.64 -110.01 -3.00
N CYS E 484 74.47 -110.12 -3.61
CA CYS E 484 74.25 -111.00 -4.73
C CYS E 484 75.38 -110.95 -5.72
N ILE E 485 75.73 -109.75 -6.18
CA ILE E 485 76.82 -109.65 -7.14
C ILE E 485 77.81 -110.66 -6.66
N GLY E 486 78.16 -110.55 -5.37
CA GLY E 486 79.10 -111.50 -4.82
C GLY E 486 78.57 -112.89 -5.05
N GLU E 487 77.75 -113.37 -4.12
CA GLU E 487 77.20 -114.72 -4.23
C GLU E 487 76.74 -115.17 -5.61
N TYR E 488 76.33 -114.23 -6.44
CA TYR E 488 75.81 -114.57 -7.75
C TYR E 488 76.60 -114.24 -9.02
N GLY E 489 77.81 -113.71 -8.88
CA GLY E 489 78.63 -113.37 -10.04
C GLY E 489 78.53 -114.35 -11.19
N ASP E 490 78.47 -115.64 -10.82
CA ASP E 490 78.35 -116.72 -11.78
C ASP E 490 77.31 -116.26 -12.79
N LEU E 491 76.07 -116.33 -12.35
CA LEU E 491 74.93 -115.96 -13.16
C LEU E 491 75.05 -114.59 -13.82
N LEU E 492 75.76 -113.67 -13.18
CA LEU E 492 75.91 -112.33 -13.74
C LEU E 492 76.63 -112.22 -15.07
N VAL E 493 77.34 -113.30 -15.43
CA VAL E 493 78.09 -113.40 -16.68
C VAL E 493 77.27 -113.87 -17.89
N SER E 494 76.71 -112.90 -18.63
CA SER E 494 75.86 -113.10 -19.81
C SER E 494 75.40 -114.53 -19.96
N GLY E 495 74.72 -115.01 -18.91
CA GLY E 495 74.26 -116.38 -18.89
C GLY E 495 73.01 -116.61 -19.70
N GLN E 496 72.74 -117.89 -19.96
CA GLN E 496 71.56 -118.40 -20.69
C GLN E 496 70.39 -118.04 -19.76
N CYS E 497 70.10 -116.74 -19.71
CA CYS E 497 69.07 -116.20 -18.81
C CYS E 497 67.60 -116.17 -19.27
N GLU E 498 66.77 -116.87 -18.49
CA GLU E 498 65.32 -116.98 -18.70
C GLU E 498 64.61 -115.87 -17.90
N GLU E 499 63.35 -115.61 -18.27
CA GLU E 499 62.49 -114.59 -17.65
C GLU E 499 62.77 -113.27 -18.38
N GLU E 500 63.98 -113.19 -18.94
CA GLU E 500 64.40 -112.07 -19.73
C GLU E 500 65.80 -111.99 -20.32
N GLU E 501 66.05 -110.85 -20.94
CA GLU E 501 67.29 -110.54 -21.70
C GLU E 501 68.58 -110.05 -21.02
N PRO E 502 69.60 -110.90 -20.86
CA PRO E 502 70.81 -110.46 -20.18
C PRO E 502 71.48 -109.30 -20.88
N ILE E 503 72.62 -108.91 -20.34
CA ILE E 503 73.38 -107.80 -20.91
C ILE E 503 74.90 -108.04 -20.83
N GLN E 504 75.70 -107.00 -21.09
CA GLN E 504 77.19 -107.07 -21.07
C GLN E 504 77.87 -107.13 -19.69
N VAL E 505 78.48 -108.28 -19.40
CA VAL E 505 79.13 -108.50 -18.10
C VAL E 505 80.63 -108.74 -18.16
N THR E 506 81.42 -107.69 -18.34
CA THR E 506 82.85 -107.87 -18.35
C THR E 506 83.23 -107.92 -16.89
N GLU E 507 83.95 -108.95 -16.49
CA GLU E 507 84.34 -109.04 -15.09
C GLU E 507 84.99 -107.74 -14.63
N ASP E 508 85.82 -107.16 -15.49
CA ASP E 508 86.52 -105.89 -15.23
C ASP E 508 85.50 -104.86 -14.76
N GLU E 509 84.36 -104.82 -15.44
CA GLU E 509 83.29 -103.90 -15.11
C GLU E 509 82.73 -104.25 -13.73
N VAL E 510 82.35 -105.51 -13.52
CA VAL E 510 81.80 -105.93 -12.23
C VAL E 510 82.63 -105.30 -11.12
N LEU E 511 83.95 -105.41 -11.26
CA LEU E 511 84.87 -104.85 -10.28
C LEU E 511 84.76 -103.35 -10.21
N ASP E 512 85.15 -102.67 -11.30
CA ASP E 512 85.10 -101.21 -11.36
C ASP E 512 84.05 -100.68 -10.42
N ILE E 513 82.84 -101.22 -10.49
CA ILE E 513 81.79 -100.78 -9.61
C ILE E 513 82.18 -101.07 -8.17
N LEU E 514 82.19 -102.34 -7.80
CA LEU E 514 82.54 -102.71 -6.44
C LEU E 514 83.67 -101.84 -5.92
N GLU E 515 84.76 -101.80 -6.67
CA GLU E 515 85.92 -101.01 -6.28
C GLU E 515 85.47 -99.64 -5.80
N SER E 516 84.99 -98.84 -6.74
CA SER E 516 84.54 -97.48 -6.43
C SER E 516 83.74 -97.42 -5.14
N VAL E 517 82.88 -98.40 -4.94
CA VAL E 517 82.06 -98.47 -3.74
C VAL E 517 82.91 -98.22 -2.53
N LEU E 518 83.91 -99.08 -2.35
CA LEU E 518 84.80 -98.94 -1.22
C LEU E 518 85.46 -97.58 -1.16
N ILE E 519 86.00 -97.17 -2.29
CA ILE E 519 86.70 -95.91 -2.33
C ILE E 519 85.87 -94.69 -2.00
N SER E 520 84.88 -94.41 -2.84
CA SER E 520 84.01 -93.25 -2.65
C SER E 520 83.49 -93.11 -1.23
N ASN E 521 83.48 -91.88 -0.75
CA ASN E 521 83.00 -91.67 0.57
C ASN E 521 81.51 -91.39 0.52
N MET E 522 80.74 -92.44 0.75
CA MET E 522 79.31 -92.34 0.75
C MET E 522 78.81 -93.64 1.29
N SER E 523 79.76 -94.52 1.56
CA SER E 523 79.45 -95.85 2.06
C SER E 523 79.87 -96.05 3.51
N THR E 524 79.08 -96.85 4.22
CA THR E 524 79.34 -97.16 5.63
C THR E 524 80.32 -98.30 5.70
N SER E 525 81.08 -98.34 6.78
CA SER E 525 82.03 -99.43 6.96
C SER E 525 81.35 -100.76 6.70
N VAL E 526 80.11 -100.88 7.16
CA VAL E 526 79.35 -102.11 6.97
C VAL E 526 79.24 -102.41 5.48
N THR E 527 78.93 -101.35 4.76
CA THR E 527 78.78 -101.43 3.31
C THR E 527 80.05 -102.03 2.75
N ARG E 528 81.13 -101.26 2.87
CA ARG E 528 82.42 -101.69 2.37
C ARG E 528 82.56 -103.17 2.62
N GLY E 529 82.00 -103.62 3.74
CA GLY E 529 82.06 -105.02 4.06
C GLY E 529 81.48 -105.85 2.95
N TYR E 530 80.16 -106.00 2.97
CA TYR E 530 79.45 -106.80 1.97
C TYR E 530 80.21 -106.84 0.67
N ALA E 531 80.74 -105.67 0.31
CA ALA E 531 81.51 -105.50 -0.90
C ALA E 531 82.66 -106.46 -0.89
N LEU E 532 83.75 -106.03 -0.28
CA LEU E 532 84.96 -106.81 -0.20
C LEU E 532 84.63 -108.30 -0.11
N THR E 533 83.98 -108.70 0.98
CA THR E 533 83.61 -110.09 1.16
C THR E 533 83.22 -110.58 -0.22
N ALA E 534 82.20 -109.94 -0.77
CA ALA E 534 81.71 -110.30 -2.09
C ALA E 534 82.84 -110.42 -3.12
N ILE E 535 83.54 -109.34 -3.38
CA ILE E 535 84.64 -109.39 -4.34
C ILE E 535 85.36 -110.71 -4.29
N MET E 536 85.65 -111.18 -3.09
CA MET E 536 86.34 -112.44 -3.01
C MET E 536 85.45 -113.59 -3.46
N LYS E 537 84.19 -113.59 -3.03
CA LYS E 537 83.26 -114.64 -3.40
C LYS E 537 83.35 -114.87 -4.92
N LEU E 538 83.83 -113.84 -5.62
CA LEU E 538 83.99 -113.89 -7.07
C LEU E 538 85.20 -114.72 -7.48
N SER E 539 86.29 -114.57 -6.74
CA SER E 539 87.49 -115.32 -7.05
C SER E 539 87.11 -116.75 -7.47
N THR E 540 86.11 -117.29 -6.80
CA THR E 540 85.65 -118.66 -7.08
C THR E 540 84.59 -118.73 -8.15
N ARG E 541 84.03 -117.57 -8.46
CA ARG E 541 82.96 -117.47 -9.41
C ARG E 541 83.29 -116.88 -10.78
N PHE E 542 84.57 -116.78 -11.09
CA PHE E 542 84.99 -116.27 -12.40
C PHE E 542 86.21 -116.97 -12.95
N THR E 543 86.54 -116.61 -14.18
CA THR E 543 87.64 -117.27 -14.85
C THR E 543 88.93 -116.55 -15.07
N CYS E 544 88.94 -115.23 -15.07
CA CYS E 544 90.22 -114.64 -15.39
C CYS E 544 90.86 -113.51 -14.61
N THR E 545 90.07 -112.52 -14.21
CA THR E 545 90.62 -111.39 -13.46
C THR E 545 90.97 -111.80 -12.03
N VAL E 546 91.08 -113.12 -11.86
CA VAL E 546 91.41 -113.74 -10.57
C VAL E 546 92.68 -113.10 -9.99
N ASN E 547 93.24 -112.12 -10.70
CA ASN E 547 94.44 -111.44 -10.24
C ASN E 547 94.21 -110.03 -9.71
N ARG E 548 93.43 -109.22 -10.42
CA ARG E 548 93.14 -107.85 -9.97
C ARG E 548 92.56 -107.99 -8.56
N ILE E 549 91.84 -109.10 -8.37
CA ILE E 549 91.21 -109.42 -7.08
C ILE E 549 92.26 -109.47 -5.95
N LYS E 550 93.12 -110.47 -6.02
CA LYS E 550 94.17 -110.66 -5.03
C LYS E 550 94.84 -109.32 -4.72
N LYS E 551 95.02 -108.48 -5.75
CA LYS E 551 95.66 -107.18 -5.57
C LYS E 551 94.91 -106.31 -4.56
N VAL E 552 93.62 -106.11 -4.83
CA VAL E 552 92.77 -105.29 -3.97
C VAL E 552 92.81 -105.78 -2.53
N VAL E 553 92.44 -107.04 -2.35
CA VAL E 553 92.44 -107.65 -1.03
C VAL E 553 93.67 -107.22 -0.25
N SER E 554 94.85 -107.62 -0.74
CA SER E 554 96.11 -107.31 -0.08
C SER E 554 96.30 -105.80 0.19
N ILE E 555 95.66 -104.95 -0.60
CA ILE E 555 95.84 -103.52 -0.36
C ILE E 555 95.03 -103.07 0.84
N TYR E 556 93.83 -103.64 0.97
CA TYR E 556 92.98 -103.29 2.10
C TYR E 556 93.48 -103.91 3.39
N GLY E 557 94.47 -104.79 3.28
CA GLY E 557 95.01 -105.41 4.46
C GLY E 557 95.43 -104.37 5.47
N SER E 558 95.42 -103.11 5.05
CA SER E 558 95.82 -102.03 5.93
C SER E 558 94.84 -100.88 5.90
N SER E 559 93.69 -101.09 6.53
CA SER E 559 92.67 -100.06 6.60
C SER E 559 92.26 -99.89 8.04
N ILE E 560 91.95 -98.65 8.40
CA ILE E 560 91.54 -98.31 9.74
C ILE E 560 90.48 -99.29 10.25
N ASP E 561 89.54 -99.66 9.38
CA ASP E 561 88.44 -100.55 9.69
C ASP E 561 88.84 -101.95 10.16
N VAL E 562 89.06 -102.07 11.47
CA VAL E 562 89.45 -103.34 12.08
C VAL E 562 88.91 -104.51 11.31
N GLU E 563 87.63 -104.38 10.97
CA GLU E 563 86.95 -105.40 10.25
C GLU E 563 87.55 -105.61 8.86
N LEU E 564 87.32 -104.66 7.96
CA LEU E 564 87.85 -104.78 6.61
C LEU E 564 89.22 -105.41 6.70
N GLN E 565 90.16 -104.70 7.32
CA GLN E 565 91.50 -105.22 7.45
C GLN E 565 91.46 -106.69 7.85
N GLN E 566 91.06 -106.94 9.08
CA GLN E 566 90.98 -108.31 9.56
C GLN E 566 90.68 -109.23 8.39
N ARG E 567 89.47 -109.13 7.87
CA ARG E 567 89.07 -109.96 6.76
C ARG E 567 90.14 -109.94 5.67
N ALA E 568 90.47 -108.75 5.19
CA ALA E 568 91.48 -108.60 4.15
C ALA E 568 92.61 -109.57 4.41
N VAL E 569 93.26 -109.43 5.56
CA VAL E 569 94.36 -110.32 5.90
C VAL E 569 93.91 -111.75 5.76
N GLU E 570 92.79 -112.08 6.40
CA GLU E 570 92.24 -113.42 6.33
C GLU E 570 92.29 -113.82 4.86
N TYR E 571 91.41 -113.26 4.03
CA TYR E 571 91.40 -113.60 2.61
C TYR E 571 92.82 -113.69 2.05
N ASN E 572 93.49 -112.54 1.97
CA ASN E 572 94.87 -112.42 1.48
C ASN E 572 95.62 -113.73 1.70
N ALA E 573 95.67 -114.13 2.96
CA ALA E 573 96.34 -115.36 3.36
C ALA E 573 95.77 -116.59 2.68
N LEU E 574 94.46 -116.63 2.48
CA LEU E 574 93.86 -117.77 1.81
C LEU E 574 94.51 -118.04 0.47
N PHE E 575 94.67 -116.99 -0.32
CA PHE E 575 95.29 -117.13 -1.64
C PHE E 575 96.72 -117.60 -1.49
N LYS E 576 97.53 -116.75 -0.85
CA LYS E 576 98.94 -117.00 -0.60
C LYS E 576 99.34 -118.40 -0.16
N LYS E 577 98.38 -119.16 0.38
CA LYS E 577 98.69 -120.52 0.82
C LYS E 577 97.74 -121.64 0.35
N TYR E 578 96.59 -121.82 0.98
CA TYR E 578 95.71 -122.92 0.57
C TYR E 578 94.72 -122.66 -0.57
N ASP E 579 95.18 -122.18 -1.70
CA ASP E 579 94.26 -121.88 -2.80
C ASP E 579 93.01 -122.72 -2.83
N HIS E 580 93.07 -123.79 -3.62
CA HIS E 580 91.94 -124.70 -3.83
C HIS E 580 90.81 -124.72 -2.76
N MET E 581 91.13 -124.37 -1.52
CA MET E 581 90.08 -124.31 -0.49
C MET E 581 89.10 -123.23 -0.92
N ARG E 582 89.62 -122.13 -1.47
CA ARG E 582 88.74 -121.05 -1.90
C ARG E 582 87.55 -121.62 -2.65
N SER E 583 87.79 -122.44 -3.67
CA SER E 583 86.70 -123.05 -4.45
C SER E 583 85.59 -123.61 -3.55
N ALA E 584 85.93 -124.55 -2.67
CA ALA E 584 84.90 -125.13 -1.79
C ALA E 584 84.29 -124.13 -0.77
N LEU E 585 85.13 -123.24 -0.23
CA LEU E 585 84.68 -122.26 0.74
C LEU E 585 83.57 -121.36 0.25
N LEU E 586 83.86 -120.58 -0.76
CA LEU E 586 82.89 -119.64 -1.28
C LEU E 586 81.71 -120.23 -2.05
N GLU E 587 82.01 -120.99 -3.11
CA GLU E 587 81.00 -121.59 -4.01
C GLU E 587 79.70 -122.09 -3.36
N ARG E 588 79.55 -121.83 -2.08
CA ARG E 588 78.36 -122.30 -1.42
C ARG E 588 77.79 -121.32 -0.43
N MET E 589 76.63 -120.79 -0.77
CA MET E 589 75.94 -119.88 0.13
C MET E 589 74.80 -120.77 0.57
N PRO E 590 74.53 -120.84 1.87
CA PRO E 590 73.44 -121.66 2.42
C PRO E 590 72.13 -121.01 2.02
N VAL E 591 71.05 -121.45 2.67
CA VAL E 591 69.72 -120.88 2.37
C VAL E 591 68.68 -121.05 3.50
N MET E 592 68.20 -119.92 4.03
CA MET E 592 67.18 -119.94 5.09
C MET E 592 65.79 -119.75 4.50
N GLU E 593 64.83 -120.53 5.00
CA GLU E 593 63.47 -120.52 4.47
C GLU E 593 62.32 -120.26 5.45
N LYS E 594 61.40 -119.42 5.00
CA LYS E 594 60.17 -119.10 5.72
C LYS E 594 59.00 -119.73 4.94
N VAL E 595 57.88 -119.86 5.51
N THR F 2 24.13 -63.58 -5.10
CA THR F 2 25.33 -64.43 -5.37
C THR F 2 26.66 -63.63 -5.19
N ASP F 3 26.68 -62.73 -4.18
CA ASP F 3 27.86 -61.89 -3.83
C ASP F 3 28.10 -61.80 -2.27
N SER F 4 29.36 -62.01 -1.82
CA SER F 4 29.69 -61.99 -0.39
C SER F 4 31.16 -61.64 -0.01
N LYS F 5 31.31 -60.56 0.76
CA LYS F 5 32.61 -60.07 1.23
C LYS F 5 32.37 -59.14 2.40
N TYR F 6 32.32 -59.67 3.60
CA TYR F 6 32.08 -58.83 4.76
C TYR F 6 33.39 -58.34 5.36
N PHE F 7 33.30 -57.43 6.31
CA PHE F 7 34.53 -56.92 6.93
C PHE F 7 35.47 -56.37 5.91
N THR F 8 34.93 -55.79 4.86
CA THR F 8 35.79 -55.30 3.81
C THR F 8 35.23 -54.03 3.22
N THR F 9 35.00 -53.03 4.06
CA THR F 9 34.43 -51.81 3.54
C THR F 9 35.40 -50.68 3.60
N THR F 10 35.42 -49.87 2.55
CA THR F 10 36.32 -48.72 2.54
C THR F 10 35.55 -47.54 3.07
N LYS F 11 34.55 -47.81 3.91
CA LYS F 11 33.75 -46.74 4.50
C LYS F 11 34.33 -46.43 5.88
N LYS F 12 34.79 -47.45 6.58
CA LYS F 12 35.36 -47.22 7.89
C LYS F 12 36.44 -48.25 8.29
N GLY F 13 36.92 -48.16 9.53
CA GLY F 13 37.91 -49.11 10.00
C GLY F 13 39.34 -48.71 9.72
N GLU F 14 40.25 -49.51 10.27
CA GLU F 14 41.68 -49.29 10.13
C GLU F 14 42.01 -48.49 8.87
N ILE F 15 42.27 -49.23 7.80
CA ILE F 15 42.60 -48.64 6.51
C ILE F 15 42.10 -47.19 6.47
N PHE F 16 40.79 -47.04 6.35
CA PHE F 16 40.17 -45.73 6.30
C PHE F 16 40.86 -44.85 7.32
N GLU F 17 40.54 -45.10 8.58
CA GLU F 17 41.11 -44.37 9.68
C GLU F 17 42.40 -43.68 9.26
N LEU F 18 43.42 -44.50 9.05
CA LEU F 18 44.71 -43.98 8.66
C LEU F 18 44.61 -43.18 7.36
N LYS F 19 44.08 -43.80 6.32
CA LYS F 19 43.94 -43.15 5.03
C LYS F 19 43.66 -41.67 5.21
N ALA F 20 42.55 -41.37 5.86
CA ALA F 20 42.18 -39.98 6.09
C ALA F 20 43.23 -39.24 6.88
N GLU F 21 43.41 -39.64 8.13
CA GLU F 21 44.36 -39.00 9.01
C GLU F 21 45.69 -38.76 8.32
N LEU F 22 45.82 -39.25 7.10
CA LEU F 22 47.03 -39.11 6.32
C LEU F 22 47.02 -37.83 5.48
N ASN F 23 45.92 -37.61 4.79
CA ASN F 23 45.77 -36.45 3.92
C ASN F 23 45.49 -35.15 4.62
N SER F 24 45.33 -35.21 5.92
CA SER F 24 45.06 -34.01 6.68
C SER F 24 46.12 -32.96 6.40
N ASP F 25 46.07 -31.91 7.20
CA ASP F 25 46.96 -30.76 7.09
C ASP F 25 48.22 -30.87 7.87
N LYS F 26 48.09 -30.42 9.12
CA LYS F 26 49.14 -30.42 10.09
C LYS F 26 50.17 -31.43 9.60
N LYS F 27 51.38 -30.96 9.39
CA LYS F 27 52.47 -31.82 8.94
C LYS F 27 52.58 -33.01 9.89
N GLU F 28 52.49 -32.72 11.19
CA GLU F 28 52.58 -33.74 12.23
C GLU F 28 51.84 -35.04 11.96
N LYS F 29 50.52 -34.94 11.74
CA LYS F 29 49.72 -36.12 11.47
C LYS F 29 50.41 -36.98 10.42
N LYS F 30 50.45 -36.48 9.20
CA LYS F 30 51.07 -37.19 8.09
C LYS F 30 52.29 -37.94 8.63
N LYS F 31 53.19 -37.24 9.31
CA LYS F 31 54.37 -37.88 9.86
C LYS F 31 53.98 -39.13 10.64
N GLU F 32 53.62 -38.96 11.91
CA GLU F 32 53.24 -40.11 12.73
C GLU F 32 52.51 -41.12 11.90
N ALA F 33 51.36 -40.70 11.37
CA ALA F 33 50.56 -41.58 10.54
C ALA F 33 51.43 -42.55 9.75
N VAL F 34 52.13 -42.02 8.76
CA VAL F 34 52.99 -42.85 7.95
C VAL F 34 53.72 -43.85 8.83
N LYS F 35 54.42 -43.32 9.83
CA LYS F 35 55.16 -44.18 10.74
C LYS F 35 54.36 -45.44 11.03
N LYS F 36 53.18 -45.27 11.61
CA LYS F 36 52.36 -46.43 11.93
C LYS F 36 52.26 -47.33 10.72
N VAL F 37 52.16 -46.74 9.54
CA VAL F 37 52.05 -47.54 8.35
C VAL F 37 53.16 -48.57 8.30
N ILE F 38 54.34 -48.14 7.87
CA ILE F 38 55.44 -49.08 7.78
C ILE F 38 55.33 -50.08 8.91
N ALA F 39 55.24 -49.56 10.12
CA ALA F 39 55.12 -50.42 11.28
C ALA F 39 54.06 -51.47 11.00
N SER F 40 52.81 -51.02 11.09
CA SER F 40 51.66 -51.86 10.86
C SER F 40 51.93 -52.78 9.69
N MET F 41 52.88 -52.37 8.86
CA MET F 41 53.23 -53.16 7.71
C MET F 41 54.10 -54.33 8.08
N THR F 42 55.31 -54.02 8.53
CA THR F 42 56.30 -55.02 8.89
C THR F 42 55.71 -56.17 9.66
N VAL F 43 54.83 -55.89 10.61
CA VAL F 43 54.28 -56.98 11.39
C VAL F 43 53.51 -58.00 10.57
N GLY F 44 53.12 -57.62 9.34
CA GLY F 44 52.40 -58.58 8.50
C GLY F 44 51.01 -58.19 8.09
N LYS F 45 50.56 -57.01 8.47
CA LYS F 45 49.24 -56.60 8.07
C LYS F 45 49.40 -56.29 6.60
N ASP F 46 48.29 -55.92 5.96
CA ASP F 46 48.30 -55.63 4.55
C ASP F 46 48.11 -54.14 4.32
N VAL F 47 49.05 -53.53 3.60
CA VAL F 47 48.98 -52.11 3.31
C VAL F 47 48.84 -51.84 1.83
N SER F 48 48.71 -52.93 1.07
CA SER F 48 48.54 -52.81 -0.37
C SER F 48 47.79 -51.50 -0.58
N ALA F 49 46.66 -51.39 0.09
CA ALA F 49 45.83 -50.21 -0.01
C ALA F 49 46.61 -48.90 0.11
N LEU F 50 46.65 -48.37 1.32
CA LEU F 50 47.32 -47.11 1.64
C LEU F 50 48.32 -46.59 0.63
N PHE F 51 49.09 -47.49 0.03
CA PHE F 51 50.10 -47.09 -0.93
C PHE F 51 49.91 -45.71 -1.59
N PRO F 52 48.89 -45.57 -2.48
CA PRO F 52 48.68 -44.29 -3.15
C PRO F 52 48.88 -43.08 -2.26
N ASP F 53 47.84 -42.77 -1.50
CA ASP F 53 47.84 -41.63 -0.59
C ASP F 53 49.14 -41.43 0.18
N VAL F 54 49.90 -42.50 0.35
CA VAL F 54 51.17 -42.39 1.07
C VAL F 54 52.18 -41.66 0.21
N VAL F 55 52.42 -42.23 -0.96
CA VAL F 55 53.34 -41.64 -1.92
C VAL F 55 52.97 -40.18 -2.04
N ASN F 56 51.72 -39.93 -2.43
CA ASN F 56 51.16 -38.59 -2.63
C ASN F 56 51.31 -37.71 -1.42
N CYS F 57 52.08 -38.19 -0.44
CA CYS F 57 52.35 -37.41 0.74
C CYS F 57 53.81 -37.09 0.46
N MET F 58 54.12 -37.24 -0.83
CA MET F 58 55.45 -37.00 -1.40
C MET F 58 55.79 -35.52 -1.54
N GLN F 59 54.93 -34.82 -2.28
CA GLN F 59 55.09 -33.40 -2.53
C GLN F 59 55.01 -32.56 -1.26
N THR F 60 55.85 -32.92 -0.29
CA THR F 60 55.95 -32.22 0.98
C THR F 60 57.42 -31.87 1.04
N ASP F 61 57.92 -31.53 2.22
CA ASP F 61 59.30 -31.13 2.28
C ASP F 61 60.14 -31.62 3.43
N ASN F 62 59.82 -31.14 4.63
CA ASN F 62 60.55 -31.50 5.83
C ASN F 62 61.10 -32.91 5.70
N LEU F 63 62.43 -33.02 5.76
CA LEU F 63 63.12 -34.29 5.66
C LEU F 63 62.22 -35.32 6.28
N GLU F 64 62.06 -35.16 7.59
CA GLU F 64 61.24 -36.03 8.42
C GLU F 64 60.36 -36.84 7.49
N LEU F 65 59.23 -36.24 7.11
CA LEU F 65 58.31 -36.93 6.25
C LEU F 65 59.00 -37.50 5.01
N LYS F 66 59.51 -36.62 4.16
CA LYS F 66 60.15 -37.05 2.92
C LYS F 66 60.84 -38.41 3.01
N LYS F 67 61.70 -38.60 4.01
CA LYS F 67 62.41 -39.87 4.13
C LYS F 67 61.49 -41.00 4.49
N LEU F 68 60.73 -40.82 5.56
CA LEU F 68 59.83 -41.89 5.97
C LEU F 68 59.22 -42.45 4.72
N VAL F 69 58.55 -41.59 3.98
CA VAL F 69 57.91 -41.98 2.73
C VAL F 69 58.84 -42.99 2.10
N TYR F 70 60.06 -42.53 1.86
CA TYR F 70 61.04 -43.39 1.24
C TYR F 70 61.07 -44.78 1.86
N LEU F 71 61.51 -44.88 3.11
CA LEU F 71 61.57 -46.17 3.77
C LEU F 71 60.42 -47.04 3.35
N TYR F 72 59.22 -46.52 3.52
CA TYR F 72 58.04 -47.26 3.13
C TYR F 72 58.34 -47.92 1.81
N LEU F 73 58.36 -47.09 0.78
CA LEU F 73 58.64 -47.58 -0.55
C LEU F 73 59.74 -48.61 -0.44
N MET F 74 60.83 -48.23 0.20
CA MET F 74 61.96 -49.13 0.35
C MET F 74 61.49 -50.57 0.55
N ASN F 75 60.84 -50.86 1.67
CA ASN F 75 60.37 -52.21 1.93
C ASN F 75 59.76 -52.80 0.70
N TYR F 76 58.84 -52.08 0.09
CA TYR F 76 58.20 -52.60 -1.10
C TYR F 76 59.20 -52.92 -2.21
N ALA F 77 60.47 -52.62 -1.99
CA ALA F 77 61.48 -52.89 -3.00
C ALA F 77 61.38 -54.23 -3.70
N LYS F 78 62.05 -55.20 -3.10
CA LYS F 78 62.12 -56.57 -3.59
C LYS F 78 60.80 -57.31 -3.60
N SER F 79 59.92 -56.96 -2.67
CA SER F 79 58.60 -57.58 -2.59
C SER F 79 57.79 -57.39 -3.86
N GLN F 80 57.17 -56.22 -4.01
CA GLN F 80 56.37 -55.90 -5.19
C GLN F 80 56.99 -54.74 -5.99
N PRO F 81 58.12 -55.04 -6.66
CA PRO F 81 58.84 -54.06 -7.47
C PRO F 81 57.86 -53.26 -8.29
N ASP F 82 56.89 -53.93 -8.88
CA ASP F 82 55.88 -53.25 -9.69
C ASP F 82 55.45 -51.91 -9.08
N MET F 83 55.03 -51.93 -7.83
CA MET F 83 54.62 -50.70 -7.18
C MET F 83 55.82 -49.74 -7.01
N ALA F 84 56.94 -50.27 -6.57
CA ALA F 84 58.13 -49.42 -6.41
C ALA F 84 58.23 -48.48 -7.61
N ILE F 85 58.37 -49.06 -8.79
CA ILE F 85 58.47 -48.29 -10.03
C ILE F 85 57.53 -47.09 -10.10
N MET F 86 56.24 -47.34 -9.97
CA MET F 86 55.28 -46.25 -10.06
C MET F 86 55.75 -44.96 -9.41
N ALA F 87 56.85 -45.03 -8.67
CA ALA F 87 57.39 -43.81 -8.06
C ALA F 87 58.55 -43.13 -8.85
N VAL F 88 59.10 -43.86 -9.82
CA VAL F 88 60.23 -43.39 -10.64
C VAL F 88 60.46 -41.89 -10.75
N ASN F 89 59.62 -41.25 -11.54
CA ASN F 89 59.67 -39.83 -11.80
C ASN F 89 60.15 -39.17 -10.53
N THR F 90 59.31 -39.29 -9.52
CA THR F 90 59.58 -38.74 -8.20
C THR F 90 61.03 -38.83 -7.81
N PHE F 91 61.66 -39.96 -8.10
CA PHE F 91 63.06 -40.12 -7.75
C PHE F 91 63.99 -39.28 -8.59
N VAL F 92 64.02 -39.56 -9.89
CA VAL F 92 64.89 -38.83 -10.79
C VAL F 92 64.87 -37.35 -10.42
N LYS F 93 63.67 -36.79 -10.53
CA LYS F 93 63.44 -35.39 -10.22
C LYS F 93 63.94 -35.07 -8.83
N ASP F 94 64.10 -36.10 -8.01
CA ASP F 94 64.61 -35.85 -6.68
C ASP F 94 66.15 -35.80 -6.73
N CYS F 95 66.74 -36.54 -7.66
CA CYS F 95 68.19 -36.57 -7.79
C CYS F 95 68.75 -35.17 -7.86
N GLU F 96 68.08 -34.30 -8.59
CA GLU F 96 68.61 -32.96 -8.70
C GLU F 96 68.53 -32.12 -7.42
N ASP F 97 67.62 -32.47 -6.54
CA ASP F 97 67.45 -31.72 -5.29
C ASP F 97 68.78 -31.29 -4.72
N PRO F 98 68.81 -30.10 -4.11
CA PRO F 98 69.86 -29.34 -3.45
C PRO F 98 70.32 -29.98 -2.16
N ASN F 99 69.64 -31.03 -1.72
CA ASN F 99 70.14 -31.69 -0.53
C ASN F 99 70.66 -33.07 -0.84
N PRO F 100 71.90 -33.10 -1.29
CA PRO F 100 72.52 -34.38 -1.63
C PRO F 100 71.93 -35.54 -0.79
N LEU F 101 71.84 -35.39 0.53
CA LEU F 101 71.28 -36.44 1.37
C LEU F 101 70.13 -37.04 0.58
N ILE F 102 69.16 -36.19 0.29
CA ILE F 102 68.01 -36.59 -0.49
C ILE F 102 68.46 -37.33 -1.73
N ARG F 103 68.78 -36.58 -2.77
CA ARG F 103 69.18 -37.20 -4.03
C ARG F 103 70.02 -38.47 -3.91
N ALA F 104 70.78 -38.59 -2.85
CA ALA F 104 71.58 -39.79 -2.66
C ALA F 104 70.57 -40.91 -2.42
N LEU F 105 69.71 -40.73 -1.43
CA LEU F 105 68.71 -41.73 -1.11
C LEU F 105 68.03 -42.12 -2.41
N ALA F 106 67.71 -41.11 -3.22
CA ALA F 106 67.05 -41.33 -4.50
C ALA F 106 67.88 -42.31 -5.31
N VAL F 107 69.17 -42.28 -5.06
CA VAL F 107 70.06 -43.18 -5.76
C VAL F 107 69.89 -44.56 -5.19
N ARG F 108 70.49 -44.77 -4.01
CA ARG F 108 70.43 -46.06 -3.34
C ARG F 108 69.08 -46.70 -3.59
N THR F 109 68.04 -45.88 -3.48
CA THR F 109 66.69 -46.34 -3.69
C THR F 109 66.53 -46.89 -5.09
N MET F 110 66.68 -46.02 -6.09
CA MET F 110 66.57 -46.47 -7.48
C MET F 110 67.23 -47.85 -7.56
N GLY F 111 68.44 -47.92 -7.02
CA GLY F 111 69.23 -49.14 -7.04
C GLY F 111 68.72 -50.40 -6.38
N CYS F 112 67.82 -50.32 -5.41
CA CYS F 112 67.38 -51.56 -4.81
C CYS F 112 66.18 -52.17 -5.52
N ILE F 113 66.13 -52.07 -6.85
CA ILE F 113 65.05 -52.67 -7.63
C ILE F 113 65.63 -53.85 -8.42
N ARG F 114 64.80 -54.74 -8.94
CA ARG F 114 65.32 -55.89 -9.68
C ARG F 114 64.73 -56.05 -11.08
N VAL F 115 63.98 -55.05 -11.58
CA VAL F 115 63.35 -55.18 -12.92
C VAL F 115 64.09 -54.50 -14.10
N ASP F 116 63.90 -55.02 -15.31
CA ASP F 116 64.56 -54.49 -16.51
C ASP F 116 64.19 -53.04 -16.84
N LYS F 117 62.93 -52.70 -16.66
CA LYS F 117 62.42 -51.35 -16.95
C LYS F 117 63.22 -50.24 -16.23
N ILE F 118 63.89 -50.64 -15.15
CA ILE F 118 64.69 -49.70 -14.37
C ILE F 118 65.83 -49.06 -15.15
N THR F 119 66.55 -49.89 -15.92
CA THR F 119 67.67 -49.42 -16.73
C THR F 119 67.32 -48.04 -17.34
N GLU F 120 66.30 -48.04 -18.20
CA GLU F 120 65.78 -46.86 -18.89
C GLU F 120 65.75 -45.62 -18.01
N TYR F 121 64.89 -45.66 -16.99
CA TYR F 121 64.73 -44.50 -16.14
C TYR F 121 65.90 -43.96 -15.30
N LEU F 122 66.85 -44.80 -14.88
CA LEU F 122 67.91 -44.25 -14.02
C LEU F 122 69.34 -43.97 -14.51
N CYS F 123 69.86 -44.84 -15.36
CA CYS F 123 71.23 -44.67 -15.83
C CYS F 123 71.81 -43.25 -15.88
N GLU F 124 71.33 -42.45 -16.83
CA GLU F 124 71.82 -41.07 -17.04
C GLU F 124 71.95 -40.34 -15.72
N PRO F 125 70.84 -40.22 -15.00
CA PRO F 125 70.91 -39.51 -13.72
C PRO F 125 72.05 -40.06 -12.86
N LEU F 126 72.36 -41.34 -13.03
CA LEU F 126 73.44 -41.94 -12.25
C LEU F 126 74.78 -41.28 -12.53
N ARG F 127 75.27 -41.45 -13.76
CA ARG F 127 76.53 -40.86 -14.17
C ARG F 127 76.63 -39.57 -13.40
N LYS F 128 75.62 -38.74 -13.65
CA LYS F 128 75.52 -37.45 -13.01
C LYS F 128 75.78 -37.56 -11.50
N CYS F 129 74.76 -37.94 -10.74
CA CYS F 129 74.87 -38.06 -9.28
C CYS F 129 76.28 -38.34 -8.81
N LEU F 130 76.98 -39.19 -9.55
CA LEU F 130 78.35 -39.57 -9.26
C LEU F 130 79.37 -38.48 -9.22
N LYS F 131 79.79 -38.17 -10.43
CA LYS F 131 80.76 -37.14 -10.70
C LYS F 131 80.43 -35.90 -9.87
N ASP F 132 79.20 -35.82 -9.36
CA ASP F 132 78.76 -34.66 -8.57
C ASP F 132 79.69 -34.26 -7.42
N GLU F 133 79.13 -33.78 -6.32
CA GLU F 133 79.99 -33.27 -5.27
C GLU F 133 79.99 -33.83 -3.88
N ASP F 134 79.25 -34.91 -3.64
CA ASP F 134 79.26 -35.37 -2.27
C ASP F 134 79.60 -36.77 -1.90
N PRO F 135 80.19 -36.91 -0.70
CA PRO F 135 80.60 -38.20 -0.16
C PRO F 135 79.50 -39.22 -0.44
N TYR F 136 78.48 -39.24 0.42
CA TYR F 136 77.40 -40.20 0.26
C TYR F 136 77.00 -40.46 -1.19
N VAL F 137 76.68 -39.39 -1.91
CA VAL F 137 76.24 -39.48 -3.31
C VAL F 137 77.06 -40.48 -4.11
N ARG F 138 78.33 -40.12 -4.29
CA ARG F 138 79.23 -40.97 -5.03
C ARG F 138 79.17 -42.39 -4.42
N LYS F 139 79.66 -42.54 -3.19
CA LYS F 139 79.67 -43.83 -2.51
C LYS F 139 78.51 -44.64 -2.99
N THR F 140 77.37 -44.26 -2.45
CA THR F 140 76.12 -44.86 -2.77
C THR F 140 76.01 -45.39 -4.20
N ALA F 141 76.09 -44.53 -5.22
CA ALA F 141 75.97 -45.04 -6.59
C ALA F 141 77.07 -46.02 -6.90
N ALA F 142 78.30 -45.72 -6.46
CA ALA F 142 79.40 -46.65 -6.68
C ALA F 142 78.73 -47.99 -6.46
N VAL F 143 78.16 -48.11 -5.28
CA VAL F 143 77.44 -49.29 -4.89
C VAL F 143 76.52 -49.66 -6.05
N CYS F 144 75.46 -48.87 -6.23
CA CYS F 144 74.50 -49.11 -7.30
C CYS F 144 75.16 -49.85 -8.43
N VAL F 145 76.13 -49.18 -9.06
CA VAL F 145 76.84 -49.76 -10.17
C VAL F 145 76.62 -51.27 -10.18
N ALA F 146 77.21 -51.94 -9.21
CA ALA F 146 77.09 -53.38 -9.09
C ALA F 146 75.65 -53.81 -9.28
N LYS F 147 74.77 -53.24 -8.46
CA LYS F 147 73.36 -53.52 -8.52
C LYS F 147 72.94 -53.58 -9.98
N LEU F 148 73.33 -52.55 -10.73
CA LEU F 148 73.00 -52.48 -12.15
C LEU F 148 73.65 -53.62 -12.88
N HIS F 149 74.93 -53.81 -12.59
CA HIS F 149 75.68 -54.89 -13.20
C HIS F 149 74.85 -56.14 -13.00
N ASP F 150 74.74 -56.56 -11.75
CA ASP F 150 74.00 -57.76 -11.34
C ASP F 150 72.59 -57.84 -11.93
N ILE F 151 72.05 -56.71 -12.35
CA ILE F 151 70.72 -56.72 -12.94
C ILE F 151 70.75 -57.78 -14.02
N ASN F 152 69.60 -58.35 -14.34
CA ASN F 152 69.50 -59.41 -15.36
C ASN F 152 70.17 -59.07 -16.73
N ALA F 153 70.78 -57.87 -16.83
CA ALA F 153 71.48 -57.43 -18.06
C ALA F 153 72.40 -56.22 -17.86
N GLN F 154 73.39 -56.10 -18.75
CA GLN F 154 74.31 -54.96 -18.75
C GLN F 154 74.09 -54.31 -20.10
N MET F 155 74.89 -53.29 -20.36
CA MET F 155 74.80 -52.55 -21.62
C MET F 155 76.20 -52.20 -22.14
N VAL F 156 76.24 -51.55 -23.31
CA VAL F 156 77.50 -51.13 -23.95
C VAL F 156 77.96 -49.78 -23.29
N GLU F 157 77.03 -49.15 -22.55
CA GLU F 157 77.27 -47.90 -21.80
C GLU F 157 77.85 -48.36 -20.46
N ASP F 158 77.14 -49.36 -19.91
CA ASP F 158 77.41 -50.08 -18.64
C ASP F 158 78.89 -50.46 -18.55
N GLN F 159 79.36 -51.07 -19.64
CA GLN F 159 80.74 -51.53 -19.84
C GLN F 159 81.64 -50.29 -20.08
N GLY F 160 81.03 -49.12 -19.94
CA GLY F 160 81.69 -47.84 -20.09
C GLY F 160 81.68 -47.07 -18.78
N PHE F 161 80.88 -47.56 -17.82
CA PHE F 161 80.79 -46.95 -16.49
C PHE F 161 81.89 -47.51 -15.61
N LEU F 162 82.33 -48.71 -15.96
CA LEU F 162 83.40 -49.39 -15.21
C LEU F 162 84.64 -48.50 -15.18
N ASP F 163 84.93 -47.91 -16.32
CA ASP F 163 86.06 -47.02 -16.46
C ASP F 163 85.85 -45.90 -15.44
N THR F 164 84.65 -45.31 -15.48
CA THR F 164 84.27 -44.24 -14.58
C THR F 164 84.75 -44.73 -13.23
N LEU F 165 84.25 -45.89 -12.84
CA LEU F 165 84.63 -46.49 -11.58
C LEU F 165 86.10 -46.33 -11.28
N LYS F 166 86.93 -47.21 -11.83
CA LYS F 166 88.37 -47.21 -11.61
C LYS F 166 88.95 -45.80 -11.48
N ASP F 167 88.84 -45.02 -12.55
CA ASP F 167 89.35 -43.65 -12.56
C ASP F 167 88.87 -42.95 -11.28
N LEU F 168 87.55 -42.82 -11.17
CA LEU F 168 86.91 -42.17 -10.01
C LEU F 168 87.35 -42.85 -8.71
N ILE F 169 87.69 -44.12 -8.82
CA ILE F 169 88.12 -44.91 -7.69
C ILE F 169 89.29 -44.28 -6.99
N SER F 170 90.47 -44.62 -7.48
CA SER F 170 91.67 -44.10 -6.91
C SER F 170 91.52 -42.61 -6.54
N ASP F 171 90.86 -41.84 -7.43
CA ASP F 171 90.68 -40.39 -7.20
C ASP F 171 89.84 -39.87 -6.00
N SER F 172 88.53 -39.60 -6.18
CA SER F 172 87.70 -39.07 -5.08
C SER F 172 88.31 -39.63 -3.81
N ASN F 173 88.48 -38.88 -2.77
CA ASN F 173 89.26 -39.53 -1.75
C ASN F 173 88.55 -40.22 -0.56
N PRO F 174 87.79 -39.56 0.29
CA PRO F 174 87.28 -40.21 1.49
C PRO F 174 86.76 -41.62 1.29
N MET F 175 86.33 -42.26 2.37
CA MET F 175 85.82 -43.66 2.30
C MET F 175 85.32 -44.16 0.94
N VAL F 176 84.77 -43.23 0.20
CA VAL F 176 84.24 -43.46 -1.12
C VAL F 176 84.97 -44.57 -1.80
N VAL F 177 86.25 -44.31 -2.03
CA VAL F 177 87.11 -45.27 -2.71
C VAL F 177 86.69 -46.64 -2.23
N ALA F 178 86.68 -46.84 -0.91
CA ALA F 178 86.28 -48.11 -0.34
C ALA F 178 85.16 -48.71 -1.19
N ASN F 179 83.97 -48.14 -1.04
CA ASN F 179 82.84 -48.66 -1.80
C ASN F 179 83.32 -48.97 -3.23
N ARG F 180 83.78 -47.96 -3.96
CA ARG F 180 84.25 -48.16 -5.33
C ARG F 180 84.99 -49.50 -5.47
N VAL F 181 86.11 -49.57 -4.77
CA VAL F 181 86.96 -50.76 -4.77
C VAL F 181 86.10 -51.99 -4.91
N ALA F 182 85.59 -52.42 -3.76
CA ALA F 182 84.76 -53.61 -3.68
C ALA F 182 83.83 -53.61 -4.86
N ALA F 183 83.01 -52.57 -4.95
CA ALA F 183 82.06 -52.46 -6.03
C ALA F 183 82.67 -53.21 -7.19
N LEU F 184 83.79 -52.70 -7.67
CA LEU F 184 84.46 -53.34 -8.78
C LEU F 184 84.79 -54.80 -8.46
N SER F 185 85.55 -55.00 -7.39
CA SER F 185 85.97 -56.33 -6.97
C SER F 185 84.90 -57.35 -7.28
N GLU F 186 83.75 -57.18 -6.65
CA GLU F 186 82.62 -58.08 -6.84
C GLU F 186 82.32 -58.16 -8.34
N ILE F 187 82.14 -57.00 -8.95
CA ILE F 187 81.84 -56.94 -10.36
C ILE F 187 82.82 -57.79 -11.12
N ALA F 188 84.09 -57.63 -10.78
CA ALA F 188 85.16 -58.35 -11.40
C ALA F 188 84.78 -59.82 -11.56
N GLU F 189 84.98 -60.57 -10.48
CA GLU F 189 84.68 -62.00 -10.46
C GLU F 189 83.84 -62.58 -11.65
N SER F 190 82.92 -61.81 -12.21
CA SER F 190 82.23 -62.22 -13.44
C SER F 190 83.28 -61.83 -14.50
N HIS F 191 84.40 -62.56 -14.47
CA HIS F 191 85.67 -62.24 -15.20
C HIS F 191 85.90 -62.28 -16.70
N PRO F 192 85.47 -61.27 -17.41
CA PRO F 192 85.83 -61.21 -18.83
C PRO F 192 87.33 -60.91 -19.07
N SER F 193 87.75 -59.65 -18.80
CA SER F 193 89.12 -59.20 -18.98
C SER F 193 89.54 -58.08 -18.01
N SER F 194 88.85 -56.93 -18.11
CA SER F 194 88.99 -55.67 -17.29
C SER F 194 89.29 -55.86 -15.77
N ASN F 195 88.86 -57.02 -15.26
CA ASN F 195 89.06 -57.36 -13.86
C ASN F 195 90.52 -57.82 -13.69
N LEU F 196 91.15 -58.21 -14.79
CA LEU F 196 92.53 -58.67 -14.75
C LEU F 196 93.59 -57.56 -14.94
N LEU F 197 93.16 -56.31 -15.26
CA LEU F 197 94.12 -55.20 -15.48
C LEU F 197 94.41 -54.50 -14.14
N ASP F 198 94.13 -55.20 -13.04
CA ASP F 198 94.48 -54.69 -11.76
C ASP F 198 95.90 -55.27 -11.67
N LEU F 199 96.86 -54.61 -12.33
CA LEU F 199 98.25 -55.11 -12.31
C LEU F 199 99.23 -53.95 -12.14
N LYS F 200 98.75 -52.84 -11.58
CA LYS F 200 99.60 -51.68 -11.42
C LYS F 200 100.31 -51.58 -10.08
N ALA F 201 101.64 -51.52 -10.18
CA ALA F 201 102.54 -51.40 -9.04
C ALA F 201 102.67 -49.89 -8.80
N GLN F 202 101.58 -49.22 -9.15
CA GLN F 202 101.36 -47.79 -9.02
C GLN F 202 99.92 -47.64 -8.47
N SER F 203 98.95 -48.35 -9.07
CA SER F 203 97.54 -48.30 -8.62
C SER F 203 97.44 -48.82 -7.17
N ILE F 204 98.47 -49.58 -6.83
CA ILE F 204 98.72 -50.23 -5.55
C ILE F 204 99.12 -49.26 -4.43
N ASN F 205 99.87 -48.22 -4.79
CA ASN F 205 100.33 -47.18 -3.86
C ASN F 205 99.11 -46.34 -3.55
N LYS F 206 98.24 -46.29 -4.54
CA LYS F 206 96.98 -45.60 -4.43
C LYS F 206 96.29 -46.28 -3.27
N LEU F 207 96.29 -47.60 -3.36
CA LEU F 207 95.68 -48.45 -2.36
C LEU F 207 96.45 -48.30 -1.06
N LEU F 208 97.78 -48.30 -1.17
CA LEU F 208 98.68 -48.19 -0.02
C LEU F 208 98.28 -47.06 0.94
N THR F 209 98.20 -45.85 0.39
CA THR F 209 97.82 -44.69 1.18
C THR F 209 96.34 -44.81 1.53
N ALA F 210 95.62 -45.60 0.73
CA ALA F 210 94.18 -45.83 0.94
C ALA F 210 93.90 -46.68 2.18
N LEU F 211 94.87 -47.53 2.51
CA LEU F 211 94.76 -48.39 3.69
C LEU F 211 94.91 -47.52 4.91
N ASN F 212 95.89 -46.63 4.89
CA ASN F 212 96.08 -45.75 6.03
C ASN F 212 94.99 -44.67 6.10
N GLU F 213 94.16 -44.62 5.05
CA GLU F 213 93.01 -43.72 4.97
C GLU F 213 91.82 -44.62 5.34
N CYS F 214 91.72 -44.75 6.67
CA CYS F 214 90.77 -45.55 7.51
C CYS F 214 89.27 -45.73 7.31
N THR F 215 88.89 -46.92 6.86
CA THR F 215 87.52 -47.32 6.63
C THR F 215 87.66 -48.82 6.72
N GLU F 216 87.87 -49.34 7.92
CA GLU F 216 88.09 -50.79 8.07
C GLU F 216 87.61 -51.53 6.83
N TRP F 217 86.29 -51.48 6.63
CA TRP F 217 85.65 -52.12 5.50
C TRP F 217 86.51 -51.93 4.25
N ALA F 218 86.96 -50.70 4.06
CA ALA F 218 87.83 -50.35 2.95
C ALA F 218 89.07 -51.24 3.06
N GLN F 219 89.87 -50.95 4.08
CA GLN F 219 91.09 -51.69 4.35
C GLN F 219 90.90 -53.07 3.73
N ILE F 220 89.83 -53.76 4.15
CA ILE F 220 89.54 -55.09 3.63
C ILE F 220 89.51 -55.13 2.11
N PHE F 221 88.36 -54.73 1.57
CA PHE F 221 88.14 -54.72 0.14
C PHE F 221 89.42 -54.53 -0.65
N ILE F 222 90.26 -53.64 -0.15
CA ILE F 222 91.55 -53.35 -0.78
C ILE F 222 92.36 -54.64 -0.79
N LEU F 223 92.66 -55.13 0.40
CA LEU F 223 93.42 -56.35 0.55
C LEU F 223 92.70 -57.42 -0.25
N ASP F 224 91.41 -57.54 0.02
CA ASP F 224 90.56 -58.51 -0.65
C ASP F 224 90.90 -58.58 -2.15
N CYS F 225 91.41 -57.49 -2.71
CA CYS F 225 91.77 -57.46 -4.13
C CYS F 225 93.16 -58.02 -4.39
N LEU F 226 94.09 -57.68 -3.50
CA LEU F 226 95.47 -58.15 -3.62
C LEU F 226 95.47 -59.66 -3.74
N GLY F 227 94.28 -60.24 -3.61
CA GLY F 227 94.13 -61.69 -3.72
C GLY F 227 93.86 -62.12 -5.16
N ASN F 228 94.39 -61.34 -6.10
CA ASN F 228 94.26 -61.59 -7.52
C ASN F 228 95.62 -61.14 -8.18
N TYR F 229 96.65 -60.87 -7.36
CA TYR F 229 97.95 -60.37 -7.84
C TYR F 229 99.26 -61.14 -7.62
N MET F 230 100.30 -60.27 -7.68
CA MET F 230 101.77 -60.44 -7.50
C MET F 230 102.75 -61.16 -8.44
N PRO F 231 102.46 -61.39 -9.75
CA PRO F 231 103.46 -62.10 -10.52
C PRO F 231 104.93 -61.65 -10.58
N LYS F 232 105.85 -62.44 -9.95
CA LYS F 232 107.35 -62.45 -9.88
C LYS F 232 108.31 -61.43 -9.13
N ASP F 233 108.10 -60.10 -8.84
CA ASP F 233 109.16 -59.30 -8.14
C ASP F 233 109.29 -59.05 -6.62
N ASP F 234 110.56 -59.10 -6.18
CA ASP F 234 110.98 -58.92 -4.79
C ASP F 234 111.03 -57.52 -4.07
N ARG F 235 111.62 -56.47 -4.66
CA ARG F 235 111.65 -55.16 -3.98
C ARG F 235 110.25 -54.65 -3.63
N GLU F 236 109.32 -54.95 -4.55
CA GLU F 236 107.89 -54.59 -4.45
C GLU F 236 107.26 -55.38 -3.31
N ALA F 237 107.61 -56.67 -3.24
CA ALA F 237 107.10 -57.52 -2.17
C ALA F 237 107.47 -56.88 -0.83
N GLN F 238 108.77 -56.68 -0.60
CA GLN F 238 109.30 -56.09 0.65
C GLN F 238 108.67 -54.76 1.09
N SER F 239 108.12 -54.02 0.13
CA SER F 239 107.47 -52.74 0.45
C SER F 239 105.96 -52.99 0.66
N ILE F 240 105.36 -53.81 -0.19
CA ILE F 240 103.95 -54.14 -0.06
C ILE F 240 103.72 -54.65 1.37
N CYS F 241 104.62 -55.53 1.81
CA CYS F 241 104.54 -56.13 3.15
C CYS F 241 104.99 -55.25 4.31
N GLU F 242 106.19 -54.67 4.20
CA GLU F 242 106.70 -53.80 5.25
C GLU F 242 105.70 -52.63 5.47
N ARG F 243 104.69 -52.57 4.61
CA ARG F 243 103.61 -51.57 4.65
C ARG F 243 102.39 -52.05 5.45
N VAL F 244 102.14 -53.37 5.39
CA VAL F 244 101.02 -53.97 6.10
C VAL F 244 101.28 -54.18 7.59
N THR F 245 102.56 -54.17 7.96
CA THR F 245 102.97 -54.34 9.36
C THR F 245 102.14 -53.54 10.36
N PRO F 246 101.60 -52.39 9.95
CA PRO F 246 100.81 -51.70 10.96
C PRO F 246 99.45 -52.39 11.03
N ARG F 247 98.89 -52.65 9.84
CA ARG F 247 97.59 -53.29 9.71
C ARG F 247 97.29 -54.36 10.75
N LEU F 248 98.28 -55.18 11.09
CA LEU F 248 98.05 -56.24 12.09
C LEU F 248 97.70 -55.77 13.49
N SER F 249 98.61 -55.01 14.09
CA SER F 249 98.38 -54.51 15.44
C SER F 249 97.23 -53.53 15.52
N HIS F 250 96.72 -53.12 14.35
CA HIS F 250 95.62 -52.12 14.30
C HIS F 250 94.20 -52.45 14.81
N ALA F 251 93.23 -52.39 13.91
CA ALA F 251 91.82 -52.53 14.26
C ALA F 251 91.13 -53.83 14.60
N ASN F 252 90.08 -54.13 13.83
CA ASN F 252 89.25 -55.31 14.09
C ASN F 252 89.41 -56.48 13.21
N SER F 253 89.73 -57.58 13.86
CA SER F 253 89.89 -58.86 13.21
C SER F 253 89.82 -58.79 11.68
N ALA F 254 88.61 -58.63 11.13
CA ALA F 254 88.41 -58.55 9.68
C ALA F 254 89.67 -58.05 9.00
N VAL F 255 90.16 -56.93 9.53
CA VAL F 255 91.38 -56.32 9.04
C VAL F 255 92.51 -57.34 9.19
N VAL F 256 93.02 -57.45 10.41
CA VAL F 256 94.09 -58.38 10.74
C VAL F 256 93.98 -59.60 9.83
N LEU F 257 92.80 -60.22 9.81
CA LEU F 257 92.61 -61.40 8.98
C LEU F 257 92.90 -61.08 7.53
N SER F 258 91.92 -60.52 6.82
CA SER F 258 92.12 -60.20 5.40
C SER F 258 93.57 -59.76 5.15
N ALA F 259 94.13 -59.00 6.08
CA ALA F 259 95.52 -58.54 5.97
C ALA F 259 96.40 -59.78 5.83
N VAL F 260 96.35 -60.65 6.81
CA VAL F 260 97.13 -61.86 6.75
C VAL F 260 96.83 -62.59 5.44
N LYS F 261 95.56 -62.72 5.10
CA LYS F 261 95.13 -63.38 3.86
C LYS F 261 96.12 -63.05 2.73
N VAL F 262 96.53 -61.80 2.63
CA VAL F 262 97.48 -61.40 1.59
C VAL F 262 98.95 -61.67 1.95
N LEU F 263 99.34 -61.24 3.16
CA LEU F 263 100.72 -61.40 3.63
C LEU F 263 101.31 -62.71 3.18
N MET F 264 100.44 -63.72 3.23
CA MET F 264 100.79 -65.06 2.88
C MET F 264 100.61 -65.47 1.42
N LYS F 265 99.84 -64.70 0.65
CA LYS F 265 99.74 -64.96 -0.79
C LYS F 265 100.97 -64.37 -1.49
N PHE F 266 101.64 -63.46 -0.79
CA PHE F 266 102.81 -62.79 -1.36
C PHE F 266 104.16 -63.51 -1.04
N MET F 267 104.24 -64.18 0.11
CA MET F 267 105.47 -64.91 0.50
C MET F 267 106.09 -65.77 -0.62
N ASP F 275 116.98 -62.27 4.76
CA ASP F 275 116.61 -61.84 6.11
C ASP F 275 115.17 -61.44 6.12
N TYR F 276 114.46 -61.87 5.08
CA TYR F 276 113.06 -61.56 4.87
C TYR F 276 112.06 -62.26 5.82
N TYR F 277 111.90 -63.55 5.58
CA TYR F 277 111.00 -64.39 6.36
C TYR F 277 111.01 -64.07 7.87
N ALA F 278 112.14 -64.26 8.57
CA ALA F 278 112.21 -64.02 10.03
C ALA F 278 111.49 -62.78 10.53
N THR F 279 111.46 -61.74 9.69
CA THR F 279 110.79 -60.49 10.02
C THR F 279 109.28 -60.76 10.10
N LEU F 280 108.71 -61.23 8.97
CA LEU F 280 107.28 -61.56 8.88
C LEU F 280 106.79 -62.47 10.01
N LEU F 281 107.36 -63.66 10.05
CA LEU F 281 107.01 -64.69 11.02
C LEU F 281 107.05 -64.27 12.49
N LYS F 282 108.02 -63.45 12.88
CA LYS F 282 108.09 -63.01 14.28
C LYS F 282 107.15 -61.88 14.60
N LYS F 283 106.59 -61.31 13.53
CA LYS F 283 105.60 -60.24 13.63
C LYS F 283 104.21 -60.88 13.54
N LEU F 284 104.04 -61.81 12.61
CA LEU F 284 102.78 -62.54 12.40
C LEU F 284 102.29 -63.22 13.67
N ALA F 285 103.22 -63.47 14.59
CA ALA F 285 102.94 -64.13 15.86
C ALA F 285 101.99 -63.39 16.82
N PRO F 286 102.46 -62.31 17.49
CA PRO F 286 101.60 -61.57 18.40
C PRO F 286 100.21 -61.13 17.86
N PRO F 287 100.03 -61.04 16.51
CA PRO F 287 98.74 -60.66 15.89
C PRO F 287 97.65 -61.70 16.02
N LEU F 288 97.92 -62.85 15.42
CA LEU F 288 96.98 -63.94 15.44
C LEU F 288 96.57 -64.17 16.86
N VAL F 289 97.54 -64.25 17.76
CA VAL F 289 97.22 -64.47 19.18
C VAL F 289 96.21 -63.45 19.73
N THR F 290 96.58 -62.17 19.69
CA THR F 290 95.70 -61.12 20.19
C THR F 290 94.40 -61.12 19.38
N LEU F 291 94.38 -61.94 18.33
CA LEU F 291 93.19 -62.07 17.51
C LEU F 291 92.17 -62.92 18.25
N LEU F 292 92.65 -63.80 19.13
CA LEU F 292 91.73 -64.65 19.89
C LEU F 292 91.28 -64.12 21.23
N SER F 293 92.08 -63.28 21.87
CA SER F 293 91.65 -62.75 23.15
C SER F 293 90.46 -61.81 22.89
N ALA F 294 89.87 -61.97 21.71
CA ALA F 294 88.76 -61.17 21.23
C ALA F 294 87.37 -61.63 21.61
N GLU F 295 86.68 -62.22 20.63
CA GLU F 295 85.33 -62.66 20.86
C GLU F 295 84.88 -64.04 20.42
N PRO F 296 83.85 -64.56 21.12
CA PRO F 296 83.27 -65.89 20.89
C PRO F 296 83.22 -66.25 19.43
N GLU F 297 82.08 -66.00 18.81
CA GLU F 297 81.90 -66.32 17.41
C GLU F 297 83.11 -66.09 16.49
N PRO F 298 83.81 -64.94 16.60
CA PRO F 298 84.95 -64.80 15.68
C PRO F 298 85.89 -65.95 15.93
N GLN F 299 86.45 -66.00 17.15
CA GLN F 299 87.38 -67.05 17.53
C GLN F 299 87.28 -68.25 16.61
N TYR F 300 86.07 -68.72 16.36
CA TYR F 300 85.91 -69.88 15.48
C TYR F 300 86.69 -69.60 14.20
N VAL F 301 86.03 -69.01 13.21
CA VAL F 301 86.65 -68.72 11.93
C VAL F 301 88.17 -68.69 12.06
N PRO F 302 88.69 -67.75 12.85
CA PRO F 302 90.14 -67.70 13.01
C PRO F 302 90.73 -69.06 13.28
N LEU F 303 90.46 -69.63 14.44
CA LEU F 303 91.00 -70.95 14.75
C LEU F 303 91.02 -71.77 13.49
N ARG F 304 89.87 -71.87 12.85
CA ARG F 304 89.74 -72.64 11.63
C ARG F 304 90.87 -72.26 10.68
N ASN F 305 91.06 -70.97 10.47
CA ASN F 305 92.12 -70.51 9.59
C ASN F 305 93.45 -70.83 10.25
N ILE F 306 93.64 -70.38 11.48
CA ILE F 306 94.86 -70.64 12.23
C ILE F 306 95.33 -72.01 11.82
N ASN F 307 94.40 -72.95 11.84
CA ASN F 307 94.65 -74.32 11.45
C ASN F 307 95.35 -74.25 10.11
N LEU F 308 94.57 -74.01 9.07
CA LEU F 308 95.09 -73.92 7.72
C LEU F 308 96.49 -73.31 7.68
N ILE F 309 96.70 -72.31 8.52
CA ILE F 309 97.99 -71.61 8.63
C ILE F 309 99.20 -72.45 9.00
N VAL F 310 99.26 -72.90 10.25
CA VAL F 310 100.38 -73.70 10.69
C VAL F 310 100.55 -74.85 9.72
N GLN F 311 99.49 -75.19 9.00
CA GLN F 311 99.52 -76.28 8.02
C GLN F 311 100.58 -75.94 6.94
N LYS F 312 100.61 -74.67 6.51
CA LYS F 312 101.60 -74.25 5.51
C LYS F 312 102.97 -73.92 6.12
N ARG F 313 103.04 -72.87 6.93
CA ARG F 313 104.30 -72.48 7.57
C ARG F 313 104.30 -72.60 9.09
N PRO F 314 104.17 -73.83 9.60
CA PRO F 314 104.15 -74.11 11.04
C PRO F 314 105.17 -73.28 11.79
N GLU F 315 106.31 -73.08 11.14
CA GLU F 315 107.40 -72.30 11.69
C GLU F 315 106.97 -71.01 12.35
N ILE F 316 105.77 -70.52 12.01
CA ILE F 316 105.25 -69.26 12.55
C ILE F 316 105.02 -69.16 14.06
N LEU F 317 104.49 -70.21 14.64
CA LEU F 317 104.21 -70.25 16.08
C LEU F 317 104.68 -71.59 16.61
N LYS F 318 105.67 -72.15 15.93
CA LYS F 318 106.26 -73.44 16.26
C LYS F 318 106.35 -73.69 17.77
N HIS F 319 106.28 -72.64 18.59
CA HIS F 319 106.34 -72.84 20.04
C HIS F 319 105.31 -72.06 20.86
N GLU F 320 104.49 -71.26 20.20
CA GLU F 320 103.45 -70.47 20.88
C GLU F 320 102.23 -71.36 21.12
N MET F 321 101.98 -71.74 22.38
CA MET F 321 100.83 -72.60 22.67
C MET F 321 100.30 -72.53 24.09
N LYS F 322 101.05 -71.90 24.99
CA LYS F 322 100.60 -71.78 26.36
C LYS F 322 99.28 -70.99 26.38
N VAL F 323 98.78 -70.71 25.18
CA VAL F 323 97.56 -69.93 24.98
C VAL F 323 96.39 -70.70 24.44
N PHE F 324 96.65 -71.61 23.53
CA PHE F 324 95.60 -72.40 22.93
C PHE F 324 94.85 -73.36 23.85
N PHE F 325 94.95 -73.15 25.15
CA PHE F 325 94.24 -74.01 26.08
C PHE F 325 92.78 -73.62 26.05
N VAL F 326 91.93 -74.51 26.53
CA VAL F 326 90.52 -74.24 26.55
C VAL F 326 90.10 -73.85 27.95
N LYS F 327 89.39 -72.74 28.05
CA LYS F 327 88.91 -72.29 29.34
C LYS F 327 87.51 -72.87 29.47
N TYR F 328 86.88 -72.69 30.63
CA TYR F 328 85.55 -73.24 30.78
C TYR F 328 84.48 -72.38 30.12
N ASN F 329 84.60 -71.05 30.25
CA ASN F 329 83.62 -70.14 29.64
C ASN F 329 83.47 -70.42 28.16
N ASP F 330 84.56 -70.80 27.52
CA ASP F 330 84.55 -71.06 26.10
C ASP F 330 83.48 -72.05 25.66
N PRO F 331 82.77 -71.71 24.59
CA PRO F 331 81.72 -72.55 24.04
C PRO F 331 82.27 -73.79 23.37
N ILE F 332 81.37 -74.70 23.02
CA ILE F 332 81.72 -75.96 22.37
C ILE F 332 82.58 -75.86 21.13
N TYR F 333 82.03 -75.27 20.07
CA TYR F 333 82.83 -75.17 18.85
C TYR F 333 84.21 -74.64 19.13
N VAL F 334 84.26 -73.61 19.97
CA VAL F 334 85.52 -73.01 20.35
C VAL F 334 86.42 -74.17 20.70
N LYS F 335 86.16 -74.72 21.87
CA LYS F 335 86.93 -75.83 22.37
C LYS F 335 87.32 -76.71 21.19
N LEU F 336 86.38 -77.45 20.62
CA LEU F 336 86.68 -78.30 19.46
C LEU F 336 87.88 -77.86 18.64
N GLU F 337 87.68 -76.83 17.82
CA GLU F 337 88.76 -76.36 16.99
C GLU F 337 90.04 -76.22 17.79
N LYS F 338 89.99 -75.50 18.90
CA LYS F 338 91.19 -75.33 19.72
C LYS F 338 91.96 -76.64 19.78
N LEU F 339 91.28 -77.72 20.13
CA LEU F 339 91.93 -79.01 20.21
C LEU F 339 92.64 -79.29 18.90
N ASP F 340 91.82 -79.67 17.93
CA ASP F 340 92.26 -79.99 16.57
C ASP F 340 93.59 -79.31 16.29
N ILE F 341 93.67 -78.04 16.70
CA ILE F 341 94.88 -77.27 16.50
C ILE F 341 95.99 -77.71 17.42
N MET F 342 95.82 -77.50 18.72
CA MET F 342 96.84 -77.89 19.67
C MET F 342 97.54 -79.09 19.09
N ILE F 343 96.73 -80.10 18.80
CA ILE F 343 97.24 -81.32 18.22
C ILE F 343 98.22 -81.02 17.09
N ARG F 344 97.74 -80.51 15.97
CA ARG F 344 98.64 -80.26 14.86
C ARG F 344 99.88 -79.50 15.30
N LEU F 345 99.96 -79.18 16.60
CA LEU F 345 101.12 -78.45 17.12
C LEU F 345 101.98 -79.04 18.24
N ALA F 346 102.00 -80.35 18.43
CA ALA F 346 102.83 -80.86 19.52
C ALA F 346 104.08 -81.67 19.16
N SER F 347 105.04 -81.63 20.07
CA SER F 347 106.30 -82.37 19.94
C SER F 347 106.71 -82.78 21.35
N GLN F 348 107.96 -83.16 21.50
CA GLN F 348 108.50 -83.59 22.78
C GLN F 348 108.32 -82.52 23.86
N ALA F 349 109.14 -81.49 23.75
CA ALA F 349 109.11 -80.38 24.68
C ALA F 349 107.68 -79.97 24.99
N ASN F 350 106.76 -80.25 24.05
CA ASN F 350 105.34 -79.91 24.19
C ASN F 350 104.56 -80.83 25.10
N ILE F 351 104.33 -82.02 24.57
CA ILE F 351 103.58 -83.06 25.23
C ILE F 351 103.62 -82.99 26.74
N ALA F 352 104.79 -82.69 27.29
CA ALA F 352 104.87 -82.58 28.75
C ALA F 352 103.58 -81.91 29.21
N GLN F 353 103.45 -80.64 28.83
CA GLN F 353 102.29 -79.85 29.18
C GLN F 353 101.02 -80.38 28.50
N VAL F 354 101.09 -80.61 27.19
CA VAL F 354 99.93 -81.12 26.45
C VAL F 354 99.06 -82.06 27.28
N LEU F 355 99.66 -83.16 27.70
CA LEU F 355 98.93 -84.13 28.49
C LEU F 355 98.46 -83.51 29.77
N ALA F 356 99.39 -83.04 30.60
CA ALA F 356 99.01 -82.42 31.87
C ALA F 356 97.63 -81.79 31.74
N GLU F 357 97.46 -81.01 30.67
CA GLU F 357 96.20 -80.34 30.40
C GLU F 357 95.11 -81.32 29.97
N LEU F 358 95.36 -82.12 28.94
CA LEU F 358 94.31 -83.04 28.55
C LEU F 358 93.71 -83.69 29.77
N LYS F 359 94.54 -84.25 30.64
CA LYS F 359 94.04 -84.90 31.84
C LYS F 359 92.98 -84.02 32.48
N GLU F 360 93.37 -82.84 32.97
CA GLU F 360 92.37 -81.97 33.58
C GLU F 360 91.09 -81.93 32.70
N TYR F 361 91.26 -81.59 31.42
CA TYR F 361 90.15 -81.51 30.49
C TYR F 361 89.18 -82.64 30.75
N ALA F 362 89.63 -83.85 30.44
CA ALA F 362 88.81 -85.04 30.63
C ALA F 362 88.00 -84.96 31.90
N THR F 363 88.58 -84.43 32.97
CA THR F 363 87.87 -84.32 34.23
C THR F 363 86.59 -83.49 34.12
N GLU F 364 86.59 -82.50 33.23
CA GLU F 364 85.41 -81.62 33.04
C GLU F 364 84.05 -82.33 33.02
N VAL F 365 83.00 -81.54 32.74
CA VAL F 365 81.62 -82.04 32.72
C VAL F 365 80.96 -82.09 31.36
N ASP F 366 81.42 -81.24 30.44
CA ASP F 366 80.81 -81.26 29.14
C ASP F 366 81.24 -82.53 28.42
N VAL F 367 80.35 -83.50 28.40
CA VAL F 367 80.64 -84.77 27.77
C VAL F 367 81.41 -84.69 26.47
N ASP F 368 80.64 -84.52 25.40
CA ASP F 368 81.19 -84.44 24.06
C ASP F 368 82.66 -84.06 24.15
N PHE F 369 82.93 -82.92 24.79
CA PHE F 369 84.29 -82.43 24.94
C PHE F 369 85.21 -83.53 25.37
N VAL F 370 85.12 -83.89 26.63
CA VAL F 370 86.01 -84.92 27.13
C VAL F 370 86.20 -85.94 26.04
N ARG F 371 85.11 -86.35 25.45
CA ARG F 371 85.22 -87.34 24.40
C ARG F 371 86.33 -86.99 23.42
N LYS F 372 86.04 -86.09 22.48
CA LYS F 372 87.07 -85.71 21.51
C LYS F 372 88.37 -85.47 22.25
N ALA F 373 88.27 -85.01 23.50
CA ALA F 373 89.46 -84.73 24.30
C ALA F 373 90.31 -85.97 24.52
N VAL F 374 89.70 -87.02 25.05
CA VAL F 374 90.45 -88.24 25.25
C VAL F 374 90.94 -88.60 23.87
N ARG F 375 90.00 -88.64 22.95
CA ARG F 375 90.30 -88.97 21.57
C ARG F 375 91.51 -88.16 21.15
N ALA F 376 91.72 -87.02 21.80
CA ALA F 376 92.86 -86.19 21.50
C ALA F 376 94.09 -86.95 21.97
N ILE F 377 94.11 -87.31 23.25
CA ILE F 377 95.22 -88.06 23.80
C ILE F 377 95.59 -89.07 22.74
N GLY F 378 94.57 -89.60 22.09
CA GLY F 378 94.77 -90.58 21.06
C GLY F 378 95.65 -90.07 19.94
N ARG F 379 95.02 -89.38 19.00
CA ARG F 379 95.74 -88.87 17.85
C ARG F 379 97.12 -88.40 18.32
N CYS F 380 97.13 -87.80 19.51
CA CYS F 380 98.37 -87.32 20.10
C CYS F 380 99.48 -88.36 20.05
N ALA F 381 99.34 -89.42 20.84
CA ALA F 381 100.34 -90.47 20.88
C ALA F 381 100.74 -90.89 19.48
N ILE F 382 99.77 -90.97 18.57
CA ILE F 382 100.08 -91.38 17.21
C ILE F 382 101.16 -90.52 16.54
N LYS F 383 100.91 -89.22 16.46
CA LYS F 383 101.86 -88.32 15.83
C LYS F 383 103.24 -88.34 16.50
N VAL F 384 103.27 -88.44 17.83
CA VAL F 384 104.55 -88.45 18.53
C VAL F 384 104.89 -89.83 19.15
N GLU F 385 105.31 -90.76 18.30
CA GLU F 385 105.65 -92.12 18.72
C GLU F 385 106.46 -92.08 19.97
N GLN F 386 107.46 -91.22 19.91
CA GLN F 386 108.40 -91.00 20.98
C GLN F 386 107.69 -90.68 22.30
N SER F 387 106.36 -90.73 22.28
CA SER F 387 105.61 -90.42 23.48
C SER F 387 104.49 -91.39 23.79
N ALA F 388 104.55 -92.57 23.20
CA ALA F 388 103.52 -93.58 23.42
C ALA F 388 103.13 -93.78 24.89
N GLU F 389 103.92 -94.55 25.62
CA GLU F 389 103.64 -94.82 27.04
C GLU F 389 102.99 -93.60 27.65
N ARG F 390 103.82 -92.56 27.75
CA ARG F 390 103.44 -91.29 28.29
C ARG F 390 101.92 -91.18 28.23
N CYS F 391 101.37 -91.24 27.02
CA CYS F 391 99.93 -91.16 26.85
C CYS F 391 99.29 -92.28 27.64
N VAL F 392 99.44 -93.49 27.12
CA VAL F 392 98.90 -94.65 27.77
C VAL F 392 98.82 -94.37 29.25
N SER F 393 100.00 -94.21 29.84
CA SER F 393 100.16 -93.95 31.26
C SER F 393 99.01 -93.15 31.81
N THR F 394 98.69 -92.03 31.18
CA THR F 394 97.59 -91.23 31.68
C THR F 394 96.24 -91.87 31.34
N LEU F 395 96.10 -92.40 30.14
CA LEU F 395 94.84 -93.03 29.80
C LEU F 395 94.47 -93.91 30.94
N LEU F 396 95.26 -94.96 31.10
CA LEU F 396 95.05 -95.89 32.18
C LEU F 396 94.69 -95.07 33.41
N ASP F 397 95.61 -94.17 33.76
CA ASP F 397 95.47 -93.29 34.91
C ASP F 397 94.02 -92.81 35.08
N LEU F 398 93.34 -92.51 33.97
CA LEU F 398 91.97 -92.04 34.05
C LEU F 398 90.98 -93.13 34.34
N ILE F 399 91.10 -94.21 33.60
CA ILE F 399 90.18 -95.32 33.78
C ILE F 399 90.13 -95.74 35.23
N GLN F 400 91.25 -95.63 35.92
CA GLN F 400 91.28 -96.01 37.32
C GLN F 400 90.27 -95.17 38.08
N THR F 401 89.69 -94.18 37.42
CA THR F 401 88.72 -93.32 38.08
C THR F 401 87.34 -93.93 38.06
N LYS F 402 87.14 -94.89 37.17
CA LYS F 402 85.87 -95.58 37.06
C LYS F 402 84.72 -94.62 36.72
N VAL F 403 85.09 -93.49 36.14
CA VAL F 403 84.12 -92.50 35.70
C VAL F 403 83.48 -93.08 34.47
N ASN F 404 82.40 -93.83 34.66
CA ASN F 404 81.72 -94.46 33.55
C ASN F 404 82.13 -94.03 32.11
N TYR F 405 81.53 -92.97 31.60
CA TYR F 405 81.83 -92.51 30.24
C TYR F 405 83.30 -92.40 29.86
N VAL F 406 84.07 -91.69 30.66
CA VAL F 406 85.49 -91.54 30.37
C VAL F 406 85.98 -92.89 29.98
N VAL F 407 85.87 -93.79 30.93
CA VAL F 407 86.30 -95.15 30.72
C VAL F 407 86.09 -95.56 29.29
N GLN F 408 84.87 -95.90 28.94
CA GLN F 408 84.68 -96.34 27.57
C GLN F 408 85.53 -95.62 26.53
N GLU F 409 85.25 -94.36 26.22
CA GLU F 409 86.07 -93.73 25.19
C GLU F 409 87.52 -94.15 25.38
N ALA F 410 88.05 -93.91 26.57
CA ALA F 410 89.42 -94.28 26.85
C ALA F 410 89.74 -95.57 26.11
N ILE F 411 89.21 -96.68 26.61
CA ILE F 411 89.48 -97.96 25.99
C ILE F 411 89.57 -97.79 24.50
N VAL F 412 88.44 -97.49 23.90
CA VAL F 412 88.39 -97.32 22.47
C VAL F 412 89.75 -96.87 21.99
N VAL F 413 90.19 -95.72 22.48
CA VAL F 413 91.48 -95.21 22.08
C VAL F 413 92.55 -96.28 22.25
N ILE F 414 92.82 -96.65 23.50
CA ILE F 414 93.81 -97.64 23.76
C ILE F 414 93.80 -98.68 22.67
N LYS F 415 92.62 -99.17 22.35
CA LYS F 415 92.51 -100.15 21.30
C LYS F 415 93.39 -99.68 20.17
N ASP F 416 92.89 -98.67 19.48
CA ASP F 416 93.61 -98.12 18.34
C ASP F 416 95.12 -98.06 18.61
N ILE F 417 95.50 -97.66 19.81
CA ILE F 417 96.91 -97.58 20.15
C ILE F 417 97.59 -98.89 19.84
N PHE F 418 97.05 -99.95 20.43
CA PHE F 418 97.60 -101.28 20.23
C PHE F 418 97.78 -101.62 18.77
N ARG F 419 96.82 -101.22 17.95
CA ARG F 419 96.92 -101.51 16.53
C ARG F 419 98.28 -101.02 16.02
N LYS F 420 98.70 -99.81 16.42
CA LYS F 420 99.98 -99.30 15.93
C LYS F 420 101.26 -99.78 16.61
N TYR F 421 101.23 -99.96 17.93
CA TYR F 421 102.44 -100.41 18.61
C TYR F 421 102.22 -101.75 19.27
N PRO F 422 101.94 -102.76 18.47
CA PRO F 422 101.71 -104.11 18.97
C PRO F 422 102.74 -104.59 19.98
N ASN F 423 102.35 -105.65 20.68
CA ASN F 423 103.16 -106.32 21.69
C ASN F 423 104.06 -105.39 22.45
N LYS F 424 103.57 -104.22 22.82
CA LYS F 424 104.43 -103.32 23.55
C LYS F 424 103.77 -103.01 24.89
N TYR F 425 102.46 -103.19 24.94
CA TYR F 425 101.73 -102.95 26.17
C TYR F 425 100.97 -104.19 26.49
N GLU F 426 101.11 -104.64 27.73
CA GLU F 426 100.45 -105.86 28.15
C GLU F 426 99.81 -105.65 29.48
N SER F 427 100.64 -105.78 30.51
CA SER F 427 100.20 -105.61 31.89
C SER F 427 98.85 -104.88 31.91
N VAL F 428 98.81 -103.77 31.20
CA VAL F 428 97.62 -102.95 31.08
C VAL F 428 96.34 -103.73 30.78
N ILE F 429 96.48 -104.87 30.11
CA ILE F 429 95.33 -105.69 29.77
C ILE F 429 94.41 -106.02 30.94
N ALA F 430 94.86 -106.86 31.85
CA ALA F 430 94.03 -107.22 32.98
C ALA F 430 93.41 -105.96 33.58
N THR F 431 94.28 -105.04 34.00
CA THR F 431 93.85 -103.78 34.60
C THR F 431 92.74 -103.17 33.76
N LEU F 432 92.71 -103.55 32.49
CA LEU F 432 91.72 -103.05 31.57
C LEU F 432 90.34 -103.63 31.86
N CYS F 433 90.16 -104.88 31.47
CA CYS F 433 88.90 -105.60 31.65
C CYS F 433 88.22 -105.15 32.90
N GLU F 434 89.01 -105.11 33.96
CA GLU F 434 88.54 -104.69 35.29
C GLU F 434 87.15 -104.13 35.13
N ASN F 435 87.08 -102.94 34.54
CA ASN F 435 85.80 -102.28 34.29
C ASN F 435 85.29 -102.87 33.01
N LEU F 436 84.44 -103.89 33.11
CA LEU F 436 83.89 -104.51 31.91
C LEU F 436 82.42 -104.15 31.81
N ASP F 437 81.76 -104.12 32.94
CA ASP F 437 80.34 -103.81 32.96
C ASP F 437 80.13 -102.41 32.44
N SER F 438 80.57 -101.46 33.25
CA SER F 438 80.44 -100.04 32.94
C SER F 438 80.54 -99.62 31.46
N ASP F 439 80.92 -100.53 30.58
CA ASP F 439 81.07 -100.23 29.15
C ASP F 439 79.84 -100.64 28.39
N ASP F 440 79.03 -99.66 28.04
CA ASP F 440 77.80 -99.98 27.38
C ASP F 440 77.69 -99.46 26.00
N GLU F 441 78.79 -99.06 25.42
CA GLU F 441 78.58 -98.56 24.11
C GLU F 441 78.99 -99.55 23.04
N PRO F 442 78.62 -99.29 21.80
CA PRO F 442 79.00 -100.22 20.76
C PRO F 442 80.49 -100.32 20.64
N GLU F 443 81.05 -99.52 19.73
CA GLU F 443 82.48 -99.54 19.47
C GLU F 443 83.25 -99.78 20.76
N ALA F 444 82.83 -99.14 21.84
CA ALA F 444 83.50 -99.34 23.11
C ALA F 444 83.54 -100.84 23.39
N ARG F 445 82.39 -101.41 23.69
CA ARG F 445 82.32 -102.84 23.95
C ARG F 445 83.10 -103.50 22.84
N ALA F 446 82.54 -103.47 21.64
CA ALA F 446 83.17 -104.06 20.48
C ALA F 446 84.67 -104.10 20.72
N ALA F 447 85.31 -102.98 20.43
CA ALA F 447 86.74 -102.84 20.60
C ALA F 447 87.22 -103.76 21.71
N MET F 448 86.81 -103.45 22.94
CA MET F 448 87.19 -104.27 24.07
C MET F 448 87.27 -105.73 23.68
N ILE F 449 86.14 -106.26 23.22
CA ILE F 449 86.09 -107.65 22.81
C ILE F 449 87.25 -107.97 21.91
N TRP F 450 87.18 -107.51 20.67
CA TRP F 450 88.25 -107.78 19.73
C TRP F 450 89.62 -107.82 20.39
N ILE F 451 89.84 -106.95 21.35
CA ILE F 451 91.12 -106.95 22.04
C ILE F 451 91.35 -108.30 22.65
N VAL F 452 90.45 -108.65 23.57
CA VAL F 452 90.59 -109.93 24.23
C VAL F 452 90.97 -110.95 23.19
N GLY F 453 90.14 -111.08 22.15
CA GLY F 453 90.44 -112.03 21.11
C GLY F 453 91.92 -112.05 20.84
N GLU F 454 92.40 -111.05 20.13
CA GLU F 454 93.80 -110.97 19.77
C GLU F 454 94.73 -111.51 20.85
N TYR F 455 94.91 -110.71 21.89
CA TYR F 455 95.80 -111.06 22.97
C TYR F 455 95.28 -112.16 23.90
N ALA F 456 94.54 -113.10 23.34
CA ALA F 456 93.96 -114.19 24.11
C ALA F 456 94.98 -114.95 24.96
N GLU F 457 96.08 -115.33 24.34
CA GLU F 457 97.13 -116.04 25.03
C GLU F 457 97.13 -115.68 26.50
N ARG F 458 97.40 -114.41 26.81
CA ARG F 458 97.50 -113.90 28.18
C ARG F 458 96.33 -114.16 29.14
N SER F 459 95.21 -113.48 28.95
CA SER F 459 94.09 -113.70 29.86
C SER F 459 93.59 -115.12 29.80
N ASP F 460 93.56 -115.78 30.95
CA ASP F 460 93.08 -117.14 31.02
C ASP F 460 91.59 -117.04 30.80
N ASN F 461 90.95 -116.36 31.74
CA ASN F 461 89.52 -116.15 31.72
C ASN F 461 88.95 -115.92 30.34
N ALA F 462 89.80 -115.39 29.46
CA ALA F 462 89.40 -115.10 28.09
C ALA F 462 87.98 -115.59 27.88
N ASP F 463 87.83 -116.90 27.97
CA ASP F 463 86.55 -117.54 27.79
C ASP F 463 85.37 -116.75 28.31
N GLU F 464 84.96 -117.07 29.53
CA GLU F 464 83.79 -116.42 30.10
C GLU F 464 83.61 -115.00 29.62
N LEU F 465 84.65 -114.17 29.68
CA LEU F 465 84.51 -112.81 29.23
C LEU F 465 83.70 -112.84 27.95
N LEU F 466 84.33 -113.34 26.89
CA LEU F 466 83.60 -113.41 25.65
C LEU F 466 82.24 -114.04 25.93
N GLU F 467 82.25 -115.26 26.45
CA GLU F 467 81.01 -115.96 26.74
C GLU F 467 79.94 -115.02 27.26
N SER F 468 80.27 -114.28 28.31
CA SER F 468 79.34 -113.36 28.92
C SER F 468 78.37 -112.78 27.92
N PHE F 469 78.93 -112.12 26.90
CA PHE F 469 78.06 -111.49 25.92
C PHE F 469 77.08 -112.42 25.22
N LEU F 470 77.50 -113.65 24.93
CA LEU F 470 76.65 -114.62 24.25
C LEU F 470 75.18 -114.65 24.64
N ASP F 471 74.87 -115.36 25.73
CA ASP F 471 73.50 -115.50 26.19
C ASP F 471 72.70 -114.28 25.76
N GLY F 472 73.36 -113.12 25.78
CA GLY F 472 72.73 -111.89 25.37
C GLY F 472 73.28 -111.41 24.04
N PHE F 473 72.97 -112.16 22.99
CA PHE F 473 73.42 -111.85 21.65
C PHE F 473 72.16 -111.69 20.83
N HIS F 474 72.18 -112.15 19.58
CA HIS F 474 71.04 -112.03 18.67
C HIS F 474 70.63 -110.56 18.70
N ASP F 475 71.31 -109.79 19.53
CA ASP F 475 71.01 -108.38 19.65
C ASP F 475 72.09 -107.62 20.37
N GLU F 476 72.82 -106.89 19.57
CA GLU F 476 73.91 -106.04 19.97
C GLU F 476 74.46 -105.59 18.65
N SER F 477 74.82 -104.32 18.59
CA SER F 477 75.33 -103.73 17.36
C SER F 477 76.01 -104.69 16.39
N THR F 478 75.59 -104.64 15.14
CA THR F 478 76.13 -105.49 14.10
C THR F 478 77.62 -105.71 14.32
N GLN F 479 78.38 -104.64 14.15
CA GLN F 479 79.83 -104.69 14.29
C GLN F 479 80.34 -105.53 15.46
N VAL F 480 79.76 -105.34 16.63
CA VAL F 480 80.22 -106.11 17.78
C VAL F 480 79.98 -107.59 17.55
N GLN F 481 78.78 -107.93 17.08
CA GLN F 481 78.47 -109.32 16.82
C GLN F 481 79.71 -109.89 16.18
N LEU F 482 80.23 -109.15 15.22
CA LEU F 482 81.43 -109.59 14.50
C LEU F 482 82.62 -109.93 15.34
N GLN F 483 83.42 -108.92 15.69
CA GLN F 483 84.63 -109.20 16.46
C GLN F 483 84.38 -110.36 17.35
N LEU F 484 83.36 -110.22 18.18
CA LEU F 484 83.00 -111.25 19.11
C LEU F 484 83.14 -112.59 18.41
N LEU F 485 82.52 -112.74 17.26
CA LEU F 485 82.66 -113.98 16.54
C LEU F 485 84.14 -114.16 16.34
N THR F 486 84.70 -113.36 15.44
CA THR F 486 86.12 -113.43 15.15
C THR F 486 86.91 -113.83 16.38
N ALA F 487 86.95 -112.95 17.37
CA ALA F 487 87.68 -113.22 18.59
C ALA F 487 87.56 -114.67 19.05
N ILE F 488 86.36 -115.08 19.44
CA ILE F 488 86.12 -116.44 19.88
C ILE F 488 87.06 -117.33 19.11
N VAL F 489 86.81 -117.39 17.82
CA VAL F 489 87.63 -118.18 16.94
C VAL F 489 89.06 -118.09 17.41
N LYS F 490 89.63 -116.90 17.25
CA LYS F 490 91.00 -116.66 17.64
C LYS F 490 91.47 -117.53 18.80
N LEU F 491 90.82 -117.44 19.95
CA LEU F 491 91.30 -118.24 21.07
C LEU F 491 91.12 -119.70 20.82
N PHE F 492 90.07 -120.06 20.11
CA PHE F 492 89.84 -121.45 19.84
C PHE F 492 91.09 -121.97 19.16
N LEU F 493 91.67 -121.10 18.35
CA LEU F 493 92.88 -121.43 17.60
C LEU F 493 94.12 -121.34 18.47
N LYS F 494 93.94 -120.85 19.71
CA LYS F 494 95.04 -120.82 20.66
C LYS F 494 94.95 -122.25 21.21
N LYS F 495 94.21 -123.06 20.44
CA LYS F 495 93.96 -124.49 20.67
C LYS F 495 93.19 -124.96 21.88
N PRO F 496 92.91 -124.06 22.84
CA PRO F 496 92.18 -124.58 23.98
C PRO F 496 91.23 -125.70 23.57
N THR F 497 91.23 -126.75 24.38
CA THR F 497 90.39 -127.89 24.12
C THR F 497 89.02 -127.50 24.66
N GLU F 498 89.06 -126.59 25.62
CA GLU F 498 87.90 -126.04 26.33
C GLU F 498 87.06 -125.07 25.49
N THR F 499 87.54 -124.77 24.30
CA THR F 499 86.88 -123.84 23.41
C THR F 499 85.75 -124.47 22.61
N GLN F 500 85.85 -125.77 22.41
CA GLN F 500 84.86 -126.49 21.62
C GLN F 500 83.47 -125.86 21.72
N GLU F 501 82.65 -126.35 22.64
CA GLU F 501 81.28 -125.84 22.83
C GLU F 501 81.08 -124.36 22.53
N LEU F 502 82.03 -123.52 22.95
CA LEU F 502 81.94 -122.09 22.71
C LEU F 502 81.87 -121.83 21.24
N VAL F 503 83.04 -121.81 20.61
CA VAL F 503 83.12 -121.56 19.19
C VAL F 503 81.91 -122.16 18.50
N GLN F 504 81.60 -123.40 18.84
CA GLN F 504 80.45 -124.08 18.26
C GLN F 504 79.29 -123.10 18.33
N GLN F 505 78.73 -122.97 19.53
CA GLN F 505 77.61 -122.07 19.76
C GLN F 505 77.77 -120.80 18.94
N VAL F 506 78.87 -120.09 19.16
CA VAL F 506 79.14 -118.86 18.45
C VAL F 506 78.63 -119.01 17.05
N LEU F 507 79.41 -119.70 16.23
CA LEU F 507 79.02 -119.92 14.86
C LEU F 507 77.54 -120.23 14.83
N SER F 508 77.21 -121.36 15.40
CA SER F 508 75.83 -121.83 15.44
C SER F 508 74.85 -120.65 15.46
N LEU F 509 74.99 -119.78 16.44
CA LEU F 509 74.10 -118.62 16.55
C LEU F 509 74.20 -117.78 15.29
N ALA F 510 75.41 -117.36 14.97
CA ALA F 510 75.66 -116.55 13.79
C ALA F 510 75.58 -117.38 12.52
N THR F 511 74.90 -118.52 12.59
CA THR F 511 74.75 -119.40 11.44
C THR F 511 73.32 -119.49 10.95
N GLN F 512 72.41 -119.86 11.82
CA GLN F 512 71.02 -119.99 11.41
C GLN F 512 70.10 -119.17 12.30
N ASP F 513 70.53 -118.95 13.54
CA ASP F 513 69.70 -118.18 14.47
C ASP F 513 69.88 -116.68 14.24
N SER F 514 70.65 -116.33 13.20
CA SER F 514 70.94 -114.94 12.84
C SER F 514 70.41 -114.59 11.45
N ASP F 515 70.10 -113.31 11.20
CA ASP F 515 69.56 -112.88 9.91
C ASP F 515 70.22 -111.66 9.33
N ASN F 516 71.54 -111.73 9.22
CA ASN F 516 72.31 -110.64 8.68
C ASN F 516 73.28 -111.21 7.65
N PRO F 517 72.86 -111.25 6.40
CA PRO F 517 73.64 -111.76 5.27
C PRO F 517 75.12 -111.77 5.56
N ASP F 518 75.74 -110.60 5.50
CA ASP F 518 77.18 -110.52 5.72
C ASP F 518 77.58 -111.49 6.80
N LEU F 519 77.03 -111.24 7.97
CA LEU F 519 77.30 -112.08 9.12
C LEU F 519 77.26 -113.55 8.69
N ARG F 520 76.09 -114.04 8.29
CA ARG F 520 75.96 -115.44 7.87
C ARG F 520 77.24 -115.91 7.19
N ASP F 521 77.74 -115.10 6.26
CA ASP F 521 78.95 -115.41 5.52
C ASP F 521 80.19 -115.55 6.35
N ARG F 522 80.81 -114.43 6.67
CA ARG F 522 82.05 -114.48 7.42
C ARG F 522 81.84 -115.62 8.38
N GLY F 523 80.61 -115.72 8.86
CA GLY F 523 80.28 -116.83 9.74
C GLY F 523 80.58 -118.16 9.04
N TYR F 524 79.70 -118.58 8.14
CA TYR F 524 79.89 -119.83 7.44
C TYR F 524 81.34 -120.02 7.04
N ILE F 525 81.87 -119.04 6.31
CA ILE F 525 83.27 -119.08 5.89
C ILE F 525 84.09 -119.82 6.92
N TYR F 526 84.14 -119.26 8.14
CA TYR F 526 84.90 -119.90 9.19
C TYR F 526 84.40 -121.35 9.39
N TRP F 527 83.10 -121.55 9.57
CA TRP F 527 82.53 -122.90 9.78
C TRP F 527 83.08 -123.94 8.81
N ARG F 528 83.51 -123.49 7.65
CA ARG F 528 84.05 -124.40 6.66
C ARG F 528 85.55 -124.49 6.83
N LEU F 529 86.18 -123.36 7.10
CA LEU F 529 87.62 -123.38 7.27
C LEU F 529 88.00 -124.39 8.35
N LEU F 530 87.21 -124.45 9.40
CA LEU F 530 87.47 -125.35 10.51
C LEU F 530 86.99 -126.78 10.30
N SER F 531 85.76 -126.91 9.81
CA SER F 531 85.18 -128.21 9.58
C SER F 531 86.03 -129.02 8.60
N THR F 532 87.07 -128.37 8.06
CA THR F 532 88.00 -128.97 7.11
C THR F 532 89.43 -129.18 7.62
N ASP F 533 90.14 -128.08 7.94
CA ASP F 533 91.54 -128.16 8.47
C ASP F 533 92.05 -127.23 9.57
N PRO F 534 91.76 -127.53 10.83
CA PRO F 534 92.24 -126.66 11.90
C PRO F 534 93.63 -126.08 11.65
N VAL F 535 94.67 -126.91 11.63
CA VAL F 535 96.05 -126.41 11.40
C VAL F 535 96.03 -125.24 10.41
N ALA F 536 95.44 -125.51 9.24
CA ALA F 536 95.32 -124.53 8.17
C ALA F 536 94.72 -123.23 8.69
N ALA F 537 93.48 -123.33 9.13
CA ALA F 537 92.78 -122.18 9.68
C ALA F 537 93.72 -121.41 10.56
N LYS F 538 94.26 -122.10 11.57
CA LYS F 538 95.18 -121.48 12.53
C LYS F 538 96.03 -120.44 11.84
N GLU F 539 97.02 -120.88 11.06
CA GLU F 539 97.89 -119.92 10.38
C GLU F 539 97.07 -118.83 9.69
N VAL F 540 96.06 -119.26 8.93
CA VAL F 540 95.20 -118.33 8.21
C VAL F 540 94.74 -117.13 9.01
N VAL F 541 93.75 -117.38 9.86
CA VAL F 541 93.16 -116.35 10.69
C VAL F 541 94.10 -115.49 11.50
N LEU F 542 94.86 -116.11 12.39
CA LEU F 542 95.78 -115.34 13.19
C LEU F 542 97.05 -115.17 12.41
N ALA F 543 96.92 -114.78 11.16
CA ALA F 543 98.11 -114.63 10.36
C ALA F 543 98.82 -113.31 10.64
N GLU F 544 100.09 -113.27 10.27
CA GLU F 544 100.94 -112.11 10.43
C GLU F 544 100.05 -110.99 9.86
N LYS F 545 99.71 -110.01 10.71
CA LYS F 545 98.85 -108.87 10.38
C LYS F 545 99.65 -107.60 10.16
N PRO F 546 99.57 -107.05 8.92
CA PRO F 546 100.14 -105.90 8.23
C PRO F 546 100.18 -104.68 9.08
N LEU F 547 100.67 -103.57 8.58
CA LEU F 547 100.73 -102.38 9.40
C LEU F 547 99.58 -101.49 9.00
N ILE F 548 99.20 -100.52 9.84
CA ILE F 548 98.06 -99.64 9.50
C ILE F 548 98.46 -98.30 8.85
N SER F 549 97.51 -97.72 8.12
CA SER F 549 97.76 -96.46 7.39
C SER F 549 96.63 -95.41 7.33
N GLU F 550 96.71 -94.38 8.17
CA GLU F 550 95.72 -93.28 8.13
C GLU F 550 96.47 -91.96 7.97
N GLU F 551 97.26 -91.97 6.91
CA GLU F 551 98.06 -90.84 6.45
C GLU F 551 97.07 -90.05 5.59
N THR F 552 95.93 -90.70 5.32
CA THR F 552 94.84 -90.13 4.52
C THR F 552 94.45 -88.77 5.15
N ASP F 553 94.98 -88.50 6.36
CA ASP F 553 94.67 -87.24 7.09
C ASP F 553 95.86 -86.26 7.38
N LEU F 554 95.52 -84.97 7.55
CA LEU F 554 96.45 -83.85 7.78
C LEU F 554 96.87 -83.23 6.42
N ILE F 555 95.91 -82.48 5.84
CA ILE F 555 95.90 -81.74 4.54
C ILE F 555 96.85 -82.09 3.40
N GLU F 556 96.50 -81.65 2.19
CA GLU F 556 97.31 -81.91 1.00
C GLU F 556 98.18 -80.75 0.52
N PRO F 557 99.01 -81.02 -0.49
CA PRO F 557 99.92 -80.02 -1.06
C PRO F 557 99.23 -79.00 -1.97
N THR F 558 98.89 -79.42 -3.19
CA THR F 558 98.24 -78.56 -4.18
C THR F 558 97.09 -77.77 -3.57
N LEU F 559 96.23 -78.49 -2.87
CA LEU F 559 95.08 -77.90 -2.25
C LEU F 559 95.49 -76.85 -1.20
N LEU F 560 96.38 -77.20 -0.27
CA LEU F 560 96.84 -76.26 0.77
C LEU F 560 97.17 -74.86 0.24
N ASP F 561 98.15 -74.80 -0.66
CA ASP F 561 98.58 -73.53 -1.25
C ASP F 561 97.37 -72.71 -1.71
N GLU F 562 96.56 -73.33 -2.56
CA GLU F 562 95.36 -72.69 -3.11
C GLU F 562 94.40 -72.05 -2.08
N LEU F 563 94.14 -72.74 -0.98
CA LEU F 563 93.22 -72.25 0.04
C LEU F 563 93.68 -71.00 0.74
N ILE F 564 94.87 -71.07 1.32
CA ILE F 564 95.41 -69.93 2.05
C ILE F 564 94.91 -68.60 1.47
N CYS F 565 94.66 -68.56 0.16
CA CYS F 565 94.17 -67.34 -0.50
C CYS F 565 92.88 -66.79 0.10
N TYR F 566 91.93 -67.69 0.38
CA TYR F 566 90.63 -67.33 0.90
C TYR F 566 90.50 -67.21 2.41
N ILE F 567 91.53 -66.77 3.11
CA ILE F 567 91.36 -66.68 4.54
C ILE F 567 90.26 -65.68 4.84
N GLY F 568 89.52 -65.88 5.93
CA GLY F 568 88.44 -64.99 6.29
C GLY F 568 87.25 -65.25 5.39
N THR F 569 87.33 -66.38 4.71
CA THR F 569 86.34 -66.86 3.75
C THR F 569 85.58 -68.06 4.28
N LEU F 570 84.44 -68.35 3.68
CA LEU F 570 83.67 -69.50 4.09
C LEU F 570 84.60 -70.67 3.93
N ALA F 571 85.16 -70.76 2.73
CA ALA F 571 86.08 -71.82 2.44
C ALA F 571 87.10 -71.79 3.56
N SER F 572 87.45 -70.57 3.95
CA SER F 572 88.43 -70.37 5.01
C SER F 572 88.06 -71.21 6.21
N VAL F 573 86.81 -71.63 6.28
CA VAL F 573 86.40 -72.44 7.42
C VAL F 573 86.15 -73.91 7.10
N TYR F 574 85.47 -74.20 6.01
CA TYR F 574 85.22 -75.58 5.66
C TYR F 574 86.54 -76.24 5.26
N HIS F 575 87.47 -75.43 4.78
CA HIS F 575 88.75 -75.92 4.32
C HIS F 575 88.44 -76.61 3.01
N LYS F 576 87.53 -76.03 2.25
CA LYS F 576 87.17 -76.61 0.99
C LYS F 576 87.06 -75.58 -0.12
N PRO F 577 86.97 -76.07 -1.36
CA PRO F 577 86.87 -75.27 -2.57
C PRO F 577 85.54 -74.65 -2.95
N PRO F 578 85.62 -73.42 -3.46
CA PRO F 578 84.40 -72.73 -3.87
C PRO F 578 83.51 -73.65 -4.72
N ASN F 579 84.04 -74.75 -5.25
CA ASN F 579 83.23 -75.69 -6.05
C ASN F 579 82.09 -76.36 -5.29
N ALA F 580 82.24 -76.48 -3.97
CA ALA F 580 81.21 -77.10 -3.14
C ALA F 580 80.15 -76.08 -2.75
N PHE F 581 80.54 -74.81 -2.68
CA PHE F 581 79.56 -73.79 -2.31
C PHE F 581 78.66 -73.31 -3.47
N VAL F 582 79.30 -72.56 -4.36
CA VAL F 582 78.75 -71.91 -5.60
C VAL F 582 77.35 -72.10 -6.24
N GLU F 583 76.76 -73.28 -6.12
CA GLU F 583 75.46 -73.56 -6.74
C GLU F 583 74.46 -72.39 -6.91
N GLY F 584 74.67 -71.60 -7.84
N MET G 6 -81.24 25.67 -0.62
CA MET G 6 -81.35 24.31 -1.33
C MET G 6 -80.01 24.05 -2.08
N PRO G 7 -78.85 23.74 -1.38
CA PRO G 7 -77.48 23.52 -1.91
C PRO G 7 -77.19 22.49 -3.04
N ALA G 8 -75.94 22.30 -3.45
CA ALA G 8 -75.54 21.32 -4.49
C ALA G 8 -74.14 20.80 -4.15
N PRO G 9 -73.89 20.47 -2.87
CA PRO G 9 -72.67 19.99 -2.23
C PRO G 9 -71.56 19.37 -2.99
N ILE G 10 -70.37 19.92 -2.89
CA ILE G 10 -69.25 19.35 -3.62
C ILE G 10 -68.90 17.99 -3.04
N ARG G 11 -68.20 17.17 -3.82
CA ARG G 11 -67.81 15.84 -3.36
C ARG G 11 -66.31 15.89 -3.05
N LEU G 12 -65.86 15.11 -2.07
CA LEU G 12 -64.45 15.13 -1.67
C LEU G 12 -63.48 15.35 -2.79
N ARG G 13 -63.11 14.27 -3.45
CA ARG G 13 -62.16 14.35 -4.54
C ARG G 13 -62.41 15.64 -5.28
N GLU G 14 -63.60 15.74 -5.86
CA GLU G 14 -63.97 16.93 -6.60
C GLU G 14 -63.28 18.13 -5.96
N LEU G 15 -63.46 18.29 -4.67
CA LEU G 15 -62.84 19.40 -3.96
C LEU G 15 -61.37 19.47 -4.27
N ILE G 16 -60.62 18.52 -3.73
CA ILE G 16 -59.19 18.47 -3.96
C ILE G 16 -58.87 18.90 -5.38
N ARG G 17 -59.31 18.06 -6.31
CA ARG G 17 -59.10 18.29 -7.73
C ARG G 17 -59.27 19.77 -8.02
N THR G 18 -60.10 20.46 -7.25
CA THR G 18 -60.34 21.89 -7.43
C THR G 18 -59.13 22.66 -6.91
N ILE G 19 -58.60 22.26 -5.76
CA ILE G 19 -57.45 22.95 -5.21
C ILE G 19 -56.23 22.69 -6.07
N ARG G 20 -56.34 21.73 -6.97
CA ARG G 20 -55.25 21.42 -7.86
C ARG G 20 -55.17 22.51 -8.90
N THR G 21 -56.32 23.11 -9.19
CA THR G 21 -56.38 24.19 -10.18
C THR G 21 -55.68 25.40 -9.62
N ALA G 22 -55.61 25.49 -8.29
CA ALA G 22 -55.01 26.64 -7.63
C ALA G 22 -53.74 27.17 -8.29
N ARG G 23 -53.73 28.48 -8.55
CA ARG G 23 -52.61 29.15 -9.19
C ARG G 23 -51.88 30.07 -8.22
N THR G 24 -52.55 30.45 -7.14
CA THR G 24 -51.92 31.34 -6.16
C THR G 24 -52.30 31.03 -4.75
N GLN G 25 -51.28 30.97 -3.89
CA GLN G 25 -51.49 30.70 -2.48
C GLN G 25 -52.66 31.51 -1.97
N ALA G 26 -52.70 32.77 -2.40
CA ALA G 26 -53.78 33.64 -2.00
C ALA G 26 -55.08 32.92 -2.39
N GLU G 27 -55.16 32.56 -3.66
CA GLU G 27 -56.33 31.86 -4.17
C GLU G 27 -56.71 30.68 -3.31
N GLU G 28 -55.74 29.82 -3.02
CA GLU G 28 -55.99 28.67 -2.19
C GLU G 28 -56.88 29.09 -1.04
N ARG G 29 -56.41 30.07 -0.26
CA ARG G 29 -57.20 30.57 0.85
C ARG G 29 -58.61 30.72 0.33
N GLU G 30 -58.76 31.69 -0.57
CA GLU G 30 -60.02 31.98 -1.21
C GLU G 30 -60.84 30.69 -1.25
N MET G 31 -60.55 29.85 -2.25
CA MET G 31 -61.23 28.59 -2.43
C MET G 31 -61.58 27.96 -1.10
N ILE G 32 -60.55 27.59 -0.35
CA ILE G 32 -60.78 26.98 0.94
C ILE G 32 -61.78 27.77 1.73
N GLN G 33 -61.42 28.99 2.10
CA GLN G 33 -62.29 29.85 2.88
C GLN G 33 -63.73 29.85 2.37
N LYS G 34 -63.89 29.90 1.05
CA LYS G 34 -65.20 29.90 0.43
C LYS G 34 -65.87 28.55 0.63
N GLU G 35 -65.06 27.49 0.65
CA GLU G 35 -65.58 26.15 0.84
C GLU G 35 -66.11 25.97 2.26
N CYS G 36 -65.20 25.80 3.20
CA CYS G 36 -65.59 25.60 4.59
C CYS G 36 -66.70 26.57 4.97
N ALA G 37 -66.66 27.76 4.39
CA ALA G 37 -67.69 28.75 4.68
C ALA G 37 -69.05 28.15 4.36
N ALA G 38 -69.20 27.69 3.12
CA ALA G 38 -70.46 27.10 2.66
C ALA G 38 -70.73 25.80 3.42
N ILE G 39 -69.65 25.14 3.82
CA ILE G 39 -69.76 23.90 4.55
C ILE G 39 -70.28 24.16 5.95
N ARG G 40 -69.78 25.21 6.58
CA ARG G 40 -70.26 25.54 7.90
C ARG G 40 -71.77 25.71 7.79
N SER G 41 -72.19 26.64 6.93
CA SER G 41 -73.61 26.91 6.72
C SER G 41 -74.41 25.64 6.35
N SER G 42 -73.68 24.54 6.14
CA SER G 42 -74.31 23.26 5.84
C SER G 42 -74.54 22.47 7.13
N PHE G 43 -73.76 22.80 8.16
CA PHE G 43 -73.88 22.14 9.46
C PHE G 43 -74.89 22.87 10.33
N ARG G 44 -75.13 24.13 10.00
CA ARG G 44 -76.08 24.95 10.73
C ARG G 44 -77.31 24.08 10.89
N GLU G 45 -77.67 23.46 9.78
CA GLU G 45 -78.85 22.62 9.71
C GLU G 45 -78.70 21.21 10.28
N GLU G 46 -77.47 20.76 10.51
CA GLU G 46 -77.23 19.41 11.04
C GLU G 46 -77.97 18.32 10.25
N ASP G 47 -77.75 18.31 8.94
CA ASP G 47 -78.41 17.37 8.05
C ASP G 47 -77.61 16.10 7.92
N ASN G 48 -78.19 15.04 8.46
CA ASN G 48 -77.61 13.71 8.50
C ASN G 48 -76.93 13.23 7.22
N THR G 49 -77.46 13.63 6.08
CA THR G 49 -76.87 13.24 4.80
C THR G 49 -75.88 14.30 4.38
N TYR G 50 -74.78 13.85 3.78
CA TYR G 50 -73.69 14.72 3.33
C TYR G 50 -72.76 14.93 4.52
N ARG G 51 -73.29 14.70 5.71
CA ARG G 51 -72.54 14.88 6.93
C ARG G 51 -71.16 14.26 6.72
N CYS G 52 -71.13 12.95 6.47
CA CYS G 52 -69.88 12.25 6.23
C CYS G 52 -68.95 13.00 5.27
N ARG G 53 -69.45 13.26 4.06
CA ARG G 53 -68.66 13.94 3.04
C ARG G 53 -67.81 15.06 3.61
N ASN G 54 -68.45 16.18 3.89
CA ASN G 54 -67.73 17.31 4.43
C ASN G 54 -66.67 16.91 5.44
N VAL G 55 -67.05 16.24 6.52
CA VAL G 55 -66.07 15.82 7.50
C VAL G 55 -64.80 15.43 6.78
N ALA G 56 -64.95 14.65 5.72
CA ALA G 56 -63.77 14.26 4.96
C ALA G 56 -63.15 15.52 4.46
N LYS G 57 -63.83 16.16 3.51
CA LYS G 57 -63.37 17.40 2.93
C LYS G 57 -62.51 18.04 3.99
N LEU G 58 -63.11 18.26 5.15
CA LEU G 58 -62.40 18.86 6.24
C LEU G 58 -61.07 18.13 6.41
N LEU G 59 -61.13 16.89 6.89
CA LEU G 59 -59.92 16.10 7.09
C LEU G 59 -58.83 16.55 6.15
N TYR G 60 -59.10 16.43 4.86
CA TYR G 60 -58.14 16.85 3.86
C TYR G 60 -57.71 18.25 4.25
N MET G 61 -58.64 19.19 4.12
CA MET G 61 -58.40 20.58 4.46
C MET G 61 -57.33 20.60 5.53
N HIS G 62 -57.65 20.00 6.67
CA HIS G 62 -56.72 19.93 7.78
C HIS G 62 -55.40 19.56 7.19
N MET G 63 -55.25 18.27 6.90
CA MET G 63 -54.04 17.70 6.33
C MET G 63 -53.17 18.71 5.64
N LEU G 64 -53.80 19.70 5.01
CA LEU G 64 -53.00 20.71 4.36
C LEU G 64 -52.77 21.90 5.28
N GLY G 65 -52.85 21.65 6.58
CA GLY G 65 -52.62 22.69 7.58
C GLY G 65 -53.60 23.85 7.58
N TYR G 66 -54.86 23.58 7.88
CA TYR G 66 -55.85 24.65 7.89
C TYR G 66 -56.74 24.69 9.13
N PRO G 67 -57.68 25.65 9.21
CA PRO G 67 -58.60 25.76 10.35
C PRO G 67 -59.36 24.45 10.55
N ALA G 68 -58.96 23.66 11.54
CA ALA G 68 -59.56 22.34 11.81
C ALA G 68 -60.71 22.18 12.82
N HIS G 69 -60.46 22.63 14.04
CA HIS G 69 -61.40 22.58 15.17
C HIS G 69 -62.88 22.61 14.79
N PHE G 70 -63.18 23.53 13.88
CA PHE G 70 -64.49 23.78 13.34
C PHE G 70 -65.51 22.69 13.65
N GLY G 71 -65.26 21.49 13.14
CA GLY G 71 -66.21 20.41 13.34
C GLY G 71 -65.87 19.19 14.17
N GLN G 72 -64.93 19.34 15.07
CA GLN G 72 -64.57 18.23 15.93
C GLN G 72 -65.87 17.50 16.33
N LEU G 73 -66.72 18.23 17.03
CA LEU G 73 -68.01 17.74 17.51
C LEU G 73 -68.73 16.82 16.52
N GLU G 74 -69.40 17.49 15.60
CA GLU G 74 -70.18 16.91 14.52
C GLU G 74 -69.53 15.64 14.02
N CYS G 75 -68.21 15.63 14.08
CA CYS G 75 -67.46 14.47 13.66
C CYS G 75 -68.08 13.35 14.48
N LEU G 76 -68.13 13.55 15.79
CA LEU G 76 -68.73 12.53 16.63
C LEU G 76 -70.16 12.21 16.17
N LYS G 77 -70.94 13.24 15.84
CA LYS G 77 -72.33 13.01 15.39
C LYS G 77 -72.42 12.03 14.24
N LEU G 78 -71.27 11.70 13.67
CA LEU G 78 -71.24 10.73 12.61
C LEU G 78 -71.22 9.43 13.35
N ILE G 79 -70.20 9.26 14.17
CA ILE G 79 -70.06 8.04 14.95
C ILE G 79 -71.43 7.58 15.35
N ALA G 80 -72.25 8.56 15.70
CA ALA G 80 -73.62 8.30 16.12
C ALA G 80 -74.34 7.49 15.05
N SER G 81 -74.57 8.13 13.91
CA SER G 81 -75.27 7.54 12.78
C SER G 81 -75.33 6.02 12.74
N GLN G 82 -76.35 5.50 12.09
CA GLN G 82 -76.51 4.07 11.99
C GLN G 82 -75.60 3.48 10.92
N LYS G 83 -75.73 3.94 9.68
CA LYS G 83 -74.94 3.43 8.56
C LYS G 83 -73.42 3.35 8.78
N PHE G 84 -72.88 2.13 8.68
CA PHE G 84 -71.46 1.87 8.84
C PHE G 84 -70.59 3.02 8.41
N THR G 85 -70.57 3.26 7.11
CA THR G 85 -69.76 4.33 6.54
C THR G 85 -69.57 5.49 7.50
N ASP G 86 -70.62 6.29 7.67
CA ASP G 86 -70.58 7.44 8.55
C ASP G 86 -69.71 7.13 9.77
N LYS G 87 -69.85 5.93 10.30
CA LYS G 87 -69.08 5.55 11.47
C LYS G 87 -67.59 5.46 11.17
N ARG G 88 -67.18 4.79 10.10
CA ARG G 88 -65.74 4.71 9.85
C ARG G 88 -65.17 6.09 9.52
N ILE G 89 -65.72 6.77 8.53
CA ILE G 89 -65.22 8.09 8.21
C ILE G 89 -65.12 8.80 9.54
N GLY G 90 -66.22 8.81 10.26
CA GLY G 90 -66.25 9.44 11.55
C GLY G 90 -65.02 9.06 12.34
N TYR G 91 -65.07 7.92 13.00
CA TYR G 91 -63.97 7.45 13.83
C TYR G 91 -62.64 7.99 13.36
N LEU G 92 -62.33 7.76 12.10
CA LEU G 92 -61.08 8.25 11.58
C LEU G 92 -60.91 9.69 11.99
N GLY G 93 -61.91 10.49 11.65
CA GLY G 93 -61.86 11.90 11.98
C GLY G 93 -61.54 12.13 13.44
N ALA G 94 -62.06 11.28 14.31
CA ALA G 94 -61.80 11.44 15.72
C ALA G 94 -60.31 11.45 15.94
N MET G 95 -59.70 10.28 15.76
CA MET G 95 -58.27 10.13 15.96
C MET G 95 -57.44 11.29 15.45
N LEU G 96 -57.95 12.01 14.46
CA LEU G 96 -57.23 13.14 13.92
C LEU G 96 -57.50 14.49 14.60
N LEU G 97 -58.78 14.83 14.69
CA LEU G 97 -59.22 16.12 15.22
C LEU G 97 -59.47 16.32 16.69
N LEU G 98 -59.29 15.28 17.49
CA LEU G 98 -59.60 15.42 18.91
C LEU G 98 -58.53 15.91 19.89
N ASP G 99 -58.98 16.79 20.79
CA ASP G 99 -58.21 17.34 21.89
C ASP G 99 -58.68 16.42 23.02
N GLU G 100 -57.90 16.21 24.07
CA GLU G 100 -58.37 15.25 25.07
C GLU G 100 -59.35 15.74 26.11
N ARG G 101 -60.51 16.18 25.64
CA ARG G 101 -61.54 16.62 26.55
C ARG G 101 -62.28 15.40 27.07
N GLN G 102 -62.23 15.24 28.40
CA GLN G 102 -62.88 14.12 29.06
C GLN G 102 -64.37 14.12 28.78
N ASP G 103 -64.91 15.30 28.52
CA ASP G 103 -66.32 15.48 28.23
C ASP G 103 -66.73 14.67 27.01
N VAL G 104 -66.13 15.00 25.87
CA VAL G 104 -66.43 14.30 24.63
C VAL G 104 -65.98 12.89 24.92
N HIS G 105 -64.83 12.82 25.57
CA HIS G 105 -64.22 11.58 25.96
C HIS G 105 -65.28 10.63 26.50
N LEU G 106 -66.20 11.16 27.31
CA LEU G 106 -67.28 10.32 27.84
C LEU G 106 -68.24 10.01 26.68
N LEU G 107 -68.66 11.04 25.94
CA LEU G 107 -69.56 10.82 24.80
C LEU G 107 -68.94 9.74 23.91
N MET G 108 -67.62 9.84 23.77
CA MET G 108 -66.84 8.90 23.00
C MET G 108 -67.15 7.56 23.65
N THR G 109 -66.66 7.41 24.87
CA THR G 109 -66.87 6.21 25.66
C THR G 109 -68.21 5.62 25.28
N ASN G 110 -69.25 6.42 25.48
CA ASN G 110 -70.60 6.00 25.17
C ASN G 110 -70.63 5.25 23.82
N CYS G 111 -70.56 6.00 22.74
CA CYS G 111 -70.61 5.41 21.40
C CYS G 111 -69.71 4.22 21.22
N ILE G 112 -68.56 4.22 21.89
CA ILE G 112 -67.67 3.10 21.76
C ILE G 112 -68.43 1.87 22.20
N LYS G 113 -68.86 1.86 23.45
CA LYS G 113 -69.61 0.74 24.00
C LYS G 113 -70.74 0.38 23.06
N ASN G 114 -71.67 1.32 22.89
CA ASN G 114 -72.82 1.11 22.03
C ASN G 114 -72.44 0.41 20.73
N ASP G 115 -71.25 0.71 20.24
CA ASP G 115 -70.78 0.10 19.02
C ASP G 115 -70.08 -1.22 19.31
N LEU G 116 -69.34 -1.26 20.41
CA LEU G 116 -68.64 -2.48 20.79
C LEU G 116 -69.56 -3.68 20.84
N ASN G 117 -70.84 -3.44 21.08
CA ASN G 117 -71.80 -4.53 21.12
C ASN G 117 -72.74 -4.30 19.95
N HIS G 118 -72.32 -4.75 18.77
CA HIS G 118 -73.10 -4.59 17.55
C HIS G 118 -73.29 -5.91 16.85
N SER G 119 -74.35 -6.00 16.06
CA SER G 119 -74.66 -7.21 15.32
C SER G 119 -73.56 -7.47 14.30
N THR G 120 -73.21 -6.46 13.51
CA THR G 120 -72.17 -6.60 12.51
C THR G 120 -70.86 -6.79 13.24
N GLN G 121 -69.73 -6.73 12.54
CA GLN G 121 -68.46 -6.92 13.23
C GLN G 121 -67.41 -5.87 12.96
N PHE G 122 -67.19 -5.54 11.70
CA PHE G 122 -66.19 -4.52 11.36
C PHE G 122 -66.47 -3.25 12.11
N VAL G 123 -67.72 -3.09 12.53
CA VAL G 123 -68.11 -1.91 13.29
C VAL G 123 -67.18 -2.04 14.46
N GLN G 124 -67.45 -3.09 15.24
CA GLN G 124 -66.66 -3.41 16.40
C GLN G 124 -65.20 -3.12 16.12
N GLY G 125 -64.79 -3.40 14.89
CA GLY G 125 -63.42 -3.13 14.52
C GLY G 125 -63.13 -1.69 14.85
N LEU G 126 -63.67 -0.79 14.04
CA LEU G 126 -63.47 0.63 14.27
C LEU G 126 -63.34 0.92 15.74
N ALA G 127 -64.38 0.58 16.49
CA ALA G 127 -64.36 0.82 17.92
C ALA G 127 -63.01 0.44 18.49
N LEU G 128 -62.82 -0.84 18.76
CA LEU G 128 -61.58 -1.34 19.32
C LEU G 128 -60.46 -0.44 18.91
N CYS G 129 -60.08 -0.59 17.65
CA CYS G 129 -59.02 0.19 17.04
C CYS G 129 -58.96 1.57 17.69
N THR G 130 -59.93 2.41 17.34
CA THR G 130 -60.02 3.75 17.88
C THR G 130 -59.66 3.80 19.34
N LEU G 131 -60.28 2.94 20.12
CA LEU G 131 -60.02 2.94 21.54
C LEU G 131 -58.59 2.68 21.90
N GLY G 132 -57.90 1.89 21.11
CA GLY G 132 -56.51 1.62 21.44
C GLY G 132 -55.60 2.77 21.04
N CYS G 133 -56.16 3.74 20.34
CA CYS G 133 -55.38 4.88 19.89
C CYS G 133 -55.66 6.18 20.63
N MET G 134 -56.77 6.21 21.35
CA MET G 134 -57.14 7.40 22.11
C MET G 134 -57.16 7.09 23.56
N GLY G 135 -57.78 5.96 23.87
CA GLY G 135 -57.91 5.51 25.23
C GLY G 135 -57.19 6.37 26.24
N SER G 136 -57.94 7.22 26.93
CA SER G 136 -57.31 8.02 27.95
C SER G 136 -57.71 7.30 29.22
N SER G 137 -56.88 7.44 30.23
CA SER G 137 -57.12 6.79 31.51
C SER G 137 -58.61 6.48 31.68
N GLU G 138 -59.36 7.42 32.24
CA GLU G 138 -60.79 7.25 32.48
C GLU G 138 -61.50 6.30 31.53
N MET G 139 -61.25 6.46 30.24
CA MET G 139 -61.84 5.62 29.21
C MET G 139 -61.65 4.18 29.61
N CYS G 140 -60.42 3.75 29.44
CA CYS G 140 -60.00 2.41 29.74
C CYS G 140 -60.62 2.00 31.05
N ARG G 141 -60.39 2.80 32.09
CA ARG G 141 -60.96 2.47 33.39
C ARG G 141 -62.42 2.06 33.23
N ASP G 142 -63.06 2.56 32.18
CA ASP G 142 -64.45 2.20 31.93
C ASP G 142 -64.53 0.91 31.12
N LEU G 143 -64.41 1.05 29.81
CA LEU G 143 -64.49 -0.06 28.86
C LEU G 143 -63.62 -1.25 29.16
N ALA G 144 -62.64 -1.06 30.04
CA ALA G 144 -61.72 -2.11 30.41
C ALA G 144 -62.37 -3.48 30.32
N GLY G 145 -63.23 -3.79 31.28
CA GLY G 145 -63.87 -5.09 31.26
C GLY G 145 -64.43 -5.42 29.88
N GLU G 146 -65.23 -4.52 29.34
CA GLU G 146 -65.82 -4.73 28.05
C GLU G 146 -64.79 -5.36 27.16
N VAL G 147 -63.56 -4.89 27.29
CA VAL G 147 -62.48 -5.45 26.50
C VAL G 147 -62.36 -6.93 26.77
N GLU G 148 -62.43 -7.35 28.03
CA GLU G 148 -62.31 -8.79 28.27
C GLU G 148 -63.44 -9.56 27.63
N LYS G 149 -64.67 -9.19 27.98
CA LYS G 149 -65.84 -9.86 27.42
C LYS G 149 -65.61 -10.14 25.93
N LEU G 150 -65.00 -9.18 25.25
CA LEU G 150 -64.73 -9.30 23.83
C LEU G 150 -63.47 -10.11 23.57
N LEU G 151 -62.49 -9.94 24.44
CA LEU G 151 -61.25 -10.67 24.28
C LEU G 151 -61.52 -12.15 24.11
N LYS G 152 -62.50 -12.64 24.85
CA LYS G 152 -62.83 -14.06 24.80
C LYS G 152 -63.28 -14.65 23.46
N THR G 153 -64.48 -14.26 22.99
CA THR G 153 -65.02 -14.79 21.73
C THR G 153 -64.03 -14.98 20.61
N SER G 154 -63.86 -16.25 20.26
CA SER G 154 -62.92 -16.60 19.23
C SER G 154 -63.39 -16.31 17.81
N ASN G 155 -63.05 -15.10 17.40
CA ASN G 155 -63.29 -14.65 16.05
C ASN G 155 -61.95 -13.96 15.85
N SER G 156 -60.94 -14.79 15.58
CA SER G 156 -59.59 -14.30 15.36
C SER G 156 -59.54 -12.78 15.11
N TYR G 157 -60.14 -12.30 14.02
CA TYR G 157 -60.13 -10.88 13.70
C TYR G 157 -60.25 -10.08 14.98
N LEU G 158 -61.40 -10.16 15.60
CA LEU G 158 -61.58 -9.41 16.82
C LEU G 158 -60.52 -9.66 17.86
N ARG G 159 -60.46 -10.89 18.37
CA ARG G 159 -59.50 -11.18 19.42
C ARG G 159 -58.21 -10.38 19.30
N LYS G 160 -57.47 -10.56 18.22
CA LYS G 160 -56.23 -9.81 18.08
C LYS G 160 -56.47 -8.34 18.44
N LYS G 161 -57.42 -7.71 17.76
CA LYS G 161 -57.71 -6.32 18.04
C LYS G 161 -57.79 -6.14 19.55
N ALA G 162 -58.71 -6.84 20.18
CA ALA G 162 -58.88 -6.76 21.62
C ALA G 162 -57.54 -6.74 22.33
N ALA G 163 -56.84 -7.87 22.23
CA ALA G 163 -55.54 -8.03 22.85
C ALA G 163 -54.90 -6.67 22.96
N LEU G 164 -54.45 -6.17 21.82
CA LEU G 164 -53.80 -4.87 21.81
C LEU G 164 -54.52 -3.85 22.64
N CYS G 165 -55.83 -3.74 22.46
CA CYS G 165 -56.56 -2.77 23.26
C CYS G 165 -56.11 -2.88 24.70
N ALA G 166 -56.49 -3.98 25.33
CA ALA G 166 -56.13 -4.23 26.72
C ALA G 166 -54.76 -3.64 26.99
N VAL G 167 -53.84 -3.98 26.10
CA VAL G 167 -52.49 -3.49 26.21
C VAL G 167 -52.59 -2.02 26.51
N HIS G 168 -52.82 -1.27 25.46
CA HIS G 168 -52.95 0.16 25.55
C HIS G 168 -53.54 0.52 26.90
N VAL G 169 -54.62 -0.14 27.27
CA VAL G 169 -55.25 0.14 28.55
C VAL G 169 -54.18 0.10 29.63
N ILE G 170 -53.54 -1.06 29.80
CA ILE G 170 -52.50 -1.18 30.80
C ILE G 170 -51.61 0.05 30.81
N ARG G 171 -51.03 0.33 29.65
CA ARG G 171 -50.15 1.48 29.51
C ARG G 171 -50.71 2.76 30.11
N LYS G 172 -52.01 2.97 29.98
CA LYS G 172 -52.63 4.18 30.52
C LYS G 172 -53.20 3.98 31.91
N VAL G 173 -53.31 2.73 32.33
CA VAL G 173 -53.88 2.42 33.63
C VAL G 173 -53.25 1.17 34.24
N PRO G 174 -51.94 1.23 34.51
CA PRO G 174 -51.15 0.13 35.08
C PRO G 174 -51.95 -0.76 36.01
N GLU G 175 -52.77 -0.12 36.81
CA GLU G 175 -53.58 -0.81 37.77
C GLU G 175 -54.42 -2.02 37.33
N LEU G 176 -54.85 -2.06 36.08
CA LEU G 176 -55.77 -3.15 35.69
C LEU G 176 -55.41 -4.49 35.04
N MET G 177 -54.14 -4.75 34.78
CA MET G 177 -53.79 -5.99 34.10
C MET G 177 -54.31 -7.28 34.76
N GLU G 178 -54.72 -7.14 36.03
CA GLU G 178 -55.22 -8.27 36.78
C GLU G 178 -56.21 -9.08 35.96
N MET G 179 -57.37 -8.49 35.70
CA MET G 179 -58.44 -9.14 34.94
C MET G 179 -58.03 -9.82 33.64
N PHE G 180 -56.76 -9.71 33.28
CA PHE G 180 -56.33 -10.34 32.05
C PHE G 180 -55.62 -11.64 32.27
N LEU G 181 -55.19 -11.88 33.50
CA LEU G 181 -54.61 -13.18 33.78
C LEU G 181 -55.54 -14.16 33.03
N PRO G 182 -56.87 -14.07 33.26
CA PRO G 182 -57.81 -14.98 32.58
C PRO G 182 -57.56 -15.38 31.13
N ALA G 183 -57.32 -14.42 30.23
CA ALA G 183 -57.08 -14.78 28.83
C ALA G 183 -55.78 -15.54 28.67
N THR G 184 -54.83 -15.18 29.53
CA THR G 184 -53.50 -15.74 29.51
C THR G 184 -53.26 -17.23 29.16
N LYS G 185 -53.19 -18.12 30.15
CA LYS G 185 -52.86 -19.53 29.94
C LYS G 185 -53.01 -20.22 28.58
N ASN G 186 -54.19 -20.17 27.99
CA ASN G 186 -54.39 -20.82 26.71
C ASN G 186 -53.65 -20.12 25.55
N LEU G 187 -53.91 -18.83 25.36
CA LEU G 187 -53.30 -18.05 24.26
C LEU G 187 -52.17 -18.68 23.44
N LEU G 188 -51.06 -19.05 24.09
CA LEU G 188 -49.93 -19.62 23.36
C LEU G 188 -50.11 -21.03 22.90
N ASN G 189 -51.11 -21.21 22.06
CA ASN G 189 -51.39 -22.52 21.54
C ASN G 189 -52.17 -22.24 20.28
N GLU G 190 -52.63 -20.99 20.16
CA GLU G 190 -53.38 -20.56 19.00
C GLU G 190 -52.68 -20.97 17.70
N LYS G 191 -53.40 -20.85 16.60
CA LYS G 191 -52.88 -21.24 15.30
C LYS G 191 -52.70 -20.05 14.34
N ASN G 192 -53.59 -19.05 14.40
CA ASN G 192 -53.42 -17.91 13.50
C ASN G 192 -52.34 -16.96 13.95
N HIS G 193 -51.35 -16.78 13.10
CA HIS G 193 -50.27 -15.89 13.42
C HIS G 193 -50.79 -14.62 14.04
N GLY G 194 -51.59 -13.89 13.28
CA GLY G 194 -52.15 -12.66 13.78
C GLY G 194 -52.24 -12.68 15.29
N VAL G 195 -53.29 -13.29 15.79
CA VAL G 195 -53.49 -13.36 17.22
C VAL G 195 -52.20 -13.60 17.92
N LEU G 196 -51.71 -14.82 17.77
CA LEU G 196 -50.47 -15.23 18.40
C LEU G 196 -49.61 -14.01 18.61
N HIS G 197 -49.30 -13.32 17.53
CA HIS G 197 -48.48 -12.13 17.63
C HIS G 197 -49.02 -11.21 18.72
N THR G 198 -50.17 -10.62 18.48
CA THR G 198 -50.75 -9.73 19.48
C THR G 198 -50.54 -10.40 20.81
N SER G 199 -51.21 -11.52 20.99
CA SER G 199 -51.10 -12.29 22.22
C SER G 199 -49.73 -12.09 22.82
N VAL G 200 -48.69 -12.27 22.01
CA VAL G 200 -47.34 -12.11 22.52
C VAL G 200 -47.12 -10.76 23.17
N VAL G 201 -46.97 -9.69 22.38
CA VAL G 201 -46.71 -8.38 22.98
C VAL G 201 -47.60 -8.20 24.19
N LEU G 202 -48.84 -8.66 24.09
CA LEU G 202 -49.75 -8.55 25.23
C LEU G 202 -48.95 -9.07 26.40
N LEU G 203 -48.59 -10.34 26.32
CA LEU G 203 -47.80 -10.96 27.36
C LEU G 203 -46.60 -10.08 27.66
N THR G 204 -45.83 -9.80 26.61
CA THR G 204 -44.64 -8.97 26.76
C THR G 204 -44.89 -7.80 27.70
N GLU G 205 -45.79 -6.91 27.30
CA GLU G 205 -46.11 -5.73 28.10
C GLU G 205 -46.57 -6.09 29.50
N MET G 206 -47.30 -7.19 29.61
CA MET G 206 -47.79 -7.61 30.92
C MET G 206 -46.63 -7.72 31.89
N CYS G 207 -45.61 -8.46 31.47
CA CYS G 207 -44.44 -8.68 32.30
C CYS G 207 -43.67 -7.44 32.64
N GLU G 208 -44.35 -6.57 33.39
CA GLU G 208 -43.81 -5.31 33.89
C GLU G 208 -44.26 -5.20 35.34
N ARG G 209 -44.35 -6.38 35.95
CA ARG G 209 -44.75 -6.60 37.33
C ARG G 209 -44.15 -7.93 37.70
N SER G 210 -43.01 -7.88 38.36
CA SER G 210 -42.27 -9.05 38.78
C SER G 210 -43.04 -10.37 38.96
N PRO G 211 -44.15 -10.37 39.75
CA PRO G 211 -44.94 -11.60 39.98
C PRO G 211 -45.44 -12.35 38.73
N ASP G 212 -46.13 -11.62 37.85
CA ASP G 212 -46.66 -12.22 36.63
C ASP G 212 -45.53 -13.00 35.99
N MET G 213 -44.34 -12.42 36.03
CA MET G 213 -43.20 -13.07 35.45
C MET G 213 -43.18 -14.54 35.78
N LEU G 214 -42.96 -14.88 37.05
CA LEU G 214 -42.92 -16.29 37.44
C LEU G 214 -44.07 -17.06 36.79
N ALA G 215 -45.26 -16.47 36.72
CA ALA G 215 -46.37 -17.19 36.08
C ALA G 215 -45.98 -17.62 34.66
N HIS G 216 -45.80 -16.66 33.74
CA HIS G 216 -45.43 -16.99 32.36
C HIS G 216 -44.02 -17.54 32.22
N PHE G 217 -43.13 -16.95 33.03
CA PHE G 217 -41.72 -17.31 33.12
C PHE G 217 -41.66 -18.83 32.98
N ARG G 218 -41.90 -19.49 34.09
CA ARG G 218 -41.88 -20.95 34.16
C ARG G 218 -42.83 -21.60 33.15
N LYS G 219 -43.99 -20.97 32.92
CA LYS G 219 -44.95 -21.54 32.00
C LYS G 219 -44.45 -21.52 30.54
N LEU G 220 -45.13 -20.73 29.74
CA LEU G 220 -44.89 -20.63 28.31
C LEU G 220 -43.48 -20.72 27.72
N VAL G 221 -42.41 -20.48 28.49
CA VAL G 221 -41.10 -20.55 27.87
C VAL G 221 -40.91 -21.68 26.85
N PRO G 222 -40.98 -22.96 27.28
CA PRO G 222 -40.80 -24.11 26.36
C PRO G 222 -41.65 -24.00 25.11
N GLN G 223 -42.92 -23.70 25.32
CA GLN G 223 -43.86 -23.56 24.21
C GLN G 223 -43.34 -22.52 23.21
N LEU G 224 -43.13 -21.29 23.68
CA LEU G 224 -42.62 -20.22 22.83
C LEU G 224 -41.58 -20.78 21.92
N VAL G 225 -40.65 -21.49 22.53
CA VAL G 225 -39.58 -22.11 21.80
C VAL G 225 -40.17 -22.80 20.59
N ARG G 226 -40.83 -23.94 20.83
CA ARG G 226 -41.43 -24.72 19.76
C ARG G 226 -42.00 -23.89 18.63
N ILE G 227 -42.82 -22.92 18.97
CA ILE G 227 -43.42 -22.06 17.97
C ILE G 227 -42.32 -21.50 17.11
N LEU G 228 -41.50 -20.64 17.71
CA LEU G 228 -40.39 -20.06 17.00
C LEU G 228 -39.69 -21.12 16.16
N LYS G 229 -39.12 -22.12 16.82
CA LYS G 229 -38.43 -23.20 16.14
C LYS G 229 -39.19 -23.52 14.88
N ASN G 230 -40.39 -24.06 15.07
CA ASN G 230 -41.26 -24.43 13.96
C ASN G 230 -41.08 -23.47 12.80
N LEU G 231 -41.30 -22.19 13.07
CA LEU G 231 -41.17 -21.16 12.04
C LEU G 231 -39.84 -21.26 11.35
N ILE G 232 -38.82 -20.71 11.98
CA ILE G 232 -37.48 -20.72 11.42
C ILE G 232 -37.29 -21.94 10.57
N MET G 233 -37.23 -23.07 11.25
CA MET G 233 -36.98 -24.33 10.60
C MET G 233 -37.68 -24.68 9.27
N SER G 234 -38.99 -24.47 9.07
CA SER G 234 -39.50 -24.89 7.75
C SER G 234 -40.49 -24.12 6.89
N GLY G 235 -40.58 -24.60 5.65
CA GLY G 235 -41.47 -24.10 4.62
C GLY G 235 -41.47 -22.63 4.24
N TYR G 236 -41.88 -22.39 3.01
CA TYR G 236 -42.09 -21.08 2.45
C TYR G 236 -43.59 -20.82 2.73
N SER G 237 -44.03 -19.58 2.93
CA SER G 237 -45.50 -19.35 3.26
C SER G 237 -46.20 -18.17 2.62
N PRO G 238 -46.87 -18.36 1.47
CA PRO G 238 -47.57 -17.39 0.67
C PRO G 238 -48.38 -16.46 1.46
N GLU G 239 -48.62 -16.74 2.74
CA GLU G 239 -49.35 -15.88 3.62
C GLU G 239 -48.43 -15.01 4.47
N HIS G 240 -47.28 -15.58 4.84
CA HIS G 240 -46.36 -14.91 5.74
C HIS G 240 -44.97 -14.49 5.30
N ASP G 241 -44.29 -15.32 4.51
CA ASP G 241 -42.93 -14.95 4.11
C ASP G 241 -42.76 -13.50 3.73
N VAL G 242 -41.50 -13.08 3.83
CA VAL G 242 -41.04 -11.77 3.48
C VAL G 242 -39.59 -12.08 3.16
N SER G 243 -39.34 -12.39 1.90
CA SER G 243 -38.00 -12.71 1.41
C SER G 243 -37.34 -13.95 2.02
N GLY G 244 -38.07 -15.06 2.07
CA GLY G 244 -37.49 -16.29 2.58
C GLY G 244 -37.67 -16.75 4.01
N ILE G 245 -38.34 -15.94 4.83
CA ILE G 245 -38.53 -16.35 6.20
C ILE G 245 -39.96 -16.09 6.61
N SER G 246 -40.42 -16.82 7.61
CA SER G 246 -41.79 -16.68 8.08
C SER G 246 -41.95 -15.61 9.15
N ASP G 247 -43.04 -14.87 9.04
CA ASP G 247 -43.36 -13.83 9.99
C ASP G 247 -42.29 -13.21 10.83
N PRO G 248 -41.22 -12.73 10.19
CA PRO G 248 -40.13 -12.11 10.93
C PRO G 248 -40.73 -11.49 12.18
N PHE G 249 -41.64 -10.55 11.99
CA PHE G 249 -42.30 -9.90 13.12
C PHE G 249 -42.49 -10.91 14.22
N LEU G 250 -43.44 -11.80 13.99
CA LEU G 250 -43.71 -12.82 14.96
C LEU G 250 -42.40 -13.26 15.57
N GLN G 251 -41.49 -13.74 14.72
CA GLN G 251 -40.19 -14.19 15.19
C GLN G 251 -39.55 -13.17 16.11
N VAL G 252 -39.42 -11.93 15.67
CA VAL G 252 -38.82 -10.95 16.53
C VAL G 252 -39.52 -10.90 17.86
N ARG G 253 -40.66 -10.22 17.90
CA ARG G 253 -41.44 -10.09 19.13
C ARG G 253 -41.25 -11.29 20.04
N ILE G 254 -41.35 -12.48 19.46
CA ILE G 254 -41.14 -13.68 20.24
C ILE G 254 -39.86 -13.43 21.00
N LEU G 255 -38.75 -13.49 20.27
CA LEU G 255 -37.44 -13.28 20.85
C LEU G 255 -37.52 -12.29 21.98
N ARG G 256 -37.94 -11.07 21.65
CA ARG G 256 -38.07 -10.03 22.65
C ARG G 256 -38.59 -10.66 23.93
N LEU G 257 -39.83 -11.13 23.88
CA LEU G 257 -40.44 -11.72 25.06
C LEU G 257 -39.55 -12.74 25.74
N LEU G 258 -38.96 -13.65 24.96
CA LEU G 258 -38.08 -14.67 25.54
C LEU G 258 -37.07 -13.91 26.34
N ARG G 259 -36.45 -12.97 25.65
CA ARG G 259 -35.45 -12.12 26.25
C ARG G 259 -35.92 -11.67 27.61
N ILE G 260 -36.83 -10.71 27.62
CA ILE G 260 -37.34 -10.15 28.86
C ILE G 260 -37.60 -11.14 29.98
N LEU G 261 -38.16 -12.30 29.65
CA LEU G 261 -38.46 -13.31 30.65
C LEU G 261 -37.21 -13.85 31.34
N GLY G 262 -36.25 -14.28 30.53
CA GLY G 262 -35.03 -14.82 31.09
C GLY G 262 -34.11 -13.75 31.61
N ARG G 263 -34.67 -12.58 31.91
CA ARG G 263 -33.89 -11.45 32.41
C ARG G 263 -32.71 -11.93 33.25
N ASN G 264 -32.97 -12.19 34.53
CA ASN G 264 -31.92 -12.68 35.43
C ASN G 264 -32.41 -14.00 35.97
N ASP G 265 -31.87 -15.08 35.44
CA ASP G 265 -32.28 -16.39 35.90
C ASP G 265 -31.54 -17.43 35.13
N ASP G 266 -31.26 -18.55 35.79
CA ASP G 266 -30.56 -19.63 35.16
C ASP G 266 -31.57 -20.52 34.43
N ASP G 267 -32.49 -21.11 35.18
CA ASP G 267 -33.52 -21.98 34.60
C ASP G 267 -33.97 -21.53 33.21
N SER G 268 -34.67 -20.40 33.14
CA SER G 268 -35.11 -19.85 31.88
C SER G 268 -34.02 -19.94 30.82
N SER G 269 -33.02 -19.07 30.96
CA SER G 269 -31.89 -18.98 30.05
C SER G 269 -31.39 -20.36 29.65
N GLU G 270 -30.82 -21.05 30.62
CA GLU G 270 -30.29 -22.39 30.45
C GLU G 270 -31.22 -23.20 29.53
N ALA G 271 -32.50 -22.82 29.50
CA ALA G 271 -33.51 -23.51 28.67
C ALA G 271 -33.74 -22.84 27.33
N MET G 272 -33.07 -21.72 27.12
CA MET G 272 -33.22 -21.01 25.87
C MET G 272 -32.01 -21.11 24.96
N ASN G 273 -30.82 -20.95 25.53
CA ASN G 273 -29.61 -20.94 24.73
C ASN G 273 -29.59 -21.88 23.53
N ASP G 274 -30.39 -22.94 23.55
CA ASP G 274 -30.43 -23.86 22.41
C ASP G 274 -31.13 -23.22 21.22
N ILE G 275 -32.42 -22.96 21.37
CA ILE G 275 -33.15 -22.35 20.28
C ILE G 275 -32.37 -21.17 19.76
N LEU G 276 -31.87 -20.35 20.66
CA LEU G 276 -31.09 -19.19 20.24
C LEU G 276 -30.03 -19.60 19.25
N ALA G 277 -29.00 -20.29 19.74
CA ALA G 277 -27.92 -20.73 18.89
C ALA G 277 -28.43 -21.10 17.51
N GLN G 278 -29.41 -22.00 17.48
CA GLN G 278 -29.96 -22.42 16.20
C GLN G 278 -30.34 -21.20 15.37
N VAL G 279 -31.20 -20.36 15.94
CA VAL G 279 -31.64 -19.15 15.28
C VAL G 279 -30.49 -18.48 14.59
N ALA G 280 -29.34 -18.50 15.25
CA ALA G 280 -28.14 -17.89 14.71
C ALA G 280 -27.63 -18.63 13.49
N THR G 281 -27.21 -19.85 13.73
CA THR G 281 -26.67 -20.69 12.69
C THR G 281 -27.63 -20.87 11.51
N ASN G 282 -28.88 -21.20 11.82
CA ASN G 282 -29.89 -21.48 10.78
C ASN G 282 -30.58 -20.33 9.99
N THR G 283 -30.16 -19.07 10.16
CA THR G 283 -30.81 -17.99 9.42
C THR G 283 -30.02 -17.42 8.24
N GLU G 284 -30.72 -16.79 7.29
CA GLU G 284 -30.16 -16.22 6.05
C GLU G 284 -29.60 -14.81 6.13
N THR G 285 -28.32 -14.67 5.83
CA THR G 285 -27.69 -13.37 5.91
C THR G 285 -27.97 -12.54 4.65
N SER G 286 -28.66 -13.15 3.69
CA SER G 286 -28.97 -12.49 2.44
C SER G 286 -29.23 -11.00 2.59
N LYS G 287 -30.50 -10.65 2.82
CA LYS G 287 -30.85 -9.27 2.95
C LYS G 287 -31.59 -8.88 4.22
N ASN G 288 -31.24 -7.68 4.68
CA ASN G 288 -31.76 -7.06 5.90
C ASN G 288 -32.76 -7.89 6.68
N VAL G 289 -33.94 -8.12 6.12
CA VAL G 289 -34.95 -8.90 6.81
C VAL G 289 -34.28 -9.81 7.80
N GLY G 290 -33.63 -10.84 7.28
CA GLY G 290 -32.95 -11.77 8.14
C GLY G 290 -32.17 -11.02 9.20
N ASN G 291 -31.13 -10.33 8.77
CA ASN G 291 -30.31 -9.60 9.70
C ASN G 291 -31.19 -9.02 10.78
N ALA G 292 -32.32 -8.43 10.42
CA ALA G 292 -33.22 -7.88 11.44
C ALA G 292 -33.40 -8.95 12.49
N ILE G 293 -33.83 -10.12 12.03
CA ILE G 293 -34.02 -11.25 12.92
C ILE G 293 -32.85 -11.29 13.86
N LEU G 294 -31.66 -11.48 13.31
CA LEU G 294 -30.48 -11.55 14.14
C LEU G 294 -30.36 -10.39 15.10
N TYR G 295 -30.33 -9.17 14.58
CA TYR G 295 -30.19 -8.01 15.45
C TYR G 295 -30.92 -8.29 16.74
N GLU G 296 -32.21 -8.58 16.65
CA GLU G 296 -32.97 -8.84 17.87
C GLU G 296 -32.41 -10.00 18.68
N THR G 297 -32.33 -11.17 18.06
CA THR G 297 -31.81 -12.35 18.73
C THR G 297 -30.59 -12.01 19.54
N VAL G 298 -29.68 -11.25 18.94
CA VAL G 298 -28.50 -10.89 19.67
C VAL G 298 -28.86 -10.17 20.96
N LEU G 299 -29.46 -8.98 20.85
CA LEU G 299 -29.82 -8.22 22.05
C LEU G 299 -30.32 -9.17 23.14
N THR G 300 -31.28 -10.01 22.78
CA THR G 300 -31.84 -10.97 23.72
C THR G 300 -30.72 -11.81 24.30
N ILE G 301 -30.00 -12.49 23.43
CA ILE G 301 -28.91 -13.33 23.85
C ILE G 301 -27.99 -12.62 24.84
N MET G 302 -27.94 -11.30 24.77
CA MET G 302 -27.07 -10.52 25.66
C MET G 302 -27.53 -10.26 27.08
N ASP G 303 -28.75 -9.76 27.21
CA ASP G 303 -29.26 -9.49 28.55
C ASP G 303 -29.41 -10.77 29.37
N ILE G 304 -29.36 -11.94 28.75
CA ILE G 304 -29.52 -13.15 29.54
C ILE G 304 -28.30 -14.03 29.77
N LYS G 305 -28.22 -14.59 30.98
CA LYS G 305 -27.13 -15.47 31.36
C LYS G 305 -27.03 -16.60 30.33
N SER G 306 -25.81 -17.03 30.01
CA SER G 306 -25.62 -18.08 29.01
C SER G 306 -24.16 -18.50 28.80
N GLU G 307 -23.95 -19.75 28.36
CA GLU G 307 -22.59 -20.26 28.16
C GLU G 307 -21.68 -19.23 27.52
N SER G 308 -20.48 -19.11 28.07
CA SER G 308 -19.50 -18.17 27.57
C SER G 308 -19.36 -18.35 26.06
N GLY G 309 -19.39 -19.60 25.60
CA GLY G 309 -19.25 -19.89 24.19
C GLY G 309 -20.32 -19.27 23.30
N LEU G 310 -21.55 -19.25 23.80
CA LEU G 310 -22.68 -18.67 23.07
C LEU G 310 -22.53 -17.19 22.94
N ARG G 311 -22.38 -16.52 24.08
CA ARG G 311 -22.23 -15.09 24.05
C ARG G 311 -21.19 -14.77 22.99
N VAL G 312 -20.08 -15.50 23.03
CA VAL G 312 -19.01 -15.29 22.05
C VAL G 312 -19.60 -15.24 20.65
N LEU G 313 -20.35 -16.26 20.26
CA LEU G 313 -20.93 -16.28 18.94
C LEU G 313 -21.62 -14.94 18.66
N ALA G 314 -22.58 -14.60 19.51
CA ALA G 314 -23.33 -13.36 19.38
C ALA G 314 -22.45 -12.25 18.85
N ILE G 315 -21.45 -11.91 19.65
CA ILE G 315 -20.52 -10.87 19.27
C ILE G 315 -20.01 -11.09 17.86
N ASN G 316 -19.23 -12.14 17.70
CA ASN G 316 -18.66 -12.46 16.40
C ASN G 316 -19.70 -12.23 15.31
N ILE G 317 -20.97 -12.32 15.69
CA ILE G 317 -22.04 -12.09 14.73
C ILE G 317 -22.13 -10.64 14.34
N LEU G 318 -22.11 -9.76 15.33
CA LEU G 318 -22.19 -8.36 15.00
C LEU G 318 -21.04 -8.01 14.08
N GLY G 319 -19.83 -8.44 14.46
CA GLY G 319 -18.68 -8.15 13.64
C GLY G 319 -19.07 -8.46 12.23
N ARG G 320 -19.58 -9.68 12.06
CA ARG G 320 -20.02 -10.14 10.77
C ARG G 320 -20.85 -9.04 10.11
N PHE G 321 -21.56 -8.26 10.91
CA PHE G 321 -22.36 -7.18 10.35
C PHE G 321 -21.43 -6.16 9.75
N LEU G 322 -20.72 -5.47 10.64
CA LEU G 322 -19.80 -4.42 10.24
C LEU G 322 -19.34 -4.56 8.82
N LEU G 323 -18.86 -5.75 8.49
CA LEU G 323 -18.35 -5.97 7.15
C LEU G 323 -19.40 -6.07 6.04
N ASN G 324 -20.65 -5.70 6.32
CA ASN G 324 -21.72 -5.79 5.32
C ASN G 324 -21.72 -4.64 4.32
N ASN G 325 -21.90 -4.94 3.03
CA ASN G 325 -21.87 -3.90 2.01
C ASN G 325 -22.56 -2.58 2.41
N ASP G 326 -23.83 -2.69 2.81
CA ASP G 326 -24.70 -1.55 3.17
C ASP G 326 -24.75 -0.92 4.55
N LYS G 327 -24.71 0.41 4.57
CA LYS G 327 -24.79 1.21 5.79
C LYS G 327 -25.85 0.60 6.70
N ASN G 328 -26.95 1.30 6.92
CA ASN G 328 -27.95 0.74 7.82
C ASN G 328 -27.27 -0.25 8.75
N ILE G 329 -27.58 -1.54 8.61
CA ILE G 329 -27.00 -2.58 9.45
C ILE G 329 -25.85 -2.07 10.31
N ARG G 330 -24.73 -1.82 9.68
CA ARG G 330 -23.57 -1.32 10.38
C ARG G 330 -23.92 -0.43 11.56
N TYR G 331 -24.85 0.49 11.39
CA TYR G 331 -25.20 1.39 12.49
C TYR G 331 -25.44 0.64 13.79
N VAL G 332 -26.62 0.05 13.94
CA VAL G 332 -26.92 -0.69 15.16
C VAL G 332 -25.70 -1.48 15.55
N ALA G 333 -25.13 -2.16 14.55
CA ALA G 333 -23.96 -2.97 14.79
C ALA G 333 -23.09 -2.31 15.85
N LEU G 334 -22.69 -1.09 15.57
CA LEU G 334 -21.88 -0.37 16.52
C LEU G 334 -22.66 -0.13 17.79
N THR G 335 -23.75 0.66 17.69
CA THR G 335 -24.59 0.99 18.84
C THR G 335 -24.56 -0.07 19.96
N SER G 336 -25.29 -1.15 19.74
CA SER G 336 -25.34 -2.23 20.69
C SER G 336 -23.91 -2.54 21.14
N LEU G 337 -23.03 -2.74 20.16
CA LEU G 337 -21.66 -3.07 20.50
C LEU G 337 -21.18 -2.33 21.76
N LEU G 338 -21.38 -1.03 21.84
CA LEU G 338 -20.95 -0.27 23.02
C LEU G 338 -21.59 -0.77 24.30
N LYS G 339 -22.92 -0.77 24.31
CA LYS G 339 -23.68 -1.24 25.48
C LYS G 339 -23.06 -2.51 26.09
N THR G 340 -22.30 -3.27 25.31
CA THR G 340 -21.69 -4.52 25.83
C THR G 340 -20.18 -4.50 26.08
N VAL G 341 -19.48 -3.51 25.52
CA VAL G 341 -18.04 -3.39 25.69
C VAL G 341 -17.69 -3.35 27.16
N GLN G 342 -18.52 -2.68 27.94
CA GLN G 342 -18.24 -2.61 29.38
C GLN G 342 -18.46 -3.96 30.06
N THR G 343 -19.06 -4.89 29.33
CA THR G 343 -19.34 -6.24 29.85
C THR G 343 -18.46 -7.34 29.26
N ASP G 344 -18.55 -7.52 27.95
CA ASP G 344 -17.82 -8.57 27.27
C ASP G 344 -16.54 -8.13 26.56
N HIS G 345 -15.88 -7.19 27.21
CA HIS G 345 -14.63 -6.58 26.78
C HIS G 345 -13.73 -7.54 26.02
N ASN G 346 -13.04 -8.38 26.79
CA ASN G 346 -12.12 -9.36 26.24
C ASN G 346 -12.66 -10.04 24.99
N ALA G 347 -13.98 -10.14 24.90
CA ALA G 347 -14.61 -10.80 23.76
C ALA G 347 -14.69 -9.97 22.48
N VAL G 348 -15.15 -8.74 22.60
CA VAL G 348 -15.30 -7.87 21.45
C VAL G 348 -13.99 -7.53 20.78
N GLN G 349 -12.96 -7.32 21.59
CA GLN G 349 -11.64 -6.97 21.06
C GLN G 349 -11.29 -7.63 19.73
N ARG G 350 -11.71 -8.88 19.60
CA ARG G 350 -11.48 -9.66 18.39
C ARG G 350 -11.90 -8.98 17.11
N HIS G 351 -12.25 -7.70 17.16
CA HIS G 351 -12.71 -7.04 15.95
C HIS G 351 -12.29 -5.61 15.77
N ARG G 352 -11.79 -4.99 16.83
CA ARG G 352 -11.40 -3.60 16.72
C ARG G 352 -10.84 -3.30 15.35
N SER G 353 -9.81 -4.05 14.95
CA SER G 353 -9.16 -3.86 13.66
C SER G 353 -10.15 -3.36 12.61
N THR G 354 -11.25 -4.10 12.45
CA THR G 354 -12.27 -3.72 11.47
C THR G 354 -13.05 -2.50 11.95
N ILE G 355 -13.37 -2.46 13.24
CA ILE G 355 -14.09 -1.31 13.76
C ILE G 355 -13.48 0.00 13.33
N VAL G 356 -12.36 0.36 13.95
CA VAL G 356 -11.69 1.60 13.62
C VAL G 356 -11.63 1.71 12.11
N ASP G 357 -11.49 0.59 11.44
CA ASP G 357 -11.45 0.61 9.98
C ASP G 357 -12.68 1.36 9.45
N CYS G 358 -13.72 1.48 10.27
CA CYS G 358 -14.95 2.18 9.85
C CYS G 358 -14.83 3.68 9.77
N LEU G 359 -13.99 4.23 10.63
CA LEU G 359 -13.78 5.67 10.67
C LEU G 359 -13.71 6.21 9.26
N LYS G 360 -13.27 5.34 8.35
CA LYS G 360 -13.15 5.69 6.95
C LYS G 360 -14.53 5.79 6.27
N ASP G 361 -15.61 5.70 7.03
CA ASP G 361 -16.91 5.77 6.41
C ASP G 361 -17.41 7.17 6.13
N LEU G 362 -18.36 7.26 5.22
CA LEU G 362 -18.92 8.54 4.81
C LEU G 362 -20.19 8.95 5.57
N ASP G 363 -20.42 8.42 6.76
CA ASP G 363 -21.61 8.82 7.52
C ASP G 363 -21.30 9.17 8.96
N VAL G 364 -21.48 10.45 9.28
CA VAL G 364 -21.21 10.98 10.61
C VAL G 364 -21.51 10.01 11.77
N SER G 365 -22.79 9.68 11.95
CA SER G 365 -23.21 8.77 13.02
C SER G 365 -22.19 7.65 13.18
N ILE G 366 -22.07 6.84 12.13
CA ILE G 366 -21.14 5.73 12.13
C ILE G 366 -19.84 6.22 12.70
N LYS G 367 -19.25 7.16 11.97
CA LYS G 367 -18.01 7.75 12.39
C LYS G 367 -17.99 7.80 13.90
N ARG G 368 -18.67 8.80 14.45
CA ARG G 368 -18.68 8.98 15.89
C ARG G 368 -18.69 7.65 16.59
N ARG G 369 -19.86 7.03 16.71
CA ARG G 369 -19.93 5.76 17.38
C ARG G 369 -18.62 5.03 17.18
N ALA G 370 -18.29 4.73 15.93
CA ALA G 370 -17.04 4.04 15.67
C ALA G 370 -16.04 4.57 16.67
N MET G 371 -15.69 5.84 16.50
CA MET G 371 -14.75 6.48 17.38
C MET G 371 -15.01 6.14 18.84
N GLU G 372 -16.07 6.73 19.39
CA GLU G 372 -16.42 6.50 20.79
C GLU G 372 -15.92 5.13 21.22
N LEU G 373 -16.56 4.12 20.67
CA LEU G 373 -16.20 2.74 20.96
C LEU G 373 -14.68 2.56 20.86
N SER G 374 -14.21 2.41 19.64
CA SER G 374 -12.80 2.20 19.37
C SER G 374 -12.04 2.71 20.56
N PHE G 375 -12.16 4.00 20.79
CA PHE G 375 -11.49 4.58 21.92
C PHE G 375 -11.53 3.63 23.08
N ALA G 376 -12.72 3.51 23.65
CA ALA G 376 -12.95 2.64 24.79
C ALA G 376 -12.16 1.34 24.79
N LEU G 377 -11.88 0.80 23.61
CA LEU G 377 -11.15 -0.46 23.57
C LEU G 377 -9.68 -0.32 23.76
N VAL G 378 -9.20 0.91 23.80
CA VAL G 378 -7.79 1.12 23.99
C VAL G 378 -7.33 0.38 25.22
N ASN G 379 -6.40 -0.53 25.03
CA ASN G 379 -5.90 -1.28 26.16
C ASN G 379 -4.54 -0.76 26.54
N GLY G 380 -3.68 -1.67 26.98
CA GLY G 380 -2.34 -1.28 27.35
C GLY G 380 -1.54 -1.62 26.13
N ASN G 381 -1.31 -2.92 25.95
CA ASN G 381 -0.55 -3.43 24.82
C ASN G 381 -1.13 -2.95 23.49
N ASN G 382 -2.21 -2.19 23.56
CA ASN G 382 -2.86 -1.72 22.36
C ASN G 382 -2.34 -0.40 21.81
N ILE G 383 -2.66 0.64 22.57
CA ILE G 383 -2.27 2.01 22.28
C ILE G 383 -1.46 2.26 21.03
N ARG G 384 -0.17 1.96 21.09
CA ARG G 384 0.70 2.19 19.95
C ARG G 384 -0.04 2.10 18.63
N GLY G 385 -0.48 0.89 18.28
CA GLY G 385 -1.18 0.73 17.03
C GLY G 385 -2.30 1.71 16.84
N MET G 386 -3.44 1.39 17.46
CA MET G 386 -4.63 2.22 17.35
C MET G 386 -4.30 3.71 17.28
N MET G 387 -3.42 4.19 18.16
CA MET G 387 -3.07 5.60 18.12
C MET G 387 -2.64 5.99 16.71
N LYS G 388 -1.62 5.32 16.21
CA LYS G 388 -1.10 5.58 14.86
C LYS G 388 -2.29 5.78 13.91
N GLU G 389 -3.34 4.99 14.11
CA GLU G 389 -4.52 5.12 13.24
C GLU G 389 -5.38 6.31 13.62
N LEU G 390 -5.61 6.49 14.92
CA LEU G 390 -6.41 7.60 15.41
C LEU G 390 -5.81 8.87 14.87
N LEU G 391 -4.50 8.97 14.99
CA LEU G 391 -3.81 10.13 14.52
C LEU G 391 -4.11 10.36 13.04
N TYR G 392 -3.80 9.38 12.17
CA TYR G 392 -4.08 9.56 10.73
C TYR G 392 -5.47 10.21 10.61
N PHE G 393 -6.41 9.51 11.23
CA PHE G 393 -7.80 9.93 11.26
C PHE G 393 -7.89 11.42 11.58
N LEU G 394 -7.64 11.73 12.86
CA LEU G 394 -7.70 13.09 13.39
C LEU G 394 -7.27 14.16 12.40
N ASP G 395 -6.09 13.96 11.82
CA ASP G 395 -5.53 14.90 10.86
C ASP G 395 -6.48 15.30 9.76
N SER G 396 -7.12 14.33 9.11
CA SER G 396 -8.03 14.72 8.02
C SER G 396 -9.48 14.96 8.45
N CYS G 397 -9.82 14.59 9.68
CA CYS G 397 -11.17 14.75 10.20
C CYS G 397 -11.89 16.04 9.93
N GLU G 398 -13.19 16.00 10.17
CA GLU G 398 -13.99 17.19 10.00
C GLU G 398 -14.05 17.90 11.35
N PRO G 399 -14.18 19.23 11.33
CA PRO G 399 -14.24 20.08 12.53
C PRO G 399 -14.91 19.40 13.72
N GLU G 400 -16.23 19.28 13.61
CA GLU G 400 -17.08 18.66 14.60
C GLU G 400 -16.28 17.72 15.47
N PHE G 401 -15.76 16.70 14.80
CA PHE G 401 -14.98 15.70 15.47
C PHE G 401 -13.69 16.15 16.08
N LYS G 402 -12.78 16.65 15.25
CA LYS G 402 -11.51 17.09 15.78
C LYS G 402 -11.62 17.44 17.25
N ALA G 403 -12.36 18.50 17.54
CA ALA G 403 -12.51 18.91 18.91
C ALA G 403 -12.60 17.71 19.84
N ASP G 404 -13.69 16.96 19.73
CA ASP G 404 -13.84 15.83 20.63
C ASP G 404 -12.67 14.83 20.67
N CYS G 405 -12.12 14.48 19.52
CA CYS G 405 -11.03 13.51 19.52
C CYS G 405 -9.86 13.91 20.33
N ALA G 406 -9.45 15.15 20.14
CA ALA G 406 -8.34 15.65 20.88
C ALA G 406 -8.56 15.08 22.25
N SER G 407 -9.62 15.57 22.89
CA SER G 407 -9.94 15.13 24.24
C SER G 407 -9.66 13.65 24.38
N GLY G 408 -10.17 12.87 23.44
CA GLY G 408 -9.96 11.44 23.48
C GLY G 408 -8.52 11.01 23.55
N ILE G 409 -7.76 11.27 22.49
CA ILE G 409 -6.38 10.87 22.46
C ILE G 409 -5.73 11.24 23.78
N PHE G 410 -5.70 12.53 24.07
CA PHE G 410 -5.10 12.96 25.31
C PHE G 410 -5.33 11.87 26.32
N LEU G 411 -6.59 11.62 26.66
CA LEU G 411 -6.88 10.57 27.64
C LEU G 411 -5.98 9.38 27.46
N ALA G 412 -6.16 8.68 26.35
CA ALA G 412 -5.36 7.50 26.07
C ALA G 412 -3.96 7.67 26.63
N ALA G 413 -3.21 8.56 26.02
CA ALA G 413 -1.85 8.83 26.44
C ALA G 413 -1.75 9.07 27.93
N GLU G 414 -2.60 9.96 28.43
CA GLU G 414 -2.59 10.28 29.87
C GLU G 414 -2.72 9.03 30.72
N LYS G 415 -3.54 8.07 30.28
CA LYS G 415 -3.70 6.84 31.03
C LYS G 415 -2.75 5.82 30.45
N TYR G 416 -3.31 4.81 29.80
CA TYR G 416 -2.49 3.78 29.19
C TYR G 416 -1.46 4.52 28.31
N ALA G 417 -0.16 4.37 28.57
CA ALA G 417 0.86 5.04 27.76
C ALA G 417 2.23 4.48 27.99
N PRO G 418 2.99 4.27 26.90
CA PRO G 418 4.35 3.72 26.96
C PRO G 418 5.43 4.73 27.37
N SER G 419 6.15 5.25 26.38
CA SER G 419 7.24 6.20 26.60
C SER G 419 6.85 7.67 26.58
N LYS G 420 7.66 8.51 27.20
CA LYS G 420 7.34 9.92 27.21
C LYS G 420 7.47 10.34 25.77
N ARG G 421 8.63 10.02 25.20
CA ARG G 421 8.91 10.38 23.80
C ARG G 421 7.66 10.20 22.98
N TRP G 422 7.02 9.06 23.16
CA TRP G 422 5.82 8.80 22.42
C TRP G 422 4.78 9.80 22.92
N HIS G 423 4.42 9.67 24.18
CA HIS G 423 3.43 10.57 24.77
C HIS G 423 3.56 11.94 24.15
N ILE G 424 4.70 12.58 24.42
CA ILE G 424 4.95 13.88 23.86
C ILE G 424 4.65 13.81 22.39
N ASP G 425 5.53 13.12 21.67
CA ASP G 425 5.42 12.93 20.24
C ASP G 425 3.96 12.94 19.80
N THR G 426 3.14 12.14 20.45
CA THR G 426 1.75 12.11 20.07
C THR G 426 1.08 13.41 20.45
N ILE G 427 1.06 13.75 21.73
CA ILE G 427 0.42 15.01 22.09
C ILE G 427 0.82 16.06 21.10
N MET G 428 2.11 16.32 20.97
CA MET G 428 2.55 17.33 20.03
C MET G 428 1.77 17.11 18.76
N ARG G 429 2.01 15.95 18.18
CA ARG G 429 1.36 15.54 16.96
C ARG G 429 -0.05 16.10 16.88
N VAL G 430 -0.86 15.82 17.89
CA VAL G 430 -2.23 16.31 17.87
C VAL G 430 -2.25 17.81 17.71
N LEU G 431 -1.51 18.50 18.59
CA LEU G 431 -1.44 19.94 18.51
C LEU G 431 -1.31 20.26 17.04
N THR G 432 -0.19 19.82 16.48
CA THR G 432 0.13 20.03 15.09
C THR G 432 -1.12 20.09 14.21
N THR G 433 -2.11 19.25 14.49
CA THR G 433 -3.31 19.24 13.64
C THR G 433 -4.61 19.88 14.10
N ALA G 434 -4.90 19.80 15.39
CA ALA G 434 -6.12 20.37 15.92
C ALA G 434 -5.91 21.69 16.65
N GLY G 435 -4.92 21.68 17.54
CA GLY G 435 -4.59 22.85 18.32
C GLY G 435 -5.72 23.85 18.43
N SER G 436 -5.89 24.65 17.37
CA SER G 436 -6.95 25.64 17.35
C SER G 436 -8.23 25.13 18.02
N TYR G 437 -8.33 23.80 18.16
CA TYR G 437 -9.51 23.21 18.79
C TYR G 437 -9.26 22.69 20.20
N VAL G 438 -8.01 22.35 20.50
CA VAL G 438 -7.71 21.81 21.82
C VAL G 438 -8.15 22.72 22.95
N ARG G 439 -8.44 22.12 24.09
CA ARG G 439 -8.87 22.89 25.25
C ARG G 439 -7.81 23.88 25.67
N ASP G 440 -7.90 24.32 26.92
CA ASP G 440 -6.97 25.31 27.40
C ASP G 440 -5.76 24.81 28.17
N ASP G 441 -5.96 23.87 29.08
CA ASP G 441 -4.86 23.34 29.88
C ASP G 441 -3.68 22.72 29.12
N ALA G 442 -3.86 22.47 27.83
CA ALA G 442 -2.79 21.87 27.04
C ALA G 442 -1.44 22.52 27.28
N VAL G 443 -1.26 23.72 26.77
CA VAL G 443 -0.01 24.43 26.93
C VAL G 443 0.74 24.00 28.17
N PRO G 444 0.17 24.26 29.35
CA PRO G 444 0.87 23.84 30.58
C PRO G 444 1.05 22.33 30.63
N ASN G 445 -0.05 21.62 30.38
CA ASN G 445 -0.03 20.16 30.37
C ASN G 445 1.30 19.68 29.79
N LEU G 446 1.36 19.66 28.47
CA LEU G 446 2.53 19.21 27.74
C LEU G 446 3.85 19.69 28.30
N ILE G 447 3.97 20.99 28.57
CA ILE G 447 5.24 21.45 29.12
C ILE G 447 5.57 20.66 30.38
N GLN G 448 4.61 20.62 31.30
CA GLN G 448 4.78 19.90 32.54
C GLN G 448 5.33 18.50 32.27
N LEU G 449 4.86 17.88 31.20
CA LEU G 449 5.34 16.54 30.83
C LEU G 449 6.82 16.62 30.48
N ILE G 450 7.15 17.54 29.59
CA ILE G 450 8.52 17.73 29.17
C ILE G 450 9.43 17.95 30.34
N THR G 451 9.19 19.03 31.06
CA THR G 451 9.99 19.35 32.23
C THR G 451 10.18 18.12 33.12
N ASN G 452 9.09 17.58 33.67
CA ASN G 452 9.17 16.41 34.54
C ASN G 452 10.15 15.32 34.11
N SER G 453 10.00 14.83 32.88
CA SER G 453 10.90 13.80 32.38
C SER G 453 12.08 14.48 31.71
N VAL G 454 13.20 14.39 32.41
CA VAL G 454 14.47 15.04 32.07
C VAL G 454 15.34 14.54 30.92
N GLU G 455 14.88 13.62 30.11
CA GLU G 455 15.76 13.15 29.06
C GLU G 455 15.50 13.77 27.71
N MET G 456 14.31 13.52 27.18
CA MET G 456 13.91 14.02 25.86
C MET G 456 14.03 15.51 25.70
N HIS G 457 14.46 16.19 26.75
CA HIS G 457 14.62 17.63 26.67
C HIS G 457 15.11 17.92 25.25
N ALA G 458 16.18 17.26 24.86
CA ALA G 458 16.71 17.45 23.51
C ALA G 458 15.62 17.10 22.48
N TYR G 459 15.45 15.80 22.20
CA TYR G 459 14.49 15.26 21.23
C TYR G 459 13.33 16.21 21.03
N THR G 460 12.94 16.84 22.12
CA THR G 460 11.83 17.77 22.11
C THR G 460 12.15 19.09 21.43
N VAL G 461 12.95 19.94 22.07
CA VAL G 461 13.25 21.23 21.46
C VAL G 461 13.52 20.94 20.00
N GLN G 462 14.21 19.84 19.78
CA GLN G 462 14.55 19.41 18.44
C GLN G 462 13.28 19.46 17.59
N ARG G 463 12.53 18.35 17.59
CA ARG G 463 11.30 18.27 16.83
C ARG G 463 10.51 19.56 16.93
N LEU G 464 10.37 20.07 18.16
CA LEU G 464 9.64 21.31 18.37
C LEU G 464 10.13 22.24 17.29
N TYR G 465 11.44 22.48 17.27
CA TYR G 465 12.03 23.35 16.27
C TYR G 465 11.50 23.00 14.88
N LYS G 466 11.88 21.84 14.34
CA LYS G 466 11.43 21.42 12.99
C LYS G 466 10.01 21.89 12.67
N ALA G 467 9.06 21.37 13.46
CA ALA G 467 7.65 21.70 13.29
C ALA G 467 7.42 23.19 13.08
N ILE G 468 7.90 23.98 14.03
CA ILE G 468 7.74 25.42 13.97
C ILE G 468 8.35 26.08 12.73
N LEU G 469 9.42 25.50 12.19
CA LEU G 469 10.08 26.06 11.00
C LEU G 469 9.13 26.20 9.82
N GLY G 470 8.48 25.11 9.47
CA GLY G 470 7.54 25.18 8.36
C GLY G 470 6.27 25.91 8.77
N ASP G 471 5.60 25.37 9.81
CA ASP G 471 4.35 25.91 10.36
C ASP G 471 4.48 27.20 11.12
N TYR G 472 3.32 27.82 11.34
CA TYR G 472 3.20 29.08 12.04
C TYR G 472 1.77 29.04 12.49
N SER G 473 0.95 28.54 11.57
CA SER G 473 -0.48 28.40 11.79
C SER G 473 -0.56 27.46 12.97
N GLN G 474 -1.14 27.98 14.06
CA GLN G 474 -1.28 27.21 15.28
C GLN G 474 -0.84 28.15 16.36
N GLN G 475 -1.33 27.90 17.55
CA GLN G 475 -0.93 28.74 18.63
C GLN G 475 -0.33 27.85 19.68
N PRO G 476 -1.18 27.16 20.44
CA PRO G 476 -0.63 26.30 21.47
C PRO G 476 0.72 25.72 21.08
N LEU G 477 0.80 25.13 19.90
CA LEU G 477 2.06 24.54 19.49
C LEU G 477 3.20 25.54 19.61
N VAL G 478 3.18 26.53 18.72
CA VAL G 478 4.21 27.54 18.72
C VAL G 478 4.58 27.86 20.15
N GLN G 479 3.64 28.35 20.92
CA GLN G 479 3.90 28.67 22.31
C GLN G 479 4.83 27.64 22.91
N VAL G 480 4.29 26.47 23.24
CA VAL G 480 5.10 25.41 23.83
C VAL G 480 6.53 25.42 23.34
N ALA G 481 6.69 25.40 22.02
CA ALA G 481 8.01 25.41 21.46
C ALA G 481 8.79 26.58 22.02
N ALA G 482 8.49 27.77 21.50
CA ALA G 482 9.14 29.00 21.91
C ALA G 482 9.58 28.87 23.33
N TRP G 483 8.70 28.31 24.12
CA TRP G 483 9.01 28.11 25.49
C TRP G 483 10.36 27.47 25.60
N CYS G 484 10.33 26.15 25.48
CA CYS G 484 11.52 25.33 25.58
C CYS G 484 12.69 25.93 24.82
N ILE G 485 12.48 26.25 23.54
CA ILE G 485 13.57 26.84 22.78
C ILE G 485 14.23 27.77 23.76
N GLY G 486 13.43 28.63 24.36
CA GLY G 486 13.98 29.54 25.33
C GLY G 486 14.69 28.73 26.40
N GLU G 487 13.97 28.32 27.42
CA GLU G 487 14.57 27.56 28.50
C GLU G 487 15.58 26.48 28.13
N TYR G 488 15.46 25.93 26.94
CA TYR G 488 16.34 24.85 26.52
C TYR G 488 17.39 25.08 25.41
N GLY G 489 17.51 26.31 24.93
CA GLY G 489 18.49 26.62 23.89
C GLY G 489 19.81 25.89 24.03
N ASP G 490 20.25 25.76 25.28
CA ASP G 490 21.48 25.06 25.61
C ASP G 490 21.48 23.80 24.79
N LEU G 491 20.67 22.86 25.25
CA LEU G 491 20.53 21.56 24.62
C LEU G 491 20.27 21.62 23.11
N LEU G 492 19.61 22.68 22.65
CA LEU G 492 19.30 22.82 21.23
C LEU G 492 20.49 22.91 20.29
N VAL G 493 21.66 23.20 20.86
CA VAL G 493 22.93 23.34 20.12
C VAL G 493 23.67 22.02 19.91
N SER G 494 23.39 21.37 18.77
CA SER G 494 23.97 20.09 18.34
C SER G 494 24.67 19.38 19.47
N GLY G 495 23.92 19.13 20.54
CA GLY G 495 24.48 18.50 21.71
C GLY G 495 24.64 17.00 21.57
N GLN G 496 25.42 16.44 22.50
CA GLN G 496 25.70 14.99 22.64
C GLN G 496 24.34 14.39 23.02
N CYS G 497 23.44 14.38 22.04
CA CYS G 497 22.06 13.93 22.23
C CYS G 497 21.73 12.43 22.13
N GLU G 498 21.21 11.90 23.24
CA GLU G 498 20.79 10.50 23.39
C GLU G 498 19.29 10.39 23.03
N GLU G 499 18.85 9.16 22.76
CA GLU G 499 17.47 8.82 22.40
C GLU G 499 17.35 8.99 20.88
N GLU G 500 18.23 9.84 20.34
CA GLU G 500 18.33 10.07 18.93
C GLU G 500 19.30 11.08 18.35
N GLU G 501 19.21 11.25 17.05
CA GLU G 501 20.09 12.09 16.21
C GLU G 501 19.91 13.61 16.06
N PRO G 502 20.73 14.44 16.72
CA PRO G 502 20.51 15.87 16.61
C PRO G 502 20.65 16.37 15.18
N ILE G 503 20.54 17.68 15.03
CA ILE G 503 20.66 18.31 13.73
C ILE G 503 21.39 19.65 13.79
N GLN G 504 21.33 20.44 12.70
CA GLN G 504 22.02 21.76 12.59
C GLN G 504 21.38 22.93 13.36
N VAL G 505 22.08 23.41 14.38
CA VAL G 505 21.58 24.49 15.23
C VAL G 505 22.42 25.77 15.22
N THR G 506 22.30 26.56 14.16
CA THR G 506 23.03 27.82 14.13
C THR G 506 22.20 28.76 14.97
N GLU G 507 22.82 29.40 15.95
CA GLU G 507 22.06 30.32 16.78
C GLU G 507 21.28 31.31 15.93
N ASP G 508 21.93 31.78 14.85
CA ASP G 508 21.32 32.73 13.91
C ASP G 508 19.96 32.20 13.47
N GLU G 509 19.93 30.90 13.18
CA GLU G 509 18.71 30.23 12.76
C GLU G 509 17.70 30.26 13.91
N VAL G 510 18.09 29.79 15.08
CA VAL G 510 17.20 29.77 16.24
C VAL G 510 16.42 31.09 16.27
N LEU G 511 17.15 32.19 16.13
CA LEU G 511 16.56 33.51 16.12
C LEU G 511 15.61 33.69 14.96
N ASP G 512 16.16 33.71 13.75
CA ASP G 512 15.35 33.87 12.54
C ASP G 512 13.92 33.42 12.78
N ILE G 513 13.77 32.23 13.33
CA ILE G 513 12.44 31.73 13.60
C ILE G 513 11.77 32.64 14.62
N LEU G 514 12.24 32.59 15.86
CA LEU G 514 11.64 33.42 16.90
C LEU G 514 11.28 34.78 16.36
N GLU G 515 12.26 35.45 15.77
CA GLU G 515 12.04 36.77 15.21
C GLU G 515 10.74 36.82 14.44
N SER G 516 10.72 36.12 13.31
CA SER G 516 9.55 36.08 12.44
C SER G 516 8.26 35.92 13.24
N VAL G 517 8.30 35.07 14.25
CA VAL G 517 7.14 34.82 15.09
C VAL G 517 6.52 36.14 15.49
N LEU G 518 7.33 36.96 16.17
CA LEU G 518 6.84 38.25 16.62
C LEU G 518 6.32 39.09 15.48
N ILE G 519 7.12 39.17 14.43
CA ILE G 519 6.74 39.99 13.29
C ILE G 519 5.45 39.59 12.60
N SER G 520 5.45 38.40 12.01
CA SER G 520 4.27 37.90 11.28
C SER G 520 2.98 38.06 12.07
N ASN G 521 1.95 38.46 11.34
CA ASN G 521 0.68 38.62 12.00
C ASN G 521 -0.08 37.32 11.92
N MET G 522 0.01 36.55 12.98
CA MET G 522 -0.67 35.29 13.08
C MET G 522 -0.53 34.86 14.51
N SER G 523 0.20 35.66 15.25
CA SER G 523 0.46 35.37 16.65
C SER G 523 -0.25 36.32 17.61
N THR G 524 -0.65 35.78 18.76
CA THR G 524 -1.33 36.56 19.79
C THR G 524 -0.32 37.27 20.63
N SER G 525 -0.70 38.40 21.20
CA SER G 525 0.19 39.14 22.06
C SER G 525 0.83 38.18 23.07
N VAL G 526 0.03 37.25 23.58
CA VAL G 526 0.54 36.30 24.56
C VAL G 526 1.68 35.52 23.94
N THR G 527 1.47 35.11 22.71
CA THR G 527 2.45 34.36 21.96
C THR G 527 3.74 35.16 21.96
N ARG G 528 3.70 36.30 21.30
CA ARG G 528 4.86 37.18 21.20
C ARG G 528 5.57 37.15 22.51
N GLY G 529 4.80 37.05 23.59
CA GLY G 529 5.40 37.01 24.89
C GLY G 529 6.39 35.87 24.99
N TYR G 530 5.89 34.68 25.28
CA TYR G 530 6.72 33.49 25.44
C TYR G 530 7.99 33.62 24.63
N ALA G 531 7.81 34.14 23.41
CA ALA G 531 8.90 34.34 22.48
C ALA G 531 9.95 35.22 23.13
N LEU G 532 9.74 36.52 22.98
CA LEU G 532 10.65 37.49 23.54
C LEU G 532 11.28 36.98 24.83
N THR G 533 10.47 36.80 25.85
CA THR G 533 10.97 36.30 27.13
C THR G 533 12.04 35.31 26.76
N ALA G 534 11.63 34.26 26.05
CA ALA G 534 12.54 33.20 25.64
C ALA G 534 13.82 33.77 25.02
N ILE G 535 13.69 34.47 23.89
CA ILE G 535 14.86 35.03 23.26
C ILE G 535 15.90 35.48 24.27
N MET G 536 15.45 36.16 25.30
CA MET G 536 16.41 36.60 26.28
C MET G 536 17.00 35.42 27.05
N LYS G 537 16.14 34.49 27.45
CA LYS G 537 16.59 33.31 28.19
C LYS G 537 17.81 32.72 27.49
N LEU G 538 17.93 33.03 26.20
CA LEU G 538 19.05 32.56 25.38
C LEU G 538 20.33 33.32 25.67
N SER G 539 20.20 34.62 25.85
CA SER G 539 21.37 35.45 26.13
C SER G 539 22.30 34.69 27.08
N THR G 540 21.70 33.98 28.03
CA THR G 540 22.48 33.23 29.03
C THR G 540 22.80 31.82 28.59
N ARG G 541 22.12 31.39 27.55
CA ARG G 541 22.27 30.05 27.04
C ARG G 541 23.03 29.87 25.73
N PHE G 542 23.74 30.90 25.31
CA PHE G 542 24.55 30.81 24.10
C PHE G 542 25.87 31.55 24.19
N THR G 543 26.67 31.38 23.15
CA THR G 543 27.99 31.97 23.18
C THR G 543 28.30 33.16 22.30
N CYS G 544 27.56 33.39 21.24
CA CYS G 544 28.01 34.49 20.42
C CYS G 544 27.09 35.59 19.88
N THR G 545 25.91 35.22 19.42
CA THR G 545 24.99 36.20 18.88
C THR G 545 24.38 37.05 20.00
N VAL G 546 25.05 37.00 21.14
CA VAL G 546 24.64 37.72 22.34
C VAL G 546 24.43 39.21 22.01
N ASN G 547 24.61 39.58 20.74
CA ASN G 547 24.44 40.96 20.32
C ASN G 547 23.16 41.21 19.51
N ARG G 548 22.87 40.35 18.53
CA ARG G 548 21.65 40.51 17.73
C ARG G 548 20.48 40.56 18.74
N ILE G 549 20.67 39.81 19.83
CA ILE G 549 19.67 39.74 20.91
C ILE G 549 19.37 41.14 21.47
N LYS G 550 20.37 41.72 22.14
CA LYS G 550 20.24 43.04 22.74
C LYS G 550 19.55 43.99 21.75
N LYS G 551 19.87 43.85 20.47
CA LYS G 551 19.29 44.71 19.44
C LYS G 551 17.76 44.62 19.41
N VAL G 552 17.27 43.39 19.24
CA VAL G 552 15.84 43.13 19.19
C VAL G 552 15.12 43.69 20.41
N VAL G 553 15.55 43.23 21.58
CA VAL G 553 14.98 43.68 22.83
C VAL G 553 14.73 45.18 22.79
N SER G 554 15.81 45.94 22.69
CA SER G 554 15.72 47.40 22.67
C SER G 554 14.76 47.95 21.59
N ILE G 555 14.54 47.20 20.52
CA ILE G 555 13.65 47.68 19.48
C ILE G 555 12.20 47.54 19.91
N TYR G 556 11.91 46.44 20.59
CA TYR G 556 10.56 46.20 21.07
C TYR G 556 10.22 47.09 22.25
N GLY G 557 11.22 47.77 22.77
CA GLY G 557 10.99 48.65 23.90
C GLY G 557 9.88 49.62 23.58
N SER G 558 9.45 49.65 22.32
CA SER G 558 8.39 50.56 21.92
C SER G 558 7.35 49.87 21.09
N SER G 559 6.52 49.07 21.76
CA SER G 559 5.45 48.36 21.10
C SER G 559 4.15 48.63 21.83
N ILE G 560 3.08 48.72 21.08
CA ILE G 560 1.76 48.97 21.64
C ILE G 560 1.49 48.08 22.85
N ASP G 561 1.90 46.81 22.74
CA ASP G 561 1.70 45.81 23.79
C ASP G 561 2.35 46.13 25.13
N VAL G 562 1.60 46.85 25.97
CA VAL G 562 2.06 47.24 27.30
C VAL G 562 3.03 46.24 27.86
N GLU G 563 2.63 44.98 27.71
CA GLU G 563 3.42 43.89 28.19
C GLU G 563 4.76 43.80 27.49
N LEU G 564 4.77 43.38 26.23
CA LEU G 564 6.01 43.27 25.49
C LEU G 564 6.89 44.42 25.88
N GLN G 565 6.47 45.63 25.56
CA GLN G 565 7.26 46.81 25.90
C GLN G 565 7.79 46.70 27.30
N GLN G 566 6.89 46.81 28.27
CA GLN G 566 7.31 46.70 29.66
C GLN G 566 8.51 45.80 29.77
N ARG G 567 8.30 44.51 29.53
CA ARG G 567 9.37 43.55 29.60
C ARG G 567 10.58 44.06 28.84
N ALA G 568 10.39 44.33 27.55
CA ALA G 568 11.47 44.83 26.71
C ALA G 568 12.33 45.78 27.50
N VAL G 569 11.74 46.88 27.98
CA VAL G 569 12.47 47.85 28.78
C VAL G 569 13.19 47.14 29.89
N GLU G 570 12.43 46.36 30.65
CA GLU G 570 13.00 45.61 31.76
C GLU G 570 14.28 44.97 31.24
N TYR G 571 14.16 43.94 30.41
CA TYR G 571 15.35 43.27 29.87
C TYR G 571 16.41 44.29 29.43
N ASN G 572 16.10 45.04 28.39
CA ASN G 572 16.97 46.10 27.84
C ASN G 572 17.89 46.64 28.93
N ALA G 573 17.26 47.13 29.98
CA ALA G 573 17.98 47.70 31.11
C ALA G 573 18.90 46.69 31.80
N LEU G 574 18.47 45.44 31.86
CA LEU G 574 19.33 44.43 32.47
C LEU G 574 20.71 44.39 31.83
N PHE G 575 20.74 44.39 30.50
CA PHE G 575 22.02 44.35 29.79
C PHE G 575 22.80 45.62 30.08
N LYS G 576 22.22 46.75 29.67
CA LYS G 576 22.80 48.08 29.84
C LYS G 576 23.46 48.38 31.18
N LYS G 577 23.10 47.62 32.22
CA LYS G 577 23.69 47.86 33.53
C LYS G 577 24.25 46.63 34.28
N TYR G 578 23.40 45.83 34.93
CA TYR G 578 23.93 44.69 35.69
C TYR G 578 24.15 43.36 34.94
N ASP G 579 24.87 43.39 33.83
CA ASP G 579 25.07 42.16 33.07
C ASP G 579 25.02 40.89 33.87
N HIS G 580 26.20 40.43 34.28
CA HIS G 580 26.36 39.18 35.03
C HIS G 580 25.14 38.62 35.80
N MET G 581 24.21 39.47 36.19
CA MET G 581 23.01 38.98 36.86
C MET G 581 22.26 38.11 35.86
N ARG G 582 22.25 38.53 34.60
CA ARG G 582 21.56 37.75 33.58
C ARG G 582 21.89 36.27 33.74
N SER G 583 23.17 35.92 33.79
CA SER G 583 23.59 34.52 33.96
C SER G 583 22.79 33.82 35.06
N ALA G 584 22.85 34.33 36.29
CA ALA G 584 22.11 33.70 37.40
C ALA G 584 20.57 33.74 37.25
N LEU G 585 20.06 34.85 36.74
CA LEU G 585 18.63 35.03 36.58
C LEU G 585 17.98 33.99 35.70
N LEU G 586 18.36 33.96 34.44
CA LEU G 586 17.78 33.03 33.50
C LEU G 586 18.14 31.55 33.67
N GLU G 587 19.43 31.25 33.64
CA GLU G 587 19.96 29.88 33.73
C GLU G 587 19.23 28.91 34.66
N ARG G 588 18.11 29.34 35.21
CA ARG G 588 17.40 28.49 36.11
C ARG G 588 15.91 28.56 35.97
N MET G 589 15.34 27.48 35.48
CA MET G 589 13.90 27.39 35.35
C MET G 589 13.59 26.40 36.46
N PRO G 590 12.60 26.69 37.30
CA PRO G 590 12.22 25.81 38.41
C PRO G 590 11.55 24.60 37.81
N VAL G 591 10.87 23.83 38.66
CA VAL G 591 10.18 22.62 38.20
C VAL G 591 9.03 22.12 39.11
N MET G 592 7.82 22.10 38.56
CA MET G 592 6.63 21.65 39.31
C MET G 592 6.33 20.18 38.98
N GLU G 593 6.01 19.41 40.03
CA GLU G 593 5.77 17.98 39.86
C GLU G 593 4.44 17.41 40.36
N LYS G 594 3.87 16.53 39.53
CA LYS G 594 2.66 15.80 39.85
C LYS G 594 3.06 14.33 40.04
N VAL G 595 2.24 13.54 40.60
N THR H 2 -36.93 -11.52 -6.90
CA THR H 2 -35.74 -10.71 -6.51
C THR H 2 -35.74 -9.31 -7.21
N ASP H 3 -36.94 -8.72 -7.36
CA ASP H 3 -37.15 -7.39 -7.96
C ASP H 3 -38.18 -6.50 -7.18
N SER H 4 -37.82 -5.23 -6.89
CA SER H 4 -38.70 -4.32 -6.12
C SER H 4 -38.52 -2.80 -6.35
N LYS H 5 -39.60 -2.16 -6.81
CA LYS H 5 -39.64 -0.72 -7.08
C LYS H 5 -41.10 -0.28 -7.13
N TYR H 6 -41.66 0.08 -6.00
CA TYR H 6 -43.05 0.50 -5.98
C TYR H 6 -43.17 2.01 -6.19
N PHE H 7 -44.39 2.49 -6.36
CA PHE H 7 -44.57 3.92 -6.55
C PHE H 7 -43.76 4.42 -7.71
N THR H 8 -43.59 3.60 -8.72
CA THR H 8 -42.77 4.00 -9.83
C THR H 8 -43.32 3.47 -11.11
N THR H 9 -44.57 3.78 -11.41
CA THR H 9 -45.14 3.27 -12.62
C THR H 9 -45.40 4.35 -13.63
N THR H 10 -45.12 4.06 -14.89
CA THR H 10 -45.37 5.06 -15.92
C THR H 10 -46.74 4.79 -16.48
N LYS H 11 -47.62 4.20 -15.66
CA LYS H 11 -48.98 3.92 -16.08
C LYS H 11 -49.87 5.07 -15.61
N LYS H 12 -49.58 5.60 -14.43
CA LYS H 12 -50.39 6.71 -13.93
C LYS H 12 -49.61 7.66 -12.99
N GLY H 13 -50.32 8.62 -12.40
CA GLY H 13 -49.68 9.54 -11.49
C GLY H 13 -49.08 10.77 -12.14
N GLU H 14 -48.61 11.67 -11.29
CA GLU H 14 -48.01 12.93 -11.72
C GLU H 14 -47.45 12.83 -13.13
N ILE H 15 -46.16 12.49 -13.19
CA ILE H 15 -45.46 12.33 -14.44
C ILE H 15 -46.45 12.12 -15.58
N PHE H 16 -47.03 10.93 -15.61
CA PHE H 16 -48.02 10.58 -16.63
C PHE H 16 -48.93 11.76 -16.83
N GLU H 17 -49.80 11.96 -15.87
CA GLU H 17 -50.74 13.06 -15.88
C GLU H 17 -50.28 14.15 -16.83
N LEU H 18 -49.22 14.83 -16.42
CA LEU H 18 -48.67 15.91 -17.22
C LEU H 18 -48.27 15.41 -18.59
N LYS H 19 -47.42 14.39 -18.64
CA LYS H 19 -46.94 13.83 -19.90
C LYS H 19 -48.02 13.91 -20.96
N ALA H 20 -49.13 13.25 -20.69
CA ALA H 20 -50.24 13.24 -21.62
C ALA H 20 -50.77 14.64 -21.90
N GLU H 21 -51.32 15.26 -20.86
CA GLU H 21 -51.90 16.59 -20.99
C GLU H 21 -50.97 17.52 -21.74
N LEU H 22 -49.77 17.04 -22.07
CA LEU H 22 -48.78 17.82 -22.78
C LEU H 22 -48.92 17.67 -24.28
N ASN H 23 -49.05 16.43 -24.74
CA ASN H 23 -49.16 16.12 -26.16
C ASN H 23 -50.51 16.40 -26.77
N SER H 24 -51.46 16.79 -25.94
CA SER H 24 -52.78 17.06 -26.45
C SER H 24 -52.72 18.07 -27.58
N ASP H 25 -53.90 18.55 -27.97
CA ASP H 25 -54.09 19.48 -29.06
C ASP H 25 -54.01 20.92 -28.67
N LYS H 26 -55.19 21.39 -28.30
CA LYS H 26 -55.43 22.75 -27.87
C LYS H 26 -54.07 23.28 -27.44
N LYS H 27 -53.65 24.37 -28.10
CA LYS H 27 -52.37 24.99 -27.79
C LYS H 27 -52.32 25.29 -26.29
N GLU H 28 -53.42 25.80 -25.76
CA GLU H 28 -53.54 26.15 -24.36
C GLU H 28 -52.94 25.16 -23.37
N LYS H 29 -53.41 23.91 -23.43
CA LYS H 29 -52.90 22.87 -22.53
C LYS H 29 -51.38 22.92 -22.52
N LYS H 30 -50.79 22.51 -23.64
CA LYS H 30 -49.35 22.50 -23.79
C LYS H 30 -48.77 23.67 -23.01
N LYS H 31 -49.25 24.88 -23.30
CA LYS H 31 -48.75 26.06 -22.60
C LYS H 31 -48.76 25.82 -21.10
N GLU H 32 -49.90 26.07 -20.45
CA GLU H 32 -49.99 25.88 -19.01
C GLU H 32 -49.16 24.70 -18.58
N ALA H 33 -49.52 23.53 -19.08
CA ALA H 33 -48.80 22.31 -18.77
C ALA H 33 -47.32 22.59 -18.55
N VAL H 34 -46.61 22.90 -19.63
CA VAL H 34 -45.19 23.19 -19.53
C VAL H 34 -44.93 24.03 -18.30
N LYS H 35 -45.63 25.17 -18.23
CA LYS H 35 -45.45 26.07 -17.10
C LYS H 35 -45.30 25.27 -15.81
N LYS H 36 -46.32 24.48 -15.48
CA LYS H 36 -46.24 23.68 -14.27
C LYS H 36 -44.92 22.94 -14.23
N VAL H 37 -44.49 22.46 -15.38
CA VAL H 37 -43.23 21.72 -15.40
C VAL H 37 -42.14 22.51 -14.74
N ILE H 38 -41.57 23.47 -15.46
CA ILE H 38 -40.49 24.26 -14.89
C ILE H 38 -40.76 24.46 -13.42
N ALA H 39 -41.94 24.96 -13.12
CA ALA H 39 -42.32 25.21 -11.75
C ALA H 39 -42.00 23.97 -10.95
N SER H 40 -42.86 22.96 -11.10
CA SER H 40 -42.71 21.69 -10.41
C SER H 40 -41.26 21.30 -10.39
N MET H 41 -40.50 21.86 -11.30
CA MET H 41 -39.10 21.56 -11.38
C MET H 41 -38.31 22.30 -10.32
N THR H 42 -38.27 23.62 -10.46
CA THR H 42 -37.53 24.48 -9.56
C THR H 42 -37.67 24.08 -8.11
N VAL H 43 -38.88 23.74 -7.69
CA VAL H 43 -39.06 23.39 -6.29
C VAL H 43 -38.24 22.19 -5.87
N GLY H 44 -37.76 21.40 -6.82
CA GLY H 44 -36.94 20.24 -6.45
C GLY H 44 -37.48 18.89 -6.83
N LYS H 45 -38.61 18.86 -7.52
CA LYS H 45 -39.14 17.57 -7.92
C LYS H 45 -38.22 17.14 -9.04
N ASP H 46 -38.47 15.96 -9.56
CA ASP H 46 -37.64 15.42 -10.63
C ASP H 46 -38.40 15.40 -11.94
N VAL H 47 -37.83 16.05 -12.96
CA VAL H 47 -38.47 16.10 -14.26
C VAL H 47 -37.65 15.39 -15.31
N SER H 48 -36.56 14.78 -14.87
CA SER H 48 -35.69 14.04 -15.78
C SER H 48 -36.60 13.50 -16.85
N ALA H 49 -37.64 12.81 -16.43
CA ALA H 49 -38.60 12.22 -17.34
C ALA H 49 -39.07 13.18 -18.42
N LEU H 50 -40.20 13.82 -18.15
CA LEU H 50 -40.85 14.76 -19.06
C LEU H 50 -40.00 15.31 -20.19
N PHE H 51 -38.74 15.60 -19.89
CA PHE H 51 -37.86 16.16 -20.90
C PHE H 51 -38.26 15.94 -22.38
N PRO H 52 -38.15 14.69 -22.88
CA PRO H 52 -38.51 14.44 -24.27
C PRO H 52 -39.73 15.19 -24.76
N ASP H 53 -40.89 14.64 -24.45
CA ASP H 53 -42.17 15.20 -24.85
C ASP H 53 -42.25 16.73 -24.71
N VAL H 54 -41.44 17.30 -23.83
CA VAL H 54 -41.45 18.75 -23.66
C VAL H 54 -40.83 19.41 -24.87
N VAL H 55 -39.58 19.04 -25.12
CA VAL H 55 -38.83 19.55 -26.26
C VAL H 55 -39.74 19.43 -27.46
N ASN H 56 -40.15 18.19 -27.73
CA ASN H 56 -41.02 17.84 -28.87
C ASN H 56 -42.30 18.62 -28.89
N CYS H 57 -42.38 19.64 -28.04
CA CYS H 57 -43.52 20.51 -28.01
C CYS H 57 -42.87 21.73 -28.60
N MET H 58 -41.76 21.46 -29.28
CA MET H 58 -40.90 22.44 -29.96
C MET H 58 -41.51 22.93 -31.27
N GLN H 59 -41.75 21.97 -32.16
CA GLN H 59 -42.32 22.25 -33.47
C GLN H 59 -43.71 22.85 -33.39
N THR H 60 -43.82 23.95 -32.65
CA THR H 60 -45.06 24.68 -32.50
C THR H 60 -44.66 26.08 -32.92
N ASP H 61 -45.46 27.07 -32.57
CA ASP H 61 -45.13 28.40 -33.02
C ASP H 61 -45.29 29.56 -32.06
N ASN H 62 -46.54 29.85 -31.71
CA ASN H 62 -46.86 30.95 -30.82
C ASN H 62 -45.72 31.15 -29.82
N LEU H 63 -45.13 32.34 -29.86
CA LEU H 63 -44.03 32.70 -28.96
C LEU H 63 -44.27 31.99 -27.67
N GLU H 64 -45.36 32.42 -27.03
CA GLU H 64 -45.81 31.89 -25.76
C GLU H 64 -45.08 30.57 -25.52
N LEU H 65 -45.64 29.51 -26.09
CA LEU H 65 -45.05 28.21 -25.92
C LEU H 65 -43.56 28.21 -26.26
N LYS H 66 -43.24 28.46 -27.53
CA LYS H 66 -41.86 28.44 -27.98
C LYS H 66 -40.84 28.87 -26.91
N LYS H 67 -41.06 30.01 -26.28
CA LYS H 67 -40.11 30.48 -25.29
C LYS H 67 -40.13 29.63 -24.04
N LEU H 68 -41.31 29.42 -23.47
CA LEU H 68 -41.38 28.62 -22.27
C LEU H 68 -40.46 27.44 -22.46
N VAL H 69 -40.72 26.68 -23.51
CA VAL H 69 -39.90 25.54 -23.84
C VAL H 69 -38.49 25.92 -23.50
N TYR H 70 -38.04 26.98 -24.16
CA TYR H 70 -36.70 27.46 -23.94
C TYR H 70 -36.33 27.51 -22.46
N LEU H 71 -36.96 28.41 -21.71
CA LEU H 71 -36.66 28.52 -20.29
C LEU H 71 -36.38 27.17 -19.71
N TYR H 72 -37.31 26.26 -19.88
CA TYR H 72 -37.13 24.93 -19.37
C TYR H 72 -35.71 24.52 -19.63
N LEU H 73 -35.45 24.25 -20.90
CA LEU H 73 -34.12 23.86 -21.30
C LEU H 73 -33.13 24.71 -20.54
N MET H 74 -33.32 26.02 -20.61
CA MET H 74 -32.43 26.93 -19.93
C MET H 74 -31.95 26.35 -18.60
N ASN H 75 -32.85 26.20 -17.64
CA ASN H 75 -32.47 25.67 -16.34
C ASN H 75 -31.55 24.50 -16.50
N TYR H 76 -31.93 23.55 -17.32
CA TYR H 76 -31.08 22.39 -17.52
C TYR H 76 -29.69 22.76 -18.03
N ALA H 77 -29.46 24.03 -18.29
CA ALA H 77 -28.16 24.47 -18.79
C ALA H 77 -26.96 23.86 -18.09
N LYS H 78 -26.54 24.55 -17.04
CA LYS H 78 -25.39 24.18 -16.23
C LYS H 78 -25.54 22.87 -15.48
N SER H 79 -26.77 22.52 -15.12
CA SER H 79 -27.05 21.28 -14.41
C SER H 79 -26.62 20.05 -15.21
N GLN H 80 -27.45 19.64 -16.16
CA GLN H 80 -27.14 18.48 -17.01
C GLN H 80 -26.97 18.90 -18.47
N PRO H 81 -25.85 19.58 -18.76
CA PRO H 81 -25.52 20.05 -20.10
C PRO H 81 -25.83 18.96 -21.11
N ASP H 82 -25.46 17.73 -20.79
CA ASP H 82 -25.72 16.61 -21.68
C ASP H 82 -27.09 16.71 -22.37
N MET H 83 -28.14 16.84 -21.58
CA MET H 83 -29.48 16.96 -22.14
C MET H 83 -29.62 18.26 -22.97
N ALA H 84 -29.13 19.37 -22.41
CA ALA H 84 -29.19 20.64 -23.15
C ALA H 84 -28.86 20.37 -24.62
N ILE H 85 -27.64 19.90 -24.85
CA ILE H 85 -27.17 19.60 -26.20
C ILE H 85 -28.19 18.95 -27.09
N MET H 86 -28.72 17.80 -26.67
CA MET H 86 -29.69 17.10 -27.48
C MET H 86 -30.67 18.01 -28.20
N ALA H 87 -30.66 19.28 -27.85
CA ALA H 87 -31.55 20.23 -28.55
C ALA H 87 -30.88 21.06 -29.69
N VAL H 88 -29.55 21.00 -29.73
CA VAL H 88 -28.75 21.74 -30.72
C VAL H 88 -29.42 22.16 -32.02
N ASN H 89 -29.58 21.18 -32.89
CA ASN H 89 -30.19 21.37 -34.20
C ASN H 89 -31.24 22.44 -34.04
N THR H 90 -32.25 22.10 -33.26
CA THR H 90 -33.37 22.97 -32.98
C THR H 90 -32.96 24.42 -32.85
N PHE H 91 -31.84 24.66 -32.19
CA PHE H 91 -31.38 26.03 -32.01
C PHE H 91 -30.86 26.66 -33.30
N VAL H 92 -29.79 26.10 -33.82
CA VAL H 92 -29.18 26.61 -35.04
C VAL H 92 -30.29 27.00 -36.01
N LYS H 93 -31.06 25.97 -36.39
CA LYS H 93 -32.16 26.14 -37.31
C LYS H 93 -33.11 27.22 -36.82
N ASP H 94 -33.02 27.55 -35.54
CA ASP H 94 -33.87 28.60 -35.04
C ASP H 94 -33.20 29.95 -35.29
N CYS H 95 -31.87 29.95 -35.29
CA CYS H 95 -31.12 31.20 -35.52
C CYS H 95 -31.63 31.90 -36.76
N GLU H 96 -31.91 31.14 -37.80
CA GLU H 96 -32.36 31.80 -39.01
C GLU H 96 -33.75 32.41 -38.94
N ASP H 97 -34.58 31.90 -38.04
CA ASP H 97 -35.94 32.40 -37.90
C ASP H 97 -36.00 33.90 -38.07
N PRO H 98 -37.09 34.37 -38.69
CA PRO H 98 -37.53 35.72 -39.04
C PRO H 98 -37.87 36.57 -37.83
N ASN H 99 -37.88 35.97 -36.65
CA ASN H 99 -38.11 36.80 -35.49
C ASN H 99 -36.90 36.91 -34.62
N PRO H 100 -36.01 37.82 -35.01
CA PRO H 100 -34.78 38.01 -34.24
C PRO H 100 -34.96 37.64 -32.76
N LEU H 101 -36.03 38.15 -32.11
CA LEU H 101 -36.26 37.82 -30.70
C LEU H 101 -35.86 36.36 -30.54
N ILE H 102 -36.56 35.51 -31.27
CA ILE H 102 -36.30 34.09 -31.26
C ILE H 102 -34.81 33.84 -31.44
N ARG H 103 -34.37 33.83 -32.68
CA ARG H 103 -32.97 33.55 -32.96
C ARG H 103 -31.96 34.13 -31.97
N ALA H 104 -32.32 35.24 -31.34
CA ALA H 104 -31.41 35.82 -30.35
C ALA H 104 -31.38 34.85 -29.19
N LEU H 105 -32.56 34.53 -28.68
CA LEU H 105 -32.65 33.60 -27.56
C LEU H 105 -31.82 32.38 -27.91
N ALA H 106 -31.96 31.92 -29.16
CA ALA H 106 -31.22 30.76 -29.64
C ALA H 106 -29.74 30.99 -29.42
N VAL H 107 -29.37 32.25 -29.45
CA VAL H 107 -28.00 32.60 -29.24
C VAL H 107 -27.67 32.46 -27.77
N ARG H 108 -28.11 33.45 -27.00
CA ARG H 108 -27.88 33.46 -25.56
C ARG H 108 -27.95 32.05 -25.03
N THR H 109 -28.93 31.31 -25.50
CA THR H 109 -29.12 29.93 -25.09
C THR H 109 -27.90 29.11 -25.44
N MET H 110 -27.61 28.97 -26.73
CA MET H 110 -26.45 28.20 -27.16
C MET H 110 -25.33 28.53 -26.17
N GLY H 111 -25.13 29.82 -25.95
CA GLY H 111 -24.09 30.31 -25.07
C GLY H 111 -24.04 29.92 -23.61
N CYS H 112 -25.16 29.55 -23.02
CA CYS H 112 -25.07 29.19 -21.62
C CYS H 112 -24.76 27.72 -21.39
N ILE H 113 -23.90 27.14 -22.23
CA ILE H 113 -23.49 25.74 -22.06
C ILE H 113 -22.02 25.74 -21.64
N ARG H 114 -21.51 24.62 -21.14
CA ARG H 114 -20.12 24.59 -20.68
C ARG H 114 -19.31 23.44 -21.29
N VAL H 115 -19.85 22.73 -22.30
CA VAL H 115 -19.11 21.60 -22.90
C VAL H 115 -18.35 21.86 -24.22
N ASP H 116 -17.28 21.09 -24.47
CA ASP H 116 -16.46 21.28 -25.68
C ASP H 116 -17.21 21.06 -26.99
N LYS H 117 -18.09 20.06 -27.01
CA LYS H 117 -18.87 19.71 -28.20
C LYS H 117 -19.65 20.92 -28.78
N ILE H 118 -19.89 21.90 -27.92
CA ILE H 118 -20.62 23.10 -28.32
C ILE H 118 -19.93 23.89 -29.42
N THR H 119 -18.62 24.08 -29.29
CA THR H 119 -17.82 24.81 -30.26
C THR H 119 -18.33 24.48 -31.67
N GLU H 120 -18.17 23.20 -32.06
CA GLU H 120 -18.59 22.65 -33.36
C GLU H 120 -19.92 23.20 -33.84
N TYR H 121 -20.98 22.85 -33.11
CA TYR H 121 -22.31 23.26 -33.54
C TYR H 121 -22.68 24.76 -33.63
N LEU H 122 -22.10 25.63 -32.83
CA LEU H 122 -22.54 27.04 -32.91
C LEU H 122 -21.74 28.14 -33.59
N CYS H 123 -20.42 28.11 -33.44
CA CYS H 123 -19.59 29.16 -34.00
C CYS H 123 -20.10 29.91 -35.25
N GLU H 124 -20.10 29.21 -36.38
CA GLU H 124 -20.52 29.78 -37.67
C GLU H 124 -21.80 30.59 -37.52
N PRO H 125 -22.87 29.92 -37.06
CA PRO H 125 -24.12 30.64 -36.89
C PRO H 125 -23.91 31.92 -36.11
N LEU H 126 -22.94 31.91 -35.20
CA LEU H 126 -22.67 33.10 -34.40
C LEU H 126 -22.26 34.29 -35.25
N ARG H 127 -21.10 34.18 -35.89
CA ARG H 127 -20.59 35.24 -36.76
C ARG H 127 -21.82 35.87 -37.36
N LYS H 128 -22.56 34.99 -38.04
CA LYS H 128 -23.79 35.39 -38.71
C LYS H 128 -24.66 36.24 -37.78
N CYS H 129 -25.42 35.58 -36.91
CA CYS H 129 -26.32 36.27 -35.97
C CYS H 129 -25.88 37.69 -35.65
N LEU H 130 -24.57 37.85 -35.48
CA LEU H 130 -23.97 39.13 -35.16
C LEU H 130 -24.17 40.24 -36.15
N LYS H 131 -23.31 40.17 -37.15
CA LYS H 131 -23.27 41.09 -38.25
C LYS H 131 -24.71 41.35 -38.72
N ASP H 132 -25.65 40.48 -38.36
CA ASP H 132 -27.05 40.62 -38.79
C ASP H 132 -27.68 42.00 -38.56
N GLU H 133 -28.96 42.04 -38.22
CA GLU H 133 -29.61 43.33 -38.14
C GLU H 133 -30.27 43.82 -36.88
N ASP H 134 -30.15 43.08 -35.79
CA ASP H 134 -30.84 43.58 -34.62
C ASP H 134 -30.15 43.81 -33.31
N PRO H 135 -30.65 44.81 -32.58
CA PRO H 135 -30.12 45.18 -31.29
C PRO H 135 -29.84 43.92 -30.48
N TYR H 136 -30.86 43.36 -29.85
CA TYR H 136 -30.68 42.17 -29.03
C TYR H 136 -29.69 41.17 -29.62
N VAL H 137 -29.94 40.75 -30.86
CA VAL H 137 -29.11 39.77 -31.55
C VAL H 137 -27.62 40.00 -31.31
N ARG H 138 -27.14 41.11 -31.84
CA ARG H 138 -25.75 41.46 -31.69
C ARG H 138 -25.40 41.42 -30.19
N LYS H 139 -25.96 42.35 -29.42
CA LYS H 139 -25.70 42.42 -27.98
C LYS H 139 -25.41 41.05 -27.47
N THR H 140 -26.50 40.33 -27.33
CA THR H 140 -26.48 38.97 -26.88
C THR H 140 -25.23 38.18 -27.26
N ALA H 141 -24.97 37.98 -28.55
CA ALA H 141 -23.78 37.21 -28.92
C ALA H 141 -22.52 37.90 -28.45
N ALA H 142 -22.46 39.22 -28.58
CA ALA H 142 -21.30 39.96 -28.10
C ALA H 142 -21.00 39.22 -26.81
N VAL H 143 -22.01 39.19 -25.96
CA VAL H 143 -21.92 38.51 -24.69
C VAL H 143 -21.29 37.14 -24.96
N CYS H 144 -22.07 36.26 -25.56
CA CYS H 144 -21.61 34.91 -25.87
C CYS H 144 -20.13 34.90 -26.02
N VAL H 145 -19.65 35.61 -27.03
CA VAL H 145 -18.22 35.69 -27.28
C VAL H 145 -17.45 35.23 -26.06
N ALA H 146 -17.50 36.06 -25.02
CA ALA H 146 -16.81 35.75 -23.77
C ALA H 146 -17.07 34.31 -23.37
N LYS H 147 -18.35 33.98 -23.25
CA LYS H 147 -18.76 32.64 -22.88
C LYS H 147 -17.89 31.64 -23.64
N LEU H 148 -17.78 31.84 -24.94
CA LEU H 148 -16.97 30.97 -25.79
C LEU H 148 -15.52 31.05 -25.37
N HIS H 149 -15.06 32.28 -25.20
CA HIS H 149 -13.70 32.52 -24.78
C HIS H 149 -13.49 31.65 -23.54
N ASP H 150 -14.18 32.02 -22.46
CA ASP H 150 -14.10 31.31 -21.18
C ASP H 150 -14.27 29.80 -21.28
N ILE H 151 -14.85 29.32 -22.38
CA ILE H 151 -15.01 27.88 -22.55
C ILE H 151 -13.64 27.29 -22.32
N ASN H 152 -13.60 26.02 -21.91
CA ASN H 152 -12.32 25.33 -21.64
C ASN H 152 -11.27 25.42 -22.78
N ALA H 153 -11.61 26.12 -23.88
CA ALA H 153 -10.69 26.29 -25.02
C ALA H 153 -11.12 27.42 -26.00
N GLN H 154 -10.13 27.94 -26.74
CA GLN H 154 -10.38 28.95 -27.77
C GLN H 154 -9.90 28.31 -29.04
N MET H 155 -9.95 29.08 -30.12
CA MET H 155 -9.53 28.59 -31.43
C MET H 155 -8.74 29.68 -32.17
N VAL H 156 -8.28 29.35 -33.38
CA VAL H 156 -7.53 30.26 -34.24
C VAL H 156 -8.54 31.17 -35.01
N GLU H 157 -9.82 30.76 -34.98
CA GLU H 157 -10.96 31.50 -35.58
C GLU H 157 -11.37 32.50 -34.50
N ASP H 158 -11.50 31.93 -33.28
CA ASP H 158 -11.86 32.58 -32.01
C ASP H 158 -11.06 33.88 -31.83
N GLN H 159 -9.75 33.73 -32.02
CA GLN H 159 -8.75 34.81 -31.93
C GLN H 159 -8.89 35.72 -33.17
N GLY H 160 -9.93 35.43 -33.97
CA GLY H 160 -10.26 36.18 -35.17
C GLY H 160 -11.62 36.84 -35.02
N PHE H 161 -12.36 36.46 -33.98
CA PHE H 161 -13.68 37.03 -33.69
C PHE H 161 -13.49 38.29 -32.86
N LEU H 162 -12.37 38.33 -32.14
CA LEU H 162 -12.04 39.48 -31.29
C LEU H 162 -12.03 40.75 -32.14
N ASP H 163 -11.44 40.64 -33.32
CA ASP H 163 -11.36 41.74 -34.26
C ASP H 163 -12.80 42.16 -34.53
N THR H 164 -13.62 41.17 -34.90
CA THR H 164 -15.02 41.40 -35.19
C THR H 164 -15.48 42.31 -34.07
N LEU H 165 -15.31 41.82 -32.85
CA LEU H 165 -15.68 42.59 -31.68
C LEU H 165 -15.35 44.06 -31.82
N LYS H 166 -14.10 44.41 -31.52
CA LYS H 166 -13.63 45.80 -31.57
C LYS H 166 -14.27 46.60 -32.69
N ASP H 167 -14.00 46.19 -33.93
CA ASP H 167 -14.55 46.87 -35.10
C ASP H 167 -16.06 47.10 -34.87
N LEU H 168 -16.78 45.99 -34.75
CA LEU H 168 -18.23 46.02 -34.53
C LEU H 168 -18.58 46.84 -33.29
N ILE H 169 -17.63 46.88 -32.36
CA ILE H 169 -17.78 47.61 -31.12
C ILE H 169 -18.11 49.05 -31.37
N SER H 170 -17.07 49.83 -31.52
CA SER H 170 -17.24 51.24 -31.75
C SER H 170 -18.40 51.51 -32.72
N ASP H 171 -18.51 50.67 -33.77
CA ASP H 171 -19.56 50.85 -34.80
C ASP H 171 -21.06 50.70 -34.42
N SER H 172 -21.66 49.50 -34.57
CA SER H 172 -23.09 49.31 -34.27
C SER H 172 -23.39 50.30 -33.16
N ASN H 173 -24.48 51.01 -33.18
CA ASN H 173 -24.49 52.02 -32.16
C ASN H 173 -25.24 51.78 -30.83
N PRO H 174 -26.53 51.57 -30.79
CA PRO H 174 -27.23 51.50 -29.50
C PRO H 174 -26.52 50.73 -28.43
N MET H 175 -27.10 50.67 -27.22
CA MET H 175 -26.48 49.96 -26.07
C MET H 175 -25.47 48.86 -26.39
N VAL H 176 -25.71 48.21 -27.51
CA VAL H 176 -24.89 47.15 -28.03
C VAL H 176 -23.46 47.33 -27.62
N VAL H 177 -22.89 48.42 -28.11
CA VAL H 177 -21.50 48.74 -27.83
C VAL H 177 -21.24 48.32 -26.40
N ALA H 178 -22.06 48.85 -25.47
CA ALA H 178 -21.92 48.51 -24.07
C ALA H 178 -21.48 47.05 -23.95
N ASN H 179 -22.42 46.15 -24.17
CA ASN H 179 -22.08 44.74 -24.07
C ASN H 179 -20.69 44.50 -24.69
N ARG H 180 -20.55 44.79 -25.99
CA ARG H 180 -19.27 44.59 -26.67
C ARG H 180 -18.11 44.97 -25.76
N VAL H 181 -18.06 46.25 -25.43
CA VAL H 181 -17.02 46.81 -24.57
C VAL H 181 -16.60 45.78 -23.55
N ALA H 182 -17.38 45.73 -22.48
CA ALA H 182 -17.12 44.82 -21.38
C ALA H 182 -16.71 43.49 -21.95
N ALA H 183 -17.60 42.91 -22.74
CA ALA H 183 -17.31 41.62 -23.35
C ALA H 183 -15.81 41.56 -23.47
N LEU H 184 -15.27 42.44 -24.31
CA LEU H 184 -13.84 42.46 -24.51
C LEU H 184 -13.10 42.64 -23.20
N SER H 185 -13.40 43.74 -22.51
CA SER H 185 -12.76 44.07 -21.23
C SER H 185 -12.42 42.81 -20.46
N GLU H 186 -13.47 42.07 -20.10
CA GLU H 186 -13.31 40.83 -19.35
C GLU H 186 -12.36 39.92 -20.11
N ILE H 187 -12.67 39.71 -21.38
CA ILE H 187 -11.84 38.85 -22.21
C ILE H 187 -10.40 39.26 -22.08
N ALA H 188 -10.19 40.56 -22.17
CA ALA H 188 -8.85 41.15 -22.08
C ALA H 188 -8.09 40.49 -20.94
N GLU H 189 -8.34 40.99 -19.73
CA GLU H 189 -7.67 40.49 -18.52
C GLU H 189 -6.87 39.14 -18.64
N SER H 190 -7.32 38.22 -19.49
CA SER H 190 -6.54 37.02 -19.78
C SER H 190 -5.54 37.57 -20.83
N HIS H 191 -4.67 38.46 -20.36
CA HIS H 191 -3.79 39.34 -21.19
C HIS H 191 -2.62 38.91 -22.06
N PRO H 192 -2.87 38.40 -23.23
CA PRO H 192 -1.76 38.14 -24.13
C PRO H 192 -1.10 39.43 -24.71
N SER H 193 -1.83 40.13 -25.61
CA SER H 193 -1.35 41.36 -26.25
C SER H 193 -2.49 42.32 -26.63
N SER H 194 -3.37 41.86 -27.54
CA SER H 194 -4.59 42.54 -28.10
C SER H 194 -5.41 43.40 -27.10
N ASN H 195 -5.31 43.06 -25.82
CA ASN H 195 -6.01 43.76 -24.77
C ASN H 195 -5.23 45.05 -24.46
N LEU H 196 -3.95 45.08 -24.87
CA LEU H 196 -3.12 46.26 -24.63
C LEU H 196 -3.16 47.31 -25.77
N LEU H 197 -3.83 47.01 -26.91
CA LEU H 197 -3.89 47.95 -28.05
C LEU H 197 -5.09 48.89 -27.87
N ASP H 198 -5.59 48.98 -26.64
CA ASP H 198 -6.62 49.92 -26.34
C ASP H 198 -5.74 51.13 -26.00
N LEU H 199 -5.23 51.82 -27.02
CA LEU H 199 -4.36 52.98 -26.78
C LEU H 199 -4.70 54.13 -27.74
N LYS H 200 -5.93 54.11 -28.25
CA LYS H 200 -6.33 55.14 -29.20
C LYS H 200 -7.02 56.35 -28.59
N ALA H 201 -6.40 57.50 -28.85
CA ALA H 201 -6.88 58.80 -28.40
C ALA H 201 -7.83 59.28 -29.50
N GLN H 202 -8.45 58.27 -30.10
CA GLN H 202 -9.44 58.36 -31.16
C GLN H 202 -10.55 57.35 -30.79
N SER H 203 -10.15 56.12 -30.45
CA SER H 203 -11.10 55.05 -30.06
C SER H 203 -11.86 55.48 -28.79
N ILE H 204 -11.22 56.42 -28.10
CA ILE H 204 -11.64 57.07 -26.87
C ILE H 204 -12.80 58.04 -27.05
N ASN H 205 -12.80 58.74 -28.18
CA ASN H 205 -13.85 59.72 -28.54
C ASN H 205 -15.07 58.91 -28.88
N LYS H 206 -14.79 57.71 -29.40
CA LYS H 206 -15.81 56.75 -29.75
C LYS H 206 -16.53 56.52 -28.43
N LEU H 207 -15.72 56.25 -27.42
CA LEU H 207 -16.21 55.99 -26.09
C LEU H 207 -16.86 57.25 -25.55
N LEU H 208 -16.21 58.38 -25.77
CA LEU H 208 -16.69 59.68 -25.30
C LEU H 208 -18.16 59.92 -25.61
N THR H 209 -18.50 59.83 -26.89
CA THR H 209 -19.87 60.02 -27.32
C THR H 209 -20.70 58.83 -26.85
N ALA H 210 -20.01 57.71 -26.59
CA ALA H 210 -20.65 56.48 -26.12
C ALA H 210 -21.16 56.61 -24.69
N LEU H 211 -20.49 57.46 -23.91
CA LEU H 211 -20.87 57.71 -22.52
C LEU H 211 -22.16 58.51 -22.53
N ASN H 212 -22.21 59.53 -23.39
CA ASN H 212 -23.42 60.33 -23.46
C ASN H 212 -24.58 59.55 -24.16
N GLU H 213 -24.23 58.39 -24.71
CA GLU H 213 -25.18 57.48 -25.34
C GLU H 213 -25.44 56.41 -24.27
N CYS H 214 -26.35 56.87 -23.37
CA CYS H 214 -26.89 56.24 -22.13
C CYS H 214 -27.31 54.79 -21.93
N THR H 215 -26.48 54.06 -21.18
CA THR H 215 -26.70 52.68 -20.82
C THR H 215 -25.85 52.59 -19.57
N GLU H 216 -26.30 53.18 -18.48
CA GLU H 216 -25.49 53.19 -17.25
C GLU H 216 -24.42 52.13 -17.31
N TRP H 217 -24.87 50.88 -17.31
CA TRP H 217 -24.00 49.72 -17.38
C TRP H 217 -22.86 50.00 -18.35
N ALA H 218 -23.23 50.53 -19.53
CA ALA H 218 -22.26 50.89 -20.54
C ALA H 218 -21.30 51.89 -19.91
N GLN H 219 -21.83 53.08 -19.65
CA GLN H 219 -21.07 54.17 -19.04
C GLN H 219 -19.94 53.50 -18.25
N ILE H 220 -20.31 52.61 -17.35
CA ILE H 220 -19.32 51.91 -16.53
C ILE H 220 -18.25 51.24 -17.36
N PHE H 221 -18.59 50.05 -17.87
CA PHE H 221 -17.69 49.25 -18.68
C PHE H 221 -16.69 50.09 -19.45
N ILE H 222 -17.17 51.21 -19.98
CA ILE H 222 -16.34 52.14 -20.72
C ILE H 222 -15.24 52.65 -19.79
N LEU H 223 -15.68 53.33 -18.74
CA LEU H 223 -14.76 53.86 -17.76
C LEU H 223 -13.90 52.70 -17.27
N ASP H 224 -14.60 51.64 -16.87
CA ASP H 224 -13.95 50.45 -16.37
C ASP H 224 -12.71 50.10 -17.22
N CYS H 225 -12.71 50.51 -18.49
CA CYS H 225 -11.58 50.24 -19.38
C CYS H 225 -10.47 51.28 -19.24
N LEU H 226 -10.87 52.53 -19.11
CA LEU H 226 -9.94 53.63 -18.96
C LEU H 226 -8.99 53.33 -17.81
N GLY H 227 -9.27 52.23 -17.14
CA GLY H 227 -8.44 51.80 -16.01
C GLY H 227 -7.30 50.89 -16.46
N ASN H 228 -6.86 51.10 -17.69
CA ASN H 228 -5.77 50.34 -18.30
C ASN H 228 -4.98 51.36 -19.20
N TYR H 229 -5.26 52.66 -19.08
CA TYR H 229 -4.64 53.70 -19.91
C TYR H 229 -3.78 54.84 -19.33
N MET H 230 -3.77 55.89 -20.19
CA MET H 230 -3.17 57.24 -20.12
C MET H 230 -1.66 57.60 -20.20
N PRO H 231 -0.76 56.75 -20.74
CA PRO H 231 0.63 57.21 -20.72
C PRO H 231 1.04 58.57 -21.30
N LYS H 232 1.45 59.52 -20.40
CA LYS H 232 2.06 60.88 -20.54
C LYS H 232 1.39 62.23 -21.04
N ASP H 233 0.34 62.38 -21.93
CA ASP H 233 -0.14 63.76 -22.29
C ASP H 233 -1.28 64.56 -21.64
N ASP H 234 -1.01 65.87 -21.49
CA ASP H 234 -1.92 66.86 -20.88
C ASP H 234 -3.18 67.43 -21.59
N ARG H 235 -3.10 67.88 -22.85
CA ARG H 235 -4.31 68.43 -23.52
C ARG H 235 -5.45 67.40 -23.56
N GLU H 236 -5.05 66.14 -23.75
CA GLU H 236 -5.95 64.97 -23.81
C GLU H 236 -6.57 64.74 -22.42
N ALA H 237 -5.73 64.87 -21.39
CA ALA H 237 -6.22 64.72 -20.04
C ALA H 237 -7.36 65.73 -19.82
N GLN H 238 -7.07 67.02 -19.99
CA GLN H 238 -8.05 68.10 -19.82
C GLN H 238 -9.38 67.96 -20.56
N SER H 239 -9.38 67.18 -21.65
CA SER H 239 -10.60 66.96 -22.41
C SER H 239 -11.27 65.67 -21.91
N ILE H 240 -10.46 64.63 -21.66
CA ILE H 240 -10.99 63.37 -21.16
C ILE H 240 -11.79 63.69 -19.89
N CYS H 241 -11.22 64.52 -19.04
CA CYS H 241 -11.84 64.90 -17.77
C CYS H 241 -12.97 65.94 -17.87
N GLU H 242 -12.69 67.07 -18.54
CA GLU H 242 -13.70 68.11 -18.69
C GLU H 242 -14.95 67.51 -19.38
N ARG H 243 -14.82 66.25 -19.80
CA ARG H 243 -15.88 65.48 -20.46
C ARG H 243 -16.70 64.64 -19.46
N VAL H 244 -16.03 64.17 -18.42
CA VAL H 244 -16.66 63.36 -17.38
C VAL H 244 -17.48 64.19 -16.37
N THR H 245 -17.19 65.49 -16.32
CA THR H 245 -17.89 66.42 -15.42
C THR H 245 -19.41 66.22 -15.39
N PRO H 246 -20.00 65.77 -16.50
CA PRO H 246 -21.44 65.61 -16.37
C PRO H 246 -21.69 64.31 -15.62
N ARG H 247 -20.96 63.27 -16.03
CA ARG H 247 -21.08 61.94 -15.44
C ARG H 247 -21.33 61.93 -13.92
N LEU H 248 -20.67 62.82 -13.19
CA LEU H 248 -20.86 62.86 -11.73
C LEU H 248 -22.26 63.21 -11.25
N SER H 249 -22.72 64.40 -11.63
CA SER H 249 -24.04 64.84 -11.22
C SER H 249 -25.16 64.01 -11.83
N HIS H 250 -24.80 63.13 -12.77
CA HIS H 250 -25.80 62.31 -13.49
C HIS H 250 -26.59 61.20 -12.74
N ALA H 251 -26.42 59.96 -13.20
CA ALA H 251 -27.21 58.83 -12.73
C ALA H 251 -27.00 58.14 -11.39
N ASN H 252 -26.75 56.83 -11.46
CA ASN H 252 -26.63 56.00 -10.27
C ASN H 252 -25.28 55.57 -9.84
N SER H 253 -24.97 55.96 -8.62
CA SER H 253 -23.72 55.61 -7.99
C SER H 253 -22.72 54.91 -8.91
N ALA H 254 -22.96 53.63 -9.23
CA ALA H 254 -22.07 52.85 -10.10
C ALA H 254 -21.34 53.77 -11.06
N VAL H 255 -22.12 54.63 -11.70
CA VAL H 255 -21.61 55.62 -12.63
C VAL H 255 -20.64 56.50 -11.86
N VAL H 256 -21.20 57.46 -11.11
CA VAL H 256 -20.43 58.39 -10.31
C VAL H 256 -19.16 57.71 -9.83
N LEU H 257 -19.30 56.55 -9.21
CA LEU H 257 -18.14 55.82 -8.70
C LEU H 257 -17.18 55.53 -9.85
N SER H 258 -17.43 54.45 -10.60
CA SER H 258 -16.54 54.09 -11.69
C SER H 258 -15.97 55.34 -12.37
N ALA H 259 -16.82 56.37 -12.50
CA ALA H 259 -16.39 57.64 -13.10
C ALA H 259 -15.19 58.16 -12.30
N VAL H 260 -15.42 58.38 -11.01
CA VAL H 260 -14.35 58.85 -10.17
C VAL H 260 -13.15 57.91 -10.31
N LYS H 261 -13.40 56.59 -10.25
CA LYS H 261 -12.34 55.59 -10.38
C LYS H 261 -11.30 56.06 -11.41
N VAL H 262 -11.78 56.59 -12.53
CA VAL H 262 -10.84 57.07 -13.57
C VAL H 262 -10.32 58.49 -13.33
N LEU H 263 -11.22 59.41 -13.01
CA LEU H 263 -10.86 60.82 -12.77
C LEU H 263 -9.54 60.93 -12.04
N MET H 264 -9.39 60.00 -11.11
CA MET H 264 -8.23 59.94 -10.26
C MET H 264 -7.05 59.11 -10.77
N LYS H 265 -7.29 58.22 -11.74
CA LYS H 265 -6.19 57.49 -12.34
C LYS H 265 -5.51 58.39 -13.37
N PHE H 266 -6.22 59.44 -13.79
CA PHE H 266 -5.67 60.35 -14.79
C PHE H 266 -4.91 61.56 -14.19
N MET H 267 -5.30 62.01 -12.99
CA MET H 267 -4.62 63.14 -12.32
C MET H 267 -3.08 63.09 -12.36
N ASP H 275 -4.07 75.65 -13.36
CA ASP H 275 -5.42 75.95 -12.88
C ASP H 275 -6.29 74.73 -13.03
N TYR H 276 -5.62 73.60 -13.21
CA TYR H 276 -6.26 72.32 -13.41
C TYR H 276 -6.97 71.70 -12.18
N TYR H 277 -6.13 71.25 -11.24
CA TYR H 277 -6.59 70.62 -10.02
C TYR H 277 -7.83 71.32 -9.40
N ALA H 278 -7.72 72.59 -8.97
CA ALA H 278 -8.84 73.31 -8.33
C ALA H 278 -10.22 73.08 -8.97
N THR H 279 -10.22 72.87 -10.28
CA THR H 279 -11.45 72.63 -11.02
C THR H 279 -12.02 71.26 -10.57
N LEU H 280 -11.22 70.22 -10.79
CA LEU H 280 -11.59 68.85 -10.40
C LEU H 280 -12.08 68.71 -8.95
N LEU H 281 -11.18 69.06 -8.04
CA LEU H 281 -11.42 68.98 -6.61
C LEU H 281 -12.68 69.69 -6.09
N LYS H 282 -12.99 70.86 -6.65
CA LYS H 282 -14.18 71.59 -6.20
C LYS H 282 -15.46 71.06 -6.82
N LYS H 283 -15.28 70.22 -7.83
CA LYS H 283 -16.39 69.56 -8.51
C LYS H 283 -16.57 68.17 -7.88
N LEU H 284 -15.46 67.47 -7.65
CA LEU H 284 -15.46 66.14 -7.04
C LEU H 284 -16.17 66.11 -5.68
N ALA H 285 -16.27 67.29 -5.07
CA ALA H 285 -16.90 67.47 -3.76
C ALA H 285 -18.41 67.14 -3.69
N PRO H 286 -19.28 68.03 -4.23
CA PRO H 286 -20.73 67.77 -4.20
C PRO H 286 -21.18 66.38 -4.71
N PRO H 287 -20.38 65.66 -5.54
CA PRO H 287 -20.72 64.32 -6.04
C PRO H 287 -20.69 63.23 -5.01
N LEU H 288 -19.50 63.01 -4.45
CA LEU H 288 -19.31 62.01 -3.45
C LEU H 288 -20.36 62.20 -2.38
N VAL H 289 -20.52 63.42 -1.92
CA VAL H 289 -21.53 63.70 -0.90
C VAL H 289 -22.93 63.19 -1.27
N THR H 290 -23.46 63.73 -2.37
CA THR H 290 -24.80 63.34 -2.82
C THR H 290 -24.80 61.83 -3.14
N LEU H 291 -23.61 61.23 -3.07
CA LEU H 291 -23.48 59.81 -3.30
C LEU H 291 -23.95 59.06 -2.06
N LEU H 292 -23.87 59.71 -0.91
CA LEU H 292 -24.31 59.07 0.33
C LEU H 292 -25.75 59.31 0.73
N SER H 293 -26.32 60.44 0.32
CA SER H 293 -27.72 60.68 0.69
C SER H 293 -28.58 59.69 -0.08
N ALA H 294 -27.92 58.63 -0.55
CA ALA H 294 -28.52 57.58 -1.35
C ALA H 294 -29.13 56.41 -0.59
N GLU H 295 -28.42 55.28 -0.60
CA GLU H 295 -28.91 54.09 0.05
C GLU H 295 -28.03 53.29 0.96
N PRO H 296 -28.66 52.58 1.92
CA PRO H 296 -28.01 51.73 2.92
C PRO H 296 -26.79 51.01 2.38
N GLU H 297 -27.00 49.78 1.95
CA GLU H 297 -25.93 48.98 1.42
C GLU H 297 -24.89 49.71 0.57
N PRO H 298 -25.30 50.57 -0.39
CA PRO H 298 -24.25 51.24 -1.18
C PRO H 298 -23.36 51.99 -0.21
N GLN H 299 -23.93 52.98 0.46
CA GLN H 299 -23.21 53.79 1.42
C GLN H 299 -21.93 53.12 1.87
N TYR H 300 -22.01 51.85 2.25
CA TYR H 300 -20.81 51.15 2.69
C TYR H 300 -19.74 51.35 1.63
N VAL H 301 -19.66 50.44 0.66
CA VAL H 301 -18.66 50.52 -0.38
C VAL H 301 -18.11 51.93 -0.51
N PRO H 302 -18.97 52.88 -0.87
CA PRO H 302 -18.47 54.25 -1.01
C PRO H 302 -17.63 54.66 0.18
N LEU H 303 -18.25 54.81 1.34
CA LEU H 303 -17.47 55.20 2.52
C LEU H 303 -16.11 54.55 2.45
N ARG H 304 -16.11 53.24 2.30
CA ARG H 304 -14.89 52.49 2.22
C ARG H 304 -13.93 53.16 1.25
N ASN H 305 -14.45 53.45 0.06
CA ASN H 305 -13.63 54.11 -0.94
C ASN H 305 -13.31 55.51 -0.47
N ILE H 306 -14.36 56.28 -0.14
CA ILE H 306 -14.21 57.64 0.36
C ILE H 306 -12.93 57.66 1.17
N ASN H 307 -12.84 56.68 2.05
CA ASN H 307 -11.67 56.50 2.90
C ASN H 307 -10.45 56.58 1.99
N LEU H 308 -10.20 55.48 1.27
CA LEU H 308 -9.09 55.40 0.37
C LEU H 308 -8.80 56.74 -0.32
N ILE H 309 -9.86 57.45 -0.66
CA ILE H 309 -9.77 58.75 -1.32
C ILE H 309 -9.03 59.85 -0.57
N VAL H 310 -9.62 60.35 0.51
CA VAL H 310 -8.98 61.40 1.27
C VAL H 310 -7.58 60.95 1.61
N GLN H 311 -7.35 59.64 1.60
CA GLN H 311 -6.03 59.09 1.90
C GLN H 311 -5.02 59.63 0.88
N LYS H 312 -5.41 59.69 -0.39
CA LYS H 312 -4.52 60.22 -1.43
C LYS H 312 -4.54 61.75 -1.50
N ARG H 313 -5.66 62.33 -1.91
CA ARG H 313 -5.79 63.79 -1.98
C ARG H 313 -6.78 64.41 -1.01
N PRO H 314 -6.50 64.31 0.29
CA PRO H 314 -7.36 64.84 1.35
C PRO H 314 -7.91 66.20 1.00
N GLU H 315 -7.07 66.98 0.31
CA GLU H 315 -7.41 68.32 -0.12
C GLU H 315 -8.81 68.42 -0.73
N ILE H 316 -9.36 67.30 -1.17
CA ILE H 316 -10.68 67.28 -1.82
C ILE H 316 -11.90 67.72 -1.00
N LEU H 317 -11.94 67.31 0.26
CA LEU H 317 -13.03 67.66 1.15
C LEU H 317 -12.45 68.07 2.48
N LYS H 318 -11.22 68.58 2.42
CA LYS H 318 -10.47 69.01 3.58
C LYS H 318 -11.33 69.69 4.64
N HIS H 319 -12.53 70.15 4.29
CA HIS H 319 -13.41 70.79 5.28
C HIS H 319 -14.87 70.34 5.25
N GLU H 320 -15.22 69.47 4.31
CA GLU H 320 -16.59 68.95 4.20
C GLU H 320 -16.79 67.83 5.19
N MET H 321 -17.57 68.06 6.26
CA MET H 321 -17.79 67.02 7.26
C MET H 321 -19.06 67.14 8.09
N LYS H 322 -19.71 68.29 8.01
CA LYS H 322 -20.94 68.51 8.76
C LYS H 322 -21.97 67.46 8.29
N VAL H 323 -21.51 66.56 7.43
CA VAL H 323 -22.35 65.52 6.84
C VAL H 323 -22.04 64.12 7.29
N PHE H 324 -20.77 63.82 7.47
CA PHE H 324 -20.37 62.49 7.88
C PHE H 324 -20.79 62.05 9.27
N PHE H 325 -21.78 62.72 9.84
CA PHE H 325 -22.24 62.33 11.16
C PHE H 325 -23.09 61.08 11.00
N VAL H 326 -23.29 60.38 12.10
CA VAL H 326 -24.07 59.17 12.07
C VAL H 326 -25.45 59.44 12.61
N LYS H 327 -26.46 59.03 11.85
CA LYS H 327 -27.83 59.23 12.29
C LYS H 327 -28.21 57.94 13.02
N TYR H 328 -29.38 57.89 13.61
CA TYR H 328 -29.76 56.68 14.30
C TYR H 328 -30.26 55.60 13.34
N ASN H 329 -31.05 55.98 12.34
CA ASN H 329 -31.56 55.00 11.38
C ASN H 329 -30.43 54.21 10.76
N ASP H 330 -29.29 54.85 10.56
CA ASP H 330 -28.16 54.19 9.95
C ASP H 330 -27.76 52.88 10.62
N PRO H 331 -27.51 51.86 9.81
CA PRO H 331 -27.11 50.56 10.31
C PRO H 331 -25.70 50.56 10.85
N ILE H 332 -25.33 49.45 11.49
CA ILE H 332 -24.02 49.29 12.10
C ILE H 332 -22.83 49.54 11.18
N TYR H 333 -22.65 48.71 10.16
CA TYR H 333 -21.51 48.92 9.28
C TYR H 333 -21.42 50.36 8.86
N VAL H 334 -22.56 50.92 8.50
CA VAL H 334 -22.61 52.32 8.09
C VAL H 334 -21.80 53.07 9.11
N LYS H 335 -22.43 53.24 10.27
CA LYS H 335 -21.81 53.94 11.36
C LYS H 335 -20.32 53.65 11.34
N LEU H 336 -19.91 52.44 11.71
CA LEU H 336 -18.49 52.09 11.70
C LEU H 336 -17.64 52.89 10.72
N GLU H 337 -17.74 52.53 9.44
CA GLU H 337 -16.95 53.23 8.45
C GLU H 337 -17.03 54.73 8.66
N LYS H 338 -18.24 55.27 8.72
CA LYS H 338 -18.38 56.71 8.91
C LYS H 338 -17.35 57.21 9.91
N LEU H 339 -17.28 56.57 11.06
CA LEU H 339 -16.31 56.97 12.08
C LEU H 339 -14.94 57.00 11.47
N ASP H 340 -14.39 55.80 11.30
CA ASP H 340 -13.08 55.56 10.72
C ASP H 340 -12.69 56.75 9.85
N ILE H 341 -13.65 57.21 9.06
CA ILE H 341 -13.43 58.33 8.17
C ILE H 341 -13.33 59.63 8.93
N MET H 342 -14.44 60.06 9.53
CA MET H 342 -14.44 61.30 10.28
C MET H 342 -13.05 61.48 10.82
N ILE H 343 -12.62 60.47 11.56
CA ILE H 343 -11.30 60.48 12.15
C ILE H 343 -10.25 60.93 11.14
N ARG H 344 -9.97 60.10 10.13
CA ARG H 344 -8.95 60.49 9.18
C ARG H 344 -9.14 61.91 8.68
N LEU H 345 -10.19 62.59 9.15
CA LEU H 345 -10.47 63.96 8.73
C LEU H 345 -10.55 65.09 9.75
N ALA H 346 -9.93 64.97 10.91
CA ALA H 346 -10.04 66.09 11.85
C ALA H 346 -8.79 66.91 12.16
N SER H 347 -9.02 68.16 12.55
CA SER H 347 -7.96 69.10 12.91
C SER H 347 -8.54 69.99 14.01
N GLN H 348 -7.88 71.11 14.25
CA GLN H 348 -8.29 72.04 15.28
C GLN H 348 -9.73 72.53 15.06
N ALA H 349 -9.88 73.38 14.06
CA ALA H 349 -11.18 73.93 13.71
C ALA H 349 -12.26 72.85 13.73
N ASN H 350 -11.85 71.61 13.52
CA ASN H 350 -12.75 70.44 13.50
C ASN H 350 -13.20 69.97 14.86
N ILE H 351 -12.25 69.35 15.54
CA ILE H 351 -12.46 68.78 16.85
C ILE H 351 -13.53 69.45 17.66
N ALA H 352 -13.58 70.79 17.60
CA ALA H 352 -14.63 71.48 18.35
C ALA H 352 -15.89 70.65 18.22
N GLN H 353 -16.39 70.58 17.00
CA GLN H 353 -17.59 69.82 16.70
C GLN H 353 -17.38 68.32 16.88
N VAL H 354 -16.29 67.79 16.31
CA VAL H 354 -16.01 66.36 16.43
C VAL H 354 -16.43 65.78 17.78
N LEU H 355 -15.83 66.31 18.84
CA LEU H 355 -16.16 65.81 20.16
C LEU H 355 -17.61 66.04 20.45
N ALA H 356 -18.05 67.30 20.45
CA ALA H 356 -19.46 67.59 20.73
C ALA H 356 -20.33 66.42 20.31
N GLU H 357 -20.10 65.95 19.09
CA GLU H 357 -20.83 64.82 18.54
C GLU H 357 -20.45 63.50 19.21
N LEU H 358 -19.18 63.15 19.22
CA LEU H 358 -18.82 61.91 19.86
C LEU H 358 -19.58 61.77 21.17
N LYS H 359 -19.50 62.78 22.02
CA LYS H 359 -20.20 62.74 23.30
C LYS H 359 -21.61 62.21 23.09
N GLU H 360 -22.45 62.95 22.37
CA GLU H 360 -23.80 62.46 22.14
C GLU H 360 -23.77 60.97 21.75
N TYR H 361 -23.00 60.64 20.72
CA TYR H 361 -22.87 59.26 20.25
C TYR H 361 -22.84 58.32 21.44
N ALA H 362 -21.74 58.38 22.18
CA ALA H 362 -21.56 57.54 23.34
C ALA H 362 -22.85 57.36 24.12
N THR H 363 -23.64 58.43 24.23
CA THR H 363 -24.89 58.33 24.96
C THR H 363 -25.85 57.29 24.38
N GLU H 364 -25.78 57.07 23.06
CA GLU H 364 -26.66 56.10 22.39
C GLU H 364 -26.84 54.75 23.10
N VAL H 365 -27.55 53.83 22.44
CA VAL H 365 -27.85 52.50 22.99
C VAL H 365 -27.15 51.35 22.32
N ASP H 366 -26.79 51.50 21.05
CA ASP H 366 -26.13 50.42 20.39
C ASP H 366 -24.73 50.29 20.94
N VAL H 367 -24.56 49.31 21.82
CA VAL H 367 -23.27 49.10 22.45
C VAL H 367 -22.07 49.24 21.53
N ASP H 368 -21.75 48.13 20.87
CA ASP H 368 -20.62 48.08 19.96
C ASP H 368 -20.26 49.50 19.54
N PHE H 369 -21.23 50.19 18.96
CA PHE H 369 -21.03 51.56 18.49
C PHE H 369 -20.29 52.38 19.51
N VAL H 370 -21.01 52.77 20.54
CA VAL H 370 -20.40 53.59 21.56
C VAL H 370 -18.98 53.14 21.73
N ARG H 371 -18.80 51.84 21.84
CA ARG H 371 -17.46 51.33 22.02
C ARG H 371 -16.49 51.96 21.04
N LYS H 372 -16.46 51.47 19.81
CA LYS H 372 -15.56 52.04 18.82
C LYS H 372 -15.64 53.57 18.89
N ALA H 373 -16.82 54.07 19.27
CA ALA H 373 -17.02 55.51 19.36
C ALA H 373 -16.10 56.15 20.38
N VAL H 374 -16.14 55.65 21.60
CA VAL H 374 -15.27 56.21 22.61
C VAL H 374 -13.88 56.00 22.05
N ARG H 375 -13.62 54.76 21.66
CA ARG H 375 -12.35 54.40 21.10
C ARG H 375 -11.98 55.43 20.05
N ALA H 376 -13.00 56.09 19.49
CA ALA H 376 -12.76 57.13 18.51
C ALA H 376 -12.12 58.29 19.24
N ILE H 377 -12.80 58.78 20.27
CA ILE H 377 -12.27 59.87 21.06
C ILE H 377 -10.80 59.59 21.22
N GLY H 378 -10.50 58.32 21.40
CA GLY H 378 -9.12 57.91 21.57
C GLY H 378 -8.25 58.30 20.40
N ARG H 379 -8.25 57.46 19.36
CA ARG H 379 -7.43 57.71 18.21
C ARG H 379 -7.43 59.21 17.94
N CYS H 380 -8.59 59.83 18.15
CA CYS H 380 -8.73 61.26 17.94
C CYS H 380 -7.62 62.05 18.62
N ALA H 381 -7.64 62.08 19.95
CA ALA H 381 -6.63 62.82 20.70
C ALA H 381 -5.25 62.51 20.19
N ILE H 382 -4.99 61.25 19.84
CA ILE H 382 -3.66 60.89 19.34
C ILE H 382 -3.22 61.71 18.14
N LYS H 383 -4.01 61.68 17.07
CA LYS H 383 -3.65 62.42 15.86
C LYS H 383 -3.51 63.92 16.10
N VAL H 384 -4.38 64.49 16.94
CA VAL H 384 -4.29 65.92 17.22
C VAL H 384 -3.80 66.24 18.64
N GLU H 385 -2.49 66.11 18.84
CA GLU H 385 -1.87 66.36 20.15
C GLU H 385 -2.42 67.62 20.75
N GLN H 386 -2.42 68.64 19.90
CA GLN H 386 -2.89 69.95 20.22
C GLN H 386 -4.30 69.92 20.81
N SER H 387 -4.83 68.73 21.01
CA SER H 387 -6.18 68.61 21.52
C SER H 387 -6.34 67.58 22.63
N ALA H 388 -5.22 67.18 23.23
CA ALA H 388 -5.26 66.19 24.30
C ALA H 388 -6.35 66.42 25.36
N GLU H 389 -6.08 67.31 26.31
CA GLU H 389 -7.03 67.61 27.38
C GLU H 389 -8.43 67.49 26.82
N ARG H 390 -8.73 68.45 25.96
CA ARG H 390 -10.01 68.54 25.28
C ARG H 390 -10.68 67.19 25.34
N CYS H 391 -10.05 66.18 24.75
CA CYS H 391 -10.59 64.83 24.76
C CYS H 391 -10.80 64.41 26.20
N VAL H 392 -9.68 64.12 26.85
CA VAL H 392 -9.72 63.71 28.24
C VAL H 392 -10.95 64.31 28.88
N SER H 393 -10.92 65.64 28.95
CA SER H 393 -11.99 66.42 29.54
C SER H 393 -13.34 65.76 29.36
N THR H 394 -13.68 65.41 28.12
CA THR H 394 -14.96 64.76 27.89
C THR H 394 -14.95 63.31 28.37
N LEU H 395 -13.87 62.59 28.13
CA LEU H 395 -13.82 61.22 28.58
C LEU H 395 -14.29 61.22 30.00
N LEU H 396 -13.46 61.82 30.84
CA LEU H 396 -13.77 61.92 32.25
C LEU H 396 -15.25 62.26 32.33
N ASP H 397 -15.60 63.38 31.71
CA ASP H 397 -16.97 63.88 31.67
C ASP H 397 -18.00 62.74 31.56
N LEU H 398 -17.68 61.72 30.77
CA LEU H 398 -18.61 60.61 30.58
C LEU H 398 -18.62 59.67 31.75
N ILE H 399 -17.45 59.28 32.19
CA ILE H 399 -17.34 58.35 33.30
C ILE H 399 -18.14 58.83 34.47
N GLN H 400 -18.19 60.15 34.65
CA GLN H 400 -18.94 60.70 35.76
C GLN H 400 -20.39 60.26 35.65
N THR H 401 -20.75 59.62 34.54
CA THR H 401 -22.11 59.18 34.35
C THR H 401 -22.36 57.84 34.98
N LYS H 402 -21.28 57.14 35.27
CA LYS H 402 -21.38 55.84 35.91
C LYS H 402 -22.18 54.83 35.08
N VAL H 403 -22.24 55.11 33.79
CA VAL H 403 -22.92 54.22 32.85
C VAL H 403 -22.02 53.03 32.69
N ASN H 404 -22.19 52.02 33.53
CA ASN H 404 -21.35 50.85 33.49
C ASN H 404 -20.41 50.68 32.26
N TYR H 405 -20.92 50.10 31.16
CA TYR H 405 -20.09 49.89 29.98
C TYR H 405 -19.25 51.05 29.50
N VAL H 406 -19.88 52.21 29.29
CA VAL H 406 -19.15 53.38 28.83
C VAL H 406 -17.90 53.42 29.64
N VAL H 407 -18.09 53.57 30.93
CA VAL H 407 -16.99 53.63 31.85
C VAL H 407 -15.85 52.78 31.38
N GLN H 408 -15.94 51.48 31.60
CA GLN H 408 -14.82 50.66 31.19
C GLN H 408 -14.13 51.10 29.90
N GLU H 409 -14.75 50.94 28.74
CA GLU H 409 -14.02 51.35 27.54
C GLU H 409 -13.29 52.64 27.81
N ALA H 410 -14.02 53.66 28.24
CA ALA H 410 -13.40 54.93 28.54
C ALA H 410 -12.03 54.69 29.11
N ILE H 411 -11.98 54.25 30.37
CA ILE H 411 -10.70 54.00 31.01
C ILE H 411 -9.72 53.50 30.00
N VAL H 412 -9.96 52.28 29.53
CA VAL H 412 -9.07 51.68 28.57
C VAL H 412 -8.40 52.75 27.77
N VAL H 413 -9.20 53.55 27.08
CA VAL H 413 -8.65 54.61 26.29
C VAL H 413 -7.70 55.45 27.12
N ILE H 414 -8.25 56.16 28.10
CA ILE H 414 -7.43 56.99 28.94
C ILE H 414 -6.09 56.36 29.14
N LYS H 415 -6.10 55.08 29.50
CA LYS H 415 -4.86 54.37 29.70
C LYS H 415 -3.97 54.76 28.56
N ASP H 416 -4.26 54.19 27.40
CA ASP H 416 -3.47 54.45 26.22
C ASP H 416 -3.02 55.92 26.13
N ILE H 417 -3.93 56.83 26.46
CA ILE H 417 -3.59 58.25 26.42
C ILE H 417 -2.35 58.51 27.23
N PHE H 418 -2.39 58.09 28.49
CA PHE H 418 -1.26 58.28 29.37
C PHE H 418 0.04 57.76 28.79
N ARG H 419 -0.03 56.63 28.10
CA ARG H 419 1.17 56.08 27.50
C ARG H 419 1.84 57.16 26.64
N LYS H 420 1.06 57.90 25.86
CA LYS H 420 1.67 58.93 25.01
C LYS H 420 2.02 60.27 25.64
N TYR H 421 1.20 60.77 26.54
CA TYR H 421 1.49 62.06 27.14
C TYR H 421 1.70 61.92 28.65
N PRO H 422 2.72 61.16 29.03
CA PRO H 422 3.02 60.94 30.43
C PRO H 422 3.03 62.20 31.30
N ASN H 423 2.98 61.97 32.60
CA ASN H 423 3.00 62.99 33.63
C ASN H 423 2.33 64.27 33.20
N LYS H 424 1.20 64.19 32.53
CA LYS H 424 0.56 65.42 32.13
C LYS H 424 -0.84 65.44 32.72
N TYR H 425 -1.35 64.26 33.07
CA TYR H 425 -2.66 64.16 33.66
C TYR H 425 -2.51 63.41 34.94
N GLU H 426 -3.06 63.98 36.00
CA GLU H 426 -2.95 63.36 37.31
C GLU H 426 -4.28 63.39 37.98
N SER H 427 -4.57 64.54 38.59
CA SER H 427 -5.82 64.75 39.31
C SER H 427 -6.83 63.68 38.89
N VAL H 428 -6.98 63.54 37.58
CA VAL H 428 -7.88 62.56 36.99
C VAL H 428 -7.80 61.16 37.61
N ILE H 429 -6.63 60.81 38.13
CA ILE H 429 -6.42 59.51 38.72
C ILE H 429 -7.44 59.12 39.78
N ALA H 430 -7.41 59.78 40.93
CA ALA H 430 -8.36 59.44 41.98
C ALA H 430 -9.77 59.36 41.38
N THR H 431 -10.20 60.46 40.77
CA THR H 431 -11.53 60.54 40.15
C THR H 431 -11.76 59.29 39.32
N LEU H 432 -10.68 58.68 38.89
CA LEU H 432 -10.74 57.49 38.07
C LEU H 432 -11.22 56.29 38.87
N CYS H 433 -10.32 55.74 39.67
CA CYS H 433 -10.59 54.57 40.50
C CYS H 433 -12.01 54.57 40.95
N GLU H 434 -12.44 55.72 41.45
CA GLU H 434 -13.79 55.94 41.92
C GLU H 434 -14.62 54.72 41.53
N ASN H 435 -14.91 54.61 40.25
CA ASN H 435 -15.66 53.49 39.74
C ASN H 435 -14.65 52.39 39.53
N LEU H 436 -14.52 51.51 40.50
CA LEU H 436 -13.57 50.41 40.38
C LEU H 436 -14.34 49.11 40.20
N ASP H 437 -15.44 49.00 40.92
CA ASP H 437 -16.24 47.80 40.85
C ASP H 437 -16.77 47.62 39.45
N SER H 438 -17.69 48.52 39.09
CA SER H 438 -18.33 48.52 37.79
C SER H 438 -17.49 48.05 36.57
N ASP H 439 -16.18 47.86 36.76
CA ASP H 439 -15.29 47.45 35.67
C ASP H 439 -15.07 45.97 35.71
N ASP H 440 -15.73 45.26 34.81
CA ASP H 440 -15.62 43.83 34.83
C ASP H 440 -15.00 43.25 33.63
N GLU H 441 -14.35 44.04 32.84
CA GLU H 441 -13.80 43.40 31.70
C GLU H 441 -12.31 43.15 31.83
N PRO H 442 -11.75 42.34 30.95
CA PRO H 442 -10.33 42.09 31.06
C PRO H 442 -9.54 43.35 30.88
N GLU H 443 -9.11 43.60 29.65
CA GLU H 443 -8.30 44.77 29.34
C GLU H 443 -8.73 45.95 30.19
N ALA H 444 -10.03 46.13 30.35
CA ALA H 444 -10.51 47.23 31.17
C ALA H 444 -9.85 47.13 32.53
N ARG H 445 -10.23 46.13 33.30
CA ARG H 445 -9.63 45.93 34.61
C ARG H 445 -8.15 46.07 34.41
N ALA H 446 -7.56 45.06 33.76
CA ALA H 446 -6.15 45.05 33.49
C ALA H 446 -5.63 46.46 33.48
N ALA H 447 -5.79 47.11 32.33
CA ALA H 447 -5.37 48.49 32.15
C ALA H 447 -5.41 49.22 33.48
N MET H 448 -6.61 49.42 33.98
CA MET H 448 -6.79 50.10 35.26
C MET H 448 -5.64 49.76 36.19
N ILE H 449 -5.52 48.47 36.50
CA ILE H 449 -4.48 48.02 37.39
C ILE H 449 -3.16 48.62 36.98
N TRP H 450 -2.57 48.12 35.90
CA TRP H 450 -1.29 48.62 35.45
C TRP H 450 -1.13 50.12 35.70
N ILE H 451 -2.21 50.87 35.52
CA ILE H 451 -2.13 52.29 35.77
C ILE H 451 -1.71 52.52 37.18
N VAL H 452 -2.53 52.06 38.11
CA VAL H 452 -2.21 52.24 39.51
C VAL H 452 -0.73 51.97 39.69
N GLY H 453 -0.30 50.79 39.29
CA GLY H 453 1.09 50.45 39.41
C GLY H 453 1.94 51.66 39.10
N GLU H 454 2.08 51.94 37.82
CA GLU H 454 2.90 53.06 37.38
C GLU H 454 2.86 54.26 38.33
N TYR H 455 1.76 54.98 38.27
CA TYR H 455 1.59 56.17 39.06
C TYR H 455 1.33 55.92 40.55
N ALA H 456 1.93 54.85 41.08
CA ALA H 456 1.76 54.48 42.47
C ALA H 456 2.03 55.61 43.46
N GLU H 457 3.17 56.27 43.26
CA GLU H 457 3.55 57.38 44.12
C GLU H 457 2.31 58.05 44.68
N ARG H 458 1.49 58.65 43.79
CA ARG H 458 0.28 59.40 44.17
C ARG H 458 -0.74 58.70 45.08
N SER H 459 -1.48 57.75 44.55
CA SER H 459 -2.49 57.09 45.37
C SER H 459 -1.86 56.38 46.56
N ASP H 460 -2.30 56.73 47.75
CA ASP H 460 -1.78 56.09 48.96
C ASP H 460 -2.34 54.69 48.93
N ASN H 461 -3.66 54.63 49.00
CA ASN H 461 -4.40 53.38 48.99
C ASN H 461 -3.80 52.34 48.06
N ALA H 462 -3.12 52.81 47.03
CA ALA H 462 -2.49 51.94 46.06
C ALA H 462 -2.69 50.49 46.49
N ASP H 463 -2.07 50.18 47.62
CA ASP H 463 -2.15 48.85 48.20
C ASP H 463 -3.47 48.15 48.00
N GLU H 464 -4.33 48.24 49.01
CA GLU H 464 -5.61 47.55 48.95
C GLU H 464 -6.15 47.42 47.55
N LEU H 465 -6.20 48.51 46.80
CA LEU H 465 -6.73 48.44 45.44
C LEU H 465 -6.16 47.17 44.84
N LEU H 466 -4.88 47.20 44.55
CA LEU H 466 -4.28 46.01 43.98
C LEU H 466 -4.72 44.82 44.80
N GLU H 467 -4.38 44.84 46.08
CA GLU H 467 -4.73 43.73 46.97
C GLU H 467 -6.08 43.15 46.64
N SER H 468 -7.10 44.01 46.61
CA SER H 468 -8.45 43.59 46.34
C SER H 468 -8.50 42.41 45.40
N PHE H 469 -7.92 42.59 44.23
CA PHE H 469 -7.97 41.51 43.25
C PHE H 469 -7.38 40.19 43.71
N LEU H 470 -6.30 40.24 44.48
CA LEU H 470 -5.65 39.02 44.96
C LEU H 470 -6.54 37.88 45.39
N ASP H 471 -7.03 37.94 46.63
CA ASP H 471 -7.88 36.88 47.19
C ASP H 471 -8.62 36.20 46.04
N GLY H 472 -9.00 36.99 45.05
CA GLY H 472 -9.68 36.46 43.88
C GLY H 472 -8.78 36.47 42.67
N PHE H 473 -7.75 35.63 42.70
CA PHE H 473 -6.80 35.52 41.62
C PHE H 473 -6.87 34.09 41.17
N HIS H 474 -5.73 33.49 40.82
CA HIS H 474 -5.66 32.12 40.32
C HIS H 474 -6.69 32.01 39.20
N ASP H 475 -7.41 33.10 38.99
CA ASP H 475 -8.42 33.11 37.95
C ASP H 475 -8.89 34.51 37.63
N GLU H 476 -8.41 34.94 36.48
CA GLU H 476 -8.71 36.23 35.90
C GLU H 476 -7.80 36.24 34.71
N SER H 477 -8.31 36.75 33.61
CA SER H 477 -7.56 36.80 32.36
C SER H 477 -6.04 36.84 32.50
N THR H 478 -5.39 35.93 31.78
CA THR H 478 -3.94 35.84 31.79
C THR H 478 -3.33 37.22 31.92
N GLN H 479 -3.48 38.01 30.87
CA GLN H 479 -2.92 39.36 30.82
C GLN H 479 -3.03 40.16 32.11
N VAL H 480 -4.22 40.17 32.71
CA VAL H 480 -4.39 40.93 33.93
C VAL H 480 -3.49 40.37 35.03
N GLN H 481 -3.49 39.06 35.17
CA GLN H 481 -2.66 38.43 36.19
C GLN H 481 -1.35 39.18 36.12
N LEU H 482 -0.86 39.35 34.89
CA LEU H 482 0.41 40.04 34.70
C LEU H 482 0.54 41.41 35.32
N GLN H 483 0.06 42.43 34.61
CA GLN H 483 0.21 43.79 35.13
C GLN H 483 0.14 43.74 36.62
N LEU H 484 -0.97 43.20 37.10
CA LEU H 484 -1.18 43.10 38.52
C LEU H 484 0.12 42.71 39.18
N LEU H 485 0.75 41.64 38.69
CA LEU H 485 2.00 41.26 39.28
C LEU H 485 2.90 42.47 39.13
N THR H 486 3.31 42.72 37.90
CA THR H 486 4.17 43.85 37.61
C THR H 486 3.88 45.01 38.55
N ALA H 487 2.71 45.61 38.41
CA ALA H 487 2.32 46.73 39.25
C ALA H 487 2.78 46.57 40.69
N ILE H 488 2.21 45.58 41.40
CA ILE H 488 2.58 45.33 42.78
C ILE H 488 4.02 45.70 42.94
N VAL H 489 4.85 44.92 42.26
CA VAL H 489 6.27 45.15 42.30
C VAL H 489 6.51 46.64 42.32
N LYS H 490 6.20 47.28 41.20
CA LYS H 490 6.39 48.71 41.07
C LYS H 490 6.27 49.46 42.39
N LEU H 491 5.13 49.39 43.06
CA LEU H 491 5.02 50.15 44.30
C LEU H 491 5.94 49.64 45.36
N PHE H 492 6.18 48.33 45.36
CA PHE H 492 7.06 47.79 46.36
C PHE H 492 8.36 48.53 46.23
N LEU H 493 8.71 48.85 44.99
CA LEU H 493 9.94 49.56 44.68
C LEU H 493 9.82 51.05 44.96
N LYS H 494 8.61 51.50 45.31
CA LYS H 494 8.39 52.88 45.70
C LYS H 494 8.79 52.79 47.18
N LYS H 495 9.46 51.68 47.48
CA LYS H 495 10.01 51.30 48.79
C LYS H 495 9.08 51.04 49.96
N PRO H 496 7.78 51.35 49.82
CA PRO H 496 6.96 51.09 50.99
C PRO H 496 7.46 49.88 51.78
N THR H 497 7.50 50.04 53.07
CA THR H 497 7.95 48.99 53.96
C THR H 497 6.76 48.06 54.11
N GLU H 498 5.59 48.65 53.93
CA GLU H 498 4.27 48.00 54.05
C GLU H 498 3.93 47.07 52.87
N THR H 499 4.82 47.04 51.88
CA THR H 499 4.63 46.24 50.70
C THR H 499 5.05 44.80 50.88
N GLN H 500 5.98 44.57 51.81
CA GLN H 500 6.50 43.24 52.05
C GLN H 500 5.47 42.16 51.75
N GLU H 501 4.74 41.72 52.79
CA GLU H 501 3.73 40.66 52.65
C GLU H 501 3.00 40.62 51.30
N LEU H 502 2.65 41.78 50.76
CA LEU H 502 1.96 41.84 49.47
C LEU H 502 2.83 41.20 48.43
N VAL H 503 3.76 41.99 47.90
CA VAL H 503 4.65 41.50 46.88
C VAL H 503 4.94 40.03 47.10
N GLN H 504 5.26 39.69 48.33
CA GLN H 504 5.55 38.31 48.68
C GLN H 504 4.44 37.46 48.07
N GLN H 505 3.30 37.49 48.72
CA GLN H 505 2.13 36.74 48.27
C GLN H 505 2.06 36.75 46.75
N VAL H 506 1.98 37.95 46.19
CA VAL H 506 1.90 38.10 44.74
C VAL H 506 2.74 37.02 44.10
N LEU H 507 4.05 37.26 44.09
CA LEU H 507 4.96 36.30 43.53
C LEU H 507 4.52 34.92 43.93
N SER H 508 4.60 34.67 45.23
CA SER H 508 4.23 33.38 45.78
C SER H 508 3.14 32.72 44.96
N LEU H 509 2.01 33.41 44.81
CA LEU H 509 0.91 32.85 44.05
C LEU H 509 1.34 32.55 42.63
N ALA H 510 1.86 33.57 41.96
CA ALA H 510 2.33 33.43 40.59
C ALA H 510 3.66 32.68 40.54
N THR H 511 3.94 31.90 41.58
CA THR H 511 5.19 31.15 41.65
C THR H 511 4.96 29.65 41.60
N GLN H 512 4.16 29.14 42.52
CA GLN H 512 3.92 27.71 42.54
C GLN H 512 2.43 27.40 42.52
N ASP H 513 1.62 28.33 43.00
CA ASP H 513 0.18 28.12 43.02
C ASP H 513 -0.44 28.45 41.65
N SER H 514 0.43 28.76 40.68
CA SER H 514 0.02 29.09 39.31
C SER H 514 0.57 28.09 38.29
N ASP H 515 -0.13 27.93 37.15
CA ASP H 515 0.31 26.98 36.12
C ASP H 515 0.31 27.54 34.71
N ASN H 516 1.00 28.65 34.55
CA ASN H 516 1.10 29.29 33.27
C ASN H 516 2.55 29.63 33.03
N PRO H 517 3.28 28.72 32.38
CA PRO H 517 4.69 28.86 32.05
C PRO H 517 5.15 30.30 32.05
N ASP H 518 4.80 31.02 30.99
CA ASP H 518 5.22 32.41 30.88
C ASP H 518 5.19 33.06 32.23
N LEU H 519 3.99 33.10 32.79
CA LEU H 519 3.78 33.68 34.09
C LEU H 519 4.90 33.22 35.03
N ARG H 520 4.95 31.93 35.34
CA ARG H 520 5.98 31.40 36.23
C ARG H 520 7.28 32.18 36.07
N ASP H 521 7.68 32.37 34.82
CA ASP H 521 8.90 33.08 34.51
C ASP H 521 8.95 34.50 34.95
N ARG H 522 8.35 35.39 34.14
CA ARG H 522 8.40 36.80 34.47
C ARG H 522 8.28 36.82 35.97
N GLY H 523 7.47 35.92 36.49
CA GLY H 523 7.34 35.81 37.92
C GLY H 523 8.71 35.55 38.55
N TYR H 524 9.19 34.31 38.48
CA TYR H 524 10.48 33.98 39.06
C TYR H 524 11.49 35.07 38.80
N ILE H 525 11.69 35.41 37.54
CA ILE H 525 12.61 36.47 37.15
C ILE H 525 12.66 37.52 38.26
N TYR H 526 11.52 38.16 38.49
CA TYR H 526 11.47 39.18 39.53
C TYR H 526 11.94 38.58 40.88
N TRP H 527 11.35 37.44 41.30
CA TRP H 527 11.72 36.81 42.57
C TRP H 527 13.23 36.70 42.79
N ARG H 528 13.98 36.68 41.70
CA ARG H 528 15.42 36.59 41.80
C ARG H 528 16.01 37.99 41.80
N LEU H 529 15.46 38.86 40.96
CA LEU H 529 15.98 40.21 40.90
C LEU H 529 15.96 40.84 42.29
N LEU H 530 14.91 40.55 43.05
CA LEU H 530 14.76 41.10 44.38
C LEU H 530 15.50 40.34 45.47
N SER H 531 15.38 39.02 45.44
CA SER H 531 16.04 38.17 46.43
C SER H 531 17.55 38.39 46.41
N THR H 532 18.00 39.20 45.45
CA THR H 532 19.42 39.53 45.26
C THR H 532 19.81 41.01 45.56
N ASP H 533 19.26 41.95 44.79
CA ASP H 533 19.55 43.41 44.98
C ASP H 533 18.49 44.47 44.80
N PRO H 534 17.65 44.70 45.81
CA PRO H 534 16.61 45.72 45.67
C PRO H 534 17.06 46.95 44.89
N VAL H 535 18.00 47.74 45.42
CA VAL H 535 18.48 48.95 44.73
C VAL H 535 18.50 48.70 43.22
N ALA H 536 19.22 47.65 42.82
CA ALA H 536 19.36 47.25 41.42
C ALA H 536 17.99 47.17 40.75
N ALA H 537 17.19 46.22 41.23
CA ALA H 537 15.86 46.02 40.71
C ALA H 537 15.21 47.37 40.49
N LYS H 538 15.14 48.15 41.56
CA LYS H 538 14.52 49.47 41.51
C LYS H 538 14.78 50.13 40.17
N GLU H 539 16.01 50.59 39.95
CA GLU H 539 16.32 51.25 38.68
C GLU H 539 15.84 50.42 37.50
N VAL H 540 16.16 49.13 37.52
CA VAL H 540 15.76 48.21 36.47
C VAL H 540 14.32 48.34 36.01
N VAL H 541 13.44 47.78 36.83
CA VAL H 541 12.01 47.77 36.54
C VAL H 541 11.38 49.09 36.20
N LEU H 542 11.44 50.03 37.14
CA LEU H 542 10.85 51.33 36.86
C LEU H 542 11.84 52.15 36.12
N ALA H 543 12.45 51.57 35.11
CA ALA H 543 13.44 52.34 34.38
C ALA H 543 12.80 53.30 33.39
N GLU H 544 13.59 54.29 32.99
CA GLU H 544 13.19 55.32 32.05
C GLU H 544 12.57 54.47 30.92
N LYS H 545 11.28 54.69 30.66
CA LYS H 545 10.49 53.98 29.65
C LYS H 545 10.26 54.82 28.39
N PRO H 546 10.79 54.31 27.24
CA PRO H 546 10.86 54.73 25.85
C PRO H 546 9.60 55.32 25.36
N LEU H 547 9.52 55.73 24.11
CA LEU H 547 8.31 56.34 23.62
C LEU H 547 7.59 55.29 22.81
N ILE H 548 6.29 55.47 22.55
CA ILE H 548 5.52 54.46 21.80
C ILE H 548 5.39 54.77 20.29
N SER H 549 5.17 53.72 19.50
CA SER H 549 5.07 53.84 18.04
C SER H 549 4.03 52.99 17.30
N GLU H 550 2.88 53.58 16.93
CA GLU H 550 1.86 52.87 16.15
C GLU H 550 1.56 53.69 14.90
N GLU H 551 2.65 53.95 14.19
CA GLU H 551 2.68 54.66 12.93
C GLU H 551 2.40 53.55 11.91
N THR H 552 2.46 52.31 12.41
CA THR H 552 2.22 51.10 11.62
C THR H 552 0.84 51.24 10.93
N ASP H 553 0.06 52.27 11.34
CA ASP H 553 -1.30 52.51 10.80
C ASP H 553 -1.53 53.86 10.02
N LEU H 554 -2.52 53.85 9.13
CA LEU H 554 -2.91 54.96 8.25
C LEU H 554 -2.13 54.88 6.91
N ILE H 555 -2.57 53.89 6.09
CA ILE H 555 -2.09 53.47 4.73
C ILE H 555 -0.68 53.77 4.24
N GLU H 556 -0.23 53.03 3.22
CA GLU H 556 1.10 53.21 2.66
C GLU H 556 1.16 53.98 1.34
N PRO H 557 2.39 54.26 0.87
CA PRO H 557 2.61 55.00 -0.38
C PRO H 557 2.37 54.17 -1.65
N THR H 558 3.31 53.28 -1.96
CA THR H 558 3.24 52.44 -3.16
C THR H 558 1.86 51.80 -3.31
N LEU H 559 1.41 51.20 -2.20
CA LEU H 559 0.12 50.53 -2.19
C LEU H 559 -1.02 51.52 -2.49
N LEU H 560 -1.08 52.64 -1.77
CA LEU H 560 -2.14 53.64 -1.98
C LEU H 560 -2.42 53.95 -3.46
N ASP H 561 -1.40 54.46 -4.14
CA ASP H 561 -1.52 54.82 -5.56
C ASP H 561 -2.19 53.68 -6.34
N GLU H 562 -1.59 52.49 -6.24
CA GLU H 562 -2.10 51.30 -6.92
C GLU H 562 -3.59 50.98 -6.74
N LEU H 563 -4.08 51.10 -5.50
CA LEU H 563 -5.48 50.80 -5.20
C LEU H 563 -6.48 51.70 -5.86
N ILE H 564 -6.33 53.00 -5.61
CA ILE H 564 -7.25 53.97 -6.17
C ILE H 564 -7.81 53.51 -7.52
N CYS H 565 -7.03 52.75 -8.29
CA CYS H 565 -7.46 52.23 -9.60
C CYS H 565 -8.77 51.44 -9.53
N TYR H 566 -8.87 50.55 -8.54
CA TYR H 566 -10.00 49.67 -8.37
C TYR H 566 -11.17 50.21 -7.57
N ILE H 567 -11.47 51.50 -7.65
CA ILE H 567 -12.60 51.95 -6.87
C ILE H 567 -13.86 51.27 -7.37
N GLY H 568 -14.82 51.04 -6.49
CA GLY H 568 -16.06 50.37 -6.87
C GLY H 568 -15.79 48.88 -7.04
N THR H 569 -14.64 48.48 -6.53
CA THR H 569 -14.13 47.12 -6.58
C THR H 569 -14.16 46.46 -5.22
N LEU H 570 -14.07 45.13 -5.19
CA LEU H 570 -14.04 44.44 -3.93
C LEU H 570 -12.86 45.00 -3.20
N ALA H 571 -11.73 44.98 -3.89
CA ALA H 571 -10.52 45.50 -3.31
C ALA H 571 -10.87 46.88 -2.81
N SER H 572 -11.69 47.57 -3.60
CA SER H 572 -12.10 48.92 -3.27
C SER H 572 -12.64 48.96 -1.85
N VAL H 573 -12.99 47.80 -1.31
CA VAL H 573 -13.52 47.77 0.05
C VAL H 573 -12.56 47.18 1.08
N TYR H 574 -11.94 46.05 0.75
CA TYR H 574 -11.01 45.45 1.69
C TYR H 574 -9.79 46.35 1.84
N HIS H 575 -9.50 47.11 0.80
CA HIS H 575 -8.34 47.98 0.78
C HIS H 575 -7.17 47.03 0.60
N LYS H 576 -7.38 46.00 -0.19
CA LYS H 576 -6.32 45.06 -0.40
C LYS H 576 -6.17 44.66 -1.86
N PRO H 577 -5.07 43.99 -2.18
CA PRO H 577 -4.72 43.51 -3.52
C PRO H 577 -5.38 42.28 -4.08
N PRO H 578 -5.69 42.34 -5.37
CA PRO H 578 -6.31 41.21 -6.01
C PRO H 578 -5.60 39.88 -5.67
N ASN H 579 -4.37 39.96 -5.14
CA ASN H 579 -3.63 38.75 -4.76
C ASN H 579 -4.28 37.93 -3.64
N ALA H 580 -5.08 38.59 -2.79
CA ALA H 580 -5.75 37.92 -1.69
C ALA H 580 -7.07 37.32 -2.16
N PHE H 581 -7.65 37.91 -3.20
CA PHE H 581 -8.92 37.36 -3.69
C PHE H 581 -8.76 36.15 -4.63
N VAL H 582 -8.30 36.48 -5.84
CA VAL H 582 -8.04 35.58 -7.01
C VAL H 582 -8.09 34.03 -7.06
N GLU H 583 -7.76 33.35 -5.97
CA GLU H 583 -7.74 31.88 -5.94
C GLU H 583 -8.72 31.12 -6.85
N GLY H 584 -8.43 31.05 -8.07
N MET I 6 -23.94 37.95 -62.47
CA MET I 6 -24.89 38.43 -63.57
C MET I 6 -25.61 37.18 -64.15
N PRO I 7 -26.57 36.49 -63.42
CA PRO I 7 -27.33 35.26 -63.76
C PRO I 7 -28.12 35.14 -65.10
N ALA I 8 -28.80 34.01 -65.35
CA ALA I 8 -29.61 33.80 -66.57
C ALA I 8 -30.81 32.91 -66.19
N PRO I 9 -31.46 33.18 -65.04
CA PRO I 9 -32.58 32.51 -64.40
C PRO I 9 -33.49 31.60 -65.14
N ILE I 10 -33.62 30.36 -64.70
CA ILE I 10 -34.50 29.45 -65.39
C ILE I 10 -35.95 29.88 -65.20
N ARG I 11 -36.83 29.40 -66.08
CA ARG I 11 -38.24 29.74 -65.98
C ARG I 11 -38.99 28.52 -65.46
N LEU I 12 -40.06 28.73 -64.70
CA LEU I 12 -40.79 27.61 -64.10
C LEU I 12 -40.86 26.37 -64.94
N ARG I 13 -41.84 26.33 -65.84
CA ARG I 13 -41.99 25.18 -66.69
C ARG I 13 -40.64 24.64 -67.03
N GLU I 14 -39.86 25.46 -67.73
CA GLU I 14 -38.51 25.08 -68.12
C GLU I 14 -37.96 24.14 -67.05
N LEU I 15 -37.97 24.59 -65.81
CA LEU I 15 -37.48 23.79 -64.70
C LEU I 15 -38.07 22.40 -64.75
N ILE I 16 -39.34 22.31 -64.42
CA ILE I 16 -40.03 21.04 -64.43
C ILE I 16 -39.54 20.19 -65.59
N ARG I 17 -39.85 20.66 -66.79
CA ARG I 17 -39.48 19.99 -68.01
C ARG I 17 -38.07 19.43 -67.87
N THR I 18 -37.24 20.08 -67.05
CA THR I 18 -35.87 19.62 -66.84
C THR I 18 -35.90 18.40 -65.92
N ILE I 19 -36.72 18.43 -64.87
CA ILE I 19 -36.79 17.29 -63.97
C ILE I 19 -37.43 16.11 -64.68
N ARG I 20 -38.02 16.36 -65.83
CA ARG I 20 -38.64 15.30 -66.59
C ARG I 20 -37.53 14.49 -67.24
N THR I 21 -36.41 15.14 -67.49
CA THR I 21 -35.27 14.48 -68.11
C THR I 21 -34.67 13.51 -67.10
N ALA I 22 -34.89 13.79 -65.82
CA ALA I 22 -34.34 12.96 -64.75
C ALA I 22 -34.36 11.45 -65.01
N ARG I 23 -33.19 10.83 -64.86
CA ARG I 23 -33.04 9.40 -65.08
C ARG I 23 -32.80 8.66 -63.78
N THR I 24 -32.37 9.36 -62.74
CA THR I 24 -32.11 8.72 -61.47
C THR I 24 -32.46 9.56 -60.28
N GLN I 25 -33.17 8.95 -59.35
CA GLN I 25 -33.60 9.64 -58.14
C GLN I 25 -32.44 10.45 -57.59
N ALA I 26 -31.26 9.84 -57.61
CA ALA I 26 -30.06 10.51 -57.13
C ALA I 26 -29.98 11.82 -57.91
N GLU I 27 -30.01 11.70 -59.23
CA GLU I 27 -29.93 12.85 -60.11
C GLU I 27 -30.93 13.92 -59.72
N GLU I 28 -32.18 13.53 -59.56
CA GLU I 28 -33.22 14.47 -59.17
C GLU I 28 -32.65 15.37 -58.09
N ARG I 29 -32.20 14.76 -57.00
CA ARG I 29 -31.60 15.54 -55.91
C ARG I 29 -30.70 16.55 -56.57
N GLU I 30 -29.63 16.02 -57.14
CA GLU I 30 -28.65 16.82 -57.86
C GLU I 30 -29.35 18.05 -58.42
N MET I 31 -29.99 17.87 -59.56
CA MET I 31 -30.70 18.95 -60.22
C MET I 31 -31.34 19.89 -59.21
N ILE I 32 -32.30 19.36 -58.47
CA ILE I 32 -32.98 20.17 -57.48
C ILE I 32 -31.98 20.93 -56.64
N GLN I 33 -31.19 20.20 -55.87
CA GLN I 33 -30.18 20.81 -55.00
C GLN I 33 -29.39 21.91 -55.71
N LYS I 34 -29.01 21.65 -56.95
CA LYS I 34 -28.25 22.62 -57.74
C LYS I 34 -29.12 23.83 -58.06
N GLU I 35 -30.42 23.57 -58.24
CA GLU I 35 -31.35 24.64 -58.55
C GLU I 35 -31.53 25.57 -57.37
N CYS I 36 -32.30 25.12 -56.39
CA CYS I 36 -32.55 25.93 -55.20
C CYS I 36 -31.27 26.57 -54.71
N ALA I 37 -30.16 25.88 -54.90
CA ALA I 37 -28.88 26.43 -54.48
C ALA I 37 -28.67 27.77 -55.18
N ALA I 38 -28.74 27.75 -56.51
CA ALA I 38 -28.56 28.96 -57.31
C ALA I 38 -29.69 29.96 -57.03
N ILE I 39 -30.85 29.41 -56.68
CA ILE I 39 -31.99 30.22 -56.40
C ILE I 39 -31.80 30.95 -55.08
N ARG I 40 -31.27 30.25 -54.09
CA ARG I 40 -31.02 30.90 -52.82
C ARG I 40 -30.13 32.10 -53.10
N SER I 41 -28.96 31.84 -53.70
CA SER I 41 -28.00 32.89 -54.03
C SER I 41 -28.62 34.00 -54.88
N SER I 42 -29.88 33.79 -55.30
CA SER I 42 -30.62 34.78 -56.08
C SER I 42 -31.43 35.68 -55.14
N PHE I 43 -31.73 35.15 -53.95
CA PHE I 43 -32.49 35.90 -52.94
C PHE I 43 -31.56 36.69 -52.06
N ARG I 44 -30.30 36.27 -52.03
CA ARG I 44 -29.28 36.96 -51.22
C ARG I 44 -29.46 38.43 -51.54
N GLU I 45 -29.60 38.70 -52.82
CA GLU I 45 -29.73 40.04 -53.34
C GLU I 45 -31.13 40.67 -53.20
N GLU I 46 -32.15 39.86 -52.94
CA GLU I 46 -33.52 40.38 -52.81
C GLU I 46 -33.93 41.25 -54.00
N ASP I 47 -33.79 40.70 -55.19
CA ASP I 47 -34.10 41.42 -56.42
C ASP I 47 -35.55 41.23 -56.80
N ASN I 48 -36.28 42.33 -56.72
CA ASN I 48 -37.70 42.40 -57.00
C ASN I 48 -38.19 41.65 -58.23
N THR I 49 -37.36 41.64 -59.28
CA THR I 49 -37.73 40.93 -60.50
C THR I 49 -37.21 39.51 -60.43
N TYR I 50 -38.01 38.58 -60.96
CA TYR I 50 -37.70 37.15 -60.94
C TYR I 50 -38.20 36.59 -59.63
N ARG I 51 -38.38 37.49 -58.66
CA ARG I 51 -38.84 37.09 -57.34
C ARG I 51 -39.98 36.11 -57.52
N CYS I 52 -41.06 36.56 -58.13
CA CYS I 52 -42.22 35.71 -58.39
C CYS I 52 -41.83 34.32 -58.92
N ARG I 53 -41.14 34.31 -60.06
CA ARG I 53 -40.72 33.07 -60.69
C ARG I 53 -40.29 32.01 -59.68
N ASN I 54 -39.09 32.18 -59.16
CA ASN I 54 -38.57 31.23 -58.21
C ASN I 54 -39.63 30.76 -57.23
N VAL I 55 -40.23 31.68 -56.46
CA VAL I 55 -41.25 31.28 -55.52
C VAL I 55 -42.05 30.13 -56.12
N ALA I 56 -42.44 30.30 -57.38
CA ALA I 56 -43.19 29.24 -58.04
C ALA I 56 -42.31 28.03 -58.02
N LYS I 57 -41.25 28.09 -58.83
CA LYS I 57 -40.30 27.00 -58.93
C LYS I 57 -40.37 26.28 -57.60
N LEU I 58 -40.13 27.04 -56.53
CA LEU I 58 -40.18 26.47 -55.21
C LEU I 58 -41.47 25.69 -55.07
N LEU I 59 -42.60 26.39 -55.01
CA LEU I 59 -43.88 25.73 -54.88
C LEU I 59 -43.85 24.34 -55.46
N TYR I 60 -43.56 24.27 -56.75
CA TYR I 60 -43.47 22.98 -57.42
C TYR I 60 -42.56 22.13 -56.56
N MET I 61 -41.28 22.51 -56.53
CA MET I 61 -40.28 21.79 -55.75
C MET I 61 -40.99 21.16 -54.56
N HIS I 62 -41.57 22.02 -53.74
CA HIS I 62 -42.29 21.54 -52.58
C HIS I 62 -43.14 20.40 -53.04
N MET I 63 -44.25 20.73 -53.69
CA MET I 63 -45.22 19.78 -54.20
C MET I 63 -44.62 18.40 -54.42
N LEU I 64 -43.36 18.35 -54.79
CA LEU I 64 -42.76 17.06 -54.98
C LEU I 64 -42.03 16.61 -53.71
N GLY I 65 -42.46 17.14 -52.57
CA GLY I 65 -41.88 16.79 -51.29
C GLY I 65 -40.43 17.14 -51.09
N TYR I 66 -40.10 18.43 -51.08
CA TYR I 66 -38.71 18.83 -50.90
C TYR I 66 -38.49 19.93 -49.85
N PRO I 67 -37.24 20.36 -49.63
CA PRO I 67 -36.93 21.41 -48.66
C PRO I 67 -37.73 22.68 -48.99
N ALA I 68 -38.79 22.95 -48.24
CA ALA I 68 -39.68 24.10 -48.49
C ALA I 68 -39.47 25.44 -47.76
N HIS I 69 -39.43 25.37 -46.43
CA HIS I 69 -39.25 26.52 -45.53
C HIS I 69 -38.45 27.68 -46.12
N PHE I 70 -37.33 27.29 -46.73
CA PHE I 70 -36.38 28.17 -47.36
C PHE I 70 -36.88 29.60 -47.56
N GLY I 71 -37.93 29.74 -48.37
CA GLY I 71 -38.43 31.08 -48.66
C GLY I 71 -39.79 31.53 -48.20
N GLN I 72 -40.31 30.90 -47.16
CA GLN I 72 -41.59 31.30 -46.63
C GLN I 72 -41.67 32.84 -46.68
N LEU I 73 -40.78 33.47 -45.93
CA LEU I 73 -40.67 34.92 -45.82
C LEU I 73 -40.91 35.65 -47.15
N GLU I 74 -39.84 35.69 -47.91
CA GLU I 74 -39.74 36.31 -49.22
C GLU I 74 -41.04 36.14 -49.99
N CYS I 75 -41.69 35.03 -49.72
CA CYS I 75 -42.96 34.75 -50.35
C CYS I 75 -43.78 35.99 -50.02
N LEU I 76 -43.85 36.31 -48.74
CA LEU I 76 -44.59 37.49 -48.35
C LEU I 76 -44.08 38.73 -49.10
N LYS I 77 -42.77 38.88 -49.21
CA LYS I 77 -42.21 40.04 -49.93
C LYS I 77 -42.77 40.21 -51.32
N LEU I 78 -43.49 39.21 -51.77
CA LEU I 78 -44.12 39.30 -53.06
C LEU I 78 -45.40 40.04 -52.77
N ILE I 79 -46.20 39.45 -51.88
CA ILE I 79 -47.46 40.07 -51.51
C ILE I 79 -47.26 41.55 -51.48
N ALA I 80 -46.11 41.94 -50.97
CA ALA I 80 -45.76 43.35 -50.88
C ALA I 80 -45.88 44.03 -52.23
N SER I 81 -45.01 43.63 -53.15
CA SER I 81 -44.94 44.18 -54.50
C SER I 81 -46.22 44.85 -55.00
N GLN I 82 -46.03 45.77 -55.93
CA GLN I 82 -47.15 46.49 -56.49
C GLN I 82 -47.89 45.66 -57.53
N LYS I 83 -47.19 45.24 -58.57
CA LYS I 83 -47.78 44.44 -59.66
C LYS I 83 -48.62 43.23 -59.25
N PHE I 84 -49.90 43.26 -59.64
CA PHE I 84 -50.85 42.18 -59.34
C PHE I 84 -50.19 40.83 -59.26
N THR I 85 -49.74 40.34 -60.41
CA THR I 85 -49.09 39.04 -60.49
C THR I 85 -48.39 38.65 -59.21
N ASP I 86 -47.24 39.26 -58.97
CA ASP I 86 -46.46 38.99 -57.78
C ASP I 86 -47.37 38.71 -56.60
N LYS I 87 -48.43 39.48 -56.49
CA LYS I 87 -49.36 39.30 -55.40
C LYS I 87 -50.10 37.97 -55.46
N ARG I 88 -50.65 37.61 -56.61
CA ARG I 88 -51.36 36.33 -56.65
C ARG I 88 -50.41 35.17 -56.45
N ILE I 89 -49.36 35.08 -57.27
CA ILE I 89 -48.41 33.99 -57.09
C ILE I 89 -48.11 33.98 -55.60
N GLY I 90 -47.71 35.12 -55.09
CA GLY I 90 -47.41 35.24 -53.69
C GLY I 90 -48.49 34.56 -52.88
N TYR I 91 -49.57 35.27 -52.60
CA TYR I 91 -50.67 34.74 -51.81
C TYR I 91 -50.75 33.24 -51.88
N LEU I 92 -50.84 32.72 -53.08
CA LEU I 92 -50.93 31.29 -53.23
C LEU I 92 -49.86 30.64 -52.38
N GLY I 93 -48.63 31.08 -52.61
CA GLY I 93 -47.52 30.54 -51.86
C GLY I 93 -47.76 30.57 -50.36
N ALA I 94 -48.42 31.62 -49.90
CA ALA I 94 -48.69 31.72 -48.48
C ALA I 94 -49.44 30.49 -48.04
N MET I 95 -50.69 30.41 -48.47
CA MET I 95 -51.55 29.29 -48.11
C MET I 95 -50.86 27.95 -48.10
N LEU I 96 -49.80 27.82 -48.89
CA LEU I 96 -49.07 26.56 -48.95
C LEU I 96 -47.92 26.41 -47.94
N LEU I 97 -47.04 27.39 -47.96
CA LEU I 97 -45.83 27.36 -47.12
C LEU I 97 -45.83 27.92 -45.72
N LEU I 98 -46.96 28.42 -45.26
CA LEU I 98 -46.97 29.02 -43.93
C LEU I 98 -47.27 28.16 -42.69
N ASP I 99 -46.47 28.44 -41.65
CA ASP I 99 -46.60 27.84 -40.32
C ASP I 99 -47.38 28.95 -39.62
N GLU I 100 -48.15 28.66 -38.58
CA GLU I 100 -48.93 29.73 -38.01
C GLU I 100 -48.26 30.67 -37.02
N ARG I 101 -47.23 31.35 -37.51
CA ARG I 101 -46.53 32.31 -36.68
C ARG I 101 -47.32 33.62 -36.67
N GLN I 102 -47.75 34.00 -35.47
CA GLN I 102 -48.52 35.22 -35.29
C GLN I 102 -47.75 36.43 -35.79
N ASP I 103 -46.43 36.32 -35.75
CA ASP I 103 -45.54 37.38 -36.18
C ASP I 103 -45.79 37.74 -37.64
N VAL I 104 -45.57 36.77 -38.52
CA VAL I 104 -45.79 36.99 -39.94
C VAL I 104 -47.26 37.28 -40.02
N HIS I 105 -48.00 36.49 -39.26
CA HIS I 105 -49.43 36.59 -39.17
C HIS I 105 -49.85 38.05 -39.12
N LEU I 106 -49.11 38.86 -38.35
CA LEU I 106 -49.41 40.28 -38.27
C LEU I 106 -48.98 40.93 -39.60
N LEU I 107 -47.75 40.65 -40.05
CA LEU I 107 -47.28 41.20 -41.33
C LEU I 107 -48.32 40.86 -42.39
N MET I 108 -48.85 39.64 -42.29
CA MET I 108 -49.88 39.17 -43.19
C MET I 108 -50.99 40.17 -43.03
N THR I 109 -51.59 40.15 -41.85
CA THR I 109 -52.69 41.05 -41.51
C THR I 109 -52.47 42.36 -42.24
N ASN I 110 -51.32 42.97 -41.98
CA ASN I 110 -50.98 44.23 -42.62
C ASN I 110 -51.33 44.20 -44.10
N CYS I 111 -50.50 43.52 -44.89
CA CYS I 111 -50.72 43.45 -46.32
C CYS I 111 -52.13 43.12 -46.72
N ILE I 112 -52.81 42.32 -45.91
CA ILE I 112 -54.19 41.99 -46.24
C ILE I 112 -54.95 43.28 -46.32
N LYS I 113 -55.00 44.00 -45.21
CA LYS I 113 -55.71 45.28 -45.16
C LYS I 113 -55.28 46.14 -46.32
N ASN I 114 -54.00 46.51 -46.34
CA ASN I 114 -53.45 47.35 -47.39
C ASN I 114 -53.98 46.94 -48.75
N ASP I 115 -54.19 45.65 -48.95
CA ASP I 115 -54.70 45.17 -50.22
C ASP I 115 -56.22 45.20 -50.23
N LEU I 116 -56.82 44.89 -49.10
CA LEU I 116 -58.28 44.90 -49.02
C LEU I 116 -58.88 46.22 -49.47
N ASN I 117 -58.10 47.28 -49.37
CA ASN I 117 -58.57 48.58 -49.80
C ASN I 117 -57.69 48.97 -50.98
N HIS I 118 -58.05 48.47 -52.16
CA HIS I 118 -57.29 48.74 -53.37
C HIS I 118 -58.19 49.27 -54.47
N SER I 119 -57.60 50.00 -55.40
CA SER I 119 -58.33 50.57 -56.51
C SER I 119 -58.89 49.45 -57.38
N THR I 120 -58.04 48.51 -57.76
CA THR I 120 -58.46 47.39 -58.59
C THR I 120 -59.40 46.54 -57.76
N GLN I 121 -59.75 45.34 -58.22
CA GLN I 121 -60.65 44.51 -57.44
C GLN I 121 -60.21 43.10 -57.21
N PHE I 122 -59.78 42.42 -58.26
CA PHE I 122 -59.33 41.03 -58.11
C PHE I 122 -58.26 40.95 -57.07
N VAL I 123 -57.60 42.07 -56.82
CA VAL I 123 -56.56 42.11 -55.80
C VAL I 123 -57.36 41.70 -54.60
N GLN I 124 -58.28 42.59 -54.23
CA GLN I 124 -59.16 42.36 -53.11
C GLN I 124 -59.55 40.91 -53.07
N GLY I 125 -59.75 40.33 -54.24
CA GLY I 125 -60.10 38.93 -54.30
C GLY I 125 -59.09 38.16 -53.50
N LEU I 126 -57.89 38.02 -54.07
CA LEU I 126 -56.82 37.32 -53.39
C LEU I 126 -56.93 37.49 -51.90
N ALA I 127 -56.87 38.74 -51.47
CA ALA I 127 -56.94 39.02 -50.04
C ALA I 127 -58.04 38.17 -49.42
N LEU I 128 -59.28 38.64 -49.52
CA LEU I 128 -60.41 37.92 -48.95
C LEU I 128 -60.11 36.45 -48.90
N CYS I 129 -60.16 35.84 -50.07
CA CYS I 129 -59.88 34.43 -50.24
C CYS I 129 -58.86 33.98 -49.20
N THR I 130 -57.61 34.36 -49.43
CA THR I 130 -56.54 34.02 -48.53
C THR I 130 -56.95 34.10 -47.08
N LEU I 131 -57.55 35.22 -46.71
CA LEU I 131 -57.94 35.39 -45.33
C LEU I 131 -58.93 34.36 -44.85
N GLY I 132 -59.79 33.87 -45.73
CA GLY I 132 -60.75 32.88 -45.28
C GLY I 132 -60.13 31.50 -45.18
N CYS I 133 -58.88 31.38 -45.61
CA CYS I 133 -58.20 30.10 -45.58
C CYS I 133 -57.11 30.00 -44.53
N MET I 134 -56.69 31.14 -44.00
CA MET I 134 -55.65 31.18 -42.99
C MET I 134 -56.19 31.73 -41.73
N GLY I 135 -56.91 32.82 -41.88
CA GLY I 135 -57.50 33.50 -40.75
C GLY I 135 -57.32 32.80 -39.43
N SER I 136 -56.37 33.28 -38.63
CA SER I 136 -56.19 32.68 -37.34
C SER I 136 -56.86 33.68 -36.43
N SER I 137 -57.36 33.19 -35.30
CA SER I 137 -58.04 34.02 -34.34
C SER I 137 -57.63 35.50 -34.51
N GLU I 138 -56.58 35.89 -33.80
CA GLU I 138 -56.07 37.27 -33.84
C GLU I 138 -56.36 38.01 -35.14
N MET I 139 -56.07 37.37 -36.26
CA MET I 139 -56.30 37.96 -37.57
C MET I 139 -57.70 38.51 -37.62
N CYS I 140 -58.63 37.58 -37.72
CA CYS I 140 -60.04 37.87 -37.78
C CYS I 140 -60.36 38.94 -36.76
N ARG I 141 -59.99 38.69 -35.51
CA ARG I 141 -60.26 39.68 -34.48
C ARG I 141 -59.87 41.07 -34.98
N ASP I 142 -58.92 41.13 -35.91
CA ASP I 142 -58.51 42.41 -36.48
C ASP I 142 -59.43 42.80 -37.63
N LEU I 143 -59.10 42.27 -38.81
CA LEU I 143 -59.82 42.54 -40.05
C LEU I 143 -61.32 42.38 -39.99
N ALA I 144 -61.78 41.70 -38.96
CA ALA I 144 -63.20 41.45 -38.78
C ALA I 144 -64.05 42.56 -39.40
N GLY I 145 -64.09 43.70 -38.71
CA GLY I 145 -64.88 44.79 -39.23
C GLY I 145 -64.63 45.04 -40.72
N GLU I 146 -63.36 45.19 -41.07
CA GLU I 146 -63.00 45.43 -42.45
C GLU I 146 -63.86 44.55 -43.31
N VAL I 147 -64.08 43.33 -42.85
CA VAL I 147 -64.90 42.42 -43.60
C VAL I 147 -66.30 43.02 -43.78
N GLU I 148 -66.87 43.61 -42.73
CA GLU I 148 -68.20 44.17 -42.94
C GLU I 148 -68.19 45.30 -43.94
N LYS I 149 -67.34 46.30 -43.69
CA LYS I 149 -67.24 47.45 -44.60
C LYS I 149 -67.30 46.95 -46.04
N LEU I 150 -66.63 45.83 -46.29
CA LEU I 150 -66.59 45.25 -47.63
C LEU I 150 -67.83 44.43 -47.94
N LEU I 151 -68.34 43.76 -46.91
CA LEU I 151 -69.53 42.94 -47.08
C LEU I 151 -70.63 43.76 -47.74
N LYS I 152 -70.72 45.02 -47.36
CA LYS I 152 -71.76 45.88 -47.88
C LYS I 152 -71.77 46.16 -49.39
N THR I 153 -70.78 46.89 -49.90
CA THR I 153 -70.73 47.23 -51.31
C THR I 153 -71.13 46.15 -52.28
N SER I 154 -72.23 46.43 -52.97
CA SER I 154 -72.79 45.49 -53.91
C SER I 154 -72.03 45.38 -55.23
N ASN I 155 -71.07 44.46 -55.20
CA ASN I 155 -70.31 44.10 -56.35
C ASN I 155 -70.33 42.61 -56.13
N SER I 156 -71.46 42.01 -56.48
CA SER I 156 -71.65 40.58 -56.33
C SER I 156 -70.33 39.82 -56.09
N TYR I 157 -69.42 39.83 -57.07
CA TYR I 157 -68.14 39.13 -56.92
C TYR I 157 -67.65 39.25 -55.50
N LEU I 158 -67.29 40.46 -55.11
CA LEU I 158 -66.80 40.63 -53.78
C LEU I 158 -67.74 40.12 -52.71
N ARG I 159 -68.91 40.71 -52.59
CA ARG I 159 -69.84 40.30 -51.55
C ARG I 159 -69.75 38.83 -51.21
N LYS I 160 -70.05 37.96 -52.17
CA LYS I 160 -69.97 36.53 -51.89
C LYS I 160 -68.68 36.22 -51.13
N LYS I 161 -67.55 36.59 -51.73
CA LYS I 161 -66.27 36.32 -51.08
C LYS I 161 -66.37 36.74 -49.62
N ALA I 162 -66.67 38.01 -49.39
CA ALA I 162 -66.79 38.52 -48.03
C ALA I 162 -67.57 37.55 -47.16
N ALA I 163 -68.84 37.40 -47.49
CA ALA I 163 -69.73 36.52 -46.76
C ALA I 163 -68.90 35.41 -46.15
N LEU I 164 -68.47 34.50 -46.99
CA LEU I 164 -67.67 33.38 -46.52
C LEU I 164 -66.62 33.81 -45.52
N CYS I 165 -65.85 34.83 -45.86
CA CYS I 165 -64.84 35.27 -44.93
C CYS I 165 -65.43 35.35 -43.53
N ALA I 166 -66.32 36.31 -43.33
CA ALA I 166 -66.97 36.50 -42.05
C ALA I 166 -67.19 35.14 -41.42
N VAL I 167 -67.75 34.24 -42.21
CA VAL I 167 -68.00 32.89 -41.75
C VAL I 167 -66.76 32.44 -41.02
N HIS I 168 -65.78 32.03 -41.83
CA HIS I 168 -64.52 31.57 -41.33
C HIS I 168 -64.20 32.30 -40.03
N VAL I 169 -64.32 33.62 -40.05
CA VAL I 169 -64.04 34.40 -38.86
C VAL I 169 -64.80 33.79 -37.69
N ILE I 170 -66.11 33.77 -37.79
CA ILE I 170 -66.93 33.20 -36.73
C ILE I 170 -66.31 31.92 -36.21
N ARG I 171 -66.11 30.98 -37.13
CA ARG I 171 -65.54 29.69 -36.78
C ARG I 171 -64.29 29.81 -35.90
N LYS I 172 -63.45 30.80 -36.16
CA LYS I 172 -62.23 30.98 -35.37
C LYS I 172 -62.41 31.94 -34.21
N VAL I 173 -63.50 32.68 -34.22
CA VAL I 173 -63.75 33.66 -33.18
C VAL I 173 -65.23 33.81 -32.89
N PRO I 174 -65.88 32.74 -32.43
CA PRO I 174 -67.31 32.67 -32.10
C PRO I 174 -67.86 34.00 -31.62
N GLU I 175 -67.09 34.65 -30.80
CA GLU I 175 -67.48 35.92 -30.22
C GLU I 175 -68.02 37.02 -31.14
N LEU I 176 -67.59 37.07 -32.39
CA LEU I 176 -68.00 38.21 -33.24
C LEU I 176 -69.19 38.29 -34.21
N MET I 177 -69.97 37.24 -34.33
CA MET I 177 -71.07 37.27 -35.29
C MET I 177 -72.05 38.43 -35.14
N GLU I 178 -71.99 39.08 -33.98
CA GLU I 178 -72.86 40.21 -33.69
C GLU I 178 -72.92 41.17 -34.86
N MET I 179 -71.79 41.85 -35.10
CA MET I 179 -71.69 42.83 -36.17
C MET I 179 -72.21 42.41 -37.55
N PHE I 180 -72.66 41.17 -37.66
CA PHE I 180 -73.15 40.72 -38.93
C PHE I 180 -74.64 40.72 -39.02
N LEU I 181 -75.30 40.80 -37.87
CA LEU I 181 -76.75 40.91 -37.92
C LEU I 181 -76.99 41.93 -39.06
N PRO I 182 -76.32 43.10 -39.02
CA PRO I 182 -76.50 44.10 -40.08
C PRO I 182 -76.68 43.65 -41.53
N ALA I 183 -75.80 42.80 -42.05
CA ALA I 183 -75.95 42.36 -43.43
C ALA I 183 -77.19 41.50 -43.60
N THR I 184 -77.50 40.77 -42.56
CA THR I 184 -78.63 39.85 -42.54
C THR I 184 -79.94 40.17 -43.29
N LYS I 185 -80.92 40.76 -42.60
CA LYS I 185 -82.25 41.02 -43.19
C LYS I 185 -82.50 41.05 -44.71
N ASN I 186 -81.77 41.89 -45.42
CA ASN I 186 -81.98 41.98 -46.85
C ASN I 186 -81.51 40.73 -47.61
N LEU I 187 -80.24 40.36 -47.43
CA LEU I 187 -79.64 39.20 -48.14
C LEU I 187 -80.56 38.25 -48.93
N LEU I 188 -81.54 37.64 -48.26
CA LEU I 188 -82.43 36.70 -48.96
C LEU I 188 -83.45 37.33 -49.85
N ASN I 189 -82.96 38.02 -50.85
CA ASN I 189 -83.84 38.69 -51.77
C ASN I 189 -82.97 38.89 -52.99
N GLU I 190 -81.66 38.72 -52.79
CA GLU I 190 -80.70 38.87 -53.87
C GLU I 190 -81.14 38.07 -55.10
N LYS I 191 -80.48 38.34 -56.21
CA LYS I 191 -80.79 37.69 -57.47
C LYS I 191 -79.67 36.77 -57.98
N ASN I 192 -78.41 37.13 -57.76
CA ASN I 192 -77.33 36.25 -58.23
C ASN I 192 -77.12 35.05 -57.35
N HIS I 193 -77.29 33.88 -57.94
CA HIS I 193 -77.10 32.66 -57.21
C HIS I 193 -75.89 32.75 -56.31
N GLY I 194 -74.73 32.92 -56.94
CA GLY I 194 -73.51 33.02 -56.17
C GLY I 194 -73.79 33.52 -54.78
N VAL I 195 -73.90 34.83 -54.65
CA VAL I 195 -74.15 35.44 -53.36
C VAL I 195 -75.12 34.60 -52.57
N LEU I 196 -76.37 34.67 -53.01
CA LEU I 196 -77.44 33.95 -52.37
C LEU I 196 -76.85 32.74 -51.65
N HIS I 197 -76.20 31.88 -52.41
CA HIS I 197 -75.60 30.70 -51.83
C HIS I 197 -74.77 31.07 -50.61
N THR I 198 -73.66 31.76 -50.83
CA THR I 198 -72.82 32.16 -49.71
C THR I 198 -73.77 32.62 -48.64
N SER I 199 -74.43 33.73 -48.91
CA SER I 199 -75.37 34.29 -47.97
C SER I 199 -76.00 33.20 -47.13
N VAL I 200 -76.48 32.15 -47.79
CA VAL I 200 -77.10 31.06 -47.06
C VAL I 200 -76.18 30.48 -46.00
N VAL I 201 -75.19 29.68 -46.39
CA VAL I 201 -74.31 29.09 -45.39
C VAL I 201 -73.97 30.10 -44.33
N LEU I 202 -73.75 31.34 -44.75
CA LEU I 202 -73.44 32.39 -43.79
C LEU I 202 -74.50 32.25 -42.72
N LEU I 203 -75.74 32.45 -43.13
CA LEU I 203 -76.87 32.32 -42.22
C LEU I 203 -76.74 30.99 -41.50
N THR I 204 -76.66 29.92 -42.27
CA THR I 204 -76.56 28.58 -41.70
C THR I 204 -75.62 28.57 -40.50
N GLU I 205 -74.35 28.85 -40.74
CA GLU I 205 -73.35 28.85 -39.68
C GLU I 205 -73.71 29.80 -38.54
N MET I 206 -74.33 30.92 -38.88
CA MET I 206 -74.71 31.88 -37.86
C MET I 206 -75.56 31.20 -36.80
N CYS I 207 -76.60 30.51 -37.27
CA CYS I 207 -77.51 29.83 -36.38
C CYS I 207 -76.89 28.74 -35.55
N GLU I 208 -75.96 29.16 -34.69
CA GLU I 208 -75.24 28.30 -33.75
C GLU I 208 -75.22 29.04 -32.43
N ARG I 209 -76.30 29.79 -32.23
CA ARG I 209 -76.58 30.61 -31.05
C ARG I 209 -78.08 30.76 -31.02
N SER I 210 -78.71 29.94 -30.21
CA SER I 210 -80.15 29.91 -30.06
C SER I 210 -80.94 31.19 -30.41
N PRO I 211 -80.57 32.36 -29.84
CA PRO I 211 -81.28 33.62 -30.12
C PRO I 211 -81.43 34.02 -31.60
N ASP I 212 -80.30 34.07 -32.32
CA ASP I 212 -80.32 34.43 -33.72
C ASP I 212 -81.40 33.62 -34.39
N MET I 213 -81.48 32.35 -33.99
CA MET I 213 -82.48 31.48 -34.56
C MET I 213 -83.81 32.19 -34.70
N LEU I 214 -84.46 32.48 -33.57
CA LEU I 214 -85.76 33.16 -33.62
C LEU I 214 -85.74 34.29 -34.65
N ALA I 215 -84.64 35.05 -34.73
CA ALA I 215 -84.59 36.14 -35.71
C ALA I 215 -84.87 35.58 -37.11
N HIS I 216 -83.96 34.78 -37.65
CA HIS I 216 -84.13 34.20 -39.01
C HIS I 216 -85.26 33.18 -39.08
N PHE I 217 -85.35 32.39 -38.01
CA PHE I 217 -86.35 31.35 -37.82
C PHE I 217 -87.63 31.90 -38.41
N ARG I 218 -88.32 32.69 -37.59
CA ARG I 218 -89.59 33.31 -37.97
C ARG I 218 -89.48 34.12 -39.26
N LYS I 219 -88.35 34.79 -39.46
CA LYS I 219 -88.19 35.60 -40.66
C LYS I 219 -88.11 34.77 -41.94
N LEU I 220 -86.95 34.80 -42.56
CA LEU I 220 -86.70 34.15 -43.83
C LEU I 220 -87.35 32.80 -44.20
N VAL I 221 -87.79 32.01 -43.24
CA VAL I 221 -88.37 30.72 -43.64
C VAL I 221 -89.23 30.75 -44.92
N PRO I 222 -90.37 31.47 -44.92
CA PRO I 222 -91.25 31.55 -46.09
C PRO I 222 -90.50 31.89 -47.38
N GLN I 223 -89.68 32.92 -47.28
CA GLN I 223 -88.89 33.36 -48.43
C GLN I 223 -88.04 32.19 -48.96
N LEU I 224 -87.19 31.62 -48.12
CA LEU I 224 -86.36 30.49 -48.51
C LEU I 224 -87.15 29.58 -49.38
N VAL I 225 -88.33 29.24 -48.88
CA VAL I 225 -89.23 28.38 -49.59
C VAL I 225 -89.30 28.85 -51.03
N ARG I 226 -90.00 29.96 -51.26
CA ARG I 226 -90.16 30.52 -52.59
C ARG I 226 -88.95 30.34 -53.49
N ILE I 227 -87.79 30.73 -52.99
CA ILE I 227 -86.57 30.61 -53.77
C ILE I 227 -86.46 29.19 -54.23
N LEU I 228 -86.24 28.30 -53.29
CA LEU I 228 -86.14 26.88 -53.60
C LEU I 228 -87.20 26.48 -54.61
N LYS I 229 -88.46 26.61 -54.20
CA LYS I 229 -89.58 26.28 -55.06
C LYS I 229 -89.24 26.73 -56.46
N ASN I 230 -89.18 28.04 -56.64
CA ASN I 230 -88.84 28.64 -57.92
C ASN I 230 -87.86 27.75 -58.70
N LEU I 231 -86.73 27.48 -58.08
CA LEU I 231 -85.71 26.64 -58.71
C LEU I 231 -86.31 25.35 -59.20
N ILE I 232 -86.44 24.41 -58.28
CA ILE I 232 -86.99 23.10 -58.61
C ILE I 232 -87.95 23.22 -59.75
N MET I 233 -89.09 23.82 -59.44
CA MET I 233 -90.15 23.97 -60.41
C MET I 233 -89.86 24.35 -61.87
N SER I 234 -89.01 25.34 -62.19
CA SER I 234 -88.86 25.60 -63.63
C SER I 234 -87.55 25.87 -64.36
N GLY I 235 -87.66 25.80 -65.69
CA GLY I 235 -86.60 26.07 -66.63
C GLY I 235 -85.27 25.36 -66.55
N TYR I 236 -84.62 25.27 -67.70
CA TYR I 236 -83.30 24.74 -67.86
C TYR I 236 -82.41 26.00 -67.74
N SER I 237 -81.17 25.92 -67.24
CA SER I 237 -80.34 27.18 -67.08
C SER I 237 -78.87 27.11 -67.43
N PRO I 238 -78.48 27.45 -68.67
CA PRO I 238 -77.15 27.42 -69.24
C PRO I 238 -76.14 27.94 -68.34
N GLU I 239 -76.52 28.62 -67.26
CA GLU I 239 -75.59 29.14 -66.28
C GLU I 239 -75.47 28.21 -65.08
N HIS I 240 -76.58 27.57 -64.73
CA HIS I 240 -76.63 26.73 -63.53
C HIS I 240 -76.85 25.24 -63.62
N ASP I 241 -77.73 24.77 -64.49
CA ASP I 241 -77.99 23.35 -64.56
C ASP I 241 -76.77 22.48 -64.44
N VAL I 242 -77.02 21.25 -64.01
CA VAL I 242 -76.05 20.19 -63.89
C VAL I 242 -76.96 18.99 -64.05
N SER I 243 -77.09 18.55 -65.29
CA SER I 243 -77.91 17.39 -65.65
C SER I 243 -79.41 17.52 -65.34
N GLY I 244 -80.01 18.63 -65.75
CA GLY I 244 -81.44 18.79 -65.57
C GLY I 244 -82.03 19.54 -64.39
N ILE I 245 -81.20 20.00 -63.47
CA ILE I 245 -81.72 20.72 -62.34
C ILE I 245 -80.89 21.96 -62.09
N SER I 246 -81.49 22.94 -61.44
CA SER I 246 -80.80 24.19 -61.16
C SER I 246 -80.04 24.18 -59.87
N ASP I 247 -78.86 24.77 -59.91
CA ASP I 247 -77.99 24.87 -58.75
C ASP I 247 -78.14 23.92 -57.61
N PRO I 248 -78.12 22.62 -57.90
CA PRO I 248 -78.26 21.63 -56.84
C PRO I 248 -77.70 22.22 -55.57
N PHE I 249 -76.42 22.56 -55.60
CA PHE I 249 -75.77 23.17 -54.45
C PHE I 249 -76.76 24.06 -53.75
N LEU I 250 -77.01 25.20 -54.38
CA LEU I 250 -77.96 26.13 -53.82
C LEU I 250 -79.08 25.35 -53.19
N GLN I 251 -79.76 24.54 -53.99
CA GLN I 251 -80.85 23.74 -53.49
C GLN I 251 -80.48 23.02 -52.20
N VAL I 252 -79.40 22.26 -52.22
CA VAL I 252 -79.01 21.55 -51.03
C VAL I 252 -78.90 22.51 -49.86
N ARG I 253 -77.78 23.22 -49.79
CA ARG I 253 -77.55 24.18 -48.71
C ARG I 253 -78.84 24.77 -48.21
N ILE I 254 -79.69 25.20 -49.12
CA ILE I 254 -80.97 25.74 -48.71
C ILE I 254 -81.52 24.73 -47.74
N LEU I 255 -81.96 23.61 -48.28
CA LEU I 255 -82.52 22.54 -47.47
C LEU I 255 -81.87 22.51 -46.11
N ARG I 256 -80.56 22.27 -46.12
CA ARG I 256 -79.82 22.22 -44.88
C ARG I 256 -80.35 23.28 -43.95
N LEU I 257 -80.14 24.54 -44.32
CA LEU I 257 -80.58 25.65 -43.49
C LEU I 257 -82.03 25.50 -43.04
N LEU I 258 -82.93 25.16 -43.94
CA LEU I 258 -84.34 24.99 -43.58
C LEU I 258 -84.34 24.02 -42.44
N ARG I 259 -83.70 22.90 -42.70
CA ARG I 259 -83.58 21.84 -41.73
C ARG I 259 -83.23 22.43 -40.38
N ILE I 260 -81.97 22.82 -40.22
CA ILE I 260 -81.50 23.36 -38.97
C ILE I 260 -82.45 24.31 -38.26
N LEU I 261 -83.09 25.20 -39.01
CA LEU I 261 -84.01 26.16 -38.42
C LEU I 261 -85.20 25.50 -37.75
N GLY I 262 -85.87 24.63 -38.48
CA GLY I 262 -87.03 23.96 -37.94
C GLY I 262 -86.67 22.86 -36.98
N ARG I 263 -85.46 22.93 -36.43
CA ARG I 263 -84.97 21.93 -35.50
C ARG I 263 -86.12 21.34 -34.67
N ASN I 264 -86.47 22.02 -33.58
CA ASN I 264 -87.57 21.57 -32.74
C ASN I 264 -88.56 22.70 -32.70
N ASP I 265 -89.64 22.55 -33.45
CA ASP I 265 -90.66 23.57 -33.48
C ASP I 265 -91.75 23.17 -34.40
N ASP I 266 -92.96 23.59 -34.07
CA ASP I 266 -94.11 23.26 -34.90
C ASP I 266 -94.23 24.31 -36.01
N ASP I 267 -94.45 25.56 -35.63
CA ASP I 267 -94.58 26.66 -36.60
C ASP I 267 -93.69 26.46 -37.83
N SER I 268 -92.39 26.57 -37.66
CA SER I 268 -91.45 26.38 -38.74
C SER I 268 -91.85 25.17 -39.61
N SER I 269 -91.61 23.98 -39.05
CA SER I 269 -91.90 22.72 -39.70
C SER I 269 -93.23 22.76 -40.43
N GLU I 270 -94.29 22.83 -39.64
CA GLU I 270 -95.66 22.88 -40.13
C GLU I 270 -95.72 23.78 -41.37
N ALA I 271 -94.77 24.71 -41.49
CA ALA I 271 -94.71 25.64 -42.62
C ALA I 271 -93.76 25.18 -43.73
N MET I 272 -93.08 24.08 -43.48
CA MET I 272 -92.16 23.56 -44.45
C MET I 272 -92.65 22.30 -45.17
N ASN I 273 -93.20 21.38 -44.39
CA ASN I 273 -93.61 20.10 -44.96
C ASN I 273 -94.18 20.15 -46.36
N ASP I 274 -94.71 21.29 -46.79
CA ASP I 274 -95.24 21.39 -48.15
C ASP I 274 -94.13 21.40 -49.18
N ILE I 275 -93.32 22.44 -49.16
CA ILE I 275 -92.22 22.52 -50.11
C ILE I 275 -91.49 21.19 -50.12
N LEU I 276 -91.21 20.66 -48.95
CA LEU I 276 -90.51 19.40 -48.87
C LEU I 276 -91.18 18.38 -49.77
N ALA I 277 -92.35 17.92 -49.35
CA ALA I 277 -93.08 16.93 -50.12
C ALA I 277 -92.88 17.15 -51.60
N GLN I 278 -93.17 18.36 -52.06
CA GLN I 278 -93.01 18.67 -53.47
C GLN I 278 -91.62 18.23 -53.94
N VAL I 279 -90.60 18.79 -53.29
CA VAL I 279 -89.23 18.46 -53.60
C VAL I 279 -89.07 17.00 -53.87
N ALA I 280 -89.78 16.20 -53.09
CA ALA I 280 -89.72 14.76 -53.21
C ALA I 280 -90.36 14.30 -54.50
N THR I 281 -91.65 14.52 -54.59
CA THR I 281 -92.41 14.11 -55.75
C THR I 281 -91.88 14.70 -57.05
N ASN I 282 -91.63 16.00 -57.06
CA ASN I 282 -91.17 16.69 -58.27
C ASN I 282 -89.70 16.58 -58.77
N THR I 283 -88.85 15.74 -58.17
CA THR I 283 -87.47 15.65 -58.63
C THR I 283 -87.14 14.38 -59.45
N GLU I 284 -86.07 14.47 -60.25
CA GLU I 284 -85.60 13.40 -61.16
C GLU I 284 -84.69 12.34 -60.57
N THR I 285 -85.13 11.09 -60.61
CA THR I 285 -84.32 10.02 -60.05
C THR I 285 -83.25 9.56 -61.01
N SER I 286 -83.24 10.15 -62.21
CA SER I 286 -82.27 9.79 -63.24
C SER I 286 -80.91 9.43 -62.67
N LYS I 287 -80.05 10.44 -62.55
CA LYS I 287 -78.71 10.20 -62.06
C LYS I 287 -78.29 11.03 -60.86
N ASN I 288 -77.52 10.36 -60.00
CA ASN I 288 -76.98 10.87 -58.75
C ASN I 288 -77.37 12.30 -58.42
N VAL I 289 -76.88 13.26 -59.19
CA VAL I 289 -77.21 14.65 -58.95
C VAL I 289 -78.50 14.74 -58.19
N GLY I 290 -79.58 14.46 -58.89
CA GLY I 290 -80.88 14.51 -58.27
C GLY I 290 -80.83 13.81 -56.92
N ASN I 291 -80.65 12.50 -56.96
CA ASN I 291 -80.61 11.75 -55.74
C ASN I 291 -79.90 12.57 -54.66
N ALA I 292 -78.79 13.18 -55.00
CA ALA I 292 -78.08 14.01 -54.02
C ALA I 292 -79.12 14.91 -53.39
N ILE I 293 -79.82 15.65 -54.24
CA ILE I 293 -80.87 16.53 -53.79
C ILE I 293 -81.65 15.81 -52.72
N LEU I 294 -82.27 14.71 -53.11
CA LEU I 294 -83.06 13.95 -52.17
C LEU I 294 -82.33 13.61 -50.90
N TYR I 295 -81.20 12.93 -51.01
CA TYR I 295 -80.45 12.56 -49.83
C TYR I 295 -80.59 13.67 -48.81
N GLU I 296 -80.20 14.88 -49.17
CA GLU I 296 -80.30 15.99 -48.23
C GLU I 296 -81.71 16.22 -47.73
N THR I 297 -82.63 16.47 -48.67
CA THR I 297 -84.03 16.71 -48.31
C THR I 297 -84.48 15.73 -47.25
N VAL I 298 -84.15 14.47 -47.45
CA VAL I 298 -84.56 13.50 -46.48
C VAL I 298 -84.02 13.86 -45.10
N LEU I 299 -82.70 13.84 -44.93
CA LEU I 299 -82.12 14.17 -43.63
C LEU I 299 -82.91 15.30 -42.97
N THR I 300 -83.08 16.39 -43.71
CA THR I 300 -83.82 17.53 -43.21
C THR I 300 -85.20 17.09 -42.74
N ILE I 301 -85.95 16.51 -43.66
CA ILE I 301 -87.27 16.04 -43.35
C ILE I 301 -87.31 15.23 -42.05
N MET I 302 -86.19 14.60 -41.72
CA MET I 302 -86.13 13.77 -40.51
C MET I 302 -85.96 14.46 -39.17
N ASP I 303 -84.98 15.34 -39.08
CA ASP I 303 -84.76 16.02 -37.82
C ASP I 303 -85.94 16.92 -37.45
N ILE I 304 -86.85 17.20 -38.40
CA ILE I 304 -87.96 18.08 -38.04
C ILE I 304 -89.34 17.46 -37.91
N LYS I 305 -90.09 17.96 -36.93
CA LYS I 305 -91.45 17.50 -36.67
C LYS I 305 -92.26 17.60 -37.97
N SER I 306 -93.14 16.63 -38.21
CA SER I 306 -93.94 16.64 -39.45
C SER I 306 -94.96 15.49 -39.55
N GLU I 307 -96.04 15.73 -40.31
CA GLU I 307 -97.08 14.71 -40.46
C GLU I 307 -96.51 13.30 -40.59
N SER I 308 -97.10 12.38 -39.85
CA SER I 308 -96.67 10.99 -39.89
C SER I 308 -96.59 10.53 -41.34
N GLY I 309 -97.57 10.95 -42.15
CA GLY I 309 -97.59 10.56 -43.56
C GLY I 309 -96.38 10.98 -44.36
N LEU I 310 -95.86 12.17 -44.08
CA LEU I 310 -94.69 12.70 -44.76
C LEU I 310 -93.46 11.91 -44.41
N ARG I 311 -93.18 11.81 -43.11
CA ARG I 311 -92.03 11.07 -42.68
C ARG I 311 -92.05 9.74 -43.42
N VAL I 312 -93.22 9.11 -43.44
CA VAL I 312 -93.36 7.83 -44.14
C VAL I 312 -92.75 7.92 -45.53
N LEU I 313 -93.19 8.89 -46.30
CA LEU I 313 -92.66 9.03 -47.65
C LEU I 313 -91.13 8.99 -47.60
N ALA I 314 -90.54 9.91 -46.84
CA ALA I 314 -89.09 9.99 -46.70
C ALA I 314 -88.48 8.62 -46.74
N ILE I 315 -88.81 7.84 -45.73
CA ILE I 315 -88.30 6.49 -45.62
C ILE I 315 -88.46 5.75 -46.93
N ASN I 316 -89.71 5.47 -47.29
CA ASN I 316 -89.99 4.76 -48.53
C ASN I 316 -89.07 5.25 -49.63
N ILE I 317 -88.61 6.49 -49.50
CA ILE I 317 -87.72 7.06 -50.50
C ILE I 317 -86.36 6.41 -50.43
N LEU I 318 -85.82 6.31 -49.23
CA LEU I 318 -84.51 5.68 -49.12
C LEU I 318 -84.59 4.29 -49.71
N GLY I 319 -85.60 3.54 -49.30
CA GLY I 319 -85.75 2.18 -49.80
C GLY I 319 -85.54 2.26 -51.29
N ARG I 320 -86.31 3.17 -51.89
CA ARG I 320 -86.23 3.39 -53.31
C ARG I 320 -84.76 3.46 -53.72
N PHE I 321 -83.91 3.97 -52.85
CA PHE I 321 -82.49 4.04 -53.16
C PHE I 321 -81.94 2.65 -53.27
N LEU I 322 -81.87 1.99 -52.13
CA LEU I 322 -81.35 0.64 -52.03
C LEU I 322 -81.41 -0.09 -53.34
N LEU I 323 -82.59 -0.10 -53.94
CA LEU I 323 -82.75 -0.82 -55.19
C LEU I 323 -82.11 -0.18 -56.43
N ASN I 324 -81.25 0.83 -56.24
CA ASN I 324 -80.61 1.51 -57.38
C ASN I 324 -79.43 0.74 -57.96
N ASN I 325 -79.35 0.67 -59.28
CA ASN I 325 -78.27 -0.08 -59.93
C ASN I 325 -76.90 0.08 -59.25
N ASP I 326 -76.46 1.33 -59.10
CA ASP I 326 -75.13 1.69 -58.55
C ASP I 326 -74.85 1.86 -57.07
N LYS I 327 -73.74 1.27 -56.64
CA LYS I 327 -73.27 1.33 -55.26
C LYS I 327 -73.44 2.76 -54.75
N ASN I 328 -72.37 3.48 -54.50
CA ASN I 328 -72.54 4.83 -53.98
C ASN I 328 -73.90 4.92 -53.30
N ILE I 329 -74.81 5.69 -53.88
CA ILE I 329 -76.15 5.86 -53.32
C ILE I 329 -76.43 4.90 -52.18
N ARG I 330 -76.64 3.64 -52.52
CA ARG I 330 -76.92 2.63 -51.53
C ARG I 330 -76.22 2.87 -50.20
N TYR I 331 -74.95 3.24 -50.22
CA TYR I 331 -74.24 3.48 -48.97
C TYR I 331 -75.03 4.35 -48.01
N VAL I 332 -74.99 5.66 -48.24
CA VAL I 332 -75.72 6.58 -47.36
C VAL I 332 -77.06 5.96 -47.05
N ALA I 333 -77.72 5.49 -48.10
CA ALA I 333 -79.02 4.88 -47.95
C ALA I 333 -79.07 4.15 -46.62
N LEU I 334 -78.16 3.21 -46.45
CA LEU I 334 -78.15 2.48 -45.22
C LEU I 334 -77.80 3.40 -44.07
N THR I 335 -76.60 3.97 -44.09
CA THR I 335 -76.14 4.88 -43.03
C THR I 335 -77.27 5.60 -42.30
N SER I 336 -77.79 6.63 -42.95
CA SER I 336 -78.88 7.40 -42.39
C SER I 336 -79.93 6.43 -41.85
N LEU I 337 -80.34 5.47 -42.69
CA LEU I 337 -81.34 4.53 -42.26
C LEU I 337 -81.20 4.15 -40.78
N LEU I 338 -79.99 3.79 -40.34
CA LEU I 338 -79.79 3.42 -38.93
C LEU I 338 -80.17 4.55 -37.98
N LYS I 339 -79.53 5.71 -38.18
CA LYS I 339 -79.80 6.88 -37.33
C LYS I 339 -81.30 7.06 -37.04
N THR I 340 -82.16 6.49 -37.90
CA THR I 340 -83.61 6.64 -37.69
C THR I 340 -84.38 5.39 -37.22
N VAL I 341 -83.76 4.22 -37.34
CA VAL I 341 -84.38 2.98 -36.92
C VAL I 341 -84.81 3.07 -35.48
N GLN I 342 -83.99 3.71 -34.67
CA GLN I 342 -84.35 3.85 -33.25
C GLN I 342 -85.54 4.79 -33.06
N THR I 343 -85.90 5.51 -34.12
CA THR I 343 -87.02 6.46 -34.08
C THR I 343 -88.26 6.00 -34.85
N ASP I 344 -88.11 5.79 -36.14
CA ASP I 344 -89.22 5.40 -36.99
C ASP I 344 -89.31 3.92 -37.32
N HIS I 345 -88.98 3.13 -36.32
CA HIS I 345 -88.97 1.68 -36.35
C HIS I 345 -90.08 1.10 -37.23
N ASN I 346 -91.27 1.07 -36.65
CA ASN I 346 -92.45 0.54 -37.32
C ASN I 346 -92.51 0.95 -38.79
N ALA I 347 -91.94 2.10 -39.11
CA ALA I 347 -91.98 2.61 -40.47
C ALA I 347 -90.97 1.97 -41.43
N VAL I 348 -89.72 1.89 -41.02
CA VAL I 348 -88.69 1.32 -41.86
C VAL I 348 -88.90 -0.14 -42.19
N GLN I 349 -89.38 -0.89 -41.20
CA GLN I 349 -89.60 -2.33 -41.39
C GLN I 349 -90.07 -2.71 -42.78
N ARG I 350 -90.91 -1.86 -43.36
CA ARG I 350 -91.45 -2.07 -44.69
C ARG I 350 -90.40 -2.35 -45.76
N HIS I 351 -89.15 -2.58 -45.36
CA HIS I 351 -88.14 -2.79 -46.38
C HIS I 351 -87.07 -3.81 -46.04
N ARG I 352 -87.00 -4.21 -44.78
CA ARG I 352 -85.98 -5.15 -44.41
C ARG I 352 -85.72 -6.14 -45.52
N SER I 353 -86.78 -6.84 -45.95
CA SER I 353 -86.67 -7.82 -47.02
C SER I 353 -85.56 -7.48 -48.00
N THR I 354 -85.63 -6.26 -48.54
CA THR I 354 -84.62 -5.81 -49.50
C THR I 354 -83.30 -5.52 -48.81
N ILE I 355 -83.36 -4.91 -47.63
CA ILE I 355 -82.14 -4.62 -46.90
C ILE I 355 -81.23 -5.83 -46.81
N VAL I 356 -81.59 -6.77 -45.95
CA VAL I 356 -80.78 -7.96 -45.78
C VAL I 356 -80.41 -8.48 -47.15
N ASP I 357 -81.31 -8.31 -48.11
CA ASP I 357 -81.02 -8.76 -49.46
C ASP I 357 -79.68 -8.17 -49.92
N CYS I 358 -79.23 -7.08 -49.28
CA CYS I 358 -77.97 -6.44 -49.65
C CYS I 358 -76.74 -7.20 -49.24
N LEU I 359 -76.83 -7.92 -48.13
CA LEU I 359 -75.72 -8.70 -47.63
C LEU I 359 -75.01 -9.37 -48.78
N LYS I 360 -75.78 -9.64 -49.83
CA LYS I 360 -75.27 -10.28 -51.02
C LYS I 360 -74.38 -9.32 -51.84
N ASP I 361 -74.09 -8.14 -51.31
CA ASP I 361 -73.28 -7.22 -52.08
C ASP I 361 -71.79 -7.46 -51.99
N LEU I 362 -71.07 -6.93 -52.97
CA LEU I 362 -69.63 -7.08 -53.05
C LEU I 362 -68.82 -5.96 -52.41
N ASP I 363 -69.40 -5.20 -51.48
CA ASP I 363 -68.63 -4.14 -50.83
C ASP I 363 -68.76 -4.15 -49.32
N VAL I 364 -67.65 -4.45 -48.65
CA VAL I 364 -67.60 -4.54 -47.19
C VAL I 364 -68.51 -3.55 -46.45
N SER I 365 -68.21 -2.25 -46.59
CA SER I 365 -68.99 -1.22 -45.92
C SER I 365 -70.47 -1.57 -45.96
N ILE I 366 -71.02 -1.62 -47.17
CA ILE I 366 -72.42 -1.96 -47.36
C ILE I 366 -72.74 -3.13 -46.48
N LYS I 367 -72.07 -4.24 -46.78
CA LYS I 367 -72.25 -5.44 -46.02
C LYS I 367 -72.51 -5.06 -44.59
N ARG I 368 -71.44 -4.74 -43.87
CA ARG I 368 -71.56 -4.41 -42.46
C ARG I 368 -72.85 -3.65 -42.21
N ARG I 369 -72.83 -2.34 -42.46
CA ARG I 369 -74.01 -1.56 -42.25
C ARG I 369 -75.23 -2.43 -42.45
N ALA I 370 -75.40 -2.95 -43.66
CA ALA I 370 -76.53 -3.81 -43.92
C ALA I 370 -76.75 -4.61 -42.67
N MET I 371 -75.82 -5.50 -42.40
CA MET I 371 -75.90 -6.33 -41.22
C MET I 371 -76.34 -5.56 -40.00
N GLU I 372 -75.44 -4.75 -39.46
CA GLU I 372 -75.74 -3.95 -38.27
C GLU I 372 -77.24 -3.69 -38.21
N LEU I 373 -77.70 -2.87 -39.13
CA LEU I 373 -79.10 -2.52 -39.22
C LEU I 373 -79.96 -3.77 -39.14
N SER I 374 -80.08 -4.46 -40.27
CA SER I 374 -80.89 -5.67 -40.35
C SER I 374 -81.05 -6.20 -38.96
N PHE I 375 -79.94 -6.58 -38.37
CA PHE I 375 -79.98 -7.08 -37.03
C PHE I 375 -81.00 -6.32 -36.24
N ALA I 376 -80.65 -5.09 -35.92
CA ALA I 376 -81.50 -4.21 -35.15
C ALA I 376 -82.99 -4.35 -35.43
N LEU I 377 -83.35 -4.69 -36.66
CA LEU I 377 -84.77 -4.80 -36.97
C LEU I 377 -85.41 -6.07 -36.52
N VAL I 378 -84.60 -7.00 -36.03
CA VAL I 378 -85.14 -8.25 -35.58
C VAL I 378 -86.22 -7.98 -34.58
N ASN I 379 -87.41 -8.46 -34.89
CA ASN I 379 -88.53 -8.26 -33.99
C ASN I 379 -88.80 -9.54 -33.26
N GLY I 380 -90.08 -9.78 -32.98
CA GLY I 380 -90.46 -11.00 -32.32
C GLY I 380 -90.90 -11.89 -33.45
N ASN I 381 -92.08 -11.59 -33.97
CA ASN I 381 -92.66 -12.34 -35.07
C ASN I 381 -91.71 -12.41 -36.27
N ASN I 382 -90.55 -11.78 -36.14
CA ASN I 382 -89.60 -11.76 -37.23
C ASN I 382 -88.62 -12.91 -37.26
N ILE I 383 -87.73 -12.87 -36.28
CA ILE I 383 -86.69 -13.86 -36.06
C ILE I 383 -86.61 -15.01 -37.05
N ARG I 384 -87.51 -15.98 -36.89
CA ARG I 384 -87.50 -17.15 -37.75
C ARG I 384 -86.96 -16.84 -39.13
N GLY I 385 -87.71 -16.05 -39.89
CA GLY I 385 -87.27 -15.73 -41.23
C GLY I 385 -85.85 -15.21 -41.29
N MET I 386 -85.70 -13.93 -40.97
CA MET I 386 -84.40 -13.28 -41.01
C MET I 386 -83.27 -14.21 -40.56
N MET I 387 -83.46 -14.92 -39.46
CA MET I 387 -82.42 -15.84 -39.00
C MET I 387 -82.00 -16.77 -40.14
N LYS I 388 -82.98 -17.51 -40.67
CA LYS I 388 -82.73 -18.44 -41.77
C LYS I 388 -81.80 -17.76 -42.78
N GLU I 389 -82.00 -16.46 -43.00
CA GLU I 389 -81.16 -15.74 -43.97
C GLU I 389 -79.80 -15.39 -43.36
N LEU I 390 -79.80 -14.91 -42.14
CA LEU I 390 -78.56 -14.56 -41.45
C LEU I 390 -77.66 -15.75 -41.48
N LEU I 391 -78.23 -16.89 -41.14
CA LEU I 391 -77.47 -18.12 -41.12
C LEU I 391 -76.84 -18.36 -42.48
N TYR I 392 -77.65 -18.46 -43.56
CA TYR I 392 -77.07 -18.70 -44.90
C TYR I 392 -75.84 -17.79 -45.02
N PHE I 393 -76.09 -16.52 -44.81
CA PHE I 393 -75.07 -15.49 -44.86
C PHE I 393 -73.83 -15.95 -44.11
N LEU I 394 -73.94 -15.95 -42.78
CA LEU I 394 -72.85 -16.32 -41.88
C LEU I 394 -71.94 -17.42 -42.42
N ASP I 395 -72.57 -18.51 -42.84
CA ASP I 395 -71.86 -19.66 -43.37
C ASP I 395 -70.82 -19.30 -44.43
N SER I 396 -71.21 -18.53 -45.43
CA SER I 396 -70.24 -18.20 -46.48
C SER I 396 -69.41 -16.94 -46.23
N CYS I 397 -69.81 -16.15 -45.23
CA CYS I 397 -69.12 -14.91 -44.90
C CYS I 397 -67.63 -14.91 -44.88
N GLU I 398 -67.09 -13.70 -44.86
CA GLU I 398 -65.64 -13.55 -44.78
C GLU I 398 -65.28 -13.44 -43.30
N PRO I 399 -64.08 -13.90 -42.93
CA PRO I 399 -63.57 -13.87 -41.56
C PRO I 399 -64.06 -12.67 -40.75
N GLU I 400 -63.50 -11.51 -41.09
CA GLU I 400 -63.82 -10.24 -40.48
C GLU I 400 -65.18 -10.29 -39.83
N PHE I 401 -66.17 -10.49 -40.68
CA PHE I 401 -67.53 -10.55 -40.23
C PHE I 401 -67.89 -11.70 -39.34
N LYS I 402 -67.73 -12.92 -39.82
CA LYS I 402 -68.08 -14.05 -38.99
C LYS I 402 -68.01 -13.70 -37.52
N ALA I 403 -66.80 -13.42 -37.04
CA ALA I 403 -66.66 -13.09 -35.65
C ALA I 403 -67.83 -12.24 -35.15
N ASP I 404 -67.92 -11.02 -35.65
CA ASP I 404 -69.01 -10.17 -35.17
C ASP I 404 -70.42 -10.73 -35.26
N CYS I 405 -70.76 -11.38 -36.36
CA CYS I 405 -72.11 -11.92 -36.49
C CYS I 405 -72.49 -12.88 -35.44
N ALA I 406 -71.59 -13.80 -35.18
CA ALA I 406 -71.84 -14.77 -34.15
C ALA I 406 -72.49 -13.95 -33.06
N SER I 407 -71.68 -13.07 -32.47
CA SER I 407 -72.18 -12.24 -31.39
C SER I 407 -73.61 -11.81 -31.68
N GLY I 408 -73.84 -11.30 -32.88
CA GLY I 408 -75.17 -10.87 -33.24
C GLY I 408 -76.25 -11.91 -33.08
N ILE I 409 -76.18 -12.96 -33.89
CA ILE I 409 -77.19 -14.00 -33.82
C ILE I 409 -77.44 -14.35 -32.38
N PHE I 410 -76.40 -14.85 -31.70
CA PHE I 410 -76.59 -15.20 -30.30
C PHE I 410 -77.60 -14.26 -29.73
N LEU I 411 -77.28 -12.97 -29.68
CA LEU I 411 -78.22 -12.01 -29.13
C LEU I 411 -79.64 -12.33 -29.52
N ALA I 412 -79.93 -12.19 -30.81
CA ALA I 412 -81.27 -12.46 -31.30
C ALA I 412 -81.90 -13.58 -30.51
N ALA I 413 -81.38 -14.78 -30.71
CA ALA I 413 -81.89 -15.95 -30.01
C ALA I 413 -82.03 -15.72 -28.52
N GLU I 414 -80.97 -15.22 -27.91
CA GLU I 414 -80.98 -14.98 -26.47
C GLU I 414 -82.15 -14.09 -26.07
N LYS I 415 -82.48 -13.11 -26.89
CA LYS I 415 -83.61 -12.24 -26.58
C LYS I 415 -84.82 -12.79 -27.29
N TYR I 416 -85.29 -12.06 -28.30
CA TYR I 416 -86.44 -12.51 -29.06
C TYR I 416 -86.13 -13.95 -29.51
N ALA I 417 -86.94 -14.93 -29.11
CA ALA I 417 -86.68 -16.32 -29.51
C ALA I 417 -87.88 -17.20 -29.26
N PRO I 418 -88.21 -18.07 -30.22
CA PRO I 418 -89.34 -19.00 -30.13
C PRO I 418 -89.08 -20.24 -29.27
N SER I 419 -88.79 -21.35 -29.93
CA SER I 419 -88.55 -22.64 -29.28
C SER I 419 -87.10 -22.91 -28.90
N LYS I 420 -86.90 -23.80 -27.94
CA LYS I 420 -85.54 -24.12 -27.54
C LYS I 420 -84.96 -24.81 -28.74
N ARG I 421 -85.67 -25.84 -29.21
CA ARG I 421 -85.23 -26.62 -30.36
C ARG I 421 -84.61 -25.70 -31.39
N TRP I 422 -85.31 -24.61 -31.67
CA TRP I 422 -84.82 -23.67 -32.63
C TRP I 422 -83.56 -23.06 -32.02
N HIS I 423 -83.74 -22.34 -30.92
CA HIS I 423 -82.63 -21.70 -30.24
C HIS I 423 -81.39 -22.57 -30.38
N ILE I 424 -81.45 -23.73 -29.77
CA ILE I 424 -80.35 -24.66 -29.86
C ILE I 424 -79.97 -24.78 -31.31
N ASP I 425 -80.84 -25.44 -32.06
CA ASP I 425 -80.66 -25.68 -33.48
C ASP I 425 -79.86 -24.55 -34.11
N THR I 426 -80.28 -23.31 -33.87
CA THR I 426 -79.56 -22.20 -34.45
C THR I 426 -78.20 -22.06 -33.79
N ILE I 427 -78.15 -21.84 -32.48
CA ILE I 427 -76.86 -21.71 -31.86
C ILE I 427 -75.95 -22.79 -32.42
N MET I 428 -76.32 -24.04 -32.25
CA MET I 428 -75.48 -25.12 -32.77
C MET I 428 -75.04 -24.69 -34.15
N ARG I 429 -76.03 -24.57 -35.01
CA ARG I 429 -75.83 -24.18 -36.38
C ARG I 429 -74.65 -23.23 -36.51
N VAL I 430 -74.70 -22.12 -35.76
CA VAL I 430 -73.62 -21.16 -35.84
C VAL I 430 -72.31 -21.82 -35.53
N LEU I 431 -72.25 -22.50 -34.40
CA LEU I 431 -71.03 -23.19 -34.01
C LEU I 431 -70.53 -23.84 -35.28
N THR I 432 -71.33 -24.77 -35.77
CA THR I 432 -71.03 -25.52 -36.97
C THR I 432 -70.20 -24.72 -37.96
N THR I 433 -70.50 -23.43 -38.11
CA THR I 433 -69.77 -22.63 -39.10
C THR I 433 -68.68 -21.65 -38.66
N ALA I 434 -68.87 -21.01 -37.51
CA ALA I 434 -67.89 -20.04 -37.04
C ALA I 434 -67.01 -20.59 -35.91
N GLY I 435 -67.67 -21.19 -34.93
CA GLY I 435 -66.99 -21.76 -33.78
C GLY I 435 -65.61 -21.18 -33.56
N SER I 436 -64.65 -21.66 -34.32
CA SER I 436 -63.29 -21.16 -34.21
C SER I 436 -63.24 -19.66 -33.93
N TYR I 437 -64.34 -18.97 -34.22
CA TYR I 437 -64.41 -17.53 -33.98
C TYR I 437 -65.26 -17.14 -32.79
N VAL I 438 -66.21 -17.99 -32.41
CA VAL I 438 -67.07 -17.66 -31.29
C VAL I 438 -66.31 -17.34 -30.02
N ARG I 439 -66.92 -16.53 -29.17
CA ARG I 439 -66.28 -16.14 -27.92
C ARG I 439 -66.02 -17.37 -27.06
N ASP I 440 -65.85 -17.13 -25.76
CA ASP I 440 -65.54 -18.21 -24.86
C ASP I 440 -66.71 -18.84 -24.11
N ASP I 441 -67.60 -18.01 -23.58
CA ASP I 441 -68.74 -18.51 -22.81
C ASP I 441 -69.68 -19.48 -23.54
N ALA I 442 -69.56 -19.59 -24.85
CA ALA I 442 -70.43 -20.47 -25.62
C ALA I 442 -70.58 -21.84 -24.99
N VAL I 443 -69.52 -22.65 -25.07
CA VAL I 443 -69.56 -23.98 -24.52
C VAL I 443 -70.54 -24.09 -23.36
N PRO I 444 -70.27 -23.39 -22.25
CA PRO I 444 -71.21 -23.49 -21.13
C PRO I 444 -72.59 -22.98 -21.52
N ASN I 445 -72.63 -21.81 -22.14
CA ASN I 445 -73.88 -21.21 -22.59
C ASN I 445 -74.81 -22.31 -23.07
N LEU I 446 -74.59 -22.72 -24.32
CA LEU I 446 -75.40 -23.74 -24.96
C LEU I 446 -75.73 -24.93 -24.08
N ILE I 447 -74.75 -25.51 -23.41
CA ILE I 447 -75.06 -26.64 -22.55
C ILE I 447 -76.14 -26.24 -21.57
N GLN I 448 -75.90 -25.15 -20.86
CA GLN I 448 -76.84 -24.64 -19.88
C GLN I 448 -78.24 -24.60 -20.48
N LEU I 449 -78.34 -24.23 -21.76
CA LEU I 449 -79.64 -24.18 -22.43
C LEU I 449 -80.22 -25.59 -22.51
N ILE I 450 -79.42 -26.51 -23.02
CA ILE I 450 -79.83 -27.90 -23.14
C ILE I 450 -80.31 -28.45 -21.83
N THR I 451 -79.42 -28.48 -20.86
CA THR I 451 -79.76 -29.00 -19.55
C THR I 451 -81.08 -28.39 -19.06
N ASN I 452 -81.12 -27.08 -18.87
CA ASN I 452 -82.34 -26.41 -18.40
C ASN I 452 -83.66 -26.91 -18.98
N SER I 453 -83.75 -26.92 -20.32
CA SER I 453 -84.98 -27.39 -20.96
C SER I 453 -84.82 -28.89 -21.20
N VAL I 454 -85.58 -29.63 -20.40
CA VAL I 454 -85.57 -31.09 -20.33
C VAL I 454 -86.18 -31.94 -21.42
N GLU I 455 -86.59 -31.38 -22.55
CA GLU I 455 -87.20 -32.24 -23.53
C GLU I 455 -86.28 -32.66 -24.65
N MET I 456 -85.81 -31.67 -25.41
CA MET I 456 -84.94 -31.90 -26.56
C MET I 456 -83.68 -32.68 -26.24
N HIS I 457 -83.52 -33.04 -24.97
CA HIS I 457 -82.35 -33.81 -24.59
C HIS I 457 -82.06 -34.74 -25.76
N ALA I 458 -83.06 -35.50 -26.17
CA ALA I 458 -82.88 -36.40 -27.30
C ALA I 458 -82.45 -35.61 -28.53
N TYR I 459 -83.43 -35.00 -29.21
CA TYR I 459 -83.23 -34.21 -30.44
C TYR I 459 -81.82 -33.66 -30.52
N THR I 460 -81.32 -33.28 -29.36
CA THR I 460 -79.99 -32.72 -29.26
C THR I 460 -78.87 -33.75 -29.45
N VAL I 461 -78.66 -34.62 -28.46
CA VAL I 461 -77.59 -35.59 -28.59
C VAL I 461 -77.67 -36.10 -30.01
N GLN I 462 -78.90 -36.31 -30.45
CA GLN I 462 -79.17 -36.78 -31.80
C GLN I 462 -78.35 -35.94 -32.77
N ARG I 463 -78.93 -34.83 -33.21
CA ARG I 463 -78.25 -33.94 -34.16
C ARG I 463 -76.79 -33.77 -33.78
N LEU I 464 -76.54 -33.53 -32.50
CA LEU I 464 -75.17 -33.37 -32.03
C LEU I 464 -74.40 -34.49 -32.69
N TYR I 465 -74.82 -35.72 -32.42
CA TYR I 465 -74.17 -36.87 -33.02
C TYR I 465 -73.93 -36.65 -34.52
N LYS I 466 -75.00 -36.64 -35.32
CA LYS I 466 -74.86 -36.46 -36.77
C LYS I 466 -73.72 -35.51 -37.15
N ALA I 467 -73.86 -34.25 -36.71
CA ALA I 467 -72.87 -33.22 -36.99
C ALA I 467 -71.45 -33.72 -36.76
N ILE I 468 -71.19 -34.20 -35.56
CA ILE I 468 -69.87 -34.69 -35.20
C ILE I 468 -69.35 -35.84 -36.08
N LEU I 469 -70.26 -36.66 -36.60
CA LEU I 469 -69.86 -37.80 -37.44
C LEU I 469 -69.05 -37.37 -38.65
N GLY I 470 -69.59 -36.44 -39.42
CA GLY I 470 -68.86 -35.97 -40.59
C GLY I 470 -67.71 -35.06 -40.16
N ASP I 471 -68.06 -33.97 -39.46
CA ASP I 471 -67.11 -32.97 -38.97
C ASP I 471 -66.21 -33.41 -37.83
N TYR I 472 -65.17 -32.61 -37.63
CA TYR I 472 -64.18 -32.85 -36.59
C TYR I 472 -63.61 -31.47 -36.41
N SER I 473 -63.46 -30.81 -37.55
CA SER I 473 -62.94 -29.45 -37.61
C SER I 473 -63.93 -28.65 -36.79
N GLN I 474 -63.43 -28.08 -35.71
CA GLN I 474 -64.26 -27.30 -34.81
C GLN I 474 -63.89 -27.77 -33.44
N GLN I 475 -64.09 -26.90 -32.48
CA GLN I 475 -63.79 -27.31 -31.15
C GLN I 475 -65.04 -27.17 -30.34
N PRO I 476 -65.37 -25.94 -29.96
CA PRO I 476 -66.58 -25.76 -29.16
C PRO I 476 -67.65 -26.78 -29.50
N LEU I 477 -67.96 -26.93 -30.78
CA LEU I 477 -68.98 -27.88 -31.16
C LEU I 477 -68.70 -29.25 -30.56
N VAL I 478 -67.68 -29.90 -31.10
CA VAL I 478 -67.30 -31.21 -30.63
C VAL I 478 -67.50 -31.28 -29.13
N GLN I 479 -66.78 -30.44 -28.40
CA GLN I 479 -66.90 -30.43 -26.96
C GLN I 479 -68.35 -30.62 -26.57
N VAL I 480 -69.16 -29.58 -26.70
CA VAL I 480 -70.56 -29.66 -26.35
C VAL I 480 -71.15 -31.04 -26.58
N ALA I 481 -70.98 -31.53 -27.79
CA ALA I 481 -71.50 -32.83 -28.13
C ALA I 481 -70.99 -33.86 -27.13
N ALA I 482 -69.72 -34.23 -27.30
CA ALA I 482 -69.06 -35.19 -26.43
C ALA I 482 -69.67 -35.14 -25.07
N TRP I 483 -69.88 -33.91 -24.64
CA TRP I 483 -70.48 -33.71 -23.35
C TRP I 483 -71.69 -34.58 -23.24
N CYS I 484 -72.78 -34.04 -23.77
CA CYS I 484 -74.07 -34.70 -23.74
C CYS I 484 -73.97 -36.16 -24.09
N ILE I 485 -73.34 -36.47 -25.22
CA ILE I 485 -73.21 -37.87 -25.60
C ILE I 485 -72.93 -38.57 -24.29
N GLY I 486 -71.93 -38.06 -23.58
CA GLY I 486 -71.61 -38.65 -22.31
C GLY I 486 -72.86 -38.64 -21.44
N GLU I 487 -73.07 -37.55 -20.73
CA GLU I 487 -74.22 -37.44 -19.85
C GLU I 487 -75.55 -37.97 -20.37
N TYR I 488 -75.73 -37.96 -21.68
CA TYR I 488 -76.99 -38.38 -22.27
C TYR I 488 -77.07 -39.69 -23.07
N GLY I 489 -75.99 -40.46 -23.14
CA GLY I 489 -76.00 -41.72 -23.87
C GLY I 489 -77.28 -42.50 -23.76
N ASP I 490 -77.84 -42.49 -22.56
CA ASP I 490 -79.10 -43.16 -22.27
C ASP I 490 -80.01 -42.85 -23.43
N LEU I 491 -80.52 -41.63 -23.41
CA LEU I 491 -81.43 -41.14 -24.42
C LEU I 491 -80.95 -41.36 -25.85
N LEU I 492 -79.64 -41.36 -26.06
CA LEU I 492 -79.10 -41.54 -27.40
C LEU I 492 -79.41 -42.88 -28.07
N VAL I 493 -79.83 -43.84 -27.27
CA VAL I 493 -80.17 -45.20 -27.73
C VAL I 493 -81.61 -45.34 -28.22
N SER I 494 -81.81 -45.16 -29.53
CA SER I 494 -83.10 -45.22 -30.24
C SER I 494 -84.27 -45.22 -29.28
N GLY I 495 -84.32 -44.17 -28.46
CA GLY I 495 -85.37 -44.06 -27.47
C GLY I 495 -86.71 -43.60 -28.04
N GLN I 496 -87.75 -43.79 -27.22
CA GLN I 496 -89.14 -43.38 -27.48
C GLN I 496 -89.07 -41.85 -27.52
N CYS I 497 -88.45 -41.34 -28.59
CA CYS I 497 -88.21 -39.91 -28.74
C CYS I 497 -89.31 -39.01 -29.36
N GLU I 498 -89.74 -38.03 -28.55
CA GLU I 498 -90.75 -37.03 -28.91
C GLU I 498 -90.06 -35.80 -29.50
N GLU I 499 -90.85 -34.98 -30.20
CA GLU I 499 -90.39 -33.73 -30.86
C GLU I 499 -89.90 -34.13 -32.25
N GLU I 500 -89.48 -35.39 -32.36
CA GLU I 500 -89.05 -35.97 -33.60
C GLU I 500 -88.55 -37.39 -33.68
N GLU I 501 -88.10 -37.74 -34.87
CA GLU I 501 -87.65 -39.10 -35.27
C GLU I 501 -86.23 -39.62 -34.98
N PRO I 502 -86.04 -40.49 -33.99
CA PRO I 502 -84.69 -40.96 -33.68
C PRO I 502 -84.05 -41.67 -34.85
N ILE I 503 -82.85 -42.17 -34.60
CA ILE I 503 -82.11 -42.89 -35.61
C ILE I 503 -81.33 -44.08 -35.04
N GLN I 504 -80.42 -44.67 -35.83
CA GLN I 504 -79.59 -45.84 -35.44
C GLN I 504 -78.43 -45.58 -34.45
N VAL I 505 -78.57 -46.11 -33.24
CA VAL I 505 -77.58 -45.89 -32.19
C VAL I 505 -76.89 -47.16 -31.68
N THR I 506 -75.93 -47.68 -32.44
CA THR I 506 -75.21 -48.85 -31.98
C THR I 506 -74.17 -48.29 -31.02
N GLU I 507 -74.12 -48.82 -29.81
CA GLU I 507 -73.14 -48.33 -28.87
C GLU I 507 -71.75 -48.32 -29.50
N ASP I 508 -71.44 -49.37 -30.26
CA ASP I 508 -70.15 -49.51 -30.96
C ASP I 508 -69.87 -48.23 -31.73
N GLU I 509 -70.90 -47.74 -32.41
CA GLU I 509 -70.80 -46.52 -33.19
C GLU I 509 -70.52 -45.33 -32.26
N VAL I 510 -71.34 -45.16 -31.24
CA VAL I 510 -71.15 -44.06 -30.29
C VAL I 510 -69.67 -43.93 -29.98
N LEU I 511 -69.06 -45.07 -29.67
CA LEU I 511 -67.64 -45.11 -29.36
C LEU I 511 -66.80 -44.70 -30.54
N ASP I 512 -66.80 -45.51 -31.60
CA ASP I 512 -66.03 -45.22 -32.81
C ASP I 512 -65.77 -43.73 -32.93
N ILE I 513 -66.83 -42.93 -32.81
CA ILE I 513 -66.67 -41.50 -32.91
C ILE I 513 -65.77 -41.03 -31.78
N LEU I 514 -66.29 -41.06 -30.55
CA LEU I 514 -65.51 -40.61 -29.42
C LEU I 514 -64.05 -41.02 -29.56
N GLU I 515 -63.85 -42.31 -29.76
CA GLU I 515 -62.50 -42.84 -29.90
C GLU I 515 -61.68 -41.95 -30.83
N SER I 516 -62.04 -41.96 -32.10
CA SER I 516 -61.33 -41.17 -33.11
C SER I 516 -61.01 -39.77 -32.60
N VAL I 517 -61.96 -39.16 -31.91
CA VAL I 517 -61.78 -37.83 -31.36
C VAL I 517 -60.44 -37.73 -30.68
N LEU I 518 -60.25 -38.58 -29.68
CA LEU I 518 -59.01 -38.59 -28.94
C LEU I 518 -57.82 -38.81 -29.85
N ILE I 519 -57.91 -39.83 -30.68
CA ILE I 519 -56.82 -40.16 -31.55
C ILE I 519 -56.40 -39.06 -32.52
N SER I 520 -57.29 -38.73 -33.44
CA SER I 520 -57.02 -37.71 -34.45
C SER I 520 -56.41 -36.44 -33.88
N ASN I 521 -55.42 -35.91 -34.58
CA ASN I 521 -54.81 -34.71 -34.12
C ASN I 521 -55.54 -33.53 -34.70
N MET I 522 -56.45 -32.99 -33.91
CA MET I 522 -57.22 -31.83 -34.32
C MET I 522 -57.94 -31.38 -33.09
N SER I 523 -57.75 -32.14 -32.03
CA SER I 523 -58.40 -31.86 -30.76
C SER I 523 -57.43 -31.38 -29.69
N THR I 524 -57.94 -30.50 -28.82
CA THR I 524 -57.15 -29.94 -27.73
C THR I 524 -57.20 -30.88 -26.56
N SER I 525 -56.16 -30.86 -25.74
CA SER I 525 -56.13 -31.71 -24.57
C SER I 525 -57.45 -31.58 -23.82
N VAL I 526 -57.96 -30.36 -23.74
CA VAL I 526 -59.22 -30.12 -23.04
C VAL I 526 -60.32 -30.96 -23.67
N THR I 527 -60.31 -30.93 -24.99
CA THR I 527 -61.28 -31.67 -25.77
C THR I 527 -61.23 -33.12 -25.33
N ARG I 528 -60.09 -33.75 -25.62
CA ARG I 528 -59.88 -35.15 -25.27
C ARG I 528 -60.51 -35.39 -23.93
N GLY I 529 -60.43 -34.39 -23.07
CA GLY I 529 -61.02 -34.51 -21.76
C GLY I 529 -62.49 -34.87 -21.87
N TYR I 530 -63.33 -33.85 -22.03
CA TYR I 530 -64.77 -34.03 -22.12
C TYR I 530 -65.10 -35.39 -22.66
N ALA I 531 -64.33 -35.80 -23.66
CA ALA I 531 -64.50 -37.09 -24.30
C ALA I 531 -64.39 -38.18 -23.28
N LEU I 532 -63.14 -38.59 -23.04
CA LEU I 532 -62.86 -39.64 -22.08
C LEU I 532 -63.86 -39.61 -20.93
N THR I 533 -63.83 -38.54 -20.14
CA THR I 533 -64.75 -38.42 -19.03
C THR I 533 -66.05 -39.01 -19.51
N ALA I 534 -66.60 -38.41 -20.55
CA ALA I 534 -67.85 -38.87 -21.13
C ALA I 534 -67.85 -40.39 -21.35
N ILE I 535 -66.98 -40.88 -22.20
CA ILE I 535 -66.94 -42.31 -22.45
C ILE I 535 -67.25 -43.12 -21.21
N MET I 536 -66.66 -42.72 -20.10
CA MET I 536 -66.94 -43.47 -18.89
C MET I 536 -68.38 -43.26 -18.44
N LYS I 537 -68.85 -42.01 -18.48
CA LYS I 537 -70.21 -41.71 -18.07
C LYS I 537 -71.17 -42.70 -18.72
N LEU I 538 -70.71 -43.30 -19.83
CA LEU I 538 -71.49 -44.29 -20.57
C LEU I 538 -71.51 -45.64 -19.87
N SER I 539 -70.37 -46.02 -19.31
CA SER I 539 -70.29 -47.30 -18.63
C SER I 539 -71.57 -47.52 -17.82
N THR I 540 -72.07 -46.44 -17.23
CA THR I 540 -73.29 -46.52 -16.42
C THR I 540 -74.56 -46.33 -17.20
N ARG I 541 -74.39 -45.84 -18.42
CA ARG I 541 -75.50 -45.55 -19.29
C ARG I 541 -75.77 -46.49 -20.46
N PHE I 542 -75.14 -47.66 -20.42
CA PHE I 542 -75.38 -48.66 -21.46
C PHE I 542 -75.39 -50.08 -20.94
N THR I 543 -75.71 -50.99 -21.86
CA THR I 543 -75.86 -52.37 -21.45
C THR I 543 -74.82 -53.37 -21.86
N CYS I 544 -74.06 -53.13 -22.90
CA CYS I 544 -73.16 -54.21 -23.27
C CYS I 544 -71.68 -54.03 -23.58
N THR I 545 -71.33 -52.99 -24.31
CA THR I 545 -69.94 -52.77 -24.66
C THR I 545 -69.15 -52.27 -23.44
N VAL I 546 -69.74 -52.52 -22.27
CA VAL I 546 -69.16 -52.14 -20.99
C VAL I 546 -67.73 -52.68 -20.88
N ASN I 547 -67.25 -53.34 -21.93
CA ASN I 547 -65.90 -53.89 -21.93
C ASN I 547 -64.91 -53.12 -22.80
N ARG I 548 -65.31 -52.77 -24.04
CA ARG I 548 -64.42 -52.01 -24.94
C ARG I 548 -64.02 -50.75 -24.15
N ILE I 549 -64.96 -50.29 -23.32
CA ILE I 549 -64.77 -49.10 -22.49
C ILE I 549 -63.53 -49.28 -21.58
N LYS I 550 -63.66 -50.19 -20.62
CA LYS I 550 -62.59 -50.47 -19.67
C LYS I 550 -61.25 -50.55 -20.41
N LYS I 551 -61.26 -51.13 -21.62
CA LYS I 551 -60.04 -51.28 -22.40
C LYS I 551 -59.39 -49.93 -22.70
N VAL I 552 -60.16 -49.03 -23.30
CA VAL I 552 -59.69 -47.69 -23.65
C VAL I 552 -59.10 -46.98 -22.44
N VAL I 553 -59.93 -46.83 -21.43
CA VAL I 553 -59.53 -46.18 -20.19
C VAL I 553 -58.12 -46.60 -19.82
N SER I 554 -57.97 -47.89 -19.52
CA SER I 554 -56.67 -48.44 -19.11
C SER I 554 -55.53 -48.14 -20.10
N ILE I 555 -55.86 -47.92 -21.37
CA ILE I 555 -54.79 -47.64 -22.33
C ILE I 555 -54.31 -46.22 -22.19
N TYR I 556 -55.24 -45.31 -21.93
CA TYR I 556 -54.89 -43.91 -21.77
C TYR I 556 -54.21 -43.66 -20.44
N GLY I 557 -54.21 -44.68 -19.58
CA GLY I 557 -53.57 -44.53 -18.29
C GLY I 557 -52.14 -44.07 -18.46
N SER I 558 -51.66 -44.07 -19.70
CA SER I 558 -50.30 -43.64 -19.96
C SER I 558 -50.23 -42.68 -21.12
N SER I 559 -50.63 -41.45 -20.85
CA SER I 559 -50.59 -40.41 -21.86
C SER I 559 -49.89 -39.20 -21.28
N ILE I 560 -49.15 -38.51 -22.13
CA ILE I 560 -48.41 -37.33 -21.73
C ILE I 560 -49.29 -36.39 -20.90
N ASP I 561 -50.54 -36.23 -21.32
CA ASP I 561 -51.52 -35.35 -20.69
C ASP I 561 -51.81 -35.67 -19.22
N VAL I 562 -51.01 -35.10 -18.33
CA VAL I 562 -51.16 -35.29 -16.89
C VAL I 562 -52.58 -35.54 -16.52
N GLU I 563 -53.44 -34.71 -17.11
CA GLU I 563 -54.84 -34.80 -16.87
C GLU I 563 -55.43 -36.12 -17.35
N LEU I 564 -55.53 -36.29 -18.65
CA LEU I 564 -56.08 -37.52 -19.20
C LEU I 564 -55.60 -38.67 -18.35
N GLN I 565 -54.30 -38.90 -18.34
CA GLN I 565 -53.75 -39.98 -17.55
C GLN I 565 -54.37 -40.00 -16.18
N GLN I 566 -54.04 -39.01 -15.35
CA GLN I 566 -54.61 -38.93 -14.02
C GLN I 566 -55.98 -39.57 -14.02
N ARG I 567 -56.93 -38.91 -14.66
CA ARG I 567 -58.28 -39.41 -14.73
C ARG I 567 -58.28 -40.87 -15.11
N ALA I 568 -57.69 -41.18 -16.26
CA ALA I 568 -57.63 -42.56 -16.74
C ALA I 568 -57.38 -43.49 -15.56
N VAL I 569 -56.26 -43.29 -14.88
CA VAL I 569 -55.93 -44.12 -13.73
C VAL I 569 -57.11 -44.14 -12.78
N GLU I 570 -57.57 -42.94 -12.41
CA GLU I 570 -58.70 -42.80 -11.52
C GLU I 570 -59.76 -43.79 -12.01
N TYR I 571 -60.41 -43.47 -13.12
CA TYR I 571 -61.45 -44.37 -13.65
C TYR I 571 -61.01 -45.83 -13.58
N ASN I 572 -60.00 -46.18 -14.38
CA ASN I 572 -59.41 -47.53 -14.45
C ASN I 572 -59.61 -48.24 -13.12
N ALA I 573 -59.10 -47.62 -12.07
CA ALA I 573 -59.18 -48.16 -10.72
C ALA I 573 -60.63 -48.35 -10.25
N LEU I 574 -61.51 -47.43 -10.64
CA LEU I 574 -62.89 -47.57 -10.23
C LEU I 574 -63.46 -48.93 -10.65
N PHE I 575 -63.21 -49.32 -11.89
CA PHE I 575 -63.71 -50.60 -12.37
C PHE I 575 -63.07 -51.74 -11.60
N LYS I 576 -61.75 -51.83 -11.73
CA LYS I 576 -60.92 -52.84 -11.07
C LYS I 576 -61.25 -53.16 -9.62
N LYS I 577 -61.93 -52.24 -8.92
CA LYS I 577 -62.27 -52.49 -7.53
C LYS I 577 -63.74 -52.24 -7.12
N TYR I 578 -64.14 -50.99 -6.88
CA TYR I 578 -65.53 -50.76 -6.43
C TYR I 578 -66.60 -50.59 -7.51
N ASP I 579 -66.72 -51.54 -8.43
CA ASP I 579 -67.71 -51.40 -9.49
C ASP I 579 -68.94 -50.60 -9.13
N HIS I 580 -69.98 -51.31 -8.70
CA HIS I 580 -71.27 -50.73 -8.36
C HIS I 580 -71.32 -49.21 -7.99
N MET I 581 -70.21 -48.66 -7.50
CA MET I 581 -70.18 -47.24 -7.21
C MET I 581 -70.37 -46.49 -8.53
N ARG I 582 -69.75 -47.02 -9.59
CA ARG I 582 -69.88 -46.37 -10.89
C ARG I 582 -71.35 -45.98 -11.14
N SER I 583 -72.27 -46.94 -11.00
CA SER I 583 -73.70 -46.65 -11.21
C SER I 583 -74.13 -45.35 -10.51
N ALA I 584 -73.96 -45.28 -9.19
CA ALA I 584 -74.38 -44.07 -8.46
C ALA I 584 -73.57 -42.80 -8.82
N LEU I 585 -72.27 -42.97 -9.04
CA LEU I 585 -71.39 -41.86 -9.35
C LEU I 585 -71.79 -41.10 -10.59
N LEU I 586 -71.76 -41.78 -11.73
CA LEU I 586 -72.08 -41.14 -12.98
C LEU I 586 -73.55 -40.77 -13.23
N GLU I 587 -74.42 -41.78 -13.15
CA GLU I 587 -75.87 -41.63 -13.40
C GLU I 587 -76.53 -40.33 -12.94
N ARG I 588 -75.73 -39.39 -12.46
CA ARG I 588 -76.29 -38.17 -11.98
C ARG I 588 -75.49 -36.95 -12.32
N MET I 589 -76.05 -36.14 -13.20
CA MET I 589 -75.40 -34.89 -13.57
C MET I 589 -76.31 -33.91 -12.87
N PRO I 590 -75.76 -32.94 -12.14
CA PRO I 590 -76.54 -31.92 -11.43
C PRO I 590 -77.14 -31.01 -12.46
N VAL I 591 -77.65 -29.86 -12.00
CA VAL I 591 -78.25 -28.88 -12.90
C VAL I 591 -78.29 -27.43 -12.39
N MET I 592 -77.62 -26.53 -13.09
CA MET I 592 -77.59 -25.10 -12.70
C MET I 592 -78.62 -24.32 -13.51
N GLU I 593 -79.34 -23.42 -12.81
CA GLU I 593 -80.42 -22.66 -13.44
C GLU I 593 -80.37 -21.13 -13.34
N LYS I 594 -80.67 -20.50 -14.48
CA LYS I 594 -80.77 -19.05 -14.60
C LYS I 594 -82.27 -18.73 -14.81
N VAL I 595 -82.66 -17.53 -14.64
N THR J 2 -75.76 13.67 -72.94
CA THR J 2 -75.72 12.40 -72.14
C THR J 2 -74.39 11.61 -72.36
N ASP J 3 -73.28 12.37 -72.51
CA ASP J 3 -71.92 11.81 -72.71
C ASP J 3 -70.82 12.55 -71.85
N SER J 4 -69.96 11.78 -71.14
CA SER J 4 -68.91 12.36 -70.27
C SER J 4 -67.66 11.51 -70.01
N LYS J 5 -66.50 12.04 -70.40
CA LYS J 5 -65.20 11.40 -70.22
C LYS J 5 -64.12 12.45 -70.37
N TYR J 6 -63.75 13.10 -69.27
CA TYR J 6 -62.73 14.13 -69.34
C TYR J 6 -61.36 13.54 -69.10
N PHE J 7 -60.32 14.34 -69.30
CA PHE J 7 -58.97 13.85 -69.07
C PHE J 7 -58.71 12.60 -69.87
N THR J 8 -59.29 12.53 -71.06
CA THR J 8 -59.12 11.34 -71.84
C THR J 8 -59.04 11.68 -73.30
N THR J 9 -58.12 12.54 -73.67
CA THR J 9 -58.05 12.92 -75.07
C THR J 9 -56.79 12.41 -75.71
N THR J 10 -56.92 11.94 -76.95
CA THR J 10 -55.76 11.45 -77.65
C THR J 10 -55.21 12.59 -78.47
N LYS J 11 -55.45 13.82 -78.00
CA LYS J 11 -54.95 15.00 -78.70
C LYS J 11 -53.64 15.41 -78.04
N LYS J 12 -53.55 15.27 -76.72
CA LYS J 12 -52.33 15.63 -76.04
C LYS J 12 -52.07 14.82 -74.75
N GLY J 13 -51.03 15.19 -74.01
CA GLY J 13 -50.73 14.49 -72.77
C GLY J 13 -49.85 13.29 -72.92
N GLU J 14 -49.46 12.74 -71.77
CA GLU J 14 -48.60 11.58 -71.71
C GLU J 14 -48.68 10.73 -72.97
N ILE J 15 -49.57 9.76 -72.94
CA ILE J 15 -49.79 8.86 -74.05
C ILE J 15 -49.27 9.50 -75.33
N PHE J 16 -50.00 10.49 -75.82
CA PHE J 16 -49.63 11.20 -77.03
C PHE J 16 -48.14 11.43 -77.00
N GLU J 17 -47.74 12.37 -76.16
CA GLU J 17 -46.34 12.71 -75.99
C GLU J 17 -45.46 11.59 -76.48
N LEU J 18 -45.46 10.51 -75.73
CA LEU J 18 -44.64 9.36 -76.07
C LEU J 18 -44.99 8.84 -77.45
N LYS J 19 -46.26 8.52 -77.66
CA LYS J 19 -46.72 7.99 -78.95
C LYS J 19 -45.93 8.60 -80.09
N ALA J 20 -46.00 9.92 -80.21
CA ALA J 20 -45.30 10.61 -81.26
C ALA J 20 -43.79 10.41 -81.17
N GLU J 21 -43.20 10.91 -80.09
CA GLU J 21 -41.77 10.80 -79.90
C GLU J 21 -41.26 9.40 -80.18
N LEU J 22 -42.19 8.49 -80.45
CA LEU J 22 -41.86 7.11 -80.72
C LEU J 22 -41.62 6.86 -82.21
N ASN J 23 -42.52 7.37 -83.03
CA ASN J 23 -42.45 7.20 -84.47
C ASN J 23 -41.45 8.08 -85.17
N SER J 24 -40.82 8.97 -84.42
CA SER J 24 -39.84 9.86 -85.01
C SER J 24 -38.79 9.06 -85.77
N ASP J 25 -37.74 9.78 -86.16
CA ASP J 25 -36.64 9.24 -86.94
C ASP J 25 -35.52 8.68 -86.12
N LYS J 26 -34.63 9.60 -85.80
CA LYS J 26 -33.45 9.34 -85.02
C LYS J 26 -33.72 8.06 -84.26
N LYS J 27 -32.87 7.06 -84.47
CA LYS J 27 -33.01 5.78 -83.80
C LYS J 27 -33.09 6.03 -82.29
N GLU J 28 -32.21 6.92 -81.81
CA GLU J 28 -32.14 7.25 -80.39
C GLU J 28 -33.48 7.43 -79.69
N LYS J 29 -34.30 8.34 -80.18
CA LYS J 29 -35.60 8.59 -79.57
C LYS J 29 -36.30 7.27 -79.33
N LYS J 30 -36.71 6.62 -80.42
CA LYS J 30 -37.39 5.34 -80.33
C LYS J 30 -36.82 4.56 -79.15
N LYS J 31 -35.51 4.38 -79.13
CA LYS J 31 -34.87 3.65 -78.04
C LYS J 31 -35.37 4.18 -76.69
N GLU J 32 -34.73 5.23 -76.19
CA GLU J 32 -35.14 5.79 -74.90
C GLU J 32 -36.63 5.68 -74.73
N ALA J 33 -37.35 6.35 -75.62
CA ALA J 33 -38.80 6.33 -75.59
C ALA J 33 -39.33 4.99 -75.06
N VAL J 34 -39.19 3.96 -75.88
CA VAL J 34 -39.65 2.65 -75.49
C VAL J 34 -39.28 2.39 -74.03
N LYS J 35 -38.01 2.54 -73.72
CA LYS J 35 -37.54 2.33 -72.36
C LYS J 35 -38.56 2.89 -71.37
N LYS J 36 -38.81 4.18 -71.45
CA LYS J 36 -39.77 4.79 -70.54
C LYS J 36 -41.03 3.99 -70.53
N VAL J 37 -41.44 3.49 -71.70
CA VAL J 37 -42.66 2.72 -71.75
C VAL J 37 -42.64 1.62 -70.72
N ILE J 38 -41.96 0.53 -71.02
CA ILE J 38 -41.92 -0.58 -70.08
C ILE J 38 -41.91 -0.03 -68.68
N ALA J 39 -40.96 0.86 -68.42
CA ALA J 39 -40.85 1.47 -67.12
C ALA J 39 -42.22 1.94 -66.69
N SER J 40 -42.64 3.06 -67.27
CA SER J 40 -43.93 3.66 -66.98
C SER J 40 -44.97 2.59 -66.86
N MET J 41 -44.67 1.44 -67.44
CA MET J 41 -45.59 0.33 -67.38
C MET J 41 -45.54 -0.36 -66.05
N THR J 42 -44.40 -0.99 -65.78
CA THR J 42 -44.21 -1.74 -64.54
C THR J 42 -44.77 -1.05 -63.33
N VAL J 43 -44.56 0.25 -63.22
CA VAL J 43 -45.05 0.93 -62.04
C VAL J 43 -46.57 0.85 -61.87
N GLY J 44 -47.28 0.51 -62.94
CA GLY J 44 -48.72 0.39 -62.82
C GLY J 44 -49.55 1.33 -63.68
N LYS J 45 -48.90 2.13 -64.50
CA LYS J 45 -49.66 3.01 -65.36
C LYS J 45 -50.25 2.09 -66.39
N ASP J 46 -51.03 2.65 -67.29
CA ASP J 46 -51.68 1.87 -68.33
C ASP J 46 -51.07 2.17 -69.68
N VAL J 47 -50.59 1.12 -70.35
CA VAL J 47 -49.99 1.28 -71.66
C VAL J 47 -50.77 0.59 -72.74
N SER J 48 -51.90 0.02 -72.35
CA SER J 48 -52.78 -0.66 -73.28
C SER J 48 -52.58 0.06 -74.61
N ALA J 49 -52.76 1.37 -74.58
CA ALA J 49 -52.62 2.18 -75.76
C ALA J 49 -51.35 1.89 -76.55
N LEU J 50 -50.31 2.68 -76.28
CA LEU J 50 -49.02 2.58 -76.94
C LEU J 50 -48.74 1.30 -77.71
N PHE J 51 -49.16 0.18 -77.15
CA PHE J 51 -48.90 -1.11 -77.79
C PHE J 51 -48.60 -1.08 -79.30
N PRO J 52 -49.62 -0.78 -80.13
CA PRO J 52 -49.40 -0.75 -81.59
C PRO J 52 -48.06 -0.16 -82.00
N ASP J 53 -48.03 1.16 -82.05
CA ASP J 53 -46.86 1.92 -82.45
C ASP J 53 -45.54 1.39 -81.87
N VAL J 54 -45.62 0.68 -80.75
CA VAL J 54 -44.41 0.14 -80.15
C VAL J 54 -43.91 -1.01 -80.98
N VAL J 55 -44.78 -2.00 -81.15
CA VAL J 55 -44.47 -3.18 -81.94
C VAL J 55 -43.91 -2.68 -83.25
N ASN J 56 -44.71 -1.88 -83.95
CA ASN J 56 -44.37 -1.30 -85.25
C ASN J 56 -43.08 -0.53 -85.23
N CYS J 57 -42.34 -0.65 -84.13
CA CYS J 57 -41.05 -0.02 -84.02
C CYS J 57 -40.20 -1.27 -84.10
N MET J 58 -40.84 -2.31 -84.63
CA MET J 58 -40.28 -3.64 -84.86
C MET J 58 -39.30 -3.69 -86.03
N GLN J 59 -39.82 -3.32 -87.19
CA GLN J 59 -39.06 -3.32 -88.43
C GLN J 59 -37.89 -2.34 -88.39
N THR J 60 -37.05 -2.51 -87.37
CA THR J 60 -35.85 -1.71 -87.19
C THR J 60 -34.77 -2.76 -87.10
N ASP J 61 -33.61 -2.39 -86.59
CA ASP J 61 -32.53 -3.37 -86.57
C ASP J 61 -31.67 -3.44 -85.32
N ASN J 62 -30.88 -2.40 -85.11
CA ASN J 62 -29.98 -2.34 -83.97
C ASN J 62 -30.56 -3.12 -82.81
N LEU J 63 -29.81 -4.14 -82.39
CA LEU J 63 -30.21 -4.99 -81.27
C LEU J 63 -30.96 -4.13 -80.31
N GLU J 64 -30.20 -3.19 -79.74
CA GLU J 64 -30.69 -2.24 -78.77
C GLU J 64 -32.20 -2.24 -78.85
N LEU J 65 -32.73 -1.46 -79.78
CA LEU J 65 -34.16 -1.38 -79.94
C LEU J 65 -34.81 -2.75 -80.03
N LYS J 66 -34.49 -3.48 -81.10
CA LYS J 66 -35.09 -4.80 -81.30
C LYS J 66 -35.43 -5.56 -80.03
N LYS J 67 -34.47 -5.68 -79.11
CA LYS J 67 -34.72 -6.41 -77.89
C LYS J 67 -35.69 -5.70 -76.99
N LEU J 68 -35.40 -4.43 -76.69
CA LEU J 68 -36.30 -3.70 -75.82
C LEU J 68 -37.71 -4.05 -76.22
N VAL J 69 -38.02 -3.80 -77.48
CA VAL J 69 -39.33 -4.12 -78.00
C VAL J 69 -39.74 -5.40 -77.35
N TYR J 70 -38.92 -6.42 -77.58
CA TYR J 70 -39.21 -7.71 -77.02
C TYR J 70 -39.64 -7.65 -75.56
N LEU J 71 -38.71 -7.27 -74.67
CA LEU J 71 -39.05 -7.18 -73.26
C LEU J 71 -40.45 -6.70 -73.08
N TYR J 72 -40.74 -5.55 -73.67
CA TYR J 72 -42.07 -5.00 -73.56
C TYR J 72 -43.05 -6.14 -73.72
N LEU J 73 -43.15 -6.60 -74.95
CA LEU J 73 -44.04 -7.69 -75.24
C LEU J 73 -43.95 -8.69 -74.12
N MET J 74 -42.73 -9.10 -73.82
CA MET J 74 -42.52 -10.07 -72.76
C MET J 74 -43.50 -9.87 -71.61
N ASN J 75 -43.38 -8.75 -70.90
CA ASN J 75 -44.28 -8.50 -69.79
C ASN J 75 -45.69 -8.85 -70.14
N TYR J 76 -46.15 -8.34 -71.28
CA TYR J 76 -47.51 -8.65 -71.67
C TYR J 76 -47.78 -10.14 -71.82
N ALA J 77 -46.75 -10.96 -71.65
CA ALA J 77 -46.90 -12.39 -71.78
C ALA J 77 -48.13 -12.98 -71.13
N LYS J 78 -47.96 -13.34 -69.87
CA LYS J 78 -48.99 -13.95 -69.04
C LYS J 78 -50.19 -13.07 -68.76
N SER J 79 -49.96 -11.75 -68.72
CA SER J 79 -51.01 -10.79 -68.47
C SER J 79 -52.11 -10.86 -69.53
N GLN J 80 -51.88 -10.25 -70.68
CA GLN J 80 -52.85 -10.25 -71.78
C GLN J 80 -52.29 -10.98 -73.01
N PRO J 81 -52.20 -12.32 -72.90
CA PRO J 81 -51.69 -13.17 -73.96
C PRO J 81 -52.26 -12.72 -75.29
N ASP J 82 -53.56 -12.44 -75.31
CA ASP J 82 -54.20 -11.99 -76.53
C ASP J 82 -53.33 -11.04 -77.36
N MET J 83 -52.86 -9.97 -76.73
CA MET J 83 -52.00 -9.02 -77.43
C MET J 83 -50.67 -9.68 -77.83
N ALA J 84 -50.07 -10.41 -76.89
CA ALA J 84 -48.81 -11.10 -77.21
C ALA J 84 -48.90 -11.69 -78.61
N ILE J 85 -49.84 -12.61 -78.80
CA ILE J 85 -50.05 -13.26 -80.09
C ILE J 85 -49.94 -12.34 -81.28
N MET J 86 -50.75 -11.28 -81.31
CA MET J 86 -50.73 -10.38 -82.44
C MET J 86 -49.34 -10.11 -82.99
N ALA J 87 -48.32 -10.56 -82.27
CA ALA J 87 -46.94 -10.39 -82.76
C ALA J 87 -46.34 -11.63 -83.48
N VAL J 88 -47.01 -12.78 -83.34
CA VAL J 88 -46.58 -14.06 -83.92
C VAL J 88 -45.63 -14.01 -85.12
N ASN J 89 -46.21 -13.70 -86.26
CA ASN J 89 -45.51 -13.61 -87.52
C ASN J 89 -44.12 -13.12 -87.22
N THR J 90 -44.08 -11.88 -86.75
CA THR J 90 -42.85 -11.20 -86.38
C THR J 90 -41.84 -12.13 -85.76
N PHE J 91 -42.31 -13.02 -84.88
CA PHE J 91 -41.38 -13.95 -84.23
C PHE J 91 -40.85 -15.01 -85.17
N VAL J 92 -41.75 -15.85 -85.67
CA VAL J 92 -41.35 -16.92 -86.56
C VAL J 92 -40.29 -16.40 -87.54
N LYS J 93 -40.72 -15.41 -88.31
CA LYS J 93 -39.86 -14.78 -89.30
C LYS J 93 -38.59 -14.30 -88.66
N ASP J 94 -38.61 -14.14 -87.34
CA ASP J 94 -37.40 -13.71 -86.67
C ASP J 94 -36.51 -14.94 -86.39
N CYS J 95 -37.15 -16.10 -86.19
CA CYS J 95 -36.40 -17.32 -85.92
C CYS J 95 -35.32 -17.53 -86.95
N GLU J 96 -35.62 -17.26 -88.19
CA GLU J 96 -34.60 -17.48 -89.20
C GLU J 96 -33.43 -16.51 -89.16
N ASP J 97 -33.64 -15.34 -88.60
CA ASP J 97 -32.58 -14.33 -88.52
C ASP J 97 -31.24 -14.96 -88.23
N PRO J 98 -30.19 -14.39 -88.84
CA PRO J 98 -28.76 -14.69 -88.83
C PRO J 98 -28.11 -14.42 -87.49
N ASN J 99 -28.86 -13.82 -86.56
CA ASN J 99 -28.25 -13.64 -85.25
C ASN J 99 -28.92 -14.51 -84.21
N PRO J 100 -28.50 -15.76 -84.16
CA PRO J 100 -29.08 -16.68 -83.19
C PRO J 100 -29.60 -15.95 -81.93
N LEU J 101 -28.79 -15.08 -81.33
CA LEU J 101 -29.23 -14.34 -80.15
C LEU J 101 -30.70 -14.02 -80.38
N ILE J 102 -30.94 -13.26 -81.44
CA ILE J 102 -32.28 -12.89 -81.82
C ILE J 102 -33.18 -14.12 -81.83
N ARG J 103 -33.16 -14.84 -82.94
CA ARG J 103 -34.02 -16.01 -83.07
C ARG J 103 -34.20 -16.85 -81.80
N ALA J 104 -33.21 -16.84 -80.93
CA ALA J 104 -33.33 -17.58 -79.69
C ALA J 104 -34.42 -16.89 -78.89
N LEU J 105 -34.23 -15.58 -78.68
CA LEU J 105 -35.20 -14.81 -77.93
C LEU J 105 -36.57 -15.11 -78.51
N ALA J 106 -36.64 -15.13 -79.84
CA ALA J 106 -37.89 -15.41 -80.55
C ALA J 106 -38.45 -16.74 -80.04
N VAL J 107 -37.55 -17.59 -79.62
CA VAL J 107 -37.96 -18.86 -79.11
C VAL J 107 -38.53 -18.67 -77.72
N ARG J 108 -37.63 -18.50 -76.76
CA ARG J 108 -38.00 -18.31 -75.36
C ARG J 108 -39.29 -17.51 -75.30
N THR J 109 -39.35 -16.48 -76.13
CA THR J 109 -40.51 -15.62 -76.20
C THR J 109 -41.74 -16.43 -76.58
N MET J 110 -41.74 -16.97 -77.80
CA MET J 110 -42.87 -17.78 -78.25
C MET J 110 -43.33 -18.60 -77.05
N GLY J 111 -42.35 -19.26 -76.42
CA GLY J 111 -42.62 -20.12 -75.28
C GLY J 111 -43.26 -19.58 -74.02
N CYS J 112 -43.17 -18.29 -73.75
CA CYS J 112 -43.78 -17.83 -72.53
C CYS J 112 -45.24 -17.43 -72.71
N ILE J 113 -45.98 -18.15 -73.56
CA ILE J 113 -47.41 -17.86 -73.76
C ILE J 113 -48.20 -19.02 -73.14
N ARG J 114 -49.51 -18.84 -72.92
CA ARG J 114 -50.29 -19.90 -72.30
C ARG J 114 -51.54 -20.29 -73.10
N VAL J 115 -51.69 -19.81 -74.33
CA VAL J 115 -52.89 -20.13 -75.14
C VAL J 115 -52.77 -21.27 -76.18
N ASP J 116 -53.88 -21.94 -76.49
CA ASP J 116 -53.88 -23.05 -77.44
C ASP J 116 -53.45 -22.69 -78.86
N LYS J 117 -53.88 -21.51 -79.31
CA LYS J 117 -53.56 -21.02 -80.66
C LYS J 117 -52.04 -21.01 -80.96
N ILE J 118 -51.25 -20.99 -79.89
CA ILE J 118 -49.80 -20.97 -80.01
C ILE J 118 -49.23 -22.20 -80.70
N THR J 119 -49.74 -23.37 -80.30
CA THR J 119 -49.29 -24.64 -80.89
C THR J 119 -49.06 -24.46 -82.39
N GLU J 120 -50.15 -24.17 -83.12
CA GLU J 120 -50.16 -23.92 -84.57
C GLU J 120 -48.95 -23.15 -85.06
N TYR J 121 -48.89 -21.88 -84.64
CA TYR J 121 -47.81 -21.03 -85.12
C TYR J 121 -46.34 -21.36 -84.81
N LEU J 122 -46.04 -22.01 -83.69
CA LEU J 122 -44.61 -22.24 -83.41
C LEU J 122 -43.91 -23.60 -83.58
N CYS J 123 -44.60 -24.67 -83.25
CA CYS J 123 -43.99 -26.00 -83.34
C CYS J 123 -42.86 -26.21 -84.36
N GLU J 124 -43.24 -26.24 -85.64
CA GLU J 124 -42.29 -26.48 -86.75
C GLU J 124 -41.02 -25.67 -86.55
N PRO J 125 -41.16 -24.33 -86.49
CA PRO J 125 -39.98 -23.50 -86.31
C PRO J 125 -39.14 -24.01 -85.14
N LEU J 126 -39.80 -24.60 -84.14
CA LEU J 126 -39.07 -25.11 -82.99
C LEU J 126 -38.08 -26.19 -83.36
N ARG J 127 -38.61 -27.33 -83.82
CA ARG J 127 -37.77 -28.46 -84.23
C ARG J 127 -36.53 -27.84 -84.79
N LYS J 128 -36.78 -27.01 -85.81
CA LYS J 128 -35.72 -26.31 -86.51
C LYS J 128 -34.76 -25.66 -85.51
N CYS J 129 -35.13 -24.48 -85.00
CA CYS J 129 -34.29 -23.73 -84.06
C CYS J 129 -33.36 -24.62 -83.25
N LEU J 130 -33.89 -25.76 -82.84
CA LEU J 130 -33.15 -26.74 -82.07
C LEU J 130 -31.90 -27.31 -82.68
N LYS J 131 -32.18 -28.30 -83.51
CA LYS J 131 -31.20 -29.02 -84.25
C LYS J 131 -30.18 -28.03 -84.85
N ASP J 132 -30.55 -26.75 -84.91
CA ASP J 132 -29.67 -25.73 -85.48
C ASP J 132 -28.24 -25.70 -84.94
N GLU J 133 -27.65 -24.51 -84.82
CA GLU J 133 -26.24 -24.47 -84.44
C GLU J 133 -25.77 -23.76 -83.21
N ASP J 134 -26.67 -23.25 -82.39
CA ASP J 134 -26.15 -22.54 -81.24
C ASP J 134 -26.54 -22.88 -79.85
N PRO J 135 -25.59 -22.66 -78.93
CA PRO J 135 -25.78 -22.91 -77.50
C PRO J 135 -27.16 -22.40 -77.09
N TYR J 136 -27.27 -21.11 -76.84
CA TYR J 136 -28.53 -20.53 -76.40
C TYR J 136 -29.75 -21.12 -77.10
N VAL J 137 -29.74 -21.08 -78.43
CA VAL J 137 -30.85 -21.57 -79.26
C VAL J 137 -31.41 -22.89 -78.73
N ARG J 138 -30.59 -23.92 -78.82
CA ARG J 138 -30.99 -25.23 -78.36
C ARG J 138 -31.49 -25.10 -76.91
N LYS J 139 -30.58 -24.79 -75.99
CA LYS J 139 -30.92 -24.64 -74.57
C LYS J 139 -32.34 -24.17 -74.47
N THR J 140 -32.46 -22.89 -74.72
CA THR J 140 -33.72 -22.22 -74.71
C THR J 140 -34.92 -23.07 -75.12
N ALA J 141 -34.97 -23.56 -76.35
CA ALA J 141 -36.12 -24.37 -76.76
C ALA J 141 -36.23 -25.61 -75.90
N ALA J 142 -35.10 -26.25 -75.62
CA ALA J 142 -35.13 -27.43 -74.76
C ALA J 142 -36.16 -27.03 -73.73
N VAL J 143 -35.87 -25.91 -73.09
CA VAL J 143 -36.74 -25.35 -72.09
C VAL J 143 -38.16 -25.38 -72.67
N CYS J 144 -38.41 -24.50 -73.63
CA CYS J 144 -39.73 -24.41 -74.26
C CYS J 144 -40.42 -25.74 -74.17
N VAL J 145 -39.85 -26.74 -74.82
CA VAL J 145 -40.42 -28.07 -74.83
C VAL J 145 -41.41 -28.20 -73.69
N ALA J 146 -40.90 -28.21 -72.48
CA ALA J 146 -41.74 -28.33 -71.28
C ALA J 146 -42.92 -27.39 -71.38
N LYS J 147 -42.62 -26.11 -71.58
CA LYS J 147 -43.63 -25.09 -71.70
C LYS J 147 -44.76 -25.63 -72.58
N LEU J 148 -44.38 -26.17 -73.73
CA LEU J 148 -45.33 -26.74 -74.67
C LEU J 148 -46.05 -27.91 -74.02
N HIS J 149 -45.26 -28.77 -73.42
CA HIS J 149 -45.79 -29.93 -72.74
C HIS J 149 -46.88 -29.40 -71.82
N ASP J 150 -46.45 -28.66 -70.80
CA ASP J 150 -47.34 -28.07 -69.79
C ASP J 150 -48.54 -27.33 -70.37
N ILE J 151 -48.45 -26.93 -71.63
CA ILE J 151 -49.56 -26.23 -72.26
C ILE J 151 -50.78 -27.09 -72.02
N ASN J 152 -51.96 -26.49 -72.01
CA ASN J 152 -53.22 -27.22 -71.77
C ASN J 152 -53.42 -28.47 -72.66
N ALA J 153 -52.44 -28.80 -73.53
CA ALA J 153 -52.50 -29.96 -74.41
C ALA J 153 -51.15 -30.35 -75.06
N GLN J 154 -51.03 -31.61 -75.43
CA GLN J 154 -49.84 -32.13 -76.13
C GLN J 154 -50.37 -32.61 -77.45
N MET J 155 -49.48 -33.21 -78.24
CA MET J 155 -49.83 -33.72 -79.55
C MET J 155 -49.13 -35.07 -79.80
N VAL J 156 -49.41 -35.66 -80.97
CA VAL J 156 -48.82 -36.94 -81.39
C VAL J 156 -47.40 -36.66 -81.98
N GLU J 157 -47.13 -35.37 -82.27
CA GLU J 157 -45.84 -34.87 -82.79
C GLU J 157 -45.00 -34.63 -81.53
N ASP J 158 -45.66 -33.94 -80.58
CA ASP J 158 -45.18 -33.56 -79.24
C ASP J 158 -44.49 -34.74 -78.55
N GLN J 159 -45.22 -35.87 -78.58
CA GLN J 159 -44.80 -37.16 -78.01
C GLN J 159 -43.70 -37.77 -78.92
N GLY J 160 -43.30 -36.97 -79.91
CA GLY J 160 -42.27 -37.34 -80.86
C GLY J 160 -41.07 -36.40 -80.74
N PHE J 161 -41.25 -35.31 -79.98
CA PHE J 161 -40.19 -34.33 -79.74
C PHE J 161 -39.37 -34.79 -78.56
N LEU J 162 -40.01 -35.58 -77.69
CA LEU J 162 -39.35 -36.11 -76.49
C LEU J 162 -38.11 -36.89 -76.89
N ASP J 163 -38.26 -37.68 -77.95
CA ASP J 163 -37.16 -38.48 -78.48
C ASP J 163 -36.06 -37.49 -78.83
N THR J 164 -36.43 -36.46 -79.61
CA THR J 164 -35.51 -35.43 -80.03
C THR J 164 -34.73 -35.11 -78.76
N LEU J 165 -35.47 -34.71 -77.74
CA LEU J 165 -34.87 -34.39 -76.46
C LEU J 165 -33.75 -35.33 -76.09
N LYS J 166 -34.11 -36.48 -75.52
CA LYS J 166 -33.15 -37.49 -75.06
C LYS J 166 -31.93 -37.58 -75.97
N ASP J 167 -32.16 -37.99 -77.22
CA ASP J 167 -31.08 -38.12 -78.20
C ASP J 167 -30.20 -36.86 -78.14
N LEU J 168 -30.83 -35.73 -78.47
CA LEU J 168 -30.15 -34.43 -78.48
C LEU J 168 -29.53 -34.13 -77.12
N ILE J 169 -30.13 -34.71 -76.09
CA ILE J 169 -29.69 -34.54 -74.73
C ILE J 169 -28.25 -34.93 -74.57
N SER J 170 -28.05 -36.20 -74.32
CA SER J 170 -26.71 -36.72 -74.13
C SER J 170 -25.75 -36.10 -75.13
N ASP J 171 -26.19 -35.93 -76.39
CA ASP J 171 -25.33 -35.40 -77.47
C ASP J 171 -24.82 -33.93 -77.39
N SER J 172 -25.51 -32.95 -77.99
CA SER J 172 -25.05 -31.55 -77.97
C SER J 172 -24.28 -31.39 -76.68
N ASN J 173 -23.15 -30.77 -76.65
CA ASN J 173 -22.48 -30.90 -75.39
C ASN J 173 -22.60 -29.78 -74.33
N PRO J 174 -22.17 -28.56 -74.55
CA PRO J 174 -22.13 -27.57 -73.47
C PRO J 174 -23.36 -27.56 -72.59
N MET J 175 -23.36 -26.72 -71.56
CA MET J 175 -24.50 -26.62 -70.60
C MET J 175 -25.86 -27.13 -71.08
N VAL J 176 -26.08 -26.94 -72.36
CA VAL J 176 -27.28 -27.35 -73.05
C VAL J 176 -27.89 -28.55 -72.39
N VAL J 177 -27.13 -29.63 -72.43
CA VAL J 177 -27.59 -30.89 -71.86
C VAL J 177 -28.35 -30.54 -70.60
N ALA J 178 -27.69 -29.81 -69.70
CA ALA J 178 -28.33 -29.39 -68.46
C ALA J 178 -29.81 -29.12 -68.72
N ASN J 179 -30.08 -27.99 -69.35
CA ASN J 179 -31.47 -27.67 -69.63
C ASN J 179 -32.21 -28.93 -70.08
N ARG J 180 -31.79 -29.53 -71.19
CA ARG J 180 -32.42 -30.75 -71.70
C ARG J 180 -32.85 -31.65 -70.54
N VAL J 181 -31.84 -32.15 -69.83
CA VAL J 181 -32.04 -33.04 -68.70
C VAL J 181 -33.33 -32.69 -67.99
N ALA J 182 -33.20 -31.70 -67.13
CA ALA J 182 -34.31 -31.23 -66.33
C ALA J 182 -35.54 -31.19 -67.21
N ALA J 183 -35.46 -30.40 -68.26
CA ALA J 183 -36.57 -30.26 -69.18
C ALA J 183 -37.32 -31.56 -69.09
N LEU J 184 -36.66 -32.64 -69.52
CA LEU J 184 -37.29 -33.92 -69.48
C LEU J 184 -37.76 -34.28 -68.07
N SER J 185 -36.82 -34.30 -67.15
CA SER J 185 -37.09 -34.64 -65.75
C SER J 185 -38.48 -34.17 -65.36
N GLU J 186 -38.68 -32.86 -65.40
CA GLU J 186 -39.96 -32.27 -65.04
C GLU J 186 -41.05 -32.92 -65.90
N ILE J 187 -40.83 -32.92 -67.20
CA ILE J 187 -41.79 -33.50 -68.11
C ILE J 187 -42.16 -34.88 -67.64
N ALA J 188 -41.13 -35.64 -67.29
CA ALA J 188 -41.29 -37.00 -66.83
C ALA J 188 -42.45 -37.07 -65.85
N GLU J 189 -42.15 -36.74 -64.60
CA GLU J 189 -43.13 -36.76 -63.51
C GLU J 189 -44.64 -36.92 -63.91
N SER J 190 -45.05 -36.38 -65.05
CA SER J 190 -46.39 -36.63 -65.57
C SER J 190 -46.19 -38.01 -66.24
N HIS J 191 -45.94 -39.01 -65.40
CA HIS J 191 -45.45 -40.37 -65.77
C HIS J 191 -46.20 -41.44 -66.54
N PRO J 192 -46.29 -41.33 -67.84
CA PRO J 192 -46.87 -42.44 -68.60
C PRO J 192 -45.98 -43.71 -68.64
N SER J 193 -44.85 -43.62 -69.39
CA SER J 193 -43.90 -44.73 -69.54
C SER J 193 -42.45 -44.26 -69.78
N SER J 194 -42.24 -43.57 -70.90
CA SER J 194 -40.97 -42.94 -71.41
C SER J 194 -40.03 -42.32 -70.34
N ASN J 195 -40.64 -41.91 -69.22
CA ASN J 195 -39.90 -41.31 -68.13
C ASN J 195 -39.23 -42.44 -67.32
N LEU J 196 -39.73 -43.67 -67.50
CA LEU J 196 -39.18 -44.82 -66.80
C LEU J 196 -38.04 -45.54 -67.55
N LEU J 197 -37.76 -45.17 -68.82
CA LEU J 197 -36.69 -45.82 -69.61
C LEU J 197 -35.34 -45.13 -69.34
N ASP J 198 -35.28 -44.40 -68.23
CA ASP J 198 -34.03 -43.81 -67.83
C ASP J 198 -33.49 -44.99 -66.99
N LEU J 199 -32.94 -46.01 -67.67
CA LEU J 199 -32.42 -47.19 -66.96
C LEU J 199 -31.09 -47.64 -67.56
N LYS J 200 -30.40 -46.72 -68.22
CA LYS J 200 -29.14 -47.07 -68.87
C LYS J 200 -27.91 -46.81 -68.03
N ALA J 201 -27.17 -47.90 -67.83
CA ALA J 201 -25.92 -47.92 -67.08
C ALA J 201 -24.83 -47.60 -68.11
N GLN J 202 -25.28 -46.81 -69.09
CA GLN J 202 -24.51 -46.29 -70.20
C GLN J 202 -24.92 -44.80 -70.34
N SER J 203 -26.23 -44.53 -70.33
CA SER J 203 -26.77 -43.15 -70.44
C SER J 203 -26.28 -42.32 -69.24
N ILE J 204 -25.93 -43.08 -68.19
CA ILE J 204 -25.41 -42.65 -66.90
C ILE J 204 -23.98 -42.10 -66.95
N ASN J 205 -23.16 -42.72 -67.81
CA ASN J 205 -21.76 -42.33 -68.00
C ASN J 205 -21.79 -41.02 -68.76
N LYS J 206 -22.84 -40.92 -69.57
CA LYS J 206 -23.11 -39.72 -70.34
C LYS J 206 -23.22 -38.63 -69.30
N LEU J 207 -24.03 -38.94 -68.30
CA LEU J 207 -24.28 -38.03 -67.20
C LEU J 207 -23.01 -37.85 -66.40
N LEU J 208 -22.30 -38.95 -66.17
CA LEU J 208 -21.05 -38.97 -65.40
C LEU J 208 -20.08 -37.88 -65.84
N THR J 209 -19.75 -37.90 -67.13
CA THR J 209 -18.83 -36.92 -67.69
C THR J 209 -19.56 -35.56 -67.74
N ALA J 210 -20.89 -35.61 -67.74
CA ALA J 210 -21.73 -34.41 -67.77
C ALA J 210 -21.66 -33.63 -66.45
N LEU J 211 -21.40 -34.36 -65.36
CA LEU J 211 -21.28 -33.75 -64.04
C LEU J 211 -19.97 -32.97 -64.00
N ASN J 212 -18.91 -33.60 -64.50
CA ASN J 212 -17.64 -32.91 -64.51
C ASN J 212 -17.60 -31.78 -65.58
N GLU J 213 -18.65 -31.74 -66.40
CA GLU J 213 -18.84 -30.71 -67.42
C GLU J 213 -19.84 -29.74 -66.77
N CYS J 214 -19.20 -28.90 -65.94
CA CYS J 214 -19.72 -27.82 -65.03
C CYS J 214 -20.80 -26.79 -65.35
N THR J 215 -21.96 -26.99 -64.75
CA THR J 215 -23.12 -26.12 -64.86
C THR J 215 -23.85 -26.47 -63.59
N GLU J 216 -23.34 -26.03 -62.45
CA GLU J 216 -23.96 -26.40 -61.17
C GLU J 216 -25.37 -26.90 -61.39
N TRP J 217 -26.23 -25.97 -61.84
CA TRP J 217 -27.61 -26.24 -62.12
C TRP J 217 -27.73 -27.62 -62.78
N ALA J 218 -26.89 -27.85 -63.76
CA ALA J 218 -26.82 -29.12 -64.47
C ALA J 218 -26.57 -30.19 -63.42
N GLN J 219 -25.34 -30.16 -62.89
CA GLN J 219 -24.90 -31.11 -61.88
C GLN J 219 -26.17 -31.59 -61.16
N ILE J 220 -26.94 -30.64 -60.64
CA ILE J 220 -28.17 -30.98 -59.94
C ILE J 220 -29.10 -31.85 -60.77
N PHE J 221 -29.84 -31.19 -61.66
CA PHE J 221 -30.80 -31.86 -62.52
C PHE J 221 -30.41 -33.29 -62.83
N ILE J 222 -29.11 -33.48 -63.06
CA ILE J 222 -28.58 -34.80 -63.35
C ILE J 222 -28.87 -35.71 -62.16
N LEU J 223 -28.28 -35.33 -61.02
CA LEU J 223 -28.46 -36.08 -59.79
C LEU J 223 -29.96 -36.19 -59.56
N ASP J 224 -30.60 -35.04 -59.62
CA ASP J 224 -32.04 -34.95 -59.41
C ASP J 224 -32.76 -36.12 -60.12
N CYS J 225 -32.16 -36.63 -61.20
CA CYS J 225 -32.76 -37.75 -61.93
C CYS J 225 -32.43 -39.10 -61.32
N LEU J 226 -31.19 -39.24 -60.88
CA LEU J 226 -30.74 -40.47 -60.26
C LEU J 226 -31.67 -40.85 -59.13
N GLY J 227 -32.61 -39.96 -58.87
CA GLY J 227 -33.61 -40.18 -57.82
C GLY J 227 -34.84 -40.90 -58.34
N ASN J 228 -34.63 -41.72 -59.37
CA ASN J 228 -35.68 -42.49 -60.00
C ASN J 228 -35.02 -43.86 -60.42
N TYR J 229 -33.80 -44.13 -59.95
CA TYR J 229 -33.03 -45.34 -60.32
C TYR J 229 -32.60 -46.40 -59.29
N MET J 230 -31.53 -47.09 -59.78
CA MET J 230 -30.68 -48.16 -59.21
C MET J 230 -31.08 -49.64 -58.95
N PRO J 231 -32.14 -50.20 -59.57
CA PRO J 231 -32.43 -51.59 -59.21
C PRO J 231 -31.35 -52.69 -59.26
N LYS J 232 -30.91 -53.18 -58.08
CA LYS J 232 -30.00 -54.33 -57.70
C LYS J 232 -28.43 -54.45 -57.86
N ASP J 233 -27.62 -53.86 -58.81
CA ASP J 233 -26.15 -54.13 -58.80
C ASP J 233 -25.05 -53.30 -58.11
N ASP J 234 -24.09 -54.04 -57.54
CA ASP J 234 -22.93 -53.51 -56.80
C ASP J 234 -21.68 -52.86 -57.49
N ARG J 235 -21.09 -53.47 -58.52
CA ARG J 235 -19.91 -52.84 -59.17
C ARG J 235 -20.22 -51.43 -59.70
N GLU J 236 -21.46 -51.29 -60.19
CA GLU J 236 -22.01 -50.05 -60.74
C GLU J 236 -22.18 -49.04 -59.61
N ALA J 237 -22.68 -49.52 -58.48
CA ALA J 237 -22.85 -48.66 -57.32
C ALA J 237 -21.47 -48.04 -56.97
N GLN J 238 -20.48 -48.88 -56.70
CA GLN J 238 -19.11 -48.45 -56.36
C GLN J 238 -18.46 -47.45 -57.31
N SER J 239 -18.91 -47.43 -58.56
CA SER J 239 -18.35 -46.48 -59.54
C SER J 239 -19.24 -45.22 -59.56
N ILE J 240 -20.55 -45.42 -59.53
CA ILE J 240 -21.48 -44.29 -59.51
C ILE J 240 -21.07 -43.37 -58.36
N CYS J 241 -20.81 -43.99 -57.20
CA CYS J 241 -20.43 -43.25 -56.00
C CYS J 241 -18.98 -42.76 -55.94
N GLU J 242 -18.02 -43.65 -56.19
CA GLU J 242 -16.62 -43.26 -56.16
C GLU J 242 -16.40 -42.12 -57.19
N ARG J 243 -17.45 -41.82 -57.95
CA ARG J 243 -17.46 -40.76 -58.97
C ARG J 243 -17.98 -39.43 -58.41
N VAL J 244 -18.91 -39.52 -57.46
CA VAL J 244 -19.49 -38.33 -56.84
C VAL J 244 -18.60 -37.70 -55.76
N THR J 245 -17.65 -38.48 -55.27
CA THR J 245 -16.69 -38.02 -54.25
C THR J 245 -16.14 -36.63 -54.51
N PRO J 246 -16.02 -36.24 -55.79
CA PRO J 246 -15.49 -34.88 -55.93
C PRO J 246 -16.63 -33.91 -55.66
N ARG J 247 -17.78 -34.21 -56.25
CA ARG J 247 -18.98 -33.39 -56.12
C ARG J 247 -19.16 -32.74 -54.74
N LEU J 248 -18.87 -33.48 -53.68
CA LEU J 248 -19.04 -32.93 -52.32
C LEU J 248 -18.15 -31.74 -51.98
N SER J 249 -16.84 -31.95 -52.04
CA SER J 249 -15.91 -30.89 -51.73
C SER J 249 -15.95 -29.74 -52.72
N HIS J 250 -16.69 -29.94 -53.82
CA HIS J 250 -16.77 -28.92 -54.89
C HIS J 250 -17.50 -27.57 -54.65
N ALA J 251 -18.55 -27.32 -55.44
CA ALA J 251 -19.23 -26.04 -55.46
C ALA J 251 -20.18 -25.55 -54.38
N ASN J 252 -21.40 -25.22 -54.81
CA ASN J 252 -22.40 -24.64 -53.93
C ASN J 252 -23.50 -25.52 -53.45
N SER J 253 -23.57 -25.61 -52.14
CA SER J 253 -24.60 -26.36 -51.45
C SER J 253 -25.49 -27.19 -52.38
N ALA J 254 -26.41 -26.53 -53.10
CA ALA J 254 -27.32 -27.22 -54.02
C ALA J 254 -26.69 -28.50 -54.53
N VAL J 255 -25.47 -28.36 -55.00
CA VAL J 255 -24.68 -29.49 -55.49
C VAL J 255 -24.55 -30.48 -54.34
N VAL J 256 -23.61 -30.19 -53.44
CA VAL J 256 -23.34 -31.02 -52.28
C VAL J 256 -24.63 -31.70 -51.84
N LEU J 257 -25.67 -30.91 -51.64
CA LEU J 257 -26.95 -31.46 -51.21
C LEU J 257 -27.44 -32.49 -52.23
N SER J 258 -28.09 -32.03 -53.30
CA SER J 258 -28.61 -32.96 -54.30
C SER J 258 -27.68 -34.15 -54.47
N ALA J 259 -26.37 -33.90 -54.41
CA ALA J 259 -25.37 -34.98 -54.52
C ALA J 259 -25.67 -36.00 -53.42
N VAL J 260 -25.63 -35.54 -52.18
CA VAL J 260 -25.91 -36.43 -51.07
C VAL J 260 -27.25 -37.10 -51.32
N LYS J 261 -28.26 -36.32 -51.69
CA LYS J 261 -29.60 -36.84 -51.97
C LYS J 261 -29.51 -38.22 -52.63
N VAL J 262 -28.60 -38.36 -53.59
CA VAL J 262 -28.43 -39.64 -54.28
C VAL J 262 -27.53 -40.64 -53.54
N LEU J 263 -26.36 -40.16 -53.10
CA LEU J 263 -25.39 -40.99 -52.40
C LEU J 263 -26.07 -41.97 -51.47
N MET J 264 -27.12 -41.45 -50.84
CA MET J 264 -27.89 -42.20 -49.90
C MET J 264 -29.08 -42.99 -50.45
N LYS J 265 -29.52 -42.69 -51.67
CA LYS J 265 -30.56 -43.50 -52.28
C LYS J 265 -29.92 -44.76 -52.88
N PHE J 266 -28.60 -44.71 -53.06
CA PHE J 266 -27.88 -45.84 -53.64
C PHE J 266 -27.33 -46.84 -52.59
N MET J 267 -27.01 -46.36 -51.38
CA MET J 267 -26.49 -47.23 -50.31
C MET J 267 -27.28 -48.54 -50.12
N ASP J 275 -15.87 -53.28 -47.39
CA ASP J 275 -15.06 -52.10 -47.05
C ASP J 275 -15.65 -50.89 -47.69
N TYR J 276 -16.91 -51.04 -48.09
CA TYR J 276 -17.65 -49.99 -48.78
C TYR J 276 -18.09 -48.79 -47.92
N TYR J 277 -19.06 -49.05 -47.06
CA TYR J 277 -19.62 -48.05 -46.16
C TYR J 277 -18.54 -47.10 -45.56
N ALA J 278 -17.60 -47.61 -44.75
CA ALA J 278 -16.58 -46.77 -44.10
C ALA J 278 -15.98 -45.67 -44.98
N THR J 279 -15.91 -45.93 -46.27
CA THR J 279 -15.37 -44.98 -47.23
C THR J 279 -16.35 -43.79 -47.31
N LEU J 280 -17.58 -44.10 -47.72
CA LEU J 280 -18.65 -43.09 -47.83
C LEU J 280 -18.82 -42.22 -46.58
N LEU J 281 -19.15 -42.87 -45.48
CA LEU J 281 -19.37 -42.24 -44.19
C LEU J 281 -18.26 -41.31 -43.68
N LYS J 282 -17.00 -41.68 -43.90
CA LYS J 282 -15.90 -40.86 -43.43
C LYS J 282 -15.61 -39.69 -44.37
N LYS J 283 -16.21 -39.77 -45.56
CA LYS J 283 -16.10 -38.72 -46.57
C LYS J 283 -17.33 -37.81 -46.42
N LEU J 284 -18.51 -38.41 -46.24
CA LEU J 284 -19.77 -37.68 -46.07
C LEU J 284 -19.72 -36.68 -44.92
N ALA J 285 -18.79 -36.92 -44.01
CA ALA J 285 -18.59 -36.08 -42.82
C ALA J 285 -18.16 -34.63 -43.09
N PRO J 286 -16.87 -34.40 -43.46
CA PRO J 286 -16.40 -33.04 -43.73
C PRO J 286 -17.27 -32.18 -44.70
N PRO J 287 -18.11 -32.81 -45.57
CA PRO J 287 -18.98 -32.09 -46.51
C PRO J 287 -20.14 -31.37 -45.86
N LEU J 288 -21.00 -32.15 -45.22
CA LEU J 288 -22.14 -31.61 -44.57
C LEU J 288 -21.70 -30.49 -43.67
N VAL J 289 -20.66 -30.74 -42.87
CA VAL J 289 -20.15 -29.71 -41.98
C VAL J 289 -19.83 -28.39 -42.71
N THR J 290 -18.90 -28.45 -43.66
CA THR J 290 -18.51 -27.26 -44.40
C THR J 290 -19.72 -26.72 -45.15
N LEU J 291 -20.82 -27.47 -45.10
CA LEU J 291 -22.06 -27.06 -45.74
C LEU J 291 -22.71 -25.98 -44.87
N LEU J 292 -22.42 -26.01 -43.57
CA LEU J 292 -23.01 -25.01 -42.67
C LEU J 292 -22.18 -23.76 -42.44
N SER J 293 -20.86 -23.85 -42.57
CA SER J 293 -20.07 -22.65 -42.36
C SER J 293 -20.35 -21.70 -43.52
N ALA J 294 -21.47 -21.95 -44.19
CA ALA J 294 -21.92 -21.20 -45.35
C ALA J 294 -22.77 -19.98 -45.08
N GLU J 295 -24.08 -20.13 -45.32
CA GLU J 295 -24.97 -19.02 -45.16
C GLU J 295 -26.28 -19.19 -44.41
N PRO J 296 -26.77 -18.08 -43.83
CA PRO J 296 -28.00 -18.00 -43.04
C PRO J 296 -29.10 -18.90 -43.59
N GLU J 297 -29.97 -18.32 -44.39
CA GLU J 297 -31.06 -19.06 -44.97
C GLU J 297 -30.77 -20.50 -45.40
N PRO J 298 -29.63 -20.77 -46.10
CA PRO J 298 -29.43 -22.18 -46.46
C PRO J 298 -29.41 -22.99 -45.19
N GLN J 299 -28.41 -22.73 -44.35
CA GLN J 299 -28.26 -23.43 -43.10
C GLN J 299 -29.53 -24.13 -42.67
N TYR J 300 -30.66 -23.41 -42.73
CA TYR J 300 -31.92 -24.03 -42.34
C TYR J 300 -32.06 -25.35 -43.10
N VAL J 301 -32.68 -25.29 -44.28
CA VAL J 301 -32.88 -26.48 -45.08
C VAL J 301 -31.92 -27.58 -44.69
N PRO J 302 -30.62 -27.35 -44.88
CA PRO J 302 -29.67 -28.39 -44.50
C PRO J 302 -29.96 -28.95 -43.13
N LEU J 303 -29.77 -28.17 -42.08
CA LEU J 303 -30.04 -28.67 -40.75
C LEU J 303 -31.23 -29.59 -40.80
N ARG J 304 -32.32 -29.07 -41.35
CA ARG J 304 -33.54 -29.84 -41.46
C ARG J 304 -33.23 -31.21 -42.02
N ASN J 305 -32.50 -31.23 -43.13
CA ASN J 305 -32.13 -32.48 -43.75
C ASN J 305 -31.17 -33.22 -42.82
N ILE J 306 -30.08 -32.55 -42.45
CA ILE J 306 -29.10 -33.12 -41.53
C ILE J 306 -29.85 -34.00 -40.57
N ASN J 307 -30.92 -33.42 -40.03
CA ASN J 307 -31.80 -34.12 -39.11
C ASN J 307 -32.13 -35.45 -39.75
N LEU J 308 -33.04 -35.41 -40.71
CA LEU J 308 -33.48 -36.59 -41.43
C LEU J 308 -32.34 -37.59 -41.61
N ILE J 309 -31.15 -37.08 -41.88
CA ILE J 309 -29.95 -37.89 -42.09
C ILE J 309 -29.51 -38.78 -40.94
N VAL J 310 -29.02 -38.17 -39.87
CA VAL J 310 -28.59 -38.96 -38.73
C VAL J 310 -29.71 -39.89 -38.33
N GLN J 311 -30.93 -39.53 -38.70
CA GLN J 311 -32.10 -40.35 -38.38
C GLN J 311 -31.92 -41.75 -39.02
N LYS J 312 -31.43 -41.78 -40.26
CA LYS J 312 -31.20 -43.06 -40.95
C LYS J 312 -29.88 -43.71 -40.55
N ARG J 313 -28.75 -43.09 -40.91
CA ARG J 313 -27.44 -43.64 -40.57
C ARG J 313 -26.62 -42.76 -39.62
N PRO J 314 -27.10 -42.60 -38.38
CA PRO J 314 -26.45 -41.79 -37.35
C PRO J 314 -24.94 -42.00 -37.36
N GLU J 315 -24.56 -43.23 -37.64
CA GLU J 315 -23.16 -43.63 -37.68
C GLU J 315 -22.27 -42.64 -38.44
N ILE J 316 -22.88 -41.80 -39.29
CA ILE J 316 -22.13 -40.83 -40.11
C ILE J 316 -21.33 -39.74 -39.38
N LEU J 317 -21.92 -39.19 -38.33
CA LEU J 317 -21.26 -38.14 -37.55
C LEU J 317 -21.46 -38.45 -36.08
N LYS J 318 -21.60 -39.74 -35.81
CA LYS J 318 -21.82 -40.26 -34.46
C LYS J 318 -21.03 -39.48 -33.38
N HIS J 319 -20.00 -38.75 -33.77
CA HIS J 319 -19.23 -37.99 -32.78
C HIS J 319 -18.90 -36.54 -33.16
N GLU J 320 -19.29 -36.14 -34.37
CA GLU J 320 -19.04 -34.77 -34.84
C GLU J 320 -20.12 -33.83 -34.27
N MET J 321 -19.75 -32.98 -33.33
CA MET J 321 -20.73 -32.07 -32.74
C MET J 321 -20.18 -30.80 -32.11
N LYS J 322 -18.86 -30.74 -31.93
CA LYS J 322 -18.25 -29.55 -31.36
C LYS J 322 -18.55 -28.37 -32.27
N VAL J 323 -19.38 -28.61 -33.28
CA VAL J 323 -19.74 -27.62 -34.29
C VAL J 323 -21.17 -27.15 -34.25
N PHE J 324 -22.08 -28.09 -33.97
CA PHE J 324 -23.48 -27.76 -33.93
C PHE J 324 -23.93 -26.83 -32.83
N PHE J 325 -22.99 -26.09 -32.23
CA PHE J 325 -23.37 -25.16 -31.18
C PHE J 325 -24.00 -23.95 -31.84
N VAL J 326 -24.72 -23.18 -31.05
CA VAL J 326 -25.37 -22.00 -31.57
C VAL J 326 -24.57 -20.76 -31.19
N LYS J 327 -24.28 -19.94 -32.18
CA LYS J 327 -23.55 -18.72 -31.92
C LYS J 327 -24.61 -17.64 -31.69
N TYR J 328 -24.21 -16.45 -31.32
CA TYR J 328 -25.19 -15.41 -31.10
C TYR J 328 -25.70 -14.80 -32.40
N ASN J 329 -24.79 -14.56 -33.36
CA ASN J 329 -25.18 -13.97 -34.64
C ASN J 329 -26.28 -14.78 -35.29
N ASP J 330 -26.25 -16.09 -35.11
CA ASP J 330 -27.24 -16.96 -35.71
C ASP J 330 -28.66 -16.57 -35.41
N PRO J 331 -29.51 -16.58 -36.44
CA PRO J 331 -30.91 -16.23 -36.31
C PRO J 331 -31.70 -17.30 -35.59
N ILE J 332 -32.94 -16.97 -35.27
CA ILE J 332 -33.84 -17.87 -34.55
C ILE J 332 -34.01 -19.26 -35.15
N TYR J 333 -34.60 -19.34 -36.33
CA TYR J 333 -34.80 -20.65 -36.93
C TYR J 333 -33.53 -21.46 -36.88
N VAL J 334 -32.42 -20.82 -37.21
CA VAL J 334 -31.13 -21.47 -37.18
C VAL J 334 -31.07 -22.20 -35.87
N LYS J 335 -30.86 -21.41 -34.82
CA LYS J 335 -30.77 -21.94 -33.48
C LYS J 335 -31.74 -23.11 -33.37
N LEU J 336 -33.04 -22.85 -33.32
CA LEU J 336 -34.02 -23.93 -33.22
C LEU J 336 -33.56 -25.27 -33.77
N GLU J 337 -33.56 -25.39 -35.09
CA GLU J 337 -33.14 -26.64 -35.70
C GLU J 337 -31.87 -27.14 -35.06
N LYS J 338 -30.83 -26.32 -35.02
CA LYS J 338 -29.58 -26.75 -34.42
C LYS J 338 -29.85 -27.57 -33.17
N LEU J 339 -30.66 -27.05 -32.27
CA LEU J 339 -30.98 -27.76 -31.05
C LEU J 339 -31.49 -29.13 -31.40
N ASP J 340 -32.75 -29.14 -31.84
CA ASP J 340 -33.47 -30.34 -32.26
C ASP J 340 -32.47 -31.41 -32.66
N ILE J 341 -31.46 -31.00 -33.40
CA ILE J 341 -30.43 -31.91 -33.85
C ILE J 341 -29.52 -32.33 -32.73
N MET J 342 -28.74 -31.39 -32.21
CA MET J 342 -27.82 -31.70 -31.13
C MET J 342 -28.46 -32.83 -30.36
N ILE J 343 -29.67 -32.56 -29.90
CA ILE J 343 -30.42 -33.55 -29.14
C ILE J 343 -30.34 -34.93 -29.79
N ARG J 344 -30.97 -35.09 -30.94
CA ARG J 344 -30.95 -36.41 -31.57
C ARG J 344 -29.53 -36.98 -31.63
N LEU J 345 -28.55 -36.23 -31.14
CA LEU J 345 -27.17 -36.68 -31.16
C LEU J 345 -26.37 -36.80 -29.87
N ALA J 346 -27.00 -36.97 -28.71
CA ALA J 346 -26.17 -37.08 -27.51
C ALA J 346 -26.13 -38.43 -26.78
N SER J 347 -25.03 -38.66 -26.07
CA SER J 347 -24.80 -39.86 -25.27
C SER J 347 -23.99 -39.43 -24.08
N GLN J 348 -23.41 -40.41 -23.39
CA GLN J 348 -22.61 -40.16 -22.21
C GLN J 348 -21.46 -39.18 -22.49
N ALA J 349 -20.45 -39.69 -23.19
CA ALA J 349 -19.29 -38.90 -23.54
C ALA J 349 -19.70 -37.50 -24.03
N ASN J 350 -20.93 -37.40 -24.54
CA ASN J 350 -21.47 -36.13 -25.06
C ASN J 350 -21.93 -35.16 -23.99
N ILE J 351 -23.06 -35.52 -23.39
CA ILE J 351 -23.71 -34.75 -22.36
C ILE J 351 -22.77 -33.88 -21.56
N ALA J 352 -21.60 -34.41 -21.22
CA ALA J 352 -20.65 -33.60 -20.47
C ALA J 352 -20.72 -32.19 -21.03
N GLN J 353 -20.30 -32.07 -22.28
CA GLN J 353 -20.30 -30.79 -22.97
C GLN J 353 -21.73 -30.30 -23.22
N VAL J 354 -22.59 -31.16 -23.76
CA VAL J 354 -23.97 -30.78 -24.04
C VAL J 354 -24.54 -29.80 -23.02
N LEU J 355 -24.59 -30.24 -21.77
CA LEU J 355 -25.11 -29.40 -20.73
C LEU J 355 -24.27 -28.14 -20.60
N ALA J 356 -22.99 -28.29 -20.30
CA ALA J 356 -22.11 -27.13 -20.15
C ALA J 356 -22.61 -26.00 -21.04
N GLU J 357 -22.89 -26.35 -22.30
CA GLU J 357 -23.38 -25.38 -23.27
C GLU J 357 -24.83 -24.97 -22.99
N LEU J 358 -25.74 -25.92 -22.88
CA LEU J 358 -27.10 -25.52 -22.61
C LEU J 358 -27.12 -24.45 -21.54
N LYS J 359 -26.46 -24.70 -20.42
CA LYS J 359 -26.42 -23.73 -19.33
C LYS J 359 -26.14 -22.35 -19.91
N GLU J 360 -24.96 -22.14 -20.49
CA GLU J 360 -24.69 -20.82 -21.07
C GLU J 360 -25.90 -20.33 -21.87
N TYR J 361 -26.35 -21.15 -22.82
CA TYR J 361 -27.49 -20.80 -23.67
C TYR J 361 -28.55 -20.11 -22.83
N ALA J 362 -29.17 -20.87 -21.95
CA ALA J 362 -30.21 -20.34 -21.09
C ALA J 362 -29.89 -18.94 -20.61
N THR J 363 -28.63 -18.68 -20.30
CA THR J 363 -28.26 -17.35 -19.84
C THR J 363 -28.56 -16.26 -20.85
N GLU J 364 -28.52 -16.59 -22.14
CA GLU J 364 -28.80 -15.59 -23.20
C GLU J 364 -30.00 -14.68 -22.97
N VAL J 365 -30.31 -13.86 -23.98
CA VAL J 365 -31.41 -12.89 -23.92
C VAL J 365 -32.60 -13.19 -24.80
N ASP J 366 -32.38 -13.91 -25.88
CA ASP J 366 -33.50 -14.22 -26.74
C ASP J 366 -34.40 -15.21 -26.04
N VAL J 367 -35.49 -14.71 -25.48
CA VAL J 367 -36.41 -15.56 -24.77
C VAL J 367 -36.69 -16.91 -25.39
N ASP J 368 -37.65 -16.91 -26.31
CA ASP J 368 -38.06 -18.11 -27.00
C ASP J 368 -36.95 -19.13 -26.91
N PHE J 369 -35.77 -18.75 -27.40
CA PHE J 369 -34.61 -19.63 -27.40
C PHE J 369 -34.46 -20.33 -26.07
N VAL J 370 -33.99 -19.57 -25.09
CA VAL J 370 -33.78 -20.18 -23.80
C VAL J 370 -34.89 -21.16 -23.55
N ARG J 371 -36.11 -20.74 -23.81
CA ARG J 371 -37.22 -21.63 -23.59
C ARG J 371 -36.95 -23.01 -24.17
N LYS J 372 -37.13 -23.17 -25.48
CA LYS J 372 -36.90 -24.47 -26.09
C LYS J 372 -35.57 -25.01 -25.57
N ALA J 373 -34.65 -24.11 -25.25
CA ALA J 373 -33.33 -24.51 -24.75
C ALA J 373 -33.43 -25.29 -23.46
N VAL J 374 -34.07 -24.71 -22.46
CA VAL J 374 -34.22 -25.42 -21.22
C VAL J 374 -34.96 -26.68 -21.59
N ARG J 375 -36.06 -26.50 -22.30
CA ARG J 375 -36.88 -27.60 -22.75
C ARG J 375 -35.95 -28.64 -23.35
N ALA J 376 -34.80 -28.19 -23.84
CA ALA J 376 -33.84 -29.12 -24.41
C ALA J 376 -33.30 -29.96 -23.26
N ILE J 377 -32.75 -29.28 -22.26
CA ILE J 377 -32.24 -29.98 -21.10
C ILE J 377 -33.21 -31.10 -20.81
N GLY J 378 -34.48 -30.76 -20.98
CA GLY J 378 -35.52 -31.73 -20.74
C GLY J 378 -35.38 -32.97 -21.58
N ARG J 379 -35.89 -32.90 -22.81
CA ARG J 379 -35.84 -34.05 -23.69
C ARG J 379 -34.51 -34.75 -23.49
N CYS J 380 -33.47 -33.96 -23.29
CA CYS J 380 -32.13 -34.48 -23.07
C CYS J 380 -32.13 -35.60 -22.01
N ALA J 381 -32.36 -35.22 -20.76
CA ALA J 381 -32.36 -36.19 -19.68
C ALA J 381 -33.19 -37.40 -20.04
N ILE J 382 -34.32 -37.20 -20.70
CA ILE J 382 -35.16 -38.32 -21.08
C ILE J 382 -34.44 -39.38 -21.90
N LYS J 383 -33.87 -38.98 -23.03
CA LYS J 383 -33.17 -39.94 -23.89
C LYS J 383 -32.01 -40.63 -23.18
N VAL J 384 -31.28 -39.89 -22.35
CA VAL J 384 -30.14 -40.48 -21.64
C VAL J 384 -30.39 -40.65 -20.13
N GLU J 385 -31.17 -41.68 -19.77
CA GLU J 385 -31.51 -41.95 -18.39
C GLU J 385 -30.30 -41.84 -17.52
N GLN J 386 -29.27 -42.50 -18.01
CA GLN J 386 -27.97 -42.57 -17.37
C GLN J 386 -27.44 -41.17 -17.04
N SER J 387 -28.24 -40.16 -17.31
CA SER J 387 -27.79 -38.80 -17.06
C SER J 387 -28.82 -37.92 -16.35
N ALA J 388 -29.82 -38.55 -15.75
CA ALA J 388 -30.86 -37.80 -15.06
C ALA J 388 -30.35 -36.66 -14.15
N GLU J 389 -29.91 -37.01 -12.95
CA GLU J 389 -29.41 -36.01 -11.99
C GLU J 389 -28.72 -34.91 -12.77
N ARG J 390 -27.58 -35.30 -13.34
CA ARG J 390 -26.75 -34.43 -14.14
C ARG J 390 -27.61 -33.25 -14.60
N CYS J 391 -28.65 -33.55 -15.36
CA CYS J 391 -29.54 -32.49 -15.84
C CYS J 391 -30.08 -31.75 -14.66
N VAL J 392 -31.00 -32.40 -13.96
CA VAL J 392 -31.61 -31.81 -12.79
C VAL J 392 -30.63 -30.83 -12.19
N SER J 393 -29.53 -31.39 -11.71
CA SER J 393 -28.46 -30.63 -11.08
C SER J 393 -28.34 -29.24 -11.67
N THR J 394 -28.24 -29.14 -12.99
CA THR J 394 -28.12 -27.82 -13.60
C THR J 394 -29.46 -27.09 -13.59
N LEU J 395 -30.54 -27.79 -13.87
CA LEU J 395 -31.83 -27.13 -13.85
C LEU J 395 -31.89 -26.33 -12.59
N LEU J 396 -31.94 -27.07 -11.49
CA LEU J 396 -31.98 -26.44 -10.18
C LEU J 396 -31.00 -25.29 -10.22
N ASP J 397 -29.76 -25.63 -10.53
CA ASP J 397 -28.66 -24.67 -10.62
C ASP J 397 -29.12 -23.34 -11.23
N LEU J 398 -29.98 -23.40 -12.24
CA LEU J 398 -30.44 -22.18 -12.90
C LEU J 398 -31.48 -21.44 -12.08
N ILE J 399 -32.47 -22.17 -11.61
CA ILE J 399 -33.51 -21.57 -10.84
C ILE J 399 -32.96 -20.75 -9.70
N GLN J 400 -31.84 -21.22 -9.14
CA GLN J 400 -31.23 -20.49 -8.04
C GLN J 400 -30.89 -19.08 -8.50
N THR J 401 -31.05 -18.82 -9.80
CA THR J 401 -30.72 -17.51 -10.33
C THR J 401 -31.87 -16.56 -10.17
N LYS J 402 -33.05 -17.11 -9.96
CA LYS J 402 -34.24 -16.30 -9.76
C LYS J 402 -34.56 -15.42 -10.97
N VAL J 403 -34.03 -15.83 -12.12
CA VAL J 403 -34.27 -15.13 -13.37
C VAL J 403 -35.69 -15.46 -13.74
N ASN J 404 -36.63 -14.65 -13.29
CA ASN J 404 -38.04 -14.90 -13.57
C ASN J 404 -38.38 -15.97 -14.62
N TYR J 405 -38.41 -15.59 -15.90
CA TYR J 405 -38.77 -16.54 -16.96
C TYR J 405 -38.07 -17.90 -16.93
N VAL J 406 -36.75 -17.90 -16.87
CA VAL J 406 -36.01 -19.15 -16.82
C VAL J 406 -36.74 -20.03 -15.87
N VAL J 407 -36.78 -19.56 -14.63
CA VAL J 407 -37.43 -20.28 -13.58
C VAL J 407 -38.62 -21.04 -14.11
N GLN J 408 -39.73 -20.36 -14.31
CA GLN J 408 -40.88 -21.09 -14.78
C GLN J 408 -40.57 -22.22 -15.75
N GLU J 409 -40.19 -21.94 -16.99
CA GLU J 409 -39.96 -23.07 -17.89
C GLU J 409 -39.26 -24.18 -17.11
N ALA J 410 -38.12 -23.86 -16.52
CA ALA J 410 -37.39 -24.85 -15.75
C ALA J 410 -38.37 -25.77 -15.06
N ILE J 411 -39.02 -25.28 -14.02
CA ILE J 411 -39.98 -26.10 -13.30
C ILE J 411 -40.69 -27.02 -14.25
N VAL J 412 -41.51 -26.42 -15.09
CA VAL J 412 -42.27 -27.19 -16.05
C VAL J 412 -41.51 -28.46 -16.36
N VAL J 413 -40.31 -28.29 -16.90
CA VAL J 413 -39.50 -29.44 -17.23
C VAL J 413 -39.42 -30.39 -16.05
N ILE J 414 -38.73 -29.94 -15.00
CA ILE J 414 -38.58 -30.76 -13.83
C ILE J 414 -39.82 -31.59 -13.63
N LYS J 415 -40.97 -30.94 -13.68
CA LYS J 415 -42.21 -31.66 -13.52
C LYS J 415 -42.09 -32.92 -14.34
N ASP J 416 -42.19 -32.74 -15.64
CA ASP J 416 -42.12 -33.86 -16.56
C ASP J 416 -41.07 -34.89 -16.11
N ILE J 417 -39.91 -34.40 -15.67
CA ILE J 417 -38.86 -35.30 -15.22
C ILE J 417 -39.41 -36.26 -14.20
N PHE J 418 -39.99 -35.71 -13.14
CA PHE J 418 -40.55 -36.51 -12.08
C PHE J 418 -41.49 -37.57 -12.59
N ARG J 419 -42.29 -37.22 -13.59
CA ARG J 419 -43.22 -38.19 -14.15
C ARG J 419 -42.45 -39.47 -14.52
N LYS J 420 -41.29 -39.32 -15.15
CA LYS J 420 -40.54 -40.52 -15.54
C LYS J 420 -39.68 -41.22 -14.48
N TYR J 421 -39.04 -40.47 -13.62
CA TYR J 421 -38.20 -41.09 -12.60
C TYR J 421 -38.72 -40.80 -11.20
N PRO J 422 -39.93 -41.24 -10.92
CA PRO J 422 -40.55 -41.03 -9.62
C PRO J 422 -39.64 -41.34 -8.43
N ASN J 423 -40.09 -40.82 -7.27
CA ASN J 423 -39.41 -40.99 -6.00
C ASN J 423 -37.91 -41.08 -6.11
N LYS J 424 -37.32 -40.25 -6.93
CA LYS J 424 -35.87 -40.33 -7.04
C LYS J 424 -35.29 -38.96 -6.68
N TYR J 425 -36.12 -37.94 -6.79
CA TYR J 425 -35.69 -36.59 -6.47
C TYR J 425 -36.66 -36.04 -5.47
N GLU J 426 -36.13 -35.52 -4.39
CA GLU J 426 -36.97 -34.99 -3.34
C GLU J 426 -36.43 -33.67 -2.90
N SER J 427 -35.44 -33.72 -2.01
CA SER J 427 -34.79 -32.54 -1.47
C SER J 427 -35.14 -31.33 -2.34
N VAL J 428 -34.93 -31.50 -3.65
CA VAL J 428 -35.21 -30.48 -4.62
C VAL J 428 -36.57 -29.80 -4.45
N ILE J 429 -37.54 -30.52 -3.90
CA ILE J 429 -38.86 -29.98 -3.70
C ILE J 429 -38.91 -28.64 -2.99
N ALA J 430 -38.61 -28.62 -1.71
CA ALA J 430 -38.64 -27.37 -0.98
C ALA J 430 -37.92 -26.29 -1.78
N THR J 431 -36.64 -26.54 -2.08
CA THR J 431 -35.81 -25.61 -2.83
C THR J 431 -36.59 -25.10 -4.03
N LEU J 432 -37.56 -25.91 -4.45
CA LEU J 432 -38.38 -25.57 -5.60
C LEU J 432 -39.34 -24.43 -5.30
N CYS J 433 -40.40 -24.77 -4.56
CA CYS J 433 -41.43 -23.81 -4.18
C CYS J 433 -40.83 -22.44 -3.99
N GLU J 434 -39.74 -22.42 -3.23
CA GLU J 434 -39.00 -21.21 -2.92
C GLU J 434 -39.58 -20.10 -3.78
N ASN J 435 -39.26 -20.16 -5.07
CA ASN J 435 -39.75 -19.18 -6.01
C ASN J 435 -41.14 -19.64 -6.39
N LEU J 436 -42.15 -19.11 -5.72
CA LEU J 436 -43.52 -19.50 -6.03
C LEU J 436 -44.23 -18.35 -6.70
N ASP J 437 -43.93 -17.14 -6.24
CA ASP J 437 -44.56 -15.96 -6.79
C ASP J 437 -44.17 -15.83 -8.24
N SER J 438 -42.90 -15.52 -8.45
CA SER J 438 -42.34 -15.32 -9.77
C SER J 438 -42.90 -16.19 -10.91
N ASP J 439 -43.72 -17.18 -10.60
CA ASP J 439 -44.29 -18.08 -11.61
C ASP J 439 -45.66 -17.64 -12.00
N ASP J 440 -45.76 -17.01 -13.15
CA ASP J 440 -47.05 -16.51 -13.56
C ASP J 440 -47.61 -17.11 -14.77
N GLU J 441 -47.08 -18.24 -15.18
CA GLU J 441 -47.67 -18.76 -16.35
C GLU J 441 -48.63 -19.90 -16.08
N PRO J 442 -49.42 -20.29 -17.07
CA PRO J 442 -50.34 -21.38 -16.82
C PRO J 442 -49.61 -22.65 -16.49
N GLU J 443 -49.36 -23.46 -17.51
CA GLU J 443 -48.69 -24.73 -17.32
C GLU J 443 -47.64 -24.64 -16.23
N ALA J 444 -46.89 -23.55 -16.21
CA ALA J 444 -45.88 -23.36 -15.18
C ALA J 444 -46.56 -23.52 -13.83
N ARG J 445 -47.38 -22.55 -13.47
CA ARG J 445 -48.09 -22.62 -12.20
C ARG J 445 -48.66 -24.01 -12.13
N ALA J 446 -49.67 -24.26 -12.96
CA ALA J 446 -50.31 -25.56 -12.99
C ALA J 446 -49.34 -26.61 -12.49
N ALA J 447 -48.48 -27.06 -13.41
CA ALA J 447 -47.48 -28.06 -13.08
C ALA J 447 -47.10 -27.96 -11.62
N MET J 448 -46.45 -26.86 -11.27
CA MET J 448 -46.03 -26.65 -9.90
C MET J 448 -47.06 -27.23 -8.95
N ILE J 449 -48.28 -26.70 -9.03
CA ILE J 449 -49.35 -27.18 -8.17
C ILE J 449 -49.39 -28.69 -8.17
N TRP J 450 -49.89 -29.26 -9.25
CA TRP J 450 -49.98 -30.72 -9.32
C TRP J 450 -48.83 -31.41 -8.60
N ILE J 451 -47.64 -30.85 -8.71
CA ILE J 451 -46.51 -31.45 -8.03
C ILE J 451 -46.79 -31.52 -6.56
N VAL J 452 -46.98 -30.36 -5.97
CA VAL J 452 -47.26 -30.32 -4.54
C VAL J 452 -48.23 -31.44 -4.23
N GLY J 453 -49.37 -31.41 -4.90
CA GLY J 453 -50.36 -32.44 -4.67
C GLY J 453 -49.67 -33.77 -4.47
N GLU J 454 -49.24 -34.37 -5.56
CA GLU J 454 -48.59 -35.67 -5.50
C GLU J 454 -47.74 -35.87 -4.26
N TYR J 455 -46.58 -35.25 -4.26
CA TYR J 455 -45.64 -35.38 -3.17
C TYR J 455 -46.03 -34.64 -1.89
N ALA J 456 -47.32 -34.57 -1.64
CA ALA J 456 -47.84 -33.87 -0.47
C ALA J 456 -47.21 -34.31 0.84
N GLU J 457 -47.14 -35.62 1.04
CA GLU J 457 -46.56 -36.18 2.24
C GLU J 457 -45.49 -35.24 2.79
N ARG J 458 -44.42 -35.04 2.01
CA ARG J 458 -43.28 -34.20 2.41
C ARG J 458 -43.54 -32.78 2.89
N SER J 459 -43.91 -31.87 1.98
CA SER J 459 -44.15 -30.50 2.41
C SER J 459 -45.30 -30.42 3.39
N ASP J 460 -45.02 -29.85 4.56
CA ASP J 460 -46.05 -29.69 5.57
C ASP J 460 -46.97 -28.63 5.04
N ASN J 461 -46.40 -27.44 4.88
CA ASN J 461 -47.11 -26.28 4.39
C ASN J 461 -48.10 -26.61 3.28
N ALA J 462 -47.82 -27.69 2.56
CA ALA J 462 -48.67 -28.13 1.47
C ALA J 462 -49.90 -27.24 1.42
N ASP J 463 -50.69 -27.32 2.47
CA ASP J 463 -51.90 -26.54 2.60
C ASP J 463 -51.82 -25.15 2.00
N GLU J 464 -51.54 -24.17 2.84
CA GLU J 464 -51.50 -22.80 2.39
C GLU J 464 -51.07 -22.65 0.94
N LEU J 465 -49.97 -23.28 0.56
CA LEU J 465 -49.51 -23.17 -0.82
C LEU J 465 -50.74 -23.29 -1.68
N LEU J 466 -51.28 -24.50 -1.76
CA LEU J 466 -52.47 -24.67 -2.56
C LEU J 466 -53.44 -23.56 -2.21
N GLU J 467 -53.84 -23.50 -0.96
CA GLU J 467 -54.78 -22.49 -0.52
C GLU J 467 -54.56 -21.15 -1.20
N SER J 468 -53.34 -20.67 -1.12
CA SER J 468 -52.99 -19.39 -1.72
C SER J 468 -53.79 -19.12 -2.97
N PHE J 469 -53.68 -20.02 -3.93
CA PHE J 469 -54.39 -19.79 -5.18
C PHE J 469 -55.90 -19.60 -5.06
N LEU J 470 -56.52 -20.34 -4.15
CA LEU J 470 -57.96 -20.26 -3.97
C LEU J 470 -58.60 -18.89 -4.06
N ASP J 471 -58.56 -18.15 -2.95
CA ASP J 471 -59.17 -16.82 -2.88
C ASP J 471 -59.16 -16.21 -4.28
N GLY J 472 -58.11 -16.49 -5.03
CA GLY J 472 -58.01 -16.00 -6.39
C GLY J 472 -58.18 -17.12 -7.39
N PHE J 473 -59.40 -17.64 -7.47
CA PHE J 473 -59.74 -18.73 -8.36
C PHE J 473 -60.84 -18.18 -9.24
N HIS J 474 -61.83 -19.01 -9.57
CA HIS J 474 -62.95 -18.63 -10.44
C HIS J 474 -62.31 -18.01 -11.68
N ASP J 475 -61.00 -17.90 -11.67
CA ASP J 475 -60.28 -17.33 -12.79
C ASP J 475 -58.80 -17.60 -12.74
N GLU J 476 -58.43 -18.51 -13.62
CA GLU J 476 -57.08 -18.96 -13.81
C GLU J 476 -57.27 -20.08 -14.79
N SER J 477 -56.37 -20.16 -15.76
CA SER J 477 -56.44 -21.17 -16.80
C SER J 477 -57.17 -22.46 -16.42
N THR J 478 -58.11 -22.84 -17.27
CA THR J 478 -58.89 -24.05 -17.06
C THR J 478 -58.03 -25.13 -16.43
N GLN J 479 -57.07 -25.62 -17.20
CA GLN J 479 -56.19 -26.69 -16.75
C GLN J 479 -55.70 -26.58 -15.31
N VAL J 480 -55.25 -25.39 -14.93
CA VAL J 480 -54.76 -25.22 -13.57
C VAL J 480 -55.88 -25.46 -12.57
N GLN J 481 -57.04 -24.86 -12.84
CA GLN J 481 -58.17 -25.03 -11.94
C GLN J 481 -58.15 -26.49 -11.58
N LEU J 482 -57.99 -27.33 -12.60
CA LEU J 482 -57.97 -28.77 -12.38
C LEU J 482 -56.99 -29.28 -11.38
N GLN J 483 -55.74 -29.51 -11.78
CA GLN J 483 -54.76 -30.06 -10.86
C GLN J 483 -55.06 -29.57 -9.49
N LEU J 484 -55.09 -28.25 -9.37
CA LEU J 484 -55.36 -27.62 -8.10
C LEU J 484 -56.45 -28.41 -7.40
N LEU J 485 -57.56 -28.63 -8.08
CA LEU J 485 -58.61 -29.39 -7.46
C LEU J 485 -57.98 -30.71 -7.10
N THR J 486 -57.72 -31.51 -8.11
CA THR J 486 -57.12 -32.82 -7.91
C THR J 486 -56.17 -32.79 -6.71
N ALA J 487 -55.07 -32.08 -6.84
CA ALA J 487 -54.08 -31.98 -5.77
C ALA J 487 -54.74 -31.90 -4.40
N ILE J 488 -55.44 -30.81 -4.13
CA ILE J 488 -56.10 -30.63 -2.84
C ILE J 488 -56.52 -31.99 -2.36
N VAL J 489 -57.45 -32.57 -3.10
CA VAL J 489 -57.95 -33.87 -2.78
C VAL J 489 -56.79 -34.70 -2.27
N LYS J 490 -55.88 -35.02 -3.17
CA LYS J 490 -54.72 -35.82 -2.83
C LYS J 490 -54.28 -35.68 -1.38
N LEU J 491 -53.93 -34.47 -0.94
CA LEU J 491 -53.47 -34.35 0.42
C LEU J 491 -54.57 -34.64 1.41
N PHE J 492 -55.79 -34.29 1.05
CA PHE J 492 -56.87 -34.54 1.96
C PHE J 492 -56.86 -36.02 2.26
N LEU J 493 -56.49 -36.79 1.25
CA LEU J 493 -56.42 -38.24 1.35
C LEU J 493 -55.14 -38.69 2.06
N LYS J 494 -54.25 -37.74 2.33
CA LYS J 494 -53.05 -38.03 3.09
C LYS J 494 -53.60 -37.91 4.51
N LYS J 495 -54.93 -37.94 4.56
CA LYS J 495 -55.78 -37.89 5.77
C LYS J 495 -55.78 -36.66 6.65
N PRO J 496 -54.87 -35.71 6.40
CA PRO J 496 -54.94 -34.56 7.30
C PRO J 496 -56.36 -34.27 7.74
N THR J 497 -56.50 -34.00 9.03
CA THR J 497 -57.78 -33.71 9.60
C THR J 497 -58.05 -32.25 9.29
N GLU J 498 -56.94 -31.53 9.12
CA GLU J 498 -56.88 -30.09 8.82
C GLU J 498 -57.28 -29.74 7.38
N THR J 499 -57.53 -30.76 6.59
CA THR J 499 -57.89 -30.59 5.19
C THR J 499 -59.36 -30.29 4.98
N GLN J 500 -60.18 -30.74 5.93
CA GLN J 500 -61.62 -30.56 5.83
C GLN J 500 -61.99 -29.30 5.07
N GLU J 501 -62.22 -28.19 5.80
CA GLU J 501 -62.61 -26.91 5.19
C GLU J 501 -62.03 -26.65 3.79
N LEU J 502 -60.75 -26.98 3.59
CA LEU J 502 -60.12 -26.77 2.29
C LEU J 502 -60.88 -27.54 1.24
N VAL J 503 -60.55 -28.82 1.14
CA VAL J 503 -61.19 -29.67 0.16
C VAL J 503 -62.62 -29.24 -0.04
N GLN J 504 -63.32 -29.03 1.07
CA GLN J 504 -64.71 -28.60 1.02
C GLN J 504 -64.78 -27.46 0.02
N GLN J 505 -64.32 -26.28 0.46
CA GLN J 505 -64.31 -25.10 -0.36
C GLN J 505 -63.97 -25.46 -1.80
N VAL J 506 -62.80 -26.06 -1.98
CA VAL J 506 -62.35 -26.45 -3.31
C VAL J 506 -63.55 -26.90 -4.11
N LEU J 507 -63.97 -28.12 -3.84
CA LEU J 507 -65.11 -28.67 -4.53
C LEU J 507 -66.15 -27.60 -4.64
N SER J 508 -66.67 -27.21 -3.48
CA SER J 508 -67.71 -26.20 -3.41
C SER J 508 -67.58 -25.19 -4.55
N LEU J 509 -66.41 -24.55 -4.66
CA LEU J 509 -66.21 -23.57 -5.72
C LEU J 509 -66.40 -24.21 -7.06
N ALA J 510 -65.64 -25.27 -7.31
CA ALA J 510 -65.72 -26.00 -8.56
C ALA J 510 -66.98 -26.84 -8.63
N THR J 511 -67.98 -26.48 -7.84
CA THR J 511 -69.25 -27.22 -7.84
C THR J 511 -70.41 -26.40 -8.37
N GLN J 512 -70.64 -25.24 -7.78
CA GLN J 512 -71.74 -24.42 -8.24
C GLN J 512 -71.29 -23.01 -8.58
N ASP J 513 -70.20 -22.58 -7.97
CA ASP J 513 -69.70 -21.23 -8.24
C ASP J 513 -68.85 -21.23 -9.52
N SER J 514 -68.81 -22.37 -10.21
CA SER J 514 -68.05 -22.54 -11.45
C SER J 514 -68.96 -22.87 -12.64
N ASP J 515 -68.54 -22.52 -13.85
CA ASP J 515 -69.36 -22.78 -15.05
C ASP J 515 -68.61 -23.40 -16.20
N ASN J 516 -67.96 -24.52 -15.90
CA ASN J 516 -67.20 -25.23 -16.90
C ASN J 516 -67.56 -26.70 -16.81
N PRO J 517 -68.56 -27.12 -17.58
CA PRO J 517 -69.06 -28.49 -17.63
C PRO J 517 -68.05 -29.49 -17.13
N ASP J 518 -67.05 -29.78 -17.95
CA ASP J 518 -66.04 -30.77 -17.56
C ASP J 518 -65.74 -30.64 -16.09
N LEU J 519 -65.24 -29.47 -15.75
CA LEU J 519 -64.91 -29.17 -14.38
C LEU J 519 -66.02 -29.68 -13.46
N ARG J 520 -67.21 -29.09 -13.56
CA ARG J 520 -68.33 -29.50 -12.72
C ARG J 520 -68.26 -31.00 -12.44
N ASP J 521 -68.05 -31.77 -13.50
CA ASP J 521 -67.97 -33.22 -13.39
C ASP J 521 -66.85 -33.74 -12.53
N ARG J 522 -65.66 -33.82 -13.11
CA ARG J 522 -64.54 -34.37 -12.36
C ARG J 522 -64.76 -33.86 -10.97
N GLY J 523 -65.25 -32.63 -10.88
CA GLY J 523 -65.57 -32.07 -9.58
C GLY J 523 -66.57 -32.97 -8.86
N TYR J 524 -67.84 -32.88 -9.24
CA TYR J 524 -68.86 -33.70 -8.59
C TYR J 524 -68.37 -35.10 -8.35
N ILE J 525 -67.91 -35.77 -9.40
CA ILE J 525 -67.39 -37.11 -9.30
C ILE J 525 -66.73 -37.29 -7.94
N TYR J 526 -65.68 -36.52 -7.69
CA TYR J 526 -64.99 -36.62 -6.42
C TYR J 526 -66.00 -36.38 -5.26
N TRP J 527 -66.77 -35.29 -5.30
CA TRP J 527 -67.74 -34.99 -4.23
C TRP J 527 -68.61 -36.19 -3.83
N ARG J 528 -68.76 -37.13 -4.75
CA ARG J 528 -69.56 -38.30 -4.46
C ARG J 528 -68.64 -39.40 -3.95
N LEU J 529 -67.47 -39.52 -4.55
CA LEU J 529 -66.55 -40.55 -4.12
C LEU J 529 -66.29 -40.42 -2.63
N LEU J 530 -66.17 -39.18 -2.16
CA LEU J 530 -65.90 -38.91 -0.76
C LEU J 530 -67.12 -38.94 0.14
N SER J 531 -68.18 -38.29 -0.30
CA SER J 531 -69.41 -38.21 0.47
C SER J 531 -69.96 -39.62 0.74
N THR J 532 -69.30 -40.62 0.16
CA THR J 532 -69.66 -42.03 0.30
C THR J 532 -68.65 -42.90 1.09
N ASP J 533 -67.43 -43.05 0.57
CA ASP J 533 -66.36 -43.86 1.24
C ASP J 533 -64.90 -43.43 1.23
N PRO J 534 -64.50 -42.53 2.12
CA PRO J 534 -63.11 -42.10 2.14
C PRO J 534 -62.11 -43.23 1.85
N VAL J 535 -62.00 -44.22 2.75
CA VAL J 535 -61.06 -45.34 2.53
C VAL J 535 -60.98 -45.68 1.03
N ALA J 536 -62.14 -45.96 0.45
CA ALA J 536 -62.28 -46.31 -0.96
C ALA J 536 -61.56 -45.28 -1.82
N ALA J 537 -62.08 -44.06 -1.79
CA ALA J 537 -61.50 -42.97 -2.54
C ALA J 537 -59.99 -43.03 -2.43
N LYS J 538 -59.50 -43.00 -1.20
CA LYS J 538 -58.06 -43.05 -0.94
C LYS J 538 -57.37 -43.92 -1.96
N GLU J 539 -57.52 -45.23 -1.83
CA GLU J 539 -56.86 -46.13 -2.78
C GLU J 539 -57.10 -45.69 -4.23
N VAL J 540 -58.35 -45.42 -4.55
CA VAL J 540 -58.75 -44.98 -5.88
C VAL J 540 -57.85 -43.92 -6.48
N VAL J 541 -58.06 -42.70 -6.03
CA VAL J 541 -57.33 -41.53 -6.52
C VAL J 541 -55.82 -41.64 -6.52
N LEU J 542 -55.24 -41.83 -5.35
CA LEU J 542 -53.78 -41.94 -5.31
C LEU J 542 -53.42 -43.35 -5.59
N ALA J 543 -54.00 -43.92 -6.64
CA ALA J 543 -53.69 -45.30 -6.95
C ALA J 543 -52.35 -45.43 -7.67
N GLU J 544 -51.82 -46.64 -7.62
CA GLU J 544 -50.56 -46.98 -8.26
C GLU J 544 -50.76 -46.41 -9.68
N LYS J 545 -49.90 -45.46 -10.04
CA LYS J 545 -49.93 -44.74 -11.34
C LYS J 545 -48.86 -45.26 -12.29
N PRO J 546 -49.31 -45.81 -13.44
CA PRO J 546 -48.71 -46.45 -14.61
C PRO J 546 -47.49 -45.73 -15.09
N LEU J 547 -46.86 -46.19 -16.15
CA LEU J 547 -45.67 -45.55 -16.62
C LEU J 547 -46.05 -44.70 -17.81
N ILE J 548 -45.22 -43.73 -18.19
CA ILE J 548 -45.56 -42.85 -19.33
C ILE J 548 -44.94 -43.29 -20.67
N SER J 549 -45.57 -42.87 -21.77
CA SER J 549 -45.13 -43.24 -23.12
C SER J 549 -45.21 -42.19 -24.24
N GLU J 550 -44.08 -41.56 -24.57
CA GLU J 550 -44.04 -40.59 -25.68
C GLU J 550 -42.94 -41.02 -26.66
N GLU J 551 -43.10 -42.27 -27.07
CA GLU J 551 -42.26 -42.94 -28.04
C GLU J 551 -42.88 -42.52 -29.39
N THR J 552 -44.06 -41.91 -29.29
CA THR J 552 -44.82 -41.41 -30.43
C THR J 552 -43.90 -40.47 -31.24
N ASP J 553 -42.74 -40.12 -30.66
CA ASP J 553 -41.76 -39.20 -31.31
C ASP J 553 -40.34 -39.78 -31.66
N LEU J 554 -39.70 -39.17 -32.66
CA LEU J 554 -38.39 -39.55 -33.20
C LEU J 554 -38.56 -40.55 -34.37
N ILE J 555 -39.03 -39.99 -35.50
CA ILE J 555 -39.36 -40.61 -36.83
C ILE J 555 -39.68 -42.08 -36.99
N GLU J 556 -40.33 -42.44 -38.10
CA GLU J 556 -40.70 -43.82 -38.38
C GLU J 556 -39.81 -44.56 -39.36
N PRO J 557 -40.07 -45.87 -39.55
CA PRO J 557 -39.30 -46.72 -40.45
C PRO J 557 -39.64 -46.51 -41.93
N THR J 558 -40.79 -47.04 -42.35
CA THR J 558 -41.24 -46.94 -43.75
C THR J 558 -41.10 -45.53 -44.30
N LEU J 559 -41.60 -44.59 -43.52
CA LEU J 559 -41.55 -43.19 -43.90
C LEU J 559 -40.11 -42.70 -44.05
N LEU J 560 -39.26 -42.92 -43.05
CA LEU J 560 -37.85 -42.49 -43.11
C LEU J 560 -37.16 -42.80 -44.44
N ASP J 561 -37.08 -44.08 -44.77
CA ASP J 561 -36.43 -44.52 -46.01
C ASP J 561 -36.93 -43.67 -47.18
N GLU J 562 -38.25 -43.66 -47.37
CA GLU J 562 -38.89 -42.92 -48.45
C GLU J 562 -38.48 -41.45 -48.61
N LEU J 563 -38.39 -40.72 -47.49
CA LEU J 563 -38.04 -39.31 -47.51
C LEU J 563 -36.65 -39.01 -48.00
N ILE J 564 -35.67 -39.61 -47.35
CA ILE J 564 -34.28 -39.39 -47.73
C ILE J 564 -34.13 -39.08 -49.22
N CYS J 565 -35.01 -39.65 -50.05
CA CYS J 565 -34.98 -39.42 -51.50
C CYS J 565 -35.05 -37.93 -51.88
N TYR J 566 -35.95 -37.21 -51.24
CA TYR J 566 -36.19 -35.81 -51.52
C TYR J 566 -35.33 -34.80 -50.79
N ILE J 567 -34.07 -35.11 -50.51
CA ILE J 567 -33.29 -34.11 -49.81
C ILE J 567 -33.17 -32.87 -50.69
N GLY J 568 -33.08 -31.71 -50.07
CA GLY J 568 -32.97 -30.46 -50.83
C GLY J 568 -34.34 -30.10 -51.40
N THR J 569 -35.34 -30.79 -50.87
CA THR J 569 -36.73 -30.67 -51.25
C THR J 569 -37.56 -29.99 -50.17
N LEU J 570 -38.73 -29.50 -50.55
CA LEU J 570 -39.60 -28.88 -49.57
C LEU J 570 -39.83 -29.93 -48.53
N ALA J 571 -40.26 -31.09 -49.01
CA ALA J 571 -40.51 -32.20 -48.12
C ALA J 571 -39.25 -32.34 -47.29
N SER J 572 -38.12 -32.14 -47.94
CA SER J 572 -36.83 -32.26 -47.27
C SER J 572 -36.83 -31.42 -46.02
N VAL J 573 -37.74 -30.47 -45.92
CA VAL J 573 -37.80 -29.64 -44.74
C VAL J 573 -38.96 -29.92 -43.80
N TYR J 574 -40.15 -30.08 -44.35
CA TYR J 574 -41.31 -30.37 -43.51
C TYR J 574 -41.15 -31.75 -42.91
N HIS J 575 -40.43 -32.61 -43.61
CA HIS J 575 -40.25 -33.99 -43.19
C HIS J 575 -41.58 -34.64 -43.46
N LYS J 576 -42.21 -34.26 -44.56
CA LYS J 576 -43.48 -34.83 -44.88
C LYS J 576 -43.60 -35.20 -46.35
N PRO J 577 -44.65 -35.95 -46.68
CA PRO J 577 -44.95 -36.43 -48.03
C PRO J 577 -45.58 -35.48 -49.04
N PRO J 578 -45.12 -35.60 -50.28
CA PRO J 578 -45.66 -34.77 -51.33
C PRO J 578 -47.20 -34.73 -51.29
N ASN J 579 -47.83 -35.67 -50.59
CA ASN J 579 -49.30 -35.70 -50.48
C ASN J 579 -49.91 -34.48 -49.78
N ALA J 580 -49.13 -33.85 -48.91
CA ALA J 580 -49.59 -32.67 -48.18
C ALA J 580 -49.38 -31.41 -49.01
N PHE J 581 -48.39 -31.43 -49.88
CA PHE J 581 -48.15 -30.24 -50.71
C PHE J 581 -49.07 -30.13 -51.95
N VAL J 582 -48.78 -31.01 -52.91
CA VAL J 582 -49.44 -31.18 -54.25
C VAL J 582 -50.73 -30.49 -54.77
N GLU J 583 -51.68 -30.18 -53.90
CA GLU J 583 -52.95 -29.58 -54.33
C GLU J 583 -52.95 -28.67 -55.56
N GLY J 584 -52.90 -29.22 -56.68
N MET K 6 -31.46 0.64 65.76
CA MET K 6 -30.38 0.95 64.70
C MET K 6 -31.00 1.96 63.68
N PRO K 7 -31.23 3.28 64.04
CA PRO K 7 -31.84 4.37 63.22
C PRO K 7 -31.32 4.73 61.80
N ALA K 8 -31.89 5.75 61.13
CA ALA K 8 -31.45 6.20 59.80
C ALA K 8 -31.69 7.71 59.71
N PRO K 9 -31.33 8.46 60.76
CA PRO K 9 -31.47 9.89 60.99
C PRO K 9 -31.65 10.88 59.91
N ILE K 10 -32.72 11.65 59.95
CA ILE K 10 -32.94 12.62 58.89
C ILE K 10 -31.89 13.71 58.96
N ARG K 11 -31.71 14.43 57.86
CA ARG K 11 -30.73 15.51 57.82
C ARG K 11 -31.49 16.83 57.86
N LEU K 12 -30.92 17.87 58.47
CA LEU K 12 -31.61 19.15 58.60
C LEU K 12 -32.49 19.52 57.43
N ARG K 13 -31.88 20.11 56.42
CA ARG K 13 -32.62 20.53 55.26
C ARG K 13 -33.70 19.51 54.99
N GLU K 14 -33.26 18.31 54.69
CA GLU K 14 -34.18 17.21 54.43
C GLU K 14 -35.44 17.44 55.25
N LEU K 15 -35.27 17.61 56.56
CA LEU K 15 -36.40 17.84 57.44
C LEU K 15 -37.28 18.94 56.90
N ILE K 16 -36.79 20.16 57.00
CA ILE K 16 -37.53 21.30 56.50
C ILE K 16 -38.28 20.93 55.24
N ARG K 17 -37.52 20.67 54.20
CA ARG K 17 -38.05 20.29 52.90
C ARG K 17 -39.25 19.38 53.10
N THR K 18 -39.26 18.62 54.19
CA THR K 18 -40.36 17.71 54.48
C THR K 18 -41.56 18.52 54.98
N ILE K 19 -41.31 19.50 55.86
CA ILE K 19 -42.40 20.31 56.36
C ILE K 19 -42.96 21.18 55.27
N ARG K 20 -42.25 21.26 54.16
CA ARG K 20 -42.71 22.03 53.03
C ARG K 20 -43.83 21.28 52.36
N THR K 21 -43.79 19.96 52.48
CA THR K 21 -44.81 19.11 51.89
C THR K 21 -46.10 19.30 52.66
N ALA K 22 -45.98 19.73 53.91
CA ALA K 22 -47.15 19.92 54.78
C ALA K 22 -48.38 20.51 54.09
N ARG K 23 -49.52 19.84 54.23
CA ARG K 23 -50.77 20.28 53.64
C ARG K 23 -51.75 20.75 54.69
N THR K 24 -51.55 20.36 55.94
CA THR K 24 -52.45 20.78 57.00
C THR K 24 -51.76 21.04 58.30
N GLN K 25 -52.10 22.18 58.91
CA GLN K 25 -51.51 22.57 60.18
C GLN K 25 -51.51 21.37 61.11
N ALA K 26 -52.60 20.63 61.11
CA ALA K 26 -52.70 19.45 61.93
C ALA K 26 -51.49 18.58 61.59
N GLU K 27 -51.35 18.29 60.30
CA GLU K 27 -50.26 17.47 59.81
C GLU K 27 -48.91 17.96 60.34
N GLU K 28 -48.66 19.26 60.18
CA GLU K 28 -47.41 19.83 60.65
C GLU K 28 -47.12 19.24 62.02
N ARG K 29 -48.05 19.42 62.95
CA ARG K 29 -47.87 18.88 64.29
C ARG K 29 -47.35 17.47 64.10
N GLU K 30 -48.23 16.64 63.58
CA GLU K 30 -47.92 15.25 63.29
C GLU K 30 -46.42 15.15 63.00
N MET K 31 -46.05 15.47 61.77
CA MET K 31 -44.65 15.42 61.34
C MET K 31 -43.73 15.83 62.47
N ILE K 32 -43.83 17.09 62.88
CA ILE K 32 -42.98 17.58 63.94
C ILE K 32 -42.98 16.62 65.10
N GLN K 33 -44.14 16.47 65.74
CA GLN K 33 -44.27 15.60 66.89
C GLN K 33 -43.59 14.24 66.67
N LYS K 34 -43.79 13.68 65.48
CA LYS K 34 -43.20 12.40 65.12
C LYS K 34 -41.68 12.52 65.03
N GLU K 35 -41.23 13.68 64.59
CA GLU K 35 -39.80 13.92 64.46
C GLU K 35 -39.13 14.00 65.82
N CYS K 36 -39.31 15.12 66.50
CA CYS K 36 -38.70 15.32 67.80
C CYS K 36 -38.88 14.06 68.66
N ALA K 37 -39.98 13.37 68.45
CA ALA K 37 -40.22 12.15 69.21
C ALA K 37 -39.06 11.19 68.97
N ALA K 38 -38.82 10.89 67.70
CA ALA K 38 -37.73 9.98 67.32
C ALA K 38 -36.38 10.59 67.68
N ILE K 39 -36.33 11.90 67.67
CA ILE K 39 -35.11 12.61 68.00
C ILE K 39 -34.82 12.49 69.49
N ARG K 40 -35.85 12.62 70.30
CA ARG K 40 -35.66 12.47 71.74
C ARG K 40 -35.03 11.10 71.95
N SER K 41 -35.72 10.06 71.49
CA SER K 41 -35.25 8.68 71.64
C SER K 41 -33.84 8.48 71.05
N SER K 42 -33.33 9.54 70.40
CA SER K 42 -31.98 9.52 69.83
C SER K 42 -30.98 10.07 70.86
N PHE K 43 -31.49 10.89 71.78
CA PHE K 43 -30.65 11.49 72.81
C PHE K 43 -30.59 10.59 74.03
N ARG K 44 -31.59 9.70 74.14
CA ARG K 44 -31.65 8.75 75.25
C ARG K 44 -30.25 8.17 75.36
N GLU K 45 -29.72 7.83 74.19
CA GLU K 45 -28.43 7.20 74.08
C GLU K 45 -27.23 8.14 74.16
N GLU K 46 -27.45 9.45 74.02
CA GLU K 46 -26.36 10.43 74.08
C GLU K 46 -25.20 10.08 73.14
N ASP K 47 -25.53 9.87 71.87
CA ASP K 47 -24.55 9.47 70.87
C ASP K 47 -23.93 10.69 70.22
N ASN K 48 -22.64 10.86 70.51
CA ASN K 48 -21.82 11.96 70.05
C ASN K 48 -22.00 12.35 68.59
N THR K 49 -22.24 11.37 67.73
CA THR K 49 -22.44 11.65 66.31
C THR K 49 -23.91 11.86 66.05
N TYR K 50 -24.22 12.80 65.16
CA TYR K 50 -25.59 13.17 64.82
C TYR K 50 -26.06 14.21 65.81
N ARG K 51 -25.38 14.24 66.95
CA ARG K 51 -25.71 15.17 68.02
C ARG K 51 -25.95 16.53 67.39
N CYS K 52 -24.92 17.09 66.76
CA CYS K 52 -25.03 18.38 66.10
C CYS K 52 -26.30 18.51 65.25
N ARG K 53 -26.46 17.61 64.29
CA ARG K 53 -27.61 17.63 63.40
C ARG K 53 -28.89 18.00 64.12
N ASN K 54 -29.45 17.05 64.83
CA ASN K 54 -30.67 17.29 65.54
C ASN K 54 -30.72 18.67 66.18
N VAL K 55 -29.80 18.99 67.06
CA VAL K 55 -29.79 20.30 67.68
C VAL K 55 -30.24 21.32 66.66
N ALA K 56 -29.70 21.23 65.46
CA ALA K 56 -30.11 22.16 64.41
C ALA K 56 -31.58 21.94 64.21
N LYS K 57 -31.90 20.80 63.64
CA LYS K 57 -33.29 20.42 63.38
C LYS K 57 -34.10 21.16 64.42
N LEU K 58 -33.76 20.93 65.68
CA LEU K 58 -34.46 21.58 66.76
C LEU K 58 -34.51 23.08 66.46
N LEU K 59 -33.37 23.75 66.54
CA LEU K 59 -33.31 25.17 66.27
C LEU K 59 -34.41 25.59 65.33
N TYR K 60 -34.39 25.02 64.13
CA TYR K 60 -35.41 25.32 63.16
C TYR K 60 -36.74 25.16 63.87
N MET K 61 -37.05 23.91 64.19
CA MET K 61 -38.29 23.58 64.89
C MET K 61 -38.69 24.78 65.71
N HIS K 62 -37.82 25.14 66.65
CA HIS K 62 -38.06 26.29 67.49
C HIS K 62 -38.54 27.39 66.59
N MET K 63 -37.59 28.01 65.91
CA MET K 63 -37.83 29.12 64.99
C MET K 63 -39.26 29.15 64.49
N LEU K 64 -39.86 27.99 64.32
CA LEU K 64 -41.23 27.99 63.85
C LEU K 64 -42.19 27.93 65.05
N GLY K 65 -41.73 28.37 66.20
CA GLY K 65 -42.55 28.39 67.40
C GLY K 65 -43.00 27.04 67.93
N TYR K 66 -42.07 26.19 68.36
CA TYR K 66 -42.44 24.89 68.86
C TYR K 66 -41.80 24.51 70.19
N PRO K 67 -42.10 23.31 70.72
CA PRO K 67 -41.52 22.85 72.00
C PRO K 67 -40.00 22.87 71.92
N ALA K 68 -39.37 23.87 72.54
CA ALA K 68 -37.91 24.06 72.50
C ALA K 68 -37.01 23.49 73.61
N HIS K 69 -37.31 23.86 74.85
CA HIS K 69 -36.59 23.44 76.06
C HIS K 69 -35.90 22.09 75.97
N PHE K 70 -36.68 21.14 75.45
CA PHE K 70 -36.29 19.75 75.26
C PHE K 70 -34.79 19.50 75.40
N GLY K 71 -34.00 20.11 74.52
CA GLY K 71 -32.57 19.87 74.54
C GLY K 71 -31.59 20.96 74.90
N GLN K 72 -32.06 21.96 75.61
CA GLN K 72 -31.17 23.03 76.03
C GLN K 72 -29.82 22.41 76.41
N LEU K 73 -29.86 21.58 77.45
CA LEU K 73 -28.69 20.88 77.97
C LEU K 73 -27.72 20.40 76.90
N GLU K 74 -28.07 19.24 76.36
CA GLU K 74 -27.37 18.54 75.32
C GLU K 74 -26.74 19.50 74.34
N CYS K 75 -27.40 20.63 74.16
CA CYS K 75 -26.90 21.66 73.29
C CYS K 75 -25.49 21.90 73.83
N LEU K 76 -25.41 22.17 75.13
CA LEU K 76 -24.12 22.39 75.72
C LEU K 76 -23.18 21.21 75.45
N LYS K 77 -23.68 19.99 75.59
CA LYS K 77 -22.85 18.80 75.34
C LYS K 77 -22.17 18.81 73.98
N LEU K 78 -22.60 19.75 73.15
CA LEU K 78 -21.98 19.91 71.86
C LEU K 78 -20.77 20.73 72.16
N ILE K 79 -21.03 21.92 72.70
CA ILE K 79 -19.95 22.84 73.03
C ILE K 79 -18.79 22.02 73.51
N ALA K 80 -19.11 21.01 74.29
CA ALA K 80 -18.11 20.11 74.83
C ALA K 80 -17.23 19.55 73.74
N SER K 81 -17.84 18.72 72.88
CA SER K 81 -17.17 18.05 71.78
C SER K 81 -15.88 18.70 71.30
N GLN K 82 -15.02 17.89 70.71
CA GLN K 82 -13.76 18.37 70.22
C GLN K 82 -13.91 19.08 68.88
N LYS K 83 -14.44 18.38 67.89
CA LYS K 83 -14.62 18.93 66.54
C LYS K 83 -15.31 20.29 66.44
N PHE K 84 -14.59 21.27 65.89
CA PHE K 84 -15.09 22.63 65.71
C PHE K 84 -16.58 22.69 65.49
N THR K 85 -17.01 22.20 64.33
CA THR K 85 -18.41 22.20 63.99
C THR K 85 -19.33 22.13 65.20
N ASP K 86 -19.42 20.95 65.78
CA ASP K 86 -20.25 20.72 66.95
C ASP K 86 -20.24 21.95 67.84
N LYS K 87 -19.07 22.55 68.00
CA LYS K 87 -18.96 23.72 68.84
C LYS K 87 -19.72 24.93 68.28
N ARG K 88 -19.55 25.24 67.00
CA ARG K 88 -20.27 26.40 66.48
C ARG K 88 -21.78 26.15 66.49
N ILE K 89 -22.23 25.07 65.86
CA ILE K 89 -23.66 24.78 65.87
C ILE K 89 -24.07 24.94 67.31
N GLY K 90 -23.38 24.23 68.18
CA GLY K 90 -23.69 24.33 69.59
C GLY K 90 -23.87 25.77 69.99
N TYR K 91 -22.78 26.45 70.28
CA TYR K 91 -22.83 27.84 70.71
C TYR K 91 -24.05 28.56 70.19
N LEU K 92 -24.24 28.53 68.89
CA LEU K 92 -25.38 29.19 68.32
C LEU K 92 -26.61 28.80 69.12
N GLY K 93 -26.81 27.49 69.22
CA GLY K 93 -27.96 26.98 69.94
C GLY K 93 -28.08 27.59 71.32
N ALA K 94 -26.94 27.82 71.96
CA ALA K 94 -26.98 28.40 73.29
C ALA K 94 -27.72 29.71 73.23
N MET K 95 -27.10 30.69 72.60
CA MET K 95 -27.68 32.02 72.49
C MET K 95 -29.17 32.02 72.22
N LEU K 96 -29.67 30.95 71.60
CA LEU K 96 -31.09 30.88 71.30
C LEU K 96 -31.96 30.23 72.39
N LEU K 97 -31.56 29.03 72.80
CA LEU K 97 -32.33 28.24 73.76
C LEU K 97 -32.11 28.40 75.25
N LEU K 98 -31.20 29.27 75.65
CA LEU K 98 -30.92 29.38 77.08
C LEU K 98 -31.72 30.34 77.95
N ASP K 99 -32.06 29.85 79.15
CA ASP K 99 -32.75 30.58 80.20
C ASP K 99 -31.54 30.94 81.07
N GLU K 100 -31.60 32.02 81.84
CA GLU K 100 -30.38 32.38 82.58
C GLU K 100 -30.11 31.66 83.87
N ARG K 101 -29.95 30.35 83.78
CA ARG K 101 -29.63 29.55 84.95
C ARG K 101 -28.13 29.66 85.21
N GLN K 102 -27.79 30.18 86.39
CA GLN K 102 -26.41 30.36 86.78
C GLN K 102 -25.67 29.03 86.79
N ASP K 103 -26.43 27.96 87.00
CA ASP K 103 -25.89 26.61 87.04
C ASP K 103 -25.20 26.27 85.72
N VAL K 104 -25.98 26.27 84.65
CA VAL K 104 -25.44 25.96 83.33
C VAL K 104 -24.45 27.07 83.10
N HIS K 105 -24.89 28.27 83.48
CA HIS K 105 -24.10 29.46 83.36
C HIS K 105 -22.67 29.18 83.78
N LEU K 106 -22.48 28.42 84.85
CA LEU K 106 -21.14 28.07 85.28
C LEU K 106 -20.57 27.04 84.28
N LEU K 107 -21.34 25.99 83.98
CA LEU K 107 -20.87 25.00 83.00
C LEU K 107 -20.46 25.74 81.73
N MET K 108 -21.25 26.76 81.40
CA MET K 108 -20.99 27.59 80.25
C MET K 108 -19.61 28.15 80.51
N THR K 109 -19.53 29.00 81.53
CA THR K 109 -18.29 29.63 81.94
C THR K 109 -17.16 28.66 81.65
N ASN K 110 -17.24 27.49 82.26
CA ASN K 110 -16.23 26.46 82.08
C ASN K 110 -15.83 26.37 80.61
N CYS K 111 -16.67 25.74 79.80
CA CYS K 111 -16.37 25.56 78.39
C CYS K 111 -15.88 26.81 77.69
N ILE K 112 -16.36 27.97 78.12
CA ILE K 112 -15.91 29.19 77.50
C ILE K 112 -14.41 29.25 77.67
N LYS K 113 -13.98 29.28 78.93
CA LYS K 113 -12.55 29.35 79.24
C LYS K 113 -11.82 28.27 78.45
N ASN K 114 -12.14 27.02 78.74
CA ASN K 114 -11.52 25.89 78.07
C ASN K 114 -11.35 26.14 76.58
N ASP K 115 -12.31 26.84 76.00
CA ASP K 115 -12.25 27.14 74.58
C ASP K 115 -11.46 28.40 74.34
N LEU K 116 -11.63 29.38 75.22
CA LEU K 116 -10.92 30.63 75.08
C LEU K 116 -9.42 30.44 74.93
N ASN K 117 -8.92 29.34 75.46
CA ASN K 117 -7.50 29.05 75.34
C ASN K 117 -7.39 27.80 74.49
N HIS K 118 -7.45 28.00 73.17
CA HIS K 118 -7.37 26.90 72.22
C HIS K 118 -6.28 27.13 71.19
N SER K 119 -5.79 26.05 70.63
CA SER K 119 -4.74 26.11 69.62
C SER K 119 -5.26 26.85 68.39
N THR K 120 -6.42 26.43 67.89
CA THR K 120 -7.02 27.06 66.72
C THR K 120 -7.42 28.46 67.12
N GLN K 121 -8.18 29.15 66.28
CA GLN K 121 -8.57 30.52 66.63
C GLN K 121 -10.05 30.83 66.51
N PHE K 122 -10.65 30.46 65.39
CA PHE K 122 -12.07 30.74 65.20
C PHE K 122 -12.87 30.14 66.33
N VAL K 123 -12.27 29.15 67.00
CA VAL K 123 -12.93 28.53 68.13
C VAL K 123 -13.10 29.73 69.02
N GLN K 124 -11.96 30.22 69.48
CA GLN K 124 -11.91 31.37 70.34
C GLN K 124 -12.96 32.37 69.90
N GLY K 125 -13.15 32.47 68.59
CA GLY K 125 -14.15 33.37 68.07
C GLY K 125 -15.45 33.06 68.77
N LEU K 126 -16.06 31.94 68.38
CA LEU K 126 -17.31 31.53 68.99
C LEU K 126 -17.37 31.95 70.43
N ALA K 127 -16.42 31.47 71.21
CA ALA K 127 -16.40 31.81 72.62
C ALA K 127 -16.68 33.29 72.80
N LEU K 128 -15.66 34.11 72.63
CA LEU K 128 -15.81 35.55 72.79
C LEU K 128 -17.21 35.95 72.47
N CYS K 129 -17.50 35.95 71.17
CA CYS K 129 -18.81 36.28 70.65
C CYS K 129 -19.87 35.90 71.66
N THR K 130 -20.13 34.60 71.75
CA THR K 130 -21.12 34.08 72.68
C THR K 130 -21.09 34.80 74.01
N LEU K 131 -19.92 34.92 74.58
CA LEU K 131 -19.82 35.57 75.87
C LEU K 131 -20.30 37.00 75.87
N GLY K 132 -20.13 37.69 74.76
CA GLY K 132 -20.57 39.07 74.75
C GLY K 132 -22.07 39.18 74.56
N CYS K 133 -22.71 38.05 74.30
CA CYS K 133 -24.15 38.03 74.07
C CYS K 133 -24.96 37.43 75.21
N MET K 134 -24.29 36.72 76.10
CA MET K 134 -24.95 36.10 77.22
C MET K 134 -24.44 36.67 78.50
N GLY K 135 -23.12 36.76 78.55
CA GLY K 135 -22.45 37.29 79.73
C GLY K 135 -23.38 37.80 80.80
N SER K 136 -23.57 37.00 81.84
CA SER K 136 -24.41 37.46 82.92
C SER K 136 -23.38 37.85 83.96
N SER K 137 -23.76 38.80 84.80
CA SER K 137 -22.88 39.28 85.85
C SER K 137 -21.80 38.23 86.18
N GLU K 138 -22.11 37.35 87.12
CA GLU K 138 -21.18 36.31 87.56
C GLU K 138 -20.18 35.87 86.50
N MET K 139 -20.66 35.60 85.30
CA MET K 139 -19.82 35.17 84.19
C MET K 139 -18.66 36.12 84.10
N CYS K 140 -18.96 37.29 83.58
CA CYS K 140 -18.01 38.34 83.39
C CYS K 140 -17.12 38.42 84.61
N ARG K 141 -17.73 38.56 85.77
CA ARG K 141 -16.94 38.65 87.00
C ARG K 141 -15.87 37.56 86.98
N ASP K 142 -16.12 36.46 86.27
CA ASP K 142 -15.14 35.40 86.17
C ASP K 142 -14.16 35.68 85.04
N LEU K 143 -14.55 35.32 83.83
CA LEU K 143 -13.74 35.47 82.63
C LEU K 143 -13.15 36.84 82.40
N ALA K 144 -13.68 37.82 83.11
CA ALA K 144 -13.22 39.19 82.97
C ALA K 144 -11.74 39.26 82.59
N GLY K 145 -10.88 38.98 83.55
CA GLY K 145 -9.47 39.02 83.24
C GLY K 145 -9.12 38.29 81.96
N GLU K 146 -9.55 37.05 81.87
CA GLU K 146 -9.28 36.25 80.70
C GLU K 146 -9.45 37.13 79.49
N VAL K 147 -10.46 37.99 79.54
CA VAL K 147 -10.69 38.89 78.44
C VAL K 147 -9.47 39.76 78.22
N GLU K 148 -8.86 40.28 79.30
CA GLU K 148 -7.69 41.11 79.06
C GLU K 148 -6.56 40.33 78.44
N LYS K 149 -6.17 39.24 79.08
CA LYS K 149 -5.09 38.39 78.58
C LYS K 149 -5.23 38.26 77.06
N LEU K 150 -6.46 38.12 76.60
CA LEU K 150 -6.75 37.97 75.18
C LEU K 150 -6.77 39.30 74.47
N LEU K 151 -7.27 40.32 75.17
CA LEU K 151 -7.34 41.64 74.57
C LEU K 151 -5.99 42.04 74.01
N LYS K 152 -4.94 41.68 74.73
CA LYS K 152 -3.59 42.03 74.31
C LYS K 152 -3.09 41.52 72.97
N THR K 153 -2.87 40.20 72.86
CA THR K 153 -2.36 39.61 71.62
C THR K 153 -2.90 40.17 70.33
N SER K 154 -1.99 40.79 69.59
CA SER K 154 -2.36 41.42 68.35
C SER K 154 -2.59 40.46 67.20
N ASN K 155 -3.85 40.05 67.11
CA ASN K 155 -4.34 39.24 66.04
C ASN K 155 -5.63 39.98 65.80
N SER K 156 -5.52 41.11 65.12
CA SER K 156 -6.67 41.94 64.82
C SER K 156 -8.01 41.22 65.04
N TYR K 157 -8.28 40.16 64.27
CA TYR K 157 -9.54 39.42 64.40
C TYR K 157 -9.92 39.35 65.85
N LEU K 158 -9.15 38.61 66.62
CA LEU K 158 -9.48 38.48 68.01
C LEU K 158 -9.64 39.80 68.73
N ARG K 159 -8.57 40.58 68.82
CA ARG K 159 -8.64 41.84 69.54
C ARG K 159 -10.01 42.50 69.45
N LYS K 160 -10.43 42.88 68.25
CA LYS K 160 -11.73 43.52 68.12
C LYS K 160 -12.76 42.76 68.93
N LYS K 161 -12.91 41.47 68.66
CA LYS K 161 -13.87 40.67 69.41
C LYS K 161 -13.73 40.98 70.88
N ALA K 162 -12.56 40.74 71.42
CA ALA K 162 -12.30 41.00 72.83
C ALA K 162 -12.89 42.32 73.26
N ALA K 163 -12.33 43.39 72.70
CA ALA K 163 -12.77 44.74 72.99
C ALA K 163 -14.22 44.68 73.39
N LEU K 164 -15.07 44.48 72.39
CA LEU K 164 -16.50 44.42 72.65
C LEU K 164 -16.83 43.62 73.87
N CYS K 165 -16.27 42.41 73.97
CA CYS K 165 -16.57 41.61 75.15
C CYS K 165 -16.46 42.48 76.38
N ALA K 166 -15.25 42.86 76.71
CA ALA K 166 -14.99 43.69 77.87
C ALA K 166 -16.15 44.65 78.05
N VAL K 167 -16.50 45.30 76.95
CA VAL K 167 -17.59 46.23 76.96
C VAL K 167 -18.72 45.57 77.70
N HIS K 168 -19.40 44.71 76.98
CA HIS K 168 -20.52 43.98 77.52
C HIS K 168 -20.28 43.73 79.00
N VAL K 169 -19.09 43.25 79.34
CA VAL K 169 -18.79 42.99 80.74
C VAL K 169 -19.13 44.23 81.55
N ILE K 170 -18.48 45.33 81.24
CA ILE K 170 -18.75 46.57 81.96
C ILE K 170 -20.23 46.75 82.17
N ARG K 171 -20.98 46.75 81.07
CA ARG K 171 -22.41 46.92 81.12
C ARG K 171 -23.09 46.05 82.17
N LYS K 172 -22.61 44.82 82.35
CA LYS K 172 -23.21 43.92 83.33
C LYS K 172 -22.51 43.97 84.67
N VAL K 173 -21.33 44.57 84.71
CA VAL K 173 -20.56 44.64 85.94
C VAL K 173 -19.74 45.92 86.03
N PRO K 174 -20.43 47.07 86.05
CA PRO K 174 -19.83 48.40 86.12
C PRO K 174 -18.52 48.43 86.87
N GLU K 175 -18.49 47.71 87.96
CA GLU K 175 -17.32 47.64 88.79
C GLU K 175 -15.95 47.36 88.17
N LEU K 176 -15.89 46.63 87.06
CA LEU K 176 -14.58 46.26 86.53
C LEU K 176 -13.75 46.96 85.46
N MET K 177 -14.23 48.05 84.90
CA MET K 177 -13.50 48.72 83.84
C MET K 177 -12.04 49.08 84.16
N GLU K 178 -11.73 49.07 85.46
CA GLU K 178 -10.38 49.40 85.92
C GLU K 178 -9.34 48.69 85.08
N MET K 179 -9.27 47.38 85.22
CA MET K 179 -8.29 46.55 84.51
C MET K 179 -8.16 46.80 83.01
N PHE K 180 -8.97 47.70 82.47
CA PHE K 180 -8.89 47.97 81.07
C PHE K 180 -8.13 49.22 80.74
N LEU K 181 -7.94 50.06 81.76
CA LEU K 181 -7.12 51.24 81.51
C LEU K 181 -5.93 50.68 80.69
N PRO K 182 -5.27 49.61 81.16
CA PRO K 182 -4.14 49.03 80.44
C PRO K 182 -4.18 48.98 78.90
N ALA K 183 -5.25 48.46 78.31
CA ALA K 183 -5.31 48.39 76.85
C ALA K 183 -5.39 49.78 76.24
N THR K 184 -6.04 50.66 76.98
CA THR K 184 -6.26 52.03 76.55
C THR K 184 -5.20 52.80 75.73
N LYS K 185 -4.35 53.57 76.39
CA LYS K 185 -3.36 54.43 75.70
C LYS K 185 -2.94 54.21 74.24
N ASN K 186 -2.46 53.03 73.91
CA ASN K 186 -2.04 52.77 72.56
C ASN K 186 -3.20 52.71 71.56
N LEU K 187 -4.17 51.83 71.81
CA LEU K 187 -5.32 51.64 70.91
C LEU K 187 -5.55 52.63 69.75
N LEU K 188 -5.69 53.91 70.04
CA LEU K 188 -5.92 54.90 68.98
C LEU K 188 -4.73 55.25 68.16
N ASN K 189 -4.21 54.25 67.49
CA ASN K 189 -3.05 54.45 66.67
C ASN K 189 -3.09 53.29 65.71
N GLU K 190 -3.91 52.30 66.07
CA GLU K 190 -4.07 51.11 65.23
C GLU K 190 -4.31 51.49 63.78
N LYS K 191 -4.22 50.50 62.90
CA LYS K 191 -4.39 50.71 61.47
C LYS K 191 -5.64 50.02 60.91
N ASN K 192 -6.01 48.84 61.42
CA ASN K 192 -7.20 48.18 60.88
C ASN K 192 -8.48 48.77 61.41
N HIS K 193 -9.28 49.26 60.48
CA HIS K 193 -10.55 49.85 60.86
C HIS K 193 -11.23 49.03 61.92
N GLY K 194 -11.55 47.79 61.56
CA GLY K 194 -12.20 46.91 62.50
C GLY K 194 -11.88 47.31 63.92
N VAL K 195 -10.73 46.86 64.40
CA VAL K 195 -10.33 47.16 65.76
C VAL K 195 -10.69 48.58 66.11
N LEU K 196 -9.95 49.49 65.52
CA LEU K 196 -10.15 50.90 65.76
C LEU K 196 -11.58 51.13 66.18
N HIS K 197 -12.51 50.74 65.31
CA HIS K 197 -13.91 50.91 65.61
C HIS K 197 -14.22 50.38 67.00
N THR K 198 -14.14 49.06 67.16
CA THR K 198 -14.42 48.48 68.47
C THR K 198 -13.75 49.38 69.47
N SER K 199 -12.43 49.38 69.43
CA SER K 199 -11.64 50.21 70.33
C SER K 199 -12.42 51.45 70.70
N VAL K 200 -12.95 52.15 69.70
CA VAL K 200 -13.70 53.35 69.98
C VAL K 200 -14.83 53.12 70.96
N VAL K 201 -15.93 52.50 70.52
CA VAL K 201 -17.06 52.30 71.43
C VAL K 201 -16.56 51.85 72.78
N LEU K 202 -15.53 51.00 72.77
CA LEU K 202 -14.96 50.55 74.03
C LEU K 202 -14.75 51.81 74.83
N LEU K 203 -13.89 52.67 74.31
CA LEU K 203 -13.60 53.93 74.96
C LEU K 203 -14.92 54.62 75.28
N THR K 204 -15.74 54.81 74.25
CA THR K 204 -17.02 55.46 74.41
C THR K 204 -17.71 55.01 75.70
N GLU K 205 -18.06 53.72 75.76
CA GLU K 205 -18.74 53.17 76.91
C GLU K 205 -17.96 53.37 78.20
N MET K 206 -16.63 53.31 78.11
CA MET K 206 -15.81 53.49 79.29
C MET K 206 -16.16 54.80 79.95
N CYS K 207 -16.15 55.86 79.15
CA CYS K 207 -16.44 57.20 79.66
C CYS K 207 -17.82 57.37 80.22
N GLU K 208 -18.08 56.64 81.31
CA GLU K 208 -19.32 56.66 82.06
C GLU K 208 -18.93 56.68 83.52
N ARG K 209 -17.79 57.33 83.76
CA ARG K 209 -17.18 57.53 85.06
C ARG K 209 -16.30 58.75 84.89
N SER K 210 -16.84 59.88 85.33
CA SER K 210 -16.17 61.16 85.24
C SER K 210 -14.63 61.18 85.14
N PRO K 211 -13.93 60.50 86.07
CA PRO K 211 -12.45 60.48 86.07
C PRO K 211 -11.77 60.02 84.76
N ASP K 212 -12.16 58.84 84.28
CA ASP K 212 -11.59 58.30 83.05
C ASP K 212 -11.64 59.40 82.02
N MET K 213 -12.73 60.14 82.02
CA MET K 213 -12.88 61.22 81.07
C MET K 213 -11.61 62.00 80.93
N LEU K 214 -11.23 62.74 81.98
CA LEU K 214 -10.01 63.53 81.92
C LEU K 214 -8.87 62.74 81.28
N ALA K 215 -8.75 61.44 81.60
CA ALA K 215 -7.68 60.65 80.99
C ALA K 215 -7.77 60.74 79.47
N HIS K 216 -8.80 60.17 78.86
CA HIS K 216 -8.96 60.20 77.39
C HIS K 216 -9.26 61.60 76.86
N PHE K 217 -10.09 62.31 77.62
CA PHE K 217 -10.51 63.67 77.35
C PHE K 217 -9.30 64.37 76.75
N ARG K 218 -8.42 64.83 77.64
CA ARG K 218 -7.20 65.54 77.27
C ARG K 218 -6.33 64.74 76.29
N LYS K 219 -6.30 63.42 76.47
CA LYS K 219 -5.47 62.59 75.60
C LYS K 219 -5.99 62.55 74.15
N LEU K 220 -6.44 61.37 73.77
CA LEU K 220 -6.88 61.08 72.42
C LEU K 220 -7.64 62.12 71.58
N VAL K 221 -8.28 63.13 72.18
CA VAL K 221 -9.01 64.07 71.36
C VAL K 221 -8.32 64.44 70.02
N PRO K 222 -7.15 65.10 70.05
CA PRO K 222 -6.44 65.50 68.81
C PRO K 222 -6.30 64.35 67.83
N GLN K 223 -5.85 63.22 68.33
CA GLN K 223 -5.65 62.04 67.51
C GLN K 223 -6.98 61.68 66.79
N LEU K 224 -8.04 61.44 67.57
CA LEU K 224 -9.33 61.11 66.99
C LEU K 224 -9.57 61.95 65.79
N VAL K 225 -9.35 63.25 65.98
CA VAL K 225 -9.52 64.19 64.92
C VAL K 225 -8.83 63.65 63.68
N ARG K 226 -7.50 63.69 63.68
CA ARG K 226 -6.71 63.23 62.55
C ARG K 226 -7.30 62.02 61.84
N ILE K 227 -7.63 60.99 62.61
CA ILE K 227 -8.19 59.79 62.03
C ILE K 227 -9.39 60.19 61.19
N LEU K 228 -10.42 60.66 61.87
CA LEU K 228 -11.62 61.10 61.18
C LEU K 228 -11.25 61.91 59.95
N LYS K 229 -10.59 63.04 60.17
CA LYS K 229 -10.16 63.91 59.09
C LYS K 229 -9.70 63.04 57.94
N ASN K 230 -8.59 62.35 58.17
CA ASN K 230 -8.02 61.45 57.18
C ASN K 230 -9.11 60.80 56.35
N LEU K 231 -10.03 60.11 57.02
CA LEU K 231 -11.12 59.44 56.35
C LEU K 231 -11.85 60.38 55.43
N ILE K 232 -12.74 61.17 56.00
CA ILE K 232 -13.53 62.12 55.24
C ILE K 232 -12.75 62.56 54.04
N MET K 233 -11.72 63.36 54.32
CA MET K 233 -10.90 63.94 53.28
C MET K 233 -10.46 63.11 52.06
N SER K 234 -9.98 61.87 52.18
CA SER K 234 -9.59 61.22 50.90
C SER K 234 -9.87 59.79 50.51
N GLY K 235 -9.64 59.55 49.22
CA GLY K 235 -9.77 58.26 48.57
C GLY K 235 -11.05 57.46 48.64
N TYR K 236 -11.25 56.63 47.64
CA TYR K 236 -12.32 55.68 47.54
C TYR K 236 -11.71 54.41 48.16
N SER K 237 -12.48 53.52 48.80
CA SER K 237 -11.85 52.30 49.44
C SER K 237 -12.58 50.98 49.32
N PRO K 238 -12.26 50.15 48.31
CA PRO K 238 -12.85 48.88 47.97
C PRO K 238 -13.07 48.03 49.13
N GLU K 239 -12.48 48.35 50.29
CA GLU K 239 -12.68 47.60 51.51
C GLU K 239 -13.75 48.24 52.40
N HIS K 240 -13.80 49.56 52.37
CA HIS K 240 -14.70 50.30 53.26
C HIS K 240 -15.84 51.13 52.71
N ASP K 241 -15.64 51.84 51.61
CA ASP K 241 -16.72 52.68 51.10
C ASP K 241 -18.10 52.05 51.15
N VAL K 242 -19.08 52.92 51.15
CA VAL K 242 -20.48 52.60 51.12
C VAL K 242 -21.03 53.86 50.48
N SER K 243 -21.12 53.82 49.16
CA SER K 243 -21.63 54.93 48.36
C SER K 243 -20.84 56.24 48.45
N GLY K 244 -19.52 56.15 48.28
CA GLY K 244 -18.71 57.36 48.29
C GLY K 244 -17.99 57.85 49.53
N ILE K 245 -18.17 57.19 50.65
CA ILE K 245 -17.50 57.63 51.85
C ILE K 245 -16.91 56.44 52.57
N SER K 246 -15.88 56.71 53.37
CA SER K 246 -15.21 55.65 54.10
C SER K 246 -15.83 55.36 55.45
N ASP K 247 -15.91 54.07 55.76
CA ASP K 247 -16.45 53.61 57.02
C ASP K 247 -17.39 54.47 57.80
N PRO K 248 -18.45 54.95 57.15
CA PRO K 248 -19.41 55.80 57.85
C PRO K 248 -19.42 55.41 59.31
N PHE K 249 -19.75 54.15 59.58
CA PHE K 249 -19.76 53.65 60.94
C PHE K 249 -18.64 54.29 61.71
N LEU K 250 -17.44 53.84 61.40
CA LEU K 250 -16.27 54.39 62.04
C LEU K 250 -16.49 55.86 62.24
N GLN K 251 -16.70 56.58 61.15
CA GLN K 251 -16.93 58.01 61.22
C GLN K 251 -17.95 58.36 62.28
N VAL K 252 -19.13 57.77 62.20
CA VAL K 252 -20.13 58.08 63.20
C VAL K 252 -19.58 57.88 64.59
N ARG K 253 -19.55 56.63 65.04
CA ARG K 253 -19.04 56.31 66.37
C ARG K 253 -17.98 57.29 66.81
N ILE K 254 -17.04 57.57 65.94
CA ILE K 254 -16.01 58.55 66.27
C ILE K 254 -16.76 59.73 66.82
N LEU K 255 -17.41 60.46 65.92
CA LEU K 255 -18.18 61.63 66.30
C LEU K 255 -18.77 61.46 67.67
N ARG K 256 -19.62 60.45 67.80
CA ARG K 256 -20.25 60.17 69.08
C ARG K 256 -19.25 60.41 70.18
N LEU K 257 -18.22 59.57 70.21
CA LEU K 257 -17.20 59.69 71.24
C LEU K 257 -16.69 61.12 71.42
N LEU K 258 -16.38 61.80 70.31
CA LEU K 258 -15.89 63.17 70.39
C LEU K 258 -16.92 63.91 71.19
N ARG K 259 -18.14 63.79 70.71
CA ARG K 259 -19.26 64.42 71.35
C ARG K 259 -19.18 64.24 72.85
N ILE K 260 -19.50 63.04 73.30
CA ILE K 260 -19.50 62.74 74.72
C ILE K 260 -18.34 63.32 75.52
N LEU K 261 -17.14 63.27 74.96
CA LEU K 261 -15.97 63.80 75.66
C LEU K 261 -16.05 65.30 75.91
N GLY K 262 -16.33 66.05 74.86
CA GLY K 262 -16.42 67.49 75.00
C GLY K 262 -17.72 67.92 75.64
N ARG K 263 -18.35 67.01 76.37
CA ARG K 263 -19.61 67.30 77.04
C ARG K 263 -19.69 68.76 77.48
N ASN K 264 -19.12 69.07 78.64
CA ASN K 264 -19.10 70.43 79.15
C ASN K 264 -17.65 70.79 79.35
N ASP K 265 -17.13 71.58 78.43
CA ASP K 265 -15.74 71.99 78.53
C ASP K 265 -15.38 72.85 77.37
N ASP K 266 -14.49 73.78 77.60
CA ASP K 266 -14.05 74.67 76.56
C ASP K 266 -12.90 74.01 75.79
N ASP K 267 -11.79 73.75 76.48
CA ASP K 267 -10.62 73.12 75.87
C ASP K 267 -11.02 72.11 74.77
N SER K 268 -11.60 70.99 75.18
CA SER K 268 -12.04 69.98 74.24
C SER K 268 -12.72 70.61 73.01
N SER K 269 -13.95 71.07 73.23
CA SER K 269 -14.76 71.70 72.21
C SER K 269 -13.94 72.62 71.33
N GLU K 270 -13.49 73.71 71.92
CA GLU K 270 -12.68 74.72 71.27
C GLU K 270 -11.67 74.03 70.34
N ALA K 271 -11.33 72.78 70.65
CA ALA K 271 -10.37 72.01 69.85
C ALA K 271 -11.03 71.09 68.84
N MET K 272 -12.35 71.07 68.85
CA MET K 272 -13.08 70.24 67.93
C MET K 272 -13.77 71.01 66.82
N ASN K 273 -14.43 72.11 67.19
CA ASN K 273 -15.21 72.87 66.23
C ASN K 273 -14.64 72.94 64.82
N ASP K 274 -13.32 72.77 64.67
CA ASP K 274 -12.74 72.81 63.33
C ASP K 274 -13.11 71.56 62.53
N ILE K 275 -12.61 70.42 62.97
CA ILE K 275 -12.93 69.19 62.27
C ILE K 275 -14.42 69.14 61.99
N LEU K 276 -15.21 69.46 63.00
CA LEU K 276 -16.66 69.45 62.80
C LEU K 276 -17.04 70.22 61.56
N ALA K 277 -16.91 71.54 61.64
CA ALA K 277 -17.26 72.39 60.51
C ALA K 277 -16.90 71.71 59.21
N GLN K 278 -15.64 71.30 59.07
CA GLN K 278 -15.22 70.63 57.86
C GLN K 278 -16.20 69.51 57.52
N VAL K 279 -16.34 68.58 58.44
CA VAL K 279 -17.25 67.45 58.27
C VAL K 279 -18.52 67.89 57.62
N ALA K 280 -18.99 69.06 58.03
CA ALA K 280 -20.21 69.61 57.50
C ALA K 280 -20.07 70.00 56.05
N THR K 281 -19.22 70.99 55.82
CA THR K 281 -18.98 71.50 54.49
C THR K 281 -18.53 70.42 53.51
N ASN K 282 -17.55 69.63 53.92
CA ASN K 282 -16.96 68.60 53.05
C ASN K 282 -17.69 67.26 52.78
N THR K 283 -18.94 67.08 53.23
CA THR K 283 -19.62 65.81 52.99
C THR K 283 -20.71 65.85 51.91
N GLU K 284 -21.03 64.67 51.34
CA GLU K 284 -22.01 64.50 50.24
C GLU K 284 -23.47 64.36 50.64
N THR K 285 -24.31 65.27 50.17
CA THR K 285 -25.71 65.21 50.52
C THR K 285 -26.46 64.21 49.64
N SER K 286 -25.75 63.63 48.69
CA SER K 286 -26.37 62.67 47.76
C SER K 286 -27.44 61.82 48.41
N LYS K 287 -27.04 60.67 48.95
CA LYS K 287 -27.99 59.78 49.55
C LYS K 287 -27.71 59.39 50.99
N ASN K 288 -28.81 59.26 51.73
CA ASN K 288 -28.86 58.92 53.15
C ASN K 288 -27.51 58.71 53.81
N VAL K 289 -26.80 57.65 53.42
CA VAL K 289 -25.50 57.38 54.02
C VAL K 289 -24.92 58.67 54.56
N GLY K 290 -24.49 59.52 53.64
CA GLY K 290 -23.92 60.77 54.04
C GLY K 290 -24.78 61.41 55.11
N ASN K 291 -25.97 61.82 54.73
CA ASN K 291 -26.85 62.45 55.68
C ASN K 291 -26.70 61.79 57.02
N ALA K 292 -26.66 60.47 57.07
CA ALA K 292 -26.48 59.78 58.35
C ALA K 292 -25.31 60.45 59.04
N ILE K 293 -24.19 60.48 58.33
CA ILE K 293 -22.99 61.12 58.86
C ILE K 293 -23.41 62.39 59.53
N LEU K 294 -23.97 63.30 58.74
CA LEU K 294 -24.38 64.57 59.29
C LEU K 294 -25.26 64.45 60.51
N TYR K 295 -26.39 63.75 60.38
CA TYR K 295 -27.28 63.60 61.52
C TYR K 295 -26.45 63.52 62.78
N GLU K 296 -25.55 62.55 62.84
CA GLU K 296 -24.73 62.40 64.03
C GLU K 296 -23.91 63.64 64.36
N THR K 297 -23.08 64.06 63.39
CA THR K 297 -22.25 65.24 63.58
C THR K 297 -23.04 66.35 64.23
N VAL K 298 -24.24 66.57 63.73
CA VAL K 298 -25.05 67.62 64.31
C VAL K 298 -25.24 67.39 65.78
N LEU K 299 -25.94 66.31 66.16
CA LEU K 299 -26.18 66.02 67.57
C LEU K 299 -24.95 66.39 68.39
N THR K 300 -23.80 65.85 67.99
CA THR K 300 -22.55 66.12 68.68
C THR K 300 -22.33 67.62 68.77
N ILE K 301 -22.29 68.26 67.62
CA ILE K 301 -22.09 69.68 67.56
C ILE K 301 -22.99 70.43 68.55
N MET K 302 -24.14 69.84 68.87
CA MET K 302 -25.09 70.48 69.77
C MET K 302 -24.83 70.41 71.26
N ASP K 303 -24.58 69.21 71.77
CA ASP K 303 -24.32 69.07 73.18
C ASP K 303 -23.04 69.79 73.60
N ILE K 304 -22.19 70.17 72.64
CA ILE K 304 -20.96 70.84 73.06
C ILE K 304 -20.82 72.33 72.79
N LYS K 305 -20.19 73.02 73.74
CA LYS K 305 -19.96 74.45 73.64
C LYS K 305 -19.25 74.74 72.32
N SER K 306 -19.58 75.86 71.66
CA SER K 306 -18.97 76.19 70.38
C SER K 306 -19.41 77.54 69.80
N GLU K 307 -18.56 78.15 68.97
CA GLU K 307 -18.87 79.44 68.38
C GLU K 307 -20.32 79.54 67.92
N SER K 308 -20.94 80.66 68.27
CA SER K 308 -22.33 80.89 67.91
C SER K 308 -22.50 80.62 66.42
N GLY K 309 -21.53 81.04 65.61
CA GLY K 309 -21.59 80.85 64.17
C GLY K 309 -21.70 79.41 63.71
N LEU K 310 -21.00 78.52 64.42
CA LEU K 310 -21.00 77.10 64.11
C LEU K 310 -22.36 76.50 64.41
N ARG K 311 -22.79 76.66 65.65
CA ARG K 311 -24.08 76.12 66.03
C ARG K 311 -25.06 76.52 64.95
N VAL K 312 -25.02 77.79 64.55
CA VAL K 312 -25.92 78.28 63.51
C VAL K 312 -25.90 77.34 62.32
N LEU K 313 -24.71 77.07 61.79
CA LEU K 313 -24.62 76.18 60.65
C LEU K 313 -25.42 74.91 60.92
N ALA K 314 -25.06 74.22 61.99
CA ALA K 314 -25.73 72.98 62.37
C ALA K 314 -27.20 73.04 62.04
N ILE K 315 -27.88 73.96 62.72
CA ILE K 315 -29.30 74.14 62.51
C ILE K 315 -29.61 74.23 61.03
N ASN K 316 -29.17 75.32 60.42
CA ASN K 316 -29.41 75.55 59.00
C ASN K 316 -29.25 74.23 58.24
N ILE K 317 -28.45 73.33 58.79
CA ILE K 317 -28.25 72.04 58.15
C ILE K 317 -29.48 71.18 58.24
N LEU K 318 -30.05 71.10 59.43
CA LEU K 318 -31.25 70.29 59.56
C LEU K 318 -32.29 70.81 58.59
N GLY K 319 -32.50 72.12 58.61
CA GLY K 319 -33.48 72.70 57.72
C GLY K 319 -33.25 72.09 56.37
N ARG K 320 -32.00 72.17 55.95
CA ARG K 320 -31.60 71.62 54.67
C ARG K 320 -32.19 70.22 54.53
N PHE K 321 -32.35 69.51 55.65
CA PHE K 321 -32.92 68.17 55.60
C PHE K 321 -34.36 68.29 55.17
N LEU K 322 -35.16 68.83 56.07
CA LEU K 322 -36.58 69.01 55.86
C LEU K 322 -36.95 69.02 54.40
N LEU K 323 -36.26 69.86 53.64
CA LEU K 323 -36.57 69.97 52.24
C LEU K 323 -36.12 68.80 51.35
N ASN K 324 -35.72 67.68 51.96
CA ASN K 324 -35.26 66.53 51.18
C ASN K 324 -36.40 65.69 50.59
N ASN K 325 -36.26 65.28 49.32
CA ASN K 325 -37.32 64.52 48.67
C ASN K 325 -37.99 63.45 49.57
N ASP K 326 -37.17 62.57 50.14
CA ASP K 326 -37.61 61.42 50.98
C ASP K 326 -37.88 61.53 52.47
N LYS K 327 -39.00 60.96 52.88
CA LYS K 327 -39.43 60.91 54.28
C LYS K 327 -38.22 60.57 55.14
N ASN K 328 -38.18 59.40 55.75
CA ASN K 328 -37.04 59.10 56.60
C ASN K 328 -36.42 60.40 57.06
N ILE K 329 -35.20 60.69 56.59
CA ILE K 329 -34.50 61.92 56.96
C ILE K 329 -35.37 62.90 57.72
N ARG K 330 -36.27 63.53 56.99
CA ARG K 330 -37.18 64.49 57.60
C ARG K 330 -37.54 64.15 59.04
N TYR K 331 -37.86 62.90 59.32
CA TYR K 331 -38.24 62.53 60.68
C TYR K 331 -37.28 63.08 61.72
N VAL K 332 -36.14 62.42 61.89
CA VAL K 332 -35.15 62.87 62.87
C VAL K 332 -35.06 64.37 62.78
N ALA K 333 -34.96 64.85 61.54
CA ALA K 333 -34.86 66.28 61.30
C ALA K 333 -35.68 67.01 62.34
N LEU K 334 -36.96 66.70 62.37
CA LEU K 334 -37.82 67.35 63.33
C LEU K 334 -37.41 66.96 64.74
N THR K 335 -37.50 65.67 65.06
CA THR K 335 -37.15 65.17 66.40
C THR K 335 -36.10 66.03 67.13
N SER K 336 -34.85 65.84 66.71
CA SER K 336 -33.75 66.59 67.30
C SER K 336 -34.17 68.06 67.37
N LEU K 337 -34.63 68.60 66.24
CA LEU K 337 -35.02 69.98 66.22
C LEU K 337 -35.67 70.44 67.52
N LEU K 338 -36.64 69.69 68.03
CA LEU K 338 -37.31 70.07 69.29
C LEU K 338 -36.33 70.16 70.44
N LYS K 339 -35.63 69.05 70.69
CA LYS K 339 -34.65 69.00 71.79
C LYS K 339 -33.80 70.29 71.87
N THR K 340 -33.70 71.03 70.77
CA THR K 340 -32.89 72.26 70.77
C THR K 340 -33.66 73.59 70.75
N VAL K 341 -34.94 73.54 70.38
CA VAL K 341 -35.76 74.74 70.33
C VAL K 341 -35.72 75.47 71.64
N GLN K 342 -35.73 74.71 72.73
CA GLN K 342 -35.69 75.35 74.05
C GLN K 342 -34.33 76.00 74.33
N THR K 343 -33.35 75.70 73.47
CA THR K 343 -32.00 76.25 73.60
C THR K 343 -31.64 77.31 72.56
N ASP K 344 -31.66 76.90 71.29
CA ASP K 344 -31.29 77.80 70.20
C ASP K 344 -32.45 78.43 69.45
N HIS K 345 -33.46 78.77 70.22
CA HIS K 345 -34.69 79.39 69.78
C HIS K 345 -34.48 80.35 68.61
N ASN K 346 -34.01 81.54 68.95
CA ASN K 346 -33.77 82.59 67.99
C ASN K 346 -33.13 82.07 66.71
N ALA K 347 -32.37 80.99 66.83
CA ALA K 347 -31.68 80.42 65.68
C ALA K 347 -32.55 79.58 64.74
N VAL K 348 -33.32 78.66 65.31
CA VAL K 348 -34.17 77.78 64.52
C VAL K 348 -35.25 78.52 63.75
N GLN K 349 -35.82 79.53 64.39
CA GLN K 349 -36.90 80.31 63.76
C GLN K 349 -36.74 80.48 62.27
N ARG K 350 -35.51 80.67 61.84
CA ARG K 350 -35.17 80.85 60.43
C ARG K 350 -35.75 79.79 59.50
N HIS K 351 -36.63 78.93 60.01
CA HIS K 351 -37.13 77.87 59.15
C HIS K 351 -38.59 77.51 59.34
N ARG K 352 -39.18 77.97 60.42
CA ARG K 352 -40.56 77.62 60.67
C ARG K 352 -41.34 77.53 59.37
N SER K 353 -41.32 78.61 58.60
CA SER K 353 -42.03 78.67 57.32
C SER K 353 -42.11 77.30 56.67
N THR K 354 -40.95 76.67 56.50
CA THR K 354 -40.89 75.34 55.88
C THR K 354 -41.43 74.27 56.83
N ILE K 355 -41.08 74.39 58.10
CA ILE K 355 -41.57 73.42 59.06
C ILE K 355 -43.06 73.20 58.95
N VAL K 356 -43.84 74.15 59.43
CA VAL K 356 -45.29 74.04 59.38
C VAL K 356 -45.67 73.57 57.99
N ASP K 357 -44.91 74.00 57.00
CA ASP K 357 -45.19 73.58 55.63
C ASP K 357 -45.27 72.04 55.58
N CYS K 358 -44.69 71.37 56.58
CA CYS K 358 -44.69 69.91 56.60
C CYS K 358 -46.02 69.30 56.97
N LEU K 359 -46.78 70.00 57.79
CA LEU K 359 -48.09 69.53 58.22
C LEU K 359 -48.81 68.90 57.04
N LYS K 360 -48.48 69.39 55.85
CA LYS K 360 -49.06 68.90 54.61
C LYS K 360 -48.54 67.50 54.26
N ASP K 361 -47.77 66.87 55.14
CA ASP K 361 -47.25 65.56 54.81
C ASP K 361 -48.21 64.42 55.07
N LEU K 362 -47.94 63.30 54.40
CA LEU K 362 -48.78 62.12 54.52
C LEU K 362 -48.34 61.11 55.57
N ASP K 363 -47.57 61.53 56.57
CA ASP K 363 -47.17 60.59 57.61
C ASP K 363 -47.37 61.12 59.01
N VAL K 364 -48.30 60.49 59.73
CA VAL K 364 -48.66 60.88 61.09
C VAL K 364 -47.49 61.42 61.94
N SER K 365 -46.52 60.56 62.24
CA SER K 365 -45.36 60.96 63.04
C SER K 365 -44.93 62.38 62.67
N ILE K 366 -44.49 62.53 61.42
CA ILE K 366 -44.04 63.81 60.93
C ILE K 366 -45.04 64.84 61.37
N LYS K 367 -46.26 64.68 60.87
CA LYS K 367 -47.33 65.58 61.21
C LYS K 367 -47.13 66.03 62.64
N ARG K 368 -47.52 65.17 63.57
CA ARG K 368 -47.42 65.52 64.97
C ARG K 368 -46.18 66.35 65.24
N ARG K 369 -45.04 65.69 65.37
CA ARG K 369 -43.82 66.42 65.62
C ARG K 369 -43.93 67.78 64.99
N ALA K 370 -44.06 67.81 63.67
CA ALA K 370 -44.19 69.09 62.99
C ALA K 370 -44.98 69.98 63.91
N MET K 371 -46.25 69.64 64.06
CA MET K 371 -47.13 70.41 64.92
C MET K 371 -46.46 70.78 66.22
N GLU K 372 -46.32 69.80 67.12
CA GLU K 372 -45.70 70.05 68.43
C GLU K 372 -44.74 71.23 68.32
N LEU K 373 -43.65 70.99 67.61
CA LEU K 373 -42.65 72.02 67.41
C LEU K 373 -43.30 73.32 66.99
N SER K 374 -43.63 73.42 65.70
CA SER K 374 -44.24 74.61 65.14
C SER K 374 -44.86 75.38 66.28
N PHE K 375 -45.84 74.76 66.91
CA PHE K 375 -46.48 75.38 68.02
C PHE K 375 -45.46 76.14 68.82
N ALA K 376 -44.65 75.38 69.54
CA ALA K 376 -43.62 75.94 70.39
C ALA K 376 -42.94 77.19 69.85
N LEU K 377 -42.84 77.31 68.53
CA LEU K 377 -42.17 78.48 67.98
C LEU K 377 -43.03 79.72 67.95
N VAL K 378 -44.30 79.56 68.26
CA VAL K 378 -45.18 80.71 68.25
C VAL K 378 -44.59 81.78 69.10
N ASN K 379 -44.35 82.93 68.48
CA ASN K 379 -43.79 84.04 69.21
C ASN K 379 -44.87 85.05 69.50
N GLY K 380 -44.48 86.31 69.48
CA GLY K 380 -45.45 87.36 69.70
C GLY K 380 -45.79 87.83 68.31
N ASN K 381 -44.86 88.55 67.71
CA ASN K 381 -45.01 89.08 66.37
C ASN K 381 -45.33 87.96 65.36
N ASN K 382 -45.39 86.73 65.86
CA ASN K 382 -45.66 85.61 64.99
C ASN K 382 -47.12 85.26 64.77
N ILE K 383 -47.69 84.76 65.85
CA ILE K 383 -49.09 84.37 65.94
C ILE K 383 -49.93 84.53 64.69
N ARG K 384 -50.34 85.77 64.41
CA ARG K 384 -51.19 86.05 63.26
C ARG K 384 -50.95 85.06 62.13
N GLY K 385 -49.78 85.15 61.52
CA GLY K 385 -49.47 84.25 60.43
C GLY K 385 -49.73 82.80 60.75
N MET K 386 -48.77 82.20 61.43
CA MET K 386 -48.86 80.78 61.79
C MET K 386 -50.29 80.36 62.11
N MET K 387 -51.00 81.14 62.93
CA MET K 387 -52.37 80.77 63.26
C MET K 387 -53.16 80.52 61.98
N LYS K 388 -53.22 81.53 61.11
CA LYS K 388 -53.93 81.42 59.83
C LYS K 388 -53.64 80.05 59.22
N GLU K 389 -52.40 79.59 59.35
CA GLU K 389 -52.03 78.28 58.80
C GLU K 389 -52.52 77.14 59.67
N LEU K 390 -52.32 77.27 60.98
CA LEU K 390 -52.76 76.24 61.91
C LEU K 390 -54.22 75.99 61.69
N LEU K 391 -54.97 77.08 61.59
CA LEU K 391 -56.38 76.97 61.37
C LEU K 391 -56.66 76.16 60.11
N TYR K 392 -56.17 76.60 58.95
CA TYR K 392 -56.41 75.84 57.70
C TYR K 392 -56.23 74.36 58.04
N PHE K 393 -55.05 74.07 58.57
CA PHE K 393 -54.68 72.74 58.97
C PHE K 393 -55.82 72.08 59.75
N LEU K 394 -56.00 72.53 60.98
CA LEU K 394 -57.02 72.02 61.90
C LEU K 394 -58.30 71.59 61.21
N ASP K 395 -58.84 72.48 60.40
CA ASP K 395 -60.07 72.23 59.69
C ASP K 395 -60.10 70.90 58.94
N SER K 396 -59.07 70.61 58.16
CA SER K 396 -59.09 69.35 57.43
C SER K 396 -58.48 68.16 58.16
N CYS K 397 -57.79 68.42 59.25
CA CYS K 397 -57.12 67.38 60.04
C CYS K 397 -57.86 66.11 60.29
N GLU K 398 -57.12 65.12 60.74
CA GLU K 398 -57.72 63.85 61.09
C GLU K 398 -58.06 63.90 62.58
N PRO K 399 -59.10 63.17 62.98
CA PRO K 399 -59.59 63.10 64.37
C PRO K 399 -58.46 63.22 65.40
N GLU K 400 -57.70 62.14 65.50
CA GLU K 400 -56.56 62.01 66.39
C GLU K 400 -56.05 63.38 66.78
N PHE K 401 -55.59 64.07 65.76
CA PHE K 401 -55.04 65.39 65.95
C PHE K 401 -55.99 66.45 66.41
N LYS K 402 -57.02 66.72 65.63
CA LYS K 402 -57.96 67.75 66.03
C LYS K 402 -57.96 67.94 67.53
N ALA K 403 -58.40 66.92 68.24
CA ALA K 403 -58.43 67.03 69.69
C ALA K 403 -57.23 67.80 70.21
N ASP K 404 -56.04 67.20 70.08
CA ASP K 404 -54.87 67.88 70.61
C ASP K 404 -54.64 69.32 70.14
N CYS K 405 -54.82 69.58 68.86
CA CYS K 405 -54.59 70.93 68.37
C CYS K 405 -55.41 71.98 69.03
N ALA K 406 -56.68 71.69 69.15
CA ALA K 406 -57.56 72.61 69.81
C ALA K 406 -56.73 73.10 70.96
N SER K 407 -56.48 72.20 71.90
CA SER K 407 -55.72 72.54 73.08
C SER K 407 -54.60 73.51 72.71
N GLY K 408 -53.85 73.15 71.69
CA GLY K 408 -52.76 73.98 71.27
C GLY K 408 -53.13 75.42 70.95
N ILE K 409 -53.92 75.59 69.89
CA ILE K 409 -54.31 76.92 69.50
C ILE K 409 -54.75 77.69 70.72
N PHE K 410 -55.79 77.22 71.39
CA PHE K 410 -56.26 77.91 72.57
C PHE K 410 -55.05 78.53 73.22
N LEU K 411 -54.13 77.70 73.70
CA LEU K 411 -52.94 78.24 74.34
C LEU K 411 -52.45 79.49 73.66
N ALA K 412 -51.94 79.31 72.44
CA ALA K 412 -51.43 80.43 71.68
C ALA K 412 -52.21 81.69 72.01
N ALA K 413 -53.45 81.71 71.56
CA ALA K 413 -54.32 82.87 71.79
C ALA K 413 -54.31 83.29 73.25
N GLU K 414 -54.52 82.33 74.14
CA GLU K 414 -54.57 82.63 75.57
C GLU K 414 -53.30 83.36 76.02
N LYS K 415 -52.16 82.98 75.47
CA LYS K 415 -50.91 83.64 75.83
C LYS K 415 -50.65 84.72 74.81
N TYR K 416 -49.64 84.53 74.00
CA TYR K 416 -49.30 85.50 72.98
C TYR K 416 -50.60 85.74 72.18
N ALA K 417 -51.11 86.97 72.15
CA ALA K 417 -52.34 87.26 71.41
C ALA K 417 -52.55 88.74 71.21
N PRO K 418 -52.95 89.14 70.00
CA PRO K 418 -53.19 90.53 69.64
C PRO K 418 -54.53 91.09 70.13
N SER K 419 -55.50 91.15 69.24
CA SER K 419 -56.84 91.70 69.52
C SER K 419 -57.86 90.69 70.03
N LYS K 420 -58.88 91.16 70.72
CA LYS K 420 -59.89 90.25 71.21
C LYS K 420 -60.56 89.74 69.96
N ARG K 421 -60.99 90.67 69.11
CA ARG K 421 -61.67 90.31 67.87
C ARG K 421 -61.01 89.10 67.26
N TRP K 422 -59.69 89.14 67.20
CA TRP K 422 -58.97 88.03 66.64
C TRP K 422 -59.18 86.86 67.59
N HIS K 423 -58.68 87.00 68.81
CA HIS K 423 -58.80 85.96 69.81
C HIS K 423 -60.13 85.25 69.61
N ILE K 424 -61.20 85.98 69.86
CA ILE K 424 -62.52 85.42 69.68
C ILE K 424 -62.55 84.75 68.33
N ASP K 425 -62.55 85.59 67.30
CA ASP K 425 -62.58 85.13 65.92
C ASP K 425 -61.91 83.77 65.77
N THR K 426 -60.69 83.66 66.28
CA THR K 426 -60.00 82.40 66.18
C THR K 426 -60.68 81.36 67.04
N ILE K 427 -60.74 81.57 68.34
CA ILE K 427 -61.39 80.59 69.17
C ILE K 427 -62.65 80.13 68.49
N MET K 428 -63.57 81.05 68.22
CA MET K 428 -64.80 80.65 67.56
C MET K 428 -64.42 79.72 66.44
N ARG K 429 -63.67 80.28 65.51
CA ARG K 429 -63.19 79.55 64.37
C ARG K 429 -62.94 78.09 64.71
N VAL K 430 -62.12 77.85 65.72
CA VAL K 430 -61.81 76.48 66.08
C VAL K 430 -63.09 75.73 66.40
N LEU K 431 -63.89 76.30 67.29
CA LEU K 431 -65.14 75.67 67.64
C LEU K 431 -65.72 75.18 66.34
N THR K 432 -66.03 76.14 65.48
CA THR K 432 -66.61 75.88 64.18
C THR K 432 -66.16 74.54 63.59
N THR K 433 -64.90 74.19 63.79
CA THR K 433 -64.40 72.93 63.20
C THR K 433 -64.18 71.69 64.06
N ALA K 434 -63.76 71.89 65.29
CA ALA K 434 -63.49 70.76 66.18
C ALA K 434 -64.59 70.57 67.22
N GLY K 435 -64.95 71.66 67.88
CA GLY K 435 -65.97 71.65 68.90
C GLY K 435 -66.20 70.28 69.50
N SER K 436 -66.95 69.45 68.79
CA SER K 436 -67.22 68.10 69.25
C SER K 436 -66.02 67.47 69.95
N TYR K 437 -64.84 68.03 69.71
CA TYR K 437 -63.62 67.52 70.34
C TYR K 437 -63.08 68.40 71.44
N VAL K 438 -63.39 69.69 71.42
CA VAL K 438 -62.88 70.59 72.42
C VAL K 438 -63.22 70.16 73.82
N ARG K 439 -62.37 70.55 74.78
CA ARG K 439 -62.60 70.19 76.17
C ARG K 439 -63.90 70.75 76.68
N ASP K 440 -64.02 70.86 77.99
CA ASP K 440 -65.26 71.32 78.58
C ASP K 440 -65.34 72.79 78.93
N ASP K 441 -64.28 73.34 79.53
CA ASP K 441 -64.29 74.74 79.92
C ASP K 441 -64.51 75.77 78.82
N ALA K 442 -64.43 75.35 77.57
CA ALA K 442 -64.61 76.27 76.44
C ALA K 442 -65.82 77.18 76.63
N VAL K 443 -67.01 76.61 76.47
CA VAL K 443 -68.24 77.39 76.61
C VAL K 443 -68.05 78.58 77.51
N PRO K 444 -67.77 78.36 78.81
CA PRO K 444 -67.58 79.51 79.70
C PRO K 444 -66.40 80.37 79.25
N ASN K 445 -65.28 79.70 79.00
CA ASN K 445 -64.07 80.38 78.56
C ASN K 445 -64.47 81.52 77.63
N LEU K 446 -64.70 81.18 76.38
CA LEU K 446 -65.05 82.14 75.34
C LEU K 446 -66.06 83.20 75.78
N ILE K 447 -67.15 82.80 76.41
CA ILE K 447 -68.11 83.80 76.83
C ILE K 447 -67.40 84.82 77.71
N GLN K 448 -66.73 84.32 78.73
CA GLN K 448 -66.00 85.17 79.65
C GLN K 448 -65.17 86.18 78.88
N LEU K 449 -64.58 85.76 77.76
CA LEU K 449 -63.77 86.66 76.95
C LEU K 449 -64.67 87.76 76.38
N ILE K 450 -65.76 87.33 75.75
CA ILE K 450 -66.71 88.25 75.17
C ILE K 450 -67.17 89.28 76.16
N THR K 451 -67.82 88.80 77.22
CA THR K 451 -68.32 89.68 78.26
C THR K 451 -67.23 90.68 78.69
N ASN K 452 -66.13 90.18 79.24
CA ASN K 452 -65.04 91.06 79.69
C ASN K 452 -64.70 92.24 78.78
N SER K 453 -64.44 91.96 77.51
CA SER K 453 -64.12 93.03 76.57
C SER K 453 -65.43 93.49 75.94
N VAL K 454 -65.82 94.69 76.36
CA VAL K 454 -67.07 95.33 76.01
C VAL K 454 -67.31 95.94 74.63
N GLU K 455 -66.43 95.73 73.67
CA GLU K 455 -66.68 96.37 72.39
C GLU K 455 -67.30 95.45 71.36
N MET K 456 -66.56 94.41 71.00
CA MET K 456 -66.98 93.44 69.99
C MET K 456 -68.32 92.80 70.26
N HIS K 457 -68.94 93.18 71.38
CA HIS K 457 -70.24 92.62 71.71
C HIS K 457 -70.97 92.45 70.38
N ALA K 458 -71.04 93.53 69.61
CA ALA K 458 -71.70 93.47 68.32
C ALA K 458 -71.02 92.41 67.45
N TYR K 459 -69.89 92.79 66.83
CA TYR K 459 -69.09 91.92 65.92
C TYR K 459 -69.32 90.46 66.23
N THR K 460 -69.46 90.18 67.51
CA THR K 460 -69.66 88.83 67.98
C THR K 460 -71.05 88.28 67.67
N VAL K 461 -72.06 88.75 68.39
CA VAL K 461 -73.40 88.22 68.16
C VAL K 461 -73.54 88.13 66.66
N GLN K 462 -73.03 89.15 66.00
CA GLN K 462 -73.06 89.21 64.54
C GLN K 462 -72.58 87.88 63.99
N ARG K 463 -71.27 87.75 63.80
CA ARG K 463 -70.69 86.53 63.27
C ARG K 463 -71.33 85.30 63.90
N LEU K 464 -71.48 85.34 65.23
CA LEU K 464 -72.11 84.23 65.92
C LEU K 464 -73.32 83.88 65.10
N TYR K 465 -74.20 84.86 64.93
CA TYR K 465 -75.40 84.65 64.15
C TYR K 465 -75.06 83.93 62.83
N LYS K 466 -74.39 84.62 61.91
CA LYS K 466 -74.04 84.02 60.61
C LYS K 466 -73.73 82.52 60.70
N ALA K 467 -72.68 82.21 61.45
CA ALA K 467 -72.24 80.83 61.64
C ALA K 467 -73.41 79.90 61.93
N ILE K 468 -74.15 80.22 62.98
CA ILE K 468 -75.29 79.40 63.38
C ILE K 468 -76.36 79.23 62.31
N LEU K 469 -76.53 80.22 61.44
CA LEU K 469 -77.54 80.15 60.37
C LEU K 469 -77.38 78.94 59.48
N GLY K 470 -76.17 78.78 58.95
CA GLY K 470 -75.93 77.63 58.09
C GLY K 470 -75.80 76.36 58.93
N ASP K 471 -74.83 76.38 59.85
CA ASP K 471 -74.53 75.25 60.75
C ASP K 471 -75.54 75.00 61.84
N TYR K 472 -75.42 73.82 62.43
CA TYR K 472 -76.30 73.35 63.50
C TYR K 472 -75.45 72.31 64.15
N SER K 473 -74.76 71.58 63.29
CA SER K 473 -73.85 70.53 63.71
C SER K 473 -72.82 71.24 64.55
N GLN K 474 -72.76 70.86 65.83
CA GLN K 474 -71.87 71.47 66.76
C GLN K 474 -72.68 71.74 67.98
N GLN K 475 -72.01 71.80 69.11
CA GLN K 475 -72.75 72.09 70.30
C GLN K 475 -72.15 73.32 70.90
N PRO K 476 -71.00 73.16 71.57
CA PRO K 476 -70.40 74.34 72.18
C PRO K 476 -70.67 75.61 71.40
N LEU K 477 -70.41 75.59 70.10
CA LEU K 477 -70.66 76.78 69.30
C LEU K 477 -72.06 77.30 69.52
N VAL K 478 -73.03 76.56 68.98
CA VAL K 478 -74.42 76.95 69.11
C VAL K 478 -74.64 77.56 70.48
N GLN K 479 -74.41 76.77 71.51
CA GLN K 479 -74.59 77.27 72.86
C GLN K 479 -74.11 78.70 72.95
N VAL K 480 -72.80 78.89 73.00
CA VAL K 480 -72.24 80.23 73.09
C VAL K 480 -73.08 81.28 72.38
N ALA K 481 -73.37 81.01 71.12
CA ALA K 481 -74.15 81.94 70.34
C ALA K 481 -75.46 82.22 71.08
N ALA K 482 -76.37 81.26 71.01
CA ALA K 482 -77.67 81.36 71.65
C ALA K 482 -77.56 82.23 72.86
N TRP K 483 -76.49 82.00 73.58
CA TRP K 483 -76.26 82.77 74.76
C TRP K 483 -76.42 84.23 74.43
N CYS K 484 -75.32 84.76 73.92
CA CYS K 484 -75.24 86.16 73.55
C CYS K 484 -76.47 86.63 72.81
N ILE K 485 -76.85 85.92 71.75
CA ILE K 485 -78.03 86.32 71.02
C ILE K 485 -78.99 86.74 72.09
N GLY K 486 -79.19 85.86 73.06
CA GLY K 486 -80.08 86.21 74.15
C GLY K 486 -79.60 87.50 74.77
N GLU K 487 -78.70 87.40 75.73
CA GLU K 487 -78.20 88.58 76.42
C GLU K 487 -77.89 89.81 75.56
N TYR K 488 -77.57 89.58 74.30
CA TYR K 488 -77.19 90.70 73.43
C TYR K 488 -78.11 91.12 72.28
N GLY K 489 -79.30 90.51 72.16
CA GLY K 489 -80.24 90.87 71.11
C GLY K 489 -80.28 92.35 70.78
N ASP K 490 -80.21 93.15 71.83
CA ASP K 490 -80.21 94.60 71.71
C ASP K 490 -79.29 94.93 70.57
N LEU K 491 -78.00 94.82 70.86
CA LEU K 491 -76.95 95.10 69.91
C LEU K 491 -77.12 94.40 68.55
N LEU K 492 -77.74 93.22 68.57
CA LEU K 492 -77.93 92.47 67.33
C LEU K 492 -78.79 93.14 66.26
N VAL K 493 -79.55 94.14 66.67
CA VAL K 493 -80.44 94.91 65.80
C VAL K 493 -79.77 96.07 65.07
N SER K 494 -79.28 95.78 63.85
CA SER K 494 -78.57 96.72 62.97
C SER K 494 -78.15 97.99 63.68
N GLY K 495 -77.38 97.80 64.75
CA GLY K 495 -76.95 98.92 65.56
C GLY K 495 -75.79 99.69 64.94
N GLN K 496 -75.58 100.89 65.51
CA GLN K 496 -74.50 101.83 65.14
C GLN K 496 -73.23 101.09 65.56
N CYS K 497 -72.90 100.05 64.80
CA CYS K 497 -71.77 99.16 65.11
C CYS K 497 -70.36 99.53 64.61
N GLU K 498 -69.46 99.69 65.59
CA GLU K 498 -68.04 100.03 65.37
C GLU K 498 -67.23 98.72 65.28
N GLU K 499 -66.02 98.84 64.73
CA GLU K 499 -65.07 97.72 64.54
C GLU K 499 -65.40 97.08 63.19
N GLU K 500 -66.67 97.26 62.79
CA GLU K 500 -67.16 96.80 61.51
C GLU K 500 -68.61 96.98 61.11
N GLU K 501 -68.91 96.42 59.95
CA GLU K 501 -70.22 96.52 59.26
C GLU K 501 -71.41 95.62 59.60
N PRO K 502 -72.43 96.12 60.32
CA PRO K 502 -73.54 95.25 60.69
C PRO K 502 -74.26 94.70 59.48
N ILE K 503 -75.33 93.97 59.76
CA ILE K 503 -76.13 93.36 58.71
C ILE K 503 -77.63 93.38 59.03
N GLN K 504 -78.44 92.64 58.26
CA GLN K 504 -79.91 92.56 58.43
C GLN K 504 -80.43 91.73 59.62
N VAL K 505 -81.02 92.42 60.59
CA VAL K 505 -81.54 91.76 61.80
C VAL K 505 -83.04 91.87 62.02
N THR K 506 -83.82 91.07 61.30
CA THR K 506 -85.25 91.11 61.51
C THR K 506 -85.47 90.23 62.73
N GLU K 507 -86.16 90.75 63.73
CA GLU K 507 -86.39 89.96 64.92
C GLU K 507 -86.95 88.59 64.55
N ASP K 508 -87.86 88.58 63.58
CA ASP K 508 -88.50 87.36 63.08
C ASP K 508 -87.42 86.34 62.76
N GLU K 509 -86.37 86.81 62.10
CA GLU K 509 -85.24 85.97 61.73
C GLU K 509 -84.54 85.46 63.00
N VAL K 510 -84.16 86.38 63.89
CA VAL K 510 -83.48 85.99 65.12
C VAL K 510 -84.17 84.75 65.68
N LEU K 511 -85.49 84.81 65.76
CA LEU K 511 -86.29 83.71 66.26
C LEU K 511 -86.14 82.48 65.39
N ASP K 512 -86.64 82.55 64.15
CA ASP K 512 -86.57 81.43 63.21
C ASP K 512 -85.41 80.52 63.56
N ILE K 513 -84.23 81.11 63.74
CA ILE K 513 -83.08 80.31 64.09
C ILE K 513 -83.32 79.65 65.44
N LEU K 514 -83.30 80.45 66.50
CA LEU K 514 -83.51 79.89 67.84
C LEU K 514 -84.56 78.79 67.81
N GLU K 515 -85.73 79.12 67.27
CA GLU K 515 -86.82 78.17 67.19
C GLU K 515 -86.30 76.82 66.71
N SER K 516 -85.90 76.78 65.45
CA SER K 516 -85.40 75.55 64.83
C SER K 516 -84.46 74.79 65.76
N VAL K 517 -83.59 75.53 66.45
CA VAL K 517 -82.65 74.94 67.37
C VAL K 517 -83.35 73.94 68.25
N LEU K 518 -84.34 74.44 68.98
CA LEU K 518 -85.10 73.58 69.88
C LEU K 518 -85.71 72.41 69.15
N ILE K 519 -86.38 72.71 68.05
CA ILE K 519 -87.06 71.68 67.31
C ILE K 519 -86.17 70.57 66.77
N SER K 520 -85.27 70.93 65.86
CA SER K 520 -84.36 69.97 65.25
C SER K 520 -83.69 69.05 66.25
N ASN K 521 -83.60 67.78 65.88
CA ASN K 521 -82.96 66.85 66.77
C ASN K 521 -81.49 66.80 66.44
N MET K 522 -80.72 67.56 67.20
CA MET K 522 -79.29 67.58 67.02
C MET K 522 -78.76 68.35 68.21
N SER K 523 -79.70 68.81 69.01
CA SER K 523 -79.36 69.60 70.19
C SER K 523 -79.61 68.85 71.50
N THR K 524 -78.77 69.13 72.49
CA THR K 524 -78.87 68.52 73.81
C THR K 524 -79.86 69.30 74.63
N SER K 525 -80.50 68.63 75.58
CA SER K 525 -81.45 69.30 76.44
C SER K 525 -80.82 70.57 76.98
N VAL K 526 -79.54 70.50 77.33
CA VAL K 526 -78.83 71.66 77.86
C VAL K 526 -78.89 72.79 76.85
N THR K 527 -78.64 72.41 75.61
CA THR K 527 -78.65 73.35 74.51
C THR K 527 -80.00 74.06 74.51
N ARG K 528 -81.04 73.29 74.24
CA ARG K 528 -82.39 73.82 74.20
C ARG K 528 -82.52 74.84 75.31
N GLY K 529 -81.86 74.57 76.41
CA GLY K 529 -81.91 75.49 77.52
C GLY K 529 -81.46 76.87 77.09
N TYR K 530 -80.15 77.08 77.10
CA TYR K 530 -79.57 78.37 76.73
C TYR K 530 -80.48 79.11 75.78
N ALA K 531 -81.03 78.36 74.84
CA ALA K 531 -81.92 78.89 73.84
C ALA K 531 -83.09 79.56 74.51
N LEU K 532 -84.09 78.75 74.81
CA LEU K 532 -85.29 79.23 75.46
C LEU K 532 -84.98 80.38 76.39
N THR K 533 -84.23 80.10 77.45
CA THR K 533 -83.86 81.14 78.39
C THR K 533 -83.64 82.38 77.57
N ALA K 534 -82.67 82.30 76.66
CA ALA K 534 -82.34 83.42 75.80
C ALA K 534 -83.58 84.03 75.15
N ILE K 535 -84.29 83.26 74.34
CA ILE K 535 -85.48 83.79 73.70
C ILE K 535 -86.23 84.75 74.58
N MET K 536 -86.38 84.38 75.85
CA MET K 536 -87.09 85.28 76.73
C MET K 536 -86.28 86.55 76.99
N LYS K 537 -84.98 86.38 77.23
CA LYS K 537 -84.12 87.53 77.49
C LYS K 537 -84.37 88.60 76.44
N LEU K 538 -84.91 88.17 75.30
CA LEU K 538 -85.24 89.06 74.19
C LEU K 538 -86.50 89.87 74.46
N SER K 539 -87.49 89.21 75.04
CA SER K 539 -88.73 89.90 75.35
C SER K 539 -88.44 91.31 75.84
N THR K 540 -87.37 91.43 76.63
CA THR K 540 -86.98 92.73 77.19
C THR K 540 -86.05 93.51 76.30
N ARG K 541 -85.50 92.82 75.32
CA ARG K 541 -84.55 93.40 74.41
C ARG K 541 -85.02 93.73 72.99
N PHE K 542 -86.32 93.71 72.79
CA PHE K 542 -86.87 94.06 71.47
C PHE K 542 -88.16 94.85 71.55
N THR K 543 -88.62 95.26 70.38
CA THR K 543 -89.79 96.10 70.34
C THR K 543 -91.09 95.55 69.83
N CYS K 544 -91.08 94.50 69.03
CA CYS K 544 -92.38 94.12 68.52
C CYS K 544 -92.90 92.69 68.51
N THR K 545 -92.04 91.73 68.17
CA THR K 545 -92.49 90.34 68.12
C THR K 545 -92.69 89.79 69.54
N VAL K 546 -92.80 90.72 70.48
CA VAL K 546 -93.00 90.42 71.89
C VAL K 546 -94.18 89.46 72.08
N ASN K 547 -94.80 89.05 70.96
CA ASN K 547 -95.93 88.14 71.01
C ASN K 547 -95.61 86.71 70.56
N ARG K 548 -94.91 86.57 69.44
CA ARG K 548 -94.54 85.22 68.96
C ARG K 548 -93.80 84.54 70.11
N ILE K 549 -93.09 85.37 70.89
CA ILE K 549 -92.32 84.91 72.04
C ILE K 549 -93.24 84.18 73.05
N LYS K 550 -94.12 84.95 73.67
CA LYS K 550 -95.07 84.43 74.65
C LYS K 550 -95.67 83.12 74.14
N LYS K 551 -95.94 83.06 72.84
CA LYS K 551 -96.53 81.85 72.24
C LYS K 551 -95.65 80.62 72.46
N VAL K 552 -94.40 80.72 72.02
CA VAL K 552 -93.44 79.62 72.14
C VAL K 552 -93.33 79.15 73.59
N VAL K 553 -92.97 80.07 74.46
CA VAL K 553 -92.84 79.79 75.88
C VAL K 553 -93.97 78.87 76.33
N SER K 554 -95.19 79.38 76.27
CA SER K 554 -96.36 78.64 76.71
C SER K 554 -96.50 77.26 76.03
N ILE K 555 -95.94 77.09 74.84
CA ILE K 555 -96.05 75.79 74.18
C ILE K 555 -95.10 74.80 74.80
N TYR K 556 -93.92 75.26 75.16
CA TYR K 556 -92.94 74.39 75.77
C TYR K 556 -93.29 74.06 77.21
N GLY K 557 -94.32 74.75 77.72
CA GLY K 557 -94.73 74.50 79.09
C GLY K 557 -95.01 73.02 79.29
N SER K 558 -95.03 72.27 78.19
CA SER K 558 -95.30 70.84 78.27
C SER K 558 -94.31 70.04 77.47
N SER K 559 -93.11 69.92 78.01
CA SER K 559 -92.06 69.15 77.37
C SER K 559 -91.49 68.18 78.37
N ILE K 560 -91.13 67.00 77.88
CA ILE K 560 -90.55 65.97 78.72
C ILE K 560 -89.46 66.52 79.63
N ASP K 561 -88.65 67.42 79.09
CA ASP K 561 -87.52 68.03 79.79
C ASP K 561 -87.90 68.83 81.03
N VAL K 562 -87.97 68.14 82.16
CA VAL K 562 -88.31 68.75 83.45
C VAL K 562 -87.88 70.18 83.49
N GLU K 563 -86.66 70.39 83.05
CA GLU K 563 -86.07 71.69 83.03
C GLU K 563 -86.83 72.64 82.11
N LEU K 564 -86.68 72.44 80.80
CA LEU K 564 -87.36 73.30 79.85
C LEU K 564 -88.73 73.63 80.40
N GLN K 565 -89.57 72.62 80.54
CA GLN K 565 -90.90 72.84 81.07
C GLN K 565 -90.85 73.77 82.27
N GLN K 566 -90.32 73.27 83.37
CA GLN K 566 -90.21 74.09 84.57
C GLN K 566 -90.06 75.55 84.18
N ARG K 567 -88.92 75.88 83.61
CA ARG K 567 -88.67 77.24 83.19
C ARG K 567 -89.85 77.78 82.39
N ALA K 568 -90.19 77.10 81.31
CA ALA K 568 -91.31 77.51 80.48
C ALA K 568 -92.43 78.04 81.36
N VAL K 569 -92.95 77.19 82.24
CA VAL K 569 -94.02 77.60 83.14
C VAL K 569 -93.61 78.86 83.85
N GLU K 570 -92.44 78.82 84.47
CA GLU K 570 -91.92 79.99 85.17
C GLU K 570 -92.14 81.18 84.26
N TYR K 571 -91.35 81.30 83.19
CA TYR K 571 -91.51 82.43 82.27
C TYR K 571 -92.99 82.72 81.99
N ASN K 572 -93.64 81.79 81.28
CA ASN K 572 -95.06 81.88 80.93
C ASN K 572 -95.81 82.72 81.95
N ALA K 573 -95.72 82.29 83.21
CA ALA K 573 -96.37 82.97 84.31
C ALA K 573 -95.90 84.42 84.48
N LEU K 574 -94.62 84.66 84.23
CA LEU K 574 -94.12 86.02 84.35
C LEU K 574 -94.92 86.98 83.49
N PHE K 575 -95.16 86.60 82.24
CA PHE K 575 -95.91 87.47 81.34
C PHE K 575 -97.33 87.63 81.84
N LYS K 576 -98.04 86.50 81.90
CA LYS K 576 -99.43 86.42 82.36
C LYS K 576 -99.80 87.25 83.59
N LYS K 577 -98.81 87.62 84.39
CA LYS K 577 -99.09 88.40 85.60
C LYS K 577 -98.22 89.66 85.83
N TYR K 578 -97.01 89.52 86.34
CA TYR K 578 -96.19 90.72 86.61
C TYR K 578 -95.33 91.27 85.48
N ASP K 579 -95.91 91.53 84.32
CA ASP K 579 -95.12 92.03 83.20
C ASP K 579 -93.90 92.82 83.58
N HIS K 580 -94.06 94.14 83.62
CA HIS K 580 -92.98 95.07 83.90
C HIS K 580 -91.73 94.56 84.67
N MET K 581 -91.90 93.50 85.47
CA MET K 581 -90.75 92.93 86.16
C MET K 581 -89.80 92.40 85.10
N ARG K 582 -90.36 91.82 84.05
CA ARG K 582 -89.51 91.28 82.99
C ARG K 582 -88.42 92.29 82.64
N SER K 583 -88.80 93.53 82.34
CA SER K 583 -87.81 94.58 82.01
C SER K 583 -86.62 94.57 82.97
N ALA K 584 -86.88 94.76 84.27
CA ALA K 584 -85.77 94.78 85.24
C ALA K 584 -85.03 93.43 85.39
N LEU K 585 -85.78 92.33 85.34
CA LEU K 585 -85.21 91.01 85.50
C LEU K 585 -84.14 90.68 84.48
N LEU K 586 -84.53 90.63 83.22
CA LEU K 586 -83.60 90.28 82.16
C LEU K 586 -82.53 91.31 81.81
N GLU K 587 -82.97 92.52 81.47
CA GLU K 587 -82.07 93.61 81.04
C GLU K 587 -80.72 93.73 81.75
N ARG K 588 -80.41 92.77 82.60
CA ARG K 588 -79.17 92.84 83.31
C ARG K 588 -78.48 91.53 83.47
N MET K 589 -77.35 91.40 82.78
CA MET K 589 -76.55 90.20 82.89
C MET K 589 -75.38 90.74 83.69
N PRO K 590 -74.96 90.04 84.75
CA PRO K 590 -73.84 90.46 85.58
C PRO K 590 -72.57 90.29 84.79
N VAL K 591 -71.44 90.34 85.47
CA VAL K 591 -70.14 90.17 84.80
C VAL K 591 -68.97 89.71 85.71
N MET K 592 -68.41 88.54 85.40
CA MET K 592 -67.29 88.00 86.19
C MET K 592 -65.96 88.31 85.49
N GLU K 593 -64.98 88.73 86.29
CA GLU K 593 -63.69 89.13 85.75
C GLU K 593 -62.42 88.45 86.29
N LYS K 594 -61.55 88.11 85.34
CA LYS K 594 -60.23 87.54 85.64
C LYS K 594 -59.18 88.61 85.31
N VAL K 595 -58.00 88.45 85.75
N THR L 2 -24.58 52.72 40.74
CA THR L 2 -25.82 53.47 41.13
C THR L 2 -27.11 52.61 40.90
N ASP L 3 -26.99 51.30 41.15
CA ASP L 3 -28.10 50.32 41.02
C ASP L 3 -28.17 49.30 42.22
N SER L 4 -29.38 49.10 42.80
CA SER L 4 -29.54 48.18 43.95
C SER L 4 -30.95 47.56 44.16
N LYS L 5 -31.00 46.22 44.12
CA LYS L 5 -32.22 45.45 44.31
C LYS L 5 -31.84 44.03 44.64
N TYR L 6 -31.66 43.72 45.92
CA TYR L 6 -31.28 42.39 46.31
C TYR L 6 -32.50 41.54 46.59
N PHE L 7 -32.30 40.24 46.80
CA PHE L 7 -33.43 39.37 47.08
C PHE L 7 -34.47 39.47 46.00
N THR L 8 -34.04 39.67 44.78
CA THR L 8 -35.00 39.84 43.72
C THR L 8 -34.48 39.21 42.45
N THR L 9 -34.14 37.94 42.49
CA THR L 9 -33.61 37.33 41.30
C THR L 9 -34.55 36.31 40.74
N THR L 10 -34.67 36.29 39.42
CA THR L 10 -35.54 35.31 38.79
C THR L 10 -34.70 34.12 38.43
N LYS L 11 -33.62 33.91 39.19
CA LYS L 11 -32.75 32.77 38.94
C LYS L 11 -33.16 31.64 39.89
N LYS L 12 -33.55 32.01 41.11
CA LYS L 12 -33.97 30.99 42.05
C LYS L 12 -35.01 31.47 43.08
N GLY L 13 -35.35 30.63 44.05
CA GLY L 13 -36.30 31.02 45.06
C GLY L 13 -37.75 30.75 44.72
N GLU L 14 -38.61 30.98 45.69
CA GLU L 14 -40.03 30.78 45.56
C GLU L 14 -40.49 30.87 44.11
N ILE L 15 -40.88 32.07 43.72
CA ILE L 15 -41.33 32.34 42.38
C ILE L 15 -40.83 31.26 41.43
N PHE L 16 -39.53 31.32 41.14
CA PHE L 16 -38.89 30.35 40.26
C PHE L 16 -39.45 28.98 40.59
N GLU L 17 -38.99 28.46 41.71
CA GLU L 17 -39.42 27.17 42.19
C GLU L 17 -40.73 26.76 41.55
N LEU L 18 -41.79 27.46 41.95
CA LEU L 18 -43.11 27.18 41.43
C LEU L 18 -43.14 27.32 39.91
N LYS L 19 -42.74 28.48 39.42
CA LYS L 19 -42.73 28.75 37.99
C LYS L 19 -42.41 27.49 37.21
N ALA L 20 -41.23 26.95 37.46
CA ALA L 20 -40.80 25.75 36.78
C ALA L 20 -41.74 24.58 37.04
N GLU L 21 -41.79 24.15 38.30
CA GLU L 21 -42.62 23.03 38.68
C GLU L 21 -44.02 23.13 38.09
N LEU L 22 -44.30 24.25 37.43
CA LEU L 22 -45.58 24.50 36.81
C LEU L 22 -45.64 23.98 35.38
N ASN L 23 -44.62 24.31 34.61
CA ASN L 23 -44.54 23.93 33.21
C ASN L 23 -44.17 22.49 32.95
N SER L 24 -43.86 21.77 34.02
CA SER L 24 -43.48 20.38 33.87
C SER L 24 -44.55 19.63 33.10
N ASP L 25 -44.40 18.31 33.09
CA ASP L 25 -45.26 17.38 32.38
C ASP L 25 -46.43 16.90 33.16
N LYS L 26 -46.15 15.81 33.87
CA LYS L 26 -47.09 15.14 34.72
C LYS L 26 -48.18 16.15 35.03
N LYS L 27 -49.41 15.81 34.67
CA LYS L 27 -50.55 16.67 34.92
C LYS L 27 -50.57 17.04 36.40
N GLU L 28 -50.34 16.04 37.25
CA GLU L 28 -50.34 16.23 38.70
C GLU L 28 -49.64 17.48 39.21
N LYS L 29 -48.37 17.65 38.87
CA LYS L 29 -47.62 18.83 39.31
C LYS L 29 -48.45 20.06 39.05
N LYS L 30 -48.59 20.40 37.78
CA LYS L 30 -49.36 21.57 37.39
C LYS L 30 -50.52 21.76 38.35
N LYS L 31 -51.32 20.71 38.54
CA LYS L 31 -52.45 20.80 39.45
C LYS L 31 -52.00 21.36 40.79
N GLU L 32 -51.51 20.50 41.68
CA GLU L 32 -51.05 20.95 42.98
C GLU L 32 -50.44 22.31 42.89
N ALA L 33 -49.35 22.39 42.12
CA ALA L 33 -48.66 23.65 41.92
C ALA L 33 -49.63 24.82 41.95
N VAL L 34 -50.43 24.95 40.91
CA VAL L 34 -51.40 26.02 40.83
C VAL L 34 -52.04 26.23 42.19
N LYS L 35 -52.62 25.16 42.72
CA LYS L 35 -53.27 25.23 44.01
C LYS L 35 -52.46 26.12 44.95
N LYS L 36 -51.22 25.74 45.21
CA LYS L 36 -50.39 26.55 46.10
C LYS L 36 -50.45 27.98 45.67
N VAL L 37 -50.46 28.22 44.37
CA VAL L 37 -50.51 29.60 43.90
C VAL L 37 -51.63 30.35 44.56
N ILE L 38 -52.84 30.17 44.07
CA ILE L 38 -53.97 30.87 44.65
C ILE L 38 -53.75 31.01 46.14
N ALA L 39 -53.50 29.88 46.78
CA ALA L 39 -53.28 29.88 48.21
C ALA L 39 -52.28 30.96 48.53
N SER L 40 -51.02 30.66 48.23
CA SER L 40 -49.92 31.58 48.48
C SER L 40 -50.34 32.98 48.12
N MET L 41 -51.36 33.07 47.29
CA MET L 41 -51.85 34.36 46.88
C MET L 41 -52.70 35.00 47.95
N THR L 42 -53.84 34.37 48.21
CA THR L 42 -54.80 34.88 49.18
C THR L 42 -54.15 35.38 50.44
N VAL L 43 -53.17 34.66 50.95
CA VAL L 43 -52.55 35.12 52.19
C VAL L 43 -51.90 36.48 52.08
N GLY L 44 -51.65 36.95 50.87
CA GLY L 44 -51.05 38.26 50.72
C GLY L 44 -49.70 38.32 50.05
N LYS L 45 -49.20 37.19 49.60
CA LYS L 45 -47.92 37.21 48.93
C LYS L 45 -48.23 37.84 47.59
N ASP L 46 -47.20 38.01 46.79
CA ASP L 46 -47.35 38.62 45.48
C ASP L 46 -47.17 37.60 44.38
N VAL L 47 -48.17 37.46 43.52
CA VAL L 47 -48.11 36.50 42.42
C VAL L 47 -48.12 37.19 41.08
N SER L 48 -48.10 38.52 41.11
CA SER L 48 -48.09 39.30 39.89
C SER L 48 -47.34 38.45 38.88
N ALA L 49 -46.14 38.04 39.26
CA ALA L 49 -45.31 37.23 38.40
C ALA L 49 -46.05 36.06 37.76
N LEU L 50 -45.94 34.90 38.41
CA LEU L 50 -46.54 33.66 37.95
C LEU L 50 -47.64 33.77 36.91
N PHE L 51 -48.48 34.77 37.05
CA PHE L 51 -49.59 34.94 36.11
C PHE L 51 -49.45 34.27 34.74
N PRO L 52 -48.55 34.77 33.88
CA PRO L 52 -48.38 34.16 32.56
C PRO L 52 -48.45 32.65 32.55
N ASP L 53 -47.33 32.02 32.89
CA ASP L 53 -47.20 30.57 32.90
C ASP L 53 -48.41 29.85 33.50
N VAL L 54 -49.17 30.54 34.35
CA VAL L 54 -50.34 29.91 34.96
C VAL L 54 -51.42 29.76 33.91
N VAL L 55 -51.80 30.90 33.34
CA VAL L 55 -52.82 30.92 32.29
C VAL L 55 -52.44 29.86 31.29
N ASN L 56 -51.23 30.00 30.73
CA ASN L 56 -50.68 29.09 29.72
C ASN L 56 -50.67 27.66 30.17
N CYS L 57 -51.33 27.39 31.29
CA CYS L 57 -51.46 26.04 31.78
C CYS L 57 -52.92 25.84 31.48
N MET L 58 -53.40 26.69 30.56
CA MET L 58 -54.77 26.75 30.07
C MET L 58 -55.09 25.61 29.09
N GLN L 59 -54.31 25.57 28.02
CA GLN L 59 -54.46 24.58 26.97
C GLN L 59 -54.23 23.15 27.47
N THR L 60 -54.96 22.79 28.52
CA THR L 60 -54.90 21.47 29.11
C THR L 60 -56.35 21.03 29.07
N ASP L 61 -56.71 20.01 29.84
CA ASP L 61 -58.07 19.54 29.74
C ASP L 61 -58.78 19.17 31.02
N ASN L 62 -58.32 18.10 31.66
CA ASN L 62 -58.92 17.61 32.89
C ASN L 62 -59.51 18.76 33.67
N LEU L 63 -60.83 18.70 33.89
CA LEU L 63 -61.54 19.73 34.64
C LEU L 63 -60.61 20.25 35.68
N GLU L 64 -60.29 19.35 36.61
CA GLU L 64 -59.40 19.61 37.73
C GLU L 64 -58.65 20.89 37.40
N LEU L 65 -57.56 20.73 36.67
CA LEU L 65 -56.75 21.87 36.32
C LEU L 65 -57.59 23.01 35.73
N LYS L 66 -58.17 22.78 34.56
CA LYS L 66 -58.96 23.80 33.90
C LYS L 66 -59.67 24.79 34.84
N LYS L 67 -60.39 24.26 35.81
CA LYS L 67 -61.12 25.14 36.72
C LYS L 67 -60.19 25.91 37.63
N LEU L 68 -59.31 25.18 38.32
CA LEU L 68 -58.40 25.87 39.21
C LEU L 68 -57.93 27.11 38.50
N VAL L 69 -57.33 26.92 37.34
CA VAL L 69 -56.85 28.04 36.55
C VAL L 69 -57.86 29.14 36.72
N TYR L 70 -59.08 28.82 36.35
CA TYR L 70 -60.15 29.79 36.46
C TYR L 70 -60.14 30.53 37.79
N LEU L 71 -60.43 29.82 38.88
CA LEU L 71 -60.45 30.45 40.19
C LEU L 71 -59.37 31.49 40.29
N TYR L 72 -58.15 31.08 40.01
CA TYR L 72 -57.03 32.00 40.06
C TYR L 72 -57.48 33.29 39.42
N LEU L 73 -57.61 33.24 38.11
CA LEU L 73 -58.05 34.40 37.38
C LEU L 73 -59.14 35.07 38.17
N MET L 74 -60.14 34.29 38.53
CA MET L 74 -61.27 34.83 39.29
C MET L 74 -60.81 35.90 40.28
N ASN L 75 -60.05 35.50 41.29
CA ASN L 75 -59.59 36.47 42.27
C ASN L 75 -59.12 37.72 41.61
N TYR L 76 -58.26 37.59 40.62
CA TYR L 76 -57.78 38.76 39.94
C TYR L 76 -58.89 39.61 39.33
N ALA L 77 -60.12 39.13 39.42
CA ALA L 77 -61.25 39.86 38.86
C ALA L 77 -61.24 41.36 39.11
N LYS L 78 -61.87 41.72 40.22
CA LYS L 78 -62.02 43.09 40.67
C LYS L 78 -60.71 43.80 41.00
N SER L 79 -59.72 43.04 41.45
CA SER L 79 -58.43 43.59 41.79
C SER L 79 -57.75 44.27 40.61
N GLN L 80 -57.15 43.48 39.73
CA GLN L 80 -56.47 44.00 38.54
C GLN L 80 -57.15 43.51 37.26
N PRO L 81 -58.36 44.05 36.99
CA PRO L 81 -59.15 43.69 35.82
C PRO L 81 -58.25 43.62 34.60
N ASP L 82 -57.36 44.60 34.46
CA ASP L 82 -56.44 44.62 33.34
C ASP L 82 -55.92 43.21 32.97
N MET L 83 -55.35 42.52 33.94
CA MET L 83 -54.84 41.18 33.69
C MET L 83 -56.00 40.21 33.33
N ALA L 84 -57.08 40.28 34.10
CA ALA L 84 -58.23 39.42 33.80
C ALA L 84 -58.44 39.38 32.29
N ILE L 85 -58.72 40.52 31.70
CA ILE L 85 -58.95 40.64 30.27
C ILE L 85 -58.01 39.81 29.42
N MET L 86 -56.71 40.04 29.57
CA MET L 86 -55.74 39.30 28.76
C MET L 86 -56.12 37.85 28.54
N ALA L 87 -57.13 37.37 29.25
CA ALA L 87 -57.58 35.99 29.05
C ALA L 87 -58.81 35.82 28.10
N VAL L 88 -59.47 36.94 27.81
CA VAL L 88 -60.67 36.97 26.96
C VAL L 88 -60.89 35.81 25.99
N ASN L 89 -60.12 35.85 24.91
CA ASN L 89 -60.19 34.87 23.85
C ASN L 89 -60.51 33.55 24.50
N THR L 90 -59.56 33.10 25.30
CA THR L 90 -59.66 31.86 26.04
C THR L 90 -61.07 31.57 26.53
N PHE L 91 -61.74 32.59 27.02
CA PHE L 91 -63.09 32.40 27.51
C PHE L 91 -64.10 32.16 26.40
N VAL L 92 -64.28 33.15 25.55
CA VAL L 92 -65.24 33.03 24.46
C VAL L 92 -65.13 31.63 23.86
N LYS L 93 -63.95 31.35 23.34
CA LYS L 93 -63.66 30.07 22.72
C LYS L 93 -64.00 28.95 23.67
N ASP L 94 -64.09 29.25 24.96
CA ASP L 94 -64.44 28.21 25.90
C ASP L 94 -65.97 28.09 25.95
N CYS L 95 -66.68 29.19 25.71
CA CYS L 95 -68.13 29.16 25.73
C CYS L 95 -68.67 28.04 24.87
N GLU L 96 -68.07 27.84 23.72
CA GLU L 96 -68.58 26.78 22.86
C GLU L 96 -68.35 25.38 23.36
N ASP L 97 -67.35 25.19 24.20
CA ASP L 97 -67.03 23.87 24.73
C ASP L 97 -68.28 23.07 25.03
N PRO L 98 -68.21 21.76 24.80
CA PRO L 98 -69.17 20.66 24.94
C PRO L 98 -69.49 20.37 26.39
N ASN L 99 -68.78 21.00 27.31
CA ASN L 99 -69.17 20.77 28.69
C ASN L 99 -69.75 22.01 29.32
N PRO L 100 -71.04 22.21 29.08
CA PRO L 100 -71.70 23.37 29.63
C PRO L 100 -71.05 23.85 30.95
N LEU L 101 -70.81 22.94 31.90
CA LEU L 101 -70.18 23.33 33.16
C LEU L 101 -69.13 24.37 32.81
N ILE L 102 -68.19 23.95 31.99
CA ILE L 102 -67.13 24.82 31.52
C ILE L 102 -67.73 26.12 31.02
N ARG L 103 -68.17 26.12 29.76
CA ARG L 103 -68.71 27.33 29.16
C ARG L 103 -69.55 28.21 30.10
N ALA L 104 -70.19 27.60 31.09
CA ALA L 104 -70.99 28.38 32.01
C ALA L 104 -69.98 29.22 32.81
N LEU L 105 -69.01 28.54 33.40
CA LEU L 105 -68.01 29.24 34.18
C LEU L 105 -67.47 30.38 33.34
N ALA L 106 -67.24 30.09 32.07
CA ALA L 106 -66.73 31.09 31.12
C ALA L 106 -67.66 32.28 31.13
N VAL L 107 -68.91 32.00 31.42
CA VAL L 107 -69.89 33.05 31.47
C VAL L 107 -69.69 33.84 32.75
N ARG L 108 -70.15 33.26 33.85
CA ARG L 108 -70.05 33.88 35.16
C ARG L 108 -68.74 34.64 35.25
N THR L 109 -67.69 34.02 34.76
CA THR L 109 -66.37 34.62 34.76
C THR L 109 -66.38 35.91 33.96
N MET L 110 -66.63 35.82 32.66
CA MET L 110 -66.67 37.00 31.83
C MET L 110 -67.37 38.09 32.64
N GLY L 111 -68.51 37.72 33.21
CA GLY L 111 -69.32 38.65 34.00
C GLY L 111 -68.77 39.31 35.24
N CYS L 112 -67.77 38.73 35.88
CA CYS L 112 -67.28 39.40 37.07
C CYS L 112 -66.18 40.41 36.79
N ILE L 113 -66.28 41.12 35.67
CA ILE L 113 -65.30 42.16 35.34
C ILE L 113 -66.00 43.53 35.46
N ARG L 114 -65.24 44.61 35.51
CA ARG L 114 -65.86 45.92 35.67
C ARG L 114 -65.43 46.95 34.61
N VAL L 115 -64.72 46.51 33.55
CA VAL L 115 -64.26 47.46 32.51
C VAL L 115 -65.11 47.57 31.23
N ASP L 116 -65.07 48.73 30.57
CA ASP L 116 -65.85 48.96 29.34
C ASP L 116 -65.49 48.04 28.17
N LYS L 117 -64.20 47.76 28.02
CA LYS L 117 -63.70 46.90 26.93
C LYS L 117 -64.40 45.52 26.90
N ILE L 118 -64.96 45.13 28.04
CA ILE L 118 -65.64 43.85 28.16
C ILE L 118 -66.86 43.72 27.24
N THR L 119 -67.67 44.77 27.19
CA THR L 119 -68.87 44.79 26.35
C THR L 119 -68.56 44.10 25.02
N GLU L 120 -67.64 44.69 24.25
CA GLU L 120 -67.18 44.20 22.94
C GLU L 120 -67.03 42.69 22.89
N TYR L 121 -66.05 42.19 23.65
CA TYR L 121 -65.78 40.76 23.63
C TYR L 121 -66.84 39.74 24.06
N LEU L 122 -67.75 40.07 24.97
CA LEU L 122 -68.69 39.03 25.39
C LEU L 122 -70.17 38.99 24.95
N CYS L 123 -70.80 40.14 24.84
CA CYS L 123 -72.21 40.18 24.48
C CYS L 123 -72.77 39.03 23.62
N GLU L 124 -72.38 39.01 22.34
CA GLU L 124 -72.86 37.99 21.39
C GLU L 124 -72.84 36.60 22.01
N PRO L 125 -71.64 36.16 22.41
CA PRO L 125 -71.55 34.83 23.01
C PRO L 125 -72.61 34.66 24.10
N LEU L 126 -72.95 35.75 24.78
CA LEU L 126 -73.96 35.67 25.84
C LEU L 126 -75.30 35.21 25.33
N ARG L 127 -75.92 36.04 24.49
CA ARG L 127 -77.23 35.71 23.90
C ARG L 127 -77.20 34.21 23.75
N LYS L 128 -76.21 33.78 22.97
CA LYS L 128 -76.00 32.37 22.69
C LYS L 128 -76.10 31.55 23.97
N CYS L 129 -75.02 31.48 24.74
CA CYS L 129 -74.96 30.70 25.97
C CYS L 129 -76.32 30.51 26.62
N LEU L 130 -77.11 31.58 26.60
CA LEU L 130 -78.45 31.59 27.17
C LEU L 130 -79.43 30.61 26.62
N LYS L 131 -79.99 31.06 25.51
CA LYS L 131 -80.96 30.32 24.74
C LYS L 131 -80.51 28.85 24.63
N ASP L 132 -79.23 28.59 24.88
CA ASP L 132 -78.69 27.23 24.78
C ASP L 132 -79.48 26.15 25.51
N GLU L 133 -78.78 25.16 26.07
CA GLU L 133 -79.51 24.05 26.66
C GLU L 133 -79.36 23.67 28.09
N ASP L 134 -78.62 24.43 28.88
CA ASP L 134 -78.49 23.99 30.25
C ASP L 134 -78.82 24.86 31.42
N PRO L 135 -79.27 24.21 32.49
CA PRO L 135 -79.64 24.87 33.73
C PRO L 135 -78.59 25.95 34.05
N TYR L 136 -77.49 25.54 34.66
CA TYR L 136 -76.46 26.48 35.03
C TYR L 136 -76.23 27.59 34.00
N VAL L 137 -75.96 27.19 32.76
CA VAL L 137 -75.68 28.14 31.67
C VAL L 137 -76.62 29.33 31.70
N ARG L 138 -77.89 29.06 31.44
CA ARG L 138 -78.88 30.11 31.44
C ARG L 138 -78.78 30.88 32.76
N LYS L 139 -79.14 30.22 33.87
CA LYS L 139 -79.09 30.84 35.19
C LYS L 139 -78.00 31.87 35.21
N THR L 140 -76.80 31.34 35.31
CA THR L 140 -75.60 32.12 35.33
C THR L 140 -75.67 33.41 34.51
N ALA L 141 -75.85 33.32 33.19
CA ALA L 141 -75.90 34.55 32.41
C ALA L 141 -77.05 35.43 32.83
N ALA L 142 -78.20 34.82 33.09
CA ALA L 142 -79.34 35.61 33.55
C ALA L 142 -78.67 36.60 34.49
N VAL L 143 -77.97 36.04 35.46
CA VAL L 143 -77.24 36.81 36.42
C VAL L 143 -76.46 37.87 35.65
N CYS L 144 -75.42 37.44 34.96
CA CYS L 144 -74.59 38.35 34.17
C CYS L 144 -75.38 39.56 33.77
N VAL L 145 -76.39 39.31 32.96
CA VAL L 145 -77.25 40.38 32.48
C VAL L 145 -77.06 41.61 33.36
N ALA L 146 -77.55 41.51 34.59
CA ALA L 146 -77.45 42.61 35.54
C ALA L 146 -76.05 43.18 35.53
N LYS L 147 -75.07 42.31 35.77
CA LYS L 147 -73.67 42.69 35.79
C LYS L 147 -73.42 43.64 34.62
N LEU L 148 -73.87 43.24 33.45
CA LEU L 148 -73.70 44.05 32.24
C LEU L 148 -74.46 45.36 32.40
N HIS L 149 -75.70 45.22 32.84
CA HIS L 149 -76.54 46.38 33.07
C HIS L 149 -75.71 47.33 33.92
N ASP L 150 -75.47 46.92 35.17
CA ASP L 150 -74.71 47.70 36.15
C ASP L 150 -73.38 48.23 35.63
N ILE L 151 -72.87 47.63 34.56
CA ILE L 151 -71.60 48.10 34.00
C ILE L 151 -71.78 49.59 33.79
N ASN L 152 -70.68 50.34 33.79
CA ASN L 152 -70.71 51.79 33.61
C ASN L 152 -71.53 52.28 32.36
N ALA L 153 -72.13 51.34 31.61
CA ALA L 153 -72.95 51.67 30.43
C ALA L 153 -73.82 50.50 29.92
N GLN L 154 -74.90 50.85 29.22
CA GLN L 154 -75.80 49.88 28.61
C GLN L 154 -75.71 50.17 27.13
N MET L 155 -76.53 49.45 26.36
CA MET L 155 -76.56 49.62 24.92
C MET L 155 -78.00 49.55 24.40
N VAL L 156 -78.17 49.72 23.08
CA VAL L 156 -79.47 49.66 22.42
C VAL L 156 -79.82 48.16 22.16
N GLU L 157 -78.81 47.29 22.29
CA GLU L 157 -78.94 45.82 22.15
C GLU L 157 -79.37 45.35 23.55
N ASP L 158 -78.62 45.87 24.53
CA ASP L 158 -78.77 45.66 25.99
C ASP L 158 -80.24 45.78 26.40
N GLN L 159 -80.84 46.89 25.94
CA GLN L 159 -82.24 47.25 26.18
C GLN L 159 -83.14 46.34 25.30
N GLY L 160 -82.49 45.36 24.66
CA GLY L 160 -83.15 44.39 23.82
C GLY L 160 -82.96 42.98 24.40
N PHE L 161 -82.08 42.87 25.40
CA PHE L 161 -81.82 41.60 26.07
C PHE L 161 -82.83 41.43 27.19
N LEU L 162 -83.32 42.56 27.68
CA LEU L 162 -84.31 42.56 28.76
C LEU L 162 -85.52 41.73 28.35
N ASP L 163 -85.94 41.92 27.09
CA ASP L 163 -87.07 41.19 26.55
C ASP L 163 -86.71 39.71 26.66
N THR L 164 -85.52 39.37 26.17
CA THR L 164 -85.02 38.01 26.22
C THR L 164 -85.36 37.55 27.63
N LEU L 165 -84.84 38.28 28.60
CA LEU L 165 -85.08 37.99 29.99
C LEU L 165 -86.50 37.54 30.24
N LYS L 166 -87.40 38.52 30.40
CA LYS L 166 -88.81 38.26 30.68
C LYS L 166 -89.35 37.01 29.99
N ASP L 167 -89.35 37.04 28.66
CA ASP L 167 -89.83 35.91 27.87
C ASP L 167 -89.19 34.62 28.42
N LEU L 168 -87.87 34.57 28.33
CA LEU L 168 -87.10 33.41 28.80
C LEU L 168 -87.39 33.13 30.28
N ILE L 169 -87.76 34.18 30.98
CA ILE L 169 -88.08 34.10 32.40
C ILE L 169 -89.15 33.08 32.66
N SER L 170 -90.39 33.55 32.56
CA SER L 170 -91.51 32.68 32.80
C SER L 170 -91.29 31.30 32.17
N ASP L 171 -90.71 31.27 30.97
CA ASP L 171 -90.49 29.99 30.24
C ASP L 171 -89.51 28.93 30.81
N SER L 172 -88.23 28.94 30.42
CA SER L 172 -87.26 27.93 30.91
C SER L 172 -87.75 27.56 32.31
N ASN L 173 -87.78 26.32 32.68
CA ASN L 173 -88.45 26.17 33.94
C ASN L 173 -87.62 26.05 35.26
N PRO L 174 -86.76 25.09 35.47
CA PRO L 174 -86.13 24.93 36.77
C PRO L 174 -85.67 26.22 37.42
N MET L 175 -85.13 26.13 38.63
CA MET L 175 -84.66 27.32 39.38
C MET L 175 -84.33 28.57 38.58
N VAL L 176 -83.84 28.32 37.38
CA VAL L 176 -83.46 29.34 36.43
C VAL L 176 -84.30 30.57 36.62
N VAL L 177 -85.59 30.39 36.38
CA VAL L 177 -86.53 31.49 36.48
C VAL L 177 -86.08 32.34 37.66
N ALA L 178 -85.94 31.70 38.82
CA ALA L 178 -85.49 32.41 40.02
C ALA L 178 -84.49 33.48 39.61
N ASN L 179 -83.28 33.04 39.29
CA ASN L 179 -82.26 34.00 38.92
C ASN L 179 -82.89 35.08 38.01
N ARG L 180 -83.42 34.67 36.85
CA ARG L 180 -84.04 35.61 35.93
C ARG L 180 -84.80 36.69 36.68
N VAL L 181 -85.85 36.24 37.37
CA VAL L 181 -86.71 37.12 38.15
C VAL L 181 -85.90 38.25 38.72
N ALA L 182 -85.28 37.95 39.85
CA ALA L 182 -84.47 38.92 40.56
C ALA L 182 -83.67 39.70 39.55
N ALA L 183 -82.85 38.99 38.80
CA ALA L 183 -82.03 39.62 37.79
C ALA L 183 -82.77 40.87 37.38
N LEU L 184 -83.93 40.66 36.77
CA LEU L 184 -84.73 41.78 36.34
C LEU L 184 -85.05 42.72 37.49
N SER L 185 -85.69 42.18 38.52
CA SER L 185 -86.08 42.96 39.69
C SER L 185 -85.07 44.04 39.97
N GLU L 186 -83.86 43.63 40.28
CA GLU L 186 -82.78 44.55 40.58
C GLU L 186 -82.64 45.53 39.43
N ILE L 187 -82.52 44.99 38.22
CA ILE L 187 -82.37 45.81 37.05
C ILE L 187 -83.45 46.86 37.02
N ALA L 188 -84.66 46.41 37.30
CA ALA L 188 -85.83 47.28 37.32
C ALA L 188 -85.49 48.57 38.05
N GLU L 189 -85.57 48.52 39.38
CA GLU L 189 -85.30 49.67 40.23
C GLU L 189 -84.61 50.91 39.59
N SER L 190 -83.75 50.70 38.59
CA SER L 190 -83.20 51.81 37.82
C SER L 190 -84.36 52.06 36.82
N HIS L 191 -85.48 52.53 37.37
CA HIS L 191 -86.82 52.61 36.70
C HIS L 191 -87.21 53.52 35.55
N PRO L 192 -86.85 53.18 34.35
CA PRO L 192 -87.36 53.96 33.21
C PRO L 192 -88.88 53.73 32.96
N SER L 193 -89.24 52.53 32.44
CA SER L 193 -90.62 52.17 32.13
C SER L 193 -90.90 50.65 32.27
N SER L 194 -90.21 49.85 31.43
CA SER L 194 -90.23 48.35 31.34
C SER L 194 -90.36 47.57 32.68
N ASN L 195 -89.90 48.22 33.75
CA ASN L 195 -89.95 47.64 35.08
C ASN L 195 -91.38 47.79 35.61
N LEU L 196 -92.15 48.70 35.01
CA LEU L 196 -93.52 48.93 35.44
C LEU L 196 -94.57 48.07 34.69
N LEU L 197 -94.17 47.30 33.65
CA LEU L 197 -95.11 46.47 32.88
C LEU L 197 -95.25 45.08 33.55
N ASP L 198 -94.85 45.02 34.82
CA ASP L 198 -95.05 43.80 35.56
C ASP L 198 -96.46 44.10 36.10
N LEU L 199 -97.47 43.89 35.24
CA LEU L 199 -98.86 44.16 35.67
C LEU L 199 -99.80 43.05 35.17
N LYS L 200 -99.24 41.87 34.91
CA LYS L 200 -100.04 40.78 34.41
C LYS L 200 -100.58 39.84 35.47
N ALA L 201 -101.92 39.75 35.46
CA ALA L 201 -102.68 38.89 36.36
C ALA L 201 -102.77 37.54 35.65
N GLN L 202 -101.70 37.31 34.88
CA GLN L 202 -101.44 36.10 34.10
C GLN L 202 -99.95 35.76 34.34
N SER L 203 -99.07 36.77 34.22
CA SER L 203 -97.62 36.58 34.43
C SER L 203 -97.36 36.14 35.87
N ILE L 204 -98.37 36.45 36.69
CA ILE L 204 -98.48 36.18 38.12
C ILE L 204 -98.72 34.71 38.45
N ASN L 205 -99.50 34.04 37.59
CA ASN L 205 -99.83 32.61 37.75
C ASN L 205 -98.57 31.85 37.40
N LYS L 206 -97.81 32.48 36.50
CA LYS L 206 -96.53 31.97 36.07
C LYS L 206 -95.74 31.88 37.36
N LEU L 207 -95.77 32.99 38.09
CA LEU L 207 -95.07 33.10 39.35
C LEU L 207 -95.68 32.15 40.35
N LEU L 208 -97.01 32.10 40.36
CA LEU L 208 -97.78 31.25 41.28
C LEU L 208 -97.26 29.82 41.33
N THR L 209 -97.21 29.19 40.16
CA THR L 209 -96.73 27.83 40.05
C THR L 209 -95.22 27.83 40.29
N ALA L 210 -94.60 29.00 40.07
CA ALA L 210 -93.15 29.17 40.26
C ALA L 210 -92.76 29.13 41.74
N LEU L 211 -93.69 29.53 42.60
CA LEU L 211 -93.47 29.52 44.03
C LEU L 211 -93.47 28.08 44.49
N ASN L 212 -94.43 27.30 44.01
CA ASN L 212 -94.48 25.91 44.41
C ASN L 212 -93.35 25.09 43.73
N GLU L 213 -92.64 25.74 42.80
CA GLU L 213 -91.50 25.18 42.10
C GLU L 213 -90.29 25.77 42.84
N CYS L 214 -90.04 25.09 43.97
CA CYS L 214 -89.03 25.31 45.05
C CYS L 214 -87.56 25.68 44.88
N THR L 215 -87.26 26.93 45.21
CA THR L 215 -85.93 27.50 45.17
C THR L 215 -86.10 28.64 46.15
N GLU L 216 -86.17 28.32 47.44
CA GLU L 216 -86.40 29.38 48.45
C GLU L 216 -86.07 30.74 47.87
N TRP L 217 -84.80 30.93 47.58
CA TRP L 217 -84.29 32.17 47.01
C TRP L 217 -85.29 32.69 45.98
N ALA L 218 -85.73 31.79 45.11
CA ALA L 218 -86.72 32.11 44.09
C ALA L 218 -87.94 32.64 44.81
N GLN L 219 -88.61 31.73 45.52
CA GLN L 219 -89.81 32.05 46.27
C GLN L 219 -89.72 33.54 46.61
N ILE L 220 -88.63 33.93 47.25
CA ILE L 220 -88.42 35.32 47.63
C ILE L 220 -88.56 36.27 46.45
N PHE L 221 -87.48 36.37 45.68
CA PHE L 221 -87.42 37.24 44.52
C PHE L 221 -88.77 37.45 43.88
N ILE L 222 -89.54 36.37 43.80
CA ILE L 222 -90.88 36.41 43.24
C ILE L 222 -91.72 37.39 44.06
N LEU L 223 -91.88 37.04 45.33
CA LEU L 223 -92.64 37.86 46.25
C LEU L 223 -92.04 39.25 46.20
N ASP L 224 -90.73 39.28 46.39
CA ASP L 224 -89.98 40.53 46.38
C ASP L 224 -90.49 41.45 45.26
N CYS L 225 -91.03 40.87 44.18
CA CYS L 225 -91.55 41.68 43.08
C CYS L 225 -92.98 42.16 43.31
N LEU L 226 -93.79 41.28 43.89
CA LEU L 226 -95.17 41.61 44.19
C LEU L 226 -95.22 42.88 45.00
N GLY L 227 -94.04 43.37 45.36
CA GLY L 227 -93.93 44.60 46.13
C GLY L 227 -93.83 45.84 45.23
N ASN L 228 -94.45 45.73 44.06
CA ASN L 228 -94.49 46.79 43.07
C ASN L 228 -95.90 46.72 42.39
N TYR L 229 -96.82 45.92 42.95
CA TYR L 229 -98.17 45.70 42.37
C TYR L 229 -99.46 46.08 43.10
N MET L 230 -100.48 45.34 42.61
CA MET L 230 -101.93 45.23 42.97
C MET L 230 -103.03 46.30 42.74
N PRO L 231 -102.87 47.28 41.82
CA PRO L 231 -103.97 48.23 41.71
C PRO L 231 -105.44 47.78 41.51
N LYS L 232 -106.28 47.96 42.56
CA LYS L 232 -107.77 47.79 42.73
C LYS L 232 -108.62 46.46 42.79
N ASP L 233 -108.36 45.25 42.19
CA ASP L 233 -109.31 44.11 42.36
C ASP L 233 -109.27 42.98 43.42
N ASP L 234 -110.49 42.66 43.89
CA ASP L 234 -110.74 41.64 44.93
C ASP L 234 -110.67 40.09 44.65
N ARG L 235 -111.31 39.57 43.60
CA ARG L 235 -111.25 38.11 43.36
C ARG L 235 -109.80 37.61 43.21
N GLU L 236 -108.99 38.47 42.59
CA GLU L 236 -107.55 38.24 42.35
C GLU L 236 -106.80 38.25 43.68
N ALA L 237 -107.17 39.20 44.53
CA ALA L 237 -106.56 39.28 45.85
C ALA L 237 -106.77 37.93 46.56
N GLN L 238 -108.03 37.53 46.74
CA GLN L 238 -108.40 36.27 47.40
C GLN L 238 -107.71 35.00 46.90
N SER L 239 -107.25 35.03 45.64
CA SER L 239 -106.54 33.88 45.08
C SER L 239 -105.03 34.07 45.28
N ILE L 240 -104.55 35.29 45.05
CA ILE L 240 -103.13 35.58 45.25
C ILE L 240 -102.77 35.15 46.67
N CYS L 241 -103.62 35.52 47.62
CA CYS L 241 -103.40 35.21 49.03
C CYS L 241 -103.70 33.76 49.46
N GLU L 242 -104.90 33.27 49.12
CA GLU L 242 -105.27 31.91 49.47
C GLU L 242 -104.22 30.93 48.87
N ARG L 243 -103.31 31.49 48.06
CA ARG L 243 -102.22 30.75 47.41
C ARG L 243 -100.93 30.76 48.23
N VAL L 244 -100.72 31.85 48.97
CA VAL L 244 -99.53 32.02 49.80
C VAL L 244 -99.62 31.26 51.14
N THR L 245 -100.85 30.93 51.52
CA THR L 245 -101.11 30.19 52.77
C THR L 245 -100.15 29.03 53.02
N PRO L 246 -99.65 28.40 51.94
CA PRO L 246 -98.73 27.32 52.28
C PRO L 246 -97.39 27.93 52.64
N ARG L 247 -96.97 28.89 51.81
CA ARG L 247 -95.71 29.59 51.99
C ARG L 247 -95.31 29.84 53.44
N LEU L 248 -96.27 30.21 54.28
CA LEU L 248 -95.95 30.48 55.70
C LEU L 248 -95.45 29.29 56.50
N SER L 249 -96.26 28.26 56.58
CA SER L 249 -95.88 27.07 57.33
C SER L 249 -94.70 26.33 56.71
N HIS L 250 -94.32 26.75 55.51
CA HIS L 250 -93.22 26.07 54.78
C HIS L 250 -91.75 26.16 55.27
N ALA L 251 -90.89 26.73 54.44
CA ALA L 251 -89.45 26.74 54.69
C ALA L 251 -88.75 27.64 55.70
N ASN L 252 -87.80 28.42 55.20
CA ASN L 252 -86.97 29.27 56.05
C ASN L 252 -87.25 30.72 56.06
N SER L 253 -87.52 31.19 57.27
CA SER L 253 -87.77 32.58 57.54
C SER L 253 -87.87 33.45 56.27
N ALA L 254 -86.73 33.75 55.65
CA ALA L 254 -86.69 34.57 54.43
C ALA L 254 -88.01 34.47 53.68
N VAL L 255 -88.42 33.22 53.48
CA VAL L 255 -89.67 32.92 52.80
C VAL L 255 -90.79 33.55 53.63
N VAL L 256 -91.17 32.87 54.71
CA VAL L 256 -92.21 33.33 55.61
C VAL L 256 -92.24 34.85 55.62
N LEU L 257 -91.08 35.45 55.88
CA LEU L 257 -90.99 36.91 55.93
C LEU L 257 -91.44 37.49 54.59
N SER L 258 -90.53 37.56 53.61
CA SER L 258 -90.89 38.13 52.32
C SER L 258 -92.34 37.81 51.96
N ALA L 259 -92.78 36.60 52.29
CA ALA L 259 -94.17 36.18 52.04
C ALA L 259 -95.09 37.19 52.73
N VAL L 260 -94.94 37.30 54.04
CA VAL L 260 -95.75 38.24 54.78
C VAL L 260 -95.61 39.62 54.15
N LYS L 261 -94.38 40.04 53.86
CA LYS L 261 -94.11 41.34 53.24
C LYS L 261 -95.22 41.67 52.24
N VAL L 262 -95.61 40.69 51.43
CA VAL L 262 -96.66 40.92 50.44
C VAL L 262 -98.08 40.80 51.00
N LEU L 263 -98.33 39.71 51.73
CA LEU L 263 -99.66 39.43 52.30
C LEU L 263 -100.31 40.71 52.78
N MET L 264 -99.47 41.55 53.37
CA MET L 264 -99.88 42.80 53.92
C MET L 264 -99.87 44.01 52.99
N LYS L 265 -99.18 43.92 51.87
CA LYS L 265 -99.24 45.00 50.87
C LYS L 265 -100.52 44.84 50.06
N PHE L 266 -101.10 43.63 50.11
CA PHE L 266 -102.32 43.36 49.35
C PHE L 266 -103.63 43.62 50.14
N MET L 267 -103.60 43.46 51.47
CA MET L 267 -104.78 43.71 52.30
C MET L 267 -105.55 45.02 51.99
N ASP L 275 -115.70 38.11 54.99
CA ASP L 275 -115.17 36.99 55.78
C ASP L 275 -113.73 36.78 55.43
N TYR L 276 -113.15 37.81 54.81
CA TYR L 276 -111.77 37.80 54.34
C TYR L 276 -110.69 37.87 55.44
N TYR L 277 -110.58 39.06 56.03
CA TYR L 277 -109.63 39.34 57.08
C TYR L 277 -109.46 38.17 58.09
N ALA L 278 -110.50 37.82 58.84
CA ALA L 278 -110.40 36.75 59.86
C ALA L 278 -109.61 35.51 59.44
N THR L 279 -109.64 35.21 58.15
CA THR L 279 -108.92 34.06 57.60
C THR L 279 -107.41 34.35 57.72
N LEU L 280 -106.99 35.43 57.06
CA LEU L 280 -105.59 35.87 57.08
C LEU L 280 -104.99 35.97 58.48
N LEU L 281 -105.57 36.85 59.28
CA LEU L 281 -105.14 37.12 60.64
C LEU L 281 -105.00 35.90 61.56
N LYS L 282 -105.91 34.93 61.45
CA LYS L 282 -105.82 33.75 62.30
C LYS L 282 -104.82 32.73 61.80
N LYS L 283 -104.37 32.95 60.56
CA LYS L 283 -103.36 32.12 59.92
C LYS L 283 -101.99 32.80 60.13
N LEU L 284 -101.96 34.12 59.94
CA LEU L 284 -100.74 34.92 60.12
C LEU L 284 -100.12 34.75 61.49
N ALA L 285 -100.95 34.32 62.44
CA ALA L 285 -100.54 34.11 63.83
C ALA L 285 -99.47 33.02 64.07
N PRO L 286 -99.85 31.73 63.99
CA PRO L 286 -98.88 30.65 64.20
C PRO L 286 -97.55 30.75 63.39
N PRO L 287 -97.51 31.50 62.25
CA PRO L 287 -96.29 31.67 61.44
C PRO L 287 -95.22 32.52 62.08
N LEU L 288 -95.58 33.77 62.32
CA LEU L 288 -94.67 34.70 62.91
C LEU L 288 -94.10 34.07 64.16
N VAL L 289 -94.96 33.52 64.99
CA VAL L 289 -94.49 32.87 66.21
C VAL L 289 -93.40 31.81 65.96
N THR L 290 -93.76 30.79 65.19
CA THR L 290 -92.80 29.71 64.89
C THR L 290 -91.60 30.32 64.15
N LEU L 291 -91.71 31.59 63.80
CA LEU L 291 -90.63 32.29 63.14
C LEU L 291 -89.55 32.62 64.16
N LEU L 292 -89.94 32.74 65.43
CA LEU L 292 -88.97 33.05 66.47
C LEU L 292 -88.35 31.86 67.18
N SER L 293 -89.06 30.74 67.23
CA SER L 293 -88.47 29.59 67.90
C SER L 293 -87.31 29.08 67.04
N ALA L 294 -86.85 29.97 66.16
CA ALA L 294 -85.79 29.70 65.20
C ALA L 294 -84.37 29.98 65.67
N GLU L 295 -83.81 31.08 65.20
CA GLU L 295 -82.45 31.41 65.54
C GLU L 295 -82.08 32.80 65.99
N PRO L 296 -81.00 32.90 66.79
CA PRO L 296 -80.47 34.13 67.36
C PRO L 296 -80.59 35.31 66.41
N GLU L 297 -79.52 35.57 65.68
CA GLU L 297 -79.51 36.66 64.75
C GLU L 297 -80.81 36.94 63.98
N PRO L 298 -81.47 35.90 63.42
CA PRO L 298 -82.71 36.24 62.69
C PRO L 298 -83.63 36.93 63.66
N GLN L 299 -84.05 36.20 64.69
CA GLN L 299 -84.94 36.73 65.70
C GLN L 299 -84.98 38.24 65.70
N TYR L 300 -83.81 38.87 65.68
CA TYR L 300 -83.77 40.33 65.67
C TYR L 300 -84.68 40.81 64.56
N VAL L 301 -84.12 40.98 63.35
CA VAL L 301 -84.89 41.47 62.22
C VAL L 301 -86.38 41.24 62.43
N PRO L 302 -86.79 39.97 62.52
CA PRO L 302 -88.21 39.72 62.72
C PRO L 302 -88.79 40.60 63.81
N LEU L 303 -88.40 40.37 65.06
CA LEU L 303 -88.93 41.20 66.12
C LEU L 303 -89.12 42.61 65.64
N ARG L 304 -88.04 43.17 65.09
CA ARG L 304 -88.07 44.52 64.58
C ARG L 304 -89.28 44.70 63.69
N ASN L 305 -89.47 43.77 62.75
CA ASN L 305 -90.62 43.84 61.87
C ASN L 305 -91.87 43.60 62.69
N ILE L 306 -91.91 42.48 63.40
CA ILE L 306 -93.05 42.14 64.25
C ILE L 306 -93.58 43.44 64.79
N ASN L 307 -92.66 44.24 65.30
CA ASN L 307 -92.99 45.56 65.84
C ASN L 307 -93.84 46.25 64.79
N LEU L 308 -93.17 46.75 63.75
CA LEU L 308 -93.85 47.44 62.66
C LEU L 308 -95.23 46.86 62.38
N ILE L 309 -95.33 45.54 62.46
CA ILE L 309 -96.57 44.81 62.22
C ILE L 309 -97.76 45.16 63.12
N VAL L 310 -97.68 44.76 64.38
CA VAL L 310 -98.76 45.04 65.30
C VAL L 310 -99.07 46.54 65.24
N GLN L 311 -98.09 47.32 64.79
CA GLN L 311 -98.26 48.76 64.68
C GLN L 311 -99.42 49.05 63.70
N LYS L 312 -99.48 48.30 62.59
CA LYS L 312 -100.57 48.48 61.61
C LYS L 312 -101.84 47.75 62.01
N ARG L 313 -101.81 46.41 62.02
CA ARG L 313 -102.98 45.61 62.40
C ARG L 313 -102.81 44.80 63.68
N PRO L 314 -102.65 45.48 64.81
CA PRO L 314 -102.47 44.85 66.13
C PRO L 314 -103.39 43.66 66.30
N GLU L 315 -104.59 43.79 65.73
CA GLU L 315 -105.60 42.76 65.79
C GLU L 315 -105.07 41.36 65.51
N ILE L 316 -103.91 41.26 64.86
CA ILE L 316 -103.31 39.98 64.48
C ILE L 316 -102.90 39.02 65.60
N LEU L 317 -102.33 39.56 66.66
CA LEU L 317 -101.90 38.76 67.80
C LEU L 317 -102.32 39.47 69.07
N LYS L 318 -103.40 40.24 68.94
CA LYS L 318 -103.97 41.02 70.02
C LYS L 318 -103.89 40.31 71.38
N HIS L 319 -103.71 38.99 71.40
CA HIS L 319 -103.63 38.28 72.67
C HIS L 319 -102.48 37.25 72.78
N GLU L 320 -101.73 37.07 71.69
CA GLU L 320 -100.61 36.14 71.68
C GLU L 320 -99.39 36.79 72.31
N MET L 321 -99.00 36.36 73.52
CA MET L 321 -97.85 36.97 74.18
C MET L 321 -97.15 36.10 75.23
N LYS L 322 -97.78 35.00 75.61
CA LYS L 322 -97.19 34.12 76.60
C LYS L 322 -95.87 33.59 76.03
N VAL L 323 -95.49 34.13 74.87
CA VAL L 323 -94.29 33.73 74.15
C VAL L 323 -93.19 34.77 74.10
N PHE L 324 -93.58 36.01 73.94
CA PHE L 324 -92.61 37.09 73.86
C PHE L 324 -91.79 37.36 75.11
N PHE L 325 -91.74 36.40 76.02
CA PHE L 325 -90.95 36.59 77.23
C PHE L 325 -89.49 36.42 76.85
N VAL L 326 -88.61 36.92 77.72
CA VAL L 326 -87.19 36.81 77.45
C VAL L 326 -86.62 35.69 78.30
N LYS L 327 -85.87 34.81 77.64
CA LYS L 327 -85.24 33.71 78.35
C LYS L 327 -83.85 34.21 78.71
N TYR L 328 -83.10 33.44 79.47
CA TYR L 328 -81.76 33.90 79.82
C TYR L 328 -80.77 33.69 78.68
N ASN L 329 -80.84 32.55 78.00
CA ASN L 329 -79.92 32.26 76.89
C ASN L 329 -79.94 33.38 75.87
N ASP L 330 -81.11 33.98 75.68
CA ASP L 330 -81.25 35.04 74.70
C ASP L 330 -80.27 36.17 74.87
N PRO L 331 -79.68 36.61 73.76
CA PRO L 331 -78.70 37.69 73.76
C PRO L 331 -79.36 39.03 74.01
N ILE L 332 -78.51 40.04 74.22
CA ILE L 332 -78.96 41.40 74.50
C ILE L 332 -79.95 41.99 73.51
N TYR L 333 -79.52 42.21 72.27
CA TYR L 333 -80.43 42.79 71.30
C TYR L 333 -81.76 42.08 71.32
N VAL L 334 -81.70 40.75 71.36
CA VAL L 334 -82.91 39.94 71.40
C VAL L 334 -83.78 40.58 72.44
N LYS L 335 -83.40 40.35 73.69
CA LYS L 335 -84.13 40.87 74.82
C LYS L 335 -84.67 42.25 74.44
N LEU L 336 -83.81 43.26 74.36
CA LEU L 336 -84.26 44.60 73.98
C LEU L 336 -85.53 44.64 73.15
N GLU L 337 -85.40 44.32 71.86
CA GLU L 337 -86.56 44.36 71.00
C GLU L 337 -87.73 43.66 71.66
N LYS L 338 -87.55 42.43 72.10
CA LYS L 338 -88.65 41.71 72.74
C LYS L 338 -89.44 42.65 73.63
N LEU L 339 -88.74 43.36 74.51
CA LEU L 339 -89.40 44.28 75.41
C LEU L 339 -90.26 45.23 74.60
N ASP L 340 -89.56 46.18 73.98
CA ASP L 340 -90.15 47.22 73.14
C ASP L 340 -91.50 46.72 72.60
N ILE L 341 -91.50 45.46 72.17
CA ILE L 341 -92.71 44.87 71.64
C ILE L 341 -93.73 44.59 72.73
N MET L 342 -93.41 43.65 73.62
CA MET L 342 -94.31 43.31 74.69
C MET L 342 -95.10 44.56 75.00
N ILE L 343 -94.35 45.60 75.31
CA ILE L 343 -94.95 46.88 75.64
C ILE L 343 -96.04 47.23 74.64
N ARG L 344 -95.67 47.54 73.40
CA ARG L 344 -96.68 47.91 72.44
C ARG L 344 -97.86 46.95 72.43
N LEU L 345 -97.80 45.92 73.27
CA LEU L 345 -98.86 44.93 73.33
C LEU L 345 -99.60 44.66 74.64
N ALA L 346 -99.63 45.58 75.58
CA ALA L 346 -100.34 45.26 76.81
C ALA L 346 -101.64 46.02 77.13
N SER L 347 -102.50 45.37 77.90
CA SER L 347 -103.77 45.93 78.34
C SER L 347 -104.03 45.38 79.73
N GLN L 348 -105.27 45.50 80.18
CA GLN L 348 -105.66 45.04 81.51
C GLN L 348 -105.36 43.55 81.70
N ALA L 349 -106.16 42.72 81.05
CA ALA L 349 -106.00 41.27 81.11
C ALA L 349 -104.52 40.88 81.00
N ASN L 350 -103.74 41.73 80.36
CA ASN L 350 -102.30 41.51 80.15
C ASN L 350 -101.44 41.77 81.37
N ILE L 351 -101.29 43.05 81.65
CA ILE L 351 -100.49 43.55 82.74
C ILE L 351 -100.36 42.58 83.90
N ALA L 352 -101.46 41.92 84.24
CA ALA L 352 -101.37 40.96 85.34
C ALA L 352 -100.03 40.24 85.20
N GLN L 353 -99.91 39.48 84.12
CA GLN L 353 -98.71 38.73 83.83
C GLN L 353 -97.54 39.67 83.52
N VAL L 354 -97.75 40.63 82.63
CA VAL L 354 -96.69 41.56 82.26
C VAL L 354 -95.76 41.91 83.41
N LEU L 355 -96.32 42.47 84.46
CA LEU L 355 -95.53 42.84 85.61
C LEU L 355 -94.90 41.61 86.22
N ALA L 356 -95.72 40.66 86.66
CA ALA L 356 -95.20 39.44 87.26
C ALA L 356 -93.83 39.13 86.68
N GLU L 357 -93.76 39.16 85.35
CA GLU L 357 -92.53 38.90 84.63
C GLU L 357 -91.51 40.02 84.79
N LEU L 358 -91.88 41.25 84.47
CA LEU L 358 -90.92 42.32 84.64
C LEU L 358 -90.19 42.16 85.95
N LYS L 359 -90.93 42.01 87.05
CA LYS L 359 -90.31 41.85 88.36
C LYS L 359 -89.17 40.84 88.25
N GLU L 360 -89.48 39.59 87.95
CA GLU L 360 -88.40 38.61 87.83
C GLU L 360 -87.23 39.20 87.02
N TYR L 361 -87.53 39.69 85.81
CA TYR L 361 -86.52 40.27 84.93
C TYR L 361 -85.56 41.10 85.75
N ALA L 362 -86.06 42.21 86.27
CA ALA L 362 -85.25 43.11 87.07
C ALA L 362 -84.29 42.35 87.98
N THR L 363 -84.75 41.25 88.54
CA THR L 363 -83.90 40.47 89.43
C THR L 363 -82.63 39.97 88.73
N GLU L 364 -82.70 39.72 87.43
CA GLU L 364 -81.53 39.24 86.67
C GLU L 364 -80.21 39.92 86.96
N VAL L 365 -79.18 39.55 86.19
CA VAL L 365 -77.82 40.07 86.36
C VAL L 365 -77.32 40.98 85.25
N ASP L 366 -77.85 40.82 84.05
CA ASP L 366 -77.40 41.66 82.99
C ASP L 366 -77.93 43.06 83.21
N VAL L 367 -77.06 43.92 83.72
CA VAL L 367 -77.45 45.29 84.01
C VAL L 367 -78.35 45.95 82.98
N ASP L 368 -77.71 46.52 81.96
CA ASP L 368 -78.41 47.20 80.90
C ASP L 368 -79.85 46.72 80.85
N PHE L 369 -80.02 45.41 80.70
CA PHE L 369 -81.35 44.82 80.63
C PHE L 369 -82.24 45.36 81.71
N VAL L 370 -82.01 44.90 82.92
CA VAL L 370 -82.85 45.35 84.01
C VAL L 370 -83.20 46.79 83.78
N ARG L 371 -82.18 47.57 83.46
CA ARG L 371 -82.43 48.98 83.24
C ARG L 371 -83.63 49.19 82.34
N LYS L 372 -83.44 49.06 81.03
CA LYS L 372 -84.56 49.25 80.11
C LYS L 372 -85.76 48.50 80.65
N ALA L 373 -85.52 47.41 81.36
CA ALA L 373 -86.60 46.61 81.92
C ALA L 373 -87.44 47.39 82.91
N VAL L 374 -86.79 47.96 83.91
CA VAL L 374 -87.54 48.75 84.86
C VAL L 374 -88.19 49.82 84.03
N ARG L 375 -87.36 50.48 83.24
CA ARG L 375 -87.81 51.54 82.37
C ARG L 375 -89.05 51.05 81.64
N ALA L 376 -89.16 49.74 81.50
CA ALA L 376 -90.32 49.15 80.84
C ALA L 376 -91.50 49.38 81.76
N ILE L 377 -91.38 48.90 83.00
CA ILE L 377 -92.44 49.08 83.97
C ILE L 377 -92.95 50.49 83.78
N GLY L 378 -92.01 51.38 83.51
CA GLY L 378 -92.36 52.76 83.29
C GLY L 378 -93.34 52.96 82.16
N ARG L 379 -92.80 53.02 80.94
CA ARG L 379 -93.64 53.23 79.77
C ARG L 379 -94.94 52.46 79.98
N CYS L 380 -94.82 51.27 80.57
CA CYS L 380 -95.97 50.43 80.83
C CYS L 380 -97.10 51.21 81.50
N ALA L 381 -96.90 51.59 82.76
CA ALA L 381 -97.90 52.33 83.51
C ALA L 381 -98.46 53.46 82.68
N ILE L 382 -97.60 54.15 81.94
CA ILE L 382 -98.07 55.27 81.13
C ILE L 382 -99.20 54.88 80.16
N LYS L 383 -98.94 53.91 79.29
CA LYS L 383 -99.94 53.51 78.32
C LYS L 383 -101.23 53.00 78.98
N VAL L 384 -101.11 52.28 80.08
CA VAL L 384 -102.31 51.77 80.76
C VAL L 384 -102.60 52.48 82.10
N GLU L 385 -103.14 53.69 82.02
CA GLU L 385 -103.45 54.49 83.20
C GLU L 385 -104.11 53.64 84.23
N GLN L 386 -105.10 52.91 83.75
CA GLN L 386 -105.91 52.01 84.53
C GLN L 386 -105.04 51.03 85.33
N SER L 387 -103.73 51.20 85.25
CA SER L 387 -102.85 50.29 85.94
C SER L 387 -101.72 50.97 86.70
N ALA L 388 -101.86 52.26 86.94
CA ALA L 388 -100.83 53.03 87.64
C ALA L 388 -100.28 52.33 88.89
N GLU L 389 -101.01 52.44 90.01
CA GLU L 389 -100.58 51.84 91.28
C GLU L 389 -99.85 50.56 90.98
N ARG L 390 -100.64 49.60 90.49
CA ARG L 390 -100.17 48.28 90.12
C ARG L 390 -98.66 48.36 89.89
N CYS L 391 -98.26 49.18 88.92
CA CYS L 391 -96.84 49.34 88.63
C CYS L 391 -96.13 49.81 89.88
N VAL L 392 -96.37 51.07 90.21
CA VAL L 392 -95.78 51.64 91.39
C VAL L 392 -95.53 50.55 92.39
N SER L 393 -96.64 49.98 92.85
CA SER L 393 -96.63 48.91 93.83
C SER L 393 -95.40 48.04 93.70
N THR L 394 -95.14 47.55 92.50
CA THR L 394 -93.97 46.69 92.32
C THR L 394 -92.69 47.51 92.34
N LEU L 395 -92.69 48.67 91.69
CA LEU L 395 -91.48 49.48 91.70
C LEU L 395 -91.01 49.53 93.12
N LEU L 396 -91.80 50.20 93.94
CA LEU L 396 -91.48 50.32 95.34
C LEU L 396 -90.98 48.96 95.78
N ASP L 397 -91.83 47.97 95.59
CA ASP L 397 -91.55 46.59 95.96
C ASP L 397 -90.08 46.22 95.69
N LEU L 398 -89.52 46.71 94.59
CA LEU L 398 -88.14 46.38 94.25
C LEU L 398 -87.14 47.17 95.06
N ILE L 399 -87.36 48.46 95.14
CA ILE L 399 -86.46 49.31 95.88
C ILE L 399 -86.24 48.78 97.28
N GLN L 400 -87.29 48.19 97.84
CA GLN L 400 -87.17 47.65 99.19
C GLN L 400 -86.06 46.61 99.21
N THR L 401 -85.54 46.28 98.04
CA THR L 401 -84.49 45.27 97.98
C THR L 401 -83.13 45.88 98.21
N LYS L 402 -83.05 47.19 98.07
CA LYS L 402 -81.81 47.91 98.31
C LYS L 402 -80.69 47.44 97.37
N VAL L 403 -81.10 46.86 96.25
CA VAL L 403 -80.16 46.42 95.24
C VAL L 403 -79.68 47.67 94.56
N ASN L 404 -78.60 48.24 95.08
CA ASN L 404 -78.06 49.47 94.52
C ASN L 404 -78.62 49.96 93.16
N TYR L 405 -78.05 49.46 92.05
CA TYR L 405 -78.51 49.88 90.73
C TYR L 405 -80.01 49.90 90.48
N VAL L 406 -80.68 48.78 90.74
CA VAL L 406 -82.11 48.72 90.52
C VAL L 406 -82.66 49.99 91.07
N VAL L 407 -82.46 50.16 92.37
CA VAL L 407 -82.93 51.33 93.06
C VAL L 407 -82.91 52.53 92.15
N GLN L 408 -81.74 53.11 91.97
CA GLN L 408 -81.71 54.30 91.15
C GLN L 408 -82.65 54.27 89.95
N GLU L 409 -82.39 53.48 88.92
CA GLU L 409 -83.30 53.53 87.79
C GLU L 409 -84.73 53.62 88.31
N ALA L 410 -85.13 52.68 89.14
CA ALA L 410 -86.45 52.71 89.69
C ALA L 410 -86.88 54.14 89.92
N ILE L 411 -86.33 54.76 90.94
CA ILE L 411 -86.68 56.14 91.23
C ILE L 411 -86.95 56.89 89.97
N VAL L 412 -85.87 57.09 89.21
CA VAL L 412 -85.99 57.81 87.97
C VAL L 412 -87.39 57.64 87.42
N VAL L 413 -87.73 56.40 87.15
CA VAL L 413 -89.06 56.12 86.63
C VAL L 413 -90.11 56.78 87.50
N ILE L 414 -90.26 56.30 88.72
CA ILE L 414 -91.24 56.86 89.63
C ILE L 414 -91.36 58.34 89.38
N LYS L 415 -90.24 59.02 89.33
CA LYS L 415 -90.26 60.44 89.08
C LYS L 415 -91.24 60.66 87.97
N ASP L 416 -90.81 60.31 86.76
CA ASP L 416 -91.64 60.50 85.59
C ASP L 416 -93.11 60.16 85.88
N ILE L 417 -93.35 59.09 86.62
CA ILE L 417 -94.71 58.71 86.95
C ILE L 417 -95.44 59.88 87.56
N PHE L 418 -94.87 60.42 88.62
CA PHE L 418 -95.46 61.55 89.31
C PHE L 418 -95.81 62.68 88.36
N ARG L 419 -94.93 62.93 87.40
CA ARG L 419 -95.21 64.01 86.46
C ARG L 419 -96.59 63.81 85.85
N LYS L 420 -96.95 62.58 85.48
CA LYS L 420 -98.27 62.36 84.89
C LYS L 420 -99.47 62.22 85.81
N TYR L 421 -99.30 61.57 86.96
CA TYR L 421 -100.43 61.42 87.86
C TYR L 421 -100.17 62.12 89.18
N PRO L 422 -100.00 63.43 89.14
CA PRO L 422 -99.74 64.22 90.33
C PRO L 422 -100.65 63.92 91.51
N ASN L 423 -100.21 64.39 92.67
CA ASN L 423 -100.91 64.24 93.94
C ASN L 423 -101.70 62.97 94.04
N LYS L 424 -101.15 61.85 93.59
CA LYS L 424 -101.91 60.62 93.70
C LYS L 424 -101.10 59.63 94.52
N TYR L 425 -99.80 59.87 94.58
CA TYR L 425 -98.93 58.99 95.34
C TYR L 425 -98.15 59.85 96.29
N GLU L 426 -98.17 59.47 97.56
CA GLU L 426 -97.49 60.24 98.57
C GLU L 426 -96.71 59.32 99.44
N SER L 427 -97.41 58.75 100.41
CA SER L 427 -96.82 57.82 101.37
C SER L 427 -95.47 57.34 100.84
N VAL L 428 -95.48 56.88 99.60
CA VAL L 428 -94.30 56.39 98.92
C VAL L 428 -93.07 57.30 99.06
N ILE L 429 -93.30 58.60 99.23
CA ILE L 429 -92.22 59.55 99.36
C ILE L 429 -91.18 59.20 100.41
N ALA L 430 -91.55 59.28 101.68
CA ALA L 430 -90.60 58.96 102.73
C ALA L 430 -89.90 57.65 102.40
N THR L 431 -90.70 56.59 102.24
CA THR L 431 -90.18 55.26 101.92
C THR L 431 -89.14 55.37 100.81
N LEU L 432 -89.28 56.44 100.03
CA LEU L 432 -88.38 56.67 98.91
C LEU L 432 -86.99 57.08 99.38
N CYS L 433 -86.87 58.32 99.82
CA CYS L 433 -85.61 58.89 100.29
C CYS L 433 -84.79 57.84 100.96
N GLU L 434 -85.45 57.10 101.85
CA GLU L 434 -84.84 56.02 102.60
C GLU L 434 -83.46 55.79 102.03
N ASN L 435 -83.44 55.19 100.83
CA ASN L 435 -82.19 54.92 100.15
C ASN L 435 -81.83 56.20 99.44
N LEU L 436 -80.99 57.02 100.07
CA LEU L 436 -80.60 58.27 99.46
C LEU L 436 -79.14 58.18 99.04
N ASP L 437 -78.36 57.52 99.87
CA ASP L 437 -76.94 57.38 99.59
C ASP L 437 -76.75 56.60 98.32
N SER L 438 -77.08 55.32 98.41
CA SER L 438 -76.96 54.38 97.31
C SER L 438 -77.22 54.93 95.89
N ASP L 439 -77.72 56.16 95.77
CA ASP L 439 -78.02 56.76 94.46
C ASP L 439 -76.89 57.63 94.01
N ASP L 440 -76.11 57.12 93.08
CA ASP L 440 -74.97 57.89 92.65
C ASP L 440 -75.00 58.30 91.24
N GLU L 441 -76.15 58.23 90.62
CA GLU L 441 -76.08 58.64 89.26
C GLU L 441 -76.63 60.03 89.04
N PRO L 442 -76.38 60.60 87.87
CA PRO L 442 -76.91 61.93 87.64
C PRO L 442 -78.40 61.96 87.71
N GLU L 443 -79.04 61.82 86.56
CA GLU L 443 -80.49 61.87 86.47
C GLU L 443 -81.12 61.23 87.69
N ALA L 444 -80.56 60.12 88.14
CA ALA L 444 -81.09 59.45 89.32
C ALA L 444 -81.13 60.48 90.45
N ARG L 445 -79.95 60.85 90.95
CA ARG L 445 -79.88 61.85 92.01
C ARG L 445 -80.81 62.97 91.59
N ALA L 446 -80.38 63.70 90.58
CA ALA L 446 -81.15 64.81 90.06
C ALA L 446 -82.61 64.58 90.39
N ALA L 447 -83.26 63.80 89.53
CA ALA L 447 -84.66 63.48 89.70
C ALA L 447 -85.03 63.50 91.17
N MET L 448 -84.48 62.57 91.92
CA MET L 448 -84.75 62.50 93.35
C MET L 448 -84.90 63.90 93.92
N ILE L 449 -83.83 64.68 93.79
CA ILE L 449 -83.85 66.04 94.30
C ILE L 449 -85.12 66.73 93.87
N TRP L 450 -85.18 67.12 92.60
CA TRP L 450 -86.35 67.82 92.09
C TRP L 450 -87.64 67.34 92.76
N ILE L 451 -87.73 66.04 93.00
CA ILE L 451 -88.93 65.53 93.65
C ILE L 451 -89.11 66.21 94.97
N VAL L 452 -88.13 66.03 95.85
CA VAL L 452 -88.21 66.64 97.16
C VAL L 452 -88.73 68.04 96.97
N GLY L 453 -88.03 68.83 96.17
CA GLY L 453 -88.44 70.18 95.93
C GLY L 453 -89.95 70.25 95.85
N GLU L 454 -90.49 69.83 94.71
CA GLU L 454 -91.93 69.87 94.50
C GLU L 454 -92.74 69.58 95.75
N TYR L 455 -92.78 68.31 96.10
CA TYR L 455 -93.55 67.86 97.24
C TYR L 455 -92.96 68.22 98.60
N ALA L 456 -92.30 69.37 98.66
CA ALA L 456 -91.66 69.83 99.90
C ALA L 456 -92.58 69.84 101.10
N GLU L 457 -93.76 70.42 100.92
CA GLU L 457 -94.74 70.49 101.98
C GLU L 457 -94.57 69.31 102.93
N ARG L 458 -94.78 68.09 102.43
CA ARG L 458 -94.70 66.86 103.23
C ARG L 458 -93.44 66.61 104.05
N SER L 459 -92.34 66.26 103.41
CA SER L 459 -91.13 65.98 104.16
C SER L 459 -90.67 67.19 104.94
N ASP L 460 -90.52 67.03 106.24
CA ASP L 460 -90.07 68.12 107.09
C ASP L 460 -88.61 68.29 106.74
N ASN L 461 -87.85 67.25 107.02
CA ASN L 461 -86.43 67.21 106.77
C ASN L 461 -86.02 67.89 105.49
N ALA L 462 -86.94 67.93 104.53
CA ALA L 462 -86.70 68.54 103.25
C ALA L 462 -85.32 69.18 103.26
N ASP L 463 -85.19 70.18 104.11
CA ASP L 463 -83.96 70.91 104.25
C ASP L 463 -82.71 70.07 104.10
N GLU L 464 -82.16 69.63 105.24
CA GLU L 464 -80.93 68.86 105.20
C GLU L 464 -80.77 68.04 103.94
N LEU L 465 -81.78 67.26 103.58
CA LEU L 465 -81.67 66.44 102.38
C LEU L 465 -81.01 67.31 101.34
N LEU L 466 -81.75 68.28 100.84
CA LEU L 466 -81.17 69.14 99.84
C LEU L 466 -79.81 69.59 100.33
N GLU L 467 -79.78 70.25 101.47
CA GLU L 467 -78.53 70.74 102.04
C GLU L 467 -77.39 69.77 101.80
N SER L 468 -77.59 68.53 102.21
CA SER L 468 -76.57 67.50 102.08
C SER L 468 -75.72 67.71 100.84
N PHE L 469 -76.37 67.76 99.69
CA PHE L 469 -75.61 67.91 98.46
C PHE L 469 -74.72 69.15 98.39
N LEU L 470 -75.21 70.26 98.94
CA LEU L 470 -74.44 71.51 98.91
C LEU L 470 -72.95 71.43 99.13
N ASP L 471 -72.54 71.37 100.40
CA ASP L 471 -71.12 71.32 100.74
C ASP L 471 -70.35 70.67 99.60
N GLY L 472 -70.98 69.68 98.97
CA GLY L 472 -70.38 69.00 97.84
C GLY L 472 -71.07 69.37 96.55
N PHE L 473 -70.89 70.62 96.14
CA PHE L 473 -71.48 71.13 94.93
C PHE L 473 -70.32 71.60 94.08
N HIS L 474 -70.48 72.71 93.37
CA HIS L 474 -69.45 73.26 92.49
C HIS L 474 -69.02 72.11 91.59
N ASP L 475 -69.58 70.93 91.85
CA ASP L 475 -69.25 69.77 91.06
C ASP L 475 -70.22 68.64 91.26
N GLU L 476 -71.02 68.47 90.23
CA GLU L 476 -72.03 67.46 90.13
C GLU L 476 -72.73 67.85 88.85
N SER L 477 -73.07 66.85 88.06
CA SER L 477 -73.71 67.07 86.77
C SER L 477 -74.51 68.36 86.65
N THR L 478 -74.22 69.10 85.58
CA THR L 478 -74.89 70.35 85.30
C THR L 478 -76.36 70.28 85.73
N GLN L 479 -77.11 69.46 85.00
CA GLN L 479 -78.54 69.29 85.26
C GLN L 479 -78.93 69.23 86.74
N VAL L 480 -78.21 68.42 87.51
CA VAL L 480 -78.55 68.31 88.92
C VAL L 480 -78.37 69.65 89.62
N GLN L 481 -77.25 70.30 89.35
CA GLN L 481 -76.99 71.58 89.96
C GLN L 481 -78.31 72.31 89.89
N LEU L 482 -78.92 72.27 88.72
CA LEU L 482 -80.19 72.93 88.51
C LEU L 482 -81.29 72.60 89.48
N GLN L 483 -82.02 71.52 89.21
CA GLN L 483 -83.14 71.20 90.08
C GLN L 483 -82.83 71.61 91.47
N LEU L 484 -81.70 71.09 91.96
CA LEU L 484 -81.27 71.38 93.29
C LEU L 484 -81.52 72.86 93.56
N LEU L 485 -81.04 73.71 92.68
CA LEU L 485 -81.27 75.13 92.88
C LEU L 485 -82.78 75.27 92.95
N THR L 486 -83.41 75.12 91.79
CA THR L 486 -84.85 75.23 91.72
C THR L 486 -85.51 74.74 92.99
N ALA L 487 -85.42 73.44 93.25
CA ALA L 487 -86.02 72.87 94.45
C ALA L 487 -85.87 73.77 95.66
N ILE L 488 -84.64 73.96 96.12
CA ILE L 488 -84.38 74.79 97.29
C ILE L 488 -85.42 75.90 97.28
N VAL L 489 -85.32 76.73 96.27
CA VAL L 489 -86.24 77.82 96.12
C VAL L 489 -87.62 77.35 96.55
N LYS L 490 -88.17 76.45 95.75
CA LYS L 490 -89.49 75.90 96.01
C LYS L 490 -89.84 75.87 97.50
N LEU L 491 -89.06 75.16 98.31
CA LEU L 491 -89.43 75.09 99.71
C LEU L 491 -89.31 76.42 100.39
N PHE L 492 -88.34 77.22 99.96
CA PHE L 492 -88.19 78.51 100.57
C PHE L 492 -89.50 79.22 100.44
N LEU L 493 -90.16 78.98 99.31
CA LEU L 493 -91.45 79.59 99.01
C LEU L 493 -92.58 78.88 99.74
N LYS L 494 -92.26 77.78 100.42
CA LYS L 494 -93.24 77.09 101.24
C LYS L 494 -93.12 77.91 102.52
N LYS L 495 -92.49 79.08 102.36
CA LYS L 495 -92.24 80.10 103.37
C LYS L 495 -91.35 79.80 104.56
N PRO L 496 -90.95 78.53 104.75
CA PRO L 496 -90.10 78.34 105.92
C PRO L 496 -89.22 79.54 106.20
N THR L 497 -89.16 79.90 107.46
CA THR L 497 -88.37 81.03 107.89
C THR L 497 -86.95 80.52 107.97
N GLU L 498 -86.85 79.21 108.18
CA GLU L 498 -85.61 78.45 108.33
C GLU L 498 -84.85 78.24 107.02
N THR L 499 -85.46 78.68 105.93
CA THR L 499 -84.89 78.52 104.60
C THR L 499 -83.87 79.59 104.26
N GLN L 500 -84.01 80.76 104.90
CA GLN L 500 -83.13 81.88 104.63
C GLN L 500 -81.74 81.43 104.22
N GLU L 501 -80.82 81.33 105.19
CA GLU L 501 -79.42 80.94 104.92
C GLU L 501 -79.24 79.94 103.77
N LEU L 502 -80.12 78.95 103.67
CA LEU L 502 -80.02 77.96 102.62
C LEU L 502 -80.11 78.65 101.29
N VAL L 503 -81.34 78.90 100.87
CA VAL L 503 -81.57 79.55 99.60
C VAL L 503 -80.47 80.53 99.31
N GLN L 504 -80.15 81.34 100.30
CA GLN L 504 -79.07 82.32 100.17
C GLN L 504 -77.90 81.60 99.54
N GLN L 505 -77.20 80.83 100.36
CA GLN L 505 -76.05 80.06 99.92
C GLN L 505 -76.28 79.53 98.52
N VAL L 506 -77.34 78.75 98.35
CA VAL L 506 -77.65 78.16 97.06
C VAL L 506 -77.30 79.16 96.00
N LEU L 507 -78.19 80.14 95.83
CA LEU L 507 -77.96 81.17 94.84
C LEU L 507 -76.51 81.55 94.89
N SER L 508 -76.12 82.13 96.01
CA SER L 508 -74.75 82.60 96.20
C SER L 508 -73.77 81.74 95.44
N LEU L 509 -73.79 80.43 95.71
CA LEU L 509 -72.87 79.53 95.01
C LEU L 509 -73.08 79.60 93.53
N ALA L 510 -74.32 79.36 93.10
CA ALA L 510 -74.68 79.39 91.70
C ALA L 510 -74.75 80.83 91.19
N THR L 511 -74.09 81.75 91.89
CA THR L 511 -74.09 83.14 91.49
C THR L 511 -72.72 83.63 91.04
N GLN L 512 -71.72 83.48 91.88
CA GLN L 512 -70.40 83.94 91.52
C GLN L 512 -69.36 82.83 91.67
N ASP L 513 -69.65 81.88 92.55
CA ASP L 513 -68.71 80.79 92.76
C ASP L 513 -68.88 79.70 91.69
N SER L 514 -69.76 79.98 90.71
CA SER L 514 -70.06 79.05 89.61
C SER L 514 -69.68 79.67 88.25
N ASP L 515 -69.38 78.82 87.26
CA ASP L 515 -68.98 79.30 85.94
C ASP L 515 -69.68 78.61 84.78
N ASN L 516 -71.00 78.62 84.84
CA ASN L 516 -71.81 78.02 83.81
C ASN L 516 -72.89 79.00 83.43
N PRO L 517 -72.62 79.83 82.42
CA PRO L 517 -73.53 80.83 81.89
C PRO L 517 -74.97 80.56 82.24
N ASP L 518 -75.57 79.60 81.54
CA ASP L 518 -76.97 79.29 81.78
C ASP L 518 -77.27 79.38 83.24
N LEU L 519 -76.58 78.53 83.99
CA LEU L 519 -76.73 78.49 85.42
C LEU L 519 -76.79 79.92 85.96
N ARG L 520 -75.68 80.65 85.86
CA ARG L 520 -75.62 82.03 86.36
C ARG L 520 -76.98 82.70 86.20
N ASP L 521 -77.56 82.57 85.01
CA ASP L 521 -78.84 83.16 84.71
C ASP L 521 -79.98 82.68 85.55
N ARG L 522 -80.55 81.53 85.17
CA ARG L 522 -81.70 81.02 85.89
C ARG L 522 -81.40 81.38 87.32
N GLY L 523 -80.12 81.27 87.68
CA GLY L 523 -79.73 81.66 89.01
C GLY L 523 -80.12 83.11 89.28
N TYR L 524 -79.35 84.06 88.75
CA TYR L 524 -79.65 85.46 88.97
C TYR L 524 -81.13 85.72 88.88
N ILE L 525 -81.73 85.34 87.76
CA ILE L 525 -83.17 85.51 87.55
C ILE L 525 -83.89 85.40 88.88
N TYR L 526 -83.79 84.23 89.50
CA TYR L 526 -84.44 84.05 90.79
C TYR L 526 -83.95 85.12 91.79
N TRP L 527 -82.63 85.28 91.95
CA TRP L 527 -82.07 86.28 92.89
C TRP L 527 -82.74 87.65 92.79
N ARG L 528 -83.30 87.94 91.62
CA ARG L 528 -83.96 89.22 91.44
C ARG L 528 -85.43 89.07 91.74
N LEU L 529 -86.01 87.95 91.32
CA LEU L 529 -87.42 87.75 91.59
C LEU L 529 -87.70 87.87 93.07
N LEU L 530 -86.79 87.36 93.88
CA LEU L 530 -86.95 87.39 95.33
C LEU L 530 -86.52 88.69 95.98
N SER L 531 -85.36 89.20 95.58
CA SER L 531 -84.83 90.43 96.14
C SER L 531 -85.80 91.59 95.91
N THR L 532 -86.87 91.30 95.18
CA THR L 532 -87.92 92.27 94.85
C THR L 532 -89.29 92.02 95.49
N ASP L 533 -89.94 90.88 95.15
CA ASP L 533 -91.27 90.52 95.72
C ASP L 533 -91.64 89.07 96.06
N PRO L 534 -91.21 88.58 97.22
CA PRO L 534 -91.55 87.21 97.60
C PRO L 534 -92.95 86.78 97.14
N VAL L 535 -94.01 87.37 97.72
CA VAL L 535 -95.39 87.00 97.35
C VAL L 535 -95.45 86.66 95.85
N ALA L 536 -95.01 87.62 95.04
CA ALA L 536 -94.98 87.50 93.58
C ALA L 536 -94.32 86.19 93.17
N ALA L 537 -93.03 86.11 93.47
CA ALA L 537 -92.25 84.93 93.17
C ALA L 537 -93.08 83.70 93.48
N LYS L 538 -93.51 83.60 94.74
CA LYS L 538 -94.30 82.47 95.20
C LYS L 538 -95.21 81.98 94.09
N GLU L 539 -96.28 82.72 93.81
CA GLU L 539 -97.20 82.29 92.76
C GLU L 539 -96.45 81.90 91.49
N VAL L 540 -95.54 82.77 91.06
CA VAL L 540 -94.75 82.54 89.87
C VAL L 540 -94.18 81.14 89.74
N VAL L 541 -93.11 80.91 90.49
CA VAL L 541 -92.40 79.63 90.48
C VAL L 541 -93.23 78.40 90.68
N LEU L 542 -93.90 78.29 91.82
CA LEU L 542 -94.71 77.12 92.06
C LEU L 542 -96.05 77.36 91.44
N ALA L 543 -96.04 77.81 90.20
CA ALA L 543 -97.33 78.06 89.57
C ALA L 543 -97.97 76.78 89.05
N GLU L 544 -99.28 76.86 88.83
CA GLU L 544 -100.08 75.78 88.33
C GLU L 544 -99.24 75.29 87.12
N LYS L 545 -98.80 74.04 87.19
CA LYS L 545 -97.94 73.40 86.16
C LYS L 545 -98.75 72.45 85.27
N PRO L 546 -98.79 72.76 83.96
CA PRO L 546 -99.42 72.20 82.77
C PRO L 546 -99.33 70.72 82.71
N LEU L 547 -99.85 70.09 81.67
CA LEU L 547 -99.80 68.65 81.61
C LEU L 547 -98.70 68.27 80.67
N ILE L 548 -98.21 67.03 80.72
CA ILE L 548 -97.08 66.63 79.84
C ILE L 548 -97.53 65.91 78.55
N SER L 549 -96.66 65.96 77.53
CA SER L 549 -96.97 65.38 76.22
C SER L 549 -95.83 64.68 75.45
N GLU L 550 -95.79 63.34 75.50
CA GLU L 550 -94.79 62.57 74.73
C GLU L 550 -95.53 61.55 73.85
N GLU L 551 -96.44 62.12 73.08
CA GLU L 551 -97.25 61.43 72.10
C GLU L 551 -96.35 61.41 70.87
N THR L 552 -95.27 62.18 70.95
CA THR L 552 -94.26 62.29 69.89
C THR L 552 -93.78 60.86 69.55
N ASP L 553 -94.16 59.87 70.37
CA ASP L 553 -93.75 58.46 70.18
C ASP L 553 -94.88 57.41 69.90
N LEU L 554 -94.50 56.31 69.23
CA LEU L 554 -95.38 55.21 68.82
C LEU L 554 -95.94 55.48 67.39
N ILE L 555 -95.03 55.32 66.41
CA ILE L 555 -95.15 55.50 64.92
C ILE L 555 -96.23 56.38 64.30
N GLU L 556 -96.01 56.79 63.05
CA GLU L 556 -96.95 57.64 62.32
C GLU L 556 -97.85 56.93 61.32
N PRO L 557 -98.80 57.68 60.74
CA PRO L 557 -99.74 57.15 59.76
C PRO L 557 -99.14 56.94 58.36
N THR L 558 -98.94 58.03 57.63
CA THR L 558 -98.39 57.98 56.27
C THR L 558 -97.17 57.09 56.18
N LEU L 559 -96.25 57.32 57.11
CA LEU L 559 -95.02 56.56 57.16
C LEU L 559 -95.29 55.07 57.39
N LEU L 560 -96.08 54.72 58.40
CA LEU L 560 -96.39 53.31 58.70
C LEU L 560 -96.76 52.48 57.46
N ASP L 561 -97.84 52.90 56.78
CA ASP L 561 -98.31 52.20 55.59
C ASP L 561 -97.14 51.92 54.64
N GLU L 562 -96.44 52.99 54.27
CA GLU L 562 -95.30 52.91 53.36
C GLU L 562 -94.22 51.87 53.70
N LEU L 563 -93.85 51.78 54.98
CA LEU L 563 -92.82 50.85 55.42
C LEU L 563 -93.17 49.39 55.26
N ILE L 564 -94.28 49.00 55.86
CA ILE L 564 -94.71 47.62 55.78
C ILE L 564 -94.26 46.94 54.48
N CYS L 565 -94.16 47.71 53.40
CA CYS L 565 -93.72 47.19 52.10
C CYS L 565 -92.35 46.48 52.15
N TYR L 566 -91.41 47.11 52.83
CA TYR L 566 -90.04 46.63 52.94
C TYR L 566 -89.75 45.64 54.05
N ILE L 567 -90.68 44.78 54.42
CA ILE L 567 -90.34 43.88 55.49
C ILE L 567 -89.20 42.98 55.03
N GLY L 568 -88.35 42.55 55.97
CA GLY L 568 -87.21 41.72 55.63
C GLY L 568 -86.14 42.57 54.98
N THR L 569 -86.32 43.87 55.12
CA THR L 569 -85.45 44.91 54.57
C THR L 569 -84.66 45.61 55.66
N LEU L 570 -83.60 46.30 55.27
CA LEU L 570 -82.81 47.03 56.24
C LEU L 570 -83.78 47.98 56.88
N ALA L 571 -84.47 48.72 56.03
CA ALA L 571 -85.44 49.67 56.51
C ALA L 571 -86.33 48.88 57.45
N SER L 572 -86.61 47.64 57.07
CA SER L 572 -87.46 46.78 57.86
C SER L 572 -86.98 46.75 59.29
N VAL L 573 -85.73 47.15 59.51
CA VAL L 573 -85.20 47.16 60.86
C VAL L 573 -85.03 48.54 61.49
N TYR L 574 -84.48 49.47 60.73
CA TYR L 574 -84.30 50.81 61.26
C TYR L 574 -85.66 51.46 61.46
N HIS L 575 -86.63 51.03 60.66
CA HIS L 575 -87.96 51.59 60.69
C HIS L 575 -87.81 52.94 60.04
N LYS L 576 -86.98 53.01 59.01
CA LYS L 576 -86.78 54.26 58.34
C LYS L 576 -86.76 54.11 56.84
N PRO L 577 -86.83 55.25 56.13
CA PRO L 577 -86.85 55.35 54.67
C PRO L 577 -85.56 55.20 53.90
N PRO L 578 -85.67 54.51 52.77
CA PRO L 578 -84.50 54.31 51.93
C PRO L 578 -83.72 55.62 51.73
N ASN L 579 -84.33 56.76 52.02
CA ASN L 579 -83.64 58.05 51.89
C ASN L 579 -82.43 58.23 52.81
N ALA L 580 -82.42 57.54 53.94
CA ALA L 580 -81.33 57.62 54.89
C ALA L 580 -80.21 56.65 54.51
N PHE L 581 -80.57 55.58 53.82
CA PHE L 581 -79.54 54.62 53.43
C PHE L 581 -78.77 55.00 52.14
N VAL L 582 -79.48 54.88 51.03
CA VAL L 582 -79.06 55.15 49.61
C VAL L 582 -77.74 55.80 49.11
N GLU L 583 -77.17 56.72 49.88
CA GLU L 583 -75.95 57.42 49.44
C GLU L 583 -74.95 56.68 48.54
N GLY L 584 -75.26 56.58 47.33
N SER M 2 14.79 -20.66 -39.59
CA SER M 2 15.40 -21.87 -38.97
C SER M 2 16.47 -21.50 -37.93
N ALA M 3 17.75 -21.65 -38.25
CA ALA M 3 18.83 -21.32 -37.33
C ALA M 3 19.06 -19.80 -37.18
N SER M 4 19.13 -19.28 -35.95
CA SER M 4 19.34 -17.84 -35.72
C SER M 4 20.64 -17.48 -35.01
N ALA M 5 21.44 -18.49 -34.68
CA ALA M 5 22.70 -18.23 -33.98
C ALA M 5 23.60 -19.45 -33.99
N VAL M 6 24.91 -19.20 -33.97
CA VAL M 6 25.87 -20.28 -33.96
C VAL M 6 26.99 -19.91 -33.04
N TYR M 7 27.33 -20.79 -32.11
CA TYR M 7 28.40 -20.50 -31.18
C TYR M 7 29.44 -21.59 -31.27
N VAL M 8 30.45 -21.48 -30.42
CA VAL M 8 31.49 -22.47 -30.37
C VAL M 8 31.99 -22.36 -28.96
N LEU M 9 31.70 -23.33 -28.11
CA LEU M 9 32.17 -23.23 -26.75
C LEU M 9 33.25 -24.21 -26.40
N ASP M 10 33.84 -24.01 -25.23
CA ASP M 10 34.89 -24.89 -24.74
C ASP M 10 34.28 -25.57 -23.52
N LEU M 11 34.56 -26.87 -23.39
CA LEU M 11 34.07 -27.69 -22.28
C LEU M 11 33.32 -26.88 -21.25
N LYS M 12 34.03 -26.00 -20.56
CA LYS M 12 33.46 -25.13 -19.53
C LYS M 12 32.05 -24.64 -19.82
N GLY M 13 31.75 -24.45 -21.11
CA GLY M 13 30.44 -23.99 -21.48
C GLY M 13 30.38 -22.48 -21.61
N LYS M 14 31.55 -21.86 -21.64
CA LYS M 14 31.60 -20.42 -21.76
C LYS M 14 31.70 -20.08 -23.22
N VAL M 15 31.07 -18.96 -23.57
CA VAL M 15 31.08 -18.48 -24.94
C VAL M 15 32.49 -18.28 -25.40
N LEU M 16 32.89 -19.07 -26.39
CA LEU M 16 34.23 -19.02 -26.94
C LEU M 16 34.35 -18.00 -28.08
N ILE M 17 33.46 -18.09 -29.06
CA ILE M 17 33.48 -17.16 -30.19
C ILE M 17 32.26 -17.46 -31.03
N CYS M 18 31.61 -16.43 -31.56
CA CYS M 18 30.37 -16.67 -32.30
C CYS M 18 29.87 -15.52 -33.15
N ARG M 19 28.74 -15.78 -33.81
CA ARG M 19 28.04 -14.82 -34.65
C ARG M 19 26.52 -14.90 -34.54
N ASN M 20 25.88 -13.74 -34.55
CA ASN M 20 24.43 -13.59 -34.42
C ASN M 20 23.72 -13.24 -35.74
N TYR M 21 23.11 -14.23 -36.39
CA TYR M 21 22.44 -13.99 -37.66
C TYR M 21 20.98 -13.54 -37.61
N ARG M 22 20.43 -13.31 -36.44
CA ARG M 22 19.02 -12.93 -36.36
C ARG M 22 18.64 -12.06 -35.16
N GLY M 23 17.47 -12.28 -34.56
CA GLY M 23 17.04 -11.46 -33.43
C GLY M 23 16.39 -12.17 -32.24
N ASP M 24 17.25 -12.70 -31.35
CA ASP M 24 16.89 -13.43 -30.13
C ASP M 24 17.88 -13.04 -29.04
N VAL M 25 17.38 -12.73 -27.82
CA VAL M 25 18.21 -12.26 -26.67
C VAL M 25 19.50 -13.03 -26.41
N ASP M 26 20.01 -13.65 -27.46
CA ASP M 26 21.27 -14.36 -27.48
C ASP M 26 22.03 -14.27 -26.17
N MET M 27 22.47 -13.03 -25.88
CA MET M 27 23.24 -12.70 -24.68
C MET M 27 23.00 -13.62 -23.50
N SER M 28 21.75 -14.02 -23.29
CA SER M 28 21.45 -14.92 -22.20
C SER M 28 21.60 -16.37 -22.67
N GLU M 29 20.46 -17.04 -22.80
CA GLU M 29 20.38 -18.45 -23.21
C GLU M 29 21.69 -19.22 -23.32
N VAL M 30 22.54 -18.86 -24.28
CA VAL M 30 23.81 -19.56 -24.43
C VAL M 30 24.45 -19.84 -23.07
N GLU M 31 24.38 -18.86 -22.19
CA GLU M 31 24.94 -18.97 -20.87
C GLU M 31 24.32 -20.15 -20.14
N HIS M 32 22.99 -20.22 -20.16
CA HIS M 32 22.28 -21.31 -19.50
C HIS M 32 22.64 -22.67 -20.07
N PHE M 33 23.09 -22.70 -21.32
CA PHE M 33 23.43 -23.96 -21.97
C PHE M 33 23.98 -24.99 -21.03
N MET M 34 25.29 -24.92 -20.82
CA MET M 34 25.99 -25.85 -19.97
C MET M 34 25.11 -26.31 -18.81
N PRO M 35 24.77 -25.41 -17.89
CA PRO M 35 23.92 -25.80 -16.75
C PRO M 35 22.83 -26.78 -17.13
N ILE M 36 21.99 -26.40 -18.08
CA ILE M 36 20.90 -27.27 -18.52
C ILE M 36 21.44 -28.61 -18.94
N LEU M 37 22.36 -28.56 -19.89
CA LEU M 37 22.97 -29.77 -20.39
C LEU M 37 23.11 -30.73 -19.23
N MET M 38 24.08 -30.47 -18.37
CA MET M 38 24.34 -31.32 -17.23
C MET M 38 23.05 -31.93 -16.62
N GLU M 39 22.15 -31.10 -16.11
CA GLU M 39 20.91 -31.62 -15.51
C GLU M 39 20.17 -32.65 -16.36
N LYS M 40 20.01 -32.34 -17.64
CA LYS M 40 19.32 -33.24 -18.54
C LYS M 40 20.12 -34.52 -18.75
N GLU M 41 21.35 -34.55 -18.23
CA GLU M 41 22.17 -35.77 -18.33
C GLU M 41 21.93 -36.57 -17.06
N GLU M 42 21.50 -35.88 -16.01
CA GLU M 42 21.21 -36.53 -14.76
C GLU M 42 19.96 -37.36 -14.96
N GLU M 43 19.05 -36.81 -15.77
CA GLU M 43 17.82 -37.48 -16.10
C GLU M 43 18.08 -38.52 -17.20
N GLY M 44 19.35 -38.66 -17.63
CA GLY M 44 19.71 -39.61 -18.68
C GLY M 44 19.09 -39.22 -20.01
N MET M 45 17.97 -38.48 -19.92
CA MET M 45 17.21 -37.99 -21.08
C MET M 45 18.08 -36.91 -21.73
N LEU M 46 19.26 -37.36 -22.14
CA LEU M 46 20.30 -36.57 -22.77
C LEU M 46 19.99 -36.45 -24.26
N SER M 47 19.44 -35.30 -24.67
CA SER M 47 19.04 -35.08 -26.07
C SER M 47 19.83 -33.97 -26.77
N PRO M 48 20.20 -34.18 -28.05
CA PRO M 48 20.95 -33.14 -28.79
C PRO M 48 20.09 -31.92 -29.11
N ILE M 49 18.95 -31.81 -28.44
CA ILE M 49 18.02 -30.70 -28.61
C ILE M 49 17.53 -30.26 -27.22
N LEU M 50 18.19 -29.27 -26.65
CA LEU M 50 17.81 -28.83 -25.30
C LEU M 50 16.79 -27.73 -25.25
N ALA M 51 16.12 -27.66 -24.11
CA ALA M 51 15.06 -26.69 -23.89
C ALA M 51 15.24 -25.68 -22.75
N HIS M 52 14.91 -24.44 -23.05
CA HIS M 52 14.96 -23.36 -22.08
C HIS M 52 13.96 -22.28 -22.46
N GLY M 53 12.86 -22.19 -21.72
CA GLY M 53 11.84 -21.20 -21.97
C GLY M 53 11.25 -21.10 -23.37
N GLY M 54 11.55 -22.06 -24.23
CA GLY M 54 11.04 -22.02 -25.58
C GLY M 54 12.16 -21.60 -26.52
N VAL M 55 13.36 -22.03 -26.14
CA VAL M 55 14.56 -21.75 -26.90
C VAL M 55 15.28 -23.08 -27.02
N ARG M 56 15.46 -23.53 -28.25
CA ARG M 56 16.07 -24.82 -28.49
C ARG M 56 17.54 -24.72 -28.83
N PHE M 57 18.27 -25.79 -28.51
CA PHE M 57 19.70 -25.83 -28.76
C PHE M 57 20.15 -27.05 -29.51
N MET M 58 20.70 -26.84 -30.70
CA MET M 58 21.21 -27.94 -31.48
C MET M 58 22.70 -27.92 -31.27
N TRP M 59 23.27 -29.04 -30.86
CA TRP M 59 24.71 -29.05 -30.63
C TRP M 59 25.44 -30.31 -31.06
N ILE M 60 26.75 -30.20 -31.10
CA ILE M 60 27.61 -31.31 -31.49
C ILE M 60 28.94 -31.09 -30.82
N LYS M 61 29.42 -32.11 -30.12
CA LYS M 61 30.70 -31.94 -29.47
C LYS M 61 31.77 -32.56 -30.33
N HIS M 62 32.82 -31.79 -30.55
CA HIS M 62 33.98 -32.22 -31.32
C HIS M 62 35.13 -31.99 -30.37
N ASN M 63 36.14 -32.86 -30.42
CA ASN M 63 37.29 -32.73 -29.55
C ASN M 63 37.36 -31.41 -28.83
N ASN M 64 37.09 -31.34 -27.54
CA ASN M 64 37.34 -30.07 -26.87
C ASN M 64 36.45 -28.88 -27.23
N LEU M 65 35.45 -29.05 -28.09
CA LEU M 65 34.65 -27.89 -28.46
C LEU M 65 33.18 -28.14 -28.73
N TYR M 66 32.30 -27.51 -27.96
CA TYR M 66 30.88 -27.69 -28.20
C TYR M 66 30.50 -26.70 -29.26
N LEU M 67 29.76 -27.17 -30.24
CA LEU M 67 29.32 -26.34 -31.32
C LEU M 67 27.82 -26.22 -31.20
N VAL M 68 27.28 -25.03 -31.30
CA VAL M 68 25.85 -24.92 -31.10
C VAL M 68 25.03 -23.96 -31.92
N ALA M 69 23.75 -24.31 -32.10
CA ALA M 69 22.81 -23.51 -32.86
C ALA M 69 21.63 -23.09 -31.99
N THR M 70 20.90 -22.08 -32.44
CA THR M 70 19.78 -21.53 -31.68
C THR M 70 18.59 -21.11 -32.52
N SER M 71 17.39 -21.28 -31.99
CA SER M 71 16.19 -20.87 -32.72
C SER M 71 14.98 -20.71 -31.82
N LYS M 72 14.12 -19.75 -32.15
CA LYS M 72 12.92 -19.51 -31.36
C LYS M 72 11.79 -20.21 -32.08
N LYS M 73 11.86 -20.18 -33.42
CA LYS M 73 10.85 -20.79 -34.28
C LYS M 73 11.05 -22.30 -34.37
N ASN M 74 10.18 -22.95 -35.15
CA ASN M 74 10.25 -24.39 -35.37
C ASN M 74 11.28 -24.69 -36.47
N ALA M 75 12.48 -25.05 -36.05
CA ALA M 75 13.56 -25.34 -36.99
C ALA M 75 13.45 -26.59 -37.82
N CYS M 76 14.27 -26.62 -38.86
CA CYS M 76 14.36 -27.71 -39.81
C CYS M 76 15.56 -28.53 -39.37
N VAL M 77 15.57 -28.87 -38.08
CA VAL M 77 16.66 -29.63 -37.47
C VAL M 77 17.60 -30.28 -38.47
N SER M 78 17.10 -31.33 -39.11
CA SER M 78 17.87 -32.08 -40.09
C SER M 78 18.96 -31.20 -40.64
N LEU M 79 18.56 -30.01 -41.07
CA LEU M 79 19.50 -29.03 -41.60
C LEU M 79 20.60 -28.78 -40.62
N VAL M 80 20.26 -27.83 -39.77
CA VAL M 80 21.10 -27.36 -38.73
C VAL M 80 22.12 -28.42 -38.43
N PHE M 81 21.65 -29.58 -38.01
CA PHE M 81 22.57 -30.64 -37.69
C PHE M 81 23.54 -30.90 -38.84
N SER M 82 23.04 -31.21 -40.03
CA SER M 82 23.93 -31.45 -41.17
C SER M 82 24.92 -30.31 -41.27
N PHE M 83 24.35 -29.12 -41.44
CA PHE M 83 25.13 -27.90 -41.55
C PHE M 83 26.24 -27.85 -40.52
N LEU M 84 25.86 -27.73 -39.25
CA LEU M 84 26.85 -27.66 -38.20
C LEU M 84 27.98 -28.61 -38.49
N TYR M 85 27.66 -29.89 -38.46
CA TYR M 85 28.66 -30.90 -38.73
C TYR M 85 29.53 -30.45 -39.92
N LYS M 86 28.89 -30.05 -41.01
CA LYS M 86 29.65 -29.58 -42.17
C LYS M 86 30.62 -28.50 -41.70
N VAL M 87 30.10 -27.53 -40.96
CA VAL M 87 30.93 -26.46 -40.44
C VAL M 87 32.27 -27.02 -39.99
N VAL M 88 32.22 -28.05 -39.17
CA VAL M 88 33.45 -28.67 -38.72
C VAL M 88 34.23 -28.92 -39.98
N GLN M 89 33.70 -29.85 -40.76
CA GLN M 89 34.29 -30.26 -42.04
C GLN M 89 35.18 -29.14 -42.57
N VAL M 90 34.56 -27.99 -42.83
CA VAL M 90 35.26 -26.83 -43.35
C VAL M 90 36.50 -26.47 -42.54
N PHE M 91 36.27 -26.06 -41.30
CA PHE M 91 37.36 -25.68 -40.43
C PHE M 91 38.49 -26.68 -40.42
N SER M 92 38.19 -27.86 -39.87
CA SER M 92 39.17 -28.92 -39.78
C SER M 92 40.04 -28.96 -41.01
N GLU M 93 39.44 -28.58 -42.13
CA GLU M 93 40.17 -28.59 -43.38
C GLU M 93 41.12 -27.39 -43.46
N TYR M 94 40.65 -26.22 -43.02
CA TYR M 94 41.44 -24.99 -43.08
C TYR M 94 42.69 -24.93 -42.24
N PHE M 95 42.64 -25.65 -41.14
CA PHE M 95 43.73 -25.78 -40.20
C PHE M 95 43.51 -27.19 -39.68
N LYS M 96 44.60 -27.89 -39.38
CA LYS M 96 44.50 -29.30 -38.97
C LYS M 96 43.31 -29.74 -38.12
N GLU M 97 43.25 -29.36 -36.85
CA GLU M 97 42.13 -29.81 -36.02
C GLU M 97 41.46 -28.76 -35.17
N LEU M 98 40.18 -28.95 -34.93
CA LEU M 98 39.41 -28.02 -34.12
C LEU M 98 39.94 -28.22 -32.74
N GLU M 99 39.90 -27.16 -31.95
CA GLU M 99 40.39 -27.20 -30.59
C GLU M 99 40.33 -25.76 -30.18
N GLU M 100 40.08 -25.55 -28.89
CA GLU M 100 40.03 -24.20 -28.37
C GLU M 100 41.17 -23.52 -29.12
N GLU M 101 42.39 -23.93 -28.79
CA GLU M 101 43.58 -23.37 -29.41
C GLU M 101 43.33 -22.94 -30.85
N SER M 102 42.96 -23.89 -31.69
CA SER M 102 42.72 -23.58 -33.09
C SER M 102 41.93 -22.31 -33.27
N ILE M 103 40.71 -22.36 -32.76
CA ILE M 103 39.82 -21.23 -32.86
C ILE M 103 40.51 -20.00 -32.31
N ARG M 104 40.99 -20.12 -31.07
CA ARG M 104 41.68 -19.02 -30.39
C ARG M 104 42.63 -18.31 -31.34
N ASP M 105 43.07 -19.01 -32.37
CA ASP M 105 43.98 -18.41 -33.31
C ASP M 105 43.29 -17.73 -34.45
N ASN M 106 42.71 -18.54 -35.31
CA ASN M 106 42.07 -18.05 -36.50
C ASN M 106 40.81 -17.24 -36.39
N PHE M 107 40.54 -16.69 -35.23
CA PHE M 107 39.33 -15.90 -35.03
C PHE M 107 38.87 -15.23 -36.29
N VAL M 108 39.58 -14.18 -36.63
CA VAL M 108 39.25 -13.41 -37.78
C VAL M 108 38.63 -14.25 -38.88
N ILE M 109 39.44 -15.02 -39.60
CA ILE M 109 38.92 -15.83 -40.70
C ILE M 109 37.60 -16.48 -40.36
N ILE M 110 37.53 -17.06 -39.18
CA ILE M 110 36.29 -17.67 -38.78
C ILE M 110 35.16 -16.68 -38.97
N TYR M 111 35.32 -15.48 -38.43
CA TYR M 111 34.29 -14.49 -38.59
C TYR M 111 33.93 -14.41 -40.07
N GLU M 112 34.95 -14.42 -40.91
CA GLU M 112 34.72 -14.37 -42.35
C GLU M 112 33.92 -15.59 -42.74
N LEU M 113 34.62 -16.72 -42.77
CA LEU M 113 34.03 -17.99 -43.11
C LEU M 113 32.59 -17.97 -42.68
N LEU M 114 32.36 -17.89 -41.38
CA LEU M 114 31.00 -17.87 -40.87
C LEU M 114 30.08 -17.03 -41.73
N ASP M 115 30.42 -15.77 -41.89
CA ASP M 115 29.58 -14.91 -42.68
C ASP M 115 29.25 -15.51 -44.03
N GLU M 116 30.25 -16.01 -44.75
CA GLU M 116 29.98 -16.57 -46.06
C GLU M 116 29.33 -17.97 -46.09
N LEU M 117 29.28 -18.66 -44.94
CA LEU M 117 28.65 -19.98 -44.83
C LEU M 117 27.15 -19.88 -44.85
N MET M 118 26.62 -18.83 -44.26
CA MET M 118 25.18 -18.68 -44.25
C MET M 118 24.81 -17.23 -44.03
N ASP M 119 23.51 -16.96 -44.04
CA ASP M 119 23.05 -15.61 -43.84
C ASP M 119 21.65 -15.57 -43.22
N PHE M 120 21.45 -14.69 -42.25
CA PHE M 120 20.14 -14.55 -41.61
C PHE M 120 19.51 -15.89 -41.23
N GLY M 121 20.32 -16.93 -41.30
CA GLY M 121 19.85 -18.27 -40.98
C GLY M 121 20.11 -19.12 -42.19
N TYR M 122 19.20 -19.03 -43.14
CA TYR M 122 19.35 -19.81 -44.35
C TYR M 122 20.80 -19.78 -44.81
N PRO M 123 21.39 -20.96 -44.97
CA PRO M 123 22.78 -21.00 -45.37
C PRO M 123 23.05 -20.87 -46.86
N GLN M 124 23.52 -19.72 -47.31
CA GLN M 124 23.86 -19.62 -48.71
C GLN M 124 24.97 -20.65 -48.78
N THR M 125 24.70 -21.72 -49.51
CA THR M 125 25.62 -22.86 -49.71
C THR M 125 27.10 -22.63 -49.44
N THR M 126 27.76 -23.72 -49.08
CA THR M 126 29.19 -23.69 -48.86
C THR M 126 29.89 -25.04 -48.75
N ASP M 127 30.99 -25.07 -49.47
CA ASP M 127 31.89 -26.18 -49.61
C ASP M 127 33.27 -25.52 -49.78
N SER M 128 34.33 -26.18 -49.34
CA SER M 128 35.71 -25.64 -49.40
C SER M 128 36.17 -24.90 -50.69
N LYS M 129 36.56 -25.65 -51.73
CA LYS M 129 37.02 -25.06 -52.98
C LYS M 129 36.03 -24.01 -53.51
N ILE M 130 34.75 -24.37 -53.46
CA ILE M 130 33.65 -23.53 -53.90
C ILE M 130 33.59 -22.27 -53.03
N LEU M 131 34.65 -22.03 -52.27
CA LEU M 131 34.65 -20.92 -51.36
C LEU M 131 35.93 -20.09 -51.33
N GLN M 132 37.06 -20.77 -51.17
CA GLN M 132 38.40 -20.15 -51.08
C GLN M 132 38.58 -18.84 -51.85
N GLU M 133 37.61 -18.54 -52.71
CA GLU M 133 37.58 -17.33 -53.52
C GLU M 133 36.89 -16.22 -52.73
N PHE M 134 35.90 -16.59 -51.93
CA PHE M 134 35.18 -15.59 -51.14
C PHE M 134 35.93 -15.21 -49.85
N ILE M 135 36.97 -15.97 -49.51
CA ILE M 135 37.75 -15.71 -48.28
C ILE M 135 39.01 -14.88 -48.43
N THR M 136 39.10 -13.80 -47.64
CA THR M 136 40.23 -12.88 -47.67
C THR M 136 41.58 -13.56 -47.42
N GLN M 137 41.95 -13.77 -46.17
CA GLN M 137 43.22 -14.42 -45.97
C GLN M 137 43.13 -15.81 -45.41
N GLU M 138 44.25 -16.48 -45.60
CA GLU M 138 44.52 -17.84 -45.21
C GLU M 138 44.68 -17.89 -43.69
N GLY M 139 44.33 -19.02 -43.11
CA GLY M 139 44.45 -19.17 -41.67
C GLY M 139 45.63 -20.00 -41.28
N HIS M 140 45.85 -20.11 -39.98
CA HIS M 140 46.97 -20.89 -39.50
C HIS M 140 46.52 -22.25 -39.07
N LYS M 141 47.23 -23.24 -39.58
CA LYS M 141 46.92 -24.61 -39.26
C LYS M 141 47.59 -24.95 -37.93
N LEU M 142 47.46 -26.19 -37.47
CA LEU M 142 48.05 -26.64 -36.21
C LEU M 142 48.05 -28.16 -36.04
N GLU M 143 49.01 -28.83 -36.68
CA GLU M 143 49.11 -30.31 -36.61
C GLU M 143 49.88 -30.66 -35.35
N THR M 144 49.39 -31.66 -34.62
CA THR M 144 50.03 -32.00 -33.37
C THR M 144 50.05 -33.49 -33.05
N GLY M 145 50.57 -33.82 -31.85
CA GLY M 145 50.69 -35.19 -31.38
C GLY M 145 51.24 -35.18 -29.96
N VAL M 157 52.77 -62.12 -22.02
CA VAL M 157 51.89 -61.55 -21.02
C VAL M 157 52.42 -61.77 -19.60
N SER M 158 52.55 -63.04 -19.25
CA SER M 158 53.05 -63.52 -17.95
C SER M 158 52.07 -63.37 -16.77
N TRP M 159 51.24 -62.31 -16.72
CA TRP M 159 50.32 -62.20 -15.57
C TRP M 159 49.07 -63.03 -15.60
N ARG M 160 48.76 -63.56 -16.79
CA ARG M 160 47.65 -64.47 -16.92
C ARG M 160 48.32 -65.71 -17.50
N SER M 161 48.37 -66.79 -16.70
CA SER M 161 48.96 -68.01 -17.19
C SER M 161 48.04 -68.43 -18.36
N GLU M 162 48.17 -69.65 -18.87
CA GLU M 162 47.30 -69.99 -19.98
C GLU M 162 46.38 -71.16 -19.77
N GLY M 163 45.42 -71.28 -20.69
CA GLY M 163 44.43 -72.34 -20.62
C GLY M 163 43.67 -72.27 -19.31
N ILE M 164 43.01 -71.14 -19.04
CA ILE M 164 42.25 -71.02 -17.81
C ILE M 164 40.82 -71.54 -18.12
N LYS M 165 40.13 -71.98 -17.05
CA LYS M 165 38.80 -72.57 -17.09
C LYS M 165 37.66 -71.83 -16.35
N TYR M 166 36.62 -72.67 -16.19
CA TYR M 166 35.30 -72.53 -15.58
C TYR M 166 34.08 -72.12 -16.38
N ARG M 167 33.39 -73.21 -16.65
CA ARG M 167 32.14 -73.35 -17.33
C ARG M 167 31.41 -72.05 -17.62
N LYS M 168 31.04 -71.34 -16.56
CA LYS M 168 30.34 -70.08 -16.73
C LYS M 168 31.30 -68.90 -16.81
N ASN M 169 31.32 -68.26 -17.98
CA ASN M 169 32.18 -67.11 -18.22
C ASN M 169 31.51 -65.89 -17.59
N GLU M 170 32.21 -65.23 -16.67
CA GLU M 170 31.61 -64.05 -16.07
C GLU M 170 32.62 -62.98 -15.70
N VAL M 171 32.10 -61.78 -15.50
CA VAL M 171 32.91 -60.64 -15.19
C VAL M 171 32.29 -59.67 -14.23
N PHE M 172 33.11 -59.08 -13.41
CA PHE M 172 32.64 -58.10 -12.45
C PHE M 172 33.50 -56.86 -12.59
N LEU M 173 32.87 -55.73 -12.91
CA LEU M 173 33.60 -54.49 -13.06
C LEU M 173 32.95 -53.43 -12.22
N ASP M 174 33.65 -53.04 -11.17
CA ASP M 174 33.13 -52.09 -10.22
C ASP M 174 33.98 -50.84 -10.10
N VAL M 175 33.35 -49.69 -10.26
CA VAL M 175 34.07 -48.44 -10.14
C VAL M 175 33.53 -47.81 -8.90
N ILE M 176 34.42 -47.29 -8.08
CA ILE M 176 34.01 -46.70 -6.83
C ILE M 176 34.71 -45.37 -6.60
N GLU M 177 34.00 -44.43 -6.00
CA GLU M 177 34.54 -43.12 -5.74
C GLU M 177 34.13 -42.63 -4.37
N ALA M 178 35.13 -42.28 -3.56
CA ALA M 178 34.90 -41.77 -2.22
C ALA M 178 35.14 -40.28 -2.36
N VAL M 179 34.49 -39.47 -1.53
CA VAL M 179 34.59 -38.02 -1.64
C VAL M 179 35.15 -37.25 -0.43
N ASN M 180 36.43 -36.93 -0.38
CA ASN M 180 36.89 -36.21 0.80
C ASN M 180 36.57 -34.73 0.70
N LEU M 181 35.89 -34.20 1.73
CA LEU M 181 35.48 -32.79 1.77
C LEU M 181 35.55 -32.13 3.12
N LEU M 182 35.66 -30.80 3.10
CA LEU M 182 35.69 -30.01 4.33
C LEU M 182 35.00 -28.70 4.13
N VAL M 183 34.07 -28.39 5.00
CA VAL M 183 33.36 -27.13 4.88
C VAL M 183 33.08 -26.56 6.24
N SER M 184 33.39 -25.29 6.42
CA SER M 184 33.14 -24.68 7.71
C SER M 184 31.84 -23.95 7.63
N ALA M 185 31.30 -23.63 8.80
CA ALA M 185 30.04 -22.90 8.88
C ALA M 185 29.97 -21.92 7.72
N ASN M 186 31.10 -21.28 7.41
CA ASN M 186 31.15 -20.34 6.30
C ASN M 186 30.70 -21.03 5.01
N GLY M 187 29.90 -22.08 5.16
CA GLY M 187 29.38 -22.82 4.02
C GLY M 187 30.22 -22.83 2.77
N ASN M 188 31.52 -22.96 2.92
CA ASN M 188 32.38 -22.99 1.76
C ASN M 188 33.06 -24.31 1.59
N VAL M 189 33.34 -24.64 0.35
CA VAL M 189 34.05 -25.86 0.06
C VAL M 189 35.50 -25.56 0.39
N LEU M 190 36.17 -26.41 1.14
CA LEU M 190 37.57 -26.15 1.49
C LEU M 190 38.48 -27.09 0.75
N ARG M 191 38.10 -28.36 0.79
CA ARG M 191 38.86 -29.40 0.11
C ARG M 191 37.95 -30.22 -0.73
N SER M 192 38.32 -30.36 -2.00
CA SER M 192 37.50 -31.13 -2.89
C SER M 192 38.33 -32.24 -3.51
N GLU M 193 38.18 -33.44 -2.96
CA GLU M 193 38.89 -34.60 -3.45
C GLU M 193 38.00 -35.81 -3.58
N ILE M 194 38.15 -36.52 -4.68
CA ILE M 194 37.41 -37.74 -4.93
C ILE M 194 38.38 -38.72 -5.55
N VAL M 195 38.66 -39.77 -4.82
CA VAL M 195 39.59 -40.76 -5.31
C VAL M 195 38.76 -41.82 -6.00
N GLY M 196 39.19 -42.22 -7.19
CA GLY M 196 38.45 -43.22 -7.93
C GLY M 196 39.19 -44.53 -8.08
N SER M 197 38.44 -45.58 -8.37
CA SER M 197 39.05 -46.88 -8.54
C SER M 197 38.20 -47.81 -9.38
N ILE M 198 38.83 -48.39 -10.39
CA ILE M 198 38.12 -49.32 -11.24
C ILE M 198 38.60 -50.69 -10.88
N LYS M 199 38.14 -51.22 -9.76
CA LYS M 199 38.55 -52.57 -9.43
C LYS M 199 37.72 -53.44 -10.39
N MET M 200 38.26 -54.60 -10.75
CA MET M 200 37.59 -55.54 -11.65
C MET M 200 37.80 -56.95 -11.16
N ARG M 201 36.85 -57.81 -11.48
CA ARG M 201 36.88 -59.19 -11.05
C ARG M 201 36.50 -60.10 -12.22
N VAL M 202 37.32 -61.08 -12.55
CA VAL M 202 36.99 -61.94 -13.71
C VAL M 202 37.37 -63.43 -13.63
N PHE M 203 36.61 -64.26 -14.33
CA PHE M 203 36.91 -65.69 -14.42
C PHE M 203 36.41 -66.11 -15.77
N LEU M 204 37.13 -65.61 -16.77
CA LEU M 204 36.85 -65.90 -18.15
C LEU M 204 37.66 -67.09 -18.53
N SER M 205 37.39 -67.63 -19.70
CA SER M 205 38.07 -68.82 -20.17
C SER M 205 39.03 -68.55 -21.33
N GLY M 206 40.27 -69.05 -21.18
CA GLY M 206 41.28 -68.90 -22.22
C GLY M 206 42.22 -67.70 -22.23
N MET M 207 42.05 -66.86 -23.25
CA MET M 207 42.83 -65.62 -23.45
C MET M 207 41.97 -64.65 -24.25
N PRO M 208 41.07 -63.94 -23.56
CA PRO M 208 40.19 -62.99 -24.25
C PRO M 208 40.61 -61.51 -24.23
N GLU M 209 40.66 -60.88 -25.42
CA GLU M 209 41.02 -59.46 -25.52
C GLU M 209 39.73 -58.70 -25.19
N LEU M 210 39.87 -57.85 -24.18
CA LEU M 210 38.77 -57.06 -23.66
C LEU M 210 38.83 -55.62 -24.13
N ARG M 211 37.72 -55.12 -24.69
CA ARG M 211 37.67 -53.73 -25.15
C ARG M 211 36.65 -52.93 -24.34
N LEU M 212 37.15 -51.91 -23.65
CA LEU M 212 36.33 -51.07 -22.79
C LEU M 212 36.19 -49.64 -23.26
N GLY M 213 34.96 -49.23 -23.53
CA GLY M 213 34.72 -47.88 -23.98
C GLY M 213 34.39 -47.03 -22.79
N LEU M 214 34.72 -45.76 -22.86
CA LEU M 214 34.44 -44.92 -21.74
C LEU M 214 33.68 -43.66 -21.98
N ASN M 215 33.24 -43.12 -20.86
CA ASN M 215 32.53 -41.89 -20.82
C ASN M 215 33.60 -40.93 -21.29
N ASP M 216 33.24 -39.67 -21.50
CA ASP M 216 34.24 -38.71 -21.93
C ASP M 216 34.87 -38.04 -20.71
N LYS M 217 34.22 -36.99 -20.23
CA LYS M 217 34.73 -36.18 -19.11
C LYS M 217 36.08 -36.55 -18.43
N VAL M 218 36.36 -37.83 -18.17
CA VAL M 218 37.65 -38.16 -17.56
C VAL M 218 38.65 -38.85 -18.49
N GLU M 232 43.41 -30.19 -14.07
CA GLU M 232 42.51 -30.33 -12.93
C GLU M 232 42.66 -31.67 -12.23
N LEU M 233 43.07 -32.65 -13.01
CA LEU M 233 43.25 -34.01 -12.53
C LEU M 233 44.66 -34.29 -12.04
N GLU M 234 44.77 -34.67 -10.78
CA GLU M 234 46.06 -34.95 -10.15
C GLU M 234 46.77 -36.15 -10.77
N ASP M 235 46.38 -37.35 -10.36
CA ASP M 235 47.05 -38.51 -10.90
C ASP M 235 46.19 -39.62 -11.48
N VAL M 236 46.78 -40.35 -12.41
CA VAL M 236 46.13 -41.43 -13.13
C VAL M 236 47.08 -42.56 -13.38
N LYS M 237 46.73 -43.75 -12.90
CA LYS M 237 47.59 -44.89 -13.12
C LYS M 237 46.81 -46.08 -13.58
N PHE M 238 47.27 -46.69 -14.66
CA PHE M 238 46.60 -47.87 -15.16
C PHE M 238 47.39 -49.08 -14.72
N HIS M 239 46.98 -50.21 -15.26
CA HIS M 239 47.63 -51.46 -14.97
C HIS M 239 48.30 -51.81 -16.29
N GLN M 240 49.61 -51.95 -16.27
CA GLN M 240 50.38 -52.25 -17.45
C GLN M 240 49.58 -52.89 -18.59
N CYS M 241 48.80 -53.91 -18.26
CA CYS M 241 48.01 -54.63 -19.24
C CYS M 241 47.01 -53.79 -20.04
N VAL M 242 47.20 -52.48 -20.06
CA VAL M 242 46.29 -51.60 -20.79
C VAL M 242 46.96 -50.90 -21.93
N ARG M 243 46.16 -50.58 -22.94
CA ARG M 243 46.66 -49.84 -24.09
C ARG M 243 45.60 -48.79 -24.46
N LEU M 244 46.10 -47.58 -24.74
CA LEU M 244 45.28 -46.43 -25.09
C LEU M 244 44.95 -46.53 -26.59
N SER M 245 43.69 -46.86 -26.90
CA SER M 245 43.18 -47.04 -28.27
C SER M 245 43.50 -45.90 -29.25
N ARG M 246 44.41 -46.28 -30.16
CA ARG M 246 45.03 -45.53 -31.26
C ARG M 246 45.15 -44.01 -31.14
N PHE M 247 46.31 -43.63 -30.60
CA PHE M 247 46.74 -42.25 -30.39
C PHE M 247 45.74 -41.32 -29.69
N GLU M 248 45.02 -40.61 -30.56
CA GLU M 248 44.10 -39.54 -30.17
C GLU M 248 42.61 -39.66 -29.81
N ASN M 249 42.31 -38.66 -28.97
CA ASN M 249 41.07 -38.24 -28.30
C ASN M 249 39.89 -39.18 -28.10
N ASP M 250 39.76 -40.22 -28.93
CA ASP M 250 38.66 -41.15 -28.74
C ASP M 250 38.98 -42.29 -27.73
N ARG M 251 38.31 -42.15 -26.58
CA ARG M 251 38.42 -43.02 -25.42
C ARG M 251 37.95 -44.46 -25.61
N THR M 252 38.92 -45.35 -25.64
CA THR M 252 38.68 -46.79 -25.77
C THR M 252 39.84 -47.37 -24.92
N ILE M 253 39.50 -48.35 -24.08
CA ILE M 253 40.48 -48.99 -23.19
C ILE M 253 40.54 -50.48 -23.43
N SER M 254 41.38 -50.88 -24.39
CA SER M 254 41.57 -52.28 -24.72
C SER M 254 42.67 -52.83 -23.81
N PHE M 255 42.64 -54.14 -23.56
CA PHE M 255 43.61 -54.77 -22.68
C PHE M 255 43.22 -56.23 -22.38
N ILE M 256 44.16 -57.01 -21.83
CA ILE M 256 43.90 -58.42 -21.43
C ILE M 256 44.21 -58.56 -19.92
N PRO M 257 43.15 -58.79 -19.12
CA PRO M 257 43.05 -58.97 -17.66
C PRO M 257 43.62 -60.23 -17.07
N PRO M 258 44.14 -60.16 -15.82
CA PRO M 258 44.68 -61.39 -15.23
C PRO M 258 43.48 -62.23 -14.90
N ASP M 259 43.70 -63.18 -14.01
CA ASP M 259 42.61 -63.99 -13.57
C ASP M 259 42.24 -63.56 -12.18
N GLY M 260 40.95 -63.50 -11.93
CA GLY M 260 40.49 -63.14 -10.61
C GLY M 260 40.29 -61.65 -10.47
N GLU M 261 40.64 -61.15 -9.29
CA GLU M 261 40.49 -59.75 -9.01
C GLU M 261 41.77 -58.98 -9.18
N PHE M 262 41.63 -57.71 -9.51
CA PHE M 262 42.77 -56.84 -9.72
C PHE M 262 42.20 -55.48 -10.03
N GLU M 263 43.05 -54.48 -9.89
CA GLU M 263 42.67 -53.09 -10.13
C GLU M 263 43.05 -52.61 -11.50
N LEU M 264 42.02 -52.51 -12.33
CA LEU M 264 42.19 -52.05 -13.67
C LEU M 264 42.75 -50.65 -13.73
N MET M 265 42.36 -49.81 -12.79
CA MET M 265 42.84 -48.43 -12.83
C MET M 265 42.45 -47.54 -11.65
N SER M 266 43.28 -46.53 -11.35
CA SER M 266 43.04 -45.62 -10.24
C SER M 266 43.21 -44.15 -10.62
N TYR M 267 42.87 -43.24 -9.71
CA TYR M 267 42.98 -41.82 -10.01
C TYR M 267 42.37 -40.87 -8.97
N ARG M 268 42.89 -39.63 -8.93
CA ARG M 268 42.46 -38.56 -8.01
C ARG M 268 42.05 -37.27 -8.73
N LEU M 269 40.91 -36.68 -8.35
CA LEU M 269 40.47 -35.42 -8.98
C LEU M 269 40.31 -34.31 -7.99
N ASN M 270 40.46 -33.09 -8.49
CA ASN M 270 40.38 -31.89 -7.66
C ASN M 270 39.22 -31.02 -8.19
N THR M 271 38.02 -31.14 -7.61
CA THR M 271 36.87 -30.35 -8.10
C THR M 271 35.69 -29.96 -7.17
N HIS M 272 35.39 -28.67 -7.10
CA HIS M 272 34.29 -28.15 -6.27
C HIS M 272 33.07 -29.01 -6.43
N VAL M 273 32.87 -29.94 -5.52
CA VAL M 273 31.71 -30.77 -5.59
C VAL M 273 30.70 -30.31 -4.55
N LYS M 274 29.66 -29.64 -5.01
CA LYS M 274 28.64 -29.16 -4.09
C LYS M 274 28.40 -30.31 -3.14
N PRO M 275 28.70 -30.10 -1.86
CA PRO M 275 28.55 -31.09 -0.80
C PRO M 275 27.36 -31.97 -1.04
N LEU M 276 27.62 -33.21 -1.41
CA LEU M 276 26.58 -34.17 -1.66
C LEU M 276 25.52 -34.14 -0.58
N ILE M 277 25.93 -34.34 0.66
CA ILE M 277 25.00 -34.35 1.76
C ILE M 277 25.29 -33.29 2.80
N TRP M 278 24.74 -32.11 2.61
CA TRP M 278 24.96 -31.01 3.51
C TRP M 278 24.27 -31.22 4.81
N ILE M 279 24.60 -30.35 5.76
CA ILE M 279 24.02 -30.36 7.08
C ILE M 279 24.39 -29.05 7.73
N GLU M 280 23.68 -28.72 8.81
CA GLU M 280 23.94 -27.51 9.57
C GLU M 280 23.10 -27.57 10.83
N SER M 281 23.71 -27.24 11.95
CA SER M 281 23.03 -27.29 13.22
C SER M 281 22.81 -25.94 13.83
N VAL M 282 21.58 -25.70 14.27
CA VAL M 282 21.27 -24.44 14.91
C VAL M 282 21.16 -24.73 16.40
N ILE M 283 21.50 -23.74 17.20
CA ILE M 283 21.49 -23.92 18.64
C ILE M 283 20.52 -23.02 19.38
N GLU M 284 20.12 -23.44 20.59
CA GLU M 284 19.17 -22.69 21.45
C GLU M 284 19.10 -23.11 22.97
N LYS M 285 19.88 -22.45 23.84
CA LYS M 285 20.00 -22.77 25.29
C LYS M 285 19.72 -21.71 26.40
N HIS M 286 19.40 -22.20 27.61
CA HIS M 286 19.14 -21.42 28.87
C HIS M 286 17.94 -21.88 29.74
N SER M 287 17.39 -20.94 30.54
CA SER M 287 16.27 -21.09 31.51
C SER M 287 16.53 -22.25 32.51
N HIS M 288 15.99 -23.44 32.24
CA HIS M 288 16.21 -24.61 33.10
C HIS M 288 17.26 -25.52 32.38
N SER M 289 18.54 -25.14 32.52
CA SER M 289 19.76 -25.77 31.96
C SER M 289 19.57 -26.84 30.86
N ARG M 290 18.71 -26.49 29.91
CA ARG M 290 18.38 -27.32 28.76
C ARG M 290 18.92 -26.63 27.50
N ILE M 291 19.11 -27.44 26.47
CA ILE M 291 19.65 -26.96 25.20
C ILE M 291 19.00 -27.70 24.01
N GLU M 292 18.66 -26.93 22.97
CA GLU M 292 17.99 -27.45 21.76
C GLU M 292 18.80 -27.42 20.45
N TYR M 293 18.80 -28.56 19.77
CA TYR M 293 19.50 -28.68 18.51
C TYR M 293 18.48 -28.90 17.39
N MET M 294 18.78 -28.34 16.22
CA MET M 294 17.93 -28.49 15.07
C MET M 294 18.84 -28.73 13.90
N VAL M 295 18.71 -29.88 13.27
CA VAL M 295 19.58 -30.20 12.17
C VAL M 295 18.89 -30.51 10.88
N LYS M 296 19.19 -29.69 9.88
CA LYS M 296 18.66 -29.86 8.55
C LYS M 296 19.69 -30.70 7.82
N ALA M 297 19.23 -31.56 6.93
CA ALA M 297 20.13 -32.40 6.17
C ALA M 297 19.63 -32.46 4.75
N LYS M 298 20.22 -31.64 3.89
CA LYS M 298 19.79 -31.59 2.50
C LYS M 298 20.52 -32.64 1.67
N SER M 299 19.88 -33.11 0.60
CA SER M 299 20.48 -34.10 -0.28
C SER M 299 20.70 -33.47 -1.63
N GLN M 300 21.89 -32.93 -1.87
CA GLN M 300 22.16 -32.28 -3.14
C GLN M 300 22.56 -33.26 -4.25
N PHE M 301 21.55 -33.72 -4.97
CA PHE M 301 21.75 -34.68 -6.05
C PHE M 301 20.78 -34.58 -7.17
N LYS M 302 21.04 -35.42 -8.16
CA LYS M 302 20.13 -35.52 -9.27
C LYS M 302 19.01 -36.34 -8.61
N ARG M 303 17.77 -35.84 -8.69
CA ARG M 303 16.66 -36.53 -8.05
C ARG M 303 16.60 -38.01 -8.33
N ARG M 304 16.66 -38.34 -9.61
CA ARG M 304 16.55 -39.71 -10.09
C ARG M 304 17.12 -40.85 -9.26
N SER M 305 18.21 -40.64 -8.55
CA SER M 305 18.76 -41.75 -7.74
C SER M 305 18.76 -41.39 -6.26
N THR M 306 19.28 -42.28 -5.43
CA THR M 306 19.28 -42.07 -3.98
C THR M 306 20.47 -42.71 -3.24
N ALA M 307 20.83 -42.15 -2.08
CA ALA M 307 21.96 -42.65 -1.28
C ALA M 307 21.52 -43.72 -0.29
N ASN M 308 22.43 -44.63 0.05
CA ASN M 308 22.09 -45.73 0.96
C ASN M 308 22.80 -45.86 2.29
N ASN M 309 22.13 -46.57 3.19
CA ASN M 309 22.67 -46.85 4.49
C ASN M 309 23.45 -45.67 5.06
N VAL M 310 22.98 -44.45 4.80
CA VAL M 310 23.66 -43.24 5.28
C VAL M 310 23.52 -43.04 6.76
N GLU M 311 24.54 -42.43 7.35
CA GLU M 311 24.50 -42.17 8.77
C GLU M 311 25.20 -40.89 9.12
N ILE M 312 24.63 -40.18 10.08
CA ILE M 312 25.17 -38.91 10.51
C ILE M 312 25.69 -38.86 11.93
N HIS M 313 26.93 -38.43 12.07
CA HIS M 313 27.57 -38.33 13.37
C HIS M 313 27.64 -36.90 13.84
N ILE M 314 26.77 -36.55 14.77
CA ILE M 314 26.79 -35.19 15.26
C ILE M 314 27.47 -35.07 16.60
N PRO M 315 28.51 -34.24 16.66
CA PRO M 315 29.29 -33.99 17.86
C PRO M 315 28.41 -33.24 18.82
N VAL M 316 28.60 -33.53 20.10
CA VAL M 316 27.82 -32.89 21.14
C VAL M 316 28.64 -32.85 22.40
N PRO M 317 28.24 -32.02 23.37
CA PRO M 317 28.88 -31.82 24.66
C PRO M 317 29.16 -33.09 25.48
N ASN M 318 30.43 -33.25 25.86
CA ASN M 318 30.86 -34.41 26.65
C ASN M 318 29.88 -34.83 27.73
N ASP M 319 29.18 -33.85 28.29
CA ASP M 319 28.26 -34.13 29.38
C ASP M 319 26.78 -33.84 29.25
N ALA M 320 26.13 -34.66 28.45
CA ALA M 320 24.70 -34.56 28.25
C ALA M 320 24.11 -35.33 29.41
N ASP M 321 22.83 -35.11 29.68
CA ASP M 321 22.17 -35.81 30.76
C ASP M 321 21.32 -36.95 30.16
N SER M 322 20.23 -36.58 29.51
CA SER M 322 19.30 -37.50 28.88
C SER M 322 18.68 -36.85 27.64
N PRO M 323 18.70 -37.56 26.51
CA PRO M 323 18.16 -37.09 25.23
C PRO M 323 16.68 -37.32 24.99
N LYS M 324 16.20 -36.70 23.91
CA LYS M 324 14.80 -36.75 23.44
C LYS M 324 14.71 -36.45 21.93
N PHE M 325 14.91 -37.46 21.09
CA PHE M 325 14.87 -37.29 19.65
C PHE M 325 13.51 -37.42 19.05
N LYS M 326 13.25 -36.59 18.04
CA LYS M 326 11.99 -36.63 17.34
C LYS M 326 12.26 -36.38 15.87
N THR M 327 12.02 -37.39 15.05
CA THR M 327 12.27 -37.21 13.64
C THR M 327 11.37 -37.95 12.69
N THR M 328 11.08 -37.26 11.60
CA THR M 328 10.23 -37.75 10.54
C THR M 328 10.91 -38.95 9.95
N VAL M 329 12.21 -38.81 9.80
CA VAL M 329 12.99 -39.84 9.17
C VAL M 329 14.04 -40.53 9.98
N GLY M 330 14.34 -41.74 9.55
CA GLY M 330 15.34 -42.53 10.22
C GLY M 330 15.16 -42.54 11.72
N SER M 331 16.10 -43.16 12.39
CA SER M 331 16.07 -43.24 13.84
C SER M 331 17.39 -42.69 14.32
N VAL M 332 17.31 -41.83 15.32
CA VAL M 332 18.51 -41.25 15.86
C VAL M 332 18.73 -41.91 17.18
N LYS M 333 19.98 -41.95 17.61
CA LYS M 333 20.34 -42.54 18.90
C LYS M 333 21.54 -41.79 19.49
N TRP M 334 21.96 -42.16 20.70
CA TRP M 334 23.07 -41.48 21.37
C TRP M 334 24.16 -42.40 21.89
N VAL M 335 25.36 -41.85 22.11
CA VAL M 335 26.49 -42.61 22.65
C VAL M 335 27.46 -41.69 23.34
N PRO M 336 27.31 -41.55 24.65
CA PRO M 336 28.16 -40.69 25.47
C PRO M 336 29.62 -40.95 25.14
N GLU M 337 29.94 -42.19 24.86
CA GLU M 337 31.31 -42.52 24.52
C GLU M 337 31.50 -41.80 23.21
N ASN M 338 32.67 -41.18 23.03
CA ASN M 338 32.94 -40.42 21.81
C ASN M 338 32.11 -39.12 21.80
N SER M 339 31.15 -39.03 22.71
CA SER M 339 30.29 -37.83 22.86
C SER M 339 29.59 -37.42 21.59
N GLU M 340 28.73 -38.27 21.06
CA GLU M 340 28.07 -37.90 19.83
C GLU M 340 26.67 -38.42 19.67
N ILE M 341 25.85 -37.63 18.99
CA ILE M 341 24.50 -38.03 18.73
C ILE M 341 24.58 -38.57 17.31
N VAL M 342 24.01 -39.74 17.10
CA VAL M 342 24.05 -40.35 15.78
C VAL M 342 22.71 -40.52 15.12
N TRP M 343 22.57 -39.82 14.01
CA TRP M 343 21.35 -39.87 13.26
C TRP M 343 21.57 -40.93 12.24
N SER M 344 20.67 -41.90 12.22
CA SER M 344 20.82 -42.95 11.27
C SER M 344 19.64 -43.00 10.34
N VAL M 345 19.91 -43.17 9.05
CA VAL M 345 18.88 -43.26 8.05
C VAL M 345 19.21 -44.40 7.13
N LYS M 346 18.22 -45.25 6.82
CA LYS M 346 18.46 -46.39 5.94
C LYS M 346 18.56 -45.93 4.51
N SER M 347 17.45 -45.39 4.00
CA SER M 347 17.41 -44.92 2.63
C SER M 347 17.20 -43.42 2.60
N PHE M 348 17.89 -42.76 1.67
CA PHE M 348 17.84 -41.31 1.53
C PHE M 348 17.88 -40.89 0.07
N PRO M 349 16.79 -40.30 -0.41
CA PRO M 349 16.66 -39.85 -1.79
C PRO M 349 17.37 -38.54 -2.02
N GLY M 350 17.72 -38.29 -3.26
CA GLY M 350 18.40 -37.05 -3.58
C GLY M 350 17.40 -35.97 -3.86
N GLY M 351 17.76 -34.74 -3.53
CA GLY M 351 16.90 -33.61 -3.79
C GLY M 351 15.90 -33.24 -2.71
N LYS M 352 15.89 -33.97 -1.60
CA LYS M 352 14.95 -33.69 -0.54
C LYS M 352 15.63 -33.36 0.77
N GLU M 353 15.01 -32.49 1.58
CA GLU M 353 15.58 -32.13 2.87
C GLU M 353 14.74 -32.62 4.04
N TYR M 354 15.39 -33.37 4.92
CA TYR M 354 14.72 -33.92 6.06
C TYR M 354 15.11 -33.24 7.34
N LEU M 355 14.22 -33.29 8.31
CA LEU M 355 14.47 -32.61 9.56
C LEU M 355 14.54 -33.46 10.80
N MET M 356 15.55 -33.14 11.60
CA MET M 356 15.82 -33.83 12.84
C MET M 356 16.04 -32.79 13.92
N ARG M 357 15.39 -33.01 15.05
CA ARG M 357 15.53 -32.11 16.17
C ARG M 357 15.58 -32.95 17.42
N ALA M 358 16.58 -32.69 18.25
CA ALA M 358 16.78 -33.43 19.48
C ALA M 358 17.24 -32.52 20.62
N HIS M 359 16.69 -32.72 21.83
CA HIS M 359 17.09 -31.92 23.00
C HIS M 359 17.56 -32.83 24.10
N PHE M 360 18.33 -32.25 25.02
CA PHE M 360 18.87 -32.94 26.20
C PHE M 360 19.24 -31.87 27.27
N GLY M 361 19.99 -32.25 28.31
CA GLY M 361 20.34 -31.28 29.37
C GLY M 361 21.76 -31.25 29.92
N LEU M 362 21.97 -30.48 31.00
CA LEU M 362 23.31 -30.32 31.62
C LEU M 362 23.39 -30.52 33.13
N LYS M 373 35.61 -27.83 19.88
CA LYS M 373 34.45 -28.46 19.26
C LYS M 373 34.82 -29.24 17.98
N PRO M 374 34.76 -30.59 18.03
CA PRO M 374 35.08 -31.50 16.91
C PRO M 374 34.06 -31.55 15.77
N PRO M 375 34.47 -31.44 14.50
CA PRO M 375 33.71 -31.43 13.26
C PRO M 375 32.86 -32.62 13.04
N ILE M 376 31.70 -32.36 12.49
CA ILE M 376 30.70 -33.38 12.21
C ILE M 376 30.89 -34.14 10.92
N SER M 377 30.79 -35.47 10.97
CA SER M 377 30.99 -36.28 9.76
C SER M 377 29.83 -37.18 9.45
N VAL M 378 29.86 -37.79 8.27
CA VAL M 378 28.81 -38.71 7.85
C VAL M 378 29.33 -39.65 6.81
N LYS M 379 28.75 -40.83 6.75
CA LYS M 379 29.20 -41.78 5.77
C LYS M 379 27.99 -42.23 5.08
N PHE M 380 28.16 -42.41 3.78
CA PHE M 380 27.05 -42.79 2.95
C PHE M 380 27.44 -43.87 2.00
N GLU M 381 26.71 -43.91 0.89
CA GLU M 381 26.92 -44.90 -0.13
C GLU M 381 25.85 -44.56 -1.16
N ILE M 382 26.20 -44.56 -2.42
CA ILE M 382 25.22 -44.23 -3.44
C ILE M 382 25.36 -45.11 -4.62
N PRO M 383 24.54 -46.14 -4.69
CA PRO M 383 24.60 -47.05 -5.82
C PRO M 383 24.33 -46.36 -7.13
N TYR M 384 24.90 -46.90 -8.19
CA TYR M 384 24.70 -46.38 -9.52
C TYR M 384 24.82 -44.88 -9.54
N PHE M 385 26.03 -44.40 -9.28
CA PHE M 385 26.30 -42.96 -9.26
C PHE M 385 27.79 -42.65 -9.38
N THR M 386 28.10 -41.48 -9.91
CA THR M 386 29.49 -41.10 -10.10
C THR M 386 29.76 -39.63 -9.92
N THR M 387 30.04 -39.20 -8.71
CA THR M 387 30.29 -37.79 -8.53
C THR M 387 31.16 -37.30 -9.66
N SER M 388 32.13 -38.11 -10.03
CA SER M 388 33.04 -37.75 -11.09
C SER M 388 32.27 -37.42 -12.35
N GLY M 389 31.41 -38.34 -12.75
CA GLY M 389 30.63 -38.11 -13.94
C GLY M 389 30.83 -39.18 -14.97
N ILE M 390 31.81 -40.04 -14.76
CA ILE M 390 32.03 -41.10 -15.72
C ILE M 390 30.81 -41.97 -15.71
N GLN M 391 30.72 -42.83 -16.72
CA GLN M 391 29.65 -43.79 -16.89
C GLN M 391 30.44 -44.79 -17.73
N VAL M 392 30.26 -46.08 -17.50
CA VAL M 392 30.99 -46.98 -18.37
C VAL M 392 30.10 -46.98 -19.56
N ARG M 393 30.70 -46.93 -20.74
CA ARG M 393 29.94 -46.87 -21.97
C ARG M 393 29.55 -48.24 -22.53
N TYR M 394 30.52 -49.15 -22.59
CA TYR M 394 30.30 -50.49 -23.12
C TYR M 394 31.46 -51.44 -22.84
N LEU M 395 31.14 -52.72 -22.72
CA LEU M 395 32.17 -53.70 -22.49
C LEU M 395 32.12 -54.83 -23.50
N LYS M 396 33.16 -54.89 -24.33
CA LYS M 396 33.24 -55.93 -25.35
C LYS M 396 34.06 -57.12 -24.89
N ILE M 397 33.79 -58.25 -25.50
CA ILE M 397 34.49 -59.48 -25.17
C ILE M 397 34.70 -60.26 -26.48
N ILE M 398 35.95 -60.46 -26.87
CA ILE M 398 36.19 -61.20 -28.09
C ILE M 398 37.14 -62.34 -27.80
N GLU M 399 36.61 -63.54 -28.04
CA GLU M 399 37.36 -64.77 -27.86
C GLU M 399 37.17 -65.69 -29.06
N LYS M 400 38.14 -66.59 -29.19
CA LYS M 400 38.16 -67.60 -30.24
C LYS M 400 36.85 -68.36 -30.13
N SER M 401 36.53 -68.78 -28.91
CA SER M 401 35.29 -69.50 -28.64
C SER M 401 34.14 -68.53 -28.87
N GLY M 402 33.55 -68.61 -30.06
CA GLY M 402 32.43 -67.75 -30.43
C GLY M 402 31.33 -67.90 -29.40
N TYR M 403 31.59 -67.37 -28.20
CA TYR M 403 30.64 -67.46 -27.11
C TYR M 403 30.26 -66.11 -26.51
N GLN M 404 29.55 -66.21 -25.39
CA GLN M 404 29.11 -65.06 -24.67
C GLN M 404 29.77 -65.05 -23.31
N ALA M 405 29.30 -64.12 -22.50
CA ALA M 405 29.80 -63.94 -21.17
C ALA M 405 28.81 -63.06 -20.46
N ILE M 406 28.95 -62.99 -19.14
CA ILE M 406 28.06 -62.20 -18.34
C ILE M 406 28.79 -61.13 -17.56
N PRO M 407 28.59 -59.87 -17.94
CA PRO M 407 29.23 -58.73 -17.28
C PRO M 407 28.29 -57.94 -16.35
N TRP M 408 28.71 -57.70 -15.10
CA TRP M 408 27.92 -56.91 -14.12
C TRP M 408 28.70 -55.70 -13.73
N VAL M 409 28.00 -54.61 -13.54
CA VAL M 409 28.65 -53.40 -13.12
C VAL M 409 28.04 -53.01 -11.80
N ARG M 410 28.63 -51.98 -11.21
CA ARG M 410 28.15 -51.39 -9.98
C ARG M 410 28.97 -50.11 -9.84
N TYR M 411 28.26 -49.05 -9.47
CA TYR M 411 28.82 -47.73 -9.30
C TYR M 411 28.59 -47.39 -7.84
N ILE M 412 29.57 -46.87 -7.14
CA ILE M 412 29.30 -46.51 -5.77
C ILE M 412 30.11 -45.30 -5.40
N THR M 413 29.49 -44.39 -4.67
CA THR M 413 30.16 -43.19 -4.24
C THR M 413 29.93 -43.13 -2.77
N GLN M 414 30.87 -43.71 -2.06
CA GLN M 414 30.83 -43.74 -0.62
C GLN M 414 31.89 -42.79 -0.20
N ASN M 415 32.30 -43.02 1.04
CA ASN M 415 33.33 -42.28 1.68
C ASN M 415 32.97 -41.84 3.08
N GLY M 416 33.97 -41.21 3.68
CA GLY M 416 33.83 -40.68 5.02
C GLY M 416 34.50 -39.34 5.36
N ASP M 417 35.57 -38.93 4.66
CA ASP M 417 36.21 -37.65 5.00
C ASP M 417 35.29 -36.47 4.88
N TYR M 418 34.03 -36.81 4.71
CA TYR M 418 32.96 -35.86 4.61
C TYR M 418 32.88 -35.26 6.00
N GLN M 419 33.61 -34.18 6.23
CA GLN M 419 33.62 -33.52 7.53
C GLN M 419 33.10 -32.09 7.46
N LEU M 420 32.33 -31.68 8.46
CA LEU M 420 31.75 -30.34 8.51
C LEU M 420 31.98 -29.64 9.84
N ARG M 421 32.28 -28.35 9.79
CA ARG M 421 32.57 -27.59 11.01
C ARG M 421 31.43 -26.81 11.65
N THR M 422 31.72 -26.32 12.84
CA THR M 422 30.81 -25.50 13.64
C THR M 422 31.68 -24.81 14.68
N GLN M 423 31.74 -23.49 14.60
CA GLN M 423 32.54 -22.69 15.53
C GLN M 423 31.63 -21.92 16.50
N SER N 2 38.79 60.38 -39.71
CA SER N 2 38.34 59.14 -39.02
C SER N 2 38.77 57.86 -39.76
N ALA N 3 37.84 57.21 -40.45
CA ALA N 3 38.16 55.99 -41.21
C ALA N 3 38.91 56.28 -42.53
N SER N 4 40.03 55.58 -42.78
CA SER N 4 40.81 55.80 -44.01
C SER N 4 40.88 54.60 -44.95
N ALA N 5 40.24 53.51 -44.57
CA ALA N 5 40.27 52.31 -45.40
C ALA N 5 39.21 51.29 -44.98
N VAL N 6 38.73 50.51 -45.93
CA VAL N 6 37.74 49.51 -45.64
C VAL N 6 38.04 48.28 -46.45
N TYR N 7 38.12 47.13 -45.81
CA TYR N 7 38.42 45.91 -46.52
C TYR N 7 37.32 44.91 -46.28
N VAL N 8 37.50 43.72 -46.83
CA VAL N 8 36.54 42.66 -46.65
C VAL N 8 37.38 41.42 -46.81
N LEU N 9 37.64 40.69 -45.74
CA LEU N 9 38.45 39.51 -45.88
C LEU N 9 37.68 38.24 -45.68
N ASP N 10 38.35 37.13 -46.00
CA ASP N 10 37.77 35.81 -45.84
C ASP N 10 38.59 35.13 -44.75
N LEU N 11 37.91 34.42 -43.87
CA LEU N 11 38.52 33.71 -42.76
C LEU N 11 40.04 33.79 -42.79
N LYS N 12 40.63 33.16 -43.79
CA LYS N 12 42.09 33.13 -43.99
C LYS N 12 42.79 34.43 -43.60
N GLY N 13 42.11 35.55 -43.78
CA GLY N 13 42.70 36.83 -43.42
C GLY N 13 43.38 37.48 -44.59
N LYS N 14 43.11 36.95 -45.78
CA LYS N 14 43.72 37.50 -46.97
C LYS N 14 42.79 38.55 -47.54
N VAL N 15 43.40 39.58 -48.11
CA VAL N 15 42.66 40.67 -48.70
C VAL N 15 41.74 40.12 -49.77
N LEU N 16 40.45 40.26 -49.54
CA LEU N 16 39.43 39.77 -50.46
C LEU N 16 39.06 40.82 -51.51
N ILE N 17 38.73 42.02 -51.08
CA ILE N 17 38.38 43.10 -52.01
C ILE N 17 38.21 44.35 -51.18
N CYS N 18 38.66 45.49 -51.69
CA CYS N 18 38.58 46.71 -50.90
C CYS N 18 38.79 48.01 -51.64
N ARG N 19 38.72 49.10 -50.87
CA ARG N 19 38.93 50.46 -51.36
C ARG N 19 39.70 51.36 -50.38
N ASN N 20 40.58 52.18 -50.94
CA ASN N 20 41.45 53.08 -50.18
C ASN N 20 41.00 54.56 -50.23
N TYR N 21 40.33 55.05 -49.19
CA TYR N 21 39.85 56.43 -49.20
C TYR N 21 40.81 57.50 -48.67
N ARG N 22 42.05 57.15 -48.35
CA ARG N 22 42.96 58.15 -47.81
C ARG N 22 44.45 57.89 -48.09
N GLY N 23 45.32 58.17 -47.12
CA GLY N 23 46.76 57.97 -47.34
C GLY N 23 47.57 57.34 -46.20
N ASP N 24 47.53 56.00 -46.16
CA ASP N 24 48.23 55.16 -45.16
C ASP N 24 48.73 53.90 -45.90
N VAL N 25 50.01 53.52 -45.66
CA VAL N 25 50.67 52.37 -46.32
C VAL N 25 49.87 51.08 -46.43
N ASP N 26 48.55 51.25 -46.40
CA ASP N 26 47.58 50.20 -46.59
C ASP N 26 48.21 48.85 -46.91
N MET N 27 48.82 48.80 -48.10
CA MET N 27 49.49 47.60 -48.63
C MET N 27 49.99 46.65 -47.56
N SER N 28 50.54 47.18 -46.49
CA SER N 28 51.02 46.32 -45.42
C SER N 28 49.88 46.04 -44.42
N GLU N 29 49.99 46.63 -43.25
CA GLU N 29 49.04 46.46 -42.15
C GLU N 29 47.94 45.41 -42.34
N VAL N 30 47.02 45.64 -43.27
CA VAL N 30 45.97 44.67 -43.49
C VAL N 30 46.49 43.24 -43.43
N GLU N 31 47.65 43.04 -44.03
CA GLU N 31 48.28 41.73 -44.06
C GLU N 31 48.51 41.25 -42.65
N HIS N 32 49.10 42.10 -41.81
CA HIS N 32 49.38 41.73 -40.42
C HIS N 32 48.11 41.41 -39.64
N PHE N 33 46.97 41.94 -40.08
CA PHE N 33 45.71 41.73 -39.39
C PHE N 33 45.61 40.36 -38.75
N MET N 34 45.16 39.40 -39.55
CA MET N 34 44.98 38.04 -39.08
C MET N 34 46.01 37.68 -38.02
N PRO N 35 47.30 37.60 -38.37
CA PRO N 35 48.32 37.24 -37.40
C PRO N 35 48.07 37.86 -36.02
N ILE N 36 47.99 39.19 -35.99
CA ILE N 36 47.75 39.89 -34.73
C ILE N 36 46.52 39.35 -34.06
N LEU N 37 45.42 39.41 -34.79
CA LEU N 37 44.17 38.93 -34.27
C LEU N 37 44.45 37.72 -33.40
N MET N 38 44.73 36.60 -34.05
CA MET N 38 45.02 35.37 -33.33
C MET N 38 45.76 35.58 -32.00
N GLU N 39 46.97 36.11 -32.04
CA GLU N 39 47.74 36.34 -30.81
C GLU N 39 46.96 37.04 -29.69
N LYS N 40 46.27 38.11 -30.05
CA LYS N 40 45.51 38.85 -29.07
C LYS N 40 44.33 38.02 -28.57
N GLU N 41 44.10 36.86 -29.18
CA GLU N 41 43.03 35.98 -28.72
C GLU N 41 43.65 34.99 -27.73
N GLU N 42 44.95 34.81 -27.86
CA GLU N 42 45.69 33.91 -26.97
C GLU N 42 45.72 34.59 -25.62
N GLU N 43 45.84 35.91 -25.65
CA GLU N 43 45.86 36.69 -24.44
C GLU N 43 44.42 36.90 -23.95
N GLY N 44 43.44 36.32 -24.66
CA GLY N 44 42.04 36.47 -24.27
C GLY N 44 41.56 37.90 -24.42
N MET N 45 42.52 38.82 -24.34
CA MET N 45 42.31 40.27 -24.48
C MET N 45 41.97 40.52 -25.94
N LEU N 46 40.88 39.88 -26.35
CA LEU N 46 40.32 39.90 -27.69
C LEU N 46 39.46 41.15 -27.83
N SER N 47 39.99 42.18 -28.49
CA SER N 47 39.29 43.46 -28.64
C SER N 47 38.96 43.81 -30.10
N PRO N 48 37.75 44.36 -30.36
CA PRO N 48 37.38 44.73 -31.73
C PRO N 48 38.18 45.92 -32.26
N ILE N 49 39.26 46.26 -31.55
CA ILE N 49 40.14 47.37 -31.91
C ILE N 49 41.59 46.89 -31.75
N LEU N 50 42.19 46.44 -32.84
CA LEU N 50 43.55 45.93 -32.75
C LEU N 50 44.63 46.94 -33.01
N ALA N 51 45.82 46.63 -32.49
CA ALA N 51 46.96 47.51 -32.61
C ALA N 51 48.19 46.99 -33.33
N HIS N 52 48.77 47.83 -34.17
CA HIS N 52 50.00 47.52 -34.88
C HIS N 52 50.72 48.81 -35.22
N GLY N 53 51.84 49.05 -34.52
CA GLY N 53 52.64 50.23 -34.74
C GLY N 53 51.97 51.60 -34.70
N GLY N 54 50.72 51.64 -34.25
CA GLY N 54 50.01 52.90 -34.19
C GLY N 54 49.01 52.95 -35.33
N VAL N 55 48.49 51.77 -35.65
CA VAL N 55 47.51 51.59 -36.70
C VAL N 55 46.41 50.75 -36.08
N ARG N 56 45.22 51.31 -36.02
CA ARG N 56 44.11 50.61 -35.40
C ARG N 56 43.20 49.91 -36.39
N PHE N 57 42.54 48.85 -35.94
CA PHE N 57 41.67 48.08 -36.79
C PHE N 57 40.29 47.86 -36.21
N MET N 58 39.28 48.38 -36.89
CA MET N 58 37.92 48.19 -36.43
C MET N 58 37.37 47.09 -37.29
N TRP N 59 36.83 46.05 -36.68
CA TRP N 59 36.29 44.95 -37.47
C TRP N 59 35.01 44.33 -36.98
N ILE N 60 34.40 43.55 -37.85
CA ILE N 60 33.17 42.86 -37.54
C ILE N 60 33.12 41.62 -38.39
N LYS N 61 32.88 40.48 -37.76
CA LYS N 61 32.83 39.26 -38.54
C LYS N 61 31.39 38.93 -38.83
N HIS N 62 31.11 38.66 -40.09
CA HIS N 62 29.78 38.28 -40.54
C HIS N 62 30.03 36.96 -41.25
N ASN N 63 29.08 36.05 -41.17
CA ASN N 63 29.22 34.75 -41.82
C ASN N 63 30.36 34.68 -42.79
N ASN N 64 31.46 34.00 -42.47
CA ASN N 64 32.46 33.84 -43.52
C ASN N 64 33.22 35.08 -44.00
N LEU N 65 33.00 36.24 -43.41
CA LEU N 65 33.70 37.42 -43.92
C LEU N 65 34.07 38.47 -42.89
N TYR N 66 35.37 38.75 -42.76
CA TYR N 66 35.79 39.77 -41.81
C TYR N 66 35.70 41.08 -42.54
N LEU N 67 35.11 42.06 -41.88
CA LEU N 67 34.96 43.37 -42.46
C LEU N 67 35.82 44.30 -41.65
N VAL N 68 36.60 45.14 -42.29
CA VAL N 68 37.48 45.96 -41.50
C VAL N 68 37.76 47.40 -41.91
N ALA N 69 38.07 48.22 -40.91
CA ALA N 69 38.38 49.64 -41.11
C ALA N 69 39.78 49.96 -40.61
N THR N 70 40.31 51.09 -41.05
CA THR N 70 41.67 51.49 -40.71
C THR N 70 41.85 52.98 -40.47
N SER N 71 42.71 53.35 -39.54
CA SER N 71 42.98 54.77 -39.27
C SER N 71 44.28 54.99 -38.55
N LYS N 72 44.93 56.12 -38.85
CA LYS N 72 46.20 56.45 -38.21
C LYS N 72 45.87 57.43 -37.10
N LYS N 73 44.89 58.30 -37.38
CA LYS N 73 44.44 59.31 -36.45
C LYS N 73 43.52 58.73 -35.38
N ASN N 74 43.05 59.59 -34.47
CA ASN N 74 42.14 59.19 -33.41
C ASN N 74 40.70 59.16 -33.95
N ALA N 75 40.24 57.96 -34.30
CA ALA N 75 38.91 57.79 -34.86
C ALA N 75 37.74 57.99 -33.94
N CYS N 76 36.58 58.15 -34.57
CA CYS N 76 35.30 58.35 -33.90
C CYS N 76 34.64 56.99 -33.89
N VAL N 77 35.38 55.99 -33.42
CA VAL N 77 34.93 54.61 -33.36
C VAL N 77 33.44 54.44 -33.57
N SER N 78 32.69 54.82 -32.54
CA SER N 78 31.24 54.73 -32.55
C SER N 78 30.77 54.69 -33.98
N LEU N 79 31.23 55.66 -34.76
CA LEU N 79 30.89 55.74 -36.17
C LEU N 79 31.20 54.45 -36.85
N VAL N 80 32.45 54.44 -37.28
CA VAL N 80 33.04 53.35 -37.98
C VAL N 80 32.23 52.11 -37.70
N PHE N 81 32.18 51.73 -36.43
CA PHE N 81 31.44 50.55 -36.09
C PHE N 81 30.01 50.61 -36.64
N SER N 82 29.24 51.62 -36.28
CA SER N 82 27.88 51.73 -36.79
C SER N 82 27.90 51.56 -38.30
N PHE N 83 28.64 52.45 -38.94
CA PHE N 83 28.80 52.45 -40.38
C PHE N 83 29.03 51.05 -40.91
N LEU N 84 30.19 50.48 -40.57
CA LEU N 84 30.52 49.14 -41.05
C LEU N 84 29.29 48.28 -41.01
N TYR N 85 28.82 48.02 -39.80
CA TYR N 85 27.64 47.19 -39.65
C TYR N 85 26.60 47.59 -40.70
N LYS N 86 26.32 48.88 -40.81
CA LYS N 86 25.36 49.33 -41.81
C LYS N 86 25.76 48.76 -43.15
N VAL N 87 27.03 48.93 -43.51
CA VAL N 87 27.54 48.43 -44.77
C VAL N 87 26.96 47.05 -45.04
N VAL N 88 27.05 46.17 -44.06
CA VAL N 88 26.48 44.84 -44.22
C VAL N 88 25.07 45.11 -44.69
N GLN N 89 24.29 45.65 -43.76
CA GLN N 89 22.89 45.99 -43.98
C GLN N 89 22.63 46.16 -45.48
N VAL N 90 23.32 47.13 -46.07
CA VAL N 90 23.19 47.43 -47.49
C VAL N 90 23.37 46.22 -48.37
N PHE N 91 24.57 45.67 -48.36
CA PHE N 91 24.87 44.50 -49.17
C PHE N 91 23.83 43.42 -49.03
N SER N 92 23.77 42.82 -47.85
CA SER N 92 22.85 41.75 -47.56
C SER N 92 21.52 42.00 -48.24
N GLU N 93 21.19 43.28 -48.36
CA GLU N 93 19.94 43.65 -48.99
C GLU N 93 20.02 43.50 -50.50
N TYR N 94 21.15 43.92 -51.09
CA TYR N 94 21.36 43.88 -52.54
C TYR N 94 21.38 42.52 -53.19
N PHE N 95 21.85 41.55 -52.41
CA PHE N 95 21.93 40.16 -52.81
C PHE N 95 21.71 39.46 -51.47
N LYS N 96 21.05 38.31 -51.51
CA LYS N 96 20.70 37.60 -50.28
C LYS N 96 21.66 37.67 -49.09
N GLU N 97 22.79 36.97 -49.15
CA GLU N 97 23.69 36.98 -48.00
C GLU N 97 25.15 37.22 -48.31
N LEU N 98 25.85 37.82 -47.36
CA LEU N 98 27.27 38.10 -47.52
C LEU N 98 27.90 36.76 -47.45
N GLU N 99 29.02 36.61 -48.14
CA GLU N 99 29.76 35.36 -48.18
C GLU N 99 30.80 35.62 -49.22
N GLU N 100 31.95 35.00 -49.05
CA GLU N 100 33.02 35.15 -50.00
C GLU N 100 32.28 35.15 -51.33
N GLU N 101 31.73 34.00 -51.67
CA GLU N 101 31.00 33.82 -52.91
C GLU N 101 30.29 35.11 -53.33
N SER N 102 29.38 35.60 -52.51
CA SER N 102 28.64 36.80 -52.82
C SER N 102 29.54 37.88 -53.38
N ILE N 103 30.46 38.31 -52.55
CA ILE N 103 31.37 39.35 -52.94
C ILE N 103 32.07 38.96 -54.23
N ARG N 104 32.66 37.77 -54.22
CA ARG N 104 33.38 37.24 -55.39
C ARG N 104 32.59 37.52 -56.67
N ASP N 105 31.29 37.69 -56.53
CA ASP N 105 30.48 37.94 -57.69
C ASP N 105 30.33 39.40 -58.00
N ASN N 106 29.57 40.06 -57.16
CA ASN N 106 29.26 41.45 -57.37
C ASN N 106 30.36 42.49 -57.24
N PHE N 107 31.61 42.06 -57.34
CA PHE N 107 32.72 42.99 -57.22
C PHE N 107 32.37 44.38 -57.68
N VAL N 108 32.31 44.51 -58.98
CA VAL N 108 32.02 45.78 -59.58
C VAL N 108 31.09 46.63 -58.72
N ILE N 109 29.80 46.31 -58.70
CA ILE N 109 28.85 47.12 -57.93
C ILE N 109 29.40 47.52 -56.59
N ILE N 110 30.01 46.56 -55.91
CA ILE N 110 30.58 46.88 -54.61
C ILE N 110 31.48 48.09 -54.76
N TYR N 111 32.39 48.04 -55.72
CA TYR N 111 33.27 49.18 -55.93
C TYR N 111 32.42 50.42 -56.02
N GLU N 112 31.31 50.33 -56.73
CA GLU N 112 30.41 51.47 -56.88
C GLU N 112 29.90 51.82 -55.49
N LEU N 113 28.98 50.99 -55.02
CA LEU N 113 28.38 51.17 -53.72
C LEU N 113 29.39 51.82 -52.82
N LEU N 114 30.47 51.11 -52.54
CA LEU N 114 31.51 51.66 -51.68
C LEU N 114 31.74 53.14 -51.93
N ASP N 115 32.10 53.46 -53.16
CA ASP N 115 32.36 54.85 -53.47
C ASP N 115 31.25 55.76 -53.01
N GLU N 116 30.00 55.41 -53.32
CA GLU N 116 28.90 56.28 -52.92
C GLU N 116 28.48 56.24 -51.43
N LEU N 117 29.00 55.25 -50.68
CA LEU N 117 28.71 55.13 -49.25
C LEU N 117 29.46 56.16 -48.44
N MET N 118 30.68 56.46 -48.87
CA MET N 118 31.45 57.45 -48.14
C MET N 118 32.50 58.05 -49.03
N ASP N 119 33.25 58.99 -48.49
CA ASP N 119 34.30 59.63 -49.26
C ASP N 119 35.43 60.14 -48.36
N PHE N 120 36.67 59.93 -48.78
CA PHE N 120 37.82 60.39 -48.02
C PHE N 120 37.73 60.08 -46.53
N GLY N 121 36.78 59.23 -46.19
CA GLY N 121 36.57 58.86 -44.81
C GLY N 121 35.14 59.20 -44.48
N TYR N 122 34.93 60.47 -44.16
CA TYR N 122 33.60 60.93 -43.82
C TYR N 122 32.59 60.30 -44.77
N PRO N 123 31.61 59.60 -44.21
CA PRO N 123 30.62 58.96 -45.06
C PRO N 123 29.50 59.83 -45.57
N GLN N 124 29.52 60.22 -46.83
CA GLN N 124 28.39 60.99 -47.32
C GLN N 124 27.29 59.96 -47.18
N THR N 125 26.36 60.25 -46.28
CA THR N 125 25.20 59.37 -45.96
C THR N 125 24.80 58.33 -46.97
N THR N 126 24.20 57.26 -46.43
CA THR N 126 23.70 56.21 -47.26
C THR N 126 22.77 55.20 -46.59
N ASP N 127 21.70 54.96 -47.33
CA ASP N 127 20.61 54.07 -47.00
C ASP N 127 20.17 53.53 -48.37
N SER N 128 19.65 52.31 -48.40
CA SER N 128 19.21 51.64 -49.64
C SER N 128 18.43 52.46 -50.70
N LYS N 129 17.11 52.65 -50.51
CA LYS N 129 16.29 53.41 -51.45
C LYS N 129 16.90 54.78 -51.77
N ILE N 130 17.37 55.45 -50.73
CA ILE N 130 18.01 56.76 -50.82
C ILE N 130 19.29 56.65 -51.65
N LEU N 131 19.45 55.53 -52.33
CA LEU N 131 20.67 55.30 -53.08
C LEU N 131 20.50 54.73 -54.48
N GLN N 132 19.72 53.66 -54.59
CA GLN N 132 19.45 52.94 -55.85
C GLN N 132 19.47 53.80 -57.12
N GLU N 133 19.46 55.12 -56.92
CA GLU N 133 19.50 56.10 -57.98
C GLU N 133 20.96 56.41 -58.33
N PHE N 134 21.83 56.38 -57.34
CA PHE N 134 23.24 56.66 -57.57
C PHE N 134 24.00 55.44 -58.11
N ILE N 135 23.37 54.27 -58.07
CA ILE N 135 24.00 53.03 -58.53
C ILE N 135 23.72 52.60 -59.96
N THR N 136 24.78 52.38 -60.74
CA THR N 136 24.68 51.97 -62.15
C THR N 136 23.87 50.71 -62.36
N GLN N 137 24.50 49.54 -62.21
CA GLN N 137 23.71 48.35 -62.42
C GLN N 137 23.46 47.55 -61.17
N GLU N 138 22.44 46.72 -61.33
CA GLU N 138 21.92 45.81 -60.36
C GLU N 138 22.92 44.66 -60.17
N GLY N 139 22.94 44.10 -58.98
CA GLY N 139 23.84 43.01 -58.69
C GLY N 139 23.13 41.67 -58.67
N HIS N 140 23.91 40.62 -58.51
CA HIS N 140 23.34 39.29 -58.48
C HIS N 140 23.18 38.83 -57.07
N LYS N 141 21.99 38.36 -56.77
CA LYS N 141 21.67 37.87 -55.46
C LYS N 141 22.14 36.42 -55.37
N LEU N 142 21.92 35.76 -54.24
CA LEU N 142 22.32 34.37 -54.04
C LEU N 142 21.67 33.72 -52.81
N GLU N 143 20.42 33.30 -52.93
CA GLU N 143 19.69 32.66 -51.81
C GLU N 143 20.05 31.19 -51.78
N THR N 144 20.30 30.67 -50.60
CA THR N 144 20.74 29.29 -50.51
C THR N 144 20.21 28.54 -49.28
N GLY N 145 20.65 27.28 -49.14
CA GLY N 145 20.26 26.41 -48.05
C GLY N 145 21.01 25.09 -48.16
N VAL N 157 12.52 9.34 -26.45
CA VAL N 157 13.96 9.44 -26.22
C VAL N 157 14.62 8.06 -26.15
N SER N 158 14.17 7.30 -25.16
CA SER N 158 14.63 5.94 -24.87
C SER N 158 16.03 5.82 -24.22
N TRP N 159 16.99 6.69 -24.56
CA TRP N 159 18.31 6.55 -23.92
C TRP N 159 18.48 7.11 -22.53
N ARG N 160 17.51 7.91 -22.13
CA ARG N 160 17.48 8.42 -20.76
C ARG N 160 16.12 7.93 -20.27
N SER N 161 16.14 7.00 -19.33
CA SER N 161 14.89 6.51 -18.77
C SER N 161 14.27 7.74 -18.09
N GLU N 162 13.23 7.58 -17.28
CA GLU N 162 12.67 8.78 -16.68
C GLU N 162 12.69 8.83 -15.17
N GLY N 163 12.42 10.03 -14.66
CA GLY N 163 12.41 10.25 -13.22
C GLY N 163 13.76 9.89 -12.62
N ILE N 164 14.82 10.53 -13.09
CA ILE N 164 16.14 10.25 -12.54
C ILE N 164 16.34 11.20 -11.34
N LYS N 165 17.21 10.78 -10.41
CA LYS N 165 17.54 11.46 -9.17
C LYS N 165 18.99 11.97 -8.96
N TYR N 166 19.18 12.23 -7.66
CA TYR N 166 20.33 12.73 -6.90
C TYR N 166 20.55 14.21 -6.63
N ARG N 167 20.12 14.46 -5.40
CA ARG N 167 20.17 15.68 -4.66
C ARG N 167 20.95 16.81 -5.31
N LYS N 168 22.25 16.57 -5.48
CA LYS N 168 23.09 17.59 -6.09
C LYS N 168 23.16 17.44 -7.61
N ASN N 169 22.62 18.44 -8.31
CA ASN N 169 22.63 18.44 -9.78
C ASN N 169 24.02 18.86 -10.24
N GLU N 170 24.67 18.03 -11.03
CA GLU N 170 25.98 18.44 -11.52
C GLU N 170 26.30 17.89 -12.90
N VAL N 171 27.30 18.51 -13.51
CA VAL N 171 27.70 18.17 -14.85
C VAL N 171 29.17 18.28 -15.09
N PHE N 172 29.67 17.39 -15.92
CA PHE N 172 31.08 17.40 -16.26
C PHE N 172 31.19 17.36 -17.77
N LEU N 173 31.83 18.38 -18.34
CA LEU N 173 31.99 18.44 -19.78
C LEU N 173 33.43 18.66 -20.10
N ASP N 174 34.05 17.63 -20.66
CA ASP N 174 35.47 17.67 -20.96
C ASP N 174 35.77 17.47 -22.42
N VAL N 175 36.52 18.39 -22.99
CA VAL N 175 36.90 18.27 -24.39
C VAL N 175 38.37 18.02 -24.37
N ILE N 176 38.79 17.06 -25.17
CA ILE N 176 40.18 16.70 -25.21
C ILE N 176 40.67 16.55 -26.64
N GLU N 177 41.92 16.94 -26.86
CA GLU N 177 42.51 16.86 -28.19
C GLU N 177 43.94 16.37 -28.11
N ALA N 178 44.22 15.30 -28.84
CA ALA N 178 45.55 14.73 -28.91
C ALA N 178 46.08 15.19 -30.25
N VAL N 179 47.39 15.33 -30.38
CA VAL N 179 48.00 15.84 -31.61
C VAL N 179 48.97 14.94 -32.35
N ASN N 180 48.57 14.18 -33.34
CA ASN N 180 49.56 13.34 -34.01
C ASN N 180 50.39 14.13 -35.00
N LEU N 181 51.71 14.06 -34.86
CA LEU N 181 52.64 14.79 -35.72
C LEU N 181 53.92 14.08 -36.08
N LEU N 182 54.52 14.48 -37.20
CA LEU N 182 55.78 13.90 -37.64
C LEU N 182 56.62 14.94 -38.31
N VAL N 183 57.86 15.08 -37.87
CA VAL N 183 58.75 16.06 -38.46
C VAL N 183 60.14 15.52 -38.53
N SER N 184 60.76 15.63 -39.70
CA SER N 184 62.10 15.14 -39.83
C SER N 184 63.05 16.30 -39.65
N ALA N 185 64.31 15.98 -39.40
CA ALA N 185 65.33 16.98 -39.23
C ALA N 185 65.01 18.16 -40.15
N ASN N 186 64.56 17.86 -41.36
CA ASN N 186 64.21 18.90 -42.32
C ASN N 186 63.16 19.82 -41.71
N GLY N 187 63.13 19.89 -40.39
CA GLY N 187 62.19 20.73 -39.67
C GLY N 187 60.88 21.02 -40.35
N ASN N 188 60.30 20.02 -41.00
CA ASN N 188 59.03 20.24 -41.67
C ASN N 188 57.92 19.44 -41.05
N VAL N 189 56.72 19.98 -41.15
CA VAL N 189 55.56 19.30 -40.64
C VAL N 189 55.26 18.23 -41.70
N LEU N 190 55.05 16.99 -41.29
CA LEU N 190 54.77 15.94 -42.26
C LEU N 190 53.33 15.51 -42.16
N ARG N 191 52.90 15.29 -40.93
CA ARG N 191 51.53 14.88 -40.66
C ARG N 191 50.94 15.77 -39.62
N SER N 192 49.79 16.33 -39.93
CA SER N 192 49.15 17.20 -38.98
C SER N 192 47.75 16.69 -38.69
N GLU N 193 47.62 16.00 -37.56
CA GLU N 193 46.34 15.47 -37.14
C GLU N 193 46.08 15.70 -35.67
N ILE N 194 44.85 16.11 -35.37
CA ILE N 194 44.41 16.32 -34.01
C ILE N 194 43.02 15.77 -33.90
N VAL N 195 42.87 14.73 -33.11
CA VAL N 195 41.58 14.11 -32.95
C VAL N 195 40.95 14.74 -31.74
N GLY N 196 39.69 15.13 -31.87
CA GLY N 196 39.01 15.76 -30.76
C GLY N 196 37.89 14.92 -30.18
N SER N 197 37.51 15.23 -28.95
CA SER N 197 36.44 14.50 -28.30
C SER N 197 35.78 15.29 -27.21
N ILE N 198 34.46 15.36 -27.27
CA ILE N 198 33.73 16.07 -26.25
C ILE N 198 33.07 15.04 -25.39
N LYS N 199 33.82 14.40 -24.52
CA LYS N 199 33.20 13.45 -23.65
C LYS N 199 32.47 14.33 -22.63
N MET N 200 31.36 13.82 -22.08
CA MET N 200 30.56 14.53 -21.08
C MET N 200 30.11 13.57 -20.01
N ARG N 201 29.90 14.10 -18.82
CA ARG N 201 29.51 13.32 -17.68
C ARG N 201 28.40 14.04 -16.91
N VAL N 202 27.27 13.38 -16.67
CA VAL N 202 26.17 14.06 -15.98
C VAL N 202 25.30 13.25 -15.02
N PHE N 203 24.73 13.93 -14.02
CA PHE N 203 23.82 13.29 -13.08
C PHE N 203 22.87 14.38 -12.66
N LEU N 204 22.06 14.76 -13.64
CA LEU N 204 21.05 15.77 -13.47
C LEU N 204 19.79 15.08 -13.06
N SER N 205 18.80 15.87 -12.66
CA SER N 205 17.55 15.33 -12.20
C SER N 205 16.39 15.57 -13.16
N GLY N 206 15.66 14.49 -13.47
CA GLY N 206 14.49 14.59 -14.35
C GLY N 206 14.64 14.41 -15.85
N MET N 207 14.39 15.50 -16.59
CA MET N 207 14.49 15.55 -18.05
C MET N 207 14.83 16.99 -18.45
N PRO N 208 16.11 17.36 -18.36
CA PRO N 208 16.51 18.73 -18.72
C PRO N 208 17.05 18.96 -20.13
N GLU N 209 16.49 19.95 -20.85
CA GLU N 209 16.96 20.28 -22.20
C GLU N 209 18.20 21.15 -22.00
N LEU N 210 19.28 20.68 -22.58
CA LEU N 210 20.58 21.33 -22.47
C LEU N 210 20.93 22.10 -23.73
N ARG N 211 21.31 23.38 -23.57
CA ARG N 211 21.70 24.21 -24.70
C ARG N 211 23.16 24.60 -24.61
N LEU N 212 23.94 24.17 -25.60
CA LEU N 212 25.37 24.42 -25.64
C LEU N 212 25.82 25.33 -26.78
N GLY N 213 26.41 26.45 -26.40
CA GLY N 213 26.88 27.39 -27.41
C GLY N 213 28.32 27.09 -27.70
N LEU N 214 28.74 27.37 -28.92
CA LEU N 214 30.12 27.09 -29.24
C LEU N 214 30.94 28.18 -29.83
N ASN N 215 32.22 27.89 -29.82
CA ASN N 215 33.21 28.77 -30.37
C ASN N 215 32.84 28.73 -31.84
N ASP N 216 33.48 29.55 -32.64
CA ASP N 216 33.19 29.51 -34.06
C ASP N 216 34.09 28.52 -34.77
N LYS N 217 35.28 28.98 -35.15
CA LYS N 217 36.24 28.18 -35.92
C LYS N 217 35.91 26.71 -36.30
N VAL N 218 35.32 25.91 -35.43
CA VAL N 218 34.97 24.55 -35.82
C VAL N 218 33.49 24.26 -36.01
N GLU N 232 38.72 21.21 -44.97
CA GLU N 232 39.92 20.99 -44.15
C GLU N 232 39.67 19.96 -43.07
N LEU N 233 38.42 19.86 -42.65
CA LEU N 233 38.00 18.95 -41.61
C LEU N 233 37.55 17.60 -42.14
N GLU N 234 38.21 16.55 -41.70
CA GLU N 234 37.91 15.19 -42.14
C GLU N 234 36.52 14.73 -41.71
N ASP N 235 36.39 14.28 -40.47
CA ASP N 235 35.11 13.80 -40.02
C ASP N 235 34.55 14.37 -38.74
N VAL N 236 33.22 14.36 -38.65
CA VAL N 236 32.48 14.89 -37.52
C VAL N 236 31.27 14.05 -37.22
N LYS N 237 31.19 13.54 -36.00
CA LYS N 237 30.06 12.73 -35.65
C LYS N 237 29.50 13.13 -34.31
N PHE N 238 28.19 13.34 -34.27
CA PHE N 238 27.56 13.70 -33.02
C PHE N 238 26.91 12.48 -32.46
N HIS N 239 26.14 12.71 -31.41
CA HIS N 239 25.40 11.65 -30.76
C HIS N 239 23.97 11.99 -31.08
N GLN N 240 23.29 11.07 -31.74
CA GLN N 240 21.90 11.26 -32.14
C GLN N 240 21.15 12.32 -31.34
N CYS N 241 21.25 12.24 -30.02
CA CYS N 241 20.56 13.19 -29.14
C CYS N 241 20.88 14.66 -29.35
N VAL N 242 21.44 15.01 -30.50
CA VAL N 242 21.78 16.39 -30.78
C VAL N 242 20.99 16.98 -31.91
N ARG N 243 20.81 18.29 -31.86
CA ARG N 243 20.10 19.00 -32.91
C ARG N 243 20.87 20.30 -33.19
N LEU N 244 21.04 20.60 -34.48
CA LEU N 244 21.75 21.76 -34.96
C LEU N 244 20.78 22.96 -34.94
N SER N 245 20.99 23.87 -33.97
CA SER N 245 20.16 25.06 -33.74
C SER N 245 19.88 25.91 -34.99
N ARG N 246 18.59 25.80 -35.37
CA ARG N 246 17.87 26.40 -36.50
C ARG N 246 18.67 26.77 -37.77
N PHE N 247 18.69 25.79 -38.66
CA PHE N 247 19.32 25.83 -39.97
C PHE N 247 20.78 26.36 -40.01
N GLU N 248 20.85 27.65 -40.29
CA GLU N 248 22.09 28.36 -40.53
C GLU N 248 23.02 29.04 -39.51
N ASN N 249 24.26 29.02 -39.99
CA ASN N 249 25.55 29.53 -39.47
C ASN N 249 25.80 29.83 -38.00
N ASP N 250 24.73 30.12 -37.24
CA ASP N 250 24.93 30.38 -35.82
C ASP N 250 24.94 29.09 -34.95
N ARG N 251 26.16 28.81 -34.48
CA ARG N 251 26.51 27.64 -33.68
C ARG N 251 25.87 27.57 -32.28
N THR N 252 24.94 26.65 -32.16
CA THR N 252 24.24 26.38 -30.90
C THR N 252 24.01 24.87 -30.97
N ILE N 253 24.29 24.17 -29.88
CA ILE N 253 24.15 22.71 -29.81
C ILE N 253 23.19 22.31 -28.69
N SER N 254 21.91 22.28 -29.02
CA SER N 254 20.87 21.89 -28.08
C SER N 254 20.73 20.36 -28.15
N PHE N 255 20.26 19.76 -27.06
CA PHE N 255 20.11 18.31 -26.98
C PHE N 255 19.79 17.85 -25.55
N ILE N 256 19.35 16.60 -25.40
CA ILE N 256 19.06 16.01 -24.08
C ILE N 256 19.91 14.74 -23.90
N PRO N 257 20.89 14.81 -22.97
CA PRO N 257 21.89 13.83 -22.53
C PRO N 257 21.43 12.61 -21.78
N PRO N 258 22.11 11.46 -21.94
CA PRO N 258 21.67 10.29 -21.18
C PRO N 258 22.05 10.55 -19.77
N ASP N 259 22.12 9.47 -19.00
CA ASP N 259 22.55 9.61 -17.65
C ASP N 259 23.94 9.05 -17.55
N GLY N 260 24.77 9.75 -16.80
CA GLY N 260 26.12 9.29 -16.61
C GLY N 260 27.07 9.84 -17.64
N GLU N 261 27.99 8.99 -18.06
CA GLU N 261 28.98 9.39 -19.02
C GLU N 261 28.64 8.93 -20.42
N PHE N 262 29.08 9.71 -21.40
CA PHE N 262 28.83 9.41 -22.80
C PHE N 262 29.56 10.45 -23.58
N GLU N 263 29.76 10.16 -24.86
CA GLU N 263 30.46 11.05 -25.76
C GLU N 263 29.53 11.91 -26.60
N LEU N 264 29.47 13.16 -26.20
CA LEU N 264 28.65 14.12 -26.87
C LEU N 264 29.05 14.27 -28.32
N MET N 265 30.34 14.20 -28.62
CA MET N 265 30.76 14.39 -30.00
C MET N 265 32.25 14.15 -30.28
N SER N 266 32.56 13.77 -31.52
CA SER N 266 33.95 13.49 -31.92
C SER N 266 34.31 14.15 -33.24
N TYR N 267 35.60 14.08 -33.62
CA TYR N 267 36.04 14.70 -34.86
C TYR N 267 37.55 14.73 -35.09
N ARG N 268 37.95 14.80 -36.37
CA ARG N 268 39.36 14.83 -36.82
C ARG N 268 39.69 16.03 -37.72
N LEU N 269 40.80 16.72 -37.46
CA LEU N 269 41.19 17.87 -38.29
C LEU N 269 42.55 17.70 -38.92
N ASN N 270 42.72 18.36 -40.05
CA ASN N 270 43.95 18.29 -40.82
C ASN N 270 44.55 19.69 -40.91
N THR N 271 45.50 20.04 -40.03
CA THR N 271 46.09 21.39 -40.05
C THR N 271 47.51 21.67 -39.51
N HIS N 272 48.36 22.27 -40.35
CA HIS N 272 49.74 22.61 -39.98
C HIS N 272 49.78 23.21 -38.61
N VAL N 273 50.07 22.40 -37.61
CA VAL N 273 50.16 22.91 -36.28
C VAL N 273 51.62 23.03 -35.89
N LYS N 274 52.12 24.25 -35.86
CA LYS N 274 53.51 24.46 -35.51
C LYS N 274 53.73 23.58 -34.30
N PRO N 275 54.62 22.59 -34.44
CA PRO N 275 54.96 21.63 -33.40
C PRO N 275 54.93 22.26 -32.04
N LEU N 276 53.91 21.91 -31.27
CA LEU N 276 53.74 22.42 -29.93
C LEU N 276 55.04 22.39 -29.15
N ILE N 277 55.65 21.21 -29.05
CA ILE N 277 56.89 21.08 -28.32
C ILE N 277 58.01 20.55 -29.16
N TRP N 278 58.73 21.46 -29.80
CA TRP N 278 59.83 21.10 -30.66
C TRP N 278 60.99 20.58 -29.88
N ILE N 279 61.95 20.04 -30.61
CA ILE N 279 63.17 19.52 -30.05
C ILE N 279 64.13 19.31 -31.20
N GLU N 280 65.41 19.15 -30.88
CA GLU N 280 66.44 18.90 -31.87
C GLU N 280 67.72 18.56 -31.12
N SER N 281 68.40 17.52 -31.58
CA SER N 281 69.61 17.10 -30.92
C SER N 281 70.84 17.31 -31.77
N VAL N 282 71.87 17.89 -31.17
CA VAL N 282 73.11 18.10 -31.88
C VAL N 282 74.09 17.07 -31.34
N ILE N 283 75.00 16.65 -32.20
CA ILE N 283 75.95 15.62 -31.84
C ILE N 283 77.40 16.07 -31.85
N GLU N 284 78.26 15.37 -31.09
CA GLU N 284 79.71 15.66 -30.99
C GLU N 284 80.63 14.54 -30.37
N LYS N 285 81.20 13.68 -31.22
CA LYS N 285 82.03 12.52 -30.82
C LYS N 285 83.50 12.32 -31.31
N HIS N 286 84.29 11.53 -30.54
CA HIS N 286 85.71 11.12 -30.80
C HIS N 286 86.68 11.16 -29.59
N SER N 287 87.99 11.31 -29.89
CA SER N 287 89.15 11.33 -28.95
C SER N 287 89.18 10.08 -28.04
N HIS N 288 88.63 10.21 -26.82
CA HIS N 288 88.56 9.07 -25.87
C HIS N 288 87.08 8.55 -25.88
N SER N 289 86.76 7.76 -26.92
CA SER N 289 85.46 7.12 -27.23
C SER N 289 84.23 7.61 -26.44
N ARG N 290 84.12 8.94 -26.37
CA ARG N 290 83.04 9.64 -25.70
C ARG N 290 82.22 10.38 -26.76
N ILE N 291 80.97 10.67 -26.40
CA ILE N 291 80.04 11.33 -27.30
C ILE N 291 79.13 12.30 -26.51
N GLU N 292 78.91 13.49 -27.09
CA GLU N 292 78.11 14.56 -26.47
C GLU N 292 76.80 14.93 -27.18
N TYR N 293 75.73 14.99 -26.40
CA TYR N 293 74.42 15.35 -26.91
C TYR N 293 74.00 16.68 -26.31
N MET N 294 73.29 17.47 -27.11
CA MET N 294 72.79 18.76 -26.67
C MET N 294 71.39 18.85 -27.21
N VAL N 295 70.43 18.96 -26.32
CA VAL N 295 69.06 19.03 -26.76
C VAL N 295 68.30 20.25 -26.31
N LYS N 296 67.85 21.01 -27.30
CA LYS N 296 67.06 22.20 -27.06
C LYS N 296 65.62 21.72 -27.12
N ALA N 297 64.76 22.32 -26.31
CA ALA N 297 63.35 21.95 -26.29
C ALA N 297 62.55 23.22 -26.18
N LYS N 298 62.06 23.70 -27.30
CA LYS N 298 61.28 24.94 -27.31
C LYS N 298 59.81 24.65 -27.04
N SER N 299 59.11 25.61 -26.47
CA SER N 299 57.69 25.48 -26.18
C SER N 299 56.93 26.47 -27.02
N GLN N 300 56.46 26.04 -28.18
CA GLN N 300 55.73 26.95 -29.07
C GLN N 300 54.26 27.10 -28.70
N PHE N 301 53.99 28.08 -27.86
CA PHE N 301 52.63 28.34 -27.39
C PHE N 301 52.34 29.76 -27.06
N LYS N 302 51.09 29.97 -26.71
CA LYS N 302 50.66 31.27 -26.26
C LYS N 302 51.27 31.27 -24.86
N ARG N 303 52.05 32.30 -24.54
CA ARG N 303 52.70 32.36 -23.23
C ARG N 303 51.78 32.07 -22.07
N ARG N 304 50.67 32.77 -22.04
CA ARG N 304 49.69 32.69 -20.97
C ARG N 304 49.44 31.37 -20.27
N SER N 305 49.54 30.25 -20.96
CA SER N 305 49.31 28.97 -20.29
C SER N 305 50.54 28.09 -20.33
N THR N 306 50.45 26.87 -19.80
CA THR N 306 51.61 25.98 -19.75
C THR N 306 51.25 24.48 -19.82
N ALA N 307 52.20 23.65 -20.29
CA ALA N 307 51.98 22.21 -20.43
C ALA N 307 52.37 21.46 -19.18
N ASN N 308 51.73 20.32 -18.93
CA ASN N 308 51.99 19.53 -17.72
C ASN N 308 52.55 18.14 -17.82
N ASN N 309 53.16 17.72 -16.72
CA ASN N 309 53.70 16.38 -16.60
C ASN N 309 54.33 15.91 -17.91
N VAL N 310 54.98 16.82 -18.64
CA VAL N 310 55.61 16.47 -19.92
C VAL N 310 56.84 15.64 -19.77
N GLU N 311 57.08 14.79 -20.76
CA GLU N 311 58.25 13.94 -20.71
C GLU N 311 58.81 13.70 -22.08
N ILE N 312 60.14 13.66 -22.15
CA ILE N 312 60.83 13.49 -23.42
C ILE N 312 61.62 12.20 -23.54
N HIS N 313 61.34 11.45 -24.60
CA HIS N 313 62.03 10.18 -24.84
C HIS N 313 63.05 10.32 -25.93
N ILE N 314 64.32 10.38 -25.56
CA ILE N 314 65.33 10.52 -26.56
C ILE N 314 66.04 9.21 -26.84
N PRO N 315 66.00 8.79 -28.11
CA PRO N 315 66.62 7.55 -28.58
C PRO N 315 68.10 7.74 -28.50
N VAL N 316 68.79 6.66 -28.17
CA VAL N 316 70.23 6.68 -28.06
C VAL N 316 70.77 5.31 -28.37
N PRO N 317 72.08 5.22 -28.63
CA PRO N 317 72.80 3.99 -28.97
C PRO N 317 72.62 2.82 -28.01
N ASN N 318 72.21 1.67 -28.55
CA ASN N 318 71.99 0.45 -27.77
C ASN N 318 73.03 0.23 -26.69
N ASP N 319 74.27 0.65 -26.96
CA ASP N 319 75.35 0.41 -26.02
C ASP N 319 76.12 1.56 -25.41
N ALA N 320 75.43 2.24 -24.51
CA ALA N 320 76.02 3.34 -23.78
C ALA N 320 76.75 2.67 -22.63
N ASP N 321 77.67 3.40 -22.00
CA ASP N 321 78.42 2.85 -20.88
C ASP N 321 77.81 3.41 -19.58
N SER N 322 78.06 4.69 -19.34
CA SER N 322 77.58 5.40 -18.16
C SER N 322 77.31 6.86 -18.51
N PRO N 323 76.14 7.37 -18.13
CA PRO N 323 75.70 8.74 -18.39
C PRO N 323 76.12 9.80 -17.37
N LYS N 324 75.89 11.05 -17.76
CA LYS N 324 76.19 12.26 -16.96
C LYS N 324 75.31 13.45 -17.39
N PHE N 325 74.10 13.52 -16.84
CA PHE N 325 73.16 14.58 -17.18
C PHE N 325 73.31 15.84 -16.37
N LYS N 326 73.12 16.96 -17.04
CA LYS N 326 73.20 18.24 -16.37
C LYS N 326 72.14 19.15 -16.97
N THR N 327 71.15 19.50 -16.16
CA THR N 327 70.11 20.36 -16.66
C THR N 327 69.49 21.32 -15.70
N THR N 328 69.18 22.49 -16.24
CA THR N 328 68.57 23.58 -15.52
C THR N 328 67.23 23.13 -15.07
N VAL N 329 66.56 22.42 -15.97
CA VAL N 329 65.21 21.99 -15.71
C VAL N 329 64.96 20.51 -15.67
N GLY N 330 63.89 20.18 -14.94
CA GLY N 330 63.50 18.80 -14.79
C GLY N 330 64.67 17.92 -14.45
N SER N 331 64.39 16.62 -14.40
CA SER N 331 65.41 15.64 -14.10
C SER N 331 65.40 14.65 -15.23
N VAL N 332 66.59 14.33 -15.72
CA VAL N 332 66.70 13.39 -16.78
C VAL N 332 67.21 12.12 -16.18
N LYS N 333 66.90 11.00 -16.82
CA LYS N 333 67.37 9.70 -16.36
C LYS N 333 67.59 8.78 -17.57
N TRP N 334 68.08 7.57 -17.33
CA TRP N 334 68.38 6.63 -18.42
C TRP N 334 67.76 5.23 -18.26
N VAL N 335 67.63 4.51 -19.36
CA VAL N 335 67.10 3.14 -19.33
C VAL N 335 67.59 2.36 -20.53
N PRO N 336 68.68 1.62 -20.34
CA PRO N 336 69.28 0.82 -21.39
C PRO N 336 68.23 0.01 -22.10
N GLU N 337 67.25 -0.46 -21.36
CA GLU N 337 66.18 -1.23 -21.95
C GLU N 337 65.50 -0.22 -22.84
N ASN N 338 65.12 -0.64 -24.05
CA ASN N 338 64.49 0.28 -25.01
C ASN N 338 65.54 1.27 -25.55
N SER N 339 66.70 1.32 -24.90
CA SER N 339 67.81 2.18 -25.32
C SER N 339 67.44 3.65 -25.44
N GLU N 340 67.05 4.26 -24.34
CA GLU N 340 66.67 5.66 -24.45
C GLU N 340 66.95 6.49 -23.24
N ILE N 341 67.26 7.76 -23.48
CA ILE N 341 67.51 8.68 -22.41
C ILE N 341 66.19 9.39 -22.26
N VAL N 342 65.71 9.50 -21.03
CA VAL N 342 64.44 10.14 -20.78
C VAL N 342 64.53 11.40 -19.96
N TRP N 343 64.13 12.49 -20.60
CA TRP N 343 64.15 13.78 -19.96
C TRP N 343 62.79 13.95 -19.41
N SER N 344 62.72 14.21 -18.13
CA SER N 344 61.43 14.38 -17.53
C SER N 344 61.31 15.77 -16.94
N VAL N 345 60.16 16.39 -17.17
CA VAL N 345 59.89 17.72 -16.66
C VAL N 345 58.48 17.72 -16.08
N LYS N 346 58.31 18.27 -14.88
CA LYS N 346 57.00 18.31 -14.27
C LYS N 346 56.14 19.38 -14.91
N SER N 347 56.57 20.63 -14.76
CA SER N 347 55.83 21.74 -15.33
C SER N 347 56.67 22.42 -16.39
N PHE N 348 56.00 22.83 -17.48
CA PHE N 348 56.65 23.46 -18.62
C PHE N 348 55.78 24.57 -19.21
N PRO N 349 56.26 25.81 -19.11
CA PRO N 349 55.55 26.98 -19.62
C PRO N 349 55.71 27.13 -21.10
N GLY N 350 54.76 27.82 -21.71
CA GLY N 350 54.83 28.03 -23.14
C GLY N 350 55.65 29.25 -23.45
N GLY N 351 56.34 29.22 -24.59
CA GLY N 351 57.12 30.35 -25.01
C GLY N 351 58.57 30.40 -24.54
N LYS N 352 59.00 29.40 -23.79
CA LYS N 352 60.36 29.41 -23.28
C LYS N 352 61.14 28.19 -23.75
N GLU N 353 62.45 28.35 -23.92
CA GLU N 353 63.30 27.23 -24.35
C GLU N 353 64.30 26.82 -23.28
N TYR N 354 64.25 25.55 -22.93
CA TYR N 354 65.12 25.02 -21.91
C TYR N 354 66.18 24.13 -22.48
N LEU N 355 67.29 24.05 -21.77
CA LEU N 355 68.41 23.29 -22.25
C LEU N 355 68.85 22.10 -21.43
N MET N 356 69.10 21.02 -22.15
CA MET N 356 69.53 19.76 -21.57
C MET N 356 70.72 19.25 -22.34
N ARG N 357 71.73 18.84 -21.59
CA ARG N 357 72.92 18.32 -22.22
C ARG N 357 73.38 17.14 -21.39
N ALA N 358 73.63 16.02 -22.06
CA ALA N 358 74.06 14.81 -21.38
C ALA N 358 75.12 14.04 -22.20
N HIS N 359 76.14 13.53 -21.53
CA HIS N 359 77.20 12.76 -22.20
C HIS N 359 77.31 11.39 -21.58
N PHE N 360 77.90 10.47 -22.36
CA PHE N 360 78.14 9.09 -21.93
C PHE N 360 79.27 8.50 -22.84
N GLY N 361 79.48 7.17 -22.82
CA GLY N 361 80.56 6.57 -23.61
C GLY N 361 80.29 5.28 -24.40
N LEU N 362 81.36 4.68 -24.96
CA LEU N 362 81.24 3.46 -25.77
C LEU N 362 82.19 2.31 -25.42
N LYS N 373 68.13 4.24 -36.85
CA LYS N 373 67.93 5.19 -35.77
C LYS N 373 66.42 5.53 -35.57
N PRO N 374 65.82 5.07 -34.46
CA PRO N 374 64.40 5.30 -34.12
C PRO N 374 64.05 6.72 -33.65
N PRO N 375 62.99 7.34 -34.18
CA PRO N 375 62.46 8.67 -33.94
C PRO N 375 62.11 8.95 -32.53
N ILE N 376 62.40 10.18 -32.14
CA ILE N 376 62.17 10.66 -30.79
C ILE N 376 60.77 11.14 -30.49
N SER N 377 60.19 10.71 -29.39
CA SER N 377 58.82 11.11 -29.05
C SER N 377 58.70 11.76 -27.70
N VAL N 378 57.53 12.32 -27.42
CA VAL N 378 57.27 12.97 -26.14
C VAL N 378 55.79 13.00 -25.87
N LYS N 379 55.43 13.01 -24.60
CA LYS N 379 54.05 13.05 -24.27
C LYS N 379 53.89 14.15 -23.30
N PHE N 380 52.78 14.84 -23.46
CA PHE N 380 52.53 15.99 -22.65
C PHE N 380 51.11 16.02 -22.18
N GLU N 381 50.65 17.22 -21.89
CA GLU N 381 49.31 17.42 -21.39
C GLU N 381 49.25 18.93 -21.19
N ILE N 382 48.17 19.55 -21.59
CA ILE N 382 48.07 20.99 -21.45
C ILE N 382 46.70 21.39 -21.02
N PRO N 383 46.54 21.61 -19.73
CA PRO N 383 45.24 22.02 -19.22
C PRO N 383 44.78 23.32 -19.82
N TYR N 384 43.46 23.47 -19.89
CA TYR N 384 42.85 24.68 -20.40
C TYR N 384 43.54 25.13 -21.67
N PHE N 385 43.39 24.34 -22.72
CA PHE N 385 44.00 24.66 -24.01
C PHE N 385 43.36 23.88 -25.15
N THR N 386 43.41 24.44 -26.35
CA THR N 386 42.79 23.80 -27.49
C THR N 386 43.53 24.02 -28.78
N THR N 387 44.49 23.17 -29.10
CA THR N 387 45.20 23.37 -30.35
C THR N 387 44.21 23.73 -31.42
N SER N 388 43.07 23.06 -31.41
CA SER N 388 42.05 23.32 -32.40
C SER N 388 41.68 24.78 -32.41
N GLY N 389 41.34 25.29 -31.24
CA GLY N 389 40.97 26.68 -31.15
C GLY N 389 39.58 26.88 -30.58
N ILE N 390 38.85 25.80 -30.44
CA ILE N 390 37.51 25.93 -29.89
C ILE N 390 37.67 26.42 -28.47
N GLN N 391 36.57 26.86 -27.90
CA GLN N 391 36.47 27.33 -26.54
C GLN N 391 34.99 27.03 -26.34
N VAL N 392 34.59 26.54 -25.18
CA VAL N 392 33.17 26.34 -25.04
C VAL N 392 32.73 27.73 -24.69
N ARG N 393 31.63 28.15 -25.28
CA ARG N 393 31.13 29.49 -25.07
C ARG N 393 30.22 29.65 -23.85
N TYR N 394 29.26 28.74 -23.71
CA TYR N 394 28.32 28.78 -22.60
C TYR N 394 27.49 27.50 -22.50
N LEU N 395 27.08 27.17 -21.27
CA LEU N 395 26.26 26.00 -21.07
C LEU N 395 24.99 26.31 -20.30
N LYS N 396 23.86 26.18 -20.98
CA LYS N 396 22.57 26.46 -20.38
C LYS N 396 21.92 25.19 -19.85
N ILE N 397 21.03 25.39 -18.89
CA ILE N 397 20.32 24.28 -18.27
C ILE N 397 18.89 24.76 -17.98
N ILE N 398 17.92 24.14 -18.63
CA ILE N 398 16.56 24.54 -18.38
C ILE N 398 15.72 23.34 -17.99
N GLU N 399 15.21 23.41 -16.77
CA GLU N 399 14.37 22.37 -16.21
C GLU N 399 13.14 22.99 -15.56
N LYS N 400 12.12 22.14 -15.42
CA LYS N 400 10.85 22.48 -14.82
C LYS N 400 11.18 23.00 -13.42
N SER N 401 12.00 22.23 -12.70
CA SER N 401 12.42 22.60 -11.35
C SER N 401 13.30 23.85 -11.49
N GLY N 402 12.68 25.01 -11.26
CA GLY N 402 13.37 26.28 -11.35
C GLY N 402 14.56 26.26 -10.42
N TYR N 403 15.58 25.46 -10.80
CA TYR N 403 16.78 25.31 -10.00
C TYR N 403 18.07 25.61 -10.74
N GLN N 404 19.16 25.31 -10.07
CA GLN N 404 20.47 25.51 -10.61
C GLN N 404 21.13 24.16 -10.79
N ALA N 405 22.41 24.24 -11.12
CA ALA N 405 23.22 23.08 -11.34
C ALA N 405 24.65 23.55 -11.34
N ILE N 406 25.57 22.60 -11.27
CA ILE N 406 26.97 22.92 -11.25
C ILE N 406 27.71 22.29 -12.40
N PRO N 407 28.17 23.11 -13.35
CA PRO N 407 28.91 22.65 -14.52
C PRO N 407 30.43 22.91 -14.44
N TRP N 408 31.25 21.88 -14.68
CA TRP N 408 32.72 22.00 -14.69
C TRP N 408 33.24 21.66 -16.04
N VAL N 409 34.26 22.38 -16.46
CA VAL N 409 34.86 22.08 -17.74
C VAL N 409 36.30 21.73 -17.49
N ARG N 410 36.96 21.30 -18.55
CA ARG N 410 38.37 20.99 -18.54
C ARG N 410 38.71 20.82 -20.02
N TYR N 411 39.85 21.38 -20.38
CA TYR N 411 40.37 21.37 -21.72
C TYR N 411 41.71 20.67 -21.63
N ILE N 412 42.00 19.73 -22.51
CA ILE N 412 43.30 19.11 -22.41
C ILE N 412 43.78 18.75 -23.79
N THR N 413 45.06 18.98 -24.04
CA THR N 413 45.65 18.68 -25.31
C THR N 413 46.85 17.86 -24.99
N GLN N 414 46.63 16.56 -24.97
CA GLN N 414 47.67 15.61 -24.69
C GLN N 414 47.94 14.96 -25.99
N ASN N 415 48.53 13.79 -25.86
CA ASN N 415 48.87 12.95 -26.96
C ASN N 415 50.26 12.38 -26.87
N GLY N 416 50.54 11.55 -27.86
CA GLY N 416 51.84 10.91 -27.99
C GLY N 416 52.43 10.73 -29.40
N ASP N 417 51.62 10.64 -30.46
CA ASP N 417 52.19 10.45 -31.80
C ASP N 417 53.14 11.54 -32.21
N TYR N 418 53.45 12.36 -31.23
CA TYR N 418 54.36 13.45 -31.36
C TYR N 418 55.70 12.77 -31.56
N GLN N 419 56.06 12.52 -32.82
CA GLN N 419 57.33 11.86 -33.13
C GLN N 419 58.24 12.76 -33.97
N LEU N 420 59.54 12.73 -33.68
CA LEU N 420 60.52 13.54 -34.41
C LEU N 420 61.72 12.74 -34.88
N ARG N 421 62.19 13.02 -36.09
CA ARG N 421 63.31 12.28 -36.66
C ARG N 421 64.70 12.86 -36.51
N THR N 422 65.68 12.03 -36.88
CA THR N 422 67.09 12.38 -36.86
C THR N 422 67.76 11.35 -37.76
N GLN N 423 68.34 11.83 -38.85
CA GLN N 423 69.03 10.96 -39.81
C GLN N 423 70.56 11.17 -39.74
N SER O 2 79.19 -60.61 -0.58
CA SER O 2 79.28 -61.22 0.77
C SER O 2 77.89 -61.40 1.42
N ALA O 3 77.53 -60.56 2.38
CA ALA O 3 76.23 -60.66 3.04
C ALA O 3 75.06 -60.14 2.17
N SER O 4 73.98 -60.91 2.03
CA SER O 4 72.83 -60.50 1.21
C SER O 4 71.53 -60.30 1.97
N ALA O 5 71.56 -60.52 3.28
CA ALA O 5 70.36 -60.37 4.08
C ALA O 5 70.67 -60.33 5.57
N VAL O 6 69.84 -59.63 6.32
CA VAL O 6 70.03 -59.53 7.75
C VAL O 6 68.68 -59.58 8.42
N TYR O 7 68.53 -60.47 9.39
CA TYR O 7 67.25 -60.58 10.07
C TYR O 7 67.46 -60.37 11.55
N VAL O 8 66.38 -60.52 12.30
CA VAL O 8 66.45 -60.38 13.74
C VAL O 8 65.30 -61.22 14.21
N LEU O 9 65.57 -62.38 14.80
CA LEU O 9 64.47 -63.21 15.24
C LEU O 9 64.35 -63.28 16.74
N ASP O 10 63.24 -63.86 17.18
CA ASP O 10 62.97 -64.05 18.59
C ASP O 10 62.99 -65.55 18.81
N LEU O 11 63.60 -65.96 19.92
CA LEU O 11 63.72 -67.36 20.30
C LEU O 11 62.98 -68.28 19.34
N LYS O 12 61.66 -68.18 19.33
CA LYS O 12 60.80 -69.00 18.47
C LYS O 12 61.37 -69.27 17.09
N GLY O 13 62.15 -68.33 16.57
CA GLY O 13 62.75 -68.52 15.26
C GLY O 13 61.91 -67.94 14.17
N LYS O 14 60.95 -67.13 14.56
CA LYS O 14 60.07 -66.52 13.58
C LYS O 14 60.65 -65.17 13.21
N VAL O 15 60.48 -64.82 11.94
CA VAL O 15 60.96 -63.56 11.41
C VAL O 15 60.39 -62.43 12.22
N LEU O 16 61.27 -61.71 12.91
CA LEU O 16 60.87 -60.59 13.75
C LEU O 16 60.84 -59.28 12.97
N ILE O 17 61.91 -58.95 12.26
CA ILE O 17 61.98 -57.72 11.48
C ILE O 17 63.28 -57.76 10.71
N CYS O 18 63.26 -57.30 9.46
CA CYS O 18 64.48 -57.40 8.66
C CYS O 18 64.50 -56.57 7.39
N ARG O 19 65.63 -56.70 6.68
CA ARG O 19 65.87 -56.03 5.40
C ARG O 19 66.64 -56.90 4.39
N ASN O 20 66.22 -56.80 3.14
CA ASN O 20 66.78 -57.57 2.03
C ASN O 20 67.71 -56.75 1.11
N TYR O 21 69.02 -56.87 1.28
CA TYR O 21 69.96 -56.09 0.46
C TYR O 21 70.38 -56.71 -0.88
N ARG O 22 69.83 -57.85 -1.27
CA ARG O 22 70.26 -58.47 -2.52
C ARG O 22 69.20 -59.31 -3.23
N GLY O 23 69.59 -60.44 -3.82
CA GLY O 23 68.63 -61.28 -4.53
C GLY O 23 68.72 -62.79 -4.33
N ASP O 24 68.09 -63.26 -3.23
CA ASP O 24 68.03 -64.67 -2.82
C ASP O 24 66.63 -64.92 -2.23
N VAL O 25 65.98 -66.03 -2.64
CA VAL O 25 64.59 -66.39 -2.22
C VAL O 25 64.26 -66.23 -0.73
N ASP O 26 65.02 -65.34 -0.09
CA ASP O 26 64.84 -64.96 1.29
C ASP O 26 63.62 -65.59 1.93
N MET O 27 62.46 -65.19 1.44
CA MET O 27 61.15 -65.65 1.91
C MET O 27 61.16 -67.03 2.55
N SER O 28 61.93 -67.94 1.96
CA SER O 28 62.00 -69.28 2.53
C SER O 28 63.13 -69.33 3.58
N GLU O 29 64.22 -70.02 3.22
CA GLU O 29 65.38 -70.21 4.08
C GLU O 29 65.26 -69.73 5.53
N VAL O 30 65.17 -68.43 5.75
CA VAL O 30 65.04 -67.93 7.11
C VAL O 30 64.11 -68.79 7.94
N GLU O 31 63.01 -69.19 7.33
CA GLU O 31 62.02 -70.01 7.99
C GLU O 31 62.67 -71.30 8.47
N HIS O 32 63.39 -71.97 7.58
CA HIS O 32 64.05 -73.22 7.92
C HIS O 32 65.06 -73.06 9.05
N PHE O 33 65.58 -71.84 9.21
CA PHE O 33 66.60 -71.58 10.24
C PHE O 33 66.41 -72.41 11.48
N MET O 34 65.58 -71.91 12.38
CA MET O 34 65.32 -72.57 13.64
C MET O 34 65.38 -74.09 13.50
N PRO O 35 64.44 -74.69 12.75
CA PRO O 35 64.45 -76.14 12.59
C PRO O 35 65.85 -76.72 12.44
N ILE O 36 66.59 -76.24 11.45
CA ILE O 36 67.96 -76.72 11.24
C ILE O 36 68.77 -76.57 12.48
N LEU O 37 68.83 -75.35 12.97
CA LEU O 37 69.58 -75.06 14.17
C LEU O 37 69.44 -76.25 15.09
N MET O 38 68.28 -76.36 15.72
CA MET O 38 68.02 -77.45 16.64
C MET O 38 68.71 -78.77 16.24
N GLU O 39 68.34 -79.35 15.09
CA GLU O 39 68.95 -80.62 14.66
C GLU O 39 70.47 -80.65 14.73
N LYS O 40 71.10 -79.59 14.24
CA LYS O 40 72.55 -79.53 14.25
C LYS O 40 73.07 -79.39 15.68
N GLU O 41 72.16 -79.22 16.64
CA GLU O 41 72.58 -79.16 18.04
C GLU O 41 72.47 -80.56 18.62
N GLU O 42 71.64 -81.37 17.98
CA GLU O 42 71.46 -82.76 18.39
C GLU O 42 72.74 -83.48 18.05
N GLU O 43 73.33 -83.09 16.93
CA GLU O 43 74.57 -83.67 16.48
C GLU O 43 75.74 -83.01 17.24
N GLY O 44 75.42 -82.10 18.16
CA GLY O 44 76.47 -81.42 18.93
C GLY O 44 77.31 -80.52 18.04
N MET O 45 77.36 -80.88 16.76
CA MET O 45 78.10 -80.16 15.72
C MET O 45 77.36 -78.84 15.48
N LEU O 46 77.28 -78.08 16.58
CA LEU O 46 76.63 -76.79 16.68
C LEU O 46 77.57 -75.72 16.16
N SER O 47 77.38 -75.27 14.93
CA SER O 47 78.25 -74.27 14.31
C SER O 47 77.57 -72.94 13.99
N PRO O 48 78.25 -71.80 14.22
CA PRO O 48 77.65 -70.50 13.93
C PRO O 48 77.49 -70.24 12.43
N ILE O 49 77.62 -71.30 11.64
CA ILE O 49 77.48 -71.25 10.19
C ILE O 49 76.65 -72.44 9.73
N LEU O 50 75.35 -72.24 9.58
CA LEU O 50 74.48 -73.35 9.21
C LEU O 50 74.27 -73.52 7.72
N ALA O 51 73.89 -74.74 7.35
CA ALA O 51 73.69 -75.09 5.96
C ALA O 51 72.30 -75.57 5.55
N HIS O 52 71.85 -75.08 4.40
CA HIS O 52 70.58 -75.46 3.82
C HIS O 52 70.63 -75.28 2.32
N GLY O 53 70.70 -76.39 1.59
CA GLY O 53 70.74 -76.35 0.13
C GLY O 53 71.80 -75.49 -0.54
N GLY O 54 72.75 -74.98 0.22
CA GLY O 54 73.78 -74.14 -0.36
C GLY O 54 73.49 -72.69 0.02
N VAL O 55 72.92 -72.54 1.21
CA VAL O 55 72.58 -71.25 1.76
C VAL O 55 73.14 -71.25 3.17
N ARG O 56 74.05 -70.34 3.44
CA ARG O 56 74.69 -70.29 4.74
C ARG O 56 74.07 -69.26 5.67
N PHE O 57 74.20 -69.52 6.97
CA PHE O 57 73.63 -68.63 7.97
C PHE O 57 74.62 -68.22 9.03
N MET O 58 74.90 -66.93 9.11
CA MET O 58 75.80 -66.43 10.13
C MET O 58 74.91 -65.86 11.19
N TRP O 59 75.08 -66.28 12.44
CA TRP O 59 74.22 -65.77 13.49
C TRP O 59 74.90 -65.50 14.82
N ILE O 60 74.19 -64.78 15.67
CA ILE O 60 74.68 -64.42 16.98
C ILE O 60 73.47 -64.23 17.87
N LYS O 61 73.46 -64.89 19.01
CA LYS O 61 72.32 -64.74 19.88
C LYS O 61 72.67 -63.73 20.95
N HIS O 62 71.77 -62.77 21.13
CA HIS O 62 71.91 -61.74 22.14
C HIS O 62 70.63 -61.85 22.93
N ASN O 63 70.69 -61.60 24.23
CA ASN O 63 69.52 -61.69 25.07
C ASN O 63 68.22 -61.78 24.31
N ASN O 64 67.57 -62.93 24.25
CA ASN O 64 66.25 -62.90 23.63
C ASN O 64 66.15 -62.64 22.13
N LEU O 65 67.27 -62.51 21.42
CA LEU O 65 67.15 -62.21 19.99
C LEU O 65 68.22 -62.80 19.10
N TYR O 66 67.83 -63.63 18.14
CA TYR O 66 68.80 -64.21 17.24
C TYR O 66 68.99 -63.21 16.13
N LEU O 67 70.24 -62.94 15.80
CA LEU O 67 70.56 -62.01 14.76
C LEU O 67 71.18 -62.82 13.65
N VAL O 68 70.76 -62.59 12.41
CA VAL O 68 71.30 -63.42 11.36
C VAL O 68 71.59 -62.83 10.00
N ALA O 69 72.56 -63.44 9.31
CA ALA O 69 72.98 -63.02 7.98
C ALA O 69 72.81 -64.15 6.98
N THR O 70 72.80 -63.80 5.70
CA THR O 70 72.59 -64.78 4.64
C THR O 70 73.41 -64.55 3.39
N SER O 71 73.82 -65.62 2.73
CA SER O 71 74.60 -65.49 1.49
C SER O 71 74.58 -66.75 0.66
N LYS O 72 74.61 -66.59 -0.65
CA LYS O 72 74.60 -67.72 -1.56
C LYS O 72 76.06 -67.94 -1.98
N LYS O 73 76.77 -66.83 -2.13
CA LYS O 73 78.17 -66.85 -2.54
C LYS O 73 79.09 -67.18 -1.37
N ASN O 74 80.39 -67.22 -1.63
CA ASN O 74 81.40 -67.50 -0.61
C ASN O 74 81.70 -66.22 0.17
N ALA O 75 81.09 -66.08 1.34
CA ALA O 75 81.25 -64.90 2.16
C ALA O 75 82.59 -64.72 2.84
N CYS O 76 82.80 -63.49 3.29
CA CYS O 76 84.01 -63.06 3.99
C CYS O 76 83.65 -63.10 5.46
N VAL O 77 83.11 -64.24 5.88
CA VAL O 77 82.68 -64.46 7.26
C VAL O 77 83.20 -63.42 8.24
N SER O 78 84.48 -63.52 8.54
CA SER O 78 85.15 -62.61 9.46
C SER O 78 84.35 -61.33 9.54
N LEU O 79 84.06 -60.77 8.38
CA LEU O 79 83.27 -59.54 8.29
C LEU O 79 81.97 -59.72 9.03
N VAL O 80 81.05 -60.23 8.24
CA VAL O 80 79.71 -60.49 8.66
C VAL O 80 79.69 -60.58 10.15
N PHE O 81 80.41 -61.55 10.68
CA PHE O 81 80.43 -61.71 12.11
C PHE O 81 80.78 -60.41 12.82
N SER O 82 81.93 -59.81 12.52
CA SER O 82 82.29 -58.54 13.15
C SER O 82 81.12 -57.58 13.05
N PHE O 83 80.76 -57.32 11.80
CA PHE O 83 79.66 -56.43 11.48
C PHE O 83 78.46 -56.69 12.37
N LEU O 84 77.84 -57.84 12.21
CA LEU O 84 76.66 -58.18 13.00
C LEU O 84 76.87 -57.71 14.40
N TYR O 85 77.83 -58.33 15.08
CA TYR O 85 78.10 -57.97 16.45
C TYR O 85 78.07 -56.43 16.59
N LYS O 86 78.78 -55.74 15.71
CA LYS O 86 78.78 -54.29 15.75
C LYS O 86 77.33 -53.82 15.76
N VAL O 87 76.54 -54.33 14.82
CA VAL O 87 75.14 -53.96 14.73
C VAL O 87 74.55 -53.85 16.12
N VAL O 88 74.75 -54.89 16.93
CA VAL O 88 74.25 -54.86 18.28
C VAL O 88 74.76 -53.55 18.82
N GLN O 89 76.07 -53.51 19.00
CA GLN O 89 76.76 -52.34 19.52
C GLN O 89 75.92 -51.08 19.30
N VAL O 90 75.66 -50.79 18.03
CA VAL O 90 74.87 -49.63 17.64
C VAL O 90 73.54 -49.55 18.37
N PHE O 91 72.67 -50.51 18.11
CA PHE O 91 71.38 -50.54 18.73
C PHE O 91 71.43 -50.33 20.23
N SER O 92 72.01 -51.32 20.91
CA SER O 92 72.12 -51.28 22.35
C SER O 92 72.43 -49.88 22.82
N GLU O 93 73.15 -49.15 21.98
CA GLU O 93 73.50 -47.79 22.32
C GLU O 93 72.32 -46.85 22.16
N TYR O 94 71.56 -47.03 21.07
CA TYR O 94 70.41 -46.18 20.76
C TYR O 94 69.25 -46.21 21.73
N PHE O 95 69.09 -47.37 22.34
CA PHE O 95 68.06 -47.62 23.33
C PHE O 95 68.76 -48.62 24.22
N LYS O 96 68.48 -48.57 25.52
CA LYS O 96 69.17 -49.42 26.48
C LYS O 96 69.57 -50.84 26.06
N GLU O 97 68.62 -51.76 25.94
CA GLU O 97 68.98 -53.13 25.58
C GLU O 97 68.16 -53.78 24.48
N LEU O 98 68.79 -54.67 23.74
CA LEU O 98 68.12 -55.38 22.68
C LEU O 98 67.18 -56.28 23.38
N GLU O 99 66.07 -56.58 22.73
CA GLU O 99 65.05 -57.44 23.28
C GLU O 99 63.92 -57.31 22.30
N GLU O 100 63.17 -58.37 22.15
CA GLU O 100 62.04 -58.35 21.24
C GLU O 100 61.46 -56.96 21.48
N GLU O 101 60.91 -56.77 22.67
CA GLU O 101 60.31 -55.50 23.04
C GLU O 101 61.00 -54.33 22.36
N SER O 102 62.29 -54.16 22.63
CA SER O 102 63.04 -53.05 22.06
C SER O 102 62.75 -52.87 20.60
N ILE O 103 63.09 -53.88 19.84
CA ILE O 103 62.88 -53.85 18.42
C ILE O 103 61.44 -53.54 18.12
N ARG O 104 60.55 -54.34 18.72
CA ARG O 104 59.11 -54.17 18.53
C ARG O 104 58.72 -52.69 18.57
N ASP O 105 59.55 -51.90 19.23
CA ASP O 105 59.25 -50.49 19.33
C ASP O 105 59.83 -49.69 18.22
N ASN O 106 61.15 -49.55 18.25
CA ASN O 106 61.85 -48.75 17.30
C ASN O 106 61.93 -49.17 15.85
N PHE O 107 61.02 -50.06 15.45
CA PHE O 107 61.03 -50.53 14.07
C PHE O 107 61.57 -49.53 13.11
N VAL O 108 60.75 -48.55 12.82
CA VAL O 108 61.11 -47.52 11.91
C VAL O 108 62.60 -47.24 11.90
N ILE O 109 63.10 -46.52 12.91
CA ILE O 109 64.52 -46.18 12.96
C ILE O 109 65.39 -47.31 12.52
N ILE O 110 65.10 -48.50 13.03
CA ILE O 110 65.89 -49.64 12.64
C ILE O 110 65.95 -49.72 11.13
N TYR O 111 64.79 -49.66 10.48
CA TYR O 111 64.78 -49.69 9.03
C TYR O 111 65.78 -48.66 8.53
N GLU O 112 65.76 -47.49 9.13
CA GLU O 112 66.69 -46.43 8.73
C GLU O 112 68.09 -46.94 8.97
N LEU O 113 68.46 -46.95 10.25
CA LEU O 113 69.76 -47.41 10.67
C LEU O 113 70.23 -48.45 9.70
N LEU O 114 69.54 -49.58 9.66
CA LEU O 114 69.92 -50.65 8.75
C LEU O 114 70.37 -50.13 7.40
N ASP O 115 69.49 -49.40 6.75
CA ASP O 115 69.83 -48.88 5.45
C ASP O 115 71.17 -48.18 5.44
N GLU O 116 71.39 -47.29 6.40
CA GLU O 116 72.66 -46.56 6.42
C GLU O 116 73.90 -47.33 6.93
N LEU O 117 73.68 -48.51 7.52
CA LEU O 117 74.77 -49.35 8.02
C LEU O 117 75.48 -50.05 6.88
N MET O 118 74.73 -50.42 5.87
CA MET O 118 75.37 -51.09 4.74
C MET O 118 74.52 -50.95 3.51
N ASP O 119 75.01 -51.49 2.40
CA ASP O 119 74.27 -51.42 1.15
C ASP O 119 74.61 -52.58 0.23
N PHE O 120 73.59 -53.16 -0.39
CA PHE O 120 73.79 -54.27 -1.32
C PHE O 120 74.73 -55.34 -0.79
N GLY O 121 75.02 -55.24 0.50
CA GLY O 121 75.91 -56.19 1.14
C GLY O 121 77.02 -55.40 1.75
N TYR O 122 77.99 -55.04 0.92
CA TYR O 122 79.12 -54.26 1.39
C TYR O 122 78.63 -53.18 2.34
N PRO O 123 79.16 -53.16 3.55
CA PRO O 123 78.71 -52.16 4.51
C PRO O 123 79.36 -50.81 4.40
N GLN O 124 78.65 -49.81 3.87
CA GLN O 124 79.24 -48.49 3.85
C GLN O 124 79.37 -48.24 5.33
N THR O 125 80.61 -48.16 5.79
CA THR O 125 80.98 -47.93 7.21
C THR O 125 79.92 -47.33 8.13
N THR O 126 80.06 -47.68 9.41
CA THR O 126 79.20 -47.14 10.42
C THR O 126 79.62 -47.35 11.86
N ASP O 127 79.51 -46.24 12.56
CA ASP O 127 79.84 -46.07 13.96
C ASP O 127 78.82 -45.02 14.44
N SER O 128 78.43 -45.07 15.72
CA SER O 128 77.43 -44.16 16.30
C SER O 128 77.48 -42.65 15.94
N LYS O 129 78.36 -41.89 16.59
CA LYS O 129 78.49 -40.44 16.33
C LYS O 129 78.64 -40.15 14.83
N ILE O 130 79.49 -40.95 14.19
CA ILE O 130 79.77 -40.85 12.75
C ILE O 130 78.50 -41.14 11.96
N LEU O 131 77.36 -41.15 12.65
CA LEU O 131 76.12 -41.49 12.00
C LEU O 131 74.93 -40.62 12.33
N GLN O 132 74.69 -40.41 13.63
CA GLN O 132 73.57 -39.61 14.16
C GLN O 132 73.09 -38.45 13.27
N GLU O 133 73.90 -38.15 12.26
CA GLU O 133 73.63 -37.11 11.28
C GLU O 133 72.82 -37.69 10.13
N PHE O 134 73.08 -38.95 9.79
CA PHE O 134 72.35 -39.59 8.72
C PHE O 134 70.98 -40.12 9.16
N ILE O 135 70.73 -40.14 10.46
CA ILE O 135 69.46 -40.65 11.00
C ILE O 135 68.37 -39.63 11.29
N THR O 136 67.19 -39.85 10.72
CA THR O 136 66.04 -38.95 10.87
C THR O 136 65.64 -38.72 12.32
N GLN O 137 64.86 -39.62 12.90
CA GLN O 137 64.50 -39.36 14.28
C GLN O 137 65.10 -40.34 15.26
N GLU O 138 65.07 -39.86 16.49
CA GLU O 138 65.56 -40.50 17.68
C GLU O 138 64.62 -41.66 18.03
N GLY O 139 65.17 -42.68 18.65
CA GLY O 139 64.37 -43.83 19.03
C GLY O 139 64.07 -43.84 20.52
N HIS O 140 63.27 -44.80 20.92
CA HIS O 140 62.90 -44.91 22.32
C HIS O 140 63.75 -45.94 23.00
N LYS O 141 64.32 -45.53 24.12
CA LYS O 141 65.16 -46.40 24.89
C LYS O 141 64.25 -47.25 25.78
N LEU O 142 64.83 -48.11 26.62
CA LEU O 142 64.07 -48.99 27.52
C LEU O 142 64.94 -49.63 28.61
N GLU O 143 65.26 -48.89 29.67
CA GLU O 143 66.09 -49.40 30.77
C GLU O 143 65.19 -50.15 31.73
N THR O 144 65.65 -51.30 32.18
CA THR O 144 64.80 -52.11 33.03
C THR O 144 65.56 -52.88 34.13
N GLY O 145 64.80 -53.67 34.89
CA GLY O 145 65.33 -54.47 35.99
C GLY O 145 64.21 -55.32 36.58
N VAL O 157 75.84 -70.15 57.46
CA VAL O 157 75.34 -71.20 56.57
C VAL O 157 74.37 -72.14 57.29
N SER O 158 74.91 -72.79 58.32
CA SER O 158 74.20 -73.75 59.18
C SER O 158 73.91 -75.13 58.55
N TRP O 159 73.63 -75.21 57.24
CA TRP O 159 73.36 -76.55 56.67
C TRP O 159 74.55 -77.43 56.35
N ARG O 160 75.72 -76.81 56.35
CA ARG O 160 76.95 -77.56 56.17
C ARG O 160 77.72 -77.19 57.43
N SER O 161 77.92 -78.17 58.32
CA SER O 161 78.68 -77.92 59.52
C SER O 161 80.09 -77.57 59.01
N GLU O 162 81.10 -77.52 59.87
CA GLU O 162 82.40 -77.18 59.34
C GLU O 162 83.49 -78.20 59.54
N GLY O 163 84.59 -77.98 58.81
CA GLY O 163 85.72 -78.89 58.86
C GLY O 163 85.30 -80.28 58.45
N ILE O 164 84.77 -80.43 57.24
CA ILE O 164 84.36 -81.75 56.78
C ILE O 164 85.59 -82.38 56.11
N LYS O 165 85.59 -83.72 56.07
CA LYS O 165 86.66 -84.56 55.53
C LYS O 165 86.36 -85.46 54.31
N TYR O 166 87.31 -86.39 54.19
CA TYR O 166 87.54 -87.48 53.24
C TYR O 166 88.37 -87.30 51.97
N ARG O 167 89.57 -87.79 52.22
CA ARG O 167 90.69 -87.92 51.33
C ARG O 167 90.41 -87.60 49.88
N LYS O 168 89.53 -88.38 49.27
CA LYS O 168 89.19 -88.15 47.88
C LYS O 168 88.01 -87.21 47.73
N ASN O 169 88.27 -86.05 47.13
CA ASN O 169 87.24 -85.04 46.91
C ASN O 169 86.44 -85.47 45.68
N GLU O 170 85.14 -85.63 45.84
CA GLU O 170 84.34 -85.99 44.67
C GLU O 170 82.93 -85.43 44.69
N VAL O 171 82.33 -85.44 43.52
CA VAL O 171 81.00 -84.88 43.34
C VAL O 171 80.16 -85.64 42.37
N PHE O 172 78.88 -85.69 42.65
CA PHE O 172 77.94 -86.35 41.76
C PHE O 172 76.80 -85.40 41.49
N LEU O 173 76.59 -85.07 40.22
CA LEU O 173 75.53 -84.15 39.85
C LEU O 173 74.69 -84.78 38.78
N ASP O 174 73.48 -85.15 39.15
CA ASP O 174 72.59 -85.83 38.24
C ASP O 174 71.30 -85.09 38.00
N VAL O 175 70.98 -84.87 36.73
CA VAL O 175 69.75 -84.19 36.38
C VAL O 175 68.91 -85.24 35.73
N ILE O 176 67.64 -85.28 36.11
CA ILE O 176 66.75 -86.26 35.57
C ILE O 176 65.43 -85.64 35.19
N GLU O 177 64.85 -86.15 34.11
CA GLU O 177 63.57 -85.65 33.63
C GLU O 177 62.67 -86.78 33.19
N ALA O 178 61.48 -86.82 33.76
CA ALA O 178 60.48 -87.83 33.42
C ALA O 178 59.50 -87.09 32.53
N VAL O 179 58.84 -87.80 31.63
CA VAL O 179 57.93 -87.16 30.68
C VAL O 179 56.47 -87.58 30.71
N ASN O 180 55.58 -86.90 31.41
CA ASN O 180 54.19 -87.35 31.38
C ASN O 180 53.48 -86.94 30.11
N LEU O 181 52.89 -87.90 29.41
CA LEU O 181 52.19 -87.66 28.15
C LEU O 181 50.94 -88.48 27.92
N LEU O 182 50.05 -87.96 27.07
CA LEU O 182 48.82 -88.65 26.72
C LEU O 182 48.46 -88.38 25.29
N VAL O 183 48.23 -89.43 24.52
CA VAL O 183 47.87 -89.26 23.14
C VAL O 183 46.85 -90.28 22.74
N SER O 184 45.78 -89.84 22.09
CA SER O 184 44.77 -90.79 21.68
C SER O 184 45.02 -91.12 20.23
N ALA O 185 44.41 -92.21 19.79
CA ALA O 185 44.54 -92.64 18.42
C ALA O 185 44.64 -91.41 17.53
N ASN O 186 43.84 -90.39 17.83
CA ASN O 186 43.87 -89.15 17.06
C ASN O 186 45.28 -88.58 17.05
N GLY O 187 46.26 -89.45 17.22
CA GLY O 187 47.66 -89.06 17.22
C GLY O 187 47.98 -87.64 17.64
N ASN O 188 47.30 -87.16 18.68
CA ASN O 188 47.56 -85.83 19.14
C ASN O 188 48.15 -85.80 20.52
N VAL O 189 48.94 -84.78 20.78
CA VAL O 189 49.53 -84.62 22.09
C VAL O 189 48.40 -84.06 22.95
N LEU O 190 48.15 -84.63 24.11
CA LEU O 190 47.09 -84.13 24.97
C LEU O 190 47.65 -83.42 26.17
N ARG O 191 48.62 -84.07 26.79
CA ARG O 191 49.29 -83.51 27.95
C ARG O 191 50.75 -83.56 27.76
N SER O 192 51.39 -82.42 27.94
CA SER O 192 52.83 -82.36 27.78
C SER O 192 53.46 -81.85 29.05
N GLU O 193 53.98 -82.77 29.85
CA GLU O 193 54.64 -82.42 31.09
C GLU O 193 55.93 -83.18 31.29
N ILE O 194 56.95 -82.45 31.73
CA ILE O 194 58.24 -83.04 32.02
C ILE O 194 58.73 -82.41 33.30
N VAL O 195 58.83 -83.21 34.34
CA VAL O 195 59.28 -82.71 35.61
C VAL O 195 60.77 -82.93 35.67
N GLY O 196 61.49 -81.89 36.08
CA GLY O 196 62.93 -82.01 36.15
C GLY O 196 63.47 -81.97 37.55
N SER O 197 64.69 -82.47 37.73
CA SER O 197 65.30 -82.48 39.04
C SER O 197 66.80 -82.54 38.96
N ILE O 198 67.44 -81.63 39.68
CA ILE O 198 68.89 -81.62 39.70
C ILE O 198 69.31 -82.13 41.05
N LYS O 199 69.23 -83.43 41.24
CA LYS O 199 69.68 -83.96 42.50
C LYS O 199 71.21 -83.90 42.40
N MET O 200 71.88 -83.74 43.54
CA MET O 200 73.34 -83.68 43.58
C MET O 200 73.84 -84.44 44.78
N ARG O 201 75.06 -84.95 44.67
CA ARG O 201 75.66 -85.75 45.71
C ARG O 201 77.11 -85.33 45.90
N VAL O 202 77.51 -84.98 47.12
CA VAL O 202 78.88 -84.51 47.33
C VAL O 202 79.60 -84.90 48.64
N PHE O 203 80.91 -85.00 48.59
CA PHE O 203 81.72 -85.27 49.78
C PHE O 203 83.02 -84.58 49.53
N LEU O 204 82.93 -83.26 49.55
CA LEU O 204 84.06 -82.39 49.37
C LEU O 204 84.62 -82.09 50.73
N SER O 205 85.79 -81.46 50.73
CA SER O 205 86.47 -81.17 51.98
C SER O 205 86.49 -79.68 52.32
N GLY O 206 86.09 -79.35 53.56
CA GLY O 206 86.08 -77.97 54.02
C GLY O 206 84.86 -77.09 53.85
N MET O 207 85.01 -76.06 53.01
CA MET O 207 83.94 -75.11 52.68
C MET O 207 84.22 -74.56 51.27
N PRO O 208 83.83 -75.30 50.25
CA PRO O 208 84.08 -74.86 48.87
C PRO O 208 82.93 -74.16 48.14
N GLU O 209 83.19 -72.97 47.58
CA GLU O 209 82.17 -72.23 46.83
C GLU O 209 82.15 -72.87 45.43
N LEU O 210 80.95 -73.32 45.08
CA LEU O 210 80.72 -74.01 43.83
C LEU O 210 80.04 -73.11 42.80
N ARG O 211 80.62 -73.03 41.60
CA ARG O 211 80.04 -72.20 40.53
C ARG O 211 79.58 -73.09 39.37
N LEU O 212 78.28 -73.05 39.11
CA LEU O 212 77.66 -73.86 38.07
C LEU O 212 77.10 -73.05 36.91
N GLY O 213 77.63 -73.31 35.72
CA GLY O 213 77.17 -72.60 34.55
C GLY O 213 76.09 -73.43 33.89
N LEU O 214 75.16 -72.76 33.23
CA LEU O 214 74.11 -73.51 32.61
C LEU O 214 73.84 -73.27 31.15
N ASN O 215 73.08 -74.20 30.64
CA ASN O 215 72.64 -74.15 29.28
C ASN O 215 71.75 -72.92 29.30
N ASP O 216 71.28 -72.50 28.14
CA ASP O 216 70.39 -71.34 28.13
C ASP O 216 68.95 -71.78 28.27
N LYS O 217 68.32 -72.12 27.15
CA LYS O 217 66.90 -72.48 27.10
C LYS O 217 66.06 -72.49 28.40
N VAL O 218 66.56 -73.00 29.52
CA VAL O 218 65.76 -72.96 30.75
C VAL O 218 66.24 -71.97 31.81
N GLU O 232 55.76 -70.19 29.77
CA GLU O 232 55.64 -71.60 29.37
C GLU O 232 56.00 -72.54 30.51
N LEU O 233 56.87 -72.05 31.38
CA LEU O 233 57.36 -72.81 32.52
C LEU O 233 56.53 -72.60 33.77
N GLU O 234 55.98 -73.69 34.29
CA GLU O 234 55.13 -73.65 35.47
C GLU O 234 55.89 -73.22 36.72
N ASP O 235 56.60 -74.15 37.34
CA ASP O 235 57.31 -73.79 38.55
C ASP O 235 58.79 -74.12 38.63
N VAL O 236 59.49 -73.34 39.43
CA VAL O 236 60.93 -73.46 39.61
C VAL O 236 61.31 -73.18 41.04
N LYS O 237 61.96 -74.14 41.69
CA LYS O 237 62.37 -73.92 43.05
C LYS O 237 63.79 -74.35 43.26
N PHE O 238 64.58 -73.47 43.88
CA PHE O 238 65.95 -73.80 44.15
C PHE O 238 66.05 -74.18 45.60
N HIS O 239 67.29 -74.34 46.03
CA HIS O 239 67.59 -74.67 47.40
C HIS O 239 68.25 -73.41 47.92
N GLN O 240 67.65 -72.83 48.94
CA GLN O 240 68.14 -71.60 49.54
C GLN O 240 69.62 -71.31 49.27
N CYS O 241 70.46 -72.30 49.48
CA CYS O 241 71.89 -72.15 49.27
C CYS O 241 72.34 -71.72 47.88
N VAL O 242 71.42 -71.17 47.09
CA VAL O 242 71.76 -70.73 45.75
C VAL O 242 71.65 -69.24 45.57
N ARG O 243 72.43 -68.72 44.64
CA ARG O 243 72.38 -67.30 44.33
C ARG O 243 72.47 -67.16 42.80
N LEU O 244 71.61 -66.29 42.27
CA LEU O 244 71.52 -66.02 40.85
C LEU O 244 72.61 -65.00 40.48
N SER O 245 73.65 -65.50 39.77
CA SER O 245 74.83 -64.71 39.35
C SER O 245 74.51 -63.39 38.65
N ARG O 246 74.81 -62.34 39.43
CA ARG O 246 74.68 -60.89 39.20
C ARG O 246 73.58 -60.40 38.23
N PHE O 247 72.44 -60.14 38.87
CA PHE O 247 71.22 -59.63 38.25
C PHE O 247 70.73 -60.37 36.98
N GLU O 248 71.15 -59.77 35.86
CA GLU O 248 70.72 -60.17 34.53
C GLU O 248 71.34 -61.23 33.61
N ASN O 249 70.37 -61.71 32.81
CA ASN O 249 70.35 -62.72 31.74
C ASN O 249 71.42 -63.78 31.59
N ASP O 250 72.64 -63.53 32.10
CA ASP O 250 73.68 -64.55 32.00
C ASP O 250 73.63 -65.59 33.16
N ARG O 251 73.22 -66.79 32.74
CA ARG O 251 73.03 -67.96 33.59
C ARG O 251 74.30 -68.54 34.23
N THR O 252 74.39 -68.34 35.53
CA THR O 252 75.49 -68.85 36.34
C THR O 252 74.78 -69.16 37.67
N ILE O 253 75.07 -70.33 38.24
CA ILE O 253 74.46 -70.78 39.49
C ILE O 253 75.52 -71.07 40.54
N SER O 254 75.90 -70.02 41.27
CA SER O 254 76.87 -70.14 42.34
C SER O 254 76.13 -70.52 43.63
N PHE O 255 76.84 -71.18 44.54
CA PHE O 255 76.23 -71.62 45.80
C PHE O 255 77.18 -72.55 46.57
N ILE O 256 76.87 -72.80 47.85
CA ILE O 256 77.65 -73.73 48.70
C ILE O 256 76.71 -74.83 49.23
N PRO O 257 76.93 -76.07 48.76
CA PRO O 257 76.24 -77.35 49.00
C PRO O 257 76.39 -77.97 50.36
N PRO O 258 75.36 -78.69 50.85
CA PRO O 258 75.53 -79.32 52.16
C PRO O 258 76.47 -80.46 51.95
N ASP O 259 76.44 -81.39 52.89
CA ASP O 259 77.25 -82.56 52.73
C ASP O 259 76.35 -83.71 52.38
N GLY O 260 76.83 -84.52 51.45
CA GLY O 260 76.07 -85.68 51.06
C GLY O 260 75.14 -85.38 49.91
N GLU O 261 73.96 -85.98 49.98
CA GLU O 261 72.99 -85.81 48.92
C GLU O 261 71.94 -84.78 49.27
N PHE O 262 71.42 -84.13 48.24
CA PHE O 262 70.41 -83.11 48.41
C PHE O 262 70.00 -82.68 47.03
N GLU O 263 68.86 -82.02 46.95
CA GLU O 263 68.32 -81.55 45.69
C GLU O 263 68.62 -80.10 45.43
N LEU O 264 69.57 -79.91 44.52
CA LEU O 264 69.97 -78.59 44.14
C LEU O 264 68.83 -77.81 43.56
N MET O 265 67.95 -78.45 42.81
CA MET O 265 66.85 -77.71 42.20
C MET O 265 65.80 -78.54 41.47
N SER O 266 64.57 -78.02 41.38
CA SER O 266 63.46 -78.73 40.74
C SER O 266 62.68 -77.83 39.79
N TYR O 267 61.74 -78.42 39.05
CA TYR O 267 60.95 -77.63 38.09
C TYR O 267 60.06 -78.44 37.14
N ARG O 268 58.99 -77.79 36.66
CA ARG O 268 57.99 -78.37 35.74
C ARG O 268 57.81 -77.56 34.45
N LEU O 269 57.79 -78.21 33.29
CA LEU O 269 57.59 -77.50 32.02
C LEU O 269 56.39 -77.99 31.27
N ASN O 270 55.82 -77.11 30.46
CA ASN O 270 54.64 -77.39 29.68
C ASN O 270 54.99 -77.24 28.19
N THR O 271 55.32 -78.34 27.49
CA THR O 271 55.70 -78.24 26.07
C THR O 271 55.51 -79.43 25.11
N HIS O 272 54.80 -79.20 24.00
CA HIS O 272 54.54 -80.22 22.98
C HIS O 272 55.80 -80.99 22.68
N VAL O 273 55.95 -82.13 23.32
CA VAL O 273 57.12 -82.95 23.07
C VAL O 273 56.73 -84.11 22.18
N LYS O 274 57.11 -84.04 20.91
CA LYS O 274 56.79 -85.10 19.99
C LYS O 274 57.08 -86.37 20.74
N PRO O 275 56.05 -87.18 20.99
CA PRO O 275 56.12 -88.44 21.71
C PRO O 275 57.43 -89.14 21.45
N LEU O 276 58.30 -89.14 22.45
CA LEU O 276 59.59 -89.77 22.35
C LEU O 276 59.48 -91.15 21.72
N ILE O 277 58.67 -92.01 22.32
CA ILE O 277 58.50 -93.35 21.82
C ILE O 277 57.08 -93.67 21.44
N TRP O 278 56.74 -93.39 20.20
CA TRP O 278 55.39 -93.62 19.71
C TRP O 278 55.11 -95.08 19.57
N ILE O 279 53.85 -95.38 19.31
CA ILE O 279 53.38 -96.73 19.10
C ILE O 279 51.98 -96.62 18.53
N GLU O 280 51.50 -97.71 17.96
CA GLU O 280 50.16 -97.78 17.39
C GLU O 280 49.89 -99.22 17.02
N SER O 281 48.71 -99.70 17.38
CA SER O 281 48.36 -101.08 17.11
C SER O 281 47.26 -101.20 16.10
N VAL O 282 47.47 -102.09 15.12
CA VAL O 282 46.45 -102.32 14.12
C VAL O 282 45.84 -103.66 14.44
N ILE O 283 44.56 -103.80 14.11
CA ILE O 283 43.82 -105.01 14.43
C ILE O 283 43.33 -105.78 13.21
N GLU O 284 43.09 -107.09 13.39
CA GLU O 284 42.60 -107.99 12.32
C GLU O 284 42.02 -109.38 12.76
N LYS O 285 40.69 -109.46 12.98
CA LYS O 285 39.98 -110.67 13.48
C LYS O 285 38.81 -111.34 12.69
N HIS O 286 38.57 -112.64 12.98
CA HIS O 286 37.47 -113.50 12.43
C HIS O 286 37.87 -114.94 12.02
N SER O 287 37.08 -115.53 11.09
CA SER O 287 37.19 -116.91 10.54
C SER O 287 37.19 -117.98 11.66
N HIS O 288 38.39 -118.43 12.07
CA HIS O 288 38.51 -119.41 13.16
C HIS O 288 38.98 -118.64 14.44
N SER O 289 38.00 -117.98 15.09
CA SER O 289 38.11 -117.15 16.32
C SER O 289 39.52 -116.74 16.77
N ARG O 290 40.30 -116.27 15.79
CA ARG O 290 41.66 -115.80 15.97
C ARG O 290 41.69 -114.30 15.71
N ILE O 291 42.70 -113.65 16.25
CA ILE O 291 42.86 -112.20 16.14
C ILE O 291 44.35 -111.84 16.02
N GLU O 292 44.66 -110.90 15.11
CA GLU O 292 46.02 -110.44 14.83
C GLU O 292 46.36 -108.99 15.20
N TYR O 293 47.48 -108.83 15.90
CA TYR O 293 47.93 -107.51 16.30
C TYR O 293 49.24 -107.20 15.59
N MET O 294 49.43 -105.93 15.25
CA MET O 294 50.63 -105.48 14.59
C MET O 294 50.98 -104.17 15.24
N VAL O 295 52.16 -104.13 15.87
CA VAL O 295 52.55 -102.93 16.55
C VAL O 295 53.86 -102.34 16.10
N LYS O 296 53.77 -101.11 15.60
CA LYS O 296 54.93 -100.37 15.16
C LYS O 296 55.35 -99.56 16.37
N ALA O 297 56.67 -99.37 16.53
CA ALA O 297 57.17 -98.61 17.64
C ALA O 297 58.29 -97.74 17.13
N LYS O 298 57.98 -96.48 16.86
CA LYS O 298 58.98 -95.57 16.33
C LYS O 298 59.75 -94.90 17.46
N SER O 299 60.99 -94.52 17.19
CA SER O 299 61.84 -93.86 18.18
C SER O 299 62.12 -92.45 17.71
N GLN O 300 61.31 -91.50 18.15
CA GLN O 300 61.50 -90.12 17.72
C GLN O 300 62.56 -89.37 18.52
N PHE O 301 63.80 -89.44 18.03
CA PHE O 301 64.93 -88.80 18.69
C PHE O 301 66.01 -88.37 17.79
N LYS O 302 66.99 -87.73 18.40
CA LYS O 302 68.17 -87.33 17.69
C LYS O 302 68.86 -88.69 17.55
N ARG O 303 69.23 -89.06 16.33
CA ARG O 303 69.85 -90.35 16.10
C ARG O 303 70.99 -90.67 17.05
N ARG O 304 71.92 -89.73 17.14
CA ARG O 304 73.12 -89.87 17.95
C ARG O 304 73.07 -90.65 19.26
N SER O 305 71.96 -90.61 19.99
CA SER O 305 71.91 -91.36 21.25
C SER O 305 70.82 -92.42 21.21
N THR O 306 70.63 -93.13 22.31
CA THR O 306 69.65 -94.21 22.35
C THR O 306 69.01 -94.44 23.75
N ALA O 307 67.80 -95.01 23.77
CA ALA O 307 67.08 -95.25 25.03
C ALA O 307 67.40 -96.64 25.59
N ASN O 308 67.32 -96.77 26.92
CA ASN O 308 67.64 -98.04 27.57
C ASN O 308 66.60 -98.80 28.34
N ASN O 309 66.86 -100.09 28.48
CA ASN O 309 66.00 -100.97 29.24
C ASN O 309 64.52 -100.63 29.04
N VAL O 310 64.15 -100.24 27.83
CA VAL O 310 62.76 -99.87 27.54
C VAL O 310 61.83 -101.05 27.51
N GLU O 311 60.58 -100.82 27.89
CA GLU O 311 59.62 -101.89 27.88
C GLU O 311 58.24 -101.38 27.53
N ILE O 312 57.52 -102.19 26.76
CA ILE O 312 56.20 -101.83 26.31
C ILE O 312 55.07 -102.68 26.84
N HIS O 313 54.08 -102.03 27.44
CA HIS O 313 52.93 -102.73 28.01
C HIS O 313 51.73 -102.60 27.12
N ILE O 314 51.39 -103.64 26.40
CA ILE O 314 50.24 -103.56 25.53
C ILE O 314 49.04 -104.26 26.11
N PRO O 315 47.95 -103.50 26.28
CA PRO O 315 46.69 -103.99 26.82
C PRO O 315 46.10 -104.94 25.81
N VAL O 316 45.45 -105.97 26.32
CA VAL O 316 44.84 -106.96 25.47
C VAL O 316 43.65 -107.56 26.20
N PRO O 317 42.77 -108.24 25.47
CA PRO O 317 41.56 -108.90 25.95
C PRO O 317 41.74 -109.84 27.14
N ASN O 318 40.98 -109.58 28.21
CA ASN O 318 41.03 -110.39 29.43
C ASN O 318 41.16 -111.89 29.17
N ASP O 319 40.57 -112.34 28.07
CA ASP O 319 40.59 -113.77 27.76
C ASP O 319 41.22 -114.29 26.50
N ALA O 320 42.54 -114.25 26.50
CA ALA O 320 43.32 -114.75 25.40
C ALA O 320 43.43 -116.24 25.68
N ASP O 321 43.79 -117.01 24.67
CA ASP O 321 43.94 -118.45 24.83
C ASP O 321 45.44 -118.77 24.95
N SER O 322 46.13 -118.66 23.82
CA SER O 322 47.56 -118.93 23.72
C SER O 322 48.18 -118.02 22.66
N PRO O 323 49.29 -117.35 23.02
CA PRO O 323 50.02 -116.43 22.14
C PRO O 323 51.04 -117.05 21.20
N LYS O 324 51.54 -116.22 20.29
CA LYS O 324 52.55 -116.54 19.28
C LYS O 324 53.29 -115.27 18.78
N PHE O 325 54.31 -114.85 19.52
CA PHE O 325 55.07 -113.66 19.18
C PHE O 325 56.19 -113.89 18.22
N LYS O 326 56.39 -112.93 17.33
CA LYS O 326 57.47 -113.00 16.37
C LYS O 326 58.03 -111.62 16.18
N THR O 327 59.26 -111.41 16.60
CA THR O 327 59.85 -110.11 16.46
C THR O 327 61.33 -110.05 16.20
N THR O 328 61.68 -109.08 15.37
CA THR O 328 63.04 -108.82 14.97
C THR O 328 63.80 -108.42 16.19
N VAL O 329 63.13 -107.61 17.00
CA VAL O 329 63.77 -107.08 18.18
C VAL O 329 63.19 -107.44 19.50
N GLY O 330 64.05 -107.37 20.51
CA GLY O 330 63.66 -107.68 21.85
C GLY O 330 62.88 -108.97 21.93
N SER O 331 62.40 -109.26 23.13
CA SER O 331 61.61 -110.45 23.36
C SER O 331 60.31 -110.00 23.97
N VAL O 332 59.23 -110.55 23.45
CA VAL O 332 57.94 -110.19 23.98
C VAL O 332 57.47 -111.37 24.77
N LYS O 333 56.61 -111.11 25.74
CA LYS O 333 56.04 -112.16 26.58
C LYS O 333 54.61 -111.78 26.99
N TRP O 334 53.93 -112.67 27.70
CA TRP O 334 52.55 -112.43 28.11
C TRP O 334 52.26 -112.63 29.60
N VAL O 335 51.18 -112.02 30.09
CA VAL O 335 50.77 -112.16 31.49
C VAL O 335 49.30 -111.91 31.63
N PRO O 336 48.51 -113.00 31.60
CA PRO O 336 47.06 -112.93 31.72
C PRO O 336 46.67 -112.04 32.88
N GLU O 337 47.46 -112.08 33.94
CA GLU O 337 47.17 -111.25 35.09
C GLU O 337 47.38 -109.86 34.54
N ASN O 338 46.51 -108.92 34.91
CA ASN O 338 46.61 -107.56 34.40
C ASN O 338 46.20 -107.52 32.92
N SER O 339 46.10 -108.69 32.30
CA SER O 339 45.70 -108.82 30.89
C SER O 339 46.54 -108.00 29.93
N GLU O 340 47.82 -108.30 29.85
CA GLU O 340 48.63 -107.51 28.94
C GLU O 340 49.77 -108.24 28.30
N ILE O 341 50.08 -107.85 27.08
CA ILE O 341 51.19 -108.43 26.36
C ILE O 341 52.30 -107.44 26.59
N VAL O 342 53.46 -107.96 26.97
CA VAL O 342 54.60 -107.09 27.26
C VAL O 342 55.77 -107.27 26.33
N TRP O 343 56.06 -106.22 25.59
CA TRP O 343 57.14 -106.24 24.67
C TRP O 343 58.29 -105.68 25.41
N SER O 344 59.37 -106.44 25.45
CA SER O 344 60.51 -105.96 26.16
C SER O 344 61.70 -105.82 25.23
N VAL O 345 62.41 -104.72 25.36
CA VAL O 345 63.58 -104.45 24.56
C VAL O 345 64.68 -103.94 25.46
N LYS O 346 65.90 -104.47 25.31
CA LYS O 346 67.01 -104.05 26.15
C LYS O 346 67.51 -102.68 25.69
N SER O 347 68.02 -102.64 24.47
CA SER O 347 68.54 -101.40 23.93
C SER O 347 67.73 -100.97 22.74
N PHE O 348 67.50 -99.66 22.64
CA PHE O 348 66.68 -99.08 21.59
C PHE O 348 67.26 -97.74 21.11
N PRO O 349 67.72 -97.69 19.87
CA PRO O 349 68.30 -96.49 19.27
C PRO O 349 67.25 -95.52 18.83
N GLY O 350 67.63 -94.27 18.73
CA GLY O 350 66.69 -93.25 18.31
C GLY O 350 66.68 -93.15 16.81
N GLY O 351 65.52 -92.82 16.26
CA GLY O 351 65.40 -92.66 14.82
C GLY O 351 65.05 -93.88 14.01
N LYS O 352 64.86 -95.02 14.67
CA LYS O 352 64.55 -96.24 13.95
C LYS O 352 63.22 -96.83 14.38
N GLU O 353 62.53 -97.49 13.46
CA GLU O 353 61.24 -98.12 13.78
C GLU O 353 61.30 -99.64 13.69
N TYR O 354 60.93 -100.27 14.79
CA TYR O 354 60.95 -101.71 14.86
C TYR O 354 59.58 -102.29 14.85
N LEU O 355 59.49 -103.53 14.37
CA LEU O 355 58.21 -104.18 14.25
C LEU O 355 57.98 -105.43 15.07
N MET O 356 56.80 -105.46 15.67
CA MET O 356 56.37 -106.56 16.51
C MET O 356 54.98 -106.96 16.08
N ARG O 357 54.79 -108.26 15.93
CA ARG O 357 53.49 -108.77 15.56
C ARG O 357 53.26 -110.05 16.35
N ALA O 358 52.11 -110.12 17.00
CA ALA O 358 51.76 -111.26 17.81
C ALA O 358 50.28 -111.64 17.67
N HIS O 359 49.98 -112.93 17.58
CA HIS O 359 48.59 -113.40 17.47
C HIS O 359 48.28 -114.37 18.60
N PHE O 360 46.98 -114.53 18.85
CA PHE O 360 46.47 -115.44 19.88
C PHE O 360 44.98 -115.75 19.54
N GLY O 361 44.22 -116.34 20.47
CA GLY O 361 42.82 -116.68 20.19
C GLY O 361 41.75 -116.41 21.26
N LEU O 362 40.52 -116.91 21.02
CA LEU O 362 39.38 -116.69 21.93
C LEU O 362 38.58 -117.93 22.34
N LYS O 373 38.41 -100.39 27.27
CA LYS O 373 39.76 -100.68 26.81
C LYS O 373 40.80 -99.74 27.45
N PRO O 374 41.66 -100.27 28.34
CA PRO O 374 42.72 -99.52 29.05
C PRO O 374 43.95 -99.14 28.20
N PRO O 375 44.41 -97.88 28.24
CA PRO O 375 45.51 -97.26 27.53
C PRO O 375 46.83 -97.91 27.74
N ILE O 376 47.58 -97.94 26.65
CA ILE O 376 48.88 -98.56 26.62
C ILE O 376 50.03 -97.70 27.10
N SER O 377 50.89 -98.24 27.95
CA SER O 377 52.00 -97.47 28.49
C SER O 377 53.35 -98.10 28.24
N VAL O 378 54.40 -97.35 28.55
CA VAL O 378 55.77 -97.84 28.38
C VAL O 378 56.71 -97.07 29.26
N LYS O 379 57.79 -97.72 29.66
CA LYS O 379 58.72 -97.05 30.50
C LYS O 379 60.04 -97.23 29.86
N PHE O 380 60.82 -96.17 29.94
CA PHE O 380 62.11 -96.19 29.31
C PHE O 380 63.15 -95.59 30.19
N GLU O 381 64.19 -95.09 29.55
CA GLU O 381 65.31 -94.51 30.24
C GLU O 381 66.23 -94.09 29.12
N ILE O 382 66.80 -92.90 29.19
CA ILE O 382 67.68 -92.46 28.14
C ILE O 382 68.86 -91.75 28.67
N PRO O 383 69.97 -92.46 28.80
CA PRO O 383 71.18 -91.83 29.33
C PRO O 383 71.64 -90.68 28.47
N TYR O 384 72.30 -89.74 29.11
CA TYR O 384 72.86 -88.59 28.43
C TYR O 384 71.85 -88.01 27.46
N PHE O 385 70.78 -87.45 28.01
CA PHE O 385 69.72 -86.84 27.21
C PHE O 385 68.84 -85.91 28.03
N THR O 386 68.25 -84.93 27.36
CA THR O 386 67.43 -83.96 28.05
C THR O 386 66.25 -83.48 27.25
N THR O 387 65.13 -84.16 27.31
CA THR O 387 63.99 -83.69 26.53
C THR O 387 63.91 -82.19 26.66
N SER O 388 64.14 -81.69 27.86
CA SER O 388 64.07 -80.26 28.10
C SER O 388 64.99 -79.53 27.16
N GLY O 389 66.24 -79.96 27.13
CA GLY O 389 67.19 -79.30 26.25
C GLY O 389 68.37 -78.75 27.00
N ILE O 390 68.30 -78.73 28.32
CA ILE O 390 69.41 -78.21 29.08
C ILE O 390 70.57 -79.12 28.82
N GLN O 391 71.75 -78.66 29.21
CA GLN O 391 73.01 -79.37 29.11
C GLN O 391 73.72 -78.66 30.24
N VAL O 392 74.50 -79.37 31.05
CA VAL O 392 75.19 -78.62 32.06
C VAL O 392 76.36 -78.10 31.27
N ARG O 393 76.70 -76.86 31.49
CA ARG O 393 77.78 -76.22 30.75
C ARG O 393 79.17 -76.43 31.35
N TYR O 394 79.28 -76.21 32.66
CA TYR O 394 80.55 -76.36 33.36
C TYR O 394 80.40 -76.34 34.87
N LEU O 395 81.29 -77.03 35.55
CA LEU O 395 81.25 -77.04 37.00
C LEU O 395 82.58 -76.65 37.61
N LYS O 396 82.59 -75.50 38.28
CA LYS O 396 83.79 -74.99 38.91
C LYS O 396 83.85 -75.36 40.38
N ILE O 397 85.07 -75.39 40.89
CA ILE O 397 85.30 -75.73 42.28
C ILE O 397 86.46 -74.86 42.79
N ILE O 398 86.17 -73.99 43.76
CA ILE O 398 87.22 -73.16 44.28
C ILE O 398 87.31 -73.30 45.77
N GLU O 399 88.47 -73.78 46.21
CA GLU O 399 88.76 -73.98 47.62
C GLU O 399 90.13 -73.43 47.95
N LYS O 400 90.30 -73.16 49.24
CA LYS O 400 91.53 -72.65 49.81
C LYS O 400 92.62 -73.64 49.42
N SER O 401 92.33 -74.93 49.67
CA SER O 401 93.26 -75.99 49.33
C SER O 401 93.36 -76.05 47.81
N GLY O 402 94.42 -75.42 47.29
CA GLY O 402 94.66 -75.37 45.85
C GLY O 402 94.70 -76.79 45.31
N TYR O 403 93.54 -77.43 45.30
CA TYR O 403 93.45 -78.81 44.84
C TYR O 403 92.44 -79.02 43.73
N GLN O 404 92.21 -80.29 43.44
CA GLN O 404 91.29 -80.70 42.42
C GLN O 404 90.14 -81.46 43.08
N ALA O 405 89.32 -82.02 42.21
CA ALA O 405 88.18 -82.78 42.62
C ALA O 405 87.70 -83.53 41.40
N ILE O 406 86.82 -84.49 41.65
CA ILE O 406 86.31 -85.30 40.56
C ILE O 406 84.80 -85.19 40.46
N PRO O 407 84.33 -84.56 39.38
CA PRO O 407 82.90 -84.37 39.13
C PRO O 407 82.33 -85.32 38.05
N TRP O 408 81.24 -86.03 38.34
CA TRP O 408 80.56 -86.93 37.38
C TRP O 408 79.17 -86.45 37.14
N VAL O 409 78.74 -86.57 35.91
CA VAL O 409 77.39 -86.17 35.59
C VAL O 409 76.68 -87.39 35.07
N ARG O 410 75.38 -87.22 34.85
CA ARG O 410 74.54 -88.24 34.27
C ARG O 410 73.23 -87.51 33.97
N TYR O 411 72.71 -87.79 32.80
CA TYR O 411 71.49 -87.20 32.30
C TYR O 411 70.53 -88.37 32.09
N ILE O 412 69.30 -88.26 32.52
CA ILE O 412 68.41 -89.37 32.26
C ILE O 412 67.01 -88.85 32.05
N THR O 413 66.33 -89.43 31.08
CA THR O 413 64.98 -89.03 30.79
C THR O 413 64.20 -90.30 30.78
N GLN O 414 63.66 -90.61 31.95
CA GLN O 414 62.87 -91.79 32.13
C GLN O 414 61.49 -91.28 32.29
N ASN O 415 60.69 -92.16 32.90
CA ASN O 415 59.33 -91.89 33.20
C ASN O 415 58.42 -93.03 32.84
N GLY O 416 57.16 -92.82 33.19
CA GLY O 416 56.10 -93.78 32.92
C GLY O 416 54.73 -93.25 32.49
N ASP O 417 54.33 -92.03 32.87
CA ASP O 417 53.00 -91.55 32.48
C ASP O 417 52.79 -91.50 30.99
N TYR O 418 53.74 -92.09 30.31
CA TYR O 418 53.75 -92.21 28.88
C TYR O 418 52.60 -93.17 28.61
N GLN O 419 51.40 -92.62 28.40
CA GLN O 419 50.23 -93.44 28.13
C GLN O 419 49.63 -93.14 26.76
N LEU O 420 49.18 -94.19 26.07
CA LEU O 420 48.59 -94.04 24.74
C LEU O 420 47.26 -94.76 24.59
N ARG O 421 46.31 -94.13 23.90
CA ARG O 421 44.99 -94.70 23.74
C ARG O 421 44.69 -95.51 22.49
N THR O 422 43.53 -96.16 22.52
CA THR O 422 43.01 -96.96 21.41
C THR O 422 41.53 -97.13 21.69
N GLN O 423 40.70 -96.57 20.81
CA GLN O 423 39.26 -96.66 20.94
C GLN O 423 38.66 -97.61 19.90
N SER P 2 -17.76 39.98 -13.27
CA SER P 2 -18.32 40.52 -12.00
C SER P 2 -19.26 39.53 -11.31
N ALA P 3 -20.57 39.75 -11.40
CA ALA P 3 -21.56 38.85 -10.78
C ALA P 3 -21.75 37.53 -11.57
N SER P 4 -21.68 36.38 -10.90
CA SER P 4 -21.84 35.08 -11.57
C SER P 4 -23.06 34.27 -11.12
N ALA P 5 -23.84 34.81 -10.20
CA ALA P 5 -25.00 34.11 -9.71
C ALA P 5 -25.94 35.01 -8.92
N VAL P 6 -27.22 34.70 -8.94
CA VAL P 6 -28.19 35.49 -8.22
C VAL P 6 -29.21 34.56 -7.63
N TYR P 7 -29.46 34.68 -6.34
CA TYR P 7 -30.44 33.81 -5.71
C TYR P 7 -31.49 34.65 -5.04
N VAL P 8 -32.41 33.99 -4.36
CA VAL P 8 -33.46 34.67 -3.65
C VAL P 8 -33.80 33.69 -2.55
N LEU P 9 -33.45 33.99 -1.32
CA LEU P 9 -33.77 33.05 -0.26
C LEU P 9 -34.83 33.55 0.68
N ASP P 10 -35.29 32.65 1.53
CA ASP P 10 -36.30 32.97 2.53
C ASP P 10 -35.58 32.84 3.87
N LEU P 11 -35.87 33.77 4.77
CA LEU P 11 -35.28 33.80 6.10
C LEU P 11 -34.41 32.59 6.38
N LYS P 12 -35.04 31.42 6.46
CA LYS P 12 -34.35 30.16 6.72
C LYS P 12 -32.98 30.05 6.08
N GLY P 13 -32.81 30.68 4.92
CA GLY P 13 -31.52 30.63 4.25
C GLY P 13 -31.46 29.52 3.24
N LYS P 14 -32.61 28.95 2.93
CA LYS P 14 -32.65 27.88 1.97
C LYS P 14 -32.89 28.46 0.61
N VAL P 15 -32.29 27.83 -0.39
CA VAL P 15 -32.42 28.26 -1.77
C VAL P 15 -33.88 28.28 -2.15
N LEU P 16 -34.38 29.47 -2.43
CA LEU P 16 -35.78 29.66 -2.80
C LEU P 16 -36.00 29.52 -4.31
N ILE P 17 -35.21 30.24 -5.11
CA ILE P 17 -35.33 30.18 -6.56
C ILE P 17 -34.20 31.01 -7.13
N CYS P 18 -33.59 30.55 -8.22
CA CYS P 18 -32.46 31.28 -8.75
C CYS P 18 -32.02 30.90 -10.16
N ARG P 19 -30.96 31.59 -10.60
CA ARG P 19 -30.34 31.38 -11.92
C ARG P 19 -28.81 31.49 -11.88
N ASN P 20 -28.17 30.61 -12.64
CA ASN P 20 -26.71 30.53 -12.73
C ASN P 20 -26.13 31.10 -14.04
N TYR P 21 -25.61 32.32 -14.00
CA TYR P 21 -25.06 32.94 -15.21
C TYR P 21 -23.60 32.66 -15.54
N ARG P 22 -22.92 31.80 -14.78
CA ARG P 22 -21.51 31.56 -15.06
C ARG P 22 -21.00 30.17 -14.65
N GLY P 23 -19.78 30.09 -14.13
CA GLY P 23 -19.22 28.79 -13.75
C GLY P 23 -18.47 28.70 -12.42
N ASP P 24 -19.24 28.52 -11.34
CA ASP P 24 -18.75 28.39 -9.95
C ASP P 24 -19.63 27.35 -9.25
N VAL P 25 -19.01 26.42 -8.50
CA VAL P 25 -19.71 25.30 -7.81
C VAL P 25 -20.98 25.65 -7.04
N ASP P 26 -21.60 26.75 -7.47
CA ASP P 26 -22.87 27.22 -6.97
C ASP P 26 -23.49 26.30 -5.93
N MET P 27 -23.87 25.12 -6.42
CA MET P 27 -24.51 24.08 -5.60
C MET P 27 -24.17 24.13 -4.12
N SER P 28 -22.91 24.42 -3.82
CA SER P 28 -22.52 24.50 -2.42
C SER P 28 -22.74 25.94 -1.91
N GLU P 29 -21.62 26.63 -1.69
CA GLU P 29 -21.60 27.99 -1.18
C GLU P 29 -22.94 28.58 -0.71
N VAL P 30 -23.88 28.81 -1.62
CA VAL P 30 -25.17 29.36 -1.22
C VAL P 30 -25.67 28.73 0.06
N GLU P 31 -25.49 27.42 0.16
CA GLU P 31 -25.91 26.68 1.32
C GLU P 31 -25.24 27.23 2.57
N HIS P 32 -23.93 27.40 2.50
CA HIS P 32 -23.16 27.92 3.63
C HIS P 32 -23.60 29.32 4.02
N PHE P 33 -24.18 30.06 3.08
CA PHE P 33 -24.61 31.43 3.34
C PHE P 33 -25.08 31.64 4.76
N MET P 34 -26.36 31.38 4.97
CA MET P 34 -26.98 31.55 6.26
C MET P 34 -25.99 31.30 7.40
N PRO P 35 -25.53 30.05 7.56
CA PRO P 35 -24.60 29.74 8.64
C PRO P 35 -23.56 30.83 8.85
N ILE P 36 -22.81 31.16 7.81
CA ILE P 36 -21.79 32.20 7.90
C ILE P 36 -22.40 33.48 8.41
N LEU P 37 -23.41 33.94 7.69
CA LEU P 37 -24.08 35.15 8.07
C LEU P 37 -24.11 35.22 9.58
N MET P 38 -24.99 34.43 10.17
CA MET P 38 -25.13 34.40 11.62
C MET P 38 -23.81 34.62 12.37
N GLU P 39 -22.84 33.72 12.21
CA GLU P 39 -21.55 33.86 12.91
C GLU P 39 -20.92 35.25 12.80
N LYS P 40 -20.90 35.77 11.59
CA LYS P 40 -20.31 37.09 11.37
C LYS P 40 -21.16 38.17 12.03
N GLU P 41 -22.32 37.80 12.54
CA GLU P 41 -23.17 38.76 13.26
C GLU P 41 -22.81 38.68 14.73
N GLU P 42 -22.27 37.53 15.11
CA GLU P 42 -21.86 37.32 16.50
C GLU P 42 -20.65 38.19 16.73
N GLU P 43 -19.83 38.30 15.69
CA GLU P 43 -18.65 39.13 15.76
C GLU P 43 -19.04 40.61 15.52
N GLY P 44 -20.34 40.86 15.35
CA GLY P 44 -20.81 42.23 15.13
C GLY P 44 -20.33 42.76 13.79
N MET P 45 -19.21 42.20 13.33
CA MET P 45 -18.56 42.55 12.05
C MET P 45 -19.47 42.02 10.95
N LEU P 46 -20.69 42.53 10.98
CA LEU P 46 -21.78 42.20 10.08
C LEU P 46 -21.62 43.02 8.80
N SER P 47 -21.10 42.40 7.74
CA SER P 47 -20.84 43.09 6.48
C SER P 47 -21.68 42.56 5.30
N PRO P 48 -22.18 43.46 4.44
CA PRO P 48 -22.98 43.02 3.29
C PRO P 48 -22.14 42.30 2.22
N ILE P 49 -20.94 41.89 2.61
CA ILE P 49 -20.01 41.18 1.74
C ILE P 49 -19.38 40.04 2.55
N LEU P 50 -19.96 38.85 2.45
CA LEU P 50 -19.44 37.73 3.22
C LEU P 50 -18.40 36.90 2.54
N ALA P 51 -17.62 36.20 3.35
CA ALA P 51 -16.52 35.38 2.85
C ALA P 51 -16.57 33.88 3.17
N HIS P 52 -16.25 33.09 2.15
CA HIS P 52 -16.18 31.64 2.29
C HIS P 52 -15.21 31.09 1.26
N GLY P 53 -14.04 30.66 1.73
CA GLY P 53 -13.02 30.08 0.85
C GLY P 53 -12.58 30.90 -0.36
N GLY P 54 -12.99 32.15 -0.45
CA GLY P 54 -12.62 32.96 -1.59
C GLY P 54 -13.82 33.11 -2.50
N VAL P 55 -14.98 33.13 -1.86
CA VAL P 55 -16.25 33.28 -2.54
C VAL P 55 -17.00 34.35 -1.78
N ARG P 56 -17.30 35.44 -2.48
CA ARG P 56 -17.96 36.56 -1.85
C ARG P 56 -19.46 36.58 -2.07
N PHE P 57 -20.18 37.19 -1.12
CA PHE P 57 -21.62 37.26 -1.19
C PHE P 57 -22.16 38.65 -1.02
N MET P 58 -22.83 39.15 -2.05
CA MET P 58 -23.43 40.46 -1.97
C MET P 58 -24.89 40.22 -1.71
N TRP P 59 -25.44 40.82 -0.67
CA TRP P 59 -26.84 40.58 -0.38
C TRP P 59 -27.63 41.79 0.09
N ILE P 60 -28.94 41.63 0.09
CA ILE P 60 -29.85 42.68 0.51
C ILE P 60 -31.10 42.01 1.00
N LYS P 61 -31.52 42.37 2.20
CA LYS P 61 -32.73 41.75 2.72
C LYS P 61 -33.89 42.67 2.48
N HIS P 62 -34.96 42.10 1.92
CA HIS P 62 -36.18 42.83 1.65
C HIS P 62 -37.23 42.00 2.35
N ASN P 63 -38.25 42.64 2.90
CA ASN P 63 -39.31 41.93 3.61
C ASN P 63 -39.29 40.44 3.38
N ASN P 64 -38.88 39.64 4.36
CA ASN P 64 -39.03 38.20 4.14
C ASN P 64 -38.17 37.54 3.06
N LEU P 65 -37.27 38.25 2.41
CA LEU P 65 -36.49 37.62 1.36
C LEU P 65 -35.06 38.09 1.19
N TYR P 66 -34.10 37.18 1.36
CA TYR P 66 -32.71 37.58 1.18
C TYR P 66 -32.43 37.45 -0.30
N LEU P 67 -31.79 38.47 -0.84
CA LEU P 67 -31.45 38.49 -2.23
C LEU P 67 -29.95 38.43 -2.31
N VAL P 68 -29.40 37.58 -3.15
CA VAL P 68 -27.96 37.48 -3.15
C VAL P 68 -27.22 37.27 -4.45
N ALA P 69 -25.97 37.74 -4.47
CA ALA P 69 -25.09 37.63 -5.63
C ALA P 69 -23.83 36.86 -5.28
N THR P 70 -23.12 36.38 -6.30
CA THR P 70 -21.93 35.57 -6.10
C THR P 70 -20.83 35.83 -7.10
N SER P 71 -19.57 35.73 -6.67
CA SER P 71 -18.44 35.94 -7.59
C SER P 71 -17.15 35.35 -7.05
N LYS P 72 -16.32 34.85 -7.95
CA LYS P 72 -15.04 34.28 -7.56
C LYS P 72 -13.99 35.36 -7.80
N LYS P 73 -14.20 36.11 -8.87
CA LYS P 73 -13.30 37.20 -9.25
C LYS P 73 -13.53 38.45 -8.41
N ASN P 74 -12.76 39.49 -8.70
CA ASN P 74 -12.87 40.77 -8.00
C ASN P 74 -14.01 41.59 -8.62
N ALA P 75 -15.17 41.54 -7.97
CA ALA P 75 -16.35 42.24 -8.47
C ALA P 75 -16.33 43.76 -8.39
N CYS P 76 -17.26 44.34 -9.14
CA CYS P 76 -17.46 45.78 -9.23
C CYS P 76 -18.63 46.07 -8.30
N VAL P 77 -18.51 45.57 -7.07
CA VAL P 77 -19.54 45.73 -6.05
C VAL P 77 -20.59 46.77 -6.39
N SER P 78 -20.18 48.03 -6.29
CA SER P 78 -21.05 49.17 -6.56
C SER P 78 -22.18 48.70 -7.45
N LEU P 79 -21.81 48.05 -8.54
CA LEU P 79 -22.78 47.51 -9.48
C LEU P 79 -23.77 46.65 -8.77
N VAL P 80 -23.34 45.40 -8.70
CA VAL P 80 -24.06 44.34 -8.09
C VAL P 80 -25.05 44.93 -7.15
N PHE P 81 -24.56 45.63 -6.14
CA PHE P 81 -25.46 46.23 -5.19
C PHE P 81 -26.55 47.05 -5.88
N SER P 82 -26.18 48.04 -6.67
CA SER P 82 -27.17 48.86 -7.37
C SER P 82 -28.16 47.93 -8.06
N PHE P 83 -27.60 47.13 -8.96
CA PHE P 83 -28.35 46.16 -9.73
C PHE P 83 -29.36 45.42 -8.86
N LEU P 84 -28.86 44.60 -7.94
CA LEU P 84 -29.73 43.83 -7.07
C LEU P 84 -30.90 44.69 -6.66
N TYR P 85 -30.60 45.72 -5.89
CA TYR P 85 -31.64 46.60 -5.42
C TYR P 85 -32.61 46.89 -6.57
N LYS P 86 -32.08 47.27 -7.73
CA LYS P 86 -32.94 47.53 -8.87
C LYS P 86 -33.84 46.32 -9.08
N VAL P 87 -33.24 45.15 -9.11
CA VAL P 87 -34.00 43.92 -9.30
C VAL P 87 -35.29 43.98 -8.50
N VAL P 88 -35.18 44.33 -7.23
CA VAL P 88 -36.36 44.46 -6.41
C VAL P 88 -37.26 45.35 -7.21
N GLN P 89 -36.84 46.61 -7.31
CA GLN P 89 -37.55 47.65 -8.03
C GLN P 89 -38.48 47.02 -9.06
N VAL P 90 -37.88 46.29 -10.00
CA VAL P 90 -38.61 45.63 -11.07
C VAL P 90 -39.74 44.76 -10.56
N PHE P 91 -39.38 43.71 -9.83
CA PHE P 91 -40.38 42.81 -9.29
C PHE P 91 -41.51 43.52 -8.60
N SER P 92 -41.18 44.16 -7.48
CA SER P 92 -42.17 44.87 -6.68
C SER P 92 -43.15 45.57 -7.58
N GLU P 93 -42.67 45.99 -8.73
CA GLU P 93 -43.52 46.67 -9.68
C GLU P 93 -44.45 45.71 -10.39
N TYR P 94 -43.92 44.54 -10.79
CA TYR P 94 -44.69 43.54 -11.52
C TYR P 94 -45.85 42.90 -10.80
N PHE P 95 -45.69 42.82 -9.49
CA PHE P 95 -46.69 42.28 -8.58
C PHE P 95 -46.44 43.11 -7.34
N LYS P 96 -47.50 43.41 -6.60
CA LYS P 96 -47.39 44.28 -5.44
C LYS P 96 -46.12 44.23 -4.58
N GLU P 97 -45.93 43.16 -3.80
CA GLU P 97 -44.73 43.11 -2.95
C GLU P 97 -43.97 41.82 -2.97
N LEU P 98 -42.66 41.91 -2.75
CA LEU P 98 -41.81 40.74 -2.72
C LEU P 98 -42.20 40.05 -1.47
N GLU P 99 -42.06 38.73 -1.47
CA GLU P 99 -42.41 37.91 -0.33
C GLU P 99 -42.28 36.52 -0.87
N GLU P 100 -41.90 35.60 0.00
CA GLU P 100 -41.78 34.22 -0.41
C GLU P 100 -42.98 34.04 -1.33
N GLU P 101 -44.16 34.07 -0.73
CA GLU P 101 -45.40 33.91 -1.47
C GLU P 101 -45.29 34.45 -2.90
N SER P 102 -45.03 35.73 -3.02
CA SER P 102 -44.92 36.34 -4.34
C SER P 102 -44.12 35.50 -5.29
N ILE P 103 -42.86 35.32 -4.95
CA ILE P 103 -41.98 34.54 -5.78
C ILE P 103 -42.59 33.18 -6.03
N ARG P 104 -42.95 32.50 -4.93
CA ARG P 104 -43.54 31.18 -5.01
C ARG P 104 -44.57 31.10 -6.12
N ASP P 105 -45.12 32.24 -6.49
CA ASP P 105 -46.11 32.26 -7.53
C ASP P 105 -45.52 32.44 -8.90
N ASN P 106 -45.06 33.65 -9.14
CA ASN P 106 -44.53 34.02 -10.43
C ASN P 106 -43.25 33.41 -10.92
N PHE P 107 -42.86 32.29 -10.34
CA PHE P 107 -41.62 31.63 -10.75
C PHE P 107 -41.29 31.88 -12.18
N VAL P 108 -42.01 31.19 -13.04
CA VAL P 108 -41.79 31.30 -14.45
C VAL P 108 -41.29 32.67 -14.86
N ILE P 109 -42.19 33.66 -14.90
CA ILE P 109 -41.80 35.00 -15.33
C ILE P 109 -40.47 35.41 -14.77
N ILE P 110 -40.28 35.17 -13.48
CA ILE P 110 -39.01 35.51 -12.87
C ILE P 110 -37.88 34.92 -13.70
N TYR P 111 -37.98 33.63 -13.98
CA TYR P 111 -36.95 33.00 -14.80
C TYR P 111 -36.74 33.85 -16.04
N GLU P 112 -37.84 34.30 -16.63
CA GLU P 112 -37.76 35.13 -17.82
C GLU P 112 -37.02 36.39 -17.45
N LEU P 113 -37.74 37.26 -16.75
CA LEU P 113 -37.21 38.52 -16.29
C LEU P 113 -35.73 38.36 -16.06
N LEU P 114 -35.37 37.53 -15.09
CA LEU P 114 -33.97 37.31 -14.80
C LEU P 114 -33.13 37.23 -16.06
N ASP P 115 -33.46 36.29 -16.91
CA ASP P 115 -32.70 36.14 -18.13
C ASP P 115 -32.51 37.45 -18.86
N GLU P 116 -33.58 38.20 -19.05
CA GLU P 116 -33.46 39.46 -19.78
C GLU P 116 -32.84 40.64 -19.01
N LEU P 117 -32.68 40.50 -17.68
CA LEU P 117 -32.07 41.54 -16.85
C LEU P 117 -30.58 41.58 -17.03
N MET P 118 -29.98 40.43 -17.23
CA MET P 118 -28.53 40.41 -17.41
C MET P 118 -28.12 39.15 -18.14
N ASP P 119 -26.83 39.04 -18.42
CA ASP P 119 -26.33 37.87 -19.10
C ASP P 119 -24.87 37.58 -18.73
N PHE P 120 -24.56 36.31 -18.50
CA PHE P 120 -23.18 35.92 -18.17
C PHE P 120 -22.54 36.80 -17.11
N GLY P 121 -23.38 37.62 -16.48
CA GLY P 121 -22.90 38.52 -15.46
C GLY P 121 -23.29 39.91 -15.87
N TYR P 122 -22.49 40.48 -16.75
CA TYR P 122 -22.76 41.81 -17.25
C TYR P 122 -24.25 41.95 -17.51
N PRO P 123 -24.87 42.94 -16.88
CA PRO P 123 -26.30 43.11 -17.09
C PRO P 123 -26.72 43.87 -18.32
N GLN P 124 -27.21 43.19 -19.35
CA GLN P 124 -27.70 43.92 -20.50
C GLN P 124 -28.82 44.71 -19.86
N THR P 125 -28.65 46.03 -19.79
CA THR P 125 -29.60 46.98 -19.20
C THR P 125 -31.04 46.53 -19.03
N THR P 126 -31.69 47.13 -18.03
CA THR P 126 -33.08 46.88 -17.78
C THR P 126 -33.78 47.82 -16.82
N ASP P 127 -34.95 48.20 -17.31
CA ASP P 127 -35.88 49.11 -16.68
C ASP P 127 -37.25 48.57 -17.11
N SER P 128 -38.28 48.76 -16.28
CA SER P 128 -39.64 48.27 -16.57
C SER P 128 -40.23 48.41 -17.99
N LYS P 129 -40.73 49.60 -18.34
CA LYS P 129 -41.32 49.84 -19.68
C LYS P 129 -40.35 49.40 -20.80
N ILE P 130 -39.08 49.76 -20.63
CA ILE P 130 -38.02 49.42 -21.56
C ILE P 130 -37.85 47.91 -21.64
N LEU P 131 -38.83 47.18 -21.10
CA LEU P 131 -38.72 45.74 -21.05
C LEU P 131 -39.97 44.97 -21.42
N GLN P 132 -41.10 45.34 -20.81
CA GLN P 132 -42.41 44.69 -21.02
C GLN P 132 -42.66 44.09 -22.40
N GLU P 133 -41.77 44.44 -23.33
CA GLU P 133 -41.79 43.96 -24.71
C GLU P 133 -41.01 42.65 -24.80
N PHE P 134 -39.95 42.53 -24.02
CA PHE P 134 -39.14 41.32 -24.03
C PHE P 134 -39.75 40.19 -23.19
N ILE P 135 -40.76 40.52 -22.38
CA ILE P 135 -41.40 39.52 -21.52
C ILE P 135 -42.67 38.85 -22.04
N THR P 136 -42.64 37.51 -22.05
CA THR P 136 -43.77 36.71 -22.55
C THR P 136 -45.08 37.00 -21.85
N GLN P 137 -45.33 36.39 -20.70
CA GLN P 137 -46.59 36.70 -20.05
C GLN P 137 -46.46 37.48 -18.77
N GLU P 138 -47.61 38.05 -18.45
CA GLU P 138 -47.86 38.87 -17.29
C GLU P 138 -47.86 37.99 -16.05
N GLY P 139 -47.48 38.58 -14.92
CA GLY P 139 -47.44 37.82 -13.69
C GLY P 139 -48.60 38.18 -12.79
N HIS P 140 -48.69 37.47 -11.68
CA HIS P 140 -49.77 37.71 -10.75
C HIS P 140 -49.29 38.58 -9.62
N LYS P 141 -50.06 39.62 -9.37
CA LYS P 141 -49.74 40.56 -8.32
C LYS P 141 -50.28 39.97 -7.01
N LEU P 142 -50.12 40.69 -5.91
CA LEU P 142 -50.58 40.25 -4.58
C LEU P 142 -50.60 41.37 -3.54
N GLU P 143 -51.63 42.22 -3.57
CA GLU P 143 -51.74 43.34 -2.61
C GLU P 143 -52.38 42.82 -1.35
N THR P 144 -51.85 43.22 -0.21
CA THR P 144 -52.35 42.69 1.04
C THR P 144 -52.36 43.69 2.20
N GLY P 145 -52.77 43.19 3.38
CA GLY P 145 -52.86 44.00 4.59
C GLY P 145 -53.27 43.10 5.76
N VAL P 157 -54.41 59.74 28.41
CA VAL P 157 -53.42 58.75 28.80
C VAL P 157 -53.80 58.02 30.09
N SER P 158 -53.92 58.83 31.15
CA SER P 158 -54.28 58.39 32.50
C SER P 158 -53.18 57.63 33.29
N TRP P 159 -52.35 56.82 32.63
CA TRP P 159 -51.31 56.13 33.41
C TRP P 159 -50.08 56.89 33.79
N ARG P 160 -49.91 58.04 33.15
CA ARG P 160 -48.83 58.94 33.50
C ARG P 160 -49.58 60.23 33.84
N SER P 161 -49.56 60.60 35.13
CA SER P 161 -50.21 61.83 35.52
C SER P 161 -49.44 62.93 34.78
N GLU P 162 -49.63 64.20 35.12
CA GLU P 162 -48.89 65.20 34.38
C GLU P 162 -47.96 66.08 35.18
N GLY P 163 -47.10 66.79 34.45
CA GLY P 163 -46.13 67.66 35.08
C GLY P 163 -45.24 66.88 36.02
N ILE P 164 -44.54 65.87 35.51
CA ILE P 164 -43.65 65.11 36.35
C ILE P 164 -42.28 65.81 36.32
N LYS P 165 -41.49 65.57 37.38
CA LYS P 165 -40.18 66.15 37.62
C LYS P 165 -38.95 65.22 37.67
N TYR P 166 -37.93 65.86 38.24
CA TYR P 166 -36.53 65.48 38.54
C TYR P 166 -35.40 65.72 37.56
N ARG P 167 -34.77 66.81 37.97
CA ARG P 167 -33.58 67.42 37.42
C ARG P 167 -32.87 66.61 36.35
N LYS P 168 -32.39 65.44 36.75
CA LYS P 168 -31.69 64.59 35.80
C LYS P 168 -32.63 63.62 35.08
N ASN P 169 -32.77 63.82 33.77
CA ASN P 169 -33.62 62.96 32.95
C ASN P 169 -32.87 61.66 32.67
N GLU P 170 -33.46 60.54 33.06
CA GLU P 170 -32.78 59.29 32.77
C GLU P 170 -33.73 58.13 32.50
N VAL P 171 -33.17 57.09 31.91
CA VAL P 171 -33.93 55.93 31.51
C VAL P 171 -33.19 54.65 31.65
N PHE P 172 -33.92 53.61 32.01
CA PHE P 172 -33.34 52.29 32.14
C PHE P 172 -34.18 51.33 31.35
N LEU P 173 -33.58 50.66 30.38
CA LEU P 173 -34.30 49.71 29.55
C LEU P 173 -33.56 48.41 29.54
N ASP P 174 -34.13 47.42 30.20
CA ASP P 174 -33.50 46.13 30.33
C ASP P 174 -34.32 45.00 29.74
N VAL P 175 -33.69 44.23 28.87
CA VAL P 175 -34.37 43.09 28.27
C VAL P 175 -33.69 41.89 28.83
N ILE P 176 -34.49 40.92 29.24
CA ILE P 176 -33.95 39.73 29.84
C ILE P 176 -34.60 38.50 29.27
N GLU P 177 -33.82 37.43 29.12
CA GLU P 177 -34.31 36.19 28.59
C GLU P 177 -33.75 35.00 29.36
N ALA P 178 -34.65 34.17 29.86
CA ALA P 178 -34.28 32.98 30.60
C ALA P 178 -34.51 31.85 29.60
N VAL P 179 -33.76 30.76 29.73
CA VAL P 179 -33.86 29.66 28.78
C VAL P 179 -34.28 28.30 29.31
N ASN P 180 -35.53 27.91 29.27
CA ASN P 180 -35.86 26.59 29.79
C ASN P 180 -35.53 25.49 28.80
N LEU P 181 -34.74 24.50 29.25
CA LEU P 181 -34.31 23.39 28.41
C LEU P 181 -34.23 22.04 29.08
N LEU P 182 -34.31 20.98 28.28
CA LEU P 182 -34.21 19.62 28.78
C LEU P 182 -33.52 18.74 27.77
N VAL P 183 -32.49 18.04 28.22
CA VAL P 183 -31.79 17.16 27.31
C VAL P 183 -31.36 15.92 28.04
N SER P 184 -31.64 14.76 27.44
CA SER P 184 -31.24 13.54 28.07
C SER P 184 -29.94 13.09 27.47
N ALA P 185 -29.28 12.18 28.17
CA ALA P 185 -28.02 11.64 27.71
C ALA P 185 -28.05 11.56 26.19
N ASN P 186 -29.19 11.16 25.64
CA ASN P 186 -29.35 11.07 24.19
C ASN P 186 -29.04 12.41 23.55
N GLY P 187 -28.23 13.22 24.24
CA GLY P 187 -27.84 14.53 23.75
C GLY P 187 -28.81 15.23 22.82
N ASN P 188 -30.09 15.15 23.11
CA ASN P 188 -31.07 15.80 22.27
C ASN P 188 -31.79 16.90 22.98
N VAL P 189 -32.20 17.89 22.22
CA VAL P 189 -32.95 18.98 22.76
C VAL P 189 -34.36 18.44 22.94
N LEU P 190 -34.96 18.61 24.12
CA LEU P 190 -36.31 18.10 24.34
C LEU P 190 -37.30 19.23 24.39
N ARG P 191 -36.95 20.25 25.15
CA ARG P 191 -37.79 21.42 25.29
C ARG P 191 -36.98 22.65 25.04
N SER P 192 -37.48 23.48 24.15
CA SER P 192 -36.77 24.70 23.85
C SER P 192 -37.67 25.88 24.08
N GLU P 193 -37.48 26.53 25.23
CA GLU P 193 -38.26 27.70 25.59
C GLU P 193 -37.41 28.80 26.16
N ILE P 194 -37.68 30.02 25.71
CA ILE P 194 -36.99 31.19 26.19
C ILE P 194 -38.02 32.28 26.36
N VAL P 195 -38.26 32.67 27.60
CA VAL P 195 -39.24 33.68 27.88
C VAL P 195 -38.51 35.00 27.91
N GLY P 196 -39.06 35.99 27.23
CA GLY P 196 -38.42 37.29 27.19
C GLY P 196 -39.19 38.37 27.91
N SER P 197 -38.50 39.43 28.27
CA SER P 197 -39.14 40.53 28.95
C SER P 197 -38.40 41.83 28.79
N ILE P 198 -39.14 42.86 28.38
CA ILE P 198 -38.53 44.15 28.22
C ILE P 198 -38.99 45.00 29.36
N LYS P 199 -38.43 44.80 30.53
CA LYS P 199 -38.81 45.64 31.63
C LYS P 199 -38.11 46.96 31.34
N MET P 200 -38.70 48.07 31.79
CA MET P 200 -38.14 49.41 31.59
C MET P 200 -38.32 50.22 32.85
N ARG P 201 -37.42 51.17 33.04
CA ARG P 201 -37.43 52.02 34.21
C ARG P 201 -37.18 53.47 33.80
N VAL P 202 -38.06 54.40 34.19
CA VAL P 202 -37.86 55.79 33.77
C VAL P 202 -38.25 56.90 34.75
N PHE P 203 -37.58 58.04 34.64
CA PHE P 203 -37.91 59.21 35.46
C PHE P 203 -37.56 60.39 34.60
N LEU P 204 -38.36 60.53 33.56
CA LEU P 204 -38.24 61.62 32.62
C LEU P 204 -39.10 62.73 33.10
N SER P 205 -38.96 63.89 32.45
CA SER P 205 -39.70 65.06 32.85
C SER P 205 -40.77 65.47 31.85
N GLY P 206 -41.99 65.68 32.36
CA GLY P 206 -43.11 66.12 31.51
C GLY P 206 -44.01 65.10 30.84
N MET P 207 -43.94 65.05 29.51
CA MET P 207 -44.72 64.12 28.66
C MET P 207 -43.93 63.88 27.37
N PRO P 208 -42.96 62.97 27.44
CA PRO P 208 -42.14 62.69 26.26
C PRO P 208 -42.53 61.47 25.40
N GLU P 209 -42.69 61.68 24.08
CA GLU P 209 -43.03 60.57 23.17
C GLU P 209 -41.70 59.85 22.88
N LEU P 210 -41.73 58.57 23.18
CA LEU P 210 -40.56 57.72 23.06
C LEU P 210 -40.65 56.84 21.81
N ARG P 211 -39.60 56.86 20.98
CA ARG P 211 -39.57 56.03 19.77
C ARG P 211 -38.46 54.98 19.87
N LEU P 212 -38.87 53.72 19.84
CA LEU P 212 -37.95 52.59 19.95
C LEU P 212 -37.84 51.75 18.70
N GLY P 213 -36.63 51.68 18.16
CA GLY P 213 -36.42 50.89 16.97
C GLY P 213 -35.96 49.52 17.38
N LEU P 214 -36.28 48.53 16.57
CA LEU P 214 -35.87 47.19 16.94
C LEU P 214 -35.12 46.39 15.94
N ASN P 215 -34.56 45.33 16.49
CA ASN P 215 -33.83 44.37 15.71
C ASN P 215 -34.92 43.81 14.84
N ASP P 216 -34.56 42.97 13.88
CA ASP P 216 -35.59 42.38 13.05
C ASP P 216 -36.08 41.07 13.65
N LYS P 217 -35.37 39.98 13.35
CA LYS P 217 -35.75 38.64 13.79
C LYS P 217 -37.02 38.42 14.66
N VAL P 218 -37.30 39.26 15.65
CA VAL P 218 -38.52 39.07 16.42
C VAL P 218 -39.63 40.10 16.19
N GLU P 232 -43.77 30.19 14.82
CA GLU P 232 -42.76 29.69 15.74
C GLU P 232 -42.86 30.33 17.11
N LEU P 233 -43.36 31.55 17.11
CA LEU P 233 -43.52 32.34 18.34
C LEU P 233 -44.87 32.15 18.99
N GLU P 234 -44.86 31.70 20.24
CA GLU P 234 -46.07 31.45 20.99
C GLU P 234 -46.86 32.72 21.27
N ASP P 235 -46.46 33.47 22.29
CA ASP P 235 -47.20 34.67 22.61
C ASP P 235 -46.42 35.96 22.76
N VAL P 236 -47.12 37.06 22.50
CA VAL P 236 -46.55 38.40 22.53
C VAL P 236 -47.55 39.38 23.09
N LYS P 237 -47.17 40.07 24.16
CA LYS P 237 -48.08 41.04 24.73
C LYS P 237 -47.35 42.33 25.02
N PHE P 238 -47.94 43.43 24.58
CA PHE P 238 -47.34 44.71 24.83
C PHE P 238 -48.10 45.35 25.96
N HIS P 239 -47.77 46.61 26.19
CA HIS P 239 -48.41 47.39 27.22
C HIS P 239 -49.20 48.41 26.42
N GLN P 240 -50.51 48.40 26.62
CA GLN P 240 -51.40 49.30 25.92
C GLN P 240 -50.73 50.55 25.35
N CYS P 241 -49.95 51.23 26.17
CA CYS P 241 -49.27 52.45 25.76
C CYS P 241 -48.34 52.33 24.55
N VAL P 242 -48.50 51.27 23.75
CA VAL P 242 -47.67 51.08 22.58
C VAL P 242 -48.44 51.17 21.30
N ARG P 243 -47.74 51.55 20.25
CA ARG P 243 -48.35 51.62 18.93
C ARG P 243 -47.32 51.09 17.92
N LEU P 244 -47.81 50.24 17.01
CA LEU P 244 -47.01 49.61 15.97
C LEU P 244 -46.85 50.60 14.82
N SER P 245 -45.62 51.14 14.68
CA SER P 245 -45.26 52.16 13.67
C SER P 245 -45.66 51.80 12.23
N ARG P 246 -46.66 52.58 11.80
CA ARG P 246 -47.38 52.60 10.51
C ARG P 246 -47.47 51.30 9.69
N PHE P 247 -48.56 50.59 9.99
CA PHE P 247 -48.95 49.33 9.35
C PHE P 247 -47.86 48.24 9.27
N GLU P 248 -47.22 48.25 8.10
CA GLU P 248 -46.25 47.23 7.70
C GLU P 248 -44.74 47.21 7.95
N ASN P 249 -44.34 45.94 8.00
CA ASN P 249 -43.02 45.29 8.19
C ASN P 249 -41.84 46.02 8.83
N ASP P 250 -41.82 47.36 8.77
CA ASP P 250 -40.72 48.07 9.41
C ASP P 250 -40.96 48.33 10.93
N ARG P 251 -40.16 47.59 11.71
CA ARG P 251 -40.18 47.58 13.17
C ARG P 251 -39.74 48.88 13.85
N THR P 252 -40.73 49.55 14.44
CA THR P 252 -40.54 50.78 15.18
C THR P 252 -41.59 50.66 16.29
N ILE P 253 -41.20 50.95 17.52
CA ILE P 253 -42.09 50.86 18.68
C ILE P 253 -42.20 52.20 19.39
N SER P 254 -43.13 53.01 18.93
CA SER P 254 -43.39 54.32 19.52
C SER P 254 -44.39 54.13 20.66
N PHE P 255 -44.36 55.04 21.64
CA PHE P 255 -45.25 54.95 22.80
C PHE P 255 -44.85 55.96 23.89
N ILE P 256 -45.75 56.18 24.86
CA ILE P 256 -45.47 57.08 26.01
C ILE P 256 -45.62 56.28 27.31
N PRO P 257 -44.49 56.06 28.01
CA PRO P 257 -44.24 55.34 29.27
C PRO P 257 -44.77 55.94 30.54
N PRO P 258 -45.16 55.11 31.53
CA PRO P 258 -45.64 55.69 32.77
C PRO P 258 -44.43 56.25 33.46
N ASP P 259 -44.58 56.46 34.76
CA ASP P 259 -43.46 56.93 35.52
C ASP P 259 -42.95 55.78 36.35
N GLY P 260 -41.64 55.68 36.40
CA GLY P 260 -41.04 54.63 37.20
C GLY P 260 -40.81 53.38 36.41
N GLU P 261 -41.03 52.25 37.07
CA GLU P 261 -40.82 50.98 36.44
C GLU P 261 -42.10 50.37 35.94
N PHE P 262 -41.97 49.57 34.89
CA PHE P 262 -43.12 48.91 34.29
C PHE P 262 -42.56 48.04 33.18
N GLU P 263 -43.38 47.10 32.74
CA GLU P 263 -43.00 46.17 31.70
C GLU P 263 -43.50 46.57 30.33
N LEU P 264 -42.57 47.07 29.54
CA LEU P 264 -42.87 47.50 28.21
C LEU P 264 -43.41 46.36 27.38
N MET P 265 -42.90 45.16 27.57
CA MET P 265 -43.38 44.05 26.75
C MET P 265 -42.84 42.66 27.13
N SER P 266 -43.63 41.62 26.80
CA SER P 266 -43.26 40.24 27.14
C SER P 266 -43.44 39.29 25.96
N TYR P 267 -42.99 38.04 26.11
CA TYR P 267 -43.12 37.08 25.02
C TYR P 267 -42.39 35.75 25.23
N ARG P 268 -42.88 34.70 24.55
CA ARG P 268 -42.35 33.33 24.61
C ARG P 268 -41.99 32.75 23.23
N LEU P 269 -40.82 32.13 23.09
CA LEU P 269 -40.42 31.54 21.81
C LEU P 269 -40.12 30.07 21.91
N ASN P 270 -40.32 29.39 20.79
CA ASN P 270 -40.12 27.95 20.71
C ASN P 270 -39.01 27.66 19.69
N THR P 271 -37.76 27.48 20.13
CA THR P 271 -36.65 27.23 19.18
C THR P 271 -35.39 26.46 19.61
N HIS P 272 -35.07 25.40 18.86
CA HIS P 272 -33.87 24.58 19.14
C HIS P 272 -32.68 25.44 19.44
N VAL P 273 -32.42 25.65 20.71
CA VAL P 273 -31.28 26.45 21.07
C VAL P 273 -30.17 25.54 21.55
N LYS P 274 -29.16 25.35 20.70
CA LYS P 274 -28.04 24.50 21.07
C LYS P 274 -27.72 24.87 22.49
N PRO P 275 -27.90 23.91 23.41
CA PRO P 275 -27.65 24.07 24.84
C PRO P 275 -26.49 25.00 25.09
N LEU P 276 -26.82 26.20 25.57
CA LEU P 276 -25.83 27.20 25.87
C LEU P 276 -24.65 26.61 26.63
N ILE P 277 -24.94 25.99 27.77
CA ILE P 277 -23.90 25.41 28.58
C ILE P 277 -24.08 23.93 28.79
N TRP P 278 -23.53 23.14 27.88
CA TRP P 278 -23.63 21.70 27.95
C TRP P 278 -22.82 21.14 29.08
N ILE P 279 -23.03 19.87 29.32
CA ILE P 279 -22.33 19.13 30.34
C ILE P 279 -22.60 17.66 30.09
N GLU P 280 -21.79 16.80 30.70
CA GLU P 280 -21.94 15.36 30.59
C GLU P 280 -20.98 14.72 31.57
N SER P 281 -21.48 13.74 32.30
CA SER P 281 -20.66 13.08 33.30
C SER P 281 -20.36 11.65 32.95
N VAL P 282 -19.09 11.28 33.07
CA VAL P 282 -18.69 9.91 32.80
C VAL P 282 -18.43 9.27 34.14
N ILE P 283 -18.68 7.97 34.22
CA ILE P 283 -18.54 7.25 35.46
C ILE P 283 -17.46 6.17 35.44
N GLU P 284 -16.95 5.81 36.62
CA GLU P 284 -15.91 4.76 36.80
C GLU P 284 -15.69 4.20 38.25
N LYS P 285 -16.37 3.09 38.60
CA LYS P 285 -16.35 2.47 39.95
C LYS P 285 -15.93 0.98 40.17
N HIS P 286 -15.51 0.67 41.41
CA HIS P 286 -15.11 -0.68 41.92
C HIS P 286 -13.82 -0.75 42.81
N SER P 287 -13.19 -1.94 42.83
CA SER P 287 -11.97 -2.31 43.62
C SER P 287 -12.14 -2.01 45.13
N HIS P 288 -11.66 -0.86 45.58
CA HIS P 288 -11.81 -0.46 46.99
C HIS P 288 -12.94 0.64 47.05
N SER P 289 -14.19 0.15 47.02
CA SER P 289 -15.48 0.90 47.04
C SER P 289 -15.41 2.42 46.80
N ARG P 290 -14.65 2.77 45.77
CA ARG P 290 -14.45 4.14 45.32
C ARG P 290 -15.10 4.31 43.96
N ILE P 291 -15.42 5.56 43.62
CA ILE P 291 -16.07 5.90 42.37
C ILE P 291 -15.56 7.24 41.83
N GLU P 292 -15.32 7.28 40.51
CA GLU P 292 -14.79 8.47 39.82
C GLU P 292 -15.72 9.16 38.82
N TYR P 293 -15.81 10.48 38.96
CA TYR P 293 -16.64 11.28 38.07
C TYR P 293 -15.75 12.20 37.25
N MET P 294 -16.15 12.44 36.01
CA MET P 294 -15.41 13.30 35.12
C MET P 294 -16.46 14.12 34.40
N VAL P 295 -16.40 15.43 34.59
CA VAL P 295 -17.39 16.28 33.97
C VAL P 295 -16.84 17.35 33.07
N LYS P 296 -17.23 17.27 31.82
CA LYS P 296 -16.84 18.24 30.81
C LYS P 296 -17.94 19.27 30.82
N ALA P 297 -17.60 20.53 30.60
CA ALA P 297 -18.59 21.58 30.56
C ALA P 297 -18.23 22.51 29.43
N LYS P 298 -18.88 22.34 28.30
CA LYS P 298 -18.60 23.17 27.13
C LYS P 298 -19.43 24.43 27.16
N SER P 299 -18.92 25.50 26.55
CA SER P 299 -19.61 26.77 26.49
C SER P 299 -19.96 27.06 25.05
N GLN P 300 -21.16 26.68 24.62
CA GLN P 300 -21.55 26.91 23.23
C GLN P 300 -22.08 28.31 22.97
N PHE P 301 -21.16 29.19 22.61
CA PHE P 301 -21.49 30.59 22.33
C PHE P 301 -20.63 31.25 21.32
N LYS P 302 -20.99 32.49 21.05
CA LYS P 302 -20.21 33.31 20.18
C LYS P 302 -19.04 33.64 21.10
N ARG P 303 -17.82 33.38 20.66
CA ARG P 303 -16.65 33.64 21.49
C ARG P 303 -16.64 34.99 22.17
N ARG P 304 -16.84 36.02 21.35
CA ARG P 304 -16.79 37.40 21.78
C ARG P 304 -17.29 37.78 23.17
N SER P 305 -18.31 37.10 23.69
CA SER P 305 -18.79 37.46 25.03
C SER P 305 -18.64 36.30 25.99
N THR P 306 -19.08 36.46 27.24
CA THR P 306 -18.94 35.42 28.25
C THR P 306 -20.05 35.40 29.32
N ALA P 307 -20.28 34.24 29.93
CA ALA P 307 -21.32 34.08 30.94
C ALA P 307 -20.81 34.37 32.34
N ASN P 308 -21.68 34.82 33.23
CA ASN P 308 -21.28 35.19 34.59
C ASN P 308 -21.85 34.45 35.77
N ASN P 309 -21.10 34.53 36.87
CA ASN P 309 -21.51 33.93 38.12
C ASN P 309 -22.21 32.58 37.91
N VAL P 310 -21.74 31.80 36.94
CA VAL P 310 -22.36 30.50 36.64
C VAL P 310 -22.06 29.47 37.68
N GLU P 311 -23.01 28.55 37.87
CA GLU P 311 -22.82 27.50 38.84
C GLU P 311 -23.46 26.22 38.38
N ILE P 312 -22.78 25.12 38.69
CA ILE P 312 -23.24 23.80 38.29
C ILE P 312 -23.63 22.88 39.43
N HIS P 313 -24.85 22.36 39.37
CA HIS P 313 -25.34 21.45 40.40
C HIS P 313 -25.34 20.02 39.92
N ILE P 314 -24.38 19.25 40.38
CA ILE P 314 -24.32 17.88 39.95
C ILE P 314 -24.86 16.93 40.99
N PRO P 315 -25.87 16.15 40.61
CA PRO P 315 -26.53 15.17 41.47
C PRO P 315 -25.54 14.07 41.72
N VAL P 316 -25.59 13.53 42.93
CA VAL P 316 -24.71 12.45 43.31
C VAL P 316 -25.40 11.60 44.35
N PRO P 317 -24.88 10.40 44.59
CA PRO P 317 -25.39 9.41 45.55
C PRO P 317 -25.61 9.91 46.98
N ASN P 318 -26.82 9.72 47.48
CA ASN P 318 -27.20 10.15 48.83
C ASN P 318 -26.11 9.90 49.86
N ASP P 319 -25.34 8.83 49.67
CA ASP P 319 -24.32 8.48 50.64
C ASP P 319 -22.87 8.42 50.26
N ALA P 320 -22.31 9.61 50.07
CA ALA P 320 -20.91 9.77 49.74
C ALA P 320 -20.22 9.72 51.08
N ASP P 321 -18.91 9.48 51.07
CA ASP P 321 -18.15 9.45 52.31
C ASP P 321 -17.39 10.78 52.47
N SER P 322 -16.36 10.95 51.63
CA SER P 322 -15.52 12.13 51.62
C SER P 322 -15.02 12.39 50.21
N PRO P 323 -15.17 13.64 49.74
CA PRO P 323 -14.76 14.08 48.40
C PRO P 323 -13.31 14.51 48.24
N LYS P 324 -12.92 14.69 46.97
CA LYS P 324 -11.58 15.12 46.53
C LYS P 324 -11.64 15.78 45.13
N PHE P 325 -11.95 17.08 45.10
CA PHE P 325 -12.06 17.81 43.84
C PHE P 325 -10.76 18.38 43.34
N LYS P 326 -10.60 18.34 42.03
CA LYS P 326 -9.41 18.89 41.41
C LYS P 326 -9.82 19.54 40.11
N THR P 327 -9.70 20.85 40.04
CA THR P 327 -10.08 21.54 38.83
C THR P 327 -9.28 22.76 38.45
N THR P 328 -9.10 22.88 37.15
CA THR P 328 -8.38 23.98 36.55
C THR P 328 -9.12 25.23 36.84
N VAL P 329 -10.44 25.11 36.74
CA VAL P 329 -11.29 26.26 36.91
C VAL P 329 -12.27 26.24 38.04
N GLY P 330 -12.63 27.44 38.46
CA GLY P 330 -13.57 27.60 39.54
C GLY P 330 -13.23 26.72 40.71
N SER P 331 -14.11 26.75 41.70
CA SER P 331 -13.94 25.94 42.89
C SER P 331 -15.19 25.12 43.04
N VAL P 332 -14.99 23.85 43.31
CA VAL P 332 -16.12 22.97 43.47
C VAL P 332 -16.21 22.69 44.95
N LYS P 333 -17.42 22.37 45.40
CA LYS P 333 -17.65 22.04 46.80
C LYS P 333 -18.78 21.01 46.91
N TRP P 334 -19.07 20.54 48.12
CA TRP P 334 -20.09 19.52 48.32
C TRP P 334 -21.15 19.86 49.38
N VAL P 335 -22.31 19.20 49.31
CA VAL P 335 -23.38 19.40 50.28
C VAL P 335 -24.27 18.18 50.33
N PRO P 336 -23.98 17.29 51.29
CA PRO P 336 -24.73 16.06 51.48
C PRO P 336 -26.22 16.35 51.47
N GLU P 337 -26.60 17.48 52.02
CA GLU P 337 -27.99 17.85 52.05
C GLU P 337 -28.31 18.05 50.59
N ASN P 338 -29.47 17.58 50.16
CA ASN P 338 -29.85 17.68 48.75
C ASN P 338 -29.01 16.70 47.90
N SER P 339 -27.95 16.16 48.50
CA SER P 339 -27.07 15.18 47.83
C SER P 339 -26.50 15.67 46.53
N GLU P 340 -25.71 16.73 46.56
CA GLU P 340 -25.17 17.20 45.30
C GLU P 340 -23.80 17.82 45.39
N ILE P 341 -23.04 17.66 44.32
CA ILE P 341 -21.73 18.25 44.26
C ILE P 341 -21.97 19.50 43.46
N VAL P 342 -21.44 20.62 43.95
CA VAL P 342 -21.62 21.89 43.27
C VAL P 342 -20.36 22.52 42.75
N TRP P 343 -20.32 22.63 41.44
CA TRP P 343 -19.19 23.21 40.79
C TRP P 343 -19.52 24.65 40.63
N SER P 344 -18.65 25.49 41.13
CA SER P 344 -18.92 26.90 41.02
C SER P 344 -17.83 27.58 40.23
N VAL P 345 -18.25 28.47 39.33
CA VAL P 345 -17.31 29.22 38.50
C VAL P 345 -17.76 30.66 38.48
N LYS P 346 -16.82 31.58 38.68
CA LYS P 346 -17.18 33.00 38.69
C LYS P 346 -17.41 33.49 37.28
N SER P 347 -16.35 33.45 36.46
CA SER P 347 -16.45 33.89 35.09
C SER P 347 -16.21 32.73 34.16
N PHE P 348 -16.98 32.70 33.07
CA PHE P 348 -16.93 31.64 32.08
C PHE P 348 -17.10 32.18 30.67
N PRO P 349 -16.06 32.07 29.84
CA PRO P 349 -16.07 32.54 28.47
C PRO P 349 -16.77 31.58 27.55
N GLY P 350 -17.25 32.10 26.43
CA GLY P 350 -17.93 31.25 25.49
C GLY P 350 -16.95 30.64 24.54
N GLY P 351 -17.26 29.42 24.10
CA GLY P 351 -16.40 28.74 23.14
C GLY P 351 -15.29 27.87 23.71
N LYS P 352 -15.19 27.80 25.02
CA LYS P 352 -14.14 27.01 25.62
C LYS P 352 -14.67 25.91 26.52
N GLU P 353 -13.96 24.79 26.60
CA GLU P 353 -14.38 23.67 27.45
C GLU P 353 -13.44 23.43 28.61
N TYR P 354 -14.01 23.45 29.80
CA TYR P 354 -13.23 23.26 31.00
C TYR P 354 -13.49 21.93 31.63
N LEU P 355 -12.50 21.44 32.37
CA LEU P 355 -12.61 20.13 32.97
C LEU P 355 -12.57 20.08 34.48
N MET P 356 -13.49 19.26 35.00
CA MET P 356 -13.65 19.04 36.42
C MET P 356 -13.73 17.56 36.67
N ARG P 357 -12.97 17.11 37.65
CA ARG P 357 -12.98 15.72 38.00
C ARG P 357 -12.90 15.63 39.51
N ALA P 358 -13.83 14.85 40.09
CA ALA P 358 -13.90 14.70 41.52
C ALA P 358 -14.24 13.25 41.91
N HIS P 359 -13.57 12.72 42.95
CA HIS P 359 -13.82 11.36 43.43
C HIS P 359 -14.20 11.39 44.89
N PHE P 360 -14.86 10.32 45.33
CA PHE P 360 -15.29 10.13 46.71
C PHE P 360 -15.53 8.61 46.95
N GLY P 361 -16.18 8.23 48.06
CA GLY P 361 -16.40 6.80 48.34
C GLY P 361 -17.76 6.33 48.87
N LEU P 362 -17.85 5.06 49.27
CA LEU P 362 -19.10 4.46 49.76
C LEU P 362 -19.05 3.71 51.09
N LYS P 373 -32.50 8.59 39.82
CA LYS P 373 -31.43 9.55 39.62
C LYS P 373 -31.95 10.91 39.11
N PRO P 374 -31.89 11.95 39.95
CA PRO P 374 -32.34 13.33 39.63
C PRO P 374 -31.43 14.13 38.68
N PRO P 375 -31.98 14.77 37.64
CA PRO P 375 -31.35 15.56 36.60
C PRO P 375 -30.55 16.71 37.07
N ILE P 376 -29.44 16.91 36.39
CA ILE P 376 -28.50 17.97 36.71
C ILE P 376 -28.83 19.34 36.16
N SER P 377 -28.75 20.37 36.99
CA SER P 377 -29.07 21.72 36.54
C SER P 377 -27.96 22.71 36.75
N VAL P 378 -28.12 23.90 36.19
CA VAL P 378 -27.14 24.96 36.32
C VAL P 378 -27.78 26.30 36.11
N LYS P 379 -27.23 27.32 36.73
CA LYS P 379 -27.79 28.62 36.55
C LYS P 379 -26.66 29.50 36.18
N PHE P 380 -26.96 30.40 35.28
CA PHE P 380 -25.96 31.29 34.77
C PHE P 380 -26.46 32.69 34.67
N GLU P 381 -25.85 33.43 33.77
CA GLU P 381 -26.18 34.82 33.57
C GLU P 381 -25.22 35.24 32.47
N ILE P 382 -25.70 35.98 31.49
CA ILE P 382 -24.82 36.39 30.42
C ILE P 382 -25.09 37.79 30.01
N PRO P 383 -24.30 38.72 30.53
CA PRO P 383 -24.49 40.12 30.18
C PRO P 383 -24.34 40.36 28.70
N TYR P 384 -25.03 41.39 28.23
CA TYR P 384 -24.95 41.79 26.85
C TYR P 384 -25.06 40.58 25.93
N PHE P 385 -26.23 39.95 25.93
CA PHE P 385 -26.46 38.78 25.10
C PHE P 385 -27.95 38.49 24.93
N THR P 386 -28.30 37.85 23.82
CA THR P 386 -29.69 37.57 23.54
C THR P 386 -29.91 36.26 22.83
N THR P 387 -30.07 35.17 23.54
CA THR P 387 -30.28 33.92 22.85
C THR P 387 -31.26 34.14 21.73
N SER P 388 -32.27 34.94 21.99
CA SER P 388 -33.27 35.22 20.99
C SER P 388 -32.63 35.76 19.73
N GLY P 389 -31.83 36.80 19.91
CA GLY P 389 -31.17 37.39 18.77
C GLY P 389 -31.50 38.85 18.62
N ILE P 390 -32.47 39.33 19.37
CA ILE P 390 -32.80 40.74 19.26
C ILE P 390 -31.59 41.52 19.70
N GLN P 391 -31.62 42.80 19.41
CA GLN P 391 -30.60 43.76 19.78
C GLN P 391 -31.47 45.00 19.78
N VAL P 392 -31.30 45.90 20.72
CA VAL P 392 -32.12 47.08 20.62
C VAL P 392 -31.36 47.87 19.61
N ARG P 393 -32.07 48.48 18.68
CA ARG P 393 -31.44 49.23 17.62
C ARG P 393 -31.13 50.69 17.96
N TYR P 394 -32.12 51.37 18.54
CA TYR P 394 -31.98 52.77 18.90
C TYR P 394 -33.12 53.28 19.78
N LEU P 395 -32.81 54.25 20.62
CA LEU P 395 -33.84 54.82 21.48
C LEU P 395 -33.90 56.32 21.36
N LYS P 396 -35.02 56.81 20.81
CA LYS P 396 -35.23 58.23 20.63
C LYS P 396 -36.01 58.84 21.77
N ILE P 397 -35.83 60.14 21.94
CA ILE P 397 -36.51 60.87 23.00
C ILE P 397 -36.86 62.26 22.44
N ILE P 398 -38.14 62.56 22.34
CA ILE P 398 -38.52 63.85 21.84
C ILE P 398 -39.46 64.52 22.81
N GLU P 399 -38.98 65.66 23.32
CA GLU P 399 -39.73 66.48 24.25
C GLU P 399 -39.66 67.95 23.84
N LYS P 400 -40.65 68.68 24.35
CA LYS P 400 -40.79 70.10 24.12
C LYS P 400 -39.49 70.74 24.56
N SER P 401 -39.06 70.38 25.78
CA SER P 401 -37.82 70.89 26.34
C SER P 401 -36.68 70.33 25.48
N GLY P 402 -36.21 71.15 24.54
CA GLY P 402 -35.13 70.77 23.65
C GLY P 402 -33.93 70.35 24.47
N TYR P 403 -34.05 69.20 25.13
CA TYR P 403 -33.00 68.68 25.98
C TYR P 403 -32.54 67.27 25.63
N GLN P 404 -31.72 66.75 26.52
CA GLN P 404 -31.18 65.42 26.36
C GLN P 404 -31.71 64.55 27.50
N ALA P 405 -31.14 63.36 27.55
CA ALA P 405 -31.50 62.38 28.53
C ALA P 405 -30.42 61.32 28.49
N ILE P 406 -30.43 60.48 29.51
CA ILE P 406 -29.44 59.42 29.60
C ILE P 406 -30.08 58.06 29.63
N PRO P 407 -29.91 57.29 28.55
CA PRO P 407 -30.46 55.94 28.43
C PRO P 407 -29.41 54.83 28.64
N TRP P 408 -29.70 53.86 29.51
CA TRP P 408 -28.80 52.70 29.77
C TRP P 408 -29.52 51.44 29.39
N VAL P 409 -28.78 50.51 28.84
CA VAL P 409 -29.37 49.24 28.49
C VAL P 409 -28.62 48.18 29.26
N ARG P 410 -29.13 46.97 29.16
CA ARG P 410 -28.52 45.79 29.74
C ARG P 410 -29.30 44.63 29.13
N TYR P 411 -28.54 43.62 28.75
CA TYR P 411 -29.05 42.41 28.12
C TYR P 411 -28.66 41.29 29.06
N ILE P 412 -29.57 40.38 29.38
CA ILE P 412 -29.14 39.30 30.23
C ILE P 412 -29.90 38.05 29.85
N THR P 413 -29.19 36.93 29.84
CA THR P 413 -29.80 35.67 29.51
C THR P 413 -29.41 34.76 30.63
N GLN P 414 -30.29 34.72 31.61
CA GLN P 414 -30.10 33.89 32.78
C GLN P 414 -31.10 32.81 32.61
N ASN P 415 -31.38 32.21 33.76
CA ASN P 415 -32.32 31.16 33.89
C ASN P 415 -31.83 30.01 34.71
N GLY P 416 -32.74 29.07 34.89
CA GLY P 416 -32.47 27.86 35.62
C GLY P 416 -33.07 26.53 35.13
N ASP P 417 -34.20 26.54 34.41
CA ASP P 417 -34.78 25.28 33.95
C ASP P 417 -33.86 24.47 33.08
N TYR P 418 -32.63 24.94 33.05
CA TYR P 418 -31.56 24.33 32.32
C TYR P 418 -31.33 23.02 33.07
N GLN P 419 -32.01 21.96 32.65
CA GLN P 419 -31.88 20.66 33.30
C GLN P 419 -31.34 19.60 32.34
N LEU P 420 -30.46 18.73 32.83
CA LEU P 420 -29.88 17.67 32.02
C LEU P 420 -29.94 16.30 32.67
N ARG P 421 -30.23 15.28 31.88
CA ARG P 421 -30.38 13.93 32.40
C ARG P 421 -29.18 13.01 32.36
N THR P 422 -29.33 11.88 33.04
CA THR P 422 -28.33 10.82 33.12
C THR P 422 -29.08 9.58 33.58
N GLN P 423 -29.12 8.57 32.72
CA GLN P 423 -29.81 7.31 33.04
C GLN P 423 -28.80 6.19 33.28
N MET Q 1 -42.43 0.39 20.83
CA MET Q 1 -43.78 0.65 20.24
C MET Q 1 -43.68 1.83 19.28
N MET Q 2 -44.61 1.90 18.33
CA MET Q 2 -44.62 2.99 17.38
C MET Q 2 -45.15 4.21 18.08
N ARG Q 3 -44.49 5.35 17.91
CA ARG Q 3 -44.96 6.55 18.56
C ARG Q 3 -45.84 7.31 17.58
N PHE Q 4 -45.62 7.10 16.28
CA PHE Q 4 -46.42 7.73 15.23
C PHE Q 4 -45.79 7.55 13.86
N MET Q 5 -46.51 7.94 12.82
CA MET Q 5 -45.97 7.77 11.49
C MET Q 5 -46.43 8.83 10.51
N LEU Q 6 -45.60 9.13 9.53
CA LEU Q 6 -45.99 10.15 8.58
C LEU Q 6 -45.66 9.87 7.14
N LEU Q 7 -46.39 10.54 6.28
CA LEU Q 7 -46.21 10.41 4.86
C LEU Q 7 -46.14 11.72 4.14
N PHE Q 8 -44.94 12.06 3.73
CA PHE Q 8 -44.69 13.30 3.00
C PHE Q 8 -43.65 13.10 1.91
N SER Q 9 -43.80 13.89 0.86
CA SER Q 9 -42.93 13.83 -0.29
C SER Q 9 -41.67 14.64 -0.12
N ARG Q 10 -40.78 14.59 -1.11
CA ARG Q 10 -39.53 15.34 -1.08
C ARG Q 10 -39.81 16.69 -0.43
N GLN Q 11 -40.73 17.44 -0.99
CA GLN Q 11 -41.09 18.73 -0.44
C GLN Q 11 -42.04 18.44 0.70
N GLY Q 12 -41.84 19.18 1.78
CA GLY Q 12 -42.62 19.02 2.98
C GLY Q 12 -44.12 19.03 2.86
N LYS Q 13 -44.65 18.15 2.02
CA LYS Q 13 -46.08 18.09 1.87
C LYS Q 13 -46.58 16.87 2.61
N LEU Q 14 -47.44 17.14 3.58
CA LEU Q 14 -48.00 16.08 4.39
C LEU Q 14 -48.97 15.33 3.52
N ARG Q 15 -48.84 14.02 3.50
CA ARG Q 15 -49.75 13.25 2.69
C ARG Q 15 -50.51 12.30 3.58
N LEU Q 16 -50.01 12.10 4.79
CA LEU Q 16 -50.67 11.22 5.73
C LEU Q 16 -50.00 11.12 7.08
N GLN Q 17 -50.73 11.51 8.11
CA GLN Q 17 -50.23 11.48 9.48
C GLN Q 17 -51.14 10.61 10.34
N LYS Q 18 -50.55 9.96 11.34
CA LYS Q 18 -51.31 9.10 12.23
C LYS Q 18 -50.59 9.04 13.56
N TRP Q 19 -51.20 9.61 14.60
CA TRP Q 19 -50.58 9.66 15.93
C TRP Q 19 -50.98 8.56 16.93
N TYR Q 20 -50.01 7.84 17.46
CA TYR Q 20 -50.33 6.77 18.41
C TYR Q 20 -50.15 7.13 19.85
N LEU Q 21 -50.18 8.42 20.14
CA LEU Q 21 -50.02 8.83 21.52
C LEU Q 21 -50.54 10.23 21.73
N ALA Q 22 -51.58 10.32 22.55
CA ALA Q 22 -52.21 11.60 22.87
C ALA Q 22 -51.23 12.77 22.78
N THR Q 23 -51.71 13.90 22.27
CA THR Q 23 -50.85 15.06 22.11
C THR Q 23 -51.66 16.22 21.62
N SER Q 24 -51.26 17.43 22.02
CA SER Q 24 -51.95 18.65 21.59
C SER Q 24 -51.72 18.90 20.12
N ASP Q 25 -52.72 19.43 19.43
CA ASP Q 25 -52.53 19.67 18.01
C ASP Q 25 -51.27 20.48 17.70
N LYS Q 26 -51.13 21.65 18.31
CA LYS Q 26 -49.95 22.46 18.04
C LYS Q 26 -48.69 21.60 18.03
N GLU Q 27 -48.39 21.04 19.20
CA GLU Q 27 -47.23 20.18 19.40
C GLU Q 27 -47.05 19.25 18.21
N ARG Q 28 -48.18 18.74 17.71
CA ARG Q 28 -48.12 17.86 16.57
C ARG Q 28 -47.48 18.57 15.39
N LYS Q 29 -48.18 19.53 14.80
CA LYS Q 29 -47.62 20.25 13.66
C LYS Q 29 -46.15 20.52 13.95
N LYS Q 30 -45.85 20.95 15.17
CA LYS Q 30 -44.45 21.16 15.57
C LYS Q 30 -43.74 19.87 15.15
N MET Q 31 -43.89 18.85 15.99
CA MET Q 31 -43.32 17.55 15.73
C MET Q 31 -43.10 17.42 14.23
N VAL Q 32 -44.20 17.45 13.51
CA VAL Q 32 -44.14 17.31 12.07
C VAL Q 32 -42.99 18.08 11.49
N ARG Q 33 -43.29 19.28 11.02
CA ARG Q 33 -42.32 20.15 10.38
C ARG Q 33 -40.92 19.97 10.99
N GLU Q 34 -40.77 20.31 12.26
CA GLU Q 34 -39.50 20.19 12.97
C GLU Q 34 -38.76 18.99 12.41
N LEU Q 35 -39.47 17.87 12.34
CA LEU Q 35 -38.89 16.65 11.83
C LEU Q 35 -38.62 16.74 10.34
N MET Q 36 -39.68 16.82 9.54
CA MET Q 36 -39.54 16.90 8.08
C MET Q 36 -38.24 17.57 7.65
N GLN Q 37 -38.06 18.79 8.12
CA GLN Q 37 -36.87 19.57 7.79
C GLN Q 37 -35.64 18.74 8.07
N VAL Q 38 -35.42 18.44 9.34
CA VAL Q 38 -34.23 17.66 9.65
C VAL Q 38 -34.29 16.28 9.02
N VAL Q 39 -35.47 15.81 8.72
CA VAL Q 39 -35.59 14.51 8.10
C VAL Q 39 -35.02 14.59 6.71
N LEU Q 40 -35.85 15.06 5.81
CA LEU Q 40 -35.48 15.21 4.42
C LEU Q 40 -34.06 15.69 4.24
N ALA Q 41 -33.75 16.83 4.82
CA ALA Q 41 -32.43 17.46 4.74
C ALA Q 41 -31.22 16.56 4.46
N ARG Q 42 -31.31 15.30 4.82
CA ARG Q 42 -30.18 14.38 4.64
C ARG Q 42 -29.97 13.81 3.24
N LYS Q 43 -28.70 13.69 2.85
CA LYS Q 43 -28.33 13.15 1.53
C LYS Q 43 -28.85 11.73 1.41
N PRO Q 44 -29.14 11.28 0.19
CA PRO Q 44 -29.64 9.92 0.01
C PRO Q 44 -28.59 8.88 0.34
N LYS Q 45 -27.31 9.29 0.29
CA LYS Q 45 -26.21 8.38 0.59
C LYS Q 45 -26.29 7.84 2.01
N MET Q 46 -26.50 8.76 2.96
CA MET Q 46 -26.58 8.41 4.38
C MET Q 46 -27.48 7.24 4.74
N CYS Q 47 -27.66 7.04 6.04
CA CYS Q 47 -28.47 5.94 6.56
C CYS Q 47 -29.94 6.24 6.79
N SER Q 48 -30.60 5.30 7.46
CA SER Q 48 -32.03 5.39 7.72
C SER Q 48 -32.42 5.54 9.18
N PHE Q 49 -31.46 5.67 10.07
CA PHE Q 49 -31.81 5.78 11.48
C PHE Q 49 -31.24 7.01 12.13
N LEU Q 50 -32.09 7.72 12.86
CA LEU Q 50 -31.62 8.92 13.52
C LEU Q 50 -32.09 8.91 14.95
N GLU Q 51 -31.28 9.46 15.85
CA GLU Q 51 -31.74 9.52 17.22
C GLU Q 51 -32.27 10.93 17.43
N TRP Q 52 -33.59 11.04 17.58
CA TRP Q 52 -34.20 12.34 17.78
C TRP Q 52 -35.02 12.37 19.04
N ARG Q 53 -34.99 13.52 19.68
CA ARG Q 53 -35.72 13.72 20.90
C ARG Q 53 -35.94 12.41 21.60
N ASP Q 54 -34.85 11.74 21.96
CA ASP Q 54 -35.00 10.51 22.73
C ASP Q 54 -35.48 9.31 21.92
N LEU Q 55 -36.32 9.57 20.93
CA LEU Q 55 -36.89 8.50 20.11
C LEU Q 55 -36.05 8.13 18.89
N LYS Q 56 -36.27 6.92 18.38
CA LYS Q 56 -35.55 6.44 17.21
C LYS Q 56 -36.46 6.55 16.01
N VAL Q 57 -35.99 7.23 14.97
CA VAL Q 57 -36.78 7.43 13.76
C VAL Q 57 -36.30 6.59 12.59
N VAL Q 58 -37.20 6.33 11.65
CA VAL Q 58 -36.87 5.54 10.49
C VAL Q 58 -37.61 5.98 9.23
N TYR Q 59 -36.98 5.76 8.08
CA TYR Q 59 -37.59 6.15 6.83
C TYR Q 59 -36.96 5.52 5.61
N LYS Q 60 -37.73 5.40 4.55
CA LYS Q 60 -37.19 4.84 3.34
C LYS Q 60 -37.78 5.71 2.26
N ARG Q 61 -36.98 6.00 1.25
CA ARG Q 61 -37.43 6.86 0.18
C ARG Q 61 -38.05 6.11 -0.98
N TYR Q 62 -39.31 6.39 -1.24
CA TYR Q 62 -39.96 5.72 -2.35
C TYR Q 62 -40.30 6.79 -3.34
N ALA Q 63 -39.49 6.87 -4.39
CA ALA Q 63 -39.75 7.87 -5.40
C ALA Q 63 -39.93 9.16 -4.66
N SER Q 64 -40.80 10.01 -5.16
CA SER Q 64 -41.05 11.27 -4.53
C SER Q 64 -41.95 11.08 -3.32
N LEU Q 65 -41.69 10.07 -2.52
CA LEU Q 65 -42.52 9.88 -1.34
C LEU Q 65 -41.74 9.37 -0.14
N TYR Q 66 -41.92 10.02 1.00
CA TYR Q 66 -41.21 9.62 2.19
C TYR Q 66 -42.05 8.88 3.21
N PHE Q 67 -41.47 7.85 3.81
CA PHE Q 67 -42.16 7.08 4.83
C PHE Q 67 -41.40 7.18 6.13
N CYS Q 68 -42.03 7.72 7.17
CA CYS Q 68 -41.37 7.90 8.46
C CYS Q 68 -42.13 7.47 9.64
N CYS Q 69 -41.37 7.25 10.70
CA CYS Q 69 -41.94 6.85 11.97
C CYS Q 69 -40.89 6.88 13.07
N ALA Q 70 -41.37 6.79 14.30
CA ALA Q 70 -40.52 6.86 15.48
C ALA Q 70 -40.71 5.67 16.38
N ILE Q 71 -39.64 5.23 17.03
CA ILE Q 71 -39.71 4.09 17.93
C ILE Q 71 -39.00 4.33 19.24
N GLU Q 72 -39.27 3.45 20.20
CA GLU Q 72 -38.65 3.55 21.50
C GLU Q 72 -37.29 2.86 21.47
N GLY Q 73 -36.27 3.61 21.88
CA GLY Q 73 -34.90 3.13 21.89
C GLY Q 73 -34.71 1.65 22.13
N GLN Q 74 -35.56 1.09 23.00
CA GLN Q 74 -35.50 -0.33 23.31
C GLN Q 74 -36.29 -1.09 22.24
N ASP Q 75 -36.00 -0.80 20.98
CA ASP Q 75 -36.70 -1.47 19.91
C ASP Q 75 -35.82 -1.78 18.72
N ASN Q 76 -36.34 -2.61 17.82
CA ASN Q 76 -35.62 -3.05 16.62
C ASN Q 76 -35.85 -2.21 15.36
N GLU Q 77 -34.90 -1.31 15.10
CA GLU Q 77 -34.96 -0.43 13.95
C GLU Q 77 -35.23 -1.18 12.66
N LEU Q 78 -34.31 -2.08 12.31
CA LEU Q 78 -34.43 -2.86 11.08
C LEU Q 78 -35.82 -3.38 10.83
N ILE Q 79 -36.24 -4.31 11.68
CA ILE Q 79 -37.53 -4.93 11.54
C ILE Q 79 -38.55 -3.88 11.21
N THR Q 80 -38.52 -2.80 11.97
CA THR Q 80 -39.43 -1.69 11.77
C THR Q 80 -39.43 -1.35 10.29
N LEU Q 81 -38.25 -1.07 9.77
CA LEU Q 81 -38.10 -0.75 8.38
C LEU Q 81 -38.99 -1.72 7.60
N GLU Q 82 -38.70 -3.01 7.71
CA GLU Q 82 -39.49 -4.00 7.00
C GLU Q 82 -40.97 -3.82 7.14
N LEU Q 83 -41.37 -3.16 8.22
CA LEU Q 83 -42.78 -2.90 8.40
C LEU Q 83 -43.20 -1.96 7.29
N ILE Q 84 -42.58 -0.78 7.25
CA ILE Q 84 -42.91 0.18 6.22
C ILE Q 84 -43.14 -0.59 4.93
N HIS Q 85 -42.03 -1.11 4.40
CA HIS Q 85 -42.06 -1.87 3.17
C HIS Q 85 -43.32 -2.73 3.13
N ARG Q 86 -43.80 -3.15 4.29
CA ARG Q 86 -44.99 -3.95 4.27
C ARG Q 86 -46.14 -3.02 3.94
N TYR Q 87 -46.30 -1.95 4.69
CA TYR Q 87 -47.40 -1.06 4.40
C TYR Q 87 -47.44 -0.80 2.90
N VAL Q 88 -46.38 -0.21 2.37
CA VAL Q 88 -46.33 0.10 0.96
C VAL Q 88 -46.91 -1.09 0.21
N GLU Q 89 -46.36 -2.26 0.53
CA GLU Q 89 -46.78 -3.53 -0.06
C GLU Q 89 -48.29 -3.47 -0.22
N LEU Q 90 -48.96 -3.37 0.93
CA LEU Q 90 -50.40 -3.30 0.96
C LEU Q 90 -50.81 -2.29 -0.06
N LEU Q 91 -50.59 -1.04 0.28
CA LEU Q 91 -50.94 0.05 -0.60
C LEU Q 91 -50.85 -0.41 -2.06
N ASP Q 92 -49.69 -0.91 -2.45
CA ASP Q 92 -49.53 -1.36 -3.83
C ASP Q 92 -50.64 -2.29 -4.28
N LYS Q 93 -50.66 -3.50 -3.76
CA LYS Q 93 -51.68 -4.41 -4.22
C LYS Q 93 -53.12 -3.96 -4.08
N TYR Q 94 -53.38 -2.91 -3.33
CA TYR Q 94 -54.76 -2.47 -3.18
C TYR Q 94 -55.19 -1.60 -4.32
N PHE Q 95 -54.38 -0.62 -4.68
CA PHE Q 95 -54.72 0.28 -5.78
C PHE Q 95 -54.14 -0.16 -7.10
N GLY Q 96 -53.44 -1.28 -7.10
CA GLY Q 96 -52.85 -1.74 -8.33
C GLY Q 96 -51.72 -0.80 -8.74
N SER Q 97 -50.50 -1.25 -8.52
CA SER Q 97 -49.33 -0.45 -8.88
C SER Q 97 -49.64 0.97 -8.44
N VAL Q 98 -49.60 1.18 -7.14
CA VAL Q 98 -49.93 2.46 -6.56
C VAL Q 98 -48.88 3.54 -6.75
N CYS Q 99 -49.36 4.78 -6.65
CA CYS Q 99 -48.52 5.96 -6.76
C CYS Q 99 -49.04 7.21 -6.06
N GLU Q 100 -48.10 7.93 -5.47
CA GLU Q 100 -48.37 9.16 -4.77
C GLU Q 100 -49.77 9.71 -5.01
N LEU Q 101 -49.99 10.27 -6.18
CA LEU Q 101 -51.28 10.85 -6.50
C LEU Q 101 -52.38 10.14 -5.74
N ASP Q 102 -52.49 8.85 -5.99
CA ASP Q 102 -53.49 8.01 -5.34
C ASP Q 102 -53.58 8.40 -3.88
N ILE Q 103 -52.48 8.21 -3.18
CA ILE Q 103 -52.40 8.52 -1.76
C ILE Q 103 -52.99 9.87 -1.40
N ILE Q 104 -52.80 10.86 -2.26
CA ILE Q 104 -53.33 12.16 -1.93
C ILE Q 104 -54.82 12.15 -2.10
N PHE Q 105 -55.28 11.55 -3.19
CA PHE Q 105 -56.70 11.49 -3.47
C PHE Q 105 -57.50 10.52 -2.62
N ASN Q 106 -56.84 9.53 -2.04
CA ASN Q 106 -57.59 8.57 -1.27
C ASN Q 106 -57.07 8.29 0.13
N PHE Q 107 -56.32 9.25 0.67
CA PHE Q 107 -55.77 9.08 1.99
C PHE Q 107 -56.74 8.29 2.83
N GLU Q 108 -57.98 8.75 2.85
CA GLU Q 108 -59.02 8.09 3.59
C GLU Q 108 -58.71 6.60 3.61
N LYS Q 109 -58.80 5.98 2.45
CA LYS Q 109 -58.53 4.55 2.35
C LYS Q 109 -57.17 4.26 2.97
N ALA Q 110 -56.14 4.91 2.44
CA ALA Q 110 -54.80 4.71 2.95
C ALA Q 110 -54.86 4.48 4.44
N TYR Q 111 -55.56 5.37 5.11
CA TYR Q 111 -55.71 5.26 6.54
C TYR Q 111 -56.29 3.89 6.81
N PHE Q 112 -57.59 3.71 6.56
CA PHE Q 112 -58.22 2.43 6.80
C PHE Q 112 -57.24 1.29 6.68
N ILE Q 113 -56.72 1.10 5.47
CA ILE Q 113 -55.77 0.03 5.25
C ILE Q 113 -54.86 0.00 6.43
N LEU Q 114 -53.97 0.96 6.47
CA LEU Q 114 -53.03 1.04 7.56
C LEU Q 114 -53.74 0.81 8.88
N ASP Q 115 -54.64 1.73 9.18
CA ASP Q 115 -55.40 1.66 10.41
C ASP Q 115 -55.79 0.23 10.76
N GLU Q 116 -56.11 -0.60 9.76
CA GLU Q 116 -56.48 -1.98 10.06
C GLU Q 116 -55.36 -2.96 9.83
N PHE Q 117 -54.14 -2.46 9.98
CA PHE Q 117 -52.93 -3.25 9.83
C PHE Q 117 -52.20 -3.10 11.13
N LEU Q 118 -52.10 -1.85 11.59
CA LEU Q 118 -51.46 -1.55 12.85
C LEU Q 118 -52.47 -0.96 13.77
N MET Q 119 -52.35 -1.27 15.04
CA MET Q 119 -53.27 -0.72 15.99
C MET Q 119 -52.50 -0.46 17.27
N GLY Q 120 -52.88 0.61 17.96
CA GLY Q 120 -52.23 0.96 19.22
C GLY Q 120 -50.72 0.78 19.23
N GLY Q 121 -50.06 1.24 18.18
CA GLY Q 121 -48.61 1.14 18.11
C GLY Q 121 -48.00 -0.20 17.76
N ASP Q 122 -48.77 -1.11 17.18
CA ASP Q 122 -48.20 -2.40 16.82
C ASP Q 122 -48.82 -3.10 15.62
N VAL Q 123 -48.40 -4.34 15.43
CA VAL Q 123 -48.86 -5.15 14.33
C VAL Q 123 -50.04 -6.01 14.66
N GLN Q 124 -51.17 -5.83 13.99
CA GLN Q 124 -52.31 -6.65 14.31
C GLN Q 124 -52.40 -7.92 13.49
N ASP Q 125 -51.74 -7.93 12.34
CA ASP Q 125 -51.71 -9.11 11.47
C ASP Q 125 -50.46 -9.00 10.69
N THR Q 126 -50.15 -10.03 9.95
CA THR Q 126 -48.95 -9.94 9.18
C THR Q 126 -49.42 -10.39 7.84
N SER Q 127 -50.34 -11.33 7.87
CA SER Q 127 -50.86 -11.90 6.66
C SER Q 127 -51.17 -10.83 5.64
N LYS Q 128 -50.37 -10.79 4.59
CA LYS Q 128 -50.56 -9.82 3.53
C LYS Q 128 -52.01 -9.87 3.16
N LYS Q 129 -52.54 -11.08 3.08
CA LYS Q 129 -53.93 -11.24 2.72
C LYS Q 129 -54.87 -10.90 3.87
N SER Q 130 -54.67 -11.53 5.03
CA SER Q 130 -55.53 -11.28 6.18
C SER Q 130 -55.99 -9.85 6.10
N VAL Q 131 -55.03 -8.94 5.99
CA VAL Q 131 -55.37 -7.53 5.87
C VAL Q 131 -56.21 -7.31 4.63
N LEU Q 132 -55.61 -7.43 3.46
CA LEU Q 132 -56.37 -7.25 2.24
C LEU Q 132 -57.74 -7.87 2.43
N LYS Q 133 -57.81 -9.20 2.35
CA LYS Q 133 -59.07 -9.94 2.50
C LYS Q 133 -60.08 -9.17 3.36
N ALA Q 134 -59.66 -8.78 4.55
CA ALA Q 134 -60.53 -8.05 5.46
C ALA Q 134 -60.91 -6.69 4.88
N ILE Q 135 -59.90 -5.85 4.75
CA ILE Q 135 -60.10 -4.52 4.23
C ILE Q 135 -61.08 -4.56 3.07
N GLU Q 136 -60.90 -5.56 2.21
CA GLU Q 136 -61.77 -5.70 1.06
C GLU Q 136 -63.24 -5.82 1.47
N GLN Q 137 -63.61 -6.95 2.08
CA GLN Q 137 -65.02 -7.14 2.48
C GLN Q 137 -65.61 -5.93 3.17
N ALA Q 138 -64.78 -5.25 3.93
CA ALA Q 138 -65.22 -4.04 4.61
C ALA Q 138 -65.80 -3.15 3.52
N ASP Q 139 -64.94 -2.84 2.55
CA ASP Q 139 -65.33 -2.02 1.43
C ASP Q 139 -66.68 -2.48 0.89
N LEU Q 140 -66.83 -3.78 0.66
CA LEU Q 140 -68.10 -4.27 0.14
C LEU Q 140 -69.26 -3.80 1.00
N LEU Q 141 -69.09 -3.85 2.32
CA LEU Q 141 -70.15 -3.40 3.20
C LEU Q 141 -70.45 -1.95 2.86
N GLN Q 142 -69.40 -1.14 2.83
CA GLN Q 142 -69.53 0.28 2.52
C GLN Q 142 -70.44 0.50 1.31
N GLU Q 143 -70.06 -0.08 0.19
CA GLU Q 143 -70.84 0.05 -1.03
C GLU Q 143 -72.31 -0.24 -0.74
N GLU Q 144 -72.56 -1.36 -0.06
CA GLU Q 144 -73.93 -1.74 0.26
C GLU Q 144 -74.67 -0.74 1.13
N ASP Q 145 -73.99 0.30 1.61
CA ASP Q 145 -74.67 1.31 2.42
C ASP Q 145 -75.34 2.35 1.54
N GLU Q 146 -74.66 2.81 0.48
CA GLU Q 146 -75.32 3.81 -0.39
C GLU Q 146 -76.29 3.13 -1.35
N SER Q 147 -75.83 2.00 -1.90
CA SER Q 147 -76.62 1.22 -2.83
C SER Q 147 -77.20 0.00 -2.09
N PRO Q 148 -78.43 0.14 -1.54
CA PRO Q 148 -79.12 -0.95 -0.78
C PRO Q 148 -79.22 -2.36 -1.44
N ARG Q 149 -78.16 -2.93 -1.81
N SER R 2 -39.75 -26.38 -60.28
CA SER R 2 -39.27 -25.78 -59.00
C SER R 2 -39.80 -24.35 -58.80
N ALA R 3 -38.96 -23.34 -59.02
CA ALA R 3 -39.39 -21.94 -58.87
C ALA R 3 -40.26 -21.43 -60.04
N SER R 4 -41.42 -20.82 -59.74
CA SER R 4 -42.31 -20.32 -60.80
C SER R 4 -42.51 -18.80 -60.81
N ALA R 5 -41.85 -18.11 -59.90
CA ALA R 5 -41.99 -16.66 -59.83
C ALA R 5 -40.93 -16.02 -58.95
N VAL R 6 -40.56 -14.79 -59.28
CA VAL R 6 -39.57 -14.08 -58.50
C VAL R 6 -39.99 -12.65 -58.38
N TYR R 7 -40.03 -12.12 -57.17
CA TYR R 7 -40.42 -10.74 -56.98
C TYR R 7 -39.33 -10.00 -56.27
N VAL R 8 -39.59 -8.74 -55.97
CA VAL R 8 -38.65 -7.92 -55.25
C VAL R 8 -39.52 -6.91 -54.58
N LEU R 9 -39.69 -6.99 -53.27
CA LEU R 9 -40.55 -6.03 -52.61
C LEU R 9 -39.79 -5.07 -51.74
N ASP R 10 -40.51 -4.05 -51.28
CA ASP R 10 -39.95 -3.04 -50.40
C ASP R 10 -40.68 -3.23 -49.07
N LEU R 11 -39.92 -3.13 -47.99
CA LEU R 11 -40.45 -3.27 -46.63
C LEU R 11 -41.95 -3.44 -46.61
N LYS R 12 -42.66 -2.38 -46.98
CA LYS R 12 -44.12 -2.36 -47.02
C LYS R 12 -44.76 -3.68 -47.45
N GLY R 13 -44.07 -4.42 -48.32
CA GLY R 13 -44.59 -5.70 -48.77
C GLY R 13 -45.37 -5.56 -50.04
N LYS R 14 -45.24 -4.42 -50.68
CA LYS R 14 -45.95 -4.20 -51.93
C LYS R 14 -45.06 -4.61 -53.06
N VAL R 15 -45.69 -5.14 -54.10
CA VAL R 15 -44.99 -5.59 -55.28
C VAL R 15 -44.19 -4.44 -55.87
N LEU R 16 -42.88 -4.60 -55.84
CA LEU R 16 -41.98 -3.57 -56.35
C LEU R 16 -41.69 -3.75 -57.84
N ILE R 17 -41.29 -4.94 -58.25
CA ILE R 17 -41.01 -5.22 -59.65
C ILE R 17 -40.71 -6.70 -59.77
N CYS R 18 -41.19 -7.34 -60.83
CA CYS R 18 -41.01 -8.77 -60.94
C CYS R 18 -41.27 -9.38 -62.30
N ARG R 19 -41.09 -10.71 -62.35
CA ARG R 19 -41.31 -11.52 -63.54
C ARG R 19 -41.96 -12.88 -63.26
N ASN R 20 -42.87 -13.27 -64.14
CA ASN R 20 -43.63 -14.52 -64.01
C ASN R 20 -43.16 -15.62 -64.99
N TYR R 21 -42.38 -16.58 -64.50
CA TYR R 21 -41.86 -17.65 -65.36
C TYR R 21 -42.75 -18.89 -65.54
N ARG R 22 -43.96 -18.89 -64.98
CA ARG R 22 -44.79 -20.09 -65.09
C ARG R 22 -46.30 -19.83 -65.06
N GLY R 23 -47.06 -20.71 -64.41
CA GLY R 23 -48.51 -20.53 -64.37
C GLY R 23 -49.22 -20.77 -63.03
N ASP R 24 -49.21 -19.73 -62.19
CA ASP R 24 -49.82 -19.72 -60.84
C ASP R 24 -50.43 -18.31 -60.63
N VAL R 25 -51.68 -18.26 -60.13
CA VAL R 25 -52.44 -16.99 -59.92
C VAL R 25 -51.68 -15.83 -59.28
N ASP R 26 -50.37 -15.88 -59.45
CA ASP R 26 -49.44 -14.84 -59.03
C ASP R 26 -50.13 -13.63 -58.42
N MET R 27 -50.86 -12.94 -59.30
CA MET R 27 -51.60 -11.72 -58.95
C MET R 27 -52.02 -11.63 -57.50
N SER R 28 -52.44 -12.75 -56.92
CA SER R 28 -52.84 -12.73 -55.52
C SER R 28 -51.61 -13.01 -54.64
N GLU R 29 -51.59 -14.21 -54.05
CA GLU R 29 -50.54 -14.65 -53.15
C GLU R 29 -49.49 -13.61 -52.74
N VAL R 30 -48.66 -13.16 -53.67
CA VAL R 30 -47.65 -12.17 -53.32
C VAL R 30 -48.21 -11.11 -52.38
N GLU R 31 -49.42 -10.69 -52.66
CA GLU R 31 -50.09 -9.68 -51.87
C GLU R 31 -50.18 -10.15 -50.42
N HIS R 32 -50.66 -11.37 -50.24
CA HIS R 32 -50.81 -11.94 -48.90
C HIS R 32 -49.47 -12.04 -48.16
N PHE R 33 -48.38 -12.12 -48.91
CA PHE R 33 -47.05 -12.25 -48.32
C PHE R 33 -46.93 -11.54 -46.99
N MET R 34 -46.59 -10.26 -47.07
CA MET R 34 -46.39 -9.45 -45.90
C MET R 34 -47.31 -9.87 -44.76
N PRO R 35 -48.63 -9.70 -44.92
CA PRO R 35 -49.57 -10.08 -43.86
C PRO R 35 -49.17 -11.38 -43.15
N ILE R 36 -49.04 -12.46 -43.93
CA ILE R 36 -48.66 -13.74 -43.36
C ILE R 36 -47.38 -13.62 -42.58
N LEU R 37 -46.36 -13.14 -43.27
CA LEU R 37 -45.08 -12.97 -42.66
C LEU R 37 -45.31 -12.55 -41.22
N MET R 38 -45.67 -11.29 -41.04
CA MET R 38 -45.91 -10.76 -39.71
C MET R 38 -46.51 -11.78 -38.72
N GLU R 39 -47.72 -12.29 -39.01
CA GLU R 39 -48.35 -13.26 -38.10
C GLU R 39 -47.44 -14.42 -37.70
N LYS R 40 -46.77 -15.00 -38.67
CA LYS R 40 -45.89 -16.12 -38.39
C LYS R 40 -44.68 -15.66 -37.57
N GLU R 41 -44.55 -14.35 -37.37
CA GLU R 41 -43.46 -13.84 -36.53
C GLU R 41 -44.00 -13.69 -35.12
N GLU R 42 -45.31 -13.57 -35.03
CA GLU R 42 -45.98 -13.46 -33.74
C GLU R 42 -45.86 -14.80 -33.06
N GLU R 43 -45.94 -15.85 -33.88
CA GLU R 43 -45.82 -17.21 -33.39
C GLU R 43 -44.33 -17.55 -33.22
N GLY R 44 -43.44 -16.58 -33.49
CA GLY R 44 -42.01 -16.81 -33.36
C GLY R 44 -41.52 -17.83 -34.39
N MET R 45 -42.44 -18.69 -34.81
CA MET R 45 -42.21 -19.75 -35.80
C MET R 45 -42.00 -19.04 -37.14
N LEU R 46 -40.98 -18.20 -37.15
CA LEU R 46 -40.56 -17.37 -38.27
C LEU R 46 -39.69 -18.21 -39.19
N SER R 47 -40.26 -18.69 -40.29
CA SER R 47 -39.54 -19.55 -41.24
C SER R 47 -39.35 -18.94 -42.63
N PRO R 48 -38.17 -19.12 -43.26
CA PRO R 48 -37.93 -18.57 -44.59
C PRO R 48 -38.75 -19.27 -45.67
N ILE R 49 -39.74 -20.04 -45.25
CA ILE R 49 -40.63 -20.79 -46.14
C ILE R 49 -42.07 -20.61 -45.63
N LEU R 50 -42.78 -19.65 -46.18
CA LEU R 50 -44.14 -19.40 -45.71
C LEU R 50 -45.22 -20.15 -46.46
N ALA R 51 -46.35 -20.30 -45.78
CA ALA R 51 -47.48 -21.03 -46.33
C ALA R 51 -48.80 -20.27 -46.50
N HIS R 52 -49.43 -20.50 -47.64
CA HIS R 52 -50.73 -19.91 -47.95
C HIS R 52 -51.46 -20.80 -48.94
N GLY R 53 -52.48 -21.49 -48.45
CA GLY R 53 -53.28 -22.37 -49.30
C GLY R 53 -52.57 -23.44 -50.12
N GLY R 54 -51.28 -23.64 -49.88
CA GLY R 54 -50.54 -24.62 -50.64
C GLY R 54 -49.66 -23.89 -51.64
N VAL R 55 -49.21 -22.72 -51.22
CA VAL R 55 -48.33 -21.88 -52.00
C VAL R 55 -47.20 -21.48 -51.08
N ARG R 56 -45.99 -21.86 -51.45
CA ARG R 56 -44.85 -21.60 -50.61
C ARG R 56 -44.06 -20.37 -51.04
N PHE R 57 -43.39 -19.75 -50.08
CA PHE R 57 -42.61 -18.56 -50.34
C PHE R 57 -41.20 -18.62 -49.84
N MET R 58 -40.25 -18.55 -50.76
CA MET R 58 -38.86 -18.56 -50.37
C MET R 58 -38.42 -17.12 -50.43
N TRP R 59 -37.85 -16.61 -49.35
CA TRP R 59 -37.42 -15.21 -49.36
C TRP R 59 -36.11 -14.92 -48.67
N ILE R 60 -35.62 -13.72 -48.93
CA ILE R 60 -34.37 -13.26 -48.36
C ILE R 60 -34.44 -11.76 -48.28
N LYS R 61 -34.17 -11.21 -47.11
CA LYS R 61 -34.22 -9.77 -47.00
C LYS R 61 -32.82 -9.22 -47.13
N HIS R 62 -32.69 -8.23 -47.98
CA HIS R 62 -31.42 -7.54 -48.21
C HIS R 62 -31.76 -6.09 -47.96
N ASN R 63 -30.84 -5.33 -47.40
CA ASN R 63 -31.07 -3.92 -47.12
C ASN R 63 -32.31 -3.37 -47.77
N ASN R 64 -33.38 -3.12 -47.04
CA ASN R 64 -34.48 -2.44 -47.72
C ASN R 64 -35.26 -3.20 -48.79
N LEU R 65 -34.96 -4.46 -49.04
CA LEU R 65 -35.67 -5.16 -50.11
C LEU R 65 -35.92 -6.64 -49.91
N TYR R 66 -37.18 -7.04 -49.88
CA TYR R 66 -37.49 -8.45 -49.72
C TYR R 66 -37.43 -9.05 -51.09
N LEU R 67 -36.76 -10.18 -51.20
CA LEU R 67 -36.63 -10.87 -52.46
C LEU R 67 -37.39 -12.16 -52.31
N VAL R 68 -38.22 -12.51 -53.27
CA VAL R 68 -38.99 -13.72 -53.10
C VAL R 68 -39.27 -14.63 -54.26
N ALA R 69 -39.47 -15.92 -53.95
CA ALA R 69 -39.76 -16.95 -54.93
C ALA R 69 -41.09 -17.62 -54.64
N THR R 70 -41.63 -18.30 -55.64
CA THR R 70 -42.94 -18.93 -55.51
C THR R 70 -43.06 -20.27 -56.22
N SER R 71 -43.82 -21.19 -55.65
CA SER R 71 -44.01 -22.50 -56.27
C SER R 71 -45.23 -23.22 -55.75
N LYS R 72 -45.88 -23.99 -56.62
CA LYS R 72 -47.07 -24.73 -56.22
C LYS R 72 -46.60 -26.16 -55.96
N LYS R 73 -45.64 -26.60 -56.77
CA LYS R 73 -45.07 -27.94 -56.66
C LYS R 73 -44.07 -28.04 -55.53
N ASN R 74 -43.49 -29.23 -55.36
CA ASN R 74 -42.48 -29.47 -54.32
C ASN R 74 -41.11 -29.01 -54.83
N ALA R 75 -40.72 -27.81 -54.42
CA ALA R 75 -39.46 -27.23 -54.86
C ALA R 75 -38.19 -27.85 -54.31
N CYS R 76 -37.09 -27.50 -54.99
CA CYS R 76 -35.76 -27.97 -54.66
C CYS R 76 -35.13 -26.82 -53.88
N VAL R 77 -35.85 -26.37 -52.86
CA VAL R 77 -35.43 -25.27 -52.01
C VAL R 77 -33.96 -24.90 -52.16
N SER R 78 -33.10 -25.75 -51.63
CA SER R 78 -31.66 -25.56 -51.68
C SER R 78 -31.34 -24.63 -52.82
N LEU R 79 -31.86 -24.98 -53.98
CA LEU R 79 -31.65 -24.18 -55.19
C LEU R 79 -32.06 -22.76 -54.93
N VAL R 80 -33.35 -22.59 -55.18
CA VAL R 80 -34.04 -21.35 -55.04
C VAL R 80 -33.24 -20.47 -54.13
N PHE R 81 -33.07 -20.92 -52.89
CA PHE R 81 -32.32 -20.13 -51.95
C PHE R 81 -30.96 -19.72 -52.51
N SER R 82 -30.13 -20.69 -52.90
CA SER R 82 -28.82 -20.36 -53.46
C SER R 82 -29.00 -19.32 -54.54
N PHE R 83 -29.78 -19.71 -55.54
CA PHE R 83 -30.08 -18.87 -56.68
C PHE R 83 -30.40 -17.44 -56.25
N LEU R 84 -31.53 -17.28 -55.55
CA LEU R 84 -31.94 -15.96 -55.11
C LEU R 84 -30.72 -15.20 -54.65
N TYR R 85 -30.15 -15.67 -53.55
CA TYR R 85 -28.98 -15.02 -53.00
C TYR R 85 -28.04 -14.62 -54.15
N LYS R 86 -27.75 -15.55 -55.04
CA LYS R 86 -26.88 -15.24 -56.17
C LYS R 86 -27.43 -14.01 -56.87
N VAL R 87 -28.72 -14.05 -57.17
CA VAL R 87 -29.37 -12.93 -57.82
C VAL R 87 -28.85 -11.62 -57.25
N VAL R 88 -28.86 -11.52 -55.93
CA VAL R 88 -28.35 -10.31 -55.31
C VAL R 88 -26.98 -10.13 -55.92
N GLN R 89 -26.10 -11.06 -55.57
CA GLN R 89 -24.72 -11.08 -56.04
C GLN R 89 -24.61 -10.30 -57.36
N VAL R 90 -25.34 -10.77 -58.36
CA VAL R 90 -25.34 -10.16 -59.68
C VAL R 90 -25.64 -8.67 -59.63
N PHE R 91 -26.85 -8.34 -59.22
CA PHE R 91 -27.25 -6.95 -59.14
C PHE R 91 -26.23 -6.08 -58.44
N SER R 92 -26.07 -6.32 -57.15
CA SER R 92 -25.14 -5.56 -56.33
C SER R 92 -23.89 -5.25 -57.10
N GLU R 93 -23.54 -6.17 -58.00
CA GLU R 93 -22.36 -5.99 -58.80
C GLU R 93 -22.59 -4.97 -59.91
N TYR R 94 -23.76 -5.04 -60.56
CA TYR R 94 -24.10 -4.15 -61.67
C TYR R 94 -24.24 -2.69 -61.36
N PHE R 95 -24.64 -2.42 -60.13
CA PHE R 95 -24.80 -1.09 -59.60
C PHE R 95 -24.45 -1.30 -58.14
N LYS R 96 -23.83 -0.31 -57.52
CA LYS R 96 -23.38 -0.46 -56.13
C LYS R 96 -24.20 -1.29 -55.16
N GLU R 97 -25.36 -0.79 -54.71
CA GLU R 97 -26.14 -1.56 -53.75
C GLU R 97 -27.62 -1.68 -54.05
N LEU R 98 -28.21 -2.79 -53.60
CA LEU R 98 -29.62 -3.02 -53.80
C LEU R 98 -30.28 -2.04 -52.90
N GLU R 99 -31.46 -1.60 -53.29
CA GLU R 99 -32.23 -0.65 -52.51
C GLU R 99 -33.37 -0.31 -53.44
N GLU R 100 -34.51 -0.01 -52.84
CA GLU R 100 -35.67 0.36 -53.62
C GLU R 100 -35.07 1.21 -54.73
N GLU R 101 -34.59 2.37 -54.33
CA GLU R 101 -33.98 3.31 -55.27
C GLU R 101 -33.29 2.59 -56.42
N SER R 102 -32.29 1.78 -56.11
CA SER R 102 -31.56 1.07 -57.15
C SER R 102 -32.47 0.48 -58.18
N ILE R 103 -33.30 -0.44 -57.72
CA ILE R 103 -34.23 -1.11 -58.60
C ILE R 103 -35.05 -0.08 -59.34
N ARG R 104 -35.67 0.82 -58.58
CA ARG R 104 -36.52 1.87 -59.15
C ARG R 104 -35.86 2.48 -60.37
N ASP R 105 -34.54 2.37 -60.45
CA ASP R 105 -33.85 2.94 -61.57
C ASP R 105 -33.69 1.98 -62.72
N ASN R 106 -32.84 0.99 -62.50
CA ASN R 106 -32.52 0.04 -63.53
C ASN R 106 -33.57 -0.96 -63.97
N PHE R 107 -34.83 -0.66 -63.71
CA PHE R 107 -35.90 -1.56 -64.11
C PHE R 107 -35.56 -2.36 -65.32
N VAL R 108 -35.64 -1.68 -66.45
CA VAL R 108 -35.37 -2.31 -67.71
C VAL R 108 -34.35 -3.43 -67.60
N ILE R 109 -33.07 -3.08 -67.49
CA ILE R 109 -32.02 -4.11 -67.41
C ILE R 109 -32.43 -5.27 -66.56
N ILE R 110 -32.98 -4.98 -65.39
CA ILE R 110 -33.42 -6.05 -64.52
C ILE R 110 -34.31 -6.99 -65.31
N TYR R 111 -35.31 -6.45 -65.99
CA TYR R 111 -36.17 -7.31 -66.77
C TYR R 111 -35.30 -8.19 -67.65
N GLU R 112 -34.27 -7.59 -68.25
CA GLU R 112 -33.37 -8.34 -69.09
C GLU R 112 -32.71 -9.40 -68.25
N LEU R 113 -31.77 -8.95 -67.43
CA LEU R 113 -31.04 -9.82 -66.54
C LEU R 113 -31.93 -10.96 -66.15
N LEU R 114 -33.01 -10.66 -65.43
CA LEU R 114 -33.93 -11.69 -65.01
C LEU R 114 -34.15 -12.73 -66.08
N ASP R 115 -34.63 -12.29 -67.24
CA ASP R 115 -34.87 -13.22 -68.30
C ASP R 115 -33.71 -14.14 -68.55
N GLU R 116 -32.51 -13.58 -68.67
CA GLU R 116 -31.35 -14.42 -68.96
C GLU R 116 -30.79 -15.24 -67.78
N LEU R 117 -31.25 -14.95 -66.56
CA LEU R 117 -30.82 -15.69 -65.35
C LEU R 117 -31.47 -17.04 -65.28
N MET R 118 -32.71 -17.13 -65.73
CA MET R 118 -33.38 -18.41 -65.69
C MET R 118 -34.50 -18.44 -66.69
N ASP R 119 -35.17 -19.59 -66.79
CA ASP R 119 -36.28 -19.72 -67.71
C ASP R 119 -37.29 -20.75 -67.23
N PHE R 120 -38.58 -20.42 -67.35
CA PHE R 120 -39.63 -21.34 -66.95
C PHE R 120 -39.41 -21.98 -65.59
N GLY R 121 -38.43 -21.43 -64.87
CA GLY R 121 -38.09 -21.95 -63.56
C GLY R 121 -36.64 -22.31 -63.59
N TYR R 122 -36.37 -23.49 -64.12
CA TYR R 122 -34.99 -23.94 -64.22
C TYR R 122 -34.11 -22.79 -64.65
N PRO R 123 -33.09 -22.50 -63.86
CA PRO R 123 -32.21 -21.39 -64.22
C PRO R 123 -31.11 -21.70 -65.21
N GLN R 124 -31.26 -21.26 -66.45
CA GLN R 124 -30.18 -21.48 -67.38
C GLN R 124 -29.09 -20.66 -66.71
N THR R 125 -28.06 -21.35 -66.24
CA THR R 125 -26.90 -20.76 -65.54
C THR R 125 -26.62 -19.28 -65.73
N THR R 126 -26.01 -18.71 -64.70
CA THR R 126 -25.61 -17.33 -64.76
C THR R 126 -24.65 -16.85 -63.67
N ASP R 127 -23.66 -16.14 -64.19
CA ASP R 127 -22.56 -15.54 -63.46
C ASP R 127 -22.28 -14.25 -64.25
N SER R 128 -21.78 -13.22 -63.57
CA SER R 128 -21.49 -11.91 -64.19
C SER R 128 -20.80 -11.87 -65.59
N LYS R 129 -19.48 -12.02 -65.62
CA LYS R 129 -18.72 -11.99 -66.89
C LYS R 129 -19.34 -12.94 -67.94
N ILE R 130 -19.68 -14.14 -67.48
CA ILE R 130 -20.30 -15.19 -68.29
C ILE R 130 -21.65 -14.71 -68.79
N LEU R 131 -21.91 -13.41 -68.67
CA LEU R 131 -23.21 -12.88 -69.04
C LEU R 131 -23.18 -11.58 -69.82
N GLN R 132 -22.46 -10.59 -69.31
CA GLN R 132 -22.33 -9.24 -69.90
C GLN R 132 -22.45 -9.17 -71.42
N GLU R 133 -22.39 -10.34 -72.05
CA GLU R 133 -22.52 -10.49 -73.49
C GLU R 133 -23.99 -10.65 -73.86
N PHE R 134 -24.76 -11.30 -73.00
CA PHE R 134 -26.18 -11.48 -73.25
C PHE R 134 -27.02 -10.25 -72.90
N ILE R 135 -26.42 -9.29 -72.20
CA ILE R 135 -27.13 -8.08 -71.78
C ILE R 135 -26.99 -6.84 -72.68
N THR R 136 -28.14 -6.30 -73.09
CA THR R 136 -28.19 -5.13 -73.98
C THR R 136 -27.45 -3.92 -73.43
N GLN R 137 -28.07 -3.14 -72.57
CA GLN R 137 -27.34 -2.01 -72.07
C GLN R 137 -26.98 -2.09 -70.60
N GLU R 138 -26.01 -1.25 -70.31
CA GLU R 138 -25.41 -1.06 -69.00
C GLU R 138 -26.41 -0.34 -68.11
N GLY R 139 -26.33 -0.61 -66.81
CA GLY R 139 -27.22 0.02 -65.87
C GLY R 139 -26.55 1.13 -65.10
N HIS R 140 -27.33 1.81 -64.28
CA HIS R 140 -26.79 2.90 -63.49
C HIS R 140 -26.50 2.43 -62.10
N LYS R 141 -25.29 2.73 -61.66
CA LYS R 141 -24.85 2.35 -60.35
C LYS R 141 -25.36 3.42 -59.37
N LEU R 142 -25.03 3.29 -58.09
CA LEU R 142 -25.45 4.25 -57.06
C LEU R 142 -24.69 4.08 -55.73
N GLU R 143 -23.47 4.60 -55.66
CA GLU R 143 -22.64 4.49 -54.44
C GLU R 143 -23.03 5.61 -53.50
N THR R 144 -23.18 5.29 -52.23
CA THR R 144 -23.64 6.30 -51.29
C THR R 144 -23.01 6.21 -49.90
N GLY R 145 -23.46 7.10 -49.01
CA GLY R 145 -22.98 7.17 -47.64
C GLY R 145 -23.78 8.23 -46.88
N VAL R 157 -13.52 8.48 -20.68
CA VAL R 157 -14.93 8.15 -20.46
C VAL R 157 -15.61 9.15 -19.54
N SER R 158 -15.09 9.20 -18.31
CA SER R 158 -15.55 10.08 -17.23
C SER R 158 -16.88 9.66 -16.55
N TRP R 159 -17.84 9.10 -17.29
CA TRP R 159 -19.10 8.72 -16.62
C TRP R 159 -19.11 7.44 -15.83
N ARG R 160 -18.09 6.63 -16.06
CA ARG R 160 -17.90 5.41 -15.29
C ARG R 160 -16.52 5.62 -14.69
N SER R 161 -16.46 5.80 -13.37
CA SER R 161 -15.18 5.95 -12.72
C SER R 161 -14.46 4.60 -12.97
N GLU R 162 -13.35 4.34 -12.29
CA GLU R 162 -12.71 3.07 -12.56
C GLU R 162 -12.57 2.12 -11.39
N GLY R 163 -12.22 0.88 -11.73
CA GLY R 163 -12.06 -0.15 -10.73
C GLY R 163 -13.35 -0.34 -9.94
N ILE R 164 -14.44 -0.64 -10.64
CA ILE R 164 -15.70 -0.86 -9.94
C ILE R 164 -15.76 -2.35 -9.54
N LYS R 165 -16.55 -2.63 -8.49
CA LYS R 165 -16.73 -3.95 -7.89
C LYS R 165 -18.13 -4.60 -7.93
N TYR R 166 -18.19 -5.60 -7.05
CA TYR R 166 -19.24 -6.55 -6.67
C TYR R 166 -19.39 -7.91 -7.35
N ARG R 167 -18.84 -8.81 -6.53
CA ARG R 167 -18.77 -10.23 -6.68
C ARG R 167 -19.61 -10.80 -7.82
N LYS R 168 -20.91 -10.62 -7.74
CA LYS R 168 -21.79 -11.13 -8.78
C LYS R 168 -22.01 -10.10 -9.89
N ASN R 169 -21.53 -10.43 -11.09
CA ASN R 169 -21.69 -9.56 -12.25
C ASN R 169 -23.09 -9.74 -12.79
N GLU R 170 -23.85 -8.65 -12.86
CA GLU R 170 -25.18 -8.78 -13.42
C GLU R 170 -25.67 -7.55 -14.16
N VAL R 171 -26.70 -7.76 -14.96
CA VAL R 171 -27.24 -6.72 -15.79
C VAL R 171 -28.72 -6.79 -15.95
N PHE R 172 -29.33 -5.62 -16.03
CA PHE R 172 -30.77 -5.53 -16.22
C PHE R 172 -31.03 -4.60 -17.39
N LEU R 173 -31.69 -5.12 -18.41
CA LEU R 173 -31.99 -4.33 -19.59
C LEU R 173 -33.46 -4.42 -19.88
N ASP R 174 -34.16 -3.32 -19.66
CA ASP R 174 -35.59 -3.29 -19.83
C ASP R 174 -36.05 -2.28 -20.85
N VAL R 175 -36.83 -2.72 -21.82
CA VAL R 175 -37.35 -1.83 -22.81
C VAL R 175 -38.82 -1.75 -22.55
N ILE R 176 -39.35 -0.54 -22.59
CA ILE R 176 -40.74 -0.35 -22.32
C ILE R 176 -41.37 0.58 -23.32
N GLU R 177 -42.63 0.32 -23.66
CA GLU R 177 -43.34 1.12 -24.61
C GLU R 177 -44.78 1.36 -24.17
N ALA R 178 -45.15 2.62 -24.09
CA ALA R 178 -46.49 3.00 -23.71
C ALA R 178 -47.15 3.40 -25.01
N VAL R 179 -48.46 3.26 -25.12
CA VAL R 179 -49.17 3.54 -26.36
C VAL R 179 -50.24 4.62 -26.34
N ASN R 180 -49.95 5.86 -26.70
CA ASN R 180 -51.03 6.84 -26.66
C ASN R 180 -51.93 6.75 -27.87
N LEU R 181 -53.23 6.61 -27.63
CA LEU R 181 -54.24 6.48 -28.70
C LEU R 181 -55.55 7.15 -28.46
N LEU R 182 -56.26 7.46 -29.55
CA LEU R 182 -57.57 8.07 -29.48
C LEU R 182 -58.45 7.58 -30.58
N VAL R 183 -59.63 7.11 -30.23
CA VAL R 183 -60.55 6.62 -31.24
C VAL R 183 -61.95 6.98 -30.87
N SER R 184 -62.68 7.53 -31.83
CA SER R 184 -64.06 7.89 -31.54
C SER R 184 -64.94 6.79 -32.05
N ALA R 185 -66.18 6.79 -31.57
CA ALA R 185 -67.15 5.81 -31.96
C ALA R 185 -66.89 5.44 -33.43
N ASN R 186 -66.59 6.44 -34.25
CA ASN R 186 -66.31 6.21 -35.65
C ASN R 186 -65.18 5.20 -35.80
N GLY R 187 -65.01 4.36 -34.79
CA GLY R 187 -63.98 3.33 -34.78
C GLY R 187 -62.74 3.62 -35.60
N ASN R 188 -62.25 4.84 -35.54
CA ASN R 188 -61.05 5.17 -36.29
C ASN R 188 -59.90 5.52 -35.39
N VAL R 189 -58.72 5.25 -35.87
CA VAL R 189 -57.53 5.59 -35.13
C VAL R 189 -57.36 7.09 -35.36
N LEU R 190 -57.15 7.86 -34.29
CA LEU R 190 -56.98 9.30 -34.44
C LEU R 190 -55.55 9.70 -34.21
N ARG R 191 -55.00 9.17 -33.12
CA ARG R 191 -53.62 9.44 -32.75
C ARG R 191 -52.91 8.16 -32.49
N SER R 192 -51.78 7.99 -33.16
CA SER R 192 -51.02 6.78 -32.96
C SER R 192 -49.62 7.12 -32.51
N GLU R 193 -49.40 7.00 -31.21
CA GLU R 193 -48.09 7.29 -30.64
C GLU R 193 -47.67 6.25 -29.64
N ILE R 194 -46.41 5.84 -29.73
CA ILE R 194 -45.83 4.88 -28.81
C ILE R 194 -44.45 5.36 -28.47
N VAL R 195 -44.25 5.74 -27.22
CA VAL R 195 -42.97 6.24 -26.81
C VAL R 195 -42.20 5.06 -26.26
N GLY R 196 -40.95 4.93 -26.69
CA GLY R 196 -40.15 3.82 -26.23
C GLY R 196 -39.01 4.22 -25.34
N SER R 197 -38.49 3.27 -24.58
CA SER R 197 -37.39 3.55 -23.69
C SER R 197 -36.60 2.33 -23.35
N ILE R 198 -35.29 2.41 -23.52
CA ILE R 198 -34.44 1.30 -23.18
C ILE R 198 -33.72 1.66 -21.92
N LYS R 199 -34.39 1.59 -20.80
CA LYS R 199 -33.71 1.87 -19.57
C LYS R 199 -32.86 0.62 -19.34
N MET R 200 -31.72 0.78 -18.66
CA MET R 200 -30.81 -0.32 -18.36
C MET R 200 -30.27 -0.15 -16.96
N ARG R 201 -29.94 -1.28 -16.34
CA ARG R 201 -29.45 -1.30 -14.99
C ARG R 201 -28.25 -2.24 -14.89
N VAL R 202 -27.10 -1.77 -14.38
CA VAL R 202 -25.93 -2.64 -14.31
C VAL R 202 -24.98 -2.50 -13.11
N PHE R 203 -24.31 -3.60 -12.77
CA PHE R 203 -23.32 -3.58 -11.70
C PHE R 203 -22.31 -4.62 -12.09
N LEU R 204 -21.59 -4.27 -13.14
CA LEU R 204 -20.55 -5.10 -13.68
C LEU R 204 -19.27 -4.69 -13.02
N SER R 205 -18.22 -5.48 -13.25
CA SER R 205 -16.94 -5.22 -12.63
C SER R 205 -15.88 -4.75 -13.62
N GLY R 206 -15.21 -3.65 -13.27
CA GLY R 206 -14.14 -3.10 -14.11
C GLY R 206 -14.44 -2.07 -15.18
N MET R 207 -14.24 -2.48 -16.43
CA MET R 207 -14.49 -1.66 -17.63
C MET R 207 -14.83 -2.59 -18.78
N PRO R 208 -16.08 -3.04 -18.86
CA PRO R 208 -16.48 -3.96 -19.94
C PRO R 208 -17.17 -3.33 -21.17
N GLU R 209 -16.65 -3.65 -22.36
CA GLU R 209 -17.25 -3.14 -23.61
C GLU R 209 -18.44 -4.06 -23.90
N LEU R 210 -19.59 -3.42 -24.01
CA LEU R 210 -20.85 -4.10 -24.21
C LEU R 210 -21.31 -4.00 -25.66
N ARG R 211 -21.63 -5.14 -26.28
CA ARG R 211 -22.11 -5.15 -27.67
C ARG R 211 -23.56 -5.65 -27.72
N LEU R 212 -24.44 -4.77 -28.20
CA LEU R 212 -25.87 -5.05 -28.29
C LEU R 212 -26.40 -5.14 -29.71
N GLY R 213 -26.92 -6.30 -30.06
CA GLY R 213 -27.47 -6.49 -31.39
C GLY R 213 -28.95 -6.19 -31.34
N LEU R 214 -29.47 -5.72 -32.45
CA LEU R 214 -30.88 -5.41 -32.45
C LEU R 214 -31.73 -6.00 -33.52
N ASN R 215 -33.01 -5.87 -33.25
CA ASN R 215 -34.03 -6.32 -34.15
C ASN R 215 -33.81 -5.38 -35.32
N ASP R 216 -34.51 -5.60 -36.41
CA ASP R 216 -34.36 -4.70 -37.54
C ASP R 216 -35.36 -3.56 -37.45
N LYS R 217 -36.57 -3.79 -37.95
CA LYS R 217 -37.61 -2.78 -38.01
C LYS R 217 -37.36 -1.35 -37.45
N VAL R 218 -36.71 -1.19 -36.31
CA VAL R 218 -36.43 0.17 -35.82
C VAL R 218 -34.97 0.62 -35.90
N GLU R 232 -41.17 8.00 -40.84
CA GLU R 232 -42.27 7.58 -39.97
C GLU R 232 -41.95 7.79 -38.51
N LEU R 233 -40.66 7.71 -38.20
CA LEU R 233 -40.16 7.84 -36.85
C LEU R 233 -39.80 9.27 -36.50
N GLU R 234 -40.43 9.79 -35.46
CA GLU R 234 -40.21 11.17 -35.01
C GLU R 234 -38.80 11.39 -34.48
N ASP R 235 -38.57 11.01 -33.23
CA ASP R 235 -37.25 11.23 -32.67
C ASP R 235 -36.55 10.05 -32.03
N VAL R 236 -35.23 10.12 -32.04
CA VAL R 236 -34.36 9.07 -31.52
C VAL R 236 -33.15 9.67 -30.85
N LYS R 237 -32.96 9.36 -29.58
CA LYS R 237 -31.81 9.88 -28.88
C LYS R 237 -31.11 8.80 -28.10
N PHE R 238 -29.81 8.72 -28.27
CA PHE R 238 -29.04 7.73 -27.55
C PHE R 238 -28.36 8.42 -26.40
N HIS R 239 -27.49 7.67 -25.76
CA HIS R 239 -26.71 8.18 -24.65
C HIS R 239 -25.31 8.22 -25.21
N GLN R 240 -24.72 9.40 -25.22
CA GLN R 240 -23.39 9.60 -25.75
C GLN R 240 -22.53 8.34 -25.80
N CYS R 241 -22.49 7.60 -24.69
CA CYS R 241 -21.70 6.39 -24.61
C CYS R 241 -22.00 5.30 -25.65
N VAL R 242 -22.66 5.67 -26.74
CA VAL R 242 -23.00 4.70 -27.77
C VAL R 242 -22.30 4.97 -29.07
N ARG R 243 -22.10 3.90 -29.83
CA ARG R 243 -21.49 4.04 -31.14
C ARG R 243 -22.25 3.10 -32.10
N LEU R 244 -22.54 3.63 -33.29
CA LEU R 244 -23.27 2.93 -34.33
C LEU R 244 -22.26 2.03 -35.09
N SER R 245 -22.36 0.72 -34.86
CA SER R 245 -21.47 -0.31 -35.46
C SER R 245 -21.30 -0.21 -36.98
N ARG R 246 -20.06 0.21 -37.30
CA ARG R 246 -19.45 0.46 -38.61
C ARG R 246 -20.35 0.85 -39.79
N PHE R 247 -20.49 2.18 -39.90
CA PHE R 247 -21.26 2.87 -40.93
C PHE R 247 -22.70 2.37 -41.17
N GLU R 248 -22.76 1.49 -42.18
CA GLU R 248 -24.01 0.97 -42.72
C GLU R 248 -24.80 -0.26 -42.25
N ASN R 249 -26.09 -0.05 -42.54
CA ASN R 249 -27.32 -0.87 -42.35
C ASN R 249 -27.40 -2.00 -41.35
N ASP R 250 -26.26 -2.61 -40.98
CA ASP R 250 -26.30 -3.68 -40.00
C ASP R 250 -26.25 -3.17 -38.53
N ARG R 251 -27.43 -3.32 -37.90
CA ARG R 251 -27.73 -2.91 -36.54
C ARG R 251 -26.95 -3.63 -35.43
N THR R 252 -26.02 -2.90 -34.83
CA THR R 252 -25.22 -3.39 -33.72
C THR R 252 -25.04 -2.11 -32.89
N ILE R 253 -25.23 -2.24 -31.58
CA ILE R 253 -25.10 -1.10 -30.65
C ILE R 253 -24.05 -1.38 -29.59
N SER R 254 -22.81 -1.05 -29.92
CA SER R 254 -21.69 -1.21 -29.00
C SER R 254 -21.59 0.05 -28.14
N PHE R 255 -21.04 -0.09 -26.94
CA PHE R 255 -20.92 1.04 -26.02
C PHE R 255 -20.46 0.57 -24.63
N ILE R 256 -20.03 1.52 -23.79
CA ILE R 256 -19.63 1.22 -22.39
C ILE R 256 -20.50 2.06 -21.42
N PRO R 257 -21.36 1.36 -20.66
CA PRO R 257 -22.35 1.80 -19.65
C PRO R 257 -21.83 2.36 -18.36
N PRO R 258 -22.55 3.32 -17.75
CA PRO R 258 -22.07 3.84 -16.47
C PRO R 258 -22.31 2.75 -15.48
N ASP R 259 -22.31 3.15 -14.21
CA ASP R 259 -22.61 2.19 -13.19
C ASP R 259 -23.99 2.47 -12.68
N GLY R 260 -24.73 1.39 -12.45
CA GLY R 260 -26.06 1.53 -11.93
C GLY R 260 -27.09 1.65 -13.02
N GLU R 261 -28.08 2.50 -12.78
CA GLU R 261 -29.14 2.68 -13.73
C GLU R 261 -28.95 3.90 -14.58
N PHE R 262 -29.49 3.84 -15.80
CA PHE R 262 -29.37 4.93 -16.74
C PHE R 262 -30.16 4.52 -17.96
N GLU R 263 -30.48 5.49 -18.78
CA GLU R 263 -31.25 5.27 -19.99
C GLU R 263 -30.40 5.16 -21.23
N LEU R 264 -30.27 3.92 -21.67
CA LEU R 264 -29.49 3.64 -22.84
C LEU R 264 -30.04 4.34 -24.05
N MET R 265 -31.35 4.47 -24.16
CA MET R 265 -31.90 5.11 -25.35
C MET R 265 -33.41 5.36 -25.33
N SER R 266 -33.86 6.37 -26.06
CA SER R 266 -35.29 6.73 -26.12
C SER R 266 -35.77 6.96 -27.54
N TYR R 267 -37.08 7.15 -27.72
CA TYR R 267 -37.64 7.35 -29.06
C TYR R 267 -39.16 7.35 -29.16
N ARG R 268 -39.68 8.02 -30.19
CA ARG R 268 -41.13 8.16 -30.46
C ARG R 268 -41.51 7.71 -31.89
N LEU R 269 -42.58 6.92 -32.02
CA LEU R 269 -43.02 6.47 -33.35
C LEU R 269 -44.44 6.87 -33.66
N ASN R 270 -44.71 7.01 -34.95
CA ASN R 270 -46.01 7.43 -35.43
C ASN R 270 -46.59 6.31 -36.31
N THR R 271 -47.43 5.42 -35.76
CA THR R 271 -47.99 4.32 -36.55
C THR R 271 -49.34 3.67 -36.20
N HIS R 272 -50.25 3.62 -37.17
CA HIS R 272 -51.58 3.03 -36.98
C HIS R 272 -51.48 1.71 -36.26
N VAL R 273 -51.68 1.74 -34.95
CA VAL R 273 -51.62 0.52 -34.20
C VAL R 273 -53.03 0.08 -33.86
N LYS R 274 -53.51 -0.95 -34.55
CA LYS R 274 -54.84 -1.44 -34.29
C LYS R 274 -54.96 -1.48 -32.79
N PRO R 275 -55.88 -0.67 -32.25
CA PRO R 275 -56.14 -0.56 -30.82
C PRO R 275 -55.95 -1.87 -30.12
N LEU R 276 -54.88 -1.96 -29.37
CA LEU R 276 -54.56 -3.16 -28.62
C LEU R 276 -55.78 -3.71 -27.90
N ILE R 277 -56.39 -2.89 -27.07
CA ILE R 277 -57.56 -3.31 -26.32
C ILE R 277 -58.77 -2.48 -26.60
N TRP R 278 -59.53 -2.88 -27.60
CA TRP R 278 -60.72 -2.16 -28.00
C TRP R 278 -61.81 -2.31 -26.99
N ILE R 279 -62.85 -1.52 -27.18
CA ILE R 279 -64.03 -1.54 -26.35
C ILE R 279 -65.09 -0.75 -27.07
N GLU R 280 -66.34 -0.92 -26.63
CA GLU R 280 -67.47 -0.21 -27.20
C GLU R 280 -68.68 -0.50 -26.32
N SER R 281 -69.42 0.55 -26.01
CA SER R 281 -70.58 0.40 -25.16
C SER R 281 -71.87 0.65 -25.86
N VAL R 282 -72.82 -0.26 -25.67
CA VAL R 282 -74.12 -0.10 -26.28
C VAL R 282 -75.07 0.32 -25.18
N ILE R 283 -76.07 1.10 -25.55
CA ILE R 283 -77.00 1.62 -24.57
C ILE R 283 -78.44 1.16 -24.76
N GLU R 284 -79.23 1.19 -23.67
CA GLU R 284 -80.66 0.78 -23.68
C GLU R 284 -81.53 1.23 -22.45
N LYS R 285 -82.22 2.38 -22.56
CA LYS R 285 -83.03 3.00 -21.48
C LYS R 285 -84.55 3.33 -21.66
N HIS R 286 -85.27 3.44 -20.53
CA HIS R 286 -86.71 3.81 -20.40
C HIS R 286 -87.56 2.98 -19.39
N SER R 287 -88.89 2.93 -19.63
CA SER R 287 -89.94 2.26 -18.82
C SER R 287 -89.90 2.70 -17.34
N HIS R 288 -89.25 1.91 -16.48
CA HIS R 288 -89.11 2.27 -15.05
C HIS R 288 -87.65 2.80 -14.84
N SER R 289 -87.45 4.08 -15.22
CA SER R 289 -86.20 4.88 -15.16
C SER R 289 -84.88 4.12 -14.91
N ARG R 290 -84.75 3.03 -15.66
CA ARG R 290 -83.58 2.15 -15.62
C ARG R 290 -82.85 2.26 -16.95
N ILE R 291 -81.57 1.91 -16.94
CA ILE R 291 -80.72 1.99 -18.11
C ILE R 291 -79.72 0.83 -18.13
N GLU R 292 -79.53 0.24 -19.32
CA GLU R 292 -78.64 -0.91 -19.53
C GLU R 292 -77.40 -0.68 -20.39
N TYR R 293 -76.25 -1.12 -19.88
CA TYR R 293 -75.00 -0.99 -20.59
C TYR R 293 -74.48 -2.37 -20.95
N MET R 294 -73.83 -2.47 -22.10
CA MET R 294 -73.27 -3.72 -22.57
C MET R 294 -71.93 -3.36 -23.15
N VAL R 295 -70.87 -3.90 -22.57
CA VAL R 295 -69.55 -3.59 -23.04
C VAL R 295 -68.72 -4.77 -23.47
N LYS R 296 -68.36 -4.74 -24.74
CA LYS R 296 -67.52 -5.77 -25.32
C LYS R 296 -66.10 -5.24 -25.18
N ALA R 297 -65.15 -6.14 -24.95
CA ALA R 297 -63.77 -5.74 -24.80
C ALA R 297 -62.92 -6.75 -25.54
N LYS R 298 -62.54 -6.43 -26.76
CA LYS R 298 -61.73 -7.33 -27.56
C LYS R 298 -60.24 -7.15 -27.27
N SER R 299 -59.47 -8.22 -27.44
CA SER R 299 -58.04 -8.17 -27.22
C SER R 299 -57.34 -8.40 -28.53
N GLN R 300 -57.00 -7.32 -29.24
CA GLN R 300 -56.34 -7.46 -30.53
C GLN R 300 -54.84 -7.67 -30.43
N PHE R 301 -54.45 -8.94 -30.36
CA PHE R 301 -53.06 -9.32 -30.24
C PHE R 301 -52.70 -10.62 -30.86
N LYS R 302 -51.41 -10.90 -30.79
CA LYS R 302 -50.91 -12.16 -31.25
C LYS R 302 -51.38 -13.07 -30.10
N ARG R 303 -52.10 -14.13 -30.41
CA ARG R 303 -52.61 -15.01 -29.36
C ARG R 303 -51.59 -15.40 -28.32
N ARG R 304 -50.46 -15.90 -28.80
CA ARG R 304 -49.38 -16.40 -27.96
C ARG R 304 -49.09 -15.74 -26.62
N SER R 305 -49.29 -14.43 -26.49
CA SER R 305 -49.02 -13.80 -25.20
C SER R 305 -50.28 -13.17 -24.63
N THR R 306 -50.16 -12.52 -23.47
CA THR R 306 -51.32 -11.91 -22.81
C THR R 306 -51.02 -10.65 -22.00
N ALA R 307 -52.02 -9.79 -21.81
CA ALA R 307 -51.85 -8.54 -21.06
C ALA R 307 -52.14 -8.72 -19.58
N ASN R 308 -51.50 -7.91 -18.74
CA ASN R 308 -51.66 -8.03 -17.29
C ASN R 308 -52.25 -6.90 -16.49
N ASN R 309 -52.76 -7.27 -15.32
CA ASN R 309 -53.32 -6.32 -14.39
C ASN R 309 -54.09 -5.21 -15.11
N VAL R 310 -54.79 -5.55 -16.19
CA VAL R 310 -55.55 -4.57 -16.96
C VAL R 310 -56.79 -4.08 -16.25
N GLU R 311 -57.15 -2.84 -16.50
CA GLU R 311 -58.32 -2.27 -15.88
C GLU R 311 -59.02 -1.31 -16.78
N ILE R 312 -60.34 -1.35 -16.74
CA ILE R 312 -61.16 -0.50 -17.59
C ILE R 312 -62.00 0.53 -16.86
N HIS R 313 -61.85 1.78 -17.26
CA HIS R 313 -62.58 2.87 -16.64
C HIS R 313 -63.70 3.34 -17.53
N ILE R 314 -64.93 2.97 -17.18
CA ILE R 314 -66.04 3.38 -18.00
C ILE R 314 -66.80 4.53 -17.39
N PRO R 315 -66.89 5.63 -18.14
CA PRO R 315 -67.59 6.84 -17.73
C PRO R 315 -69.05 6.53 -17.68
N VAL R 316 -69.73 7.15 -16.72
CA VAL R 316 -71.14 6.93 -16.55
C VAL R 316 -71.75 8.19 -15.94
N PRO R 317 -73.08 8.31 -16.00
CA PRO R 317 -73.86 9.42 -15.48
C PRO R 317 -73.61 9.81 -14.02
N ASN R 318 -73.29 11.07 -13.80
CA ASN R 318 -73.02 11.60 -12.46
C ASN R 318 -73.95 11.05 -11.39
N ASP R 319 -75.20 10.77 -11.78
CA ASP R 319 -76.19 10.31 -10.81
C ASP R 319 -76.85 8.97 -10.97
N ALA R 320 -76.08 7.94 -10.70
CA ALA R 320 -76.55 6.58 -10.76
C ALA R 320 -77.19 6.37 -9.39
N ASP R 321 -78.01 5.35 -9.27
CA ASP R 321 -78.66 5.05 -8.00
C ASP R 321 -77.92 3.87 -7.34
N SER R 322 -78.10 2.68 -7.91
CA SER R 322 -77.49 1.45 -7.42
C SER R 322 -77.23 0.52 -8.60
N PRO R 323 -76.00 -0.02 -8.69
CA PRO R 323 -75.57 -0.93 -9.75
C PRO R 323 -75.86 -2.40 -9.55
N LYS R 324 -75.64 -3.17 -10.62
CA LYS R 324 -75.83 -4.62 -10.71
C LYS R 324 -74.95 -5.24 -11.83
N PHE R 325 -73.70 -5.53 -11.51
CA PHE R 325 -72.78 -6.09 -12.48
C PHE R 325 -72.81 -7.59 -12.58
N LYS R 326 -72.66 -8.07 -13.79
CA LYS R 326 -72.64 -9.50 -14.03
C LYS R 326 -71.63 -9.78 -15.12
N THR R 327 -70.56 -10.47 -14.77
CA THR R 327 -69.55 -10.77 -15.76
C THR R 327 -68.81 -12.07 -15.61
N THR R 328 -68.54 -12.65 -16.76
CA THR R 328 -67.84 -13.90 -16.89
C THR R 328 -66.45 -13.70 -16.34
N VAL R 329 -65.90 -12.54 -16.68
CA VAL R 329 -64.56 -12.24 -16.30
C VAL R 329 -64.32 -11.08 -15.39
N GLY R 330 -63.20 -11.16 -14.69
CA GLY R 330 -62.82 -10.12 -13.77
C GLY R 330 -63.98 -9.71 -12.88
N SER R 331 -63.73 -8.69 -12.08
CA SER R 331 -64.73 -8.17 -11.18
C SER R 331 -64.86 -6.70 -11.48
N VAL R 332 -66.10 -6.26 -11.59
CA VAL R 332 -66.34 -4.86 -11.87
C VAL R 332 -66.83 -4.26 -10.59
N LYS R 333 -66.61 -2.96 -10.44
CA LYS R 333 -67.05 -2.23 -9.27
C LYS R 333 -67.41 -0.79 -9.65
N TRP R 334 -67.91 -0.01 -8.70
CA TRP R 334 -68.33 1.37 -8.98
C TRP R 334 -67.74 2.43 -8.05
N VAL R 335 -67.74 3.69 -8.48
CA VAL R 335 -67.24 4.80 -7.69
C VAL R 335 -67.87 6.09 -8.14
N PRO R 336 -68.95 6.48 -7.47
CA PRO R 336 -69.68 7.70 -7.78
C PRO R 336 -68.72 8.87 -7.93
N GLU R 337 -67.67 8.86 -7.11
CA GLU R 337 -66.69 9.92 -7.19
C GLU R 337 -66.08 9.71 -8.56
N ASN R 338 -65.84 10.79 -9.29
CA ASN R 338 -65.29 10.69 -10.64
C ASN R 338 -66.35 10.13 -11.59
N SER R 339 -67.45 9.61 -11.04
CA SER R 339 -68.58 9.09 -11.83
C SER R 339 -68.18 8.02 -12.83
N GLU R 340 -67.66 6.90 -12.35
CA GLU R 340 -67.27 5.89 -13.30
C GLU R 340 -67.41 4.47 -12.82
N ILE R 341 -67.70 3.59 -13.76
CA ILE R 341 -67.82 2.19 -13.45
C ILE R 341 -66.47 1.64 -13.84
N VAL R 342 -65.88 0.84 -12.97
CA VAL R 342 -64.57 0.28 -13.23
C VAL R 342 -64.55 -1.21 -13.34
N TRP R 343 -64.20 -1.67 -14.54
CA TRP R 343 -64.12 -3.07 -14.79
C TRP R 343 -62.70 -3.43 -14.55
N SER R 344 -62.49 -4.39 -13.70
CA SER R 344 -61.15 -4.79 -13.42
C SER R 344 -60.93 -6.24 -13.78
N VAL R 345 -59.81 -6.51 -14.42
CA VAL R 345 -59.45 -7.85 -14.82
C VAL R 345 -57.99 -8.08 -14.47
N LYS R 346 -57.69 -9.23 -13.86
CA LYS R 346 -56.32 -9.52 -13.48
C LYS R 346 -55.51 -9.92 -14.69
N SER R 347 -55.89 -11.03 -15.30
CA SER R 347 -55.19 -11.52 -16.47
C SER R 347 -56.10 -11.49 -17.67
N PHE R 348 -55.54 -11.12 -18.81
CA PHE R 348 -56.28 -10.99 -20.06
C PHE R 348 -55.46 -11.46 -21.25
N PRO R 349 -55.89 -12.55 -21.89
CA PRO R 349 -55.21 -13.12 -23.06
C PRO R 349 -55.51 -12.36 -24.31
N GLY R 350 -54.62 -12.47 -25.28
CA GLY R 350 -54.82 -11.79 -26.53
C GLY R 350 -55.64 -12.64 -27.46
N GLY R 351 -56.43 -11.99 -28.30
CA GLY R 351 -57.24 -12.71 -29.27
C GLY R 351 -58.62 -13.14 -28.83
N LYS R 352 -59.00 -12.83 -27.60
CA LYS R 352 -60.30 -13.24 -27.11
C LYS R 352 -61.16 -12.06 -26.70
N GLU R 353 -62.48 -12.18 -26.85
CA GLU R 353 -63.39 -11.11 -26.45
C GLU R 353 -64.28 -11.49 -25.29
N TYR R 354 -64.23 -10.68 -24.25
CA TYR R 354 -65.00 -10.94 -23.07
C TYR R 354 -66.14 -9.99 -22.91
N LEU R 355 -67.17 -10.43 -22.22
CA LEU R 355 -68.36 -9.62 -22.07
C LEU R 355 -68.73 -9.20 -20.67
N MET R 356 -69.08 -7.93 -20.57
CA MET R 356 -69.47 -7.31 -19.33
C MET R 356 -70.75 -6.54 -19.56
N ARG R 357 -71.70 -6.74 -18.66
CA ARG R 357 -72.96 -6.04 -18.75
C ARG R 357 -73.37 -5.64 -17.35
N ALA R 358 -73.70 -4.36 -17.19
CA ALA R 358 -74.08 -3.83 -15.90
C ALA R 358 -75.24 -2.82 -16.02
N HIS R 359 -76.22 -2.89 -15.10
CA HIS R 359 -77.34 -1.96 -15.11
C HIS R 359 -77.43 -1.24 -13.78
N PHE R 360 -78.11 -0.10 -13.80
CA PHE R 360 -78.34 0.73 -12.62
C PHE R 360 -79.57 1.65 -12.90
N GLY R 361 -79.80 2.68 -12.08
CA GLY R 361 -80.98 3.55 -12.27
C GLY R 361 -80.82 5.07 -12.13
N LEU R 362 -81.95 5.79 -12.15
CA LEU R 362 -81.95 7.27 -12.07
C LEU R 362 -82.88 7.90 -11.04
N LYS R 373 -70.01 14.32 -22.21
CA LYS R 373 -69.66 12.94 -21.93
C LYS R 373 -68.14 12.66 -22.08
N PRO R 374 -67.45 12.41 -20.96
CA PRO R 374 -66.00 12.13 -20.92
C PRO R 374 -65.56 10.75 -21.42
N PRO R 375 -64.55 10.66 -22.29
CA PRO R 375 -63.97 9.49 -22.93
C PRO R 375 -63.47 8.45 -22.01
N ILE R 376 -63.69 7.23 -22.42
CA ILE R 376 -63.32 6.05 -21.65
C ILE R 376 -61.87 5.60 -21.81
N SER R 377 -61.19 5.33 -20.70
CA SER R 377 -59.80 4.92 -20.77
C SER R 377 -59.52 3.60 -20.09
N VAL R 378 -58.31 3.08 -20.28
CA VAL R 378 -57.91 1.82 -19.68
C VAL R 378 -56.42 1.75 -19.57
N LYS R 379 -55.93 1.01 -18.59
CA LYS R 379 -54.52 0.89 -18.45
C LYS R 379 -54.24 -0.54 -18.36
N PHE R 380 -53.14 -0.92 -18.97
CA PHE R 380 -52.77 -2.30 -19.03
C PHE R 380 -51.31 -2.49 -18.77
N GLU R 381 -50.80 -3.58 -19.29
CA GLU R 381 -49.41 -3.94 -19.11
C GLU R 381 -49.30 -5.25 -19.86
N ILE R 382 -48.25 -5.41 -20.63
CA ILE R 382 -48.10 -6.64 -21.39
C ILE R 382 -46.69 -7.12 -21.38
N PRO R 383 -46.39 -8.06 -20.50
CA PRO R 383 -45.03 -8.56 -20.42
C PRO R 383 -44.59 -9.21 -21.71
N TYR R 384 -43.30 -9.18 -21.95
CA TYR R 384 -42.71 -9.80 -23.12
C TYR R 384 -43.51 -9.46 -24.36
N PHE R 385 -43.49 -8.19 -24.74
CA PHE R 385 -44.21 -7.71 -25.91
C PHE R 385 -43.72 -6.36 -26.38
N THR R 386 -43.87 -6.09 -27.67
CA THR R 386 -43.38 -4.85 -28.23
C THR R 386 -44.24 -4.31 -29.35
N THR R 387 -45.25 -3.51 -29.02
CA THR R 387 -46.08 -2.99 -30.09
C THR R 387 -45.20 -2.56 -31.23
N SER R 388 -44.09 -1.93 -30.89
CA SER R 388 -43.16 -1.47 -31.90
C SER R 388 -42.76 -2.60 -32.82
N GLY R 389 -42.29 -3.69 -32.21
CA GLY R 389 -41.88 -4.82 -33.00
C GLY R 389 -40.44 -5.20 -32.76
N ILE R 390 -39.72 -4.35 -32.05
CA ILE R 390 -38.33 -4.69 -31.78
C ILE R 390 -38.33 -5.94 -30.93
N GLN R 391 -37.17 -6.54 -30.82
CA GLN R 391 -36.92 -7.72 -30.03
C GLN R 391 -35.43 -7.49 -29.79
N VAL R 392 -34.93 -7.76 -28.59
CA VAL R 392 -33.51 -7.57 -28.45
C VAL R 392 -33.01 -8.84 -29.04
N ARG R 393 -31.96 -8.75 -29.83
CA ARG R 393 -31.40 -9.91 -30.52
C ARG R 393 -30.38 -10.69 -29.70
N TYR R 394 -29.43 -9.96 -29.10
CA TYR R 394 -28.38 -10.58 -28.31
C TYR R 394 -27.58 -9.57 -27.51
N LEU R 395 -27.05 -10.00 -26.36
CA LEU R 395 -26.25 -9.13 -25.55
C LEU R 395 -24.91 -9.74 -25.21
N LYS R 396 -23.85 -9.13 -25.75
CA LYS R 396 -22.50 -9.61 -25.52
C LYS R 396 -21.82 -8.86 -24.39
N ILE R 397 -20.84 -9.53 -23.79
CA ILE R 397 -20.09 -8.95 -22.69
C ILE R 397 -18.64 -9.39 -22.84
N ILE R 398 -17.75 -8.43 -23.04
CA ILE R 398 -16.36 -8.79 -23.17
C ILE R 398 -15.52 -8.00 -22.19
N GLU R 399 -14.88 -8.75 -21.29
CA GLU R 399 -14.01 -8.19 -20.29
C GLU R 399 -12.71 -8.97 -20.21
N LYS R 400 -11.71 -8.29 -19.67
CA LYS R 400 -10.37 -8.83 -19.47
C LYS R 400 -10.55 -10.10 -18.66
N SER R 401 -11.30 -9.99 -17.56
CA SER R 401 -11.58 -11.11 -16.69
C SER R 401 -12.44 -12.10 -17.48
N GLY R 402 -11.77 -13.12 -18.05
CA GLY R 402 -12.44 -14.14 -18.84
C GLY R 402 -13.54 -14.76 -18.01
N TYR R 403 -14.60 -13.99 -17.76
CA TYR R 403 -15.72 -14.44 -16.95
C TYR R 403 -17.06 -14.34 -17.66
N GLN R 404 -18.09 -14.58 -16.85
CA GLN R 404 -19.45 -14.52 -17.31
C GLN R 404 -20.16 -13.39 -16.60
N ALA R 405 -21.46 -13.36 -16.83
CA ALA R 405 -22.31 -12.37 -16.25
C ALA R 405 -23.72 -12.87 -16.44
N ILE R 406 -24.65 -12.22 -15.75
CA ILE R 406 -26.04 -12.60 -15.84
C ILE R 406 -26.91 -11.47 -16.33
N PRO R 407 -27.43 -11.59 -17.54
CA PRO R 407 -28.30 -10.58 -18.15
C PRO R 407 -29.79 -10.96 -18.14
N TRP R 408 -30.66 -10.06 -17.65
CA TRP R 408 -32.13 -10.27 -17.63
C TRP R 408 -32.79 -9.23 -18.47
N VAL R 409 -33.83 -9.62 -19.18
CA VAL R 409 -34.56 -8.69 -19.97
C VAL R 409 -35.97 -8.67 -19.46
N ARG R 410 -36.75 -7.74 -20.00
CA ARG R 410 -38.16 -7.62 -19.72
C ARG R 410 -38.66 -6.62 -20.77
N TYR R 411 -39.81 -6.95 -21.32
CA TYR R 411 -40.46 -6.17 -22.34
C TYR R 411 -41.80 -5.78 -21.76
N ILE R 412 -42.20 -4.52 -21.88
CA ILE R 412 -43.50 -4.19 -21.34
C ILE R 412 -44.12 -3.12 -22.19
N THR R 413 -45.42 -3.26 -22.43
CA THR R 413 -46.14 -2.30 -23.22
C THR R 413 -47.32 -1.93 -22.39
N GLN R 414 -47.12 -0.88 -21.61
CA GLN R 414 -48.16 -0.39 -20.74
C GLN R 414 -48.58 0.89 -21.38
N ASN R 415 -49.18 1.70 -20.52
CA ASN R 415 -49.64 3.01 -20.86
C ASN R 415 -51.03 3.28 -20.37
N GLY R 416 -51.43 4.52 -20.63
CA GLY R 416 -52.74 5.00 -20.27
C GLY R 416 -53.48 5.94 -21.24
N ASP R 417 -52.79 6.71 -22.08
CA ASP R 417 -53.49 7.61 -22.99
C ASP R 417 -54.45 6.93 -23.91
N TYR R 418 -54.65 5.66 -23.60
CA TYR R 418 -55.54 4.79 -24.31
C TYR R 418 -56.91 5.35 -23.97
N GLN R 419 -57.40 6.27 -24.79
CA GLN R 419 -58.70 6.88 -24.56
C GLN R 419 -59.68 6.59 -25.71
N LEU R 420 -60.94 6.35 -25.37
CA LEU R 420 -61.96 6.05 -26.38
C LEU R 420 -63.23 6.88 -26.18
N ARG R 421 -63.80 7.33 -27.29
CA ARG R 421 -65.00 8.18 -27.22
C ARG R 421 -66.36 7.52 -27.36
N THR R 422 -67.38 8.32 -27.09
CA THR R 422 -68.78 7.93 -27.20
C THR R 422 -69.56 9.23 -27.24
N GLN R 423 -70.24 9.45 -28.37
CA GLN R 423 -71.04 10.67 -28.55
C GLN R 423 -72.55 10.32 -28.52
N MET S 1 44.73 -10.00 8.66
CA MET S 1 46.00 -9.87 7.90
C MET S 1 45.75 -10.24 6.45
N MET S 2 46.60 -9.74 5.57
CA MET S 2 46.47 -10.03 4.15
C MET S 2 46.96 -11.45 3.92
N ARG S 3 46.20 -12.24 3.17
CA ARG S 3 46.61 -13.59 2.92
C ARG S 3 47.37 -13.63 1.59
N PHE S 4 47.07 -12.67 0.72
CA PHE S 4 47.74 -12.55 -0.58
C PHE S 4 47.03 -11.57 -1.49
N MET S 5 47.65 -11.27 -2.63
CA MET S 5 47.02 -10.33 -3.53
C MET S 5 47.33 -10.58 -4.99
N LEU S 6 46.42 -10.23 -5.87
CA LEU S 6 46.66 -10.47 -7.27
C LEU S 6 46.24 -9.38 -8.20
N LEU S 7 46.86 -9.41 -9.37
CA LEU S 7 46.59 -8.44 -10.40
C LEU S 7 46.37 -9.05 -11.74
N PHE S 8 45.12 -9.06 -12.16
CA PHE S 8 44.73 -9.60 -13.45
C PHE S 8 43.64 -8.77 -14.10
N SER S 9 43.64 -8.78 -15.42
CA SER S 9 42.70 -8.02 -16.21
C SER S 9 41.39 -8.75 -16.42
N ARG S 10 40.45 -8.09 -17.09
CA ARG S 10 39.15 -8.69 -17.39
C ARG S 10 39.37 -10.17 -17.71
N GLN S 11 40.20 -10.44 -18.70
CA GLN S 11 40.50 -11.81 -19.07
C GLN S 11 41.54 -12.28 -18.09
N GLY S 12 41.37 -13.51 -17.66
CA GLY S 12 42.25 -14.13 -16.68
C GLY S 12 43.73 -14.08 -16.93
N LYS S 13 44.26 -12.89 -17.13
CA LYS S 13 45.67 -12.76 -17.36
C LYS S 13 46.32 -12.25 -16.10
N LEU S 14 47.23 -13.06 -15.57
CA LEU S 14 47.92 -12.72 -14.34
C LEU S 14 48.87 -11.61 -14.69
N ARG S 15 48.85 -10.54 -13.91
CA ARG S 15 49.75 -9.47 -14.18
C ARG S 15 50.63 -9.25 -12.99
N LEU S 16 50.24 -9.81 -11.86
CA LEU S 16 51.03 -9.69 -10.65
C LEU S 16 50.46 -10.42 -9.46
N GLN S 17 51.24 -11.36 -8.93
CA GLN S 17 50.84 -12.14 -7.78
C GLN S 17 51.88 -11.98 -6.67
N LYS S 18 51.41 -12.07 -5.43
CA LYS S 18 52.29 -11.92 -4.28
C LYS S 18 51.67 -12.67 -3.12
N TRP S 19 52.31 -13.74 -2.69
CA TRP S 19 51.79 -14.59 -1.60
C TRP S 19 52.35 -14.32 -0.20
N TYR S 20 51.47 -14.04 0.76
CA TYR S 20 51.94 -13.77 2.12
C TYR S 20 51.82 -14.92 3.07
N LEU S 21 51.79 -16.13 2.53
CA LEU S 21 51.69 -17.29 3.39
C LEU S 21 52.13 -18.53 2.67
N ALA S 22 53.21 -19.13 3.17
CA ALA S 22 53.77 -20.34 2.59
C ALA S 22 52.70 -21.20 1.92
N THR S 23 53.05 -21.80 0.78
CA THR S 23 52.10 -22.62 0.06
C THR S 23 52.78 -23.27 -1.12
N SER S 24 52.32 -24.46 -1.49
CA SER S 24 52.89 -25.19 -2.61
C SER S 24 52.54 -24.50 -3.92
N ASP S 25 53.44 -24.53 -4.89
CA ASP S 25 53.13 -23.86 -6.13
C ASP S 25 51.80 -24.31 -6.73
N LYS S 26 51.61 -25.61 -6.94
CA LYS S 26 50.36 -26.07 -7.51
C LYS S 26 49.18 -25.35 -6.88
N GLU S 27 49.00 -25.60 -5.58
CA GLU S 27 47.91 -25.02 -4.80
C GLU S 27 47.74 -23.55 -5.17
N ARG S 28 48.85 -22.87 -5.37
CA ARG S 28 48.78 -21.47 -5.74
C ARG S 28 47.99 -21.33 -7.04
N LYS S 29 48.59 -21.74 -8.17
CA LYS S 29 47.90 -21.63 -9.43
C LYS S 29 46.44 -21.98 -9.22
N LYS S 30 46.19 -23.06 -8.47
CA LYS S 30 44.81 -23.44 -8.14
C LYS S 30 44.18 -22.16 -7.63
N MET S 31 44.46 -21.85 -6.36
CA MET S 31 43.97 -20.64 -5.73
C MET S 31 43.65 -19.63 -6.82
N VAL S 32 44.69 -19.24 -7.52
CA VAL S 32 44.55 -18.27 -8.59
C VAL S 32 43.29 -18.50 -9.40
N ARG S 33 43.48 -19.19 -10.52
CA ARG S 33 42.39 -19.48 -11.43
C ARG S 33 41.06 -19.67 -10.71
N GLU S 34 40.98 -20.72 -9.89
CA GLU S 34 39.78 -21.03 -9.12
C GLU S 34 39.09 -19.71 -8.76
N LEU S 35 39.87 -18.79 -8.23
CA LEU S 35 39.35 -17.51 -7.85
C LEU S 35 38.97 -16.68 -9.06
N MET S 36 39.95 -16.28 -9.85
CA MET S 36 39.70 -15.46 -11.04
C MET S 36 38.34 -15.71 -11.65
N GLN S 37 38.09 -16.97 -11.99
CA GLN S 37 36.83 -17.37 -12.60
C GLN S 37 35.69 -16.87 -11.75
N VAL S 38 35.58 -17.38 -10.54
CA VAL S 38 34.48 -16.92 -9.71
C VAL S 38 34.60 -15.44 -9.39
N VAL S 39 35.79 -14.90 -9.46
CA VAL S 39 35.95 -13.49 -9.19
C VAL S 39 35.29 -12.72 -10.29
N LEU S 40 36.02 -12.57 -11.38
CA LEU S 40 35.53 -11.84 -12.52
C LEU S 40 34.06 -12.09 -12.80
N ALA S 41 33.72 -13.36 -13.00
CA ALA S 41 32.35 -13.77 -13.31
C ALA S 41 31.19 -12.88 -12.87
N ARG S 42 31.40 -12.09 -11.84
CA ARG S 42 30.34 -11.23 -11.32
C ARG S 42 30.07 -9.92 -12.06
N LYS S 43 28.79 -9.56 -12.18
CA LYS S 43 28.37 -8.34 -12.86
C LYS S 43 28.97 -7.14 -12.16
N PRO S 44 29.21 -6.05 -12.90
CA PRO S 44 29.80 -4.87 -12.28
C PRO S 44 28.85 -4.22 -11.29
N LYS S 45 27.55 -4.50 -11.43
CA LYS S 45 26.54 -3.93 -10.55
C LYS S 45 26.77 -4.37 -9.10
N MET S 46 26.98 -5.67 -8.91
CA MET S 46 27.17 -6.24 -7.58
C MET S 46 28.19 -5.55 -6.69
N CYS S 47 28.47 -6.18 -5.55
CA CYS S 47 29.40 -5.61 -4.56
C CYS S 47 30.86 -6.02 -4.71
N SER S 48 31.64 -5.68 -3.68
CA SER S 48 33.07 -5.94 -3.69
C SER S 48 33.56 -6.94 -2.65
N PHE S 49 32.65 -7.56 -1.91
CA PHE S 49 33.10 -8.50 -0.89
C PHE S 49 32.48 -9.88 -1.06
N LEU S 50 33.32 -10.89 -0.99
CA LEU S 50 32.81 -12.24 -1.14
C LEU S 50 33.39 -13.10 -0.05
N GLU S 51 32.61 -14.07 0.42
CA GLU S 51 33.15 -14.95 1.44
C GLU S 51 33.60 -16.20 0.70
N TRP S 52 34.91 -16.41 0.62
CA TRP S 52 35.43 -17.58 -0.05
C TRP S 52 36.34 -18.37 0.84
N ARG S 53 36.26 -19.68 0.67
CA ARG S 53 37.07 -20.59 1.43
C ARG S 53 37.43 -19.96 2.76
N ASP S 54 36.43 -19.63 3.56
CA ASP S 54 36.71 -19.11 4.88
C ASP S 54 37.23 -17.67 4.91
N LEU S 55 37.98 -17.29 3.89
CA LEU S 55 38.56 -15.96 3.82
C LEU S 55 37.67 -14.92 3.16
N LYS S 56 37.94 -13.64 3.44
CA LYS S 56 37.17 -12.55 2.88
C LYS S 56 37.98 -11.93 1.76
N VAL S 57 37.39 -11.83 0.58
CA VAL S 57 38.07 -11.27 -0.58
C VAL S 57 37.57 -9.89 -0.96
N VAL S 58 38.43 -9.13 -1.64
CA VAL S 58 38.07 -7.79 -2.06
C VAL S 58 38.68 -7.40 -3.40
N TYR S 59 38.00 -6.52 -4.12
CA TYR S 59 38.47 -6.10 -5.40
C TYR S 59 37.81 -4.84 -5.94
N LYS S 60 38.51 -4.12 -6.77
CA LYS S 60 37.92 -2.93 -7.36
C LYS S 60 38.37 -2.99 -8.80
N ARG S 61 37.48 -2.61 -9.69
CA ARG S 61 37.79 -2.66 -11.11
C ARG S 61 38.38 -1.37 -11.64
N TYR S 62 39.59 -1.45 -12.14
CA TYR S 62 40.21 -0.26 -12.69
C TYR S 62 40.39 -0.52 -14.16
N ALA S 63 39.52 0.06 -14.95
CA ALA S 63 39.61 -0.14 -16.38
C ALA S 63 39.75 -1.61 -16.58
N SER S 64 40.53 -2.00 -17.58
CA SER S 64 40.71 -3.40 -17.85
C SER S 64 41.72 -3.99 -16.88
N LEU S 65 41.59 -3.64 -15.60
CA LEU S 65 42.52 -4.22 -14.64
C LEU S 65 41.86 -4.53 -13.30
N TYR S 66 42.08 -5.74 -12.81
CA TYR S 66 41.48 -6.12 -11.54
C TYR S 66 42.45 -6.17 -10.37
N PHE S 67 42.00 -5.70 -9.22
CA PHE S 67 42.81 -5.70 -8.02
C PHE S 67 42.14 -6.55 -6.96
N CYS S 68 42.80 -7.62 -6.54
CA CYS S 68 42.22 -8.53 -5.54
C CYS S 68 43.09 -8.91 -4.43
N CYS S 69 42.43 -9.36 -3.38
CA CYS S 69 43.12 -9.82 -2.19
C CYS S 69 42.15 -10.49 -1.23
N ALA S 70 42.72 -11.17 -0.24
CA ALA S 70 41.96 -11.91 0.74
C ALA S 70 42.30 -11.51 2.17
N ILE S 71 41.31 -11.54 3.04
CA ILE S 71 41.54 -11.17 4.42
C ILE S 71 40.90 -12.14 5.40
N GLU S 72 41.31 -12.02 6.66
CA GLU S 72 40.78 -12.87 7.71
C GLU S 72 39.48 -12.29 8.22
N GLY S 73 38.43 -13.10 8.21
CA GLY S 73 37.11 -12.70 8.64
C GLY S 73 37.06 -11.67 9.74
N GLN S 74 37.99 -11.77 10.67
CA GLN S 74 38.06 -10.82 11.77
C GLN S 74 38.82 -9.58 11.30
N ASP S 75 38.42 -9.05 10.16
CA ASP S 75 39.11 -7.88 9.64
C ASP S 75 38.17 -6.90 8.97
N ASN S 76 38.67 -5.70 8.70
CA ASN S 76 37.91 -4.62 8.08
C ASN S 76 37.98 -4.53 6.55
N GLU S 77 36.96 -5.09 5.91
CA GLU S 77 36.86 -5.09 4.45
C GLU S 77 37.09 -3.72 3.86
N LEU S 78 36.23 -2.78 4.20
CA LEU S 78 36.31 -1.42 3.68
C LEU S 78 37.71 -0.87 3.66
N ILE S 79 38.26 -0.65 4.84
CA ILE S 79 39.59 -0.09 4.97
C ILE S 79 40.49 -0.75 3.97
N THR S 80 40.43 -2.06 3.94
CA THR S 80 41.24 -2.85 3.02
C THR S 80 41.11 -2.22 1.63
N LEU S 81 39.88 -2.11 1.18
CA LEU S 81 39.60 -1.52 -0.09
C LEU S 81 40.51 -0.31 -0.23
N GLU S 82 40.33 0.67 0.65
CA GLU S 82 41.13 1.88 0.61
C GLU S 82 42.61 1.62 0.46
N LEU S 83 43.02 0.44 0.88
CA LEU S 83 44.42 0.10 0.73
C LEU S 83 44.69 0.02 -0.77
N ILE S 84 43.99 -0.89 -1.43
CA ILE S 84 44.17 -1.04 -2.86
C ILE S 84 44.35 0.34 -3.45
N HIS S 85 43.26 1.10 -3.44
CA HIS S 85 43.26 2.44 -3.98
C HIS S 85 44.56 3.12 -3.63
N ARG S 86 45.15 2.76 -2.50
CA ARG S 86 46.41 3.38 -2.16
C ARG S 86 47.46 2.83 -3.10
N TYR S 87 47.59 1.51 -3.15
CA TYR S 87 48.59 0.97 -4.03
C TYR S 87 48.51 1.66 -5.38
N VAL S 88 47.37 1.52 -6.04
CA VAL S 88 47.19 2.13 -7.35
C VAL S 88 47.81 3.52 -7.28
N GLU S 89 47.37 4.27 -6.29
CA GLU S 89 47.84 5.63 -6.03
C GLU S 89 49.32 5.65 -6.35
N LEU S 90 50.07 4.88 -5.56
CA LEU S 90 51.49 4.78 -5.73
C LEU S 90 51.75 4.59 -7.19
N LEU S 91 51.47 3.38 -7.65
CA LEU S 91 51.67 3.04 -9.03
C LEU S 91 51.52 4.28 -9.90
N ASP S 92 50.37 4.94 -9.80
CA ASP S 92 50.15 6.13 -10.61
C ASP S 92 51.28 7.12 -10.53
N LYS S 93 51.43 7.78 -9.40
CA LYS S 93 52.47 8.76 -9.31
C LYS S 93 53.88 8.30 -9.62
N TYR S 94 54.13 6.99 -9.69
CA TYR S 94 55.47 6.53 -9.96
C TYR S 94 55.76 6.54 -11.44
N PHE S 95 54.85 5.96 -12.22
CA PHE S 95 55.03 5.91 -13.67
C PHE S 95 54.41 7.07 -14.40
N GLY S 96 53.79 7.97 -13.66
CA GLY S 96 53.15 9.09 -14.31
C GLY S 96 51.93 8.60 -15.07
N SER S 97 50.76 8.85 -14.51
CA SER S 97 49.52 8.45 -15.14
C SER S 97 49.75 7.05 -15.68
N VAL S 98 49.78 6.10 -14.77
CA VAL S 98 50.05 4.72 -15.11
C VAL S 98 48.93 3.99 -15.79
N CYS S 99 49.31 2.94 -16.51
CA CYS S 99 48.38 2.06 -17.22
C CYS S 99 48.86 0.64 -17.45
N GLU S 100 47.91 -0.27 -17.33
CA GLU S 100 48.14 -1.69 -17.53
C GLU S 100 49.47 -1.99 -18.19
N LEU S 101 49.56 -1.75 -19.48
CA LEU S 101 50.79 -2.03 -20.22
C LEU S 101 51.98 -1.95 -19.29
N ASP S 102 52.18 -0.75 -18.74
CA ASP S 102 53.27 -0.49 -17.82
C ASP S 102 53.44 -1.69 -16.90
N ILE S 103 52.41 -1.94 -16.11
CA ILE S 103 52.41 -3.04 -15.16
C ILE S 103 52.92 -4.35 -15.75
N ILE S 104 52.60 -4.62 -17.00
CA ILE S 104 53.06 -5.87 -17.58
C ILE S 104 54.52 -5.78 -17.86
N PHE S 105 54.95 -4.65 -18.41
CA PHE S 105 56.35 -4.46 -18.75
C PHE S 105 57.27 -4.21 -17.56
N ASN S 106 56.73 -3.75 -16.45
CA ASN S 106 57.60 -3.47 -15.34
C ASN S 106 57.21 -4.09 -14.00
N PHE S 107 56.43 -5.16 -14.07
CA PHE S 107 55.99 -5.82 -12.86
C PHE S 107 57.08 -5.70 -11.82
N GLU S 108 58.27 -6.11 -12.21
CA GLU S 108 59.41 -6.03 -11.33
C GLU S 108 59.22 -4.85 -10.39
N LYS S 109 59.27 -3.66 -10.96
CA LYS S 109 59.10 -2.46 -10.15
C LYS S 109 57.82 -2.57 -9.35
N ALA S 110 56.71 -2.75 -10.05
CA ALA S 110 55.42 -2.88 -9.38
C ALA S 110 55.61 -3.60 -8.08
N TYR S 111 56.28 -4.73 -8.15
CA TYR S 111 56.54 -5.50 -6.95
C TYR S 111 57.24 -4.57 -5.99
N PHE S 112 58.52 -4.31 -6.21
CA PHE S 112 59.26 -3.43 -5.31
C PHE S 112 58.38 -2.44 -4.63
N ILE S 113 57.78 -1.55 -5.42
CA ILE S 113 56.90 -0.56 -4.86
C ILE S 113 56.08 -1.21 -3.81
N LEU S 114 55.12 -2.00 -4.26
CA LEU S 114 54.26 -2.71 -3.35
C LEU S 114 55.09 -3.33 -2.24
N ASP S 115 55.94 -4.26 -2.63
CA ASP S 115 56.78 -4.95 -1.69
C ASP S 115 57.31 -4.03 -0.60
N GLU S 116 57.61 -2.77 -0.93
CA GLU S 116 58.10 -1.86 0.09
C GLU S 116 57.05 -0.92 0.61
N PHE S 117 55.81 -1.38 0.56
CA PHE S 117 54.65 -0.64 1.03
C PHE S 117 54.00 -1.54 2.05
N LEU S 118 53.85 -2.80 1.68
CA LEU S 118 53.27 -3.79 2.57
C LEU S 118 54.31 -4.84 2.84
N MET S 119 54.30 -5.36 4.05
CA MET S 119 55.24 -6.39 4.38
C MET S 119 54.55 -7.35 5.32
N GLY S 120 54.89 -8.63 5.19
CA GLY S 120 54.31 -9.65 6.04
C GLY S 120 52.83 -9.49 6.32
N GLY S 121 52.07 -9.21 5.28
CA GLY S 121 50.62 -9.07 5.43
C GLY S 121 50.09 -7.78 6.01
N ASP S 122 50.88 -6.71 6.01
CA ASP S 122 50.38 -5.46 6.56
C ASP S 122 50.97 -4.19 5.97
N VAL S 123 50.63 -3.08 6.60
CA VAL S 123 51.06 -1.77 6.16
C VAL S 123 52.33 -1.31 6.83
N GLN S 124 53.39 -1.07 6.05
CA GLN S 124 54.61 -0.62 6.69
C GLN S 124 54.72 0.88 6.78
N ASP S 125 53.99 1.60 5.94
CA ASP S 125 53.98 3.06 5.96
C ASP S 125 52.67 3.48 5.41
N THR S 126 52.40 4.74 5.46
CA THR S 126 51.15 5.15 4.92
C THR S 126 51.54 6.31 4.08
N SER S 127 52.53 7.02 4.58
CA SER S 127 53.00 8.19 3.90
C SER S 127 53.16 7.95 2.42
N LYS S 128 52.28 8.57 1.65
CA LYS S 128 52.31 8.43 0.20
C LYS S 128 53.75 8.67 -0.22
N LYS S 129 54.35 9.68 0.39
CA LYS S 129 55.72 9.99 0.06
C LYS S 129 56.72 9.02 0.67
N SER S 130 56.65 8.83 1.99
CA SER S 130 57.58 7.92 2.67
C SER S 130 57.92 6.81 1.70
N VAL S 131 56.89 6.17 1.16
CA VAL S 131 57.12 5.11 0.20
C VAL S 131 57.85 5.68 -1.01
N LEU S 132 57.16 6.49 -1.81
CA LEU S 132 57.82 7.07 -2.96
C LEU S 132 59.25 7.42 -2.58
N LYS S 133 59.40 8.52 -1.85
CA LYS S 133 60.73 9.01 -1.43
C LYS S 133 61.74 7.86 -1.30
N ALA S 134 61.37 6.84 -0.54
CA ALA S 134 62.25 5.70 -0.35
C ALA S 134 62.48 4.96 -1.66
N ILE S 135 61.41 4.37 -2.16
CA ILE S 135 61.47 3.64 -3.40
C ILE S 135 62.36 4.35 -4.39
N GLU S 136 62.20 5.66 -4.46
CA GLU S 136 62.99 6.45 -5.37
C GLU S 136 64.49 6.28 -5.12
N GLN S 137 64.99 6.81 -4.01
CA GLN S 137 66.43 6.69 -3.72
C GLN S 137 66.97 5.30 -3.95
N ALA S 138 66.16 4.30 -3.68
CA ALA S 138 66.56 2.93 -3.90
C ALA S 138 66.99 2.87 -5.35
N ASP S 139 66.04 3.22 -6.22
CA ASP S 139 66.29 3.22 -7.65
C ASP S 139 67.62 3.91 -7.94
N LEU S 140 67.85 5.08 -7.36
CA LEU S 140 69.12 5.77 -7.61
C LEU S 140 70.30 4.84 -7.33
N LEU S 141 70.22 4.11 -6.24
CA LEU S 141 71.30 3.20 -5.91
C LEU S 141 71.48 2.23 -7.07
N GLN S 142 70.37 1.62 -7.48
CA GLN S 142 70.37 0.67 -8.59
C GLN S 142 71.17 1.21 -9.78
N GLU S 143 70.75 2.36 -10.28
CA GLU S 143 71.44 2.98 -11.40
C GLU S 143 72.94 3.01 -11.15
N GLU S 144 73.32 3.49 -9.97
CA GLU S 144 74.74 3.58 -9.62
C GLU S 144 75.47 2.24 -9.61
N ASP S 145 74.74 1.13 -9.78
CA ASP S 145 75.41 -0.16 -9.81
C ASP S 145 75.92 -0.48 -11.21
N GLU S 146 75.13 -0.20 -12.25
CA GLU S 146 75.66 -0.48 -13.61
C GLU S 146 76.61 0.63 -14.06
N SER S 147 76.20 1.85 -13.77
CA SER S 147 76.96 3.04 -14.13
C SER S 147 77.68 3.55 -12.87
N PRO S 148 78.95 3.09 -12.63
CA PRO S 148 79.76 3.49 -11.46
C PRO S 148 79.92 5.01 -11.14
N ARG S 149 78.88 5.71 -11.00
N MET T 1 64.59 12.08 -58.12
CA MET T 1 63.51 11.81 -59.11
C MET T 1 62.40 12.83 -58.90
N MET T 2 61.60 13.04 -59.94
CA MET T 2 60.49 13.98 -59.85
C MET T 2 59.40 13.32 -59.05
N ARG T 3 58.82 14.05 -58.10
CA ARG T 3 57.75 13.47 -57.31
C ARG T 3 56.42 13.86 -57.94
N PHE T 4 56.42 14.98 -58.66
CA PHE T 4 55.22 15.47 -59.36
C PHE T 4 55.38 16.88 -59.86
N MET T 5 54.42 17.36 -60.65
CA MET T 5 54.55 18.70 -61.16
C MET T 5 53.21 19.38 -61.38
N LEU T 6 53.19 20.70 -61.26
CA LEU T 6 51.95 21.40 -61.43
C LEU T 6 52.02 22.69 -62.20
N LEU T 7 50.87 23.06 -62.73
CA LEU T 7 50.74 24.26 -63.50
C LEU T 7 49.57 25.10 -63.09
N PHE T 8 49.87 26.19 -62.41
CA PHE T 8 48.86 27.12 -61.96
C PHE T 8 49.33 28.56 -62.08
N SER T 9 48.37 29.45 -62.29
CA SER T 9 48.63 30.86 -62.46
C SER T 9 48.72 31.60 -61.14
N ARG T 10 49.03 32.90 -61.21
CA ARG T 10 49.13 33.73 -60.03
C ARG T 10 48.06 33.29 -59.04
N GLN T 11 46.81 33.33 -59.47
CA GLN T 11 45.72 32.90 -58.61
C GLN T 11 45.68 31.40 -58.70
N GLY T 12 45.47 30.79 -57.55
CA GLY T 12 45.45 29.34 -57.42
C GLY T 12 44.58 28.55 -58.38
N LYS T 13 44.77 28.77 -59.66
CA LYS T 13 43.99 28.04 -60.63
C LYS T 13 44.86 26.95 -61.22
N LEU T 14 44.40 25.72 -61.03
CA LEU T 14 45.12 24.58 -61.51
C LEU T 14 44.96 24.57 -63.01
N ARG T 15 46.07 24.43 -63.71
CA ARG T 15 45.98 24.41 -65.14
C ARG T 15 46.53 23.10 -65.65
N LEU T 16 47.25 22.40 -64.78
CA LEU T 16 47.81 21.12 -65.16
C LEU T 16 48.58 20.42 -64.07
N GLN T 17 48.11 19.23 -63.69
CA GLN T 17 48.74 18.44 -62.65
C GLN T 17 49.12 17.08 -63.21
N LYS T 18 50.20 16.52 -62.68
CA LYS T 18 50.69 15.22 -63.13
C LYS T 18 51.45 14.58 -61.98
N TRP T 19 50.91 13.50 -61.43
CA TRP T 19 51.53 12.81 -60.29
C TRP T 19 52.40 11.60 -60.61
N TYR T 20 53.65 11.61 -60.16
CA TYR T 20 54.55 10.48 -60.44
C TYR T 20 54.71 9.52 -59.31
N LEU T 21 53.74 9.48 -58.42
CA LEU T 21 53.82 8.56 -57.31
C LEU T 21 52.47 8.33 -56.68
N ALA T 22 52.01 7.09 -56.78
CA ALA T 22 50.72 6.68 -56.23
C ALA T 22 50.31 7.53 -55.03
N THR T 23 49.02 7.86 -54.94
CA THR T 23 48.56 8.68 -53.85
C THR T 23 47.04 8.80 -53.92
N SER T 24 46.40 8.93 -52.76
CA SER T 24 44.95 9.07 -52.70
C SER T 24 44.53 10.41 -53.25
N ASP T 25 43.39 10.48 -53.92
CA ASP T 25 42.96 11.75 -54.46
C ASP T 25 42.94 12.87 -53.42
N LYS T 26 42.24 12.67 -52.31
CA LYS T 26 42.20 13.72 -51.30
C LYS T 26 43.58 14.30 -51.06
N GLU T 27 44.48 13.46 -50.56
CA GLU T 27 45.85 13.85 -50.25
C GLU T 27 46.41 14.72 -51.36
N ARG T 28 46.07 14.38 -52.60
CA ARG T 28 46.53 15.16 -53.72
C ARG T 28 46.04 16.59 -53.58
N LYS T 29 44.74 16.82 -53.78
CA LYS T 29 44.21 18.16 -53.67
C LYS T 29 44.88 18.84 -52.49
N LYS T 30 45.00 18.13 -51.36
CA LYS T 30 45.71 18.66 -50.20
C LYS T 30 47.03 19.18 -50.76
N MET T 31 47.96 18.25 -50.98
CA MET T 31 49.25 18.56 -51.54
C MET T 31 49.12 19.86 -52.33
N VAL T 32 48.31 19.80 -53.37
CA VAL T 32 48.10 20.95 -54.21
C VAL T 32 48.00 22.23 -53.42
N ARG T 33 46.77 22.62 -53.17
CA ARG T 33 46.48 23.85 -52.43
C ARG T 33 47.54 24.15 -51.39
N GLU T 34 47.65 23.28 -50.39
CA GLU T 34 48.62 23.45 -49.31
C GLU T 34 49.86 24.11 -49.88
N LEU T 35 50.34 23.57 -50.99
CA LEU T 35 51.51 24.10 -51.64
C LEU T 35 51.24 25.45 -52.27
N MET T 36 50.39 25.48 -53.29
CA MET T 36 50.07 26.73 -53.98
C MET T 36 50.15 27.94 -53.07
N GLN T 37 49.39 27.89 -51.98
CA GLN T 37 49.36 28.98 -51.02
C GLN T 37 50.76 29.34 -50.62
N VAL T 38 51.44 28.41 -49.95
CA VAL T 38 52.79 28.72 -49.53
C VAL T 38 53.71 28.95 -50.71
N VAL T 39 53.35 28.41 -51.86
CA VAL T 39 54.17 28.61 -53.04
C VAL T 39 54.09 30.06 -53.43
N LEU T 40 53.03 30.37 -54.15
CA LEU T 40 52.80 31.71 -54.63
C LEU T 40 53.17 32.76 -53.60
N ALA T 41 52.57 32.69 -52.43
CA ALA T 41 52.79 33.63 -51.34
C ALA T 41 54.10 34.41 -51.30
N ARG T 42 55.15 33.85 -51.89
CA ARG T 42 56.47 34.49 -51.86
C ARG T 42 56.71 35.63 -52.85
N LYS T 43 57.42 36.66 -52.40
CA LYS T 43 57.74 37.82 -53.23
C LYS T 43 58.55 37.38 -54.42
N PRO T 44 58.45 38.10 -55.54
CA PRO T 44 59.22 37.71 -56.73
C PRO T 44 60.71 37.88 -56.53
N LYS T 45 61.08 38.73 -55.56
CA LYS T 45 62.49 38.98 -55.27
C LYS T 45 63.21 37.72 -54.83
N MET T 46 62.59 37.00 -53.90
CA MET T 46 63.17 35.77 -53.35
C MET T 46 63.67 34.76 -54.35
N CYS T 47 64.05 33.58 -53.84
CA CYS T 47 64.59 32.51 -54.67
C CYS T 47 63.60 31.52 -55.24
N SER T 48 64.13 30.44 -55.80
CA SER T 48 63.31 29.41 -56.43
C SER T 48 63.32 28.05 -55.77
N PHE T 49 63.97 27.92 -54.62
CA PHE T 49 64.02 26.62 -53.98
C PHE T 49 63.51 26.65 -52.56
N LEU T 50 62.65 25.70 -52.24
CA LEU T 50 62.11 25.66 -50.90
C LEU T 50 62.19 24.26 -50.37
N GLU T 51 62.42 24.10 -49.07
CA GLU T 51 62.45 22.76 -48.54
C GLU T 51 61.08 22.53 -47.92
N TRP T 52 60.29 21.66 -48.55
CA TRP T 52 58.97 21.36 -48.04
C TRP T 52 58.78 19.90 -47.81
N ARG T 53 58.04 19.61 -46.75
CA ARG T 53 57.75 18.25 -46.39
C ARG T 53 58.85 17.33 -46.88
N ASP T 54 60.07 17.57 -46.42
CA ASP T 54 61.15 16.66 -46.79
C ASP T 54 61.65 16.81 -48.23
N LEU T 55 60.73 17.14 -49.14
CA LEU T 55 61.08 17.29 -50.55
C LEU T 55 61.55 18.67 -50.95
N LYS T 56 62.26 18.75 -52.08
CA LYS T 56 62.77 20.01 -52.58
C LYS T 56 61.89 20.45 -53.73
N VAL T 57 61.36 21.66 -53.64
CA VAL T 57 60.48 22.21 -54.67
C VAL T 57 61.13 23.27 -55.53
N VAL T 58 60.62 23.43 -56.75
CA VAL T 58 61.16 24.42 -57.66
C VAL T 58 60.10 25.06 -58.55
N TYR T 59 60.35 26.30 -58.95
CA TYR T 59 59.40 27.00 -59.79
C TYR T 59 59.96 28.23 -60.46
N LYS T 60 59.38 28.59 -61.58
CA LYS T 60 59.83 29.78 -62.27
C LYS T 60 58.56 30.44 -62.71
N ARG T 61 58.53 31.76 -62.64
CA ARG T 61 57.33 32.49 -63.01
C ARG T 61 57.32 32.91 -64.45
N TYR T 62 56.34 32.44 -65.19
CA TYR T 62 56.24 32.83 -66.57
C TYR T 62 54.97 33.60 -66.72
N ALA T 63 55.11 34.91 -66.79
CA ALA T 63 53.94 35.74 -66.91
C ALA T 63 52.98 35.27 -65.85
N SER T 64 51.69 35.30 -66.17
CA SER T 64 50.71 34.88 -65.21
C SER T 64 50.64 33.36 -65.18
N LEU T 65 51.78 32.70 -65.17
CA LEU T 65 51.74 31.25 -65.11
C LEU T 65 52.87 30.66 -64.27
N TYR T 66 52.52 29.77 -63.36
CA TYR T 66 53.52 29.17 -62.49
C TYR T 66 53.89 27.75 -62.85
N PHE T 67 55.16 27.42 -62.78
CA PHE T 67 55.63 26.08 -63.06
C PHE T 67 56.30 25.51 -61.82
N CYS T 68 55.75 24.41 -61.29
CA CYS T 68 56.30 23.81 -60.09
C CYS T 68 56.49 22.35 -60.12
N CYS T 69 57.33 21.91 -59.19
CA CYS T 69 57.64 20.51 -59.05
C CYS T 69 58.46 20.27 -57.80
N ALA T 70 58.55 18.99 -57.44
CA ALA T 70 59.26 18.56 -56.25
C ALA T 70 60.31 17.52 -56.53
N ILE T 71 61.41 17.56 -55.79
CA ILE T 71 62.49 16.61 -55.99
C ILE T 71 63.00 16.03 -54.71
N GLU T 72 63.78 14.95 -54.84
CA GLU T 72 64.36 14.30 -53.69
C GLU T 72 65.65 15.00 -53.30
N GLY T 73 65.73 15.40 -52.04
CA GLY T 73 66.88 16.11 -51.50
C GLY T 73 68.22 15.77 -52.12
N GLN T 74 68.39 14.49 -52.45
CA GLN T 74 69.63 14.04 -53.07
C GLN T 74 69.54 14.29 -54.57
N ASP T 75 69.17 15.51 -54.94
CA ASP T 75 69.06 15.83 -56.35
C ASP T 75 69.51 17.23 -56.68
N ASN T 76 69.68 17.50 -57.96
CA ASN T 76 70.14 18.79 -58.48
C ASN T 76 69.05 19.82 -58.82
N GLU T 77 68.79 20.72 -57.88
CA GLU T 77 67.79 21.75 -58.06
C GLU T 77 67.94 22.48 -59.38
N LEU T 78 69.07 23.15 -59.55
CA LEU T 78 69.33 23.92 -60.77
C LEU T 78 68.92 23.22 -62.03
N ILE T 79 69.62 22.14 -62.33
CA ILE T 79 69.36 21.39 -63.54
C ILE T 79 67.89 21.24 -63.72
N THR T 80 67.22 20.83 -62.64
CA THR T 80 65.78 20.65 -62.64
C THR T 80 65.16 21.89 -63.29
N LEU T 81 65.47 23.04 -62.71
CA LEU T 81 64.98 24.29 -63.22
C LEU T 81 65.06 24.22 -64.74
N GLU T 82 66.27 24.07 -65.26
CA GLU T 82 66.46 24.01 -66.71
C GLU T 82 65.52 23.05 -67.39
N LEU T 83 65.02 22.09 -66.64
CA LEU T 83 64.08 21.16 -67.21
C LEU T 83 62.83 21.96 -67.54
N ILE T 84 62.23 22.56 -66.52
CA ILE T 84 61.04 23.35 -66.73
C ILE T 84 61.21 24.11 -68.03
N HIS T 85 62.12 25.07 -67.98
CA HIS T 85 62.41 25.90 -69.13
C HIS T 85 62.39 25.05 -70.39
N ARG T 86 62.74 23.78 -70.27
CA ARG T 86 62.69 22.96 -71.44
C ARG T 86 61.24 22.71 -71.77
N TYR T 87 60.48 22.21 -70.82
CA TYR T 87 59.09 21.96 -71.11
C TYR T 87 58.50 23.17 -71.83
N VAL T 88 58.50 24.30 -71.15
CA VAL T 88 57.95 25.51 -71.74
C VAL T 88 58.39 25.55 -73.19
N GLU T 89 59.70 25.42 -73.38
CA GLU T 89 60.34 25.41 -74.69
C GLU T 89 59.41 24.67 -75.63
N LEU T 90 59.23 23.40 -75.33
CA LEU T 90 58.38 22.54 -76.12
C LEU T 90 57.10 23.29 -76.35
N LEU T 91 56.31 23.36 -75.29
CA LEU T 91 55.04 24.05 -75.36
C LEU T 91 55.11 25.17 -76.39
N ASP T 92 56.06 26.08 -76.23
CA ASP T 92 56.18 27.19 -77.17
C ASP T 92 56.20 26.73 -78.60
N LYS T 93 57.27 26.10 -79.04
CA LYS T 93 57.32 25.72 -80.42
C LYS T 93 56.20 24.83 -80.93
N TYR T 94 55.38 24.28 -80.05
CA TYR T 94 54.31 23.42 -80.52
C TYR T 94 53.10 24.23 -80.92
N PHE T 95 52.70 25.14 -80.06
CA PHE T 95 51.52 25.98 -80.35
C PHE T 95 51.88 27.29 -81.02
N GLY T 96 53.16 27.51 -81.26
CA GLY T 96 53.56 28.75 -81.87
C GLY T 96 53.35 29.89 -80.89
N SER T 97 54.44 30.36 -80.30
CA SER T 97 54.38 31.46 -79.35
C SER T 97 53.17 31.18 -78.47
N VAL T 98 53.34 30.21 -77.59
CA VAL T 98 52.28 29.78 -76.71
C VAL T 98 51.95 30.73 -75.57
N CYS T 99 50.73 30.59 -75.08
CA CYS T 99 50.22 31.37 -73.95
C CYS T 99 49.11 30.72 -73.14
N GLU T 100 49.20 30.93 -71.83
CA GLU T 100 48.24 30.42 -70.89
C GLU T 100 46.97 29.89 -71.54
N LEU T 101 46.12 30.79 -71.99
CA LEU T 101 44.86 30.39 -72.61
C LEU T 101 45.00 29.02 -73.23
N ASP T 102 45.90 28.93 -74.20
CA ASP T 102 46.16 27.70 -74.91
C ASP T 102 46.16 26.54 -73.92
N ILE T 103 47.08 26.60 -72.97
CA ILE T 103 47.22 25.57 -71.96
C ILE T 103 45.91 25.18 -71.31
N ILE T 104 45.02 26.14 -71.11
CA ILE T 104 43.76 25.79 -70.48
C ILE T 104 42.90 25.06 -71.46
N PHE T 105 42.86 25.56 -72.69
CA PHE T 105 42.05 24.93 -73.72
C PHE T 105 42.58 23.62 -74.28
N ASN T 106 43.87 23.39 -74.14
CA ASN T 106 44.41 22.16 -74.70
C ASN T 106 45.24 21.31 -73.78
N PHE T 107 45.02 21.49 -72.48
CA PHE T 107 45.78 20.73 -71.50
C PHE T 107 46.07 19.37 -72.07
N GLU T 108 45.01 18.70 -72.52
CA GLU T 108 45.13 17.39 -73.10
C GLU T 108 46.50 17.30 -73.78
N LYS T 109 46.67 18.06 -74.85
CA LYS T 109 47.93 18.04 -75.57
C LYS T 109 49.06 18.30 -74.59
N ALA T 110 49.00 19.44 -73.90
CA ALA T 110 50.03 19.78 -72.94
C ALA T 110 50.52 18.52 -72.28
N TYR T 111 49.58 17.73 -71.79
CA TYR T 111 49.94 16.50 -71.14
C TYR T 111 50.76 15.71 -72.14
N PHE T 112 50.11 15.12 -73.13
CA PHE T 112 50.85 14.33 -74.12
C PHE T 112 52.27 14.81 -74.28
N ILE T 113 52.42 16.03 -74.76
CA ILE T 113 53.75 16.58 -74.94
C ILE T 113 54.57 16.17 -73.76
N LEU T 114 54.31 16.83 -72.65
CA LEU T 114 55.02 16.52 -71.44
C LEU T 114 55.12 15.02 -71.25
N ASP T 115 53.96 14.41 -71.09
CA ASP T 115 53.89 12.98 -70.88
C ASP T 115 54.90 12.23 -71.75
N GLU T 116 55.13 12.69 -72.97
CA GLU T 116 56.10 11.99 -73.82
C GLU T 116 57.44 12.67 -73.87
N PHE T 117 57.77 13.35 -72.78
CA PHE T 117 59.03 14.03 -72.60
C PHE T 117 59.63 13.46 -71.35
N LEU T 118 58.79 13.37 -70.32
CA LEU T 118 59.22 12.79 -69.06
C LEU T 118 58.39 11.58 -68.79
N MET T 119 59.01 10.59 -68.18
CA MET T 119 58.30 9.39 -67.87
C MET T 119 58.82 8.87 -66.55
N GLY T 120 57.91 8.29 -65.77
CA GLY T 120 58.30 7.73 -64.48
C GLY T 120 59.29 8.56 -63.69
N GLY T 121 59.05 9.87 -63.62
CA GLY T 121 59.91 10.75 -62.86
C GLY T 121 61.23 11.16 -63.47
N ASP T 122 61.39 11.01 -64.79
CA ASP T 122 62.65 11.42 -65.40
C ASP T 122 62.58 11.88 -66.84
N VAL T 123 63.76 12.06 -67.42
CA VAL T 123 63.88 12.52 -68.78
C VAL T 123 63.99 11.40 -69.79
N GLN T 124 63.05 11.32 -70.72
CA GLN T 124 63.15 10.25 -71.70
C GLN T 124 63.91 10.64 -72.94
N ASP T 125 64.02 11.94 -73.22
CA ASP T 125 64.77 12.44 -74.36
C ASP T 125 65.19 13.81 -74.01
N THR T 126 66.00 14.40 -74.85
CA THR T 126 66.41 15.73 -74.51
C THR T 126 66.20 16.43 -75.80
N SER T 127 66.44 15.70 -76.86
CA SER T 127 66.32 16.26 -78.18
C SER T 127 65.05 17.07 -78.32
N LYS T 128 65.22 18.38 -78.41
CA LYS T 128 64.09 19.29 -78.55
C LYS T 128 63.22 18.73 -79.65
N LYS T 129 63.88 18.27 -80.70
CA LYS T 129 63.14 17.71 -81.82
C LYS T 129 62.62 16.31 -81.54
N SER T 130 63.51 15.40 -81.14
CA SER T 130 63.10 14.03 -80.86
C SER T 130 61.69 14.06 -80.33
N VAL T 131 61.47 14.88 -79.30
CA VAL T 131 60.14 15.01 -78.75
C VAL T 131 59.19 15.54 -79.82
N LEU T 132 59.35 16.81 -80.18
CA LEU T 132 58.49 17.35 -81.21
C LEU T 132 58.26 16.30 -82.28
N LYS T 133 59.27 16.09 -83.13
CA LYS T 133 59.19 15.12 -84.22
C LYS T 133 58.22 13.97 -83.89
N ALA T 134 58.43 13.34 -82.74
CA ALA T 134 57.58 12.23 -82.33
C ALA T 134 56.15 12.70 -82.08
N ILE T 135 56.00 13.54 -81.07
CA ILE T 135 54.72 14.08 -80.71
C ILE T 135 53.93 14.41 -81.97
N GLU T 136 54.61 15.02 -82.92
CA GLU T 136 53.97 15.40 -84.15
C GLU T 136 53.35 14.20 -84.86
N GLN T 137 54.18 13.30 -85.40
CA GLN T 137 53.64 12.13 -86.11
C GLN T 137 52.51 11.45 -85.37
N ALA T 138 52.61 11.45 -84.05
CA ALA T 138 51.57 10.86 -83.23
C ALA T 138 50.28 11.54 -83.67
N ASP T 139 50.28 12.86 -83.53
CA ASP T 139 49.14 13.67 -83.90
C ASP T 139 48.63 13.23 -85.28
N LEU T 140 49.52 13.11 -86.25
CA LEU T 140 49.09 12.68 -87.58
C LEU T 140 48.26 11.41 -87.51
N LEU T 141 48.71 10.45 -86.70
CA LEU T 141 47.98 9.21 -86.56
C LEU T 141 46.58 9.55 -86.08
N GLN T 142 46.50 10.34 -85.02
CA GLN T 142 45.23 10.75 -84.43
C GLN T 142 44.26 11.21 -85.52
N GLU T 143 44.67 12.23 -86.27
CA GLU T 143 43.83 12.76 -87.34
C GLU T 143 43.31 11.63 -88.21
N GLU T 144 44.23 10.76 -88.63
CA GLU T 144 43.85 9.62 -89.48
C GLU T 144 42.84 8.66 -88.85
N ASP T 145 42.51 8.87 -87.57
CA ASP T 145 41.52 8.00 -86.94
C ASP T 145 40.10 8.50 -87.22
N GLU T 146 39.87 9.81 -87.14
CA GLU T 146 38.50 10.29 -87.43
C GLU T 146 38.28 10.37 -88.95
N SER T 147 39.29 10.87 -89.63
CA SER T 147 39.25 11.03 -91.07
C SER T 147 40.08 9.88 -91.71
N PRO T 148 39.41 8.74 -92.06
CA PRO T 148 40.07 7.56 -92.66
C PRO T 148 40.99 7.77 -93.91
N ARG T 149 41.94 8.59 -93.83
N MET U 1 29.05 -80.81 19.79
CA MET U 1 28.75 -79.54 20.50
C MET U 1 29.96 -78.63 20.37
N MET U 2 29.73 -77.33 20.51
CA MET U 2 30.81 -76.36 20.42
C MET U 2 31.59 -76.42 21.71
N ARG U 3 32.91 -76.47 21.62
CA ARG U 3 33.71 -76.52 22.82
C ARG U 3 34.11 -75.10 23.20
N PHE U 4 34.17 -74.22 22.21
CA PHE U 4 34.52 -72.81 22.41
C PHE U 4 34.79 -72.09 21.11
N MET U 5 34.95 -70.77 21.17
CA MET U 5 35.20 -70.04 19.96
C MET U 5 36.05 -68.81 20.16
N LEU U 6 36.80 -68.44 19.14
CA LEU U 6 37.66 -67.28 19.29
C LEU U 6 37.72 -66.36 18.11
N LEU U 7 38.11 -65.12 18.40
CA LEU U 7 38.24 -64.11 17.40
C LEU U 7 39.52 -63.35 17.48
N PHE U 8 40.40 -63.64 16.54
CA PHE U 8 41.69 -62.99 16.48
C PHE U 8 42.10 -62.73 15.04
N SER U 9 42.87 -61.67 14.86
CA SER U 9 43.34 -61.24 13.56
C SER U 9 44.60 -61.96 13.12
N ARG U 10 45.05 -61.67 11.90
CA ARG U 10 46.26 -62.26 11.36
C ARG U 10 47.26 -62.41 12.50
N GLN U 11 47.60 -61.31 13.14
CA GLN U 11 48.53 -61.34 14.25
C GLN U 11 47.73 -61.76 15.44
N GLY U 12 48.34 -62.62 16.24
CA GLY U 12 47.71 -63.18 17.42
C GLY U 12 47.07 -62.23 18.40
N LYS U 13 46.16 -61.40 17.91
CA LYS U 13 45.51 -60.48 18.80
C LYS U 13 44.11 -60.99 19.07
N LEU U 14 43.85 -61.25 20.34
CA LEU U 14 42.57 -61.77 20.76
C LEU U 14 41.59 -60.64 20.62
N ARG U 15 40.48 -60.91 19.97
CA ARG U 15 39.49 -59.89 19.82
C ARG U 15 38.21 -60.33 20.46
N LEU U 16 38.11 -61.62 20.73
CA LEU U 16 36.92 -62.15 21.36
C LEU U 16 36.97 -63.64 21.63
N GLN U 17 36.86 -63.99 22.91
CA GLN U 17 36.88 -65.38 23.33
C GLN U 17 35.61 -65.71 24.10
N LYS U 18 35.17 -66.95 24.01
CA LYS U 18 33.96 -67.39 24.67
C LYS U 18 34.07 -68.89 24.92
N TRP U 19 34.18 -69.29 26.18
CA TRP U 19 34.34 -70.70 26.55
C TRP U 19 33.08 -71.45 26.95
N TYR U 20 32.78 -72.55 26.27
CA TYR U 20 31.58 -73.31 26.60
C TYR U 20 31.80 -74.53 27.45
N LEU U 21 32.89 -74.53 28.19
CA LEU U 21 33.18 -75.66 29.04
C LEU U 21 34.17 -75.30 30.11
N ALA U 22 33.71 -75.37 31.36
CA ALA U 22 34.53 -75.04 32.52
C ALA U 22 36.01 -75.33 32.27
N THR U 23 36.87 -74.45 32.78
CA THR U 23 38.29 -74.62 32.57
C THR U 23 39.04 -73.56 33.35
N SER U 24 40.25 -73.91 33.80
CA SER U 24 41.08 -72.97 34.56
C SER U 24 41.59 -71.87 33.65
N ASP U 25 41.70 -70.66 34.17
CA ASP U 25 42.16 -69.58 33.32
C ASP U 25 43.47 -69.91 32.60
N LYS U 26 44.51 -70.28 33.34
CA LYS U 26 45.79 -70.60 32.70
C LYS U 26 45.55 -71.44 31.46
N GLU U 27 45.05 -72.65 31.68
CA GLU U 27 44.77 -73.61 30.63
C GLU U 27 44.15 -72.91 29.43
N ARG U 28 43.28 -71.97 29.70
CA ARG U 28 42.64 -71.23 28.63
C ARG U 28 43.72 -70.51 27.80
N LYS U 29 44.32 -69.47 28.35
CA LYS U 29 45.35 -68.76 27.62
C LYS U 29 46.19 -69.77 26.86
N LYS U 30 46.56 -70.86 27.53
CA LYS U 30 47.31 -71.94 26.88
C LYS U 30 46.52 -72.22 25.60
N MET U 31 45.45 -72.98 25.76
CA MET U 31 44.56 -73.31 24.67
C MET U 31 44.73 -72.26 23.59
N VAL U 32 44.35 -71.04 23.95
CA VAL U 32 44.44 -69.94 23.03
C VAL U 32 45.69 -69.99 22.21
N ARG U 33 46.69 -69.24 22.65
CA ARG U 33 47.96 -69.14 21.96
C ARG U 33 48.33 -70.44 21.26
N GLU U 34 48.56 -71.48 22.04
CA GLU U 34 48.91 -72.80 21.51
C GLU U 34 48.23 -72.98 20.16
N LEU U 35 46.93 -72.71 20.14
CA LEU U 35 46.16 -72.83 18.93
C LEU U 35 46.54 -71.76 17.92
N MET U 36 46.24 -70.51 18.23
CA MET U 36 46.55 -69.40 17.33
C MET U 36 47.76 -69.67 16.46
N GLN U 37 48.88 -69.94 17.11
CA GLN U 37 50.12 -70.22 16.41
C GLN U 37 49.90 -71.28 15.36
N VAL U 38 49.56 -72.49 15.81
CA VAL U 38 49.36 -73.54 14.83
C VAL U 38 48.17 -73.24 13.93
N VAL U 39 47.27 -72.40 14.39
CA VAL U 39 46.13 -72.05 13.57
C VAL U 39 46.62 -71.24 12.40
N LEU U 40 46.80 -69.95 12.66
CA LEU U 40 47.24 -69.03 11.66
C LEU U 40 48.32 -69.61 10.76
N ALA U 41 49.41 -70.06 11.37
CA ALA U 41 50.55 -70.63 10.65
C ALA U 41 50.32 -71.24 9.27
N ARG U 42 49.11 -71.69 9.01
CA ARG U 42 48.80 -72.34 7.74
C ARG U 42 48.55 -71.42 6.53
N LYS U 43 49.04 -71.85 5.37
CA LYS U 43 48.87 -71.09 4.12
C LYS U 43 47.41 -70.94 3.82
N PRO U 44 47.02 -69.86 3.13
CA PRO U 44 45.61 -69.67 2.80
C PRO U 44 45.10 -70.70 1.81
N LYS U 45 46.03 -71.32 1.08
CA LYS U 45 45.67 -72.34 0.09
C LYS U 45 44.98 -73.53 0.75
N MET U 46 45.59 -74.02 1.83
CA MET U 46 45.07 -75.18 2.55
C MET U 46 43.60 -75.15 2.91
N CYS U 47 43.18 -76.14 3.70
CA CYS U 47 41.78 -76.29 4.10
C CYS U 47 41.38 -75.59 5.39
N SER U 48 40.18 -75.91 5.85
CA SER U 48 39.61 -75.29 7.03
C SER U 48 39.39 -76.22 8.23
N PHE U 49 39.82 -77.47 8.11
CA PHE U 49 39.59 -78.39 9.22
C PHE U 49 40.87 -79.03 9.73
N LEU U 50 41.04 -79.02 11.03
CA LEU U 50 42.24 -79.60 11.59
C LEU U 50 41.86 -80.49 12.74
N GLU U 51 42.58 -81.59 12.92
CA GLU U 51 42.28 -82.43 14.06
C GLU U 51 43.27 -82.05 15.15
N TRP U 52 42.78 -81.42 16.21
CA TRP U 52 43.65 -81.02 17.30
C TRP U 52 43.17 -81.56 18.61
N ARG U 53 44.14 -81.91 19.43
CA ARG U 53 43.84 -82.43 20.74
C ARG U 53 42.50 -83.10 20.75
N ASP U 54 42.33 -84.12 19.91
CA ASP U 54 41.08 -84.86 19.94
C ASP U 54 39.89 -84.14 19.31
N LEU U 55 39.87 -82.81 19.43
CA LEU U 55 38.78 -82.03 18.91
C LEU U 55 38.96 -81.58 17.46
N LYS U 56 37.85 -81.23 16.82
CA LYS U 56 37.87 -80.79 15.43
C LYS U 56 37.71 -79.28 15.42
N VAL U 57 38.65 -78.60 14.77
CA VAL U 57 38.62 -77.14 14.70
C VAL U 57 38.23 -76.60 13.34
N VAL U 58 37.71 -75.38 13.32
CA VAL U 58 37.29 -74.76 12.08
C VAL U 58 37.51 -73.26 12.05
N TYR U 59 37.73 -72.72 10.86
CA TYR U 59 37.96 -71.30 10.73
C TYR U 59 37.82 -70.78 9.31
N LYS U 60 37.50 -69.51 9.19
CA LYS U 60 37.38 -68.93 7.88
C LYS U 60 38.03 -67.58 8.03
N ARG U 61 38.76 -67.17 7.01
CA ARG U 61 39.47 -65.90 7.07
C ARG U 61 38.66 -64.74 6.52
N TYR U 62 38.39 -63.77 7.35
CA TYR U 62 37.64 -62.62 6.89
C TYR U 62 38.57 -61.45 7.00
N ALA U 63 39.12 -61.05 5.87
CA ALA U 63 40.02 -59.93 5.87
C ALA U 63 41.01 -60.20 6.98
N SER U 64 41.44 -59.15 7.65
CA SER U 64 42.38 -59.32 8.73
C SER U 64 41.68 -59.81 9.97
N LEU U 65 40.78 -60.78 9.83
CA LEU U 65 40.12 -61.28 11.01
C LEU U 65 39.85 -62.79 10.95
N TYR U 66 40.22 -63.49 12.01
CA TYR U 66 40.03 -64.93 12.03
C TYR U 66 38.89 -65.39 12.89
N PHE U 67 38.14 -66.37 12.41
CA PHE U 67 37.04 -66.95 13.16
C PHE U 67 37.30 -68.41 13.42
N CYS U 68 37.38 -68.79 14.69
CA CYS U 68 37.68 -70.18 15.04
C CYS U 68 36.83 -70.77 16.08
N CYS U 69 36.84 -72.10 16.07
CA CYS U 69 36.08 -72.87 17.03
C CYS U 69 36.43 -74.34 16.95
N ALA U 70 35.99 -75.08 17.96
CA ALA U 70 36.28 -76.49 18.08
C ALA U 70 35.03 -77.32 18.23
N ILE U 71 35.03 -78.54 17.67
CA ILE U 71 33.88 -79.40 17.76
C ILE U 71 34.24 -80.82 18.13
N GLU U 72 33.23 -81.58 18.50
CA GLU U 72 33.42 -82.97 18.86
C GLU U 72 33.40 -83.84 17.61
N GLY U 73 34.47 -84.61 17.44
CA GLY U 73 34.64 -85.48 16.29
C GLY U 73 33.37 -86.03 15.68
N GLN U 74 32.41 -86.34 16.54
CA GLN U 74 31.12 -86.87 16.08
C GLN U 74 30.24 -85.69 15.69
N ASP U 75 30.77 -84.79 14.89
CA ASP U 75 29.98 -83.64 14.48
C ASP U 75 30.24 -83.23 13.04
N ASN U 76 29.37 -82.35 12.53
CA ASN U 76 29.44 -81.86 11.16
C ASN U 76 30.25 -80.58 10.93
N GLU U 77 31.49 -80.75 10.51
CA GLU U 77 32.39 -79.65 10.24
C GLU U 77 31.75 -78.58 9.37
N LEU U 78 31.40 -78.96 8.16
CA LEU U 78 30.80 -78.04 7.20
C LEU U 78 29.76 -77.13 7.80
N ILE U 79 28.65 -77.74 8.20
CA ILE U 79 27.54 -77.00 8.76
C ILE U 79 28.07 -75.98 9.72
N THR U 80 28.96 -76.43 10.59
CA THR U 80 29.58 -75.57 11.58
C THR U 80 30.06 -74.31 10.87
N LEU U 81 30.88 -74.53 9.86
CA LEU U 81 31.39 -73.43 9.08
C LEU U 81 30.25 -72.46 8.85
N GLU U 82 29.20 -72.93 8.17
CA GLU U 82 28.06 -72.07 7.88
C GLU U 82 27.56 -71.32 9.09
N LEU U 83 27.85 -71.85 10.27
CA LEU U 83 27.44 -71.15 11.46
C LEU U 83 28.23 -69.86 11.51
N ILE U 84 29.55 -69.98 11.54
CA ILE U 84 30.39 -68.80 11.58
C ILE U 84 29.76 -67.77 10.67
N HIS U 85 29.84 -68.05 9.38
CA HIS U 85 29.29 -67.16 8.37
C HIS U 85 28.00 -66.57 8.87
N ARG U 86 27.26 -67.31 9.69
CA ARG U 86 26.04 -66.75 10.19
C ARG U 86 26.40 -65.67 11.19
N TYR U 87 27.20 -66.01 12.18
CA TYR U 87 27.55 -65.00 13.15
C TYR U 87 27.93 -63.72 12.42
N VAL U 88 28.99 -63.81 11.62
CA VAL U 88 29.46 -62.64 10.90
C VAL U 88 28.24 -61.91 10.38
N GLU U 89 27.39 -62.67 9.69
CA GLU U 89 26.15 -62.17 9.11
C GLU U 89 25.56 -61.19 10.09
N LEU U 90 25.21 -61.71 11.27
CA LEU U 90 24.65 -60.90 12.33
C LEU U 90 25.50 -59.67 12.43
N LEU U 91 26.67 -59.86 13.01
CA LEU U 91 27.59 -58.77 13.20
C LEU U 91 27.39 -57.73 12.10
N ASP U 92 27.51 -58.15 10.85
CA ASP U 92 27.33 -57.21 9.75
C ASP U 92 26.08 -56.37 9.89
N LYS U 93 24.93 -56.98 9.68
CA LYS U 93 23.72 -56.19 9.74
C LYS U 93 23.48 -55.41 11.03
N TYR U 94 24.22 -55.69 12.10
CA TYR U 94 23.99 -54.96 13.32
C TYR U 94 24.71 -53.63 13.33
N PHE U 95 25.98 -53.65 12.97
CA PHE U 95 26.77 -52.42 12.94
C PHE U 95 26.78 -51.75 11.59
N GLY U 96 26.10 -52.33 10.63
CA GLY U 96 26.09 -51.75 9.32
C GLY U 96 27.46 -51.91 8.69
N SER U 97 27.58 -52.86 7.77
CA SER U 97 28.83 -53.10 7.08
C SER U 97 29.92 -53.02 8.14
N VAL U 98 29.96 -54.07 8.96
CA VAL U 98 30.90 -54.14 10.05
C VAL U 98 32.34 -54.40 9.67
N CYS U 99 33.22 -54.00 10.58
CA CYS U 99 34.66 -54.17 10.43
C CYS U 99 35.46 -54.24 11.72
N GLU U 100 36.45 -55.13 11.71
CA GLU U 100 37.34 -55.33 12.83
C GLU U 100 37.23 -54.25 13.88
N LEU U 101 37.80 -53.09 13.59
CA LEU U 101 37.77 -51.99 14.56
C LEU U 101 36.58 -52.11 15.47
N ASP U 102 35.40 -52.06 14.86
CA ASP U 102 34.14 -52.16 15.58
C ASP U 102 34.27 -53.22 16.65
N ILE U 103 34.50 -54.46 16.21
CA ILE U 103 34.64 -55.58 17.11
C ILE U 103 35.56 -55.32 18.29
N ILE U 104 36.61 -54.57 18.08
CA ILE U 104 37.51 -54.31 19.19
C ILE U 104 36.87 -53.32 20.12
N PHE U 105 36.27 -52.29 19.56
CA PHE U 105 35.63 -51.27 20.37
C PHE U 105 34.31 -51.67 21.01
N ASN U 106 33.65 -52.67 20.47
CA ASN U 106 32.37 -53.04 21.04
C ASN U 106 32.18 -54.50 21.37
N PHE U 107 33.30 -55.20 21.57
CA PHE U 107 33.23 -56.62 21.87
C PHE U 107 32.00 -56.87 22.70
N GLU U 108 31.87 -56.11 23.78
CA GLU U 108 30.73 -56.22 24.65
C GLU U 108 29.54 -56.67 23.83
N LYS U 109 29.08 -55.79 22.95
CA LYS U 109 27.94 -56.10 22.11
C LYS U 109 28.20 -57.42 21.39
N ALA U 110 29.29 -57.47 20.64
CA ALA U 110 29.64 -58.67 19.91
C ALA U 110 29.22 -59.87 20.73
N TYR U 111 29.64 -59.87 21.98
CA TYR U 111 29.29 -60.96 22.85
C TYR U 111 27.80 -61.07 22.84
N PHE U 112 27.11 -60.17 23.53
CA PHE U 112 25.65 -60.22 23.57
C PHE U 112 25.07 -60.87 22.34
N ILE U 113 25.28 -60.23 21.20
CA ILE U 113 24.77 -60.76 19.97
C ILE U 113 24.99 -62.24 19.99
N LEU U 114 26.24 -62.61 19.79
CA LEU U 114 26.59 -64.01 19.79
C LEU U 114 25.92 -64.70 20.97
N ASP U 115 26.30 -64.29 22.16
CA ASP U 115 25.76 -64.87 23.37
C ASP U 115 24.27 -65.16 23.24
N GLU U 116 23.52 -64.32 22.53
CA GLU U 116 22.09 -64.58 22.40
C GLU U 116 21.72 -65.19 21.06
N PHE U 117 22.69 -65.92 20.51
CA PHE U 117 22.53 -66.61 19.25
C PHE U 117 22.84 -68.06 19.55
N LEU U 118 23.92 -68.27 20.26
CA LEU U 118 24.32 -69.60 20.67
C LEU U 118 24.30 -69.67 22.17
N MET U 119 23.92 -70.82 22.69
CA MET U 119 23.90 -70.97 24.12
C MET U 119 24.32 -72.39 24.42
N GLY U 120 25.03 -72.56 25.54
CA GLY U 120 25.47 -73.87 25.95
C GLY U 120 25.96 -74.77 24.84
N GLY U 121 26.78 -74.22 23.95
CA GLY U 121 27.34 -75.00 22.86
C GLY U 121 26.45 -75.29 21.67
N ASP U 122 25.38 -74.54 21.49
CA ASP U 122 24.52 -74.78 20.33
C ASP U 122 23.77 -73.60 19.79
N VAL U 123 22.87 -73.89 18.86
CA VAL U 123 22.08 -72.87 18.21
C VAL U 123 20.74 -72.62 18.87
N GLN U 124 20.50 -71.41 19.34
CA GLN U 124 19.23 -71.16 19.98
C GLN U 124 18.16 -70.66 19.04
N ASP U 125 18.57 -70.11 17.90
CA ASP U 125 17.65 -69.63 16.88
C ASP U 125 18.37 -69.68 15.59
N THR U 126 17.68 -69.43 14.52
CA THR U 126 18.38 -69.47 13.28
C THR U 126 17.93 -68.20 12.63
N SER U 127 16.69 -67.87 12.91
CA SER U 127 16.09 -66.70 12.34
C SER U 127 17.04 -65.51 12.41
N LYS U 128 17.55 -65.12 11.26
CA LYS U 128 18.47 -63.99 11.18
C LYS U 128 17.82 -62.87 11.96
N LYS U 129 16.53 -62.71 11.78
CA LYS U 129 15.82 -61.67 12.48
C LYS U 129 15.57 -62.00 13.94
N SER U 130 14.96 -63.15 14.20
CA SER U 130 14.67 -63.55 15.58
C SER U 130 15.75 -63.00 16.46
N VAL U 131 17.00 -63.29 16.11
CA VAL U 131 18.12 -62.77 16.87
C VAL U 131 18.09 -61.25 16.83
N LEU U 132 18.40 -60.67 15.67
CA LEU U 132 18.37 -59.22 15.57
C LEU U 132 17.20 -58.70 16.39
N LYS U 133 15.99 -58.83 15.83
CA LYS U 133 14.76 -58.36 16.48
C LYS U 133 14.90 -58.35 18.01
N ALA U 134 15.30 -59.49 18.58
CA ALA U 134 15.45 -59.60 20.01
C ALA U 134 16.57 -58.69 20.52
N ILE U 135 17.78 -59.01 20.09
CA ILE U 135 18.94 -58.25 20.49
C ILE U 135 18.61 -56.77 20.48
N GLU U 136 17.91 -56.34 19.44
CA GLU U 136 17.54 -54.95 19.32
C GLU U 136 16.74 -54.48 20.54
N GLN U 137 15.50 -54.94 20.69
CA GLN U 137 14.66 -54.50 21.81
C GLN U 137 15.41 -54.52 23.13
N ALA U 138 16.29 -55.49 23.28
CA ALA U 138 17.08 -55.58 24.50
C ALA U 138 17.75 -54.23 24.64
N ASP U 139 18.52 -53.88 23.61
CA ASP U 139 19.23 -52.62 23.58
C ASP U 139 18.30 -51.49 24.00
N LEU U 140 17.09 -51.44 23.43
CA LEU U 140 16.16 -50.38 23.82
C LEU U 140 15.98 -50.34 25.32
N LEU U 141 15.85 -51.51 25.94
CA LEU U 141 15.68 -51.55 27.38
C LEU U 141 16.88 -50.86 28.01
N GLN U 142 18.07 -51.29 27.60
CA GLN U 142 19.32 -50.73 28.10
C GLN U 142 19.26 -49.20 28.14
N GLU U 143 19.05 -48.60 26.97
CA GLU U 143 18.96 -47.15 26.88
C GLU U 143 18.04 -46.61 27.95
N GLU U 144 16.84 -47.20 28.05
CA GLU U 144 15.86 -46.75 29.03
C GLU U 144 16.33 -46.86 30.48
N ASP U 145 17.49 -47.46 30.71
CA ASP U 145 17.99 -47.56 32.07
C ASP U 145 18.75 -46.29 32.47
N GLU U 146 19.59 -45.75 31.57
CA GLU U 146 20.29 -44.50 31.95
C GLU U 146 19.37 -43.29 31.79
N SER U 147 18.63 -43.30 30.69
CA SER U 147 17.70 -42.24 30.36
C SER U 147 16.28 -42.71 30.68
N PRO U 148 15.79 -42.44 31.92
CA PRO U 148 14.43 -42.84 32.38
C PRO U 148 13.21 -42.49 31.49
N ARG U 149 13.21 -42.89 30.28
N SER V 2 -78.72 43.10 46.82
CA SER V 2 -78.66 42.78 48.26
C SER V 2 -77.22 42.65 48.78
N ALA V 3 -76.74 41.43 49.00
CA ALA V 3 -75.37 41.22 49.49
C ALA V 3 -74.30 41.42 48.39
N SER V 4 -73.27 42.22 48.66
CA SER V 4 -72.20 42.47 47.67
C SER V 4 -70.82 41.97 48.06
N ALA V 5 -70.70 41.35 49.23
CA ALA V 5 -69.42 40.85 49.68
C ALA V 5 -69.55 39.90 50.87
N VAL V 6 -68.63 38.97 50.98
CA VAL V 6 -68.67 38.01 52.06
C VAL V 6 -67.25 37.78 52.52
N TYR V 7 -67.01 37.91 53.81
CA TYR V 7 -65.66 37.69 54.32
C TYR V 7 -65.70 36.63 55.39
N VAL V 8 -64.55 36.38 56.00
CA VAL V 8 -64.45 35.41 57.05
C VAL V 8 -63.27 35.90 57.84
N LEU V 9 -63.50 36.44 59.03
CA LEU V 9 -62.37 36.93 59.79
C LEU V 9 -62.08 36.10 61.01
N ASP V 10 -60.94 36.39 61.63
CA ASP V 10 -60.52 35.72 62.84
C ASP V 10 -60.56 36.78 63.93
N LEU V 11 -61.04 36.40 65.10
CA LEU V 11 -61.14 37.28 66.26
C LEU V 11 -60.54 38.65 65.99
N LYS V 12 -59.22 38.69 65.83
CA LYS V 12 -58.47 39.92 65.57
C LYS V 12 -59.20 40.92 64.68
N GLY V 13 -60.02 40.42 63.76
CA GLY V 13 -60.77 41.30 62.88
C GLY V 13 -60.04 41.55 61.59
N LYS V 14 -59.02 40.76 61.34
CA LYS V 14 -58.25 40.93 60.13
C LYS V 14 -58.85 40.03 59.06
N VAL V 15 -58.81 40.52 57.83
CA VAL V 15 -59.33 39.79 56.70
C VAL V 15 -58.64 38.46 56.61
N LEU V 16 -59.43 37.40 56.79
CA LEU V 16 -58.91 36.04 56.75
C LEU V 16 -58.94 35.46 55.34
N ILE V 17 -60.08 35.53 54.66
CA ILE V 17 -60.21 35.02 53.30
C ILE V 17 -61.59 35.39 52.82
N CYS V 18 -61.71 35.79 51.55
CA CYS V 18 -63.01 36.23 51.07
C CYS V 18 -63.16 36.34 49.57
N ARG V 19 -64.36 36.77 49.16
CA ARG V 19 -64.73 36.98 47.77
C ARG V 19 -65.62 38.21 47.55
N ASN V 20 -65.35 38.92 46.46
CA ASN V 20 -66.04 40.15 46.09
C ASN V 20 -67.04 39.97 44.93
N TYR V 21 -68.33 39.86 45.25
CA TYR V 21 -69.34 39.65 44.19
C TYR V 21 -69.93 40.91 43.54
N ARG V 22 -69.44 42.09 43.87
CA ARG V 22 -70.02 43.30 43.29
C ARG V 22 -69.06 44.48 43.15
N GLY V 23 -69.53 45.70 43.40
CA GLY V 23 -68.68 46.88 43.26
C GLY V 23 -68.77 47.95 44.34
N ASP V 24 -68.04 47.73 45.44
CA ASP V 24 -67.96 48.61 46.62
C ASP V 24 -66.51 48.58 47.13
N VAL V 25 -65.93 49.75 47.43
CA VAL V 25 -64.51 49.90 47.86
C VAL V 25 -64.02 48.91 48.92
N ASP V 26 -64.68 47.76 48.96
CA ASP V 26 -64.33 46.64 49.80
C ASP V 26 -63.06 46.86 50.60
N MET V 27 -61.95 46.93 49.87
CA MET V 27 -60.61 47.13 50.43
C MET V 27 -60.58 47.85 51.77
N SER V 28 -61.43 48.86 51.92
CA SER V 28 -61.46 49.58 53.18
C SER V 28 -62.47 48.89 54.13
N GLU V 29 -63.60 49.57 54.34
CA GLU V 29 -64.66 49.12 55.23
C GLU V 29 -64.37 47.87 56.09
N VAL V 30 -64.23 46.71 55.47
CA VAL V 30 -63.94 45.51 56.23
C VAL V 30 -62.94 45.77 57.34
N GLU V 31 -61.92 46.55 57.01
CA GLU V 31 -60.88 46.89 57.96
C GLU V 31 -61.49 47.58 59.16
N HIS V 32 -62.33 48.58 58.92
CA HIS V 32 -62.97 49.32 59.99
C HIS V 32 -63.85 48.43 60.86
N PHE V 33 -64.32 47.33 60.30
CA PHE V 33 -65.20 46.42 61.04
C PHE V 33 -64.89 46.36 62.52
N MET V 34 -63.96 45.49 62.85
CA MET V 34 -63.57 45.28 64.24
C MET V 34 -63.68 46.57 65.04
N PRO V 35 -62.85 47.58 64.74
CA PRO V 35 -62.90 48.83 65.49
C PRO V 35 -64.33 49.26 65.83
N ILE V 36 -65.16 49.41 64.81
CA ILE V 36 -66.55 49.81 65.04
C ILE V 36 -67.22 48.88 66.01
N LEU V 37 -67.19 47.61 65.65
CA LEU V 37 -67.79 46.61 66.50
C LEU V 37 -67.58 47.01 67.93
N MET V 38 -66.35 46.82 68.41
CA MET V 38 -66.01 47.16 69.78
C MET V 38 -66.77 48.39 70.32
N GLU V 39 -66.54 49.56 69.72
CA GLU V 39 -67.23 50.78 70.18
C GLU V 39 -68.73 50.64 70.39
N LYS V 40 -69.39 50.04 69.40
CA LYS V 40 -70.82 49.86 69.49
C LYS V 40 -71.18 48.86 70.59
N GLU V 41 -70.16 48.22 71.16
CA GLU V 41 -70.42 47.29 72.27
C GLU V 41 -70.28 48.08 73.57
N GLU V 42 -69.53 49.18 73.48
CA GLU V 42 -69.33 50.05 74.63
C GLU V 42 -70.66 50.72 74.91
N GLU V 43 -71.37 51.04 73.82
CA GLU V 43 -72.67 51.66 73.91
C GLU V 43 -73.73 50.59 74.20
N GLY V 44 -73.30 49.34 74.36
CA GLY V 44 -74.22 48.24 74.64
C GLY V 44 -75.15 47.99 73.47
N MET V 45 -75.35 49.04 72.67
CA MET V 45 -76.19 49.04 71.46
C MET V 45 -75.45 48.18 70.42
N LEU V 46 -75.24 46.93 70.84
CA LEU V 46 -74.55 45.89 70.08
C LEU V 46 -75.53 45.27 69.10
N SER V 47 -75.46 45.66 67.82
CA SER V 47 -76.38 45.17 66.80
C SER V 47 -75.70 44.35 65.69
N PRO V 48 -76.33 43.25 65.24
CA PRO V 48 -75.75 42.44 64.17
C PRO V 48 -75.75 43.14 62.82
N ILE V 49 -75.99 44.45 62.84
CA ILE V 49 -76.02 45.29 61.65
C ILE V 49 -75.26 46.58 61.94
N LEU V 50 -73.98 46.62 61.60
CA LEU V 50 -73.19 47.80 61.89
C LEU V 50 -73.15 48.84 60.81
N ALA V 51 -72.84 50.06 61.23
CA ALA V 51 -72.80 51.20 60.32
C ALA V 51 -71.47 51.94 60.16
N HIS V 52 -71.14 52.26 58.93
CA HIS V 52 -69.96 53.02 58.60
C HIS V 52 -70.17 53.77 57.29
N GLY V 53 -70.35 55.09 57.39
CA GLY V 53 -70.55 55.92 56.22
C GLY V 53 -71.65 55.56 55.25
N GLY V 54 -72.51 54.61 55.62
CA GLY V 54 -73.58 54.20 54.73
C GLY V 54 -73.22 52.85 54.14
N VAL V 55 -72.53 52.07 54.95
CA VAL V 55 -72.10 50.73 54.58
C VAL V 55 -72.48 49.84 55.75
N ARG V 56 -73.34 48.88 55.48
CA ARG V 56 -73.83 48.01 56.53
C ARG V 56 -73.10 46.68 56.60
N PHE V 57 -73.08 46.10 57.79
CA PHE V 57 -72.40 44.84 58.00
C PHE V 57 -73.24 43.80 58.68
N MET V 58 -73.49 42.70 57.98
CA MET V 58 -74.25 41.62 58.56
C MET V 58 -73.25 40.60 58.99
N TRP V 59 -73.28 40.18 60.24
CA TRP V 59 -72.31 39.20 60.71
C TRP V 59 -72.83 38.15 61.65
N ILE V 60 -72.01 37.13 61.83
CA ILE V 60 -72.34 36.02 62.71
C ILE V 60 -71.04 35.43 63.20
N LYS V 61 -70.91 35.28 64.50
CA LYS V 61 -69.68 34.72 65.01
C LYS V 61 -69.89 33.25 65.27
N HIS V 62 -68.96 32.45 64.77
CA HIS V 62 -68.96 31.01 64.95
C HIS V 62 -67.60 30.74 65.55
N ASN V 63 -67.52 29.77 66.44
CA ASN V 63 -66.25 29.43 67.08
C ASN V 63 -65.05 30.05 66.42
N ASN V 64 -64.44 31.07 67.01
CA ASN V 64 -63.19 31.53 66.41
C ASN V 64 -63.26 32.22 65.05
N LEU V 65 -64.45 32.44 64.49
CA LEU V 65 -64.50 33.07 63.17
C LEU V 65 -65.67 34.00 62.90
N TYR V 66 -65.39 35.26 62.61
CA TYR V 66 -66.47 36.19 62.31
C TYR V 66 -66.76 36.02 60.84
N LEU V 67 -68.03 35.92 60.52
CA LEU V 67 -68.46 35.76 59.16
C LEU V 67 -69.21 37.01 58.81
N VAL V 68 -68.93 37.61 57.66
CA VAL V 68 -69.59 38.86 57.38
C VAL V 68 -70.03 39.17 55.96
N ALA V 69 -71.08 39.99 55.85
CA ALA V 69 -71.64 40.42 54.58
C ALA V 69 -71.60 41.93 54.46
N THR V 70 -71.73 42.43 53.23
CA THR V 70 -71.65 43.86 52.96
C THR V 70 -72.61 44.34 51.89
N SER V 71 -73.11 45.56 52.04
CA SER V 71 -74.02 46.13 51.05
C SER V 71 -74.12 47.64 51.14
N LYS V 72 -74.29 48.29 50.00
CA LYS V 72 -74.41 49.75 49.97
C LYS V 72 -75.90 50.05 49.88
N LYS V 73 -76.61 49.19 49.15
CA LYS V 73 -78.05 49.33 48.94
C LYS V 73 -78.82 48.83 50.15
N ASN V 74 -80.15 48.90 50.06
CA ASN V 74 -81.04 48.44 51.11
C ASN V 74 -81.24 46.91 50.99
N ALA V 75 -80.49 46.17 51.79
CA ALA V 75 -80.55 44.72 51.74
C ALA V 75 -81.80 44.06 52.27
N CYS V 76 -81.92 42.79 51.90
CA CYS V 76 -83.03 41.93 52.29
C CYS V 76 -82.52 41.11 53.46
N VAL V 77 -81.96 41.80 54.44
CA VAL V 77 -81.38 41.19 55.63
C VAL V 77 -81.76 39.73 55.81
N SER V 78 -83.01 39.52 56.21
CA SER V 78 -83.55 38.20 56.45
C SER V 78 -82.72 37.20 55.69
N LEU V 79 -82.55 37.48 54.40
CA LEU V 79 -81.76 36.61 53.53
C LEU V 79 -80.39 36.42 54.11
N VAL V 80 -79.57 37.37 53.72
CA VAL V 80 -78.20 37.45 54.11
C VAL V 80 -78.01 36.63 55.35
N PHE V 81 -78.70 37.02 56.42
CA PHE V 81 -78.55 36.29 57.65
C PHE V 81 -78.79 34.80 57.44
N SER V 82 -79.95 34.42 56.93
CA SER V 82 -80.23 32.99 56.71
C SER V 82 -79.06 32.38 55.96
N PHE V 83 -78.83 32.94 54.77
CA PHE V 83 -77.76 32.51 53.90
C PHE V 83 -76.47 32.29 54.66
N LEU V 84 -75.89 33.37 55.18
CA LEU V 84 -74.65 33.26 55.93
C LEU V 84 -74.68 32.02 56.77
N TYR V 85 -75.57 32.03 57.76
CA TYR V 85 -75.68 30.90 58.65
C TYR V 85 -75.61 29.61 57.83
N LYS V 86 -76.39 29.52 56.77
CA LYS V 86 -76.35 28.32 55.93
C LYS V 86 -74.91 28.07 55.53
N VAL V 87 -74.25 29.10 55.04
CA VAL V 87 -72.86 28.98 54.64
C VAL V 87 -72.11 28.11 55.64
N VAL V 88 -72.24 28.45 56.91
CA VAL V 88 -71.59 27.65 57.93
C VAL V 88 -72.00 26.24 57.61
N GLN V 89 -73.29 25.99 57.82
CA GLN V 89 -73.90 24.69 57.58
C GLN V 89 -73.06 23.89 56.59
N VAL V 90 -72.93 24.44 55.38
CA VAL V 90 -72.17 23.81 54.31
C VAL V 90 -70.77 23.42 54.74
N PHE V 91 -69.96 24.42 55.04
CA PHE V 91 -68.59 24.18 55.45
C PHE V 91 -68.49 23.11 56.52
N SER V 92 -68.99 23.44 57.70
CA SER V 92 -68.95 22.54 58.84
C SER V 92 -69.17 21.11 58.39
N GLU V 93 -69.97 20.98 57.33
CA GLU V 93 -70.25 19.66 56.81
C GLU V 93 -69.08 19.10 56.02
N TYR V 94 -68.45 19.95 55.20
CA TYR V 94 -67.33 19.56 54.36
C TYR V 94 -66.07 19.11 55.04
N PHE V 95 -65.86 19.68 56.23
CA PHE V 95 -64.73 19.37 57.09
C PHE V 95 -65.34 19.58 58.46
N LYS V 96 -64.92 18.78 59.44
CA LYS V 96 -65.52 18.84 60.77
C LYS V 96 -65.99 20.18 61.32
N GLU V 97 -65.07 21.07 61.70
CA GLU V 97 -65.51 22.34 62.27
C GLU V 97 -64.83 23.58 61.72
N LEU V 98 -65.56 24.68 61.72
CA LEU V 98 -65.02 25.94 61.25
C LEU V 98 -64.02 26.32 62.28
N GLU V 99 -62.99 27.03 61.85
CA GLU V 99 -61.93 27.48 62.74
C GLU V 99 -60.93 28.05 61.80
N GLU V 100 -60.20 29.06 62.25
CA GLU V 100 -59.18 29.67 61.45
C GLU V 100 -58.57 28.48 60.74
N GLU V 101 -57.88 27.66 61.53
CA GLU V 101 -57.22 26.48 61.01
C GLU V 101 -57.96 25.88 59.82
N SER V 102 -59.20 25.47 60.03
CA SER V 102 -59.99 24.87 58.96
C SER V 102 -59.86 25.62 57.67
N ILE V 103 -60.31 26.87 57.71
CA ILE V 103 -60.27 27.71 56.54
C ILE V 103 -58.84 27.76 56.01
N ARG V 104 -57.92 28.10 56.89
CA ARG V 104 -56.49 28.20 56.53
C ARG V 104 -56.08 27.03 55.65
N ASP V 105 -56.81 25.93 55.75
CA ASP V 105 -56.48 24.78 54.96
C ASP V 105 -57.18 24.76 53.63
N ASN V 106 -58.47 24.52 53.68
CA ASN V 106 -59.27 24.39 52.49
C ASN V 106 -59.51 25.59 51.62
N PHE V 107 -58.68 26.62 51.75
CA PHE V 107 -58.84 27.82 50.95
C PHE V 107 -59.48 27.55 49.62
N VAL V 108 -58.66 27.00 48.73
CA VAL V 108 -59.11 26.70 47.42
C VAL V 108 -60.58 26.36 47.35
N ILE V 109 -60.94 25.14 47.76
CA ILE V 109 -62.35 24.72 47.70
C ILE V 109 -63.29 25.81 48.12
N ILE V 110 -62.97 26.48 49.21
CA ILE V 110 -63.82 27.56 49.66
C ILE V 110 -64.04 28.52 48.50
N TYR V 111 -62.96 28.95 47.86
CA TYR V 111 -63.12 29.84 46.73
C TYR V 111 -64.14 29.24 45.78
N GLU V 112 -64.04 27.94 45.56
CA GLU V 112 -64.97 27.27 44.68
C GLU V 112 -66.36 27.41 45.28
N LEU V 113 -66.58 26.62 46.33
CA LEU V 113 -67.84 26.63 47.03
C LEU V 113 -68.44 28.01 46.93
N LEU V 114 -67.78 28.99 47.53
CA LEU V 114 -68.27 30.35 47.49
C LEU V 114 -68.86 30.71 46.14
N ASP V 115 -68.04 30.59 45.11
CA ASP V 115 -68.53 30.92 43.79
C ASP V 115 -69.84 30.26 43.47
N GLU V 116 -69.93 28.96 43.70
CA GLU V 116 -71.18 28.25 43.38
C GLU V 116 -72.36 28.46 44.35
N LEU V 117 -72.10 29.07 45.51
CA LEU V 117 -73.15 29.36 46.50
C LEU V 117 -74.00 30.52 46.08
N MET V 118 -73.37 31.50 45.44
CA MET V 118 -74.14 32.65 45.00
C MET V 118 -73.44 33.35 43.87
N ASP V 119 -74.06 34.39 43.35
CA ASP V 119 -73.46 35.14 42.25
C ASP V 119 -73.92 36.59 42.26
N PHE V 120 -72.98 37.51 42.03
CA PHE V 120 -73.32 38.93 41.98
C PHE V 120 -74.21 39.39 43.12
N GLY V 121 -74.35 38.53 44.11
CA GLY V 121 -75.18 38.82 45.25
C GLY V 121 -76.20 37.73 45.35
N TYR V 122 -77.25 37.87 44.55
CA TYR V 122 -78.31 36.87 44.55
C TYR V 122 -77.69 35.49 44.60
N PRO V 123 -78.08 34.70 45.59
CA PRO V 123 -77.51 33.37 45.71
C PRO V 123 -78.14 32.29 44.86
N GLN V 124 -77.48 31.88 43.79
CA GLN V 124 -78.04 30.80 43.02
C GLN V 124 -78.00 29.70 44.06
N THR V 125 -79.18 29.25 44.47
CA THR V 125 -79.37 28.19 45.49
C THR V 125 -78.22 27.25 45.77
N THR V 126 -78.22 26.75 47.01
CA THR V 126 -77.24 25.79 47.42
C THR V 126 -77.50 25.06 48.72
N ASP V 127 -77.29 23.76 48.59
CA ASP V 127 -77.46 22.76 49.62
C ASP V 127 -76.36 21.73 49.30
N SER V 128 -75.84 21.04 50.32
CA SER V 128 -74.77 20.04 50.15
C SER V 128 -74.82 19.06 48.96
N LYS V 129 -75.61 17.98 49.08
CA LYS V 129 -75.74 16.97 48.01
C LYS V 129 -76.05 17.63 46.66
N ILE V 130 -76.99 18.57 46.69
CA ILE V 130 -77.42 19.33 45.52
C ILE V 130 -76.25 20.14 44.97
N LEU V 131 -75.05 19.83 45.43
CA LEU V 131 -73.90 20.60 45.03
C LEU V 131 -72.66 19.80 44.66
N GLN V 132 -72.27 18.87 45.55
CA GLN V 132 -71.08 18.01 45.40
C GLN V 132 -70.68 17.67 43.96
N GLU V 133 -71.60 17.95 43.03
CA GLU V 133 -71.42 17.74 41.61
C GLU V 133 -70.75 18.95 40.99
N PHE V 134 -71.07 20.14 41.50
CA PHE V 134 -70.47 21.35 40.97
C PHE V 134 -69.07 21.63 41.53
N ILE V 135 -68.68 20.88 42.57
CA ILE V 135 -67.37 21.08 43.20
C ILE V 135 -66.24 20.16 42.73
N THR V 136 -65.14 20.79 42.31
CA THR V 136 -63.96 20.07 41.82
C THR V 136 -63.40 19.06 42.79
N GLN V 137 -62.56 19.49 43.73
CA GLN V 137 -62.05 18.50 44.64
C GLN V 137 -62.56 18.63 46.05
N GLU V 138 -62.38 17.51 46.74
CA GLU V 138 -62.74 17.28 48.11
C GLU V 138 -61.80 18.07 49.01
N GLY V 139 -62.30 18.48 50.17
CA GLY V 139 -61.49 19.22 51.10
C GLY V 139 -61.01 18.37 52.26
N HIS V 140 -60.19 18.96 53.10
CA HIS V 140 -59.67 18.25 54.24
C HIS V 140 -60.45 18.59 55.47
N LYS V 141 -60.89 17.54 56.15
CA LYS V 141 -61.66 17.70 57.37
C LYS V 141 -60.67 17.93 58.51
N LEU V 142 -61.18 18.06 59.74
CA LEU V 142 -60.34 18.28 60.92
C LEU V 142 -61.08 18.08 62.25
N GLU V 143 -61.27 16.82 62.65
CA GLU V 143 -61.97 16.50 63.90
C GLU V 143 -60.99 16.60 65.05
N THR V 144 -61.42 17.21 66.14
CA THR V 144 -60.50 17.42 67.24
C THR V 144 -61.13 17.30 68.63
N GLY V 145 -60.31 17.55 69.66
CA GLY V 145 -60.74 17.49 71.05
C GLY V 145 -59.57 17.91 71.95
N VAL V 157 -69.08 16.28 98.38
CA VAL V 157 -68.70 17.68 98.27
C VAL V 157 -67.67 18.08 99.33
N SER V 158 -68.11 17.94 100.57
CA SER V 158 -67.32 18.25 101.78
C SER V 158 -67.14 19.76 102.09
N TRP V 159 -67.01 20.63 101.08
CA TRP V 159 -66.83 22.05 101.42
C TRP V 159 -68.06 22.85 101.78
N ARG V 160 -69.22 22.26 101.49
CA ARG V 160 -70.47 22.86 101.91
C ARG V 160 -71.09 21.74 102.74
N SER V 161 -71.19 21.99 104.06
CA SER V 161 -71.82 20.99 104.91
C SER V 161 -73.27 20.92 104.41
N GLU V 162 -74.17 20.27 105.14
CA GLU V 162 -75.53 20.21 104.61
C GLU V 162 -76.60 20.82 105.47
N GLY V 163 -77.77 20.97 104.85
CA GLY V 163 -78.90 21.58 105.53
C GLY V 163 -78.55 22.98 106.01
N ILE V 164 -78.16 23.86 105.09
CA ILE V 164 -77.84 25.22 105.50
C ILE V 164 -79.15 26.03 105.43
N LYS V 165 -79.19 27.12 106.22
CA LYS V 165 -80.32 28.02 106.38
C LYS V 165 -80.17 29.50 105.93
N TYR V 166 -81.15 30.22 106.47
CA TYR V 166 -81.51 31.65 106.38
C TYR V 166 -82.47 32.19 105.34
N ARG V 167 -83.64 32.34 105.92
CA ARG V 167 -84.86 32.86 105.39
C ARG V 167 -84.73 33.51 104.01
N LYS V 168 -83.95 34.58 103.94
CA LYS V 168 -83.76 35.25 102.68
C LYS V 168 -82.58 34.69 101.89
N ASN V 169 -82.89 34.09 100.74
CA ASN V 169 -81.87 33.51 99.87
C ASN V 169 -81.22 34.65 99.09
N GLU V 170 -79.91 34.79 99.21
CA GLU V 170 -79.26 35.84 98.44
C GLU V 170 -77.85 35.50 98.01
N VAL V 171 -77.37 36.27 97.04
CA VAL V 171 -76.08 36.04 96.47
C VAL V 171 -75.36 37.29 96.07
N PHE V 172 -74.05 37.27 96.23
CA PHE V 172 -73.23 38.40 95.85
C PHE V 172 -72.11 37.89 94.97
N LEU V 173 -72.04 38.41 93.74
CA LEU V 173 -71.01 37.99 92.82
C LEU V 173 -70.32 39.21 92.29
N ASP V 174 -69.07 39.37 92.70
CA ASP V 174 -68.29 40.55 92.33
C ASP V 174 -67.02 40.21 91.59
N VAL V 175 -66.85 40.81 90.42
CA VAL V 175 -65.66 40.58 89.65
C VAL V 175 -64.92 41.87 89.69
N ILE V 176 -63.61 41.77 89.92
CA ILE V 176 -62.80 42.96 90.03
C ILE V 176 -61.53 42.81 89.24
N GLU V 177 -61.07 43.91 88.64
CA GLU V 177 -59.85 43.90 87.86
C GLU V 177 -59.03 45.14 88.12
N ALA V 178 -57.78 44.92 88.50
CA ALA V 178 -56.85 46.02 88.77
C ALA V 178 -55.97 46.04 87.54
N VAL V 179 -55.42 47.20 87.20
CA VAL V 179 -54.61 47.33 86.00
C VAL V 179 -53.15 47.78 86.16
N ASN V 180 -52.18 46.88 86.22
CA ASN V 180 -50.82 47.38 86.37
C ASN V 180 -50.24 47.86 85.06
N LEU V 181 -49.75 49.11 85.04
CA LEU V 181 -49.19 49.72 83.84
C LEU V 181 -47.99 50.61 84.05
N LEU V 182 -47.20 50.79 82.99
CA LEU V 182 -46.03 51.65 83.03
C LEU V 182 -45.83 52.31 81.71
N VAL V 183 -45.70 53.63 81.72
CA VAL V 183 -45.49 54.35 80.49
C VAL V 183 -44.55 55.49 80.72
N SER V 184 -43.54 55.61 79.85
CA SER V 184 -42.61 56.70 80.02
C SER V 184 -43.02 57.80 79.08
N ALA V 185 -42.49 58.99 79.34
CA ALA V 185 -42.77 60.15 78.53
C ALA V 185 -42.95 59.68 77.09
N ASN V 186 -42.11 58.76 76.65
CA ASN V 186 -42.20 58.22 75.29
C ASN V 186 -43.60 57.66 75.05
N GLY V 187 -44.57 58.17 75.79
CA GLY V 187 -45.95 57.76 75.65
C GLY V 187 -46.18 56.34 75.16
N ASN V 188 -45.39 55.39 75.65
CA ASN V 188 -45.58 54.02 75.22
C ASN V 188 -46.00 53.13 76.35
N VAL V 189 -46.74 52.10 76.01
CA VAL V 189 -47.17 51.14 76.99
C VAL V 189 -45.94 50.27 77.24
N LEU V 190 -45.58 50.05 78.49
CA LEU V 190 -44.41 49.23 78.79
C LEU V 190 -44.82 47.90 79.35
N ARG V 191 -45.74 47.97 80.31
CA ARG V 191 -46.25 46.77 80.95
C ARG V 191 -47.74 46.80 80.94
N SER V 192 -48.33 45.72 80.44
CA SER V 192 -49.77 45.67 80.40
C SER V 192 -50.25 44.44 81.14
N GLU V 193 -50.69 44.66 82.37
CA GLU V 193 -51.20 43.57 83.20
C GLU V 193 -52.47 43.96 83.91
N ILE V 194 -53.43 43.04 83.91
CA ILE V 194 -54.69 43.22 84.59
C ILE V 194 -55.02 41.92 85.27
N VAL V 195 -55.02 41.92 86.58
CA VAL V 195 -55.31 40.73 87.32
C VAL V 195 -56.79 40.73 87.61
N GLY V 196 -57.44 39.62 87.37
CA GLY V 196 -58.86 39.54 87.62
C GLY V 196 -59.24 38.63 88.75
N SER V 197 -60.45 38.82 89.28
CA SER V 197 -60.91 38.00 90.38
C SER V 197 -62.41 37.96 90.47
N ILE V 198 -62.94 36.76 90.53
CA ILE V 198 -64.38 36.61 90.66
C ILE V 198 -64.65 36.18 92.07
N LYS V 199 -64.58 37.11 93.00
CA LYS V 199 -64.90 36.74 94.35
C LYS V 199 -66.42 36.62 94.35
N MET V 200 -66.96 35.76 95.21
CA MET V 200 -68.40 35.56 95.33
C MET V 200 -68.78 35.41 96.78
N ARG V 201 -70.01 35.79 97.08
CA ARG V 201 -70.51 35.76 98.44
C ARG V 201 -71.92 35.17 98.45
N VAL V 202 -72.17 34.13 99.25
CA VAL V 202 -73.52 33.53 99.24
C VAL V 202 -74.08 32.99 100.56
N PHE V 203 -75.40 32.99 100.68
CA PHE V 203 -76.07 32.43 101.86
C PHE V 203 -77.38 31.92 101.35
N LEU V 204 -77.26 30.87 100.56
CA LEU V 204 -78.39 30.18 99.97
C LEU V 204 -78.78 29.09 100.92
N SER V 205 -79.94 28.49 100.63
CA SER V 205 -80.46 27.46 101.50
C SER V 205 -80.42 26.07 100.87
N GLY V 206 -79.87 25.10 101.63
CA GLY V 206 -79.79 23.72 101.16
C GLY V 206 -78.57 23.22 100.40
N MET V 207 -78.80 22.89 99.12
CA MET V 207 -77.76 22.41 98.19
C MET V 207 -78.18 22.80 96.77
N PRO V 208 -77.92 24.04 96.39
CA PRO V 208 -78.32 24.49 95.04
C PRO V 208 -77.24 24.45 93.94
N GLU V 209 -77.55 23.82 92.80
CA GLU V 209 -76.59 23.76 91.68
C GLU V 209 -76.74 25.11 90.95
N LEU V 210 -75.60 25.77 90.86
CA LEU V 210 -75.52 27.10 90.26
C LEU V 210 -74.95 27.05 88.85
N ARG V 211 -75.65 27.66 87.90
CA ARG V 211 -75.18 27.69 86.51
C ARG V 211 -74.87 29.13 86.09
N LEU V 212 -73.60 29.36 85.75
CA LEU V 212 -73.12 30.68 85.35
C LEU V 212 -72.68 30.77 83.90
N GLY V 213 -73.35 31.64 83.16
CA GLY V 213 -73.00 31.82 81.77
C GLY V 213 -72.02 32.96 81.66
N LEU V 214 -71.17 32.90 80.67
CA LEU V 214 -70.20 33.97 80.54
C LEU V 214 -70.09 34.66 79.22
N ASN V 215 -69.41 35.77 79.31
CA ASN V 215 -69.13 36.59 78.17
C ASN V 215 -68.22 35.67 77.38
N ASP V 216 -67.87 36.07 76.16
CA ASP V 216 -66.98 35.23 75.39
C ASP V 216 -65.53 35.60 75.65
N LYS V 217 -65.04 36.60 74.92
CA LYS V 217 -63.65 37.03 74.99
C LYS V 217 -62.66 36.34 75.97
N VAL V 218 -63.04 36.02 77.19
CA VAL V 218 -62.11 35.33 78.09
C VAL V 218 -62.44 33.86 78.37
N GLU V 232 -52.23 34.54 74.86
CA GLU V 232 -52.18 35.90 75.38
C GLU V 232 -52.42 35.94 76.88
N LEU V 233 -53.18 34.96 77.34
CA LEU V 233 -53.56 34.85 78.75
C LEU V 233 -52.58 34.00 79.55
N GLU V 234 -52.01 34.60 80.58
CA GLU V 234 -51.03 33.93 81.43
C GLU V 234 -51.63 32.77 82.21
N ASP V 235 -52.30 33.08 83.32
CA ASP V 235 -52.86 32.02 84.12
C ASP V 235 -54.32 32.12 84.50
N VAL V 236 -54.92 30.96 84.72
CA VAL V 236 -56.33 30.82 85.05
C VAL V 236 -56.54 29.71 86.04
N LYS V 237 -57.13 30.04 87.18
CA LYS V 237 -57.37 29.01 88.16
C LYS V 237 -58.78 29.10 88.70
N PHE V 238 -59.47 27.98 88.72
CA PHE V 238 -60.81 27.96 89.24
C PHE V 238 -60.76 27.39 90.62
N HIS V 239 -61.95 27.15 91.15
CA HIS V 239 -62.09 26.58 92.47
C HIS V 239 -62.66 25.21 92.17
N GLN V 240 -61.93 24.19 92.60
CA GLN V 240 -62.34 22.81 92.36
C GLN V 240 -63.83 22.62 92.08
N CYS V 241 -64.67 23.22 92.91
CA CYS V 241 -66.12 23.10 92.79
C CYS V 241 -66.70 23.55 91.44
N VAL V 242 -65.87 23.65 90.41
CA VAL V 242 -66.34 24.08 89.10
C VAL V 242 -66.22 23.01 88.06
N ARG V 243 -67.10 23.08 87.07
CA ARG V 243 -67.05 22.14 85.96
C ARG V 243 -67.31 22.94 84.67
N LEU V 244 -66.50 22.63 83.66
CA LEU V 244 -66.56 23.27 82.36
C LEU V 244 -67.67 22.60 81.53
N SER V 245 -68.79 23.33 81.35
CA SER V 245 -70.00 22.86 80.64
C SER V 245 -69.73 22.25 79.26
N ARG V 246 -69.92 20.91 79.27
CA ARG V 246 -69.78 19.91 78.20
C ARG V 246 -68.79 20.18 77.06
N PHE V 247 -67.58 19.69 77.31
CA PHE V 247 -66.43 19.76 76.42
C PHE V 247 -66.11 21.15 75.82
N GLU V 248 -66.64 21.31 74.61
CA GLU V 248 -66.37 22.46 73.75
C GLU V 248 -67.11 23.80 73.71
N ASN V 249 -66.23 24.73 73.29
CA ASN V 249 -66.36 26.19 73.05
C ASN V 249 -67.46 27.04 73.65
N ASP V 250 -68.60 26.43 74.00
CA ASP V 250 -69.67 27.21 74.62
C ASP V 250 -69.51 27.36 76.16
N ARG V 251 -69.18 28.60 76.52
CA ARG V 251 -68.91 29.04 77.89
C ARG V 251 -70.11 29.01 78.84
N THR V 252 -70.06 28.05 79.77
CA THR V 252 -71.07 27.89 80.81
C THR V 252 -70.22 27.40 81.98
N ILE V 253 -70.47 27.98 83.16
CA ILE V 253 -69.73 27.63 84.38
C ILE V 253 -70.67 27.15 85.47
N SER V 254 -70.95 25.85 85.45
CA SER V 254 -71.79 25.23 86.44
C SER V 254 -70.92 24.81 87.64
N PHE V 255 -71.54 24.74 88.82
CA PHE V 255 -70.80 24.39 90.04
C PHE V 255 -71.67 24.59 91.28
N ILE V 256 -71.22 24.04 92.43
CA ILE V 256 -71.93 24.22 93.72
C ILE V 256 -70.95 24.85 94.73
N PRO V 257 -71.25 26.11 95.12
CA PRO V 257 -70.56 27.04 96.04
C PRO V 257 -70.57 26.71 97.50
N PRO V 258 -69.51 27.07 98.25
CA PRO V 258 -69.54 26.78 99.68
C PRO V 258 -70.52 27.74 100.27
N ASP V 259 -70.40 27.91 101.57
CA ASP V 259 -71.24 28.88 102.22
C ASP V 259 -70.41 30.08 102.56
N GLY V 260 -71.01 31.24 102.35
CA GLY V 260 -70.32 32.46 102.67
C GLY V 260 -69.51 32.99 101.52
N GLU V 261 -68.35 33.53 101.84
CA GLU V 261 -67.49 34.09 100.83
C GLU V 261 -66.40 33.15 100.40
N PHE V 262 -65.98 33.30 99.15
CA PHE V 262 -64.94 32.46 98.59
C PHE V 262 -64.69 32.99 97.20
N GLU V 263 -63.54 32.60 96.65
CA GLU V 263 -63.14 33.02 95.33
C GLU V 263 -63.45 32.00 94.26
N LEU V 264 -64.48 32.31 93.50
CA LEU V 264 -64.90 31.45 92.44
C LEU V 264 -63.81 31.27 91.42
N MET V 265 -63.04 32.31 91.14
CA MET V 265 -62.01 32.17 90.12
C MET V 265 -61.06 33.36 89.96
N SER V 266 -59.83 33.09 89.49
CA SER V 266 -58.81 34.13 89.32
C SER V 266 -58.13 34.05 87.96
N TYR V 267 -57.29 35.05 87.65
CA TYR V 267 -56.60 35.05 86.36
C TYR V 267 -55.83 36.33 86.02
N ARG V 268 -54.81 36.19 85.16
CA ARG V 268 -53.94 37.30 84.72
C ARG V 268 -53.88 37.43 83.18
N LEU V 269 -54.00 38.65 82.66
CA LEU V 269 -53.93 38.86 81.20
C LEU V 269 -52.83 39.81 80.81
N ASN V 270 -52.35 39.63 79.58
CA ASN V 270 -51.26 40.42 79.05
C ASN V 270 -51.77 41.16 77.80
N THR V 271 -52.20 42.42 77.94
CA THR V 271 -52.73 43.17 76.77
C THR V 271 -52.68 44.70 76.71
N HIS V 272 -52.08 45.24 75.63
CA HIS V 272 -51.97 46.68 75.43
C HIS V 272 -53.27 47.38 75.75
N VAL V 273 -53.37 47.89 76.96
CA VAL V 273 -54.58 48.59 77.34
C VAL V 273 -54.31 50.08 77.32
N LYS V 274 -54.83 50.75 76.29
CA LYS V 274 -54.63 52.18 76.18
C LYS V 274 -54.86 52.72 77.57
N PRO V 275 -53.82 53.30 78.17
CA PRO V 275 -53.84 53.86 79.51
C PRO V 275 -55.18 54.47 79.82
N LEU V 276 -55.93 53.80 80.68
CA LEU V 276 -57.24 54.26 81.08
C LEU V 276 -57.22 55.74 81.41
N ILE V 277 -56.37 56.14 82.35
CA ILE V 277 -56.29 57.52 82.74
C ILE V 277 -54.92 58.12 82.53
N TRP V 278 -54.71 58.66 81.35
CA TRP V 278 -53.43 59.26 81.00
C TRP V 278 -53.20 60.53 81.73
N ILE V 279 -51.98 61.02 81.61
CA ILE V 279 -51.56 62.25 82.22
C ILE V 279 -50.23 62.63 81.60
N GLU V 280 -49.85 63.89 81.76
CA GLU V 280 -48.57 64.38 81.25
C GLU V 280 -48.37 65.78 81.80
N SER V 281 -47.17 66.04 82.29
CA SER V 281 -46.89 67.33 82.88
C SER V 281 -45.90 68.13 82.06
N VAL V 282 -46.24 69.40 81.84
CA VAL V 282 -45.35 70.27 81.11
C VAL V 282 -44.72 71.20 82.12
N ILE V 283 -43.50 71.61 81.84
CA ILE V 283 -42.76 72.45 82.76
C ILE V 283 -42.42 73.83 82.23
N GLU V 284 -42.18 74.79 83.15
CA GLU V 284 -41.82 76.19 82.79
C GLU V 284 -41.22 77.08 83.94
N LYS V 285 -39.89 77.11 84.06
CA LYS V 285 -39.15 77.84 85.14
C LYS V 285 -38.09 78.94 84.82
N HIS V 286 -37.84 79.82 85.81
CA HIS V 286 -36.83 80.93 85.82
C HIS V 286 -37.29 82.30 86.39
N SER V 287 -36.63 83.39 85.95
CA SER V 287 -36.83 84.81 86.35
C SER V 287 -36.72 84.99 87.88
N HIS V 288 -37.88 85.01 88.58
CA HIS V 288 -37.89 85.13 90.05
C HIS V 288 -38.21 83.70 90.63
N SER V 289 -37.15 82.88 90.67
CA SER V 289 -37.09 81.47 91.16
C SER V 289 -38.45 80.75 91.38
N ARG V 290 -39.31 80.91 90.37
CA ARG V 290 -40.64 80.31 90.34
C ARG V 290 -40.67 79.27 89.23
N ILE V 291 -41.60 78.33 89.35
CA ILE V 291 -41.75 77.24 88.39
C ILE V 291 -43.23 76.89 88.20
N GLU V 292 -43.62 76.66 86.93
CA GLU V 292 -45.00 76.35 86.55
C GLU V 292 -45.26 74.95 85.98
N TYR V 293 -46.29 74.31 86.53
CA TYR V 293 -46.68 72.98 86.09
C TYR V 293 -48.04 73.06 85.43
N MET V 294 -48.25 72.23 84.42
CA MET V 294 -49.50 72.16 83.71
C MET V 294 -49.76 70.70 83.47
N VAL V 295 -50.86 70.20 84.03
CA VAL V 295 -51.15 68.80 83.87
C VAL V 295 -52.49 68.49 83.26
N LYS V 296 -52.42 67.81 82.13
CA LYS V 296 -53.61 67.39 81.41
C LYS V 296 -53.89 65.99 81.92
N ALA V 297 -55.16 65.64 82.03
CA ALA V 297 -55.53 64.31 82.50
C ALA V 297 -56.68 63.85 81.65
N LYS V 298 -56.38 63.02 80.66
CA LYS V 298 -57.42 62.53 79.76
C LYS V 298 -58.05 61.25 80.32
N SER V 299 -59.31 61.01 79.97
CA SER V 299 -60.02 59.83 80.42
C SER V 299 -60.32 58.97 79.22
N GLN V 300 -59.45 58.01 78.92
CA GLN V 300 -59.66 57.14 77.77
C GLN V 300 -60.61 55.98 78.03
N PHE V 301 -61.89 56.23 77.79
CA PHE V 301 -62.93 55.25 78.01
C PHE V 301 -64.10 55.35 77.11
N LYS V 302 -65.00 54.38 77.30
CA LYS V 302 -66.23 54.39 76.58
C LYS V 302 -66.97 55.49 77.34
N ARG V 303 -67.47 56.50 76.63
CA ARG V 303 -68.15 57.60 77.28
C ARG V 303 -69.17 57.20 78.31
N ARG V 304 -70.07 56.32 77.88
CA ARG V 304 -71.17 55.85 78.70
C ARG V 304 -70.99 55.69 80.21
N SER V 305 -69.81 55.32 80.68
CA SER V 305 -69.63 55.16 82.13
C SER V 305 -68.57 56.12 82.65
N THR V 306 -68.27 56.05 83.95
CA THR V 306 -67.31 56.96 84.55
C THR V 306 -66.53 56.37 85.74
N ALA V 307 -65.33 56.90 86.01
CA ALA V 307 -64.49 56.42 87.10
C ALA V 307 -64.76 57.14 88.40
N ASN V 308 -64.53 56.47 89.53
CA ASN V 308 -64.81 57.06 90.84
C ASN V 308 -63.71 57.30 91.83
N ASN V 309 -63.97 58.21 92.74
CA ASN V 309 -63.06 58.53 93.81
C ASN V 309 -61.60 58.50 93.33
N VAL V 310 -61.35 58.95 92.10
CA VAL V 310 -60.00 58.95 91.54
C VAL V 310 -59.11 59.99 92.15
N GLU V 311 -57.82 59.68 92.22
CA GLU V 311 -56.87 60.61 92.79
C GLU V 311 -55.55 60.52 92.09
N ILE V 312 -54.93 61.68 91.92
CA ILE V 312 -53.65 61.79 91.24
C ILE V 312 -52.49 62.24 92.09
N HIS V 313 -51.43 61.45 92.10
CA HIS V 313 -50.24 61.77 92.88
C HIS V 313 -49.14 62.28 92.00
N ILE V 314 -48.91 63.58 92.03
CA ILE V 314 -47.86 64.12 91.20
C ILE V 314 -46.61 64.44 91.99
N PRO V 315 -45.50 63.82 91.59
CA PRO V 315 -44.19 63.99 92.21
C PRO V 315 -43.74 65.39 91.94
N VAL V 316 -43.06 65.97 92.91
CA VAL V 316 -42.56 67.32 92.79
C VAL V 316 -41.31 67.45 93.63
N PRO V 317 -40.54 68.52 93.39
CA PRO V 317 -39.29 68.84 94.09
C PRO V 317 -39.34 68.87 95.62
N ASN V 318 -38.47 68.08 96.25
CA ASN V 318 -38.40 67.99 97.71
C ASN V 318 -38.59 69.33 98.41
N ASP V 319 -38.14 70.41 97.77
CA ASP V 319 -38.21 71.73 98.39
C ASP V 319 -38.99 72.84 97.75
N ALA V 320 -40.30 72.70 97.83
CA ALA V 320 -41.21 73.70 97.32
C ALA V 320 -41.32 74.71 98.44
N ASP V 321 -41.80 75.89 98.13
CA ASP V 321 -41.96 76.93 99.14
C ASP V 321 -43.44 76.99 99.55
N SER V 322 -44.26 77.52 98.64
CA SER V 322 -45.69 77.67 98.84
C SER V 322 -46.42 77.53 97.50
N PRO V 323 -47.45 76.70 97.45
CA PRO V 323 -48.26 76.43 96.27
C PRO V 323 -49.40 77.40 95.98
N LYS V 324 -49.97 77.24 94.78
CA LYS V 324 -51.11 78.02 94.25
C LYS V 324 -51.87 77.24 93.15
N PHE V 325 -52.79 76.38 93.57
CA PHE V 325 -53.55 75.57 92.63
C PHE V 325 -54.79 76.24 92.10
N LYS V 326 -55.06 75.98 90.83
CA LYS V 326 -56.24 76.53 90.20
C LYS V 326 -56.80 75.49 89.25
N THR V 327 -57.98 74.97 89.56
CA THR V 327 -58.55 73.97 88.70
C THR V 327 -60.04 73.96 88.57
N THR V 328 -60.47 73.66 87.36
CA THR V 328 -61.87 73.57 87.00
C THR V 328 -62.47 72.46 87.78
N VAL V 329 -61.71 71.39 87.88
CA VAL V 329 -62.18 70.20 88.54
C VAL V 329 -61.47 69.74 89.76
N GLY V 330 -62.21 69.02 90.59
CA GLY V 330 -61.68 68.50 91.81
C GLY V 330 -60.93 69.54 92.59
N SER V 331 -60.31 69.10 93.67
CA SER V 331 -59.53 69.98 94.53
C SER V 331 -58.17 69.36 94.64
N VAL V 332 -57.15 70.19 94.46
CA VAL V 332 -55.81 69.71 94.57
C VAL V 332 -55.27 70.21 95.87
N LYS V 333 -54.31 69.48 96.42
CA LYS V 333 -53.67 69.87 97.68
C LYS V 333 -52.20 69.44 97.66
N TRP V 334 -51.46 69.77 98.71
CA TRP V 334 -50.03 69.46 98.78
C TRP V 334 -49.59 68.75 100.06
N VAL V 335 -48.45 68.07 100.00
CA VAL V 335 -47.88 67.37 101.16
C VAL V 335 -46.40 67.21 101.02
N PRO V 336 -45.65 68.14 101.58
CA PRO V 336 -44.18 68.15 101.53
C PRO V 336 -43.64 66.78 101.88
N GLU V 337 -44.31 66.11 102.81
CA GLU V 337 -43.89 64.79 103.19
C GLU V 337 -44.13 63.98 101.93
N ASN V 338 -43.20 63.09 101.60
CA ASN V 338 -43.33 62.30 100.37
C ASN V 338 -43.09 63.19 99.14
N SER V 339 -43.09 64.51 99.35
CA SER V 339 -42.84 65.49 98.27
C SER V 339 -43.77 65.33 97.09
N GLU V 340 -45.07 65.52 97.29
CA GLU V 340 -45.95 65.36 96.17
C GLU V 340 -47.16 66.24 96.20
N ILE V 341 -47.61 66.62 95.00
CA ILE V 341 -48.80 67.44 94.88
C ILE V 341 -49.86 66.41 94.55
N VAL V 342 -50.98 66.49 95.25
CA VAL V 342 -52.06 65.55 95.04
C VAL V 342 -53.33 66.15 94.51
N TRP V 343 -53.67 65.72 93.31
CA TRP V 343 -54.87 66.20 92.67
C TRP V 343 -55.92 65.22 93.01
N SER V 344 -57.00 65.71 93.58
CA SER V 344 -58.04 64.80 93.95
C SER V 344 -59.32 65.16 93.22
N VAL V 345 -60.00 64.14 92.72
CA VAL V 345 -61.24 64.32 92.00
C VAL V 345 -62.22 63.27 92.50
N LYS V 346 -63.45 63.69 92.79
CA LYS V 346 -64.45 62.75 93.28
C LYS V 346 -64.98 61.90 92.15
N SER V 347 -65.62 62.55 91.19
CA SER V 347 -66.18 61.84 90.05
C SER V 347 -65.49 62.28 88.78
N PHE V 348 -65.25 61.32 87.89
CA PHE V 348 -64.55 61.55 86.65
C PHE V 348 -65.15 60.72 85.52
N PRO V 349 -65.74 61.39 84.53
CA PRO V 349 -66.36 60.74 83.38
C PRO V 349 -65.35 60.31 82.35
N GLY V 350 -65.72 59.34 81.55
CA GLY V 350 -64.81 58.86 80.54
C GLY V 350 -64.97 59.68 79.28
N GLY V 351 -63.87 59.84 78.55
CA GLY V 351 -63.91 60.57 77.30
C GLY V 351 -63.67 62.07 77.37
N LYS V 352 -63.44 62.60 78.57
CA LYS V 352 -63.23 64.02 78.70
C LYS V 352 -61.87 64.35 79.31
N GLU V 353 -61.30 65.48 78.92
CA GLU V 353 -60.00 65.90 79.46
C GLU V 353 -60.09 67.16 80.30
N TYR V 354 -59.61 67.04 81.54
CA TYR V 354 -59.66 68.15 82.45
C TYR V 354 -58.31 68.73 82.69
N LEU V 355 -58.29 70.01 83.06
CA LEU V 355 -57.04 70.71 83.24
C LEU V 355 -56.76 71.24 84.63
N MET V 356 -55.51 71.00 85.04
CA MET V 356 -55.02 71.40 86.33
C MET V 356 -53.68 72.09 86.13
N ARG V 357 -53.55 73.24 86.78
CA ARG V 357 -52.31 73.97 86.69
C ARG V 357 -52.02 74.53 88.07
N ALA V 358 -50.80 74.30 88.53
CA ALA V 358 -50.38 74.75 89.86
C ALA V 358 -48.92 75.26 89.84
N HIS V 359 -48.66 76.37 90.54
CA HIS V 359 -47.31 76.93 90.62
C HIS V 359 -46.89 77.05 92.08
N PHE V 360 -45.58 77.13 92.27
CA PHE V 360 -44.97 77.28 93.59
C PHE V 360 -43.53 77.85 93.40
N GLY V 361 -42.68 77.83 94.44
CA GLY V 361 -41.33 78.38 94.31
C GLY V 361 -40.13 77.62 94.90
N LEU V 362 -38.96 78.26 94.93
CA LEU V 362 -37.71 77.64 95.43
C LEU V 362 -36.91 78.44 96.44
N LYS V 373 -35.84 61.53 89.75
CA LYS V 373 -37.24 61.93 89.66
C LYS V 373 -38.20 60.71 89.69
N PRO V 374 -38.96 60.53 90.79
CA PRO V 374 -39.92 59.42 90.97
C PRO V 374 -41.22 59.52 90.17
N PRO V 375 -41.66 58.46 89.47
CA PRO V 375 -42.82 58.30 88.62
C PRO V 375 -44.11 58.58 89.28
N ILE V 376 -44.98 59.21 88.50
CA ILE V 376 -46.29 59.60 88.94
C ILE V 376 -47.36 58.53 88.90
N SER V 377 -48.12 58.38 89.97
CA SER V 377 -49.16 57.35 90.01
C SER V 377 -50.54 57.88 90.31
N VAL V 378 -51.54 57.02 90.17
CA VAL V 378 -52.92 57.40 90.44
C VAL V 378 -53.75 56.19 90.76
N LYS V 379 -54.77 56.37 91.54
CA LYS V 379 -55.60 55.25 91.87
C LYS V 379 -56.99 55.68 91.59
N PHE V 380 -57.74 54.73 91.06
CA PHE V 380 -59.09 55.01 90.67
C PHE V 380 -60.01 53.91 91.10
N GLU V 381 -61.10 53.81 90.37
CA GLU V 381 -62.13 52.84 90.66
C GLU V 381 -63.17 53.11 89.58
N ILE V 382 -63.69 52.06 88.97
CA ILE V 382 -64.68 52.28 87.93
C ILE V 382 -65.78 51.28 88.01
N PRO V 383 -66.89 51.68 88.64
CA PRO V 383 -68.00 50.77 88.77
C PRO V 383 -68.54 50.33 87.43
N TYR V 384 -69.12 49.15 87.42
CA TYR V 384 -69.72 48.59 86.22
C TYR V 384 -68.81 48.77 85.03
N PHE V 385 -67.68 48.09 85.05
CA PHE V 385 -66.71 48.17 83.96
C PHE V 385 -65.72 47.03 83.98
N THR V 386 -65.19 46.68 82.82
CA THR V 386 -64.27 45.57 82.72
C THR V 386 -63.19 45.76 81.69
N THR V 387 -62.07 46.36 82.06
CA THR V 387 -61.03 46.54 81.08
C THR V 387 -60.90 45.28 80.27
N SER V 388 -60.99 44.15 80.94
CA SER V 388 -60.86 42.87 80.26
C SER V 388 -61.87 42.77 79.14
N GLY V 389 -63.13 43.02 79.46
CA GLY V 389 -64.15 42.95 78.45
C GLY V 389 -65.23 41.95 78.80
N ILE V 390 -65.00 41.17 79.83
CA ILE V 390 -66.02 40.20 80.20
C ILE V 390 -67.22 40.99 80.65
N GLN V 391 -68.34 40.28 80.76
CA GLN V 391 -69.61 40.81 81.22
C GLN V 391 -70.19 39.50 81.74
N VAL V 392 -70.88 39.53 82.86
CA VAL V 392 -71.45 38.27 83.27
C VAL V 392 -72.68 38.23 82.43
N ARG V 393 -72.97 37.08 81.87
CA ARG V 393 -74.10 36.93 80.99
C ARG V 393 -75.43 36.62 81.70
N TYR V 394 -75.39 35.66 82.61
CA TYR V 394 -76.57 35.26 83.36
C TYR V 394 -76.25 34.34 84.53
N LEU V 395 -77.09 34.41 85.56
CA LEU V 395 -76.88 33.55 86.71
C LEU V 395 -78.12 32.77 87.07
N LYS V 396 -78.03 31.45 86.90
CA LYS V 396 -79.15 30.57 87.19
C LYS V 396 -79.05 29.99 88.58
N ILE V 397 -80.21 29.59 89.11
CA ILE V 397 -80.29 29.01 90.43
C ILE V 397 -81.37 27.93 90.39
N ILE V 398 -80.95 26.68 90.62
CA ILE V 398 -81.91 25.61 90.61
C ILE V 398 -81.83 24.82 91.90
N GLU V 399 -82.94 24.85 92.62
CA GLU V 399 -83.08 24.14 93.88
C GLU V 399 -84.41 23.40 93.92
N LYS V 400 -84.41 22.39 94.79
CA LYS V 400 -85.57 21.54 95.03
C LYS V 400 -86.71 22.48 95.40
N SER V 401 -86.43 23.37 96.36
CA SER V 401 -87.41 24.34 96.81
C SER V 401 -87.68 25.30 95.63
N GLY V 402 -88.77 25.02 94.92
CA GLY V 402 -89.16 25.82 93.78
C GLY V 402 -89.31 27.26 94.20
N TYR V 403 -88.17 27.89 94.50
CA TYR V 403 -88.14 29.27 94.95
C TYR V 403 -87.27 30.19 94.11
N GLN V 404 -87.10 31.39 94.64
CA GLN V 404 -86.30 32.40 94.00
C GLN V 404 -85.11 32.70 94.89
N ALA V 405 -84.40 33.74 94.49
CA ALA V 405 -83.24 34.19 95.17
C ALA V 405 -82.92 35.56 94.62
N ILE V 406 -82.04 36.25 95.33
CA ILE V 406 -81.65 37.59 94.92
C ILE V 406 -80.18 37.70 94.65
N PRO V 407 -79.80 37.87 93.38
CA PRO V 407 -78.40 37.99 92.96
C PRO V 407 -78.00 39.44 92.63
N TRP V 408 -76.88 39.92 93.20
CA TRP V 408 -76.34 41.27 92.93
C TRP V 408 -74.98 41.13 92.34
N VAL V 409 -74.68 42.01 91.40
CA VAL V 409 -73.37 42.00 90.81
C VAL V 409 -72.74 43.35 91.07
N ARG V 410 -71.48 43.45 90.70
CA ARG V 410 -70.72 44.67 90.78
C ARG V 410 -69.45 44.37 90.01
N TYR V 411 -69.05 45.35 89.21
CA TYR V 411 -67.89 45.28 88.36
C TYR V 411 -67.00 46.40 88.81
N ILE V 412 -65.71 46.17 89.01
CA ILE V 412 -64.88 47.28 89.40
C ILE V 412 -63.51 47.11 88.81
N THR V 413 -62.95 48.20 88.34
CA THR V 413 -61.64 48.18 87.76
C THR V 413 -60.88 49.26 88.46
N GLN V 414 -60.22 48.85 89.53
CA GLN V 414 -59.43 49.74 90.33
C GLN V 414 -58.04 49.36 90.03
N ASN V 415 -57.19 49.76 90.98
CA ASN V 415 -55.80 49.48 90.95
C ASN V 415 -54.96 50.69 91.29
N GLY V 416 -53.67 50.42 91.34
CA GLY V 416 -52.67 51.43 91.62
C GLY V 416 -51.33 51.37 90.86
N ASP V 417 -50.87 50.20 90.39
CA ASP V 417 -49.59 50.16 89.68
C ASP V 417 -49.55 51.03 88.47
N TYR V 418 -50.58 51.84 88.36
CA TYR V 418 -50.75 52.78 87.29
C TYR V 418 -49.65 53.80 87.56
N GLN V 419 -48.48 53.59 86.97
CA GLN V 419 -47.36 54.50 87.16
C GLN V 419 -46.92 55.14 85.85
N LEU V 420 -46.56 56.42 85.89
CA LEU V 420 -46.13 57.14 84.70
C LEU V 420 -44.83 57.92 84.92
N ARG V 421 -43.95 57.91 83.92
CA ARG V 421 -42.66 58.56 84.03
C ARG V 421 -42.53 59.99 83.50
N THR V 422 -41.39 60.58 83.83
CA THR V 422 -41.02 61.92 83.39
C THR V 422 -39.51 62.01 83.60
N GLN V 423 -38.78 62.18 82.50
CA GLN V 423 -37.32 62.28 82.54
C GLN V 423 -36.87 63.72 82.24
N MET W 1 -27.00 51.18 71.28
CA MET W 1 -26.61 49.76 71.05
C MET W 1 -27.80 49.01 70.48
N MET W 2 -27.54 47.91 69.79
CA MET W 2 -28.60 47.10 69.22
C MET W 2 -29.24 46.32 70.35
N ARG W 3 -30.56 46.29 70.40
CA ARG W 3 -31.22 45.55 71.45
C ARG W 3 -31.55 44.16 70.94
N PHE W 4 -31.70 44.05 69.62
CA PHE W 4 -31.99 42.78 68.95
C PHE W 4 -32.40 42.96 67.51
N MET W 5 -32.52 41.86 66.77
CA MET W 5 -32.89 41.98 65.38
C MET W 5 -33.69 40.81 64.87
N LEU W 6 -34.55 41.05 63.89
CA LEU W 6 -35.35 39.97 63.37
C LEU W 6 -35.54 39.94 61.89
N LEU W 7 -35.86 38.76 61.42
CA LEU W 7 -36.08 38.53 60.02
C LEU W 7 -37.33 37.78 59.73
N PHE W 8 -38.33 38.49 59.23
CA PHE W 8 -39.60 37.90 58.88
C PHE W 8 -40.16 38.52 57.60
N SER W 9 -40.94 37.72 56.89
CA SER W 9 -41.53 38.12 55.63
C SER W 9 -42.84 38.85 55.82
N ARG W 10 -43.42 39.31 54.71
CA ARG W 10 -44.70 40.01 54.73
C ARG W 10 -45.57 39.36 55.80
N GLN W 11 -45.81 38.07 55.67
CA GLN W 11 -46.61 37.35 56.63
C GLN W 11 -45.68 37.04 57.78
N GLY W 12 -46.22 37.20 58.98
CA GLY W 12 -45.47 36.99 60.20
C GLY W 12 -44.71 35.71 60.36
N LYS W 13 -43.86 35.41 59.40
CA LYS W 13 -43.08 34.20 59.50
C LYS W 13 -41.68 34.56 59.92
N LEU W 14 -41.29 34.02 61.06
CA LEU W 14 -39.97 34.29 61.60
C LEU W 14 -38.99 33.56 60.73
N ARG W 15 -37.95 34.25 60.30
CA ARG W 15 -36.98 33.61 59.48
C ARG W 15 -35.64 33.69 60.15
N LEU W 16 -35.53 34.56 61.15
CA LEU W 16 -34.29 34.71 61.87
C LEU W 16 -34.34 35.73 62.98
N GLN W 17 -34.10 35.25 64.21
CA GLN W 17 -34.10 36.11 65.39
C GLN W 17 -32.76 36.01 66.09
N LYS W 18 -32.35 37.09 66.73
CA LYS W 18 -31.08 37.15 67.44
C LYS W 18 -31.19 38.19 68.53
N TRP W 19 -31.17 37.73 69.79
CA TRP W 19 -31.31 38.63 70.94
C TRP W 19 -30.02 39.10 71.62
N TYR W 20 -29.83 40.41 71.72
CA TYR W 20 -28.61 40.92 72.35
C TYR W 20 -28.76 41.36 73.78
N LEU W 21 -29.77 40.83 74.45
CA LEU W 21 -29.98 41.20 75.83
C LEU W 21 -30.83 40.19 76.54
N ALA W 22 -30.23 39.52 77.53
CA ALA W 22 -30.91 38.51 78.31
C ALA W 22 -32.42 38.77 78.41
N THR W 23 -33.20 37.70 78.35
CA THR W 23 -34.64 37.83 78.40
C THR W 23 -35.29 36.46 78.44
N SER W 24 -36.44 36.36 79.10
CA SER W 24 -37.15 35.10 79.20
C SER W 24 -37.74 34.72 77.86
N ASP W 25 -37.77 33.43 77.55
CA ASP W 25 -38.31 33.05 76.25
C ASP W 25 -39.70 33.62 75.98
N LYS W 26 -40.66 33.39 76.88
CA LYS W 26 -42.00 33.93 76.66
C LYS W 26 -41.92 35.36 76.17
N GLU W 27 -41.41 36.24 77.03
CA GLU W 27 -41.29 37.66 76.75
C GLU W 27 -40.78 37.86 75.33
N ARG W 28 -39.87 37.02 74.91
CA ARG W 28 -39.35 37.12 73.57
C ARG W 28 -40.48 36.96 72.55
N LYS W 29 -41.01 35.74 72.41
CA LYS W 29 -42.10 35.54 71.47
C LYS W 29 -43.03 36.72 71.56
N LYS W 30 -43.35 37.16 72.78
CA LYS W 30 -44.19 38.35 72.96
C LYS W 30 -43.55 39.40 72.05
N MET W 31 -42.49 40.00 72.56
CA MET W 31 -41.73 41.00 71.82
C MET W 31 -41.99 40.79 70.35
N VAL W 32 -41.57 39.63 69.87
CA VAL W 32 -41.73 39.29 68.48
C VAL W 32 -43.07 39.73 67.94
N ARG W 33 -43.99 38.78 67.93
CA ARG W 33 -45.33 39.00 67.43
C ARG W 33 -45.80 40.43 67.67
N GLU W 34 -45.96 40.79 68.95
CA GLU W 34 -46.40 42.12 69.36
C GLU W 34 -45.88 43.12 68.33
N LEU W 35 -44.58 43.02 68.05
CA LEU W 35 -43.96 43.91 67.11
C LEU W 35 -44.43 43.63 65.69
N MET W 36 -44.07 42.47 65.16
CA MET W 36 -44.45 42.11 63.79
C MET W 36 -45.76 42.74 63.36
N GLN W 37 -46.81 42.48 64.13
CA GLN W 37 -48.12 43.01 63.83
C GLN W 37 -48.04 44.50 63.63
N VAL W 38 -47.69 45.22 64.69
CA VAL W 38 -47.60 46.66 64.53
C VAL W 38 -46.52 47.06 63.54
N VAL W 39 -45.55 46.19 63.33
CA VAL W 39 -44.51 46.50 62.37
C VAL W 39 -45.12 46.51 61.00
N LEU W 40 -45.23 45.32 60.44
CA LEU W 40 -45.77 45.14 59.12
C LEU W 40 -46.95 46.05 58.84
N ALA W 41 -47.98 45.96 59.68
CA ALA W 41 -49.20 46.75 59.55
C ALA W 41 -49.14 48.07 58.80
N ARG W 42 -47.97 48.70 58.77
CA ARG W 42 -47.82 50.00 58.13
C ARG W 42 -47.69 50.00 56.61
N LYS W 43 -48.31 51.00 55.98
CA LYS W 43 -48.28 51.15 54.52
C LYS W 43 -46.85 51.34 54.06
N PRO W 44 -46.52 50.93 52.83
CA PRO W 44 -45.16 51.08 52.36
C PRO W 44 -44.78 52.53 52.15
N LYS W 45 -45.79 53.39 52.02
CA LYS W 45 -45.56 54.82 51.81
C LYS W 45 -44.83 55.44 53.01
N MET W 46 -45.32 55.14 54.21
CA MET W 46 -44.75 55.67 55.43
C MET W 46 -43.25 55.56 55.59
N CYS W 47 -42.76 55.90 56.78
CA CYS W 47 -41.33 55.90 57.08
C CYS W 47 -40.78 54.60 57.65
N SER W 48 -39.52 54.68 58.12
CA SER W 48 -38.83 53.53 58.65
C SER W 48 -38.49 53.58 60.13
N PHE W 49 -38.95 54.61 60.83
CA PHE W 49 -38.62 54.69 62.23
C PHE W 49 -39.84 54.80 63.13
N LEU W 50 -39.87 53.99 64.17
CA LEU W 50 -41.01 54.03 65.06
C LEU W 50 -40.52 54.08 66.48
N GLU W 51 -41.24 54.78 67.34
CA GLU W 51 -40.82 54.80 68.74
C GLU W 51 -41.69 53.77 69.44
N TRP W 52 -41.06 52.67 69.86
CA TRP W 52 -41.80 51.62 70.55
C TRP W 52 -41.18 51.31 71.88
N ARG W 53 -42.06 51.01 72.82
CA ARG W 53 -41.64 50.67 74.15
C ARG W 53 -40.30 51.31 74.46
N ASP W 54 -40.25 52.64 74.40
CA ASP W 54 -39.02 53.32 74.77
C ASP W 54 -37.91 53.22 73.74
N LEU W 55 -37.83 52.09 73.04
CA LEU W 55 -36.80 51.87 72.06
C LEU W 55 -37.13 52.36 70.65
N LYS W 56 -36.09 52.56 69.85
CA LYS W 56 -36.26 53.04 68.48
C LYS W 56 -36.08 51.85 67.56
N VAL W 57 -37.06 51.61 66.69
CA VAL W 57 -37.03 50.50 65.75
C VAL W 57 -36.77 50.92 64.33
N VAL W 58 -36.23 49.99 63.54
CA VAL W 58 -35.95 50.28 62.14
C VAL W 58 -36.13 49.08 61.23
N TYR W 59 -36.47 49.35 59.98
CA TYR W 59 -36.70 48.28 59.04
C TYR W 59 -36.71 48.72 57.59
N LYS W 60 -36.37 47.81 56.70
CA LYS W 60 -36.40 48.14 55.30
C LYS W 60 -37.00 46.91 54.66
N ARG W 61 -37.83 47.14 53.66
CA ARG W 61 -38.50 46.04 52.99
C ARG W 61 -37.73 45.52 51.79
N TYR W 62 -37.35 44.25 51.85
CA TYR W 62 -36.64 43.68 50.74
C TYR W 62 -37.53 42.61 50.18
N ALA W 63 -38.18 42.91 49.08
CA ALA W 63 -39.06 41.94 48.48
C ALA W 63 -39.93 41.42 49.59
N SER W 64 -40.26 40.14 49.54
CA SER W 64 -41.08 39.56 50.56
C SER W 64 -40.24 39.26 51.79
N LEU W 65 -39.40 40.20 52.19
CA LEU W 65 -38.61 39.95 53.38
C LEU W 65 -38.39 41.19 54.21
N TYR W 66 -38.65 41.10 55.51
CA TYR W 66 -38.49 42.25 56.39
C TYR W 66 -37.26 42.20 57.26
N PHE W 67 -36.59 43.33 57.41
CA PHE W 67 -35.42 43.42 58.26
C PHE W 67 -35.68 44.42 59.37
N CYS W 68 -35.63 43.96 60.62
CA CYS W 68 -35.91 44.83 61.76
C CYS W 68 -34.96 44.75 62.88
N CYS W 69 -34.99 45.80 63.67
CA CYS W 69 -34.15 45.91 64.84
C CYS W 69 -34.53 47.11 65.69
N ALA W 70 -34.01 47.12 66.90
CA ALA W 70 -34.30 48.16 67.88
C ALA W 70 -33.05 48.84 68.40
N ILE W 71 -33.15 50.13 68.69
CA ILE W 71 -32.00 50.87 69.19
C ILE W 71 -32.35 51.75 70.36
N GLU W 72 -31.32 52.22 71.04
CA GLU W 72 -31.50 53.09 72.19
C GLU W 72 -31.64 54.54 71.70
N GLY W 73 -32.72 55.16 72.13
CA GLY W 73 -33.04 56.53 71.74
C GLY W 73 -31.86 57.44 71.50
N GLN W 74 -30.81 57.26 72.29
CA GLN W 74 -29.60 58.05 72.14
C GLN W 74 -28.73 57.42 71.06
N ASP W 75 -29.34 57.14 69.90
CA ASP W 75 -28.58 56.53 68.84
C ASP W 75 -28.99 57.04 67.47
N ASN W 76 -28.17 56.72 66.47
CA ASN W 76 -28.38 57.14 65.09
C ASN W 76 -29.19 56.19 64.20
N GLU W 77 -30.47 56.48 64.06
CA GLU W 77 -31.37 55.68 63.26
C GLU W 77 -30.81 55.41 61.87
N LEU W 78 -30.61 56.46 61.10
CA LEU W 78 -30.10 56.35 59.75
C LEU W 78 -28.98 55.35 59.60
N ILE W 79 -27.84 55.69 60.19
CA ILE W 79 -26.67 54.86 60.10
C ILE W 79 -27.07 53.42 60.29
N THR W 80 -27.87 53.20 61.33
CA THR W 80 -28.35 51.86 61.64
C THR W 80 -28.88 51.24 60.35
N LEU W 81 -29.82 51.95 59.74
CA LEU W 81 -30.40 51.51 58.50
C LEU W 81 -29.26 50.96 57.65
N GLU W 82 -28.31 51.83 57.30
CA GLU W 82 -27.18 51.42 56.48
C GLU W 82 -26.55 50.13 56.94
N LEU W 83 -26.71 49.83 58.22
CA LEU W 83 -26.16 48.60 58.71
C LEU W 83 -26.92 47.47 58.03
N ILE W 84 -28.22 47.43 58.23
CA ILE W 84 -29.02 46.40 57.62
C ILE W 84 -28.49 46.17 56.23
N HIS W 85 -28.71 47.17 55.38
CA HIS W 85 -28.27 47.10 53.99
C HIS W 85 -26.91 46.45 53.93
N ARG W 86 -26.11 46.60 54.97
CA ARG W 86 -24.82 45.96 54.93
C ARG W 86 -25.05 44.48 55.10
N TYR W 87 -25.73 44.08 56.16
CA TYR W 87 -25.96 42.66 56.34
C TYR W 87 -26.40 42.06 55.03
N VAL W 88 -27.54 42.50 54.52
CA VAL W 88 -28.06 41.98 53.28
C VAL W 88 -26.88 41.81 52.33
N GLU W 89 -26.14 42.89 52.18
CA GLU W 89 -24.96 42.94 51.33
C GLU W 89 -24.24 41.62 51.46
N LEU W 90 -23.79 41.37 52.67
CA LEU W 90 -23.09 40.14 52.99
C LEU W 90 -23.89 39.02 52.41
N LEU W 91 -25.00 38.72 53.07
CA LEU W 91 -25.88 37.67 52.63
C LEU W 91 -25.77 37.50 51.12
N ASP W 92 -26.04 38.58 50.38
CA ASP W 92 -25.98 38.50 48.93
C ASP W 92 -24.69 37.86 48.43
N LYS W 93 -23.59 38.57 48.55
CA LYS W 93 -22.37 38.00 48.03
C LYS W 93 -21.97 36.63 48.56
N TYR W 94 -22.60 36.16 49.63
CA TYR W 94 -22.21 34.86 50.15
C TYR W 94 -22.89 33.74 49.41
N PHE W 95 -24.20 33.85 49.23
CA PHE W 95 -24.97 32.82 48.53
C PHE W 95 -25.12 33.10 47.05
N GLY W 96 -24.55 34.20 46.60
CA GLY W 96 -24.68 34.52 45.19
C GLY W 96 -26.12 34.90 44.90
N SER W 97 -26.35 36.21 44.75
CA SER W 97 -27.68 36.70 44.44
C SER W 97 -28.64 35.92 45.33
N VAL W 98 -28.62 36.26 46.60
CA VAL W 98 -29.42 35.59 47.59
C VAL W 98 -30.90 35.89 47.56
N CYS W 99 -31.67 34.97 48.10
CA CYS W 99 -33.12 35.08 48.21
C CYS W 99 -33.78 34.29 49.33
N GLU W 100 -34.77 34.92 49.94
CA GLU W 100 -35.53 34.35 51.02
C GLU W 100 -35.29 32.87 51.20
N LEU W 101 -35.86 32.05 50.31
CA LEU W 101 -35.71 30.61 50.42
C LEU W 101 -34.42 30.26 51.12
N ASP W 102 -33.32 30.68 50.51
CA ASP W 102 -32.00 30.43 51.04
C ASP W 102 -32.02 30.63 52.54
N ILE W 103 -32.33 31.85 52.95
CA ILE W 103 -32.38 32.21 54.36
C ILE W 103 -33.15 31.21 55.21
N ILE W 104 -34.22 30.65 54.66
CA ILE W 104 -34.98 29.70 55.46
C ILE W 104 -34.21 28.42 55.55
N PHE W 105 -33.66 27.98 54.44
CA PHE W 105 -32.91 26.74 54.42
C PHE W 105 -31.54 26.77 55.07
N ASN W 106 -30.96 27.96 55.19
CA ASN W 106 -29.63 28.01 55.76
C ASN W 106 -29.44 29.00 56.90
N PHE W 107 -30.54 29.35 57.55
CA PHE W 107 -30.47 30.30 58.65
C PHE W 107 -29.15 30.11 59.36
N GLU W 108 -28.89 28.86 59.75
CA GLU W 108 -27.66 28.53 60.42
C GLU W 108 -26.58 29.48 59.94
N LYS W 109 -26.21 29.34 58.68
CA LYS W 109 -25.18 30.18 58.12
C LYS W 109 -25.54 31.64 58.36
N ALA W 110 -26.70 32.03 57.88
CA ALA W 110 -27.16 33.41 58.05
C ALA W 110 -26.68 33.91 59.39
N TYR W 111 -26.95 33.12 60.42
CA TYR W 111 -26.54 33.50 61.74
C TYR W 111 -25.04 33.72 61.68
N PHE W 112 -24.26 32.64 61.64
CA PHE W 112 -22.82 32.78 61.59
C PHE W 112 -22.39 34.08 60.95
N ILE W 113 -22.71 34.23 59.68
CA ILE W 113 -22.35 35.44 58.97
C ILE W 113 -22.60 36.59 59.91
N LEU W 114 -23.86 36.91 60.07
CA LEU W 114 -24.24 37.98 60.95
C LEU W 114 -23.46 37.89 62.25
N ASP W 115 -23.70 36.81 62.97
CA ASP W 115 -23.04 36.59 64.24
C ASP W 115 -21.57 37.03 64.19
N GLU W 116 -20.89 36.85 63.07
CA GLU W 116 -19.49 37.25 63.01
C GLU W 116 -19.28 38.56 62.29
N PHE W 117 -20.32 39.40 62.36
CA PHE W 117 -20.31 40.73 61.77
C PHE W 117 -20.61 41.67 62.90
N LEU W 118 -21.62 41.32 63.68
CA LEU W 118 -22.00 42.11 64.84
C LEU W 118 -21.81 41.27 66.07
N MET W 119 -21.40 41.90 67.14
CA MET W 119 -21.22 41.18 68.36
C MET W 119 -21.63 42.08 69.50
N GLY W 120 -22.21 41.49 70.54
CA GLY W 120 -22.63 42.25 71.70
C GLY W 120 -23.26 43.60 71.39
N GLY W 121 -24.17 43.62 70.42
CA GLY W 121 -24.86 44.85 70.07
C GLY W 121 -24.11 45.87 69.24
N ASP W 122 -23.05 45.46 68.54
CA ASP W 122 -22.33 46.42 67.72
C ASP W 122 -21.62 45.86 66.51
N VAL W 123 -20.84 46.72 65.88
CA VAL W 123 -20.11 46.38 64.68
C VAL W 123 -18.71 45.89 64.96
N GLN W 124 -18.38 44.66 64.57
CA GLN W 124 -17.04 44.18 64.84
C GLN W 124 -16.08 44.44 63.70
N ASP W 125 -16.61 44.64 62.50
CA ASP W 125 -15.78 44.95 61.32
C ASP W 125 -16.66 45.69 60.40
N THR W 126 -16.08 46.19 59.34
CA THR W 126 -16.92 46.91 58.42
C THR W 126 -16.52 46.33 57.12
N SER W 127 -15.25 46.00 57.05
CA SER W 127 -14.70 45.46 55.83
C SER W 127 -15.61 44.39 55.25
N LYS W 128 -16.24 44.72 54.14
CA LYS W 128 -17.14 43.79 53.47
C LYS W 128 -16.39 42.49 53.36
N LYS W 129 -15.12 42.58 53.02
CA LYS W 129 -14.32 41.38 52.89
C LYS W 129 -13.91 40.80 54.24
N SER W 130 -13.30 41.60 55.09
CA SER W 130 -12.86 41.12 56.40
C SER W 130 -13.83 40.06 56.84
N VAL W 131 -15.11 40.41 56.84
CA VAL W 131 -16.13 39.44 57.21
C VAL W 131 -16.08 38.26 56.26
N LEU W 132 -16.50 38.46 55.02
CA LEU W 132 -16.45 37.37 54.07
C LEU W 132 -15.19 36.57 54.30
N LYS W 133 -14.06 37.10 53.85
CA LYS W 133 -12.76 36.43 53.99
C LYS W 133 -12.72 35.50 55.20
N ALA W 134 -13.07 36.05 56.37
CA ALA W 134 -13.07 35.26 57.60
C ALA W 134 -14.10 34.14 57.53
N ILE W 135 -15.35 34.55 57.49
CA ILE W 135 -16.45 33.61 57.42
C ILE W 135 -16.10 32.46 56.50
N GLU W 136 -15.51 32.80 55.37
CA GLU W 136 -15.12 31.80 54.40
C GLU W 136 -14.19 30.76 55.02
N GLN W 137 -12.94 31.14 55.31
CA GLN W 137 -11.99 30.19 55.88
C GLN W 137 -12.58 29.35 57.00
N ALA W 138 -13.46 29.96 57.78
CA ALA W 138 -14.12 29.24 58.85
C ALA W 138 -14.74 28.02 58.20
N ASP W 139 -15.60 28.30 57.23
CA ASP W 139 -16.29 27.24 56.50
C ASP W 139 -15.28 26.17 56.09
N LEU W 140 -14.16 26.57 55.51
CA LEU W 140 -13.17 25.58 55.11
C LEU W 140 -12.82 24.65 56.27
N LEU W 141 -12.64 25.22 57.45
CA LEU W 141 -12.32 24.41 58.60
C LEU W 141 -13.43 23.39 58.78
N GLN W 142 -14.65 23.88 58.80
CA GLN W 142 -15.84 23.03 58.96
C GLN W 142 -15.74 21.79 58.06
N GLU W 143 -15.65 22.04 56.76
CA GLU W 143 -15.54 20.95 55.81
C GLU W 143 -14.50 19.95 56.25
N GLU W 144 -13.32 20.46 56.59
CA GLU W 144 -12.22 19.60 57.03
C GLU W 144 -12.52 18.78 58.27
N ASP W 145 -13.66 19.02 58.91
CA ASP W 145 -14.02 18.24 60.10
C ASP W 145 -14.70 16.92 59.70
N GLU W 146 -15.60 16.96 58.73
CA GLU W 146 -16.24 15.68 58.32
C GLU W 146 -15.32 14.89 57.40
N SER W 147 -14.72 15.62 56.48
CA SER W 147 -13.81 15.04 55.50
C SER W 147 -12.36 15.35 55.93
N PRO W 148 -11.74 14.42 56.72
CA PRO W 148 -10.35 14.59 57.22
C PRO W 148 -9.22 14.94 56.20
N ARG W 149 -9.36 15.98 55.48
N MET X 1 -68.45 21.08 -44.08
CA MET X 1 -67.47 21.97 -44.76
C MET X 1 -66.32 21.12 -45.29
N MET X 2 -65.62 21.64 -46.30
CA MET X 2 -64.50 20.92 -46.87
C MET X 2 -63.33 21.05 -45.91
N ARG X 3 -62.65 19.95 -45.63
CA ARG X 3 -61.53 20.03 -44.72
C ARG X 3 -60.25 20.21 -45.55
N PHE X 4 -60.29 19.74 -46.79
CA PHE X 4 -59.16 19.87 -47.72
C PHE X 4 -59.34 19.03 -48.97
N MET X 5 -58.46 19.19 -49.94
CA MET X 5 -58.59 18.42 -51.15
C MET X 5 -57.27 18.11 -51.82
N LEU X 6 -57.21 16.99 -52.53
CA LEU X 6 -55.97 16.63 -53.16
C LEU X 6 -56.09 16.07 -54.55
N LEU X 7 -54.99 16.18 -55.27
CA LEU X 7 -54.92 15.69 -56.61
C LEU X 7 -53.68 14.87 -56.88
N PHE X 8 -53.89 13.57 -56.98
CA PHE X 8 -52.81 12.64 -57.24
C PHE X 8 -53.26 11.53 -58.17
N SER X 9 -52.30 11.03 -58.93
CA SER X 9 -52.55 9.97 -59.91
C SER X 9 -52.50 8.59 -59.30
N ARG X 10 -52.77 7.57 -60.11
CA ARG X 10 -52.73 6.19 -59.67
C ARG X 10 -51.58 6.04 -58.69
N GLN X 11 -50.37 6.36 -59.12
CA GLN X 11 -49.22 6.28 -58.27
C GLN X 11 -49.23 7.53 -57.44
N GLY X 12 -48.91 7.35 -56.16
CA GLY X 12 -48.91 8.43 -55.20
C GLY X 12 -48.16 9.69 -55.54
N LYS X 13 -48.49 10.27 -56.68
CA LYS X 13 -47.82 11.49 -57.06
C LYS X 13 -48.76 12.65 -56.81
N LEU X 14 -48.32 13.54 -55.95
CA LEU X 14 -49.12 14.70 -55.59
C LEU X 14 -49.11 15.61 -56.79
N ARG X 15 -50.29 16.06 -57.19
CA ARG X 15 -50.34 16.94 -58.32
C ARG X 15 -50.97 18.24 -57.90
N LEU X 16 -51.62 18.22 -56.73
CA LEU X 16 -52.24 19.43 -56.24
C LEU X 16 -52.92 19.27 -54.89
N GLN X 17 -52.44 20.02 -53.91
CA GLN X 17 -52.98 19.99 -52.56
C GLN X 17 -53.46 21.37 -52.16
N LYS X 18 -54.48 21.42 -51.32
CA LYS X 18 -55.04 22.68 -50.87
C LYS X 18 -55.70 22.45 -49.52
N TRP X 19 -55.13 23.03 -48.47
CA TRP X 19 -55.64 22.84 -47.10
C TRP X 19 -56.57 23.93 -46.56
N TYR X 20 -57.78 23.54 -46.14
CA TYR X 20 -58.72 24.53 -45.62
C TYR X 20 -58.79 24.62 -44.12
N LEU X 21 -57.73 24.19 -43.46
CA LEU X 21 -57.73 24.26 -42.02
C LEU X 21 -56.33 24.18 -41.47
N ALA X 22 -55.92 25.26 -40.82
CA ALA X 22 -54.58 25.36 -40.23
C ALA X 22 -54.03 23.99 -39.82
N THR X 23 -52.74 23.78 -40.02
CA THR X 23 -52.14 22.52 -39.69
C THR X 23 -50.65 22.57 -39.92
N SER X 24 -49.89 21.83 -39.12
CA SER X 24 -48.44 21.81 -39.24
C SER X 24 -48.03 21.10 -40.53
N ASP X 25 -46.97 21.54 -41.17
CA ASP X 25 -46.57 20.88 -42.40
C ASP X 25 -46.42 19.37 -42.25
N LYS X 26 -45.61 18.92 -41.29
CA LYS X 26 -45.43 17.48 -41.12
C LYS X 26 -46.77 16.77 -41.20
N GLU X 27 -47.64 17.06 -40.23
CA GLU X 27 -48.96 16.47 -40.12
C GLU X 27 -49.61 16.39 -41.50
N ARG X 28 -49.40 17.43 -42.29
CA ARG X 28 -49.96 17.43 -43.63
C ARG X 28 -49.42 16.24 -44.42
N LYS X 29 -48.14 16.29 -44.80
CA LYS X 29 -47.57 15.20 -45.55
C LYS X 29 -48.11 13.89 -44.98
N LYS X 30 -48.14 13.78 -43.65
CA LYS X 30 -48.71 12.60 -43.00
C LYS X 30 -50.06 12.42 -43.68
N MET X 31 -51.03 13.21 -43.22
CA MET X 31 -52.37 13.19 -43.77
C MET X 31 -52.28 12.64 -45.19
N VAL X 32 -51.59 13.39 -46.03
CA VAL X 32 -51.44 12.99 -47.41
C VAL X 32 -51.22 11.50 -47.55
N ARG X 33 -49.96 11.13 -47.67
CA ARG X 33 -49.57 9.74 -47.84
C ARG X 33 -50.51 8.79 -47.13
N GLU X 34 -50.54 8.86 -45.80
CA GLU X 34 -51.39 8.02 -44.97
C GLU X 34 -52.68 7.73 -45.76
N LEU X 35 -53.28 8.80 -46.27
CA LEU X 35 -54.49 8.65 -47.03
C LEU X 35 -54.24 7.98 -48.37
N MET X 36 -53.51 8.63 -49.25
CA MET X 36 -53.22 8.08 -50.58
C MET X 36 -53.19 6.57 -50.58
N GLN X 37 -52.32 6.01 -49.74
CA GLN X 37 -52.16 4.57 -49.63
C GLN X 37 -53.51 3.93 -49.43
N VAL X 38 -54.14 4.21 -48.30
CA VAL X 38 -55.44 3.61 -48.06
C VAL X 38 -56.46 4.06 -49.08
N VAL X 39 -56.24 5.22 -49.69
CA VAL X 39 -57.17 5.69 -50.69
C VAL X 39 -57.09 4.77 -51.88
N LEU X 40 -56.11 5.04 -52.72
CA LEU X 40 -55.89 4.28 -53.92
C LEU X 40 -56.13 2.79 -53.72
N ALA X 41 -55.41 2.20 -52.77
CA ALA X 41 -55.50 0.77 -52.46
C ALA X 41 -56.78 0.03 -52.81
N ARG X 42 -57.90 0.74 -52.87
CA ARG X 42 -59.19 0.12 -53.15
C ARG X 42 -59.50 -0.22 -54.61
N LYS X 43 -60.14 -1.37 -54.82
CA LYS X 43 -60.52 -1.83 -56.16
C LYS X 43 -61.46 -0.83 -56.79
N PRO X 44 -61.45 -0.72 -58.12
CA PRO X 44 -62.33 0.24 -58.78
C PRO X 44 -63.80 -0.14 -58.63
N LYS X 45 -64.05 -1.42 -58.35
CA LYS X 45 -65.41 -1.91 -58.18
C LYS X 45 -66.11 -1.22 -57.01
N MET X 46 -65.43 -1.16 -55.88
CA MET X 46 -65.97 -0.55 -54.66
C MET X 46 -66.60 0.82 -54.82
N CYS X 47 -66.95 1.42 -53.69
CA CYS X 47 -67.61 2.73 -53.66
C CYS X 47 -66.69 3.94 -53.57
N SER X 48 -67.31 5.09 -53.33
CA SER X 48 -66.58 6.35 -53.28
C SER X 48 -66.56 7.04 -51.92
N PHE X 49 -67.09 6.40 -50.89
CA PHE X 49 -67.10 7.05 -49.60
C PHE X 49 -66.45 6.22 -48.51
N LEU X 50 -65.59 6.85 -47.75
CA LEU X 50 -64.91 6.13 -46.69
C LEU X 50 -64.98 6.92 -45.42
N GLU X 51 -65.09 6.26 -44.29
CA GLU X 51 -65.09 6.99 -43.04
C GLU X 51 -63.66 6.92 -42.51
N TRP X 52 -62.97 8.06 -42.52
CA TRP X 52 -61.61 8.09 -42.03
C TRP X 52 -61.44 9.14 -40.97
N ARG X 53 -60.60 8.79 -40.01
CA ARG X 53 -60.31 9.68 -38.92
C ARG X 53 -61.47 10.62 -38.69
N ASP X 54 -62.64 10.07 -38.38
CA ASP X 54 -63.77 10.92 -38.07
C ASP X 54 -64.40 11.62 -39.26
N LEU X 55 -63.58 11.97 -40.25
CA LEU X 55 -64.06 12.68 -41.43
C LEU X 55 -64.53 11.77 -42.55
N LYS X 56 -65.35 12.33 -43.45
CA LYS X 56 -65.89 11.58 -44.58
C LYS X 56 -65.11 11.99 -45.81
N VAL X 57 -64.55 11.01 -46.51
CA VAL X 57 -63.77 11.27 -47.71
C VAL X 57 -64.47 10.89 -49.00
N VAL X 58 -64.07 11.53 -50.10
CA VAL X 58 -64.68 11.24 -51.38
C VAL X 58 -63.71 11.34 -52.54
N TYR X 59 -63.96 10.57 -53.59
CA TYR X 59 -63.08 10.59 -54.73
C TYR X 59 -63.69 9.97 -55.98
N LYS X 60 -63.21 10.40 -57.13
CA LYS X 60 -63.70 9.83 -58.36
C LYS X 60 -62.46 9.66 -59.20
N ARG X 61 -62.40 8.57 -59.93
CA ARG X 61 -61.22 8.30 -60.75
C ARG X 61 -61.34 8.83 -62.16
N TYR X 62 -60.45 9.73 -62.52
CA TYR X 62 -60.49 10.27 -63.86
C TYR X 62 -59.21 9.84 -64.53
N ALA X 63 -59.33 8.82 -65.35
CA ALA X 63 -58.15 8.32 -66.04
C ALA X 63 -57.10 8.14 -64.97
N SER X 64 -55.86 8.41 -65.33
CA SER X 64 -54.79 8.26 -64.38
C SER X 64 -54.76 9.45 -63.44
N LEU X 65 -55.91 9.89 -62.96
CA LEU X 65 -55.91 11.00 -62.03
C LEU X 65 -56.95 10.88 -60.94
N TYR X 66 -56.53 11.07 -59.71
CA TYR X 66 -57.46 10.96 -58.59
C TYR X 66 -57.89 12.28 -57.99
N PHE X 67 -59.16 12.39 -57.65
CA PHE X 67 -59.69 13.59 -57.03
C PHE X 67 -60.23 13.25 -55.67
N CYS X 68 -59.67 13.85 -54.63
CA CYS X 68 -60.10 13.56 -53.26
C CYS X 68 -60.33 14.73 -52.39
N CYS X 69 -61.09 14.46 -51.34
CA CYS X 69 -61.42 15.47 -50.36
C CYS X 69 -62.11 14.86 -49.16
N ALA X 70 -62.21 15.65 -48.10
CA ALA X 70 -62.78 15.21 -46.85
C ALA X 70 -63.90 16.14 -46.38
N ILE X 71 -64.91 15.57 -45.74
CA ILE X 71 -66.03 16.36 -45.27
C ILE X 71 -66.42 16.02 -43.85
N GLU X 72 -67.23 16.88 -43.25
CA GLU X 72 -67.72 16.68 -41.91
C GLU X 72 -68.94 15.78 -41.94
N GLY X 73 -68.88 14.70 -41.17
CA GLY X 73 -69.95 13.72 -41.10
C GLY X 73 -71.35 14.25 -41.29
N GLN X 74 -71.59 15.45 -40.77
CA GLN X 74 -72.90 16.10 -40.91
C GLN X 74 -72.95 16.79 -42.27
N ASP X 75 -72.59 16.07 -43.32
CA ASP X 75 -72.62 16.68 -44.64
C ASP X 75 -73.06 15.71 -45.71
N ASN X 76 -73.35 16.27 -46.89
CA ASN X 76 -73.83 15.49 -48.04
C ASN X 76 -72.76 14.97 -49.01
N GLU X 77 -72.38 13.71 -48.83
CA GLU X 77 -71.39 13.07 -49.65
C GLU X 77 -71.65 13.26 -51.13
N LEU X 78 -72.77 12.75 -51.60
CA LEU X 78 -73.14 12.84 -53.00
C LEU X 78 -72.87 14.19 -53.61
N ILE X 79 -73.62 15.18 -53.16
CA ILE X 79 -73.50 16.52 -53.68
C ILE X 79 -72.05 16.86 -53.83
N THR X 80 -71.30 16.59 -52.78
CA THR X 80 -69.88 16.85 -52.76
C THR X 80 -69.28 16.30 -54.06
N LEU X 81 -69.53 15.02 -54.28
CA LEU X 81 -69.05 14.37 -55.47
C LEU X 81 -69.28 15.32 -56.62
N GLU X 82 -70.54 15.65 -56.88
CA GLU X 82 -70.87 16.56 -57.97
C GLU X 82 -70.03 17.81 -58.00
N LEU X 83 -69.49 18.16 -56.86
CA LEU X 83 -68.63 19.32 -56.82
C LEU X 83 -67.40 18.97 -57.64
N ILE X 84 -66.69 17.94 -57.22
CA ILE X 84 -65.51 17.53 -57.95
C ILE X 84 -65.79 17.68 -59.43
N HIS X 85 -66.66 16.81 -59.91
CA HIS X 85 -67.05 16.81 -61.31
C HIS X 85 -67.17 18.25 -61.80
N ARG X 86 -67.54 19.16 -60.91
CA ARG X 86 -67.63 20.53 -61.36
C ARG X 86 -66.22 21.03 -61.57
N TYR X 87 -65.38 20.93 -60.55
CA TYR X 87 -64.03 21.41 -60.73
C TYR X 87 -63.50 20.94 -62.06
N VAL X 88 -63.40 19.62 -62.20
CA VAL X 88 -62.89 19.06 -63.44
C VAL X 88 -63.47 19.84 -64.59
N GLU X 89 -64.79 19.96 -64.58
CA GLU X 89 -65.56 20.69 -65.57
C GLU X 89 -64.76 21.92 -65.93
N LEU X 90 -64.57 22.78 -64.93
CA LEU X 90 -63.82 24.00 -65.10
C LEU X 90 -62.57 23.65 -65.82
N LEU X 91 -61.66 23.03 -65.08
CA LEU X 91 -60.39 22.62 -65.63
C LEU X 91 -60.55 22.33 -67.12
N ASP X 92 -61.45 21.43 -67.47
CA ASP X 92 -61.63 21.10 -68.87
C ASP X 92 -61.80 22.33 -69.76
N LYS X 93 -62.93 22.99 -69.64
CA LYS X 93 -63.13 24.13 -70.50
C LYS X 93 -62.08 25.23 -70.45
N TYR X 94 -61.19 25.21 -69.46
CA TYR X 94 -60.19 26.26 -69.41
C TYR X 94 -59.02 25.95 -70.28
N PHE X 95 -58.50 24.74 -70.19
CA PHE X 95 -57.35 24.34 -71.01
C PHE X 95 -57.74 23.67 -72.30
N GLY X 96 -59.03 23.54 -72.53
CA GLY X 96 -59.46 22.87 -73.74
C GLY X 96 -59.13 21.40 -73.65
N SER X 97 -60.14 20.58 -73.40
CA SER X 97 -59.96 19.15 -73.32
C SER X 97 -58.68 18.94 -72.52
N VAL X 98 -58.77 19.17 -71.23
CA VAL X 98 -57.64 19.07 -70.34
C VAL X 98 -57.18 17.67 -70.03
N CYS X 99 -55.92 17.58 -69.63
CA CYS X 99 -55.29 16.32 -69.24
C CYS X 99 -54.11 16.43 -68.28
N GLU X 100 -54.06 15.49 -67.36
CA GLU X 100 -53.03 15.41 -66.37
C GLU X 100 -51.84 16.31 -66.65
N LEU X 101 -51.01 15.94 -67.61
CA LEU X 101 -49.84 16.72 -67.93
C LEU X 101 -50.06 18.18 -67.60
N ASP X 102 -51.06 18.75 -68.26
CA ASP X 102 -51.43 20.14 -68.06
C ASP X 102 -51.35 20.47 -66.57
N ILE X 103 -52.17 19.79 -65.79
CA ILE X 103 -52.23 19.99 -64.36
C ILE X 103 -50.86 20.01 -63.70
N ILE X 104 -49.94 19.20 -64.17
CA ILE X 104 -48.64 19.21 -63.55
C ILE X 104 -47.90 20.45 -63.94
N PHE X 105 -47.97 20.79 -65.23
CA PHE X 105 -47.28 21.96 -65.72
C PHE X 105 -47.89 23.30 -65.34
N ASN X 106 -49.17 23.31 -65.00
CA ASN X 106 -49.79 24.58 -64.68
C ASN X 106 -50.55 24.63 -63.36
N PHE X 107 -50.20 23.74 -62.46
CA PHE X 107 -50.87 23.69 -61.17
C PHE X 107 -51.25 25.10 -60.78
N GLU X 108 -50.26 25.98 -60.81
CA GLU X 108 -50.47 27.36 -60.47
C GLU X 108 -51.90 27.73 -60.87
N LYS X 109 -52.16 27.74 -62.16
CA LYS X 109 -53.48 28.10 -62.64
C LYS X 109 -54.51 27.21 -61.94
N ALA X 110 -54.35 25.91 -62.09
CA ALA X 110 -55.26 24.97 -61.47
C ALA X 110 -55.72 25.54 -60.14
N TYR X 111 -54.75 25.95 -59.34
CA TYR X 111 -55.07 26.52 -58.06
C TYR X 111 -56.02 27.67 -58.32
N PHE X 112 -55.49 28.79 -58.80
CA PHE X 112 -56.33 29.95 -59.06
C PHE X 112 -57.74 29.56 -59.38
N ILE X 113 -57.92 28.86 -60.48
CA ILE X 113 -59.24 28.42 -60.88
C ILE X 113 -59.95 27.97 -59.64
N LEU X 114 -59.56 26.80 -59.17
CA LEU X 114 -60.16 26.27 -57.98
C LEU X 114 -60.27 27.34 -56.92
N ASP X 115 -59.13 27.82 -56.49
CA ASP X 115 -59.07 28.84 -55.47
C ASP X 115 -60.16 29.89 -55.64
N GLU X 116 -60.52 30.22 -56.88
CA GLU X 116 -61.57 31.22 -57.07
C GLU X 116 -62.91 30.61 -57.43
N PHE X 117 -63.10 29.38 -56.94
CA PHE X 117 -64.32 28.63 -57.14
C PHE X 117 -64.80 28.29 -55.76
N LEU X 118 -63.88 27.81 -54.94
CA LEU X 118 -64.18 27.48 -53.56
C LEU X 118 -63.36 28.36 -52.66
N MET X 119 -63.95 28.73 -51.54
CA MET X 119 -63.23 29.56 -50.62
C MET X 119 -63.62 29.14 -49.23
N GLY X 120 -62.67 29.21 -48.31
CA GLY X 120 -62.93 28.85 -46.93
C GLY X 120 -63.81 27.64 -46.73
N GLY X 121 -63.54 26.57 -47.48
CA GLY X 121 -64.29 25.35 -47.35
C GLY X 121 -65.67 25.28 -48.00
N ASP X 122 -65.96 26.17 -48.94
CA ASP X 122 -67.26 26.12 -49.59
C ASP X 122 -67.32 26.62 -51.01
N VAL X 123 -68.54 26.73 -51.51
CA VAL X 123 -68.80 27.15 -52.86
C VAL X 123 -69.03 28.64 -52.98
N GLN X 124 -68.20 29.35 -53.75
CA GLN X 124 -68.42 30.78 -53.86
C GLN X 124 -69.29 31.15 -55.04
N ASP X 125 -69.40 30.27 -56.03
CA ASP X 125 -70.25 30.50 -57.20
C ASP X 125 -70.60 29.15 -57.70
N THR X 126 -71.47 29.12 -58.68
CA THR X 126 -71.82 27.84 -59.18
C THR X 126 -71.72 28.05 -60.65
N SER X 127 -72.09 29.26 -61.04
CA SER X 127 -72.07 29.61 -62.43
C SER X 127 -70.82 29.14 -63.11
N LYS X 128 -70.96 28.13 -63.96
CA LYS X 128 -69.82 27.59 -64.70
C LYS X 128 -69.09 28.77 -65.29
N LYS X 129 -69.86 29.72 -65.81
CA LYS X 129 -69.26 30.88 -66.41
C LYS X 129 -68.74 31.87 -65.38
N SER X 130 -69.61 32.29 -64.44
CA SER X 130 -69.20 33.24 -63.42
C SER X 130 -67.74 33.02 -63.12
N VAL X 131 -67.40 31.77 -62.81
CA VAL X 131 -66.02 31.44 -62.54
C VAL X 131 -65.18 31.73 -63.76
N LEU X 132 -65.34 30.93 -64.81
CA LEU X 132 -64.58 31.18 -66.02
C LEU X 132 -64.48 32.67 -66.24
N LYS X 133 -65.58 33.27 -66.72
CA LYS X 133 -65.63 34.71 -67.01
C LYS X 133 -64.65 35.50 -66.13
N ALA X 134 -64.76 35.30 -64.81
CA ALA X 134 -63.89 36.00 -63.87
C ALA X 134 -62.44 35.59 -64.06
N ILE X 135 -62.18 34.33 -63.77
CA ILE X 135 -60.84 33.80 -63.89
C ILE X 135 -60.18 34.33 -65.14
N GLU X 136 -60.95 34.37 -66.22
CA GLU X 136 -60.42 34.85 -67.48
C GLU X 136 -59.90 36.28 -67.35
N GLN X 137 -60.80 37.26 -67.19
CA GLN X 137 -60.37 38.66 -67.08
C GLN X 137 -59.18 38.84 -66.16
N ALA X 138 -59.15 38.05 -65.10
CA ALA X 138 -58.05 38.12 -64.16
C ALA X 138 -56.79 37.94 -65.00
N ASP X 139 -56.75 36.80 -65.69
CA ASP X 139 -55.63 36.47 -66.55
C ASP X 139 -55.28 37.68 -67.42
N LEU X 140 -56.27 38.30 -68.06
CA LEU X 140 -55.97 39.46 -68.88
C LEU X 140 -55.17 40.50 -68.11
N LEU X 141 -55.57 40.74 -66.86
CA LEU X 141 -54.85 41.71 -66.05
C LEU X 141 -53.40 41.27 -65.98
N GLN X 142 -53.21 40.00 -65.61
CA GLN X 142 -51.87 39.43 -65.47
C GLN X 142 -51.00 39.79 -66.68
N GLU X 143 -51.46 39.38 -67.86
CA GLU X 143 -50.73 39.68 -69.08
C GLU X 143 -50.32 41.14 -69.13
N GLU X 144 -51.29 42.02 -68.87
CA GLU X 144 -51.02 43.45 -68.89
C GLU X 144 -49.98 43.92 -67.88
N ASP X 145 -49.52 43.02 -67.01
CA ASP X 145 -48.50 43.41 -66.04
C ASP X 145 -47.10 43.29 -66.66
N GLU X 146 -46.83 42.22 -67.41
CA GLU X 146 -45.49 42.13 -68.02
C GLU X 146 -45.41 42.99 -69.28
N SER X 147 -46.49 42.92 -70.06
CA SER X 147 -46.59 43.67 -71.30
C SER X 147 -47.50 44.88 -71.07
N PRO X 148 -46.90 46.06 -70.70
CA PRO X 148 -47.65 47.31 -70.42
C PRO X 148 -48.67 47.81 -71.49
N ARG X 149 -49.59 47.03 -71.85
#